data_8ZOH
#
_entry.id   8ZOH
#
_cell.length_a   1.00
_cell.length_b   1.00
_cell.length_c   1.00
_cell.angle_alpha   90.00
_cell.angle_beta   90.00
_cell.angle_gamma   90.00
#
_symmetry.space_group_name_H-M   'P 1'
#
loop_
_entity.id
_entity.type
_entity.pdbx_description
1 polymer VCPI-5
2 polymer VCPI-9
3 polymer VCPI-8
4 polymer VCPI-4/7
5 polymer VCPI-6
6 polymer VCPI-1
7 polymer 'Photosystem I P700 chlorophyll a apoprotein A1'
8 polymer 'Photosystem I P700 chlorophyll a apoprotein A2'
9 polymer 'Photosystem I reaction center subunit II'
10 polymer 'Photosystem I reaction center subunit IV'
11 polymer 'Photosystem I reaction center subunit III'
12 polymer PsaR
13 polymer 'Photosystem I reaction center subunit VIII'
14 polymer 'Photosystem I reaction center subunit IX'
15 polymer 'PSI subunit V'
16 polymer PsaM
17 polymer PsaS
18 polymer 'Photosystem I iron-sulfur center'
19 non-polymer "(3S,5R,6S,3'S,5'R,6'S)-5,6,5',6'-DIEPOXY-5,6,5',6'- TETRAHYDRO-BETA,BETA-CAROTENE-3,3'-DIOL"
20 non-polymer (1~{R},3~{S})-6-[(3~{E},5~{E},7~{E},9~{E},11~{E},13~{E},15~{Z},17~{E})-16-(hydroxymethyl)-3,7,12-trimethyl-18-[(1~{S},4~{S},6~{R})-2,2,6-trimethyl-4-oxidanyl-7-oxabicyclo[4.1.0]heptan-1-yl]octadeca-1,3,5,7,9,11,13,15,17-nonaenylidene]-1,5,5-trimethyl-cyclohexane-1,3-diol
21 non-polymer 'CHLOROPHYLL A'
22 non-polymer 1,2-DI-O-ACYL-3-O-[6-DEOXY-6-SULFO-ALPHA-D-GLUCOPYRANOSYL]-SN-GLYCEROL
23 non-polymer '[(2~{Z},4~{E},6~{E},8~{E},10~{E},12~{E},14~{E})-17-[(4~{S},6~{R})-4-acetyloxy-2,2,6-trimethyl-6-oxidanyl-cyclohexylidene]-6,11,15-trimethyl-2-[(~{E})-2-[(1~{S},4~{S},6~{R})-2,2,6-trimethyl-4-oxidanyl-7-oxabicyclo[4.1.0]heptan-1-yl]ethenyl]heptadeca-2,4,6,8,10,12,14,16-octaenyl] octanoate'
24 non-polymer 1,2-DIPALMITOYL-PHOSPHATIDYL-GLYCEROLE
25 non-polymer 'DIGALACTOSYL DIACYL GLYCEROL (DGDG)'
26 non-polymer PHYLLOQUINONE
27 non-polymer BETA-CAROTENE
28 non-polymer 'IRON/SULFUR CLUSTER'
29 non-polymer 1,2-DISTEAROYL-MONOGALACTOSYL-DIGLYCERIDE
#
loop_
_entity_poly.entity_id
_entity_poly.type
_entity_poly.pdbx_seq_one_letter_code
_entity_poly.pdbx_strand_id
1 'polypeptide(L)'
;MFRKLALALLCSSAVAFQVPAPLTRGSVRLHAEGKPAAPPAAAPPAAAPAAAAPAAAAPAAAAVKPPPPPPPPKVFSKSV
PFLLKPAGLDGMVGDVGFDPLGFATFIDIRWLREAELKNGRVAMLAFLGFIVQEFIRLPGDLYSEPNGVKAFFQVGPQPL
LQIFLFCGFLEFNMHKGKLTQVDMFEDGKREPGNFGFDPLGFGKDPAKRERYALAELKNGRLAMIAIGGLVHHALVTGHA
TFSS
;
5
2 'polypeptide(L)'
;MKTAAILAVLACAANAFVFPTPKVSQTVVRGTPFDTVSKDELAVENKAMAGKSVFERAMADFNGRYPAVAALGLGPSAKA
ERWNGRHAMFGWIVLLATGYAQAHGLLPEGGMDAKEWGTWVIVSTTNGEQVTIPAARAAIAIGHLHFGAVGVFAAYSKNS
VKDRLLLEPGEKDEAPAGLFPALRPGLTKEAEMLNGRVAMLGLVALVAVSAATGQDILSVIDQGLGGLLLKA
;
9
3 'polypeptide(L)'
;MKVTAVLSLLAAPLLASAFIAPAPKATRARGVMSMAQSKALPFLKAPAKLDGSLAGDFGFDPMGISDQVANLKYVRAAEL
KHCRVAMLGFLGWVVQQYVHLPGEIYAESNPLKALTSVPLLSQIQIFLFIGAIELATLDQTYTADKPWDLGFDPLNFSKG
KSEQQMKDLEVKELKNGRVAMIAIMGLIAQTLYTGVPLFS
;
8
4 'polypeptide(L)'
;MKLLSFACLLGAATAFVPSMPTTTRTRGAVRMMAEKSKAVPFLPRPAALDGSVVGDVGFDPVGFTSWLPLSYLQEAEIKH
CRIAMLATLGWIVADFVHLPGAVHEVSSLAAHDVAVKSGALAQILIWTSIAEAISVIAISQMLEGSGRQPGDFKFDPLNF
AKDEKSLKKMQLSELKNGRLAMLAFSGIVTQAALTGHAFPYM
;
4,7
5 'polypeptide(L)'
;MHHDARPTARRTAVGTQTSSASSCRHPSAHSPHPTTTSQHRSSFRNMKCIVFAGLLASATAFIAPAPRASSRSVMKMGLE
NQVGFDIETGGKPWDPFGFAGVSERNGLGILPHIKWLQESEIKHGRTAMLAFLGVIVPGSLGIYVPTYPQEPDFTKAFSA
ALQSNPLGMAQIALAVAIIEGHYYAGDFWTGGGDRQVGAFGFDPLGFSKGKSEAAIKSMQLKEIKNGRLAMIAMAAFASE
KFIPGSVPLLHSAFPTLPI
;
6
6 'polypeptide(L)'
;MVGIHKTLLVAAVTMASVSAFVPPAPAAPRTRGVMKMGLDGMIGSSAPFKNFDPLGFAAKADQKTLNKYRESELKHGRVA
MLAVLGWIVQEFWHPLYDGKLSSNPLKALTEVPLIGWAQIFVAINVIEYLQNKIKELPGYRPGDYLGTWEWVEQSDEGWD
SYQTKELNNGRLAMVAIAGLIVQDLITGQAALEQITAGNTGVFSGLGK
;
1
7 'polypeptide(L)'
;MSTTRKSTIVDFNPVETSFEKWAKPGQFSRTLAKGPKTTTWIWNLHADAHDFDIQTNSLQEVSRKIFSAHFGQLAVIFLW
LSGMHFHGAYFSNYSAWLTNPTSTKPSAQIVWPIVGQEVLNADVGGNFQGIQITSGFFQLWRAEGITSEVELYWTAVGGL
VASFLMLFAGWFHYHKAAPKLEWFQNVESMLNHHLAGLLGLGSLSWAGHQIHIALPINKLLDLGVSPEEIPLPYEFILNR
DLIAQLYPSFNKGLTPFFTLNWGEYSDFLTFKGGLNPVTGGLWLTDTAHHHLAIAVLFIVAGHMYKTNWFLGHSIKTILE
AHKGPFTGEGHKGLYEVLTTSWHAQLAINLALFGSLSIIVAHHMYAMPPYPYIAIDYPTQLSLFTHHVWIGGFCIVGGAA
HGAIFFVRDYNAANNYNNLIDRVIRHRDAIISHLNWVCIFLGCHSFGLYVHNDTMRALGRSQDLFSDNAIALKPIFAQFI
QNLHTLAPGSTAPNALTTVSYAFGGDVISVGSKIAMMPISLGTADFLVHHIHAFTIHVTVLILLKGVLYSRNSRLIPDKA
NLGFRFPCDGPGRGGTCQVSAWDHVFLGLFWMYNSISIVIFHFSWKMQSDVWGTVSPTGAVSHITGGNFAQSSITINGWL
RDFLWSQAAQVVQSYGSSLSAYGLIFLGAHFIWAFSLMFLFSGRGYWQELIESIVWAHNKLKVAPSIQPRALSITQGRAV
GVAHYLLGGIGTTWAFFLARIISVG
;
a
8 'polypeptide(L)'
;MVYKFPKFSKALAEDPSTRRIWYGIATAHDFESHDAMTESKLYQKIFASHFGHIAIIFLWTAGNLFHVAWQGNFEAWILN
PLKVRPIAHAIWDPHFGQAAYKAFLKTSSPANLALSGVYEWWYTIGMRTNNDLYQGSFFLILLSSLLLFAGWLHLQPSFR
PSLDWFKANEYRLNHHLSGLFGVSSLAWTGHLVHVAIPESRGIHVGWDNFLTVLPHPEGLTPFFSGNWKAYAQNPDTASH
IFGSGEGSGTAILTFLGGFHPQTKSLWLTDMAHHHLAIAVLFIVAGHMYRTNWLIGHQMKLILEAHRPPGGRLGIGHIGL
YETITNSLHFQLGLALAALGVATSLTAQHMYALPPYAFLASNFPTQAALYTHHQYIAGFLMVGAFAHGAIFFVRDYDPAV
NTRNGEKNVLARMLEHKEAIISHLSWVSLFLGFHTLGIYVHNDVVVAFGQPEKQILVEPLFAEWIQAASGKTLYNFDLLL
ASSNSPASVASSQLWLPGWLSAINDGKNSLFLPIGPGDFLVHHAIALGLHTTTLILVKGALDARGSKLMPDKKDFGYSFP
CDGPGRGGTCDISAWDAFYLAMFWMLNTIGWVTFYWHWKHLTLWQGNQVQFNESSNYIMGWLRDYLWLNSSPLINGYNPF
GMNSLSVWAWMFLFGHLVWATGFMFLISWRGYWQELIETIVWAHERTPLANLVRWKDKPVALSIVQARLVGLAHFTIGYV
LTYAAFVIASTIGKLGY
;
b
9 'polypeptide(L)'
;MNLKLKQSDFPKFEGSTGGWLSAAKNEEKYVIIWTSKDASLFEMPTGGTAKMNAGNNVAYFARKEQCLALGSQLRGFKIT
NYKIFRIYPPLDITLLHPFDGVFPEKVNQGRSPVGKRDASIGGNPNPASLKFQSNT
;
d
10 'polypeptide(L)' MIQKGSTVRILRKESYWYNESGTVVVVDQSKVRYPVLVRFTKVNYAGTNTNNFGLNEVEEVVTKKSS e
11 'polypeptide(L)'
;MTKIVKFAFLPLLTFLGLPMISNADIGGLNPCKDSEVFQKRLAKTVKKLENRLKKYEEGTPPQIAIQQQITQTKQRFTRY
ADSNLLCGNDGLPHLITDGRWSHGSEFLLPSILFLYISGWIGWVGRKYIRTVGQTSNPTEKEIIIDVPLAISIMTSGFLW
PFAAWQEFLSGDLIASDETITTSPK
;
f
12 'polypeptide(L)'
;MKTFCILLALVALFNFSNAFMPKAPVHTARPVVARGRTMKMMEESTYWEGKAPPSVVLGPFLSKIPSGVLGPASLVALIV
GSYCTHESNIFNTLTVDTIYPAYVLGSFLTPISWGLHVAAWIQKMNKA
;
h
13 'polypeptide(L)' MSLDLLPSFFVPLVGLVLPLFSIIGLFLYIEKENREVFDPTTYKF i
14 'polypeptide(L)' MKDFLKYLSTAPVLLTAWLTFTAGFVIEINRFYPDALTFPF j
15 'polypeptide(L)'
;MVSFIKPYRQDPFVGHLATPITTSAFTRAYLKVLPAYRPGLTPLSRGAEIGFTHGYFLIGPFYTYGPLRSVEFSLTSLAA
GLLAAITLLLILTVGLSIYGQVTYDVYDNALIVKLVRQMVGSERTQDLPQIKGTSELDTVLGWQKFSEGFFSGGLIGSIV
AAVGIALYSTYL
;
l
16 'polypeptide(L)' MIYDSQVYIALVIAVVASVLAIRLGATLYN m
17 'polypeptide(L)'
;(UNK)(UNK)(UNK)(UNK)(UNK)(UNK)(UNK)(UNK)(UNK)(UNK)(UNK)(UNK)(UNK)(UNK)(UNK)(UNK)
(UNK)(UNK)(UNK)(UNK)(UNK)(UNK)(UNK)(UNK)(UNK)(UNK)(UNK)(UNK)(UNK)(UNK)(UNK)(UNK)
(UNK)(UNK)(UNK)(UNK)(UNK)(UNK)(UNK)(UNK)(UNK)(UNK)(UNK)(UNK)(UNK)(UNK)(UNK)(UNK)
(UNK)(UNK)(UNK)(UNK)(UNK)(UNK)(UNK)
;
g
18 'polypeptide(L)'
;MSHTVKIYDTCIGCTQCVRACPTDVLEMVPWDGCKAGQIASAPRTEDCVGCKRCETACPTDFLSVRVYLGGETTRSLGLA
Y
;
c
#
loop_
_chem_comp.id
_chem_comp.type
_chem_comp.name
_chem_comp.formula
A1L1F non-polymer '[(2~{Z},4~{E},6~{E},8~{E},10~{E},12~{E},14~{E})-17-[(4~{S},6~{R})-4-acetyloxy-2,2,6-trimethyl-6-oxidanyl-cyclohexylidene]-6,11,15-trimethyl-2-[(~{E})-2-[(1~{S},4~{S},6~{R})-2,2,6-trimethyl-4-oxidanyl-7-oxabicyclo[4.1.0]heptan-1-yl]ethenyl]heptadeca-2,4,6,8,10,12,14,16-octaenyl] octanoate' 'C50 H72 O7'
A1L1G non-polymer (1~{R},3~{S})-6-[(3~{E},5~{E},7~{E},9~{E},11~{E},13~{E},15~{Z},17~{E})-16-(hydroxymethyl)-3,7,12-trimethyl-18-[(1~{S},4~{S},6~{R})-2,2,6-trimethyl-4-oxidanyl-7-oxabicyclo[4.1.0]heptan-1-yl]octadeca-1,3,5,7,9,11,13,15,17-nonaenylidene]-1,5,5-trimethyl-cyclohexane-1,3-diol 'C40 H56 O5'
BCR non-polymer BETA-CAROTENE 'C40 H56'
CLA non-polymer 'CHLOROPHYLL A' 'C55 H72 Mg N4 O5'
DGD saccharide 'DIGALACTOSYL DIACYL GLYCEROL (DGDG)' 'C51 H96 O15'
LHG non-polymer 1,2-DIPALMITOYL-PHOSPHATIDYL-GLYCEROLE 'C38 H75 O10 P'
LMG non-polymer 1,2-DISTEAROYL-MONOGALACTOSYL-DIGLYCERIDE 'C45 H86 O10'
PQN non-polymer PHYLLOQUINONE 'C31 H46 O2'
SF4 non-polymer 'IRON/SULFUR CLUSTER' 'Fe4 S4'
SQD non-polymer 1,2-DI-O-ACYL-3-O-[6-DEOXY-6-SULFO-ALPHA-D-GLUCOPYRANOSYL]-SN-GLYCEROL 'C41 H78 O12 S'
XAT non-polymer '(3S,5R,6S,3'S,5'R,6'S)-5,6,5',6'-DIEPOXY-5,6,5',6'- TETRAHYDRO-BETA,BETA-CAROTENE-3,3'-DIOL' 'C40 H56 O4'
#
# COMPACT_ATOMS: atom_id res chain seq x y z
N LYS A 74 -48.14 -2.55 53.98
CA LYS A 74 -46.71 -2.26 54.01
C LYS A 74 -46.20 -2.16 55.44
N VAL A 75 -44.95 -2.56 55.65
CA VAL A 75 -44.40 -2.65 57.00
C VAL A 75 -43.76 -1.35 57.43
N PHE A 76 -42.90 -0.77 56.58
CA PHE A 76 -42.14 0.44 56.85
C PHE A 76 -41.04 0.18 57.89
N SER A 77 -39.88 0.78 57.69
CA SER A 77 -38.73 0.50 58.54
C SER A 77 -38.93 1.08 59.95
N LYS A 78 -38.24 0.46 60.91
CA LYS A 78 -38.30 0.94 62.29
C LYS A 78 -37.35 2.11 62.51
N SER A 79 -36.17 2.08 61.87
CA SER A 79 -35.24 3.19 62.00
C SER A 79 -35.71 4.39 61.19
N VAL A 80 -35.84 4.23 59.87
CA VAL A 80 -36.34 5.28 59.00
C VAL A 80 -37.84 5.04 58.81
N PRO A 81 -38.69 5.69 59.60
CA PRO A 81 -40.11 5.31 59.63
C PRO A 81 -40.88 5.65 58.36
N PHE A 82 -40.37 6.54 57.52
CA PHE A 82 -41.05 6.91 56.29
C PHE A 82 -40.59 6.09 55.09
N LEU A 83 -39.78 5.07 55.31
CA LEU A 83 -39.27 4.23 54.24
C LEU A 83 -39.71 2.79 54.45
N LEU A 84 -39.91 2.07 53.34
CA LEU A 84 -40.29 0.67 53.42
C LEU A 84 -39.17 -0.16 54.05
N LYS A 85 -39.56 -1.25 54.68
CA LYS A 85 -38.59 -2.09 55.38
C LYS A 85 -37.63 -2.71 54.37
N PRO A 86 -36.32 -2.54 54.54
CA PRO A 86 -35.36 -3.15 53.61
C PRO A 86 -35.36 -4.66 53.73
N ALA A 87 -34.98 -5.32 52.64
CA ALA A 87 -34.96 -6.77 52.56
C ALA A 87 -33.55 -7.31 52.79
N GLY A 88 -33.48 -8.56 53.23
CA GLY A 88 -32.22 -9.25 53.40
C GLY A 88 -31.53 -9.04 54.73
N LEU A 89 -32.13 -8.29 55.65
CA LEU A 89 -31.54 -8.04 56.95
C LEU A 89 -32.16 -8.85 58.08
N ASP A 90 -33.09 -9.75 57.76
CA ASP A 90 -33.99 -10.32 58.77
C ASP A 90 -33.22 -10.96 59.91
N GLY A 91 -32.48 -12.03 59.62
CA GLY A 91 -31.82 -12.79 60.68
C GLY A 91 -30.45 -12.26 61.04
N MET A 92 -30.38 -11.03 61.55
CA MET A 92 -29.10 -10.42 61.88
C MET A 92 -29.15 -9.90 63.32
N VAL A 93 -27.98 -9.56 63.84
CA VAL A 93 -27.84 -9.19 65.24
C VAL A 93 -27.72 -7.67 65.41
N GLY A 94 -28.04 -6.90 64.38
CA GLY A 94 -28.05 -5.45 64.50
C GLY A 94 -29.18 -4.83 63.71
N ASP A 95 -30.16 -5.65 63.35
CA ASP A 95 -31.25 -5.22 62.47
C ASP A 95 -32.09 -4.15 63.18
N VAL A 96 -32.00 -2.91 62.70
CA VAL A 96 -32.97 -1.89 63.01
C VAL A 96 -33.67 -1.40 61.75
N GLY A 97 -33.53 -2.13 60.64
CA GLY A 97 -34.16 -1.74 59.40
C GLY A 97 -33.50 -0.57 58.71
N PHE A 98 -32.21 -0.33 58.96
CA PHE A 98 -31.50 0.81 58.40
C PHE A 98 -30.78 0.39 57.13
N ASP A 99 -31.40 0.65 55.98
CA ASP A 99 -30.76 0.48 54.69
C ASP A 99 -31.53 1.28 53.63
N PRO A 100 -31.54 2.61 53.73
CA PRO A 100 -32.28 3.41 52.74
C PRO A 100 -31.79 3.21 51.32
N LEU A 101 -30.48 3.04 51.13
CA LEU A 101 -29.92 2.88 49.79
C LEU A 101 -29.99 1.44 49.30
N GLY A 102 -30.45 0.51 50.13
CA GLY A 102 -30.58 -0.88 49.71
C GLY A 102 -29.28 -1.54 49.33
N PHE A 103 -28.20 -1.27 50.08
CA PHE A 103 -26.92 -1.88 49.79
C PHE A 103 -26.96 -3.40 49.97
N ALA A 104 -27.86 -3.91 50.80
CA ALA A 104 -27.99 -5.34 51.01
C ALA A 104 -28.67 -6.05 49.85
N THR A 105 -29.24 -5.31 48.90
CA THR A 105 -29.93 -5.95 47.78
C THR A 105 -28.97 -6.34 46.67
N PHE A 106 -27.98 -5.49 46.37
CA PHE A 106 -27.02 -5.77 45.31
C PHE A 106 -25.64 -6.15 45.85
N ILE A 107 -25.50 -6.31 47.16
CA ILE A 107 -24.28 -6.83 47.77
C ILE A 107 -24.68 -7.89 48.78
N ASP A 108 -23.90 -8.97 48.85
CA ASP A 108 -24.20 -10.06 49.77
C ASP A 108 -24.22 -9.56 51.20
N ILE A 109 -25.28 -9.90 51.94
CA ILE A 109 -25.43 -9.42 53.31
C ILE A 109 -24.36 -10.02 54.22
N ARG A 110 -23.97 -11.27 53.98
CA ARG A 110 -22.90 -11.88 54.77
C ARG A 110 -21.58 -11.13 54.57
N TRP A 111 -21.24 -10.81 53.32
CA TRP A 111 -20.04 -10.04 53.06
C TRP A 111 -20.13 -8.66 53.69
N LEU A 112 -21.33 -8.04 53.63
CA LEU A 112 -21.49 -6.73 54.22
C LEU A 112 -21.28 -6.75 55.73
N ARG A 113 -21.80 -7.78 56.39
CA ARG A 113 -21.60 -7.88 57.84
C ARG A 113 -20.13 -8.17 58.16
N GLU A 114 -19.48 -9.03 57.37
CA GLU A 114 -18.07 -9.29 57.59
C GLU A 114 -17.25 -8.01 57.46
N ALA A 115 -17.55 -7.23 56.43
CA ALA A 115 -16.85 -5.97 56.22
C ALA A 115 -17.14 -4.97 57.32
N GLU A 116 -18.40 -4.87 57.75
CA GLU A 116 -18.74 -3.96 58.84
C GLU A 116 -18.02 -4.33 60.12
N LEU A 117 -18.00 -5.62 60.45
CA LEU A 117 -17.33 -6.06 61.66
C LEU A 117 -15.82 -5.81 61.59
N LYS A 118 -15.21 -6.11 60.44
CA LYS A 118 -13.76 -5.90 60.33
C LYS A 118 -13.41 -4.41 60.38
N ASN A 119 -14.18 -3.58 59.68
CA ASN A 119 -13.95 -2.14 59.73
C ASN A 119 -14.14 -1.62 61.14
N GLY A 120 -15.16 -2.10 61.85
CA GLY A 120 -15.38 -1.66 63.22
C GLY A 120 -14.24 -2.06 64.14
N ARG A 121 -13.80 -3.31 64.05
CA ARG A 121 -12.72 -3.77 64.91
C ARG A 121 -11.43 -3.00 64.64
N VAL A 122 -11.11 -2.79 63.35
CA VAL A 122 -9.92 -2.03 62.99
C VAL A 122 -10.03 -0.60 63.52
N ALA A 123 -11.21 0.00 63.41
CA ALA A 123 -11.41 1.37 63.89
C ALA A 123 -11.27 1.46 65.41
N MET A 124 -11.81 0.48 66.13
CA MET A 124 -11.64 0.44 67.59
C MET A 124 -10.18 0.33 67.97
N LEU A 125 -9.45 -0.60 67.34
CA LEU A 125 -8.03 -0.73 67.65
C LEU A 125 -7.27 0.54 67.30
N ALA A 126 -7.65 1.20 66.21
CA ALA A 126 -6.94 2.40 65.79
C ALA A 126 -7.24 3.59 66.71
N PHE A 127 -8.47 3.69 67.21
CA PHE A 127 -8.81 4.74 68.17
C PHE A 127 -8.03 4.54 69.47
N LEU A 128 -8.01 3.30 69.97
CA LEU A 128 -7.20 3.00 71.15
C LEU A 128 -5.74 3.29 70.88
N GLY A 129 -5.28 3.01 69.65
CA GLY A 129 -3.91 3.32 69.29
C GLY A 129 -3.61 4.81 69.34
N PHE A 130 -4.53 5.63 68.84
CA PHE A 130 -4.38 7.08 68.99
C PHE A 130 -4.20 7.47 70.44
N ILE A 131 -5.15 7.04 71.28
CA ILE A 131 -5.17 7.53 72.66
C ILE A 131 -3.91 7.08 73.40
N VAL A 132 -3.47 5.85 73.14
CA VAL A 132 -2.26 5.36 73.80
C VAL A 132 -1.02 6.03 73.23
N GLN A 133 -0.96 6.22 71.90
CA GLN A 133 0.22 6.80 71.27
C GLN A 133 0.48 8.20 71.78
N GLU A 134 -0.57 9.03 71.86
CA GLU A 134 -0.35 10.39 72.33
C GLU A 134 0.04 10.41 73.80
N PHE A 135 -0.36 9.39 74.57
CA PHE A 135 -0.04 9.30 75.98
C PHE A 135 1.29 8.61 76.25
N ILE A 136 1.42 7.35 75.81
CA ILE A 136 2.51 6.49 76.28
C ILE A 136 3.73 6.59 75.37
N ARG A 137 3.57 6.18 74.10
CA ARG A 137 4.65 6.11 73.12
C ARG A 137 5.74 5.11 73.54
N LEU A 138 6.62 4.76 72.59
CA LEU A 138 7.74 3.85 72.81
C LEU A 138 9.04 4.61 72.92
N PRO A 139 10.04 4.05 73.62
CA PRO A 139 11.37 4.68 73.62
C PRO A 139 11.99 4.67 72.23
N GLY A 140 12.75 5.71 71.95
CA GLY A 140 13.41 5.83 70.66
C GLY A 140 13.09 7.13 69.95
N ASP A 141 13.99 7.56 69.06
CA ASP A 141 13.77 8.81 68.34
C ASP A 141 12.62 8.70 67.35
N LEU A 142 12.49 7.54 66.70
CA LEU A 142 11.42 7.36 65.72
C LEU A 142 10.04 7.46 66.37
N TYR A 143 9.88 6.85 67.55
CA TYR A 143 8.58 6.77 68.20
C TYR A 143 8.47 7.90 69.24
N SER A 144 8.41 9.13 68.72
CA SER A 144 8.39 10.30 69.59
C SER A 144 7.41 11.36 69.10
N GLU A 145 6.38 10.97 68.36
CA GLU A 145 5.40 11.93 67.86
C GLU A 145 4.06 11.72 68.53
N PRO A 146 3.59 12.65 69.37
CA PRO A 146 2.25 12.50 69.96
C PRO A 146 1.13 12.54 68.94
N ASN A 147 1.36 13.09 67.76
CA ASN A 147 0.33 13.18 66.72
C ASN A 147 0.40 11.92 65.86
N GLY A 148 -0.75 11.22 65.75
CA GLY A 148 -0.77 9.99 64.97
C GLY A 148 -0.48 10.21 63.50
N VAL A 149 -1.03 11.28 62.91
CA VAL A 149 -0.83 11.53 61.50
C VAL A 149 0.63 11.81 61.21
N LYS A 150 1.28 12.63 62.04
CA LYS A 150 2.71 12.89 61.86
C LYS A 150 3.55 11.68 62.24
N ALA A 151 3.06 10.87 63.19
CA ALA A 151 3.77 9.63 63.53
C ALA A 151 3.76 8.66 62.36
N PHE A 152 2.71 8.69 61.53
CA PHE A 152 2.68 7.83 60.35
C PHE A 152 3.84 8.13 59.40
N PHE A 153 4.28 9.39 59.36
CA PHE A 153 5.39 9.78 58.49
C PHE A 153 6.75 9.66 59.17
N GLN A 154 6.83 10.03 60.45
CA GLN A 154 8.10 9.97 61.14
C GLN A 154 8.60 8.54 61.31
N VAL A 155 7.67 7.60 61.53
CA VAL A 155 8.05 6.21 61.79
C VAL A 155 8.76 5.59 60.61
N GLY A 156 8.54 6.12 59.40
CA GLY A 156 9.19 5.61 58.22
C GLY A 156 8.42 4.46 57.59
N PRO A 157 8.84 4.02 56.42
CA PRO A 157 8.11 2.97 55.71
C PRO A 157 8.39 1.58 56.25
N GLN A 158 9.58 1.37 56.82
CA GLN A 158 9.96 0.04 57.27
C GLN A 158 9.04 -0.49 58.37
N PRO A 159 8.77 0.24 59.46
CA PRO A 159 7.81 -0.30 60.45
C PRO A 159 6.41 -0.47 59.91
N LEU A 160 5.97 0.42 59.01
CA LEU A 160 4.61 0.34 58.49
C LEU A 160 4.45 -0.86 57.56
N LEU A 161 5.45 -1.11 56.71
CA LEU A 161 5.36 -2.24 55.78
C LEU A 161 5.34 -3.57 56.52
N GLN A 162 6.04 -3.66 57.66
CA GLN A 162 5.97 -4.87 58.48
C GLN A 162 4.57 -5.08 59.02
N ILE A 163 3.91 -4.00 59.45
CA ILE A 163 2.53 -4.10 59.91
C ILE A 163 1.63 -4.53 58.75
N PHE A 164 1.87 -3.99 57.56
CA PHE A 164 1.10 -4.37 56.38
C PHE A 164 1.24 -5.86 56.08
N LEU A 165 2.48 -6.37 56.12
CA LEU A 165 2.70 -7.78 55.82
C LEU A 165 2.14 -8.68 56.91
N PHE A 166 2.24 -8.26 58.18
CA PHE A 166 1.67 -9.05 59.26
C PHE A 166 0.15 -9.09 59.16
N CYS A 167 -0.48 -7.96 58.82
CA CYS A 167 -1.92 -7.94 58.64
C CYS A 167 -2.31 -8.82 57.46
N GLY A 168 -1.50 -8.84 56.40
CA GLY A 168 -1.76 -9.75 55.29
C GLY A 168 -1.68 -11.22 55.67
N PHE A 169 -0.65 -11.57 56.44
CA PHE A 169 -0.52 -12.93 56.95
C PHE A 169 -1.73 -13.31 57.80
N LEU A 170 -2.15 -12.40 58.68
CA LEU A 170 -3.35 -12.64 59.47
C LEU A 170 -4.56 -12.84 58.58
N GLU A 171 -4.75 -11.97 57.59
CA GLU A 171 -5.90 -12.10 56.70
C GLU A 171 -5.92 -13.47 56.02
N PHE A 172 -4.76 -13.89 55.49
CA PHE A 172 -4.69 -15.18 54.82
C PHE A 172 -5.03 -16.32 55.76
N ASN A 173 -4.43 -16.35 56.94
CA ASN A 173 -4.60 -17.51 57.81
C ASN A 173 -5.97 -17.54 58.50
N MET A 174 -6.56 -16.38 58.78
CA MET A 174 -7.84 -16.34 59.46
C MET A 174 -9.00 -16.73 58.54
N HIS A 175 -8.95 -16.34 57.27
CA HIS A 175 -9.99 -16.74 56.32
C HIS A 175 -9.65 -18.02 55.58
N LYS A 176 -8.46 -18.59 55.81
CA LYS A 176 -8.06 -19.87 55.24
C LYS A 176 -8.16 -19.87 53.72
N GLY A 177 -7.46 -18.92 53.12
CA GLY A 177 -7.38 -18.83 51.65
C GLY A 177 -8.46 -18.05 50.96
N LYS A 178 -9.72 -18.36 51.25
CA LYS A 178 -10.85 -17.69 50.62
C LYS A 178 -10.95 -16.27 51.17
N LEU A 179 -10.42 -15.30 50.42
CA LEU A 179 -10.33 -13.93 50.90
C LEU A 179 -11.19 -12.93 50.13
N THR A 180 -11.76 -13.32 49.00
CA THR A 180 -12.42 -12.36 48.12
C THR A 180 -13.94 -12.43 48.28
N GLN A 181 -14.61 -11.47 47.67
CA GLN A 181 -16.07 -11.40 47.77
C GLN A 181 -16.73 -12.59 47.11
N VAL A 182 -16.16 -13.09 46.02
CA VAL A 182 -16.76 -14.23 45.33
C VAL A 182 -16.33 -15.55 45.96
N ASP A 183 -15.15 -15.59 46.58
CA ASP A 183 -14.67 -16.85 47.15
C ASP A 183 -15.22 -17.08 48.55
N MET A 184 -15.22 -16.04 49.39
CA MET A 184 -15.80 -16.17 50.73
C MET A 184 -17.30 -16.38 50.62
N PHE A 185 -17.85 -17.18 51.53
CA PHE A 185 -19.27 -17.51 51.59
C PHE A 185 -19.76 -18.25 50.34
N GLU A 186 -18.83 -18.73 49.50
CA GLU A 186 -19.24 -19.54 48.36
C GLU A 186 -19.80 -20.88 48.81
N ASP A 187 -19.18 -21.49 49.81
CA ASP A 187 -19.65 -22.75 50.37
C ASP A 187 -20.55 -22.56 51.58
N GLY A 188 -20.83 -21.32 51.97
CA GLY A 188 -21.59 -21.10 53.19
C GLY A 188 -20.77 -21.49 54.42
N LYS A 189 -21.46 -22.10 55.39
CA LYS A 189 -20.88 -22.60 56.63
C LYS A 189 -19.86 -21.63 57.24
N ARG A 190 -20.19 -20.34 57.21
CA ARG A 190 -19.26 -19.31 57.70
C ARG A 190 -20.11 -18.16 58.24
N GLU A 191 -20.26 -18.10 59.55
CA GLU A 191 -20.99 -16.99 60.16
C GLU A 191 -20.20 -15.71 59.98
N PRO A 192 -20.83 -14.63 59.48
CA PRO A 192 -20.08 -13.40 59.21
C PRO A 192 -19.42 -12.86 60.47
N GLY A 193 -18.10 -12.64 60.38
CA GLY A 193 -17.33 -12.14 61.48
C GLY A 193 -16.90 -13.17 62.51
N ASN A 194 -17.21 -14.45 62.28
CA ASN A 194 -16.93 -15.51 63.26
C ASN A 194 -15.59 -16.17 62.93
N PHE A 195 -14.53 -15.67 63.54
CA PHE A 195 -13.22 -16.27 63.41
C PHE A 195 -12.94 -17.32 64.47
N GLY A 196 -13.87 -17.54 65.40
CA GLY A 196 -13.63 -18.47 66.49
C GLY A 196 -12.68 -17.95 67.54
N PHE A 197 -12.30 -16.67 67.48
CA PHE A 197 -11.33 -16.10 68.41
C PHE A 197 -12.03 -15.80 69.73
N ASP A 198 -11.71 -16.60 70.75
CA ASP A 198 -12.29 -16.42 72.08
C ASP A 198 -11.43 -17.14 73.12
N PRO A 199 -10.19 -16.70 73.34
CA PRO A 199 -9.35 -17.40 74.31
C PRO A 199 -9.76 -17.18 75.76
N LEU A 200 -10.21 -15.96 76.10
CA LEU A 200 -10.59 -15.68 77.48
C LEU A 200 -11.93 -16.31 77.86
N GLY A 201 -12.66 -16.86 76.90
CA GLY A 201 -13.87 -17.60 77.20
C GLY A 201 -15.13 -16.77 77.35
N PHE A 202 -15.06 -15.46 77.14
CA PHE A 202 -16.26 -14.63 77.20
C PHE A 202 -17.16 -14.98 76.03
N GLY A 203 -18.36 -15.50 76.32
CA GLY A 203 -19.28 -15.86 75.27
C GLY A 203 -19.74 -17.30 75.32
N LYS A 204 -19.35 -18.02 76.38
CA LYS A 204 -19.84 -19.38 76.56
C LYS A 204 -21.34 -19.38 76.78
N ASP A 205 -21.85 -18.45 77.58
CA ASP A 205 -23.28 -18.35 77.81
C ASP A 205 -23.96 -17.75 76.59
N PRO A 206 -24.91 -18.44 75.96
CA PRO A 206 -25.57 -17.89 74.77
C PRO A 206 -26.52 -16.75 75.08
N ALA A 207 -26.94 -16.60 76.34
CA ALA A 207 -27.88 -15.52 76.69
C ALA A 207 -27.25 -14.15 76.48
N LYS A 208 -26.01 -13.97 76.94
CA LYS A 208 -25.31 -12.72 76.78
C LYS A 208 -24.58 -12.60 75.44
N ARG A 209 -24.58 -13.67 74.64
CA ARG A 209 -23.87 -13.64 73.37
C ARG A 209 -24.48 -12.63 72.40
N GLU A 210 -25.80 -12.59 72.31
CA GLU A 210 -26.46 -11.64 71.43
C GLU A 210 -26.19 -10.20 71.86
N ARG A 211 -26.25 -9.95 73.17
CA ARG A 211 -25.95 -8.61 73.68
C ARG A 211 -24.51 -8.23 73.39
N TYR A 212 -23.58 -9.18 73.53
CA TYR A 212 -22.18 -8.90 73.22
C TYR A 212 -22.00 -8.59 71.74
N ALA A 213 -22.70 -9.33 70.87
CA ALA A 213 -22.61 -9.06 69.44
C ALA A 213 -23.13 -7.67 69.09
N LEU A 214 -24.28 -7.31 69.66
CA LEU A 214 -24.84 -5.99 69.40
C LEU A 214 -23.92 -4.89 69.94
N ALA A 215 -23.35 -5.10 71.12
CA ALA A 215 -22.43 -4.12 71.69
C ALA A 215 -21.19 -3.97 70.82
N GLU A 216 -20.67 -5.08 70.31
CA GLU A 216 -19.51 -5.01 69.41
C GLU A 216 -19.85 -4.24 68.14
N LEU A 217 -21.02 -4.50 67.57
CA LEU A 217 -21.41 -3.79 66.35
C LEU A 217 -21.54 -2.28 66.61
N LYS A 218 -22.22 -1.91 67.69
CA LYS A 218 -22.42 -0.49 67.98
C LYS A 218 -21.10 0.19 68.28
N ASN A 219 -20.23 -0.46 69.05
CA ASN A 219 -18.93 0.10 69.35
C ASN A 219 -18.08 0.23 68.09
N GLY A 220 -18.17 -0.74 67.19
CA GLY A 220 -17.44 -0.64 65.94
C GLY A 220 -17.89 0.53 65.09
N ARG A 221 -19.21 0.74 64.98
CA ARG A 221 -19.71 1.88 64.22
C ARG A 221 -19.28 3.20 64.85
N LEU A 222 -19.44 3.31 66.18
CA LEU A 222 -19.01 4.51 66.88
C LEU A 222 -17.52 4.75 66.69
N ALA A 223 -16.73 3.67 66.65
CA ALA A 223 -15.30 3.81 66.49
C ALA A 223 -14.92 4.19 65.07
N MET A 224 -15.70 3.76 64.08
CA MET A 224 -15.47 4.25 62.72
C MET A 224 -15.68 5.76 62.66
N ILE A 225 -16.79 6.23 63.24
CA ILE A 225 -17.04 7.67 63.24
C ILE A 225 -15.93 8.40 63.99
N ALA A 226 -15.52 7.86 65.15
CA ALA A 226 -14.51 8.51 65.96
C ALA A 226 -13.12 8.44 65.33
N ILE A 227 -12.82 7.37 64.60
CA ILE A 227 -11.52 7.27 63.96
C ILE A 227 -11.41 8.32 62.86
N GLY A 228 -12.50 8.49 62.08
CA GLY A 228 -12.52 9.59 61.13
C GLY A 228 -12.38 10.94 61.80
N GLY A 229 -13.08 11.12 62.91
CA GLY A 229 -13.01 12.40 63.63
C GLY A 229 -11.60 12.72 64.10
N LEU A 230 -10.94 11.74 64.73
CA LEU A 230 -9.60 11.97 65.26
C LEU A 230 -8.61 12.24 64.13
N VAL A 231 -8.68 11.45 63.06
CA VAL A 231 -7.75 11.65 61.95
C VAL A 231 -7.92 13.04 61.36
N HIS A 232 -9.17 13.49 61.20
CA HIS A 232 -9.39 14.79 60.59
C HIS A 232 -9.11 15.94 61.55
N HIS A 233 -9.25 15.72 62.87
CA HIS A 233 -8.79 16.72 63.83
C HIS A 233 -7.29 16.92 63.73
N ALA A 234 -6.54 15.82 63.64
CA ALA A 234 -5.10 15.94 63.51
C ALA A 234 -4.70 16.65 62.23
N LEU A 235 -5.51 16.53 61.18
CA LEU A 235 -5.17 17.17 59.91
C LEU A 235 -5.45 18.66 59.91
N VAL A 236 -6.54 19.08 60.57
CA VAL A 236 -6.92 20.50 60.54
C VAL A 236 -6.23 21.32 61.62
N THR A 237 -5.72 20.67 62.67
CA THR A 237 -5.03 21.36 63.76
C THR A 237 -3.54 21.05 63.76
N GLY A 238 -3.17 19.78 63.83
CA GLY A 238 -1.80 19.35 63.71
C GLY A 238 -1.12 18.97 65.01
N HIS A 239 -1.67 19.38 66.16
CA HIS A 239 -0.97 19.13 67.41
C HIS A 239 -1.19 17.71 67.94
N ALA A 240 -2.43 17.40 68.33
CA ALA A 240 -2.76 16.13 68.97
C ALA A 240 -4.28 16.07 69.14
N THR A 241 -4.75 15.03 69.82
CA THR A 241 -6.15 14.91 70.19
C THR A 241 -6.44 15.45 71.59
N PHE A 242 -5.59 15.11 72.56
CA PHE A 242 -5.77 15.51 73.96
C PHE A 242 -7.12 15.02 74.51
N GLY B 31 25.10 -37.51 -16.00
CA GLY B 31 26.51 -37.77 -15.78
C GLY B 31 26.89 -39.20 -16.05
N THR B 32 26.06 -40.13 -15.57
CA THR B 32 26.25 -41.56 -15.76
C THR B 32 24.97 -42.33 -15.46
N PRO B 33 24.28 -42.09 -14.33
CA PRO B 33 23.04 -42.82 -14.07
C PRO B 33 21.81 -42.30 -14.81
N PHE B 34 21.97 -41.35 -15.73
CA PHE B 34 20.84 -40.85 -16.49
C PHE B 34 21.33 -40.30 -17.82
N ASP B 35 20.39 -39.98 -18.70
CA ASP B 35 20.68 -39.43 -20.02
C ASP B 35 20.46 -37.93 -19.99
N THR B 36 21.49 -37.17 -20.37
CA THR B 36 21.37 -35.72 -20.41
C THR B 36 20.35 -35.27 -21.44
N VAL B 37 20.34 -35.91 -22.61
CA VAL B 37 19.39 -35.60 -23.68
C VAL B 37 18.51 -36.81 -23.89
N SER B 38 17.19 -36.61 -23.85
CA SER B 38 16.25 -37.70 -24.05
C SER B 38 16.31 -38.21 -25.49
N LYS B 39 16.05 -39.51 -25.63
CA LYS B 39 16.05 -40.12 -26.97
C LYS B 39 14.95 -39.57 -27.86
N ASP B 40 13.89 -39.02 -27.28
CA ASP B 40 12.78 -38.47 -28.08
C ASP B 40 13.12 -37.12 -28.68
N GLU B 41 14.15 -36.45 -28.18
CA GLU B 41 14.57 -35.13 -28.69
C GLU B 41 15.95 -35.31 -29.32
N LEU B 42 15.96 -35.67 -30.60
CA LEU B 42 17.19 -35.85 -31.35
C LEU B 42 17.05 -35.19 -32.71
N ALA B 43 18.16 -34.66 -33.21
CA ALA B 43 18.14 -33.99 -34.51
C ALA B 43 18.02 -35.01 -35.64
N VAL B 44 17.27 -34.64 -36.68
CA VAL B 44 17.11 -35.46 -37.87
C VAL B 44 17.68 -34.69 -39.04
N GLU B 45 18.47 -35.37 -39.87
CA GLU B 45 19.06 -34.72 -41.04
C GLU B 45 17.97 -34.36 -42.04
N ASN B 46 18.00 -33.11 -42.51
CA ASN B 46 16.99 -32.61 -43.43
C ASN B 46 17.38 -33.03 -44.85
N LYS B 47 16.81 -34.15 -45.32
CA LYS B 47 17.05 -34.62 -46.67
C LYS B 47 16.39 -33.73 -47.72
N ALA B 48 15.49 -32.85 -47.32
CA ALA B 48 14.81 -31.97 -48.28
C ALA B 48 15.74 -30.93 -48.89
N MET B 49 16.95 -30.78 -48.36
CA MET B 49 17.92 -29.82 -48.87
C MET B 49 19.09 -30.51 -49.58
N ALA B 50 18.87 -31.72 -50.09
CA ALA B 50 19.91 -32.41 -50.84
C ALA B 50 20.23 -31.64 -52.12
N GLY B 51 21.51 -31.61 -52.47
CA GLY B 51 21.94 -30.69 -53.52
C GLY B 51 21.73 -29.28 -53.02
N LYS B 52 20.98 -28.49 -53.79
CA LYS B 52 20.45 -27.20 -53.33
C LYS B 52 21.58 -26.28 -52.85
N SER B 53 22.36 -25.81 -53.83
CA SER B 53 23.53 -24.98 -53.59
C SER B 53 23.26 -23.89 -52.55
N VAL B 54 24.31 -23.51 -51.81
CA VAL B 54 24.22 -22.73 -50.58
C VAL B 54 23.24 -21.57 -50.69
N PHE B 55 23.14 -20.97 -51.89
CA PHE B 55 22.21 -19.88 -52.08
C PHE B 55 20.76 -20.36 -51.96
N GLU B 56 20.43 -21.45 -52.64
CA GLU B 56 19.09 -22.02 -52.51
C GLU B 56 18.83 -22.51 -51.09
N ARG B 57 19.84 -23.13 -50.47
CA ARG B 57 19.69 -23.58 -49.09
C ARG B 57 19.46 -22.42 -48.15
N ALA B 58 20.23 -21.33 -48.30
CA ALA B 58 20.06 -20.18 -47.43
C ALA B 58 18.69 -19.54 -47.64
N MET B 59 18.25 -19.41 -48.88
CA MET B 59 16.93 -18.83 -49.15
C MET B 59 15.83 -19.69 -48.54
N ALA B 60 15.92 -21.01 -48.71
CA ALA B 60 14.89 -21.88 -48.14
C ALA B 60 14.89 -21.82 -46.62
N ASP B 61 16.07 -21.80 -46.01
CA ASP B 61 16.16 -21.71 -44.56
C ASP B 61 15.56 -20.40 -44.06
N PHE B 62 15.87 -19.29 -44.73
CA PHE B 62 15.32 -18.00 -44.31
C PHE B 62 13.81 -17.99 -44.47
N ASN B 63 13.29 -18.50 -45.59
CA ASN B 63 11.86 -18.46 -45.83
C ASN B 63 11.10 -19.35 -44.85
N GLY B 64 11.60 -20.55 -44.59
CA GLY B 64 10.94 -21.43 -43.64
C GLY B 64 11.04 -20.93 -42.21
N ARG B 65 12.20 -20.37 -41.84
CA ARG B 65 12.41 -19.93 -40.47
C ARG B 65 11.70 -18.62 -40.17
N TYR B 66 11.61 -17.72 -41.15
CA TYR B 66 11.02 -16.40 -40.95
C TYR B 66 9.95 -16.15 -42.00
N PRO B 67 8.78 -16.77 -41.86
CA PRO B 67 7.64 -16.42 -42.71
C PRO B 67 7.06 -15.08 -42.28
N ALA B 68 6.17 -14.56 -43.13
CA ALA B 68 5.47 -13.30 -42.91
C ALA B 68 6.41 -12.10 -43.05
N VAL B 69 7.70 -12.36 -43.22
CA VAL B 69 8.65 -11.34 -43.66
C VAL B 69 9.27 -11.82 -44.95
N ALA B 70 9.33 -13.15 -45.11
CA ALA B 70 9.71 -13.72 -46.39
C ALA B 70 8.56 -13.62 -47.40
N ALA B 71 7.33 -13.81 -46.93
CA ALA B 71 6.17 -13.65 -47.79
C ALA B 71 6.00 -12.21 -48.27
N LEU B 72 6.53 -11.24 -47.53
CA LEU B 72 6.50 -9.85 -47.95
C LEU B 72 7.59 -9.50 -48.94
N GLY B 73 8.52 -10.42 -49.21
CA GLY B 73 9.64 -10.15 -50.07
C GLY B 73 10.84 -9.55 -49.39
N LEU B 74 10.80 -9.38 -48.07
CA LEU B 74 11.92 -8.82 -47.34
C LEU B 74 13.03 -9.86 -47.19
N GLY B 75 14.24 -9.38 -46.89
CA GLY B 75 15.36 -10.24 -46.66
C GLY B 75 16.07 -10.67 -47.93
N PRO B 76 16.71 -11.83 -47.89
CA PRO B 76 17.42 -12.33 -49.08
C PRO B 76 16.47 -12.75 -50.18
N SER B 77 15.91 -11.77 -50.89
CA SER B 77 14.89 -12.02 -51.89
C SER B 77 15.21 -11.24 -53.15
N ALA B 78 14.68 -11.72 -54.28
CA ALA B 78 14.94 -11.07 -55.56
C ALA B 78 14.34 -9.67 -55.61
N LYS B 79 13.16 -9.50 -55.01
CA LYS B 79 12.56 -8.16 -54.94
C LYS B 79 13.45 -7.20 -54.17
N ALA B 80 13.91 -7.62 -52.99
CA ALA B 80 14.79 -6.78 -52.20
C ALA B 80 16.10 -6.52 -52.93
N GLU B 81 16.65 -7.54 -53.59
CA GLU B 81 17.89 -7.35 -54.32
C GLU B 81 17.71 -6.35 -55.46
N ARG B 82 16.60 -6.45 -56.20
CA ARG B 82 16.35 -5.51 -57.29
C ARG B 82 16.22 -4.08 -56.77
N TRP B 83 15.45 -3.90 -55.69
CA TRP B 83 15.26 -2.56 -55.15
C TRP B 83 16.58 -1.98 -54.64
N ASN B 84 17.36 -2.79 -53.93
CA ASN B 84 18.63 -2.31 -53.41
C ASN B 84 19.62 -2.02 -54.53
N GLY B 85 19.58 -2.80 -55.62
CA GLY B 85 20.43 -2.49 -56.77
C GLY B 85 20.05 -1.18 -57.41
N ARG B 86 18.76 -0.92 -57.59
CA ARG B 86 18.32 0.36 -58.12
C ARG B 86 18.82 1.50 -57.25
N HIS B 87 18.67 1.36 -55.94
CA HIS B 87 19.10 2.42 -55.04
C HIS B 87 20.62 2.59 -55.06
N ALA B 88 21.36 1.49 -55.21
CA ALA B 88 22.81 1.59 -55.28
C ALA B 88 23.28 2.31 -56.54
N MET B 89 22.64 2.03 -57.68
CA MET B 89 22.98 2.76 -58.90
C MET B 89 22.67 4.25 -58.77
N PHE B 90 21.46 4.56 -58.31
CA PHE B 90 21.10 5.96 -58.09
C PHE B 90 22.05 6.63 -57.12
N GLY B 91 22.55 5.88 -56.14
CA GLY B 91 23.46 6.46 -55.17
C GLY B 91 24.87 6.62 -55.68
N TRP B 92 25.30 5.77 -56.61
CA TRP B 92 26.54 6.06 -57.30
C TRP B 92 26.43 7.37 -58.06
N ILE B 93 25.27 7.60 -58.69
CA ILE B 93 25.02 8.89 -59.33
C ILE B 93 25.08 10.02 -58.29
N VAL B 94 24.47 9.79 -57.13
CA VAL B 94 24.42 10.83 -56.10
C VAL B 94 25.82 11.12 -55.56
N LEU B 95 26.65 10.09 -55.40
CA LEU B 95 28.02 10.31 -54.94
C LEU B 95 28.83 11.09 -55.96
N LEU B 96 28.65 10.78 -57.25
CA LEU B 96 29.31 11.59 -58.28
C LEU B 96 28.86 13.04 -58.23
N ALA B 97 27.55 13.25 -58.06
CA ALA B 97 27.02 14.61 -57.97
C ALA B 97 27.57 15.34 -56.75
N THR B 98 27.68 14.64 -55.62
CA THR B 98 28.21 15.25 -54.40
C THR B 98 29.67 15.63 -54.56
N GLY B 99 30.46 14.75 -55.17
CA GLY B 99 31.84 15.10 -55.45
C GLY B 99 31.97 16.30 -56.37
N TYR B 100 31.14 16.34 -57.42
CA TYR B 100 31.15 17.48 -58.33
C TYR B 100 30.78 18.77 -57.60
N ALA B 101 29.75 18.72 -56.75
CA ALA B 101 29.32 19.91 -56.03
C ALA B 101 30.38 20.39 -55.07
N GLN B 102 31.05 19.46 -54.37
CA GLN B 102 32.13 19.84 -53.46
C GLN B 102 33.30 20.45 -54.23
N ALA B 103 33.62 19.91 -55.40
CA ALA B 103 34.75 20.41 -56.16
C ALA B 103 34.46 21.77 -56.80
N HIS B 104 33.22 22.03 -57.18
CA HIS B 104 32.88 23.18 -58.01
C HIS B 104 32.33 24.36 -57.23
N GLY B 105 32.66 24.48 -55.94
CA GLY B 105 32.31 25.66 -55.17
C GLY B 105 30.88 25.72 -54.70
N LEU B 106 30.08 24.69 -54.95
CA LEU B 106 28.72 24.57 -54.42
C LEU B 106 28.82 24.07 -52.99
N LEU B 107 27.72 23.53 -52.44
CA LEU B 107 27.79 22.90 -51.12
C LEU B 107 28.09 23.93 -50.04
N PRO B 108 27.07 24.71 -49.61
CA PRO B 108 27.31 25.90 -48.77
C PRO B 108 28.29 25.74 -47.62
N GLU B 109 28.89 26.85 -47.23
CA GLU B 109 29.99 26.88 -46.27
C GLU B 109 29.51 27.28 -44.88
N GLY B 110 30.23 26.84 -43.86
CA GLY B 110 29.95 27.22 -42.49
C GLY B 110 29.21 26.17 -41.71
N GLY B 111 28.44 26.60 -40.71
CA GLY B 111 27.65 25.71 -39.90
C GLY B 111 26.24 26.26 -39.70
N MET B 112 25.37 25.39 -39.21
CA MET B 112 23.99 25.79 -38.96
C MET B 112 23.92 26.78 -37.80
N ASP B 113 22.88 27.60 -37.81
CA ASP B 113 22.69 28.62 -36.79
C ASP B 113 21.94 28.00 -35.62
N ALA B 114 22.63 27.86 -34.49
CA ALA B 114 22.00 27.29 -33.30
C ALA B 114 20.88 28.18 -32.79
N LYS B 115 21.05 29.50 -32.88
CA LYS B 115 19.99 30.42 -32.49
C LYS B 115 18.75 30.24 -33.36
N GLU B 116 18.93 29.83 -34.61
CA GLU B 116 17.80 29.65 -35.52
C GLU B 116 17.19 28.25 -35.44
N TRP B 117 18.00 27.23 -35.22
CA TRP B 117 17.53 25.85 -35.30
C TRP B 117 17.66 25.10 -33.98
N GLY B 118 17.76 25.81 -32.86
CA GLY B 118 17.77 25.16 -31.57
C GLY B 118 19.12 24.54 -31.24
N THR B 119 19.17 23.93 -30.04
CA THR B 119 20.40 23.34 -29.54
C THR B 119 20.68 21.95 -30.10
N TRP B 120 19.78 21.43 -30.93
CA TRP B 120 19.94 20.07 -31.45
C TRP B 120 20.87 20.05 -32.59
N VAL B 121 21.19 21.20 -33.11
CA VAL B 121 22.18 21.30 -34.17
C VAL B 121 23.58 21.56 -33.63
N ILE B 122 23.73 21.73 -32.33
CA ILE B 122 25.03 21.95 -31.72
C ILE B 122 25.74 20.60 -31.57
N VAL B 123 26.97 20.53 -32.05
CA VAL B 123 27.73 19.28 -32.03
C VAL B 123 28.62 19.21 -30.79
N SER B 124 29.37 20.28 -30.51
CA SER B 124 30.23 20.30 -29.34
C SER B 124 30.55 21.75 -28.99
N THR B 125 31.05 21.94 -27.77
CA THR B 125 31.49 23.24 -27.26
C THR B 125 32.90 23.06 -26.74
N THR B 126 33.91 23.47 -27.51
CA THR B 126 35.28 23.18 -27.15
C THR B 126 35.77 24.09 -26.01
N ASN B 127 35.87 25.40 -26.27
CA ASN B 127 36.06 26.36 -25.18
C ASN B 127 35.33 27.67 -25.52
N GLY B 128 34.05 27.74 -25.17
CA GLY B 128 33.28 28.94 -25.38
C GLY B 128 32.74 29.15 -26.78
N GLU B 129 33.00 28.25 -27.72
CA GLU B 129 32.39 28.32 -29.04
C GLU B 129 31.62 27.03 -29.31
N GLN B 130 30.47 27.17 -29.94
CA GLN B 130 29.59 26.05 -30.24
C GLN B 130 29.82 25.60 -31.67
N VAL B 131 30.44 24.42 -31.84
CA VAL B 131 30.58 23.82 -33.14
C VAL B 131 29.26 23.16 -33.50
N THR B 132 28.66 23.58 -34.62
CA THR B 132 27.37 23.10 -35.05
C THR B 132 27.50 22.16 -36.23
N ILE B 133 26.37 21.58 -36.61
CA ILE B 133 26.34 20.71 -37.80
C ILE B 133 26.66 21.54 -39.03
N PRO B 134 27.55 21.09 -39.91
CA PRO B 134 27.87 21.87 -41.11
C PRO B 134 26.64 22.08 -41.97
N ALA B 135 26.55 23.28 -42.55
CA ALA B 135 25.41 23.59 -43.42
C ALA B 135 25.39 22.71 -44.66
N ALA B 136 26.56 22.30 -45.14
CA ALA B 136 26.61 21.39 -46.27
C ALA B 136 25.96 20.05 -45.92
N ARG B 137 26.24 19.54 -44.72
CA ARG B 137 25.61 18.30 -44.28
C ARG B 137 24.10 18.44 -44.20
N ALA B 138 23.63 19.59 -43.72
CA ALA B 138 22.19 19.83 -43.64
C ALA B 138 21.56 19.85 -45.04
N ALA B 139 22.20 20.51 -46.00
CA ALA B 139 21.66 20.56 -47.35
C ALA B 139 21.63 19.17 -47.99
N ILE B 140 22.71 18.40 -47.81
CA ILE B 140 22.73 17.05 -48.36
C ILE B 140 21.67 16.18 -47.70
N ALA B 141 21.45 16.36 -46.40
CA ALA B 141 20.40 15.63 -45.71
C ALA B 141 19.03 16.02 -46.25
N ILE B 142 18.84 17.29 -46.61
CA ILE B 142 17.56 17.72 -47.18
C ILE B 142 17.33 17.08 -48.56
N GLY B 143 18.39 17.01 -49.37
CA GLY B 143 18.24 16.34 -50.65
C GLY B 143 17.91 14.86 -50.51
N HIS B 144 18.63 14.19 -49.59
CA HIS B 144 18.33 12.80 -49.30
C HIS B 144 16.93 12.64 -48.74
N LEU B 145 16.45 13.63 -47.98
CA LEU B 145 15.07 13.61 -47.50
C LEU B 145 14.08 13.71 -48.64
N HIS B 146 14.39 14.54 -49.65
CA HIS B 146 13.54 14.60 -50.84
C HIS B 146 13.42 13.23 -51.48
N PHE B 147 14.56 12.58 -51.72
CA PHE B 147 14.54 11.28 -52.39
C PHE B 147 13.84 10.22 -51.52
N GLY B 148 14.13 10.22 -50.21
CA GLY B 148 13.49 9.25 -49.34
C GLY B 148 11.99 9.47 -49.21
N ALA B 149 11.56 10.73 -49.24
CA ALA B 149 10.13 11.02 -49.26
C ALA B 149 9.49 10.47 -50.53
N VAL B 150 10.15 10.66 -51.68
CA VAL B 150 9.63 10.08 -52.91
C VAL B 150 9.47 8.56 -52.75
N GLY B 151 10.47 7.93 -52.14
CA GLY B 151 10.38 6.50 -51.89
C GLY B 151 9.23 6.12 -50.98
N VAL B 152 9.01 6.90 -49.93
CA VAL B 152 7.94 6.60 -48.98
C VAL B 152 6.57 6.76 -49.64
N PHE B 153 6.43 7.79 -50.49
CA PHE B 153 5.19 7.95 -51.25
C PHE B 153 4.95 6.74 -52.16
N ALA B 154 5.99 6.32 -52.89
CA ALA B 154 5.84 5.15 -53.75
C ALA B 154 5.53 3.90 -52.94
N ALA B 155 6.04 3.82 -51.71
CA ALA B 155 5.71 2.68 -50.84
C ALA B 155 4.24 2.69 -50.45
N TYR B 156 3.74 3.84 -49.98
CA TYR B 156 2.30 3.96 -49.72
C TYR B 156 1.56 4.49 -50.93
N SER B 157 1.89 3.96 -52.11
CA SER B 157 1.15 4.17 -53.34
C SER B 157 1.11 2.89 -54.18
N LYS B 158 1.06 1.74 -53.51
CA LYS B 158 1.23 0.45 -54.17
C LYS B 158 0.30 0.23 -55.35
N ASN B 159 -0.94 0.73 -55.28
CA ASN B 159 -1.90 0.46 -56.32
C ASN B 159 -1.71 1.33 -57.57
N SER B 160 -0.81 2.30 -57.53
CA SER B 160 -0.60 3.20 -58.65
C SER B 160 0.81 3.17 -59.21
N VAL B 161 1.70 2.34 -58.67
CA VAL B 161 3.08 2.25 -59.14
C VAL B 161 3.25 1.01 -59.99
N LYS B 162 4.19 1.07 -60.92
CA LYS B 162 4.44 -0.07 -61.80
C LYS B 162 5.03 -1.24 -61.02
N ASP B 163 6.07 -0.97 -60.23
CA ASP B 163 6.75 -1.98 -59.42
C ASP B 163 6.53 -1.66 -57.96
N ARG B 164 5.91 -2.57 -57.23
CA ARG B 164 5.66 -2.37 -55.81
C ARG B 164 6.93 -2.60 -55.00
N LEU B 165 6.91 -2.12 -53.77
CA LEU B 165 8.05 -2.33 -52.88
C LEU B 165 8.05 -3.73 -52.29
N LEU B 166 6.90 -4.17 -51.79
CA LEU B 166 6.76 -5.46 -51.15
C LEU B 166 5.95 -6.41 -52.02
N LEU B 167 5.94 -7.68 -51.62
CA LEU B 167 5.22 -8.72 -52.35
C LEU B 167 3.78 -8.81 -51.85
N GLU B 168 2.84 -8.88 -52.78
CA GLU B 168 1.45 -9.11 -52.41
C GLU B 168 1.29 -10.52 -51.85
N PRO B 169 0.32 -10.73 -50.96
CA PRO B 169 0.00 -12.10 -50.55
C PRO B 169 -0.41 -12.95 -51.74
N GLY B 170 0.41 -13.94 -52.08
CA GLY B 170 0.12 -14.76 -53.22
C GLY B 170 1.24 -14.58 -54.21
N GLU B 171 1.62 -13.34 -54.46
CA GLU B 171 2.71 -13.07 -55.36
C GLU B 171 3.86 -13.92 -54.91
N LYS B 172 4.70 -14.31 -55.85
CA LYS B 172 5.81 -15.15 -55.52
C LYS B 172 7.03 -14.43 -55.97
N ASP B 173 8.12 -14.58 -55.23
CA ASP B 173 9.29 -13.83 -55.55
C ASP B 173 9.87 -14.23 -56.85
N GLU B 174 10.18 -13.27 -57.68
CA GLU B 174 10.85 -13.54 -58.93
C GLU B 174 11.94 -14.52 -58.68
N ALA B 175 12.30 -15.30 -59.68
CA ALA B 175 13.27 -16.33 -59.47
C ALA B 175 14.66 -15.80 -59.48
N PRO B 176 15.44 -16.20 -58.50
CA PRO B 176 16.80 -15.73 -58.39
C PRO B 176 17.50 -15.81 -59.70
N ALA B 177 18.38 -14.87 -59.99
CA ALA B 177 19.04 -14.84 -61.28
C ALA B 177 20.17 -15.78 -61.33
N GLY B 178 20.73 -16.04 -60.20
CA GLY B 178 21.82 -17.01 -60.16
C GLY B 178 23.17 -16.31 -60.07
N LEU B 179 24.22 -17.10 -60.30
CA LEU B 179 25.58 -16.54 -60.27
C LEU B 179 25.73 -15.48 -61.36
N PHE B 180 25.33 -15.80 -62.59
CA PHE B 180 25.38 -14.86 -63.71
C PHE B 180 24.00 -14.71 -64.31
N PRO B 181 23.38 -13.54 -64.22
CA PRO B 181 22.11 -13.33 -64.91
C PRO B 181 22.27 -13.39 -66.42
N ALA B 182 21.16 -13.65 -67.11
CA ALA B 182 21.20 -13.78 -68.55
C ALA B 182 21.73 -12.51 -69.20
N LEU B 183 22.56 -12.69 -70.22
CA LEU B 183 23.18 -11.56 -70.92
C LEU B 183 22.20 -11.04 -71.97
N ARG B 184 21.28 -10.21 -71.50
CA ARG B 184 20.24 -9.62 -72.36
C ARG B 184 20.39 -8.10 -72.35
N PRO B 185 21.08 -7.53 -73.34
CA PRO B 185 21.31 -6.08 -73.34
C PRO B 185 20.03 -5.29 -73.53
N GLY B 186 20.08 -4.04 -73.07
CA GLY B 186 18.98 -3.11 -73.21
C GLY B 186 18.32 -2.78 -71.90
N LEU B 187 17.05 -2.39 -71.98
CA LEU B 187 16.23 -2.10 -70.80
C LEU B 187 15.46 -3.34 -70.38
N THR B 188 16.21 -4.37 -69.98
CA THR B 188 15.66 -5.66 -69.62
C THR B 188 15.83 -5.89 -68.11
N LYS B 189 15.03 -6.82 -67.59
CA LYS B 189 15.12 -7.17 -66.18
C LYS B 189 16.52 -7.70 -65.85
N GLU B 190 17.09 -8.50 -66.74
CA GLU B 190 18.43 -9.04 -66.51
C GLU B 190 19.47 -7.93 -66.51
N ALA B 191 19.34 -6.95 -67.40
CA ALA B 191 20.30 -5.85 -67.45
C ALA B 191 20.27 -5.03 -66.17
N GLU B 192 19.06 -4.65 -65.74
CA GLU B 192 18.94 -3.90 -64.49
C GLU B 192 19.44 -4.72 -63.30
N MET B 193 19.14 -6.01 -63.30
CA MET B 193 19.61 -6.90 -62.24
C MET B 193 21.13 -6.91 -62.17
N LEU B 194 21.79 -7.13 -63.31
CA LEU B 194 23.24 -7.19 -63.35
C LEU B 194 23.85 -5.86 -62.93
N ASN B 195 23.29 -4.75 -63.42
CA ASN B 195 23.85 -3.44 -63.08
C ASN B 195 23.64 -3.11 -61.61
N GLY B 196 22.52 -3.52 -61.03
CA GLY B 196 22.32 -3.31 -59.60
C GLY B 196 23.29 -4.11 -58.77
N ARG B 197 23.52 -5.37 -59.15
CA ARG B 197 24.53 -6.17 -58.45
C ARG B 197 25.90 -5.53 -58.55
N VAL B 198 26.25 -5.05 -59.75
CA VAL B 198 27.55 -4.43 -59.96
C VAL B 198 27.69 -3.17 -59.11
N ALA B 199 26.64 -2.35 -59.06
CA ALA B 199 26.69 -1.11 -58.28
C ALA B 199 26.80 -1.39 -56.79
N MET B 200 26.05 -2.38 -56.29
CA MET B 200 26.15 -2.73 -54.88
C MET B 200 27.54 -3.26 -54.54
N LEU B 201 28.10 -4.10 -55.41
CA LEU B 201 29.47 -4.57 -55.19
C LEU B 201 30.45 -3.41 -55.22
N GLY B 202 30.23 -2.44 -56.12
CA GLY B 202 31.10 -1.28 -56.16
C GLY B 202 31.03 -0.46 -54.89
N LEU B 203 29.84 -0.30 -54.33
CA LEU B 203 29.72 0.40 -53.04
C LEU B 203 30.42 -0.37 -51.93
N VAL B 204 30.28 -1.69 -51.93
CA VAL B 204 30.98 -2.51 -50.93
C VAL B 204 32.48 -2.33 -51.04
N ALA B 205 33.00 -2.39 -52.28
CA ALA B 205 34.43 -2.22 -52.51
C ALA B 205 34.90 -0.82 -52.12
N LEU B 206 34.08 0.19 -52.41
CA LEU B 206 34.44 1.56 -52.06
C LEU B 206 34.55 1.73 -50.55
N VAL B 207 33.58 1.21 -49.81
CA VAL B 207 33.63 1.30 -48.35
C VAL B 207 34.82 0.51 -47.82
N ALA B 208 35.08 -0.67 -48.38
CA ALA B 208 36.21 -1.48 -47.93
C ALA B 208 37.53 -0.76 -48.16
N VAL B 209 37.69 -0.13 -49.33
CA VAL B 209 38.92 0.58 -49.63
C VAL B 209 39.08 1.78 -48.69
N SER B 210 38.00 2.52 -48.46
CA SER B 210 38.07 3.67 -47.57
C SER B 210 38.43 3.25 -46.15
N ALA B 211 37.85 2.15 -45.67
CA ALA B 211 38.15 1.70 -44.31
C ALA B 211 39.57 1.16 -44.20
N ALA B 212 40.01 0.38 -45.18
CA ALA B 212 41.34 -0.23 -45.11
C ALA B 212 42.44 0.81 -45.24
N THR B 213 42.33 1.70 -46.23
CA THR B 213 43.39 2.66 -46.47
C THR B 213 43.30 3.87 -45.55
N GLY B 214 42.09 4.39 -45.33
CA GLY B 214 41.87 5.45 -44.37
C GLY B 214 41.53 6.82 -44.93
N GLN B 215 41.25 6.93 -46.23
CA GLN B 215 40.89 8.21 -46.80
C GLN B 215 39.37 8.39 -46.82
N ASP B 216 38.95 9.60 -47.21
CA ASP B 216 37.53 9.88 -47.33
C ASP B 216 36.93 9.11 -48.51
N ILE B 217 35.62 8.89 -48.44
CA ILE B 217 34.91 8.21 -49.52
C ILE B 217 35.09 8.96 -50.84
N LEU B 218 34.91 10.28 -50.79
CA LEU B 218 35.10 11.09 -51.99
C LEU B 218 36.54 11.08 -52.44
N SER B 219 37.49 11.00 -51.49
CA SER B 219 38.90 10.85 -51.89
C SER B 219 39.13 9.54 -52.62
N VAL B 220 38.50 8.46 -52.17
CA VAL B 220 38.64 7.18 -52.86
C VAL B 220 38.02 7.24 -54.25
N ILE B 221 36.85 7.88 -54.37
CA ILE B 221 36.24 8.02 -55.69
C ILE B 221 37.11 8.87 -56.61
N ASP B 222 37.72 9.92 -56.06
CA ASP B 222 38.61 10.78 -56.84
C ASP B 222 39.83 9.98 -57.33
N GLN B 223 40.41 9.16 -56.45
CA GLN B 223 41.53 8.32 -56.85
C GLN B 223 41.10 7.31 -57.91
N GLY B 224 39.92 6.74 -57.76
CA GLY B 224 39.39 5.78 -58.71
C GLY B 224 38.85 6.37 -59.98
N LEU B 225 38.82 7.70 -60.09
CA LEU B 225 38.52 8.36 -61.35
C LEU B 225 39.73 9.12 -61.91
N GLY B 226 40.92 8.89 -61.35
CA GLY B 226 42.12 9.52 -61.85
C GLY B 226 42.35 10.92 -61.33
N GLY B 227 41.26 11.63 -61.04
CA GLY B 227 41.36 13.02 -60.62
C GLY B 227 40.34 13.90 -61.32
N LEU B 228 39.51 13.28 -62.16
CA LEU B 228 38.54 14.00 -62.97
C LEU B 228 37.29 14.42 -62.21
N LEU B 229 37.15 14.00 -60.95
CA LEU B 229 35.99 14.38 -60.14
C LEU B 229 36.29 15.60 -59.26
N LEU B 230 37.32 15.51 -58.43
CA LEU B 230 37.70 16.62 -57.55
C LEU B 230 38.79 17.47 -58.21
N LYS B 231 38.43 18.01 -59.38
CA LYS B 231 39.37 18.83 -60.16
C LYS B 231 38.86 20.25 -60.29
N ALA C 36 40.22 -53.16 -19.04
CA ALA C 36 39.84 -54.36 -19.72
C ALA C 36 39.49 -54.09 -21.15
N GLN C 37 38.47 -53.29 -21.39
CA GLN C 37 38.03 -53.09 -22.74
C GLN C 37 38.70 -51.90 -23.36
N SER C 38 39.39 -51.07 -22.57
CA SER C 38 40.12 -49.95 -23.15
C SER C 38 41.48 -50.44 -23.64
N LYS C 39 41.92 -49.95 -24.78
CA LYS C 39 43.14 -50.41 -25.35
C LYS C 39 44.16 -49.47 -24.90
N ALA C 40 43.76 -48.26 -24.60
CA ALA C 40 44.67 -47.24 -24.21
C ALA C 40 44.97 -47.32 -22.76
N LEU C 41 43.99 -47.72 -21.98
CA LEU C 41 44.17 -47.88 -20.58
C LEU C 41 43.70 -49.29 -20.36
N PRO C 42 44.54 -50.27 -20.59
CA PRO C 42 44.19 -51.70 -20.59
C PRO C 42 43.53 -52.17 -19.31
N PHE C 43 43.49 -51.33 -18.30
CA PHE C 43 42.94 -51.75 -17.03
C PHE C 43 41.55 -51.28 -16.78
N LEU C 44 41.12 -50.21 -17.40
CA LEU C 44 39.81 -49.66 -17.15
C LEU C 44 38.85 -50.31 -18.09
N LYS C 45 37.57 -50.19 -17.88
CA LYS C 45 36.66 -50.71 -18.84
C LYS C 45 36.18 -49.49 -19.50
N ALA C 46 35.97 -49.53 -20.79
CA ALA C 46 35.60 -48.32 -21.44
C ALA C 46 34.20 -48.02 -21.14
N PRO C 47 33.77 -46.82 -21.48
CA PRO C 47 32.36 -46.45 -21.32
C PRO C 47 31.50 -47.11 -22.39
N ALA C 48 30.18 -47.03 -22.18
CA ALA C 48 29.24 -47.76 -23.02
C ALA C 48 29.32 -47.30 -24.48
N LYS C 49 29.44 -45.99 -24.70
CA LYS C 49 29.38 -45.45 -26.05
C LYS C 49 30.65 -45.68 -26.86
N LEU C 50 31.74 -46.11 -26.22
CA LEU C 50 32.98 -46.40 -26.93
C LEU C 50 32.98 -47.88 -27.31
N ASP C 51 32.63 -48.17 -28.57
CA ASP C 51 32.63 -49.55 -29.05
C ASP C 51 32.73 -49.56 -30.57
N GLY C 52 33.46 -50.55 -31.09
CA GLY C 52 33.36 -50.88 -32.50
C GLY C 52 33.67 -49.75 -33.46
N SER C 53 32.60 -49.21 -34.05
CA SER C 53 32.69 -48.24 -35.13
C SER C 53 33.27 -46.92 -34.62
N LEU C 54 33.28 -45.92 -35.50
CA LEU C 54 33.91 -44.63 -35.22
C LEU C 54 35.40 -44.80 -34.96
N ALA C 55 36.09 -45.14 -36.05
CA ALA C 55 37.53 -45.47 -36.08
C ALA C 55 38.36 -44.53 -35.22
N GLY C 56 39.47 -45.04 -34.69
CA GLY C 56 40.20 -44.37 -33.66
C GLY C 56 39.68 -44.64 -32.26
N ASP C 57 38.68 -45.50 -32.12
CA ASP C 57 38.09 -45.84 -30.84
C ASP C 57 39.03 -46.80 -30.10
N PHE C 58 39.82 -46.25 -29.17
CA PHE C 58 40.73 -47.05 -28.37
C PHE C 58 40.27 -47.14 -26.91
N GLY C 59 39.00 -46.86 -26.65
CA GLY C 59 38.49 -46.94 -25.30
C GLY C 59 39.00 -45.87 -24.37
N PHE C 60 39.50 -44.76 -24.90
CA PHE C 60 40.11 -43.72 -24.07
C PHE C 60 39.06 -42.67 -23.71
N ASP C 61 38.39 -42.91 -22.58
CA ASP C 61 37.50 -41.92 -21.98
C ASP C 61 37.43 -42.18 -20.49
N PRO C 62 38.56 -42.00 -19.77
CA PRO C 62 38.55 -42.30 -18.33
C PRO C 62 37.56 -41.44 -17.56
N MET C 63 37.39 -40.18 -17.92
CA MET C 63 36.49 -39.31 -17.19
C MET C 63 35.02 -39.53 -17.53
N GLY C 64 34.73 -40.38 -18.51
CA GLY C 64 33.35 -40.66 -18.88
C GLY C 64 32.62 -39.48 -19.47
N ILE C 65 33.32 -38.66 -20.28
CA ILE C 65 32.68 -37.53 -20.92
C ILE C 65 31.63 -38.01 -21.93
N SER C 66 31.89 -39.14 -22.58
CA SER C 66 30.93 -39.68 -23.56
C SER C 66 29.60 -40.06 -22.92
N ASP C 67 29.56 -40.23 -21.61
CA ASP C 67 28.32 -40.60 -20.94
C ASP C 67 27.30 -39.47 -20.93
N GLN C 68 27.73 -38.22 -21.11
CA GLN C 68 26.81 -37.09 -21.08
C GLN C 68 26.32 -36.73 -22.47
N VAL C 69 27.18 -36.83 -23.49
CA VAL C 69 26.76 -36.49 -24.85
C VAL C 69 25.76 -37.53 -25.34
N ALA C 70 24.75 -37.07 -26.07
CA ALA C 70 23.72 -37.98 -26.58
C ALA C 70 24.32 -39.00 -27.54
N ASN C 71 25.20 -38.53 -28.42
CA ASN C 71 25.88 -39.39 -29.37
C ASN C 71 27.35 -38.98 -29.42
N LEU C 72 28.14 -39.68 -30.24
CA LEU C 72 29.53 -39.32 -30.45
C LEU C 72 29.74 -38.53 -31.72
N LYS C 73 28.66 -38.14 -32.41
CA LYS C 73 28.79 -37.44 -33.68
C LYS C 73 29.42 -36.07 -33.50
N TYR C 74 28.88 -35.27 -32.58
CA TYR C 74 29.37 -33.90 -32.43
C TYR C 74 30.77 -33.87 -31.85
N VAL C 75 31.06 -34.71 -30.86
CA VAL C 75 32.39 -34.72 -30.27
C VAL C 75 33.42 -35.21 -31.28
N ARG C 76 33.05 -36.17 -32.12
CA ARG C 76 33.97 -36.60 -33.18
C ARG C 76 34.18 -35.49 -34.20
N ALA C 77 33.12 -34.74 -34.53
CA ALA C 77 33.26 -33.62 -35.44
C ALA C 77 34.21 -32.58 -34.86
N ALA C 78 34.06 -32.27 -33.58
CA ALA C 78 34.95 -31.30 -32.92
C ALA C 78 36.39 -31.81 -32.87
N GLU C 79 36.56 -33.10 -32.55
CA GLU C 79 37.90 -33.68 -32.48
C GLU C 79 38.57 -33.63 -33.85
N LEU C 80 37.82 -33.95 -34.91
CA LEU C 80 38.42 -33.95 -36.25
C LEU C 80 38.70 -32.53 -36.72
N LYS C 81 37.84 -31.57 -36.39
CA LYS C 81 38.14 -30.19 -36.72
C LYS C 81 39.40 -29.72 -36.02
N HIS C 82 39.54 -30.07 -34.74
CA HIS C 82 40.77 -29.74 -34.02
C HIS C 82 41.98 -30.43 -34.63
N CYS C 83 41.83 -31.68 -35.04
CA CYS C 83 42.92 -32.42 -35.64
C CYS C 83 43.39 -31.74 -36.92
N ARG C 84 42.45 -31.36 -37.79
CA ARG C 84 42.80 -30.73 -39.05
C ARG C 84 43.42 -29.36 -38.83
N VAL C 85 42.83 -28.55 -37.94
CA VAL C 85 43.37 -27.23 -37.67
C VAL C 85 44.76 -27.34 -37.06
N ALA C 86 45.00 -28.36 -36.23
CA ALA C 86 46.30 -28.53 -35.61
C ALA C 86 47.34 -29.01 -36.61
N MET C 87 46.95 -29.89 -37.54
CA MET C 87 47.86 -30.29 -38.59
C MET C 87 48.30 -29.08 -39.41
N LEU C 88 47.32 -28.27 -39.83
CA LEU C 88 47.63 -27.07 -40.60
C LEU C 88 48.47 -26.10 -39.78
N GLY C 89 48.19 -25.99 -38.48
CA GLY C 89 48.96 -25.10 -37.63
C GLY C 89 50.40 -25.53 -37.47
N PHE C 90 50.64 -26.83 -37.30
CA PHE C 90 52.01 -27.33 -37.20
C PHE C 90 52.76 -27.12 -38.52
N LEU C 91 52.10 -27.43 -39.64
CA LEU C 91 52.74 -27.21 -40.94
C LEU C 91 53.07 -25.74 -41.14
N GLY C 92 52.14 -24.86 -40.80
CA GLY C 92 52.40 -23.43 -40.91
C GLY C 92 53.50 -22.96 -39.99
N TRP C 93 53.54 -23.50 -38.77
CA TRP C 93 54.60 -23.16 -37.83
C TRP C 93 55.97 -23.46 -38.44
N VAL C 94 56.14 -24.68 -38.94
CA VAL C 94 57.44 -25.06 -39.50
C VAL C 94 57.77 -24.24 -40.74
N VAL C 95 56.80 -24.09 -41.64
CA VAL C 95 57.07 -23.39 -42.90
C VAL C 95 57.41 -21.92 -42.63
N GLN C 96 56.64 -21.26 -41.75
CA GLN C 96 56.96 -19.89 -41.37
C GLN C 96 58.32 -19.81 -40.70
N GLN C 97 58.72 -20.87 -39.98
CA GLN C 97 60.08 -20.91 -39.45
C GLN C 97 61.10 -20.86 -40.58
N TYR C 98 60.84 -21.58 -41.68
CA TYR C 98 61.83 -21.69 -42.75
C TYR C 98 61.52 -20.85 -43.99
N VAL C 99 60.25 -20.70 -44.37
CA VAL C 99 59.89 -20.05 -45.62
C VAL C 99 58.98 -18.86 -45.31
N HIS C 100 59.16 -17.78 -46.06
CA HIS C 100 58.36 -16.57 -45.90
C HIS C 100 57.93 -16.05 -47.27
N LEU C 101 56.83 -15.29 -47.26
CA LEU C 101 56.36 -14.64 -48.47
C LEU C 101 57.32 -13.50 -48.86
N PRO C 102 57.32 -13.11 -50.13
CA PRO C 102 58.26 -12.07 -50.57
C PRO C 102 58.12 -10.75 -49.84
N GLY C 103 56.91 -10.41 -49.38
CA GLY C 103 56.71 -9.12 -48.75
C GLY C 103 57.42 -9.00 -47.40
N GLU C 104 57.57 -7.75 -46.95
CA GLU C 104 58.24 -7.50 -45.69
C GLU C 104 57.33 -7.81 -44.50
N ILE C 105 56.03 -7.57 -44.62
CA ILE C 105 55.12 -7.77 -43.51
C ILE C 105 55.08 -9.23 -43.07
N TYR C 106 55.47 -10.16 -43.96
CA TYR C 106 55.52 -11.57 -43.65
C TYR C 106 56.94 -12.04 -43.31
N ALA C 107 57.83 -11.14 -42.91
CA ALA C 107 59.22 -11.49 -42.64
C ALA C 107 59.46 -11.93 -41.21
N GLU C 108 58.44 -11.90 -40.35
CA GLU C 108 58.62 -12.31 -38.97
C GLU C 108 58.76 -13.83 -38.89
N SER C 109 59.81 -14.29 -38.19
CA SER C 109 60.03 -15.72 -38.07
C SER C 109 59.23 -16.32 -36.92
N ASN C 110 59.12 -15.61 -35.81
CA ASN C 110 58.37 -16.12 -34.67
C ASN C 110 56.87 -16.08 -34.99
N PRO C 111 56.17 -17.21 -34.99
CA PRO C 111 54.75 -17.19 -35.33
C PRO C 111 53.91 -16.35 -34.38
N LEU C 112 54.22 -16.39 -33.09
CA LEU C 112 53.46 -15.58 -32.13
C LEU C 112 53.75 -14.10 -32.30
N LYS C 113 54.98 -13.75 -32.68
CA LYS C 113 55.28 -12.35 -32.99
C LYS C 113 54.66 -11.95 -34.32
N ALA C 114 54.64 -12.87 -35.28
CA ALA C 114 53.96 -12.61 -36.55
C ALA C 114 52.46 -12.43 -36.37
N LEU C 115 51.89 -12.98 -35.30
CA LEU C 115 50.48 -12.76 -35.01
C LEU C 115 50.17 -11.27 -34.84
N THR C 116 51.13 -10.50 -34.33
CA THR C 116 50.96 -9.07 -34.15
C THR C 116 51.62 -8.24 -35.23
N SER C 117 52.70 -8.73 -35.83
CA SER C 117 53.37 -7.98 -36.88
C SER C 117 52.57 -7.96 -38.17
N VAL C 118 51.89 -9.07 -38.49
CA VAL C 118 51.12 -9.14 -39.72
C VAL C 118 49.97 -8.14 -39.66
N PRO C 119 49.69 -7.39 -40.74
CA PRO C 119 48.61 -6.41 -40.69
C PRO C 119 47.26 -7.06 -40.42
N LEU C 120 46.38 -6.29 -39.78
CA LEU C 120 45.05 -6.81 -39.44
C LEU C 120 44.24 -7.15 -40.68
N LEU C 121 44.58 -6.60 -41.84
CA LEU C 121 43.83 -6.89 -43.06
C LEU C 121 43.95 -8.37 -43.43
N SER C 122 45.17 -8.91 -43.38
CA SER C 122 45.37 -10.32 -43.72
C SER C 122 44.62 -11.22 -42.75
N GLN C 123 44.72 -10.93 -41.45
CA GLN C 123 44.07 -11.77 -40.45
C GLN C 123 42.56 -11.69 -40.53
N ILE C 124 42.01 -10.51 -40.80
CA ILE C 124 40.56 -10.40 -40.93
C ILE C 124 40.10 -11.11 -42.20
N GLN C 125 40.89 -11.08 -43.27
CA GLN C 125 40.52 -11.83 -44.46
C GLN C 125 40.50 -13.33 -44.18
N ILE C 126 41.52 -13.82 -43.47
CA ILE C 126 41.56 -15.24 -43.09
C ILE C 126 40.35 -15.59 -42.23
N PHE C 127 40.04 -14.74 -41.26
CA PHE C 127 38.92 -15.00 -40.36
C PHE C 127 37.60 -15.01 -41.11
N LEU C 128 37.42 -14.08 -42.06
CA LEU C 128 36.20 -14.04 -42.84
C LEU C 128 36.07 -15.28 -43.73
N PHE C 129 37.17 -15.73 -44.34
CA PHE C 129 37.14 -16.96 -45.11
C PHE C 129 36.74 -18.14 -44.24
N ILE C 130 37.34 -18.24 -43.05
CA ILE C 130 37.02 -19.33 -42.15
C ILE C 130 35.55 -19.27 -41.73
N GLY C 131 35.05 -18.07 -41.43
CA GLY C 131 33.66 -17.94 -41.03
C GLY C 131 32.68 -18.28 -42.14
N ALA C 132 33.03 -17.92 -43.38
CA ALA C 132 32.21 -18.31 -44.51
C ALA C 132 32.17 -19.82 -44.66
N ILE C 133 33.32 -20.49 -44.49
CA ILE C 133 33.31 -21.95 -44.48
C ILE C 133 32.52 -22.48 -43.28
N GLU C 134 32.52 -21.73 -42.17
CA GLU C 134 32.01 -22.25 -40.91
C GLU C 134 30.51 -22.12 -40.76
N LEU C 135 29.87 -21.16 -41.44
CA LEU C 135 28.44 -20.97 -41.23
C LEU C 135 27.61 -22.08 -41.87
N ALA C 136 27.94 -22.46 -43.11
CA ALA C 136 27.25 -23.59 -43.74
C ALA C 136 27.46 -24.87 -42.94
N THR C 137 28.71 -25.12 -42.54
CA THR C 137 28.97 -26.28 -41.68
C THR C 137 28.35 -26.13 -40.30
N LEU C 138 28.04 -24.91 -39.87
CA LEU C 138 27.30 -24.73 -38.62
C LEU C 138 25.88 -25.24 -38.77
N ASP C 139 25.25 -24.90 -39.89
CA ASP C 139 23.95 -25.50 -40.19
C ASP C 139 24.07 -27.02 -40.27
N GLN C 140 25.19 -27.51 -40.83
CA GLN C 140 25.34 -28.94 -41.10
C GLN C 140 25.60 -29.77 -39.84
N THR C 141 26.45 -29.30 -38.93
CA THR C 141 27.04 -30.18 -37.92
C THR C 141 26.02 -30.64 -36.88
N TYR C 142 25.16 -29.74 -36.41
CA TYR C 142 24.33 -30.04 -35.25
C TYR C 142 23.23 -31.05 -35.55
N THR C 143 23.01 -31.42 -36.82
CA THR C 143 21.93 -32.31 -37.19
C THR C 143 22.35 -33.55 -37.95
N ALA C 144 23.50 -33.55 -38.62
CA ALA C 144 23.83 -34.63 -39.53
C ALA C 144 24.38 -35.85 -38.79
N ASP C 145 24.36 -36.99 -39.47
CA ASP C 145 24.88 -38.23 -38.92
C ASP C 145 26.40 -38.28 -38.94
N LYS C 146 27.04 -37.61 -39.89
CA LYS C 146 28.50 -37.54 -39.99
C LYS C 146 28.88 -36.09 -40.15
N PRO C 147 28.83 -35.30 -39.06
CA PRO C 147 29.12 -33.86 -39.17
C PRO C 147 30.53 -33.56 -39.65
N TRP C 148 31.49 -34.46 -39.45
CA TRP C 148 32.85 -34.25 -39.91
C TRP C 148 33.00 -34.45 -41.41
N ASP C 149 32.04 -35.13 -42.04
CA ASP C 149 32.08 -35.37 -43.49
C ASP C 149 31.59 -34.12 -44.19
N LEU C 150 32.53 -33.25 -44.55
CA LEU C 150 32.21 -32.01 -45.24
C LEU C 150 32.17 -32.17 -46.75
N GLY C 151 32.33 -33.39 -47.26
CA GLY C 151 32.37 -33.58 -48.69
C GLY C 151 33.60 -33.05 -49.37
N PHE C 152 34.69 -32.90 -48.63
CA PHE C 152 35.93 -32.35 -49.17
C PHE C 152 36.81 -33.50 -49.64
N ASP C 153 36.88 -33.67 -50.95
CA ASP C 153 37.77 -34.66 -51.56
C ASP C 153 38.06 -34.26 -53.00
N PRO C 154 38.71 -33.11 -53.23
CA PRO C 154 38.91 -32.67 -54.62
C PRO C 154 39.73 -33.63 -55.45
N LEU C 155 40.71 -34.31 -54.86
CA LEU C 155 41.57 -35.24 -55.60
C LEU C 155 40.99 -36.66 -55.65
N ASN C 156 39.84 -36.89 -55.03
CA ASN C 156 39.17 -38.19 -55.06
C ASN C 156 40.09 -39.30 -54.54
N PHE C 157 40.72 -39.05 -53.40
CA PHE C 157 41.55 -40.07 -52.75
C PHE C 157 40.72 -41.18 -52.13
N SER C 158 39.40 -41.00 -52.01
CA SER C 158 38.53 -42.00 -51.41
C SER C 158 37.65 -42.72 -52.42
N LYS C 159 37.62 -42.26 -53.67
CA LYS C 159 36.82 -42.93 -54.70
C LYS C 159 37.49 -44.25 -55.08
N GLY C 160 36.76 -45.35 -54.92
CA GLY C 160 37.30 -46.66 -55.19
C GLY C 160 37.90 -47.38 -54.01
N LYS C 161 38.16 -46.69 -52.91
CA LYS C 161 38.71 -47.34 -51.73
C LYS C 161 37.66 -48.19 -51.05
N SER C 162 38.08 -49.34 -50.52
CA SER C 162 37.18 -50.23 -49.82
C SER C 162 36.92 -49.72 -48.41
N GLU C 163 35.98 -50.39 -47.72
CA GLU C 163 35.61 -49.96 -46.38
C GLU C 163 36.78 -50.08 -45.41
N GLN C 164 37.54 -51.17 -45.50
CA GLN C 164 38.70 -51.33 -44.62
C GLN C 164 39.74 -50.25 -44.89
N GLN C 165 39.99 -49.95 -46.17
CA GLN C 165 40.94 -48.91 -46.52
C GLN C 165 40.45 -47.54 -46.06
N MET C 166 39.15 -47.27 -46.19
CA MET C 166 38.61 -46.00 -45.72
C MET C 166 38.76 -45.87 -44.20
N LYS C 167 38.47 -46.95 -43.46
CA LYS C 167 38.63 -46.91 -42.02
C LYS C 167 40.10 -46.72 -41.63
N ASP C 168 41.01 -47.35 -42.37
CA ASP C 168 42.43 -47.16 -42.13
C ASP C 168 42.84 -45.71 -42.36
N LEU C 169 42.31 -45.09 -43.41
CA LEU C 169 42.59 -43.68 -43.67
C LEU C 169 42.07 -42.80 -42.54
N GLU C 170 40.86 -43.10 -42.04
CA GLU C 170 40.30 -42.34 -40.92
C GLU C 170 41.18 -42.48 -39.67
N VAL C 171 41.67 -43.70 -39.42
CA VAL C 171 42.55 -43.92 -38.28
C VAL C 171 43.83 -43.13 -38.43
N LYS C 172 44.40 -43.14 -39.65
CA LYS C 172 45.61 -42.36 -39.90
C LYS C 172 45.37 -40.88 -39.63
N GLU C 173 44.26 -40.36 -40.13
CA GLU C 173 43.95 -38.94 -39.93
C GLU C 173 43.83 -38.63 -38.44
N LEU C 174 43.11 -39.45 -37.70
CA LEU C 174 42.90 -39.18 -36.28
C LEU C 174 44.20 -39.24 -35.49
N LYS C 175 45.02 -40.25 -35.77
CA LYS C 175 46.31 -40.35 -35.10
C LYS C 175 47.12 -39.12 -35.35
N ASN C 176 47.36 -38.82 -36.63
CA ASN C 176 48.19 -37.68 -36.99
C ASN C 176 47.65 -36.40 -36.37
N GLY C 177 46.32 -36.25 -36.33
CA GLY C 177 45.74 -35.05 -35.75
C GLY C 177 45.98 -34.94 -34.26
N ARG C 178 45.82 -36.05 -33.54
CA ARG C 178 46.07 -36.01 -32.10
C ARG C 178 47.53 -35.68 -31.81
N VAL C 179 48.46 -36.29 -32.56
CA VAL C 179 49.87 -35.98 -32.37
C VAL C 179 50.15 -34.52 -32.68
N ALA C 180 49.52 -33.98 -33.74
CA ALA C 180 49.73 -32.58 -34.09
C ALA C 180 49.19 -31.65 -33.01
N MET C 181 47.97 -31.93 -32.51
CA MET C 181 47.42 -31.15 -31.42
C MET C 181 48.39 -31.06 -30.26
N ILE C 182 48.89 -32.22 -29.82
CA ILE C 182 49.89 -32.21 -28.75
C ILE C 182 51.09 -31.36 -29.17
N ALA C 183 51.54 -31.53 -30.41
CA ALA C 183 52.72 -30.83 -30.89
C ALA C 183 52.49 -29.33 -31.02
N ILE C 184 51.33 -28.93 -31.55
CA ILE C 184 51.10 -27.49 -31.72
C ILE C 184 50.95 -26.81 -30.36
N MET C 185 50.30 -27.48 -29.41
CA MET C 185 50.23 -26.92 -28.06
C MET C 185 51.62 -26.82 -27.44
N GLY C 186 52.47 -27.83 -27.67
CA GLY C 186 53.82 -27.77 -27.16
C GLY C 186 54.62 -26.63 -27.78
N LEU C 187 54.45 -26.41 -29.09
CA LEU C 187 55.14 -25.32 -29.76
C LEU C 187 54.69 -23.97 -29.21
N ILE C 188 53.38 -23.80 -29.03
CA ILE C 188 52.88 -22.54 -28.47
C ILE C 188 53.43 -22.33 -27.06
N ALA C 189 53.42 -23.38 -26.25
CA ALA C 189 53.91 -23.25 -24.87
C ALA C 189 55.40 -22.91 -24.84
N GLN C 190 56.20 -23.58 -25.68
CA GLN C 190 57.64 -23.32 -25.65
C GLN C 190 57.98 -21.96 -26.23
N THR C 191 57.15 -21.45 -27.16
CA THR C 191 57.38 -20.09 -27.65
C THR C 191 56.98 -19.06 -26.60
N LEU C 192 55.91 -19.32 -25.86
CA LEU C 192 55.48 -18.41 -24.81
C LEU C 192 56.39 -18.46 -23.59
N TYR C 193 57.12 -19.56 -23.39
CA TYR C 193 57.91 -19.74 -22.18
C TYR C 193 59.41 -19.50 -22.40
N THR C 194 59.91 -19.70 -23.61
CA THR C 194 61.33 -19.52 -23.89
C THR C 194 61.62 -18.58 -25.05
N GLY C 195 60.66 -18.32 -25.93
CA GLY C 195 60.91 -17.49 -27.09
C GLY C 195 61.52 -18.21 -28.27
N VAL C 196 61.86 -19.49 -28.13
CA VAL C 196 62.40 -20.29 -29.23
C VAL C 196 61.22 -20.97 -29.91
N PRO C 197 60.88 -20.59 -31.15
CA PRO C 197 59.69 -21.16 -31.80
C PRO C 197 59.85 -22.61 -32.22
N LEU C 198 61.06 -23.16 -32.25
CA LEU C 198 61.26 -24.51 -32.73
C LEU C 198 62.55 -25.06 -32.13
N PHE C 199 62.49 -26.30 -31.64
CA PHE C 199 63.64 -26.99 -31.04
C PHE C 199 64.20 -26.23 -29.84
N GLU D 35 -66.88 21.44 37.42
CA GLU D 35 -67.15 22.64 36.62
C GLU D 35 -67.20 23.87 37.51
N LYS D 36 -66.72 25.00 36.98
CA LYS D 36 -66.76 26.29 37.66
C LYS D 36 -66.02 26.22 39.01
N SER D 37 -64.70 26.07 38.89
CA SER D 37 -63.82 25.95 40.06
C SER D 37 -64.11 27.05 41.08
N LYS D 38 -63.86 26.73 42.35
CA LYS D 38 -64.22 27.63 43.44
C LYS D 38 -63.44 28.93 43.37
N ALA D 39 -62.12 28.84 43.20
CA ALA D 39 -61.27 30.03 43.20
C ALA D 39 -61.66 30.95 42.06
N VAL D 40 -61.45 30.51 40.82
CA VAL D 40 -61.83 31.33 39.66
C VAL D 40 -63.22 30.86 39.23
N PRO D 41 -64.28 31.60 39.58
CA PRO D 41 -65.64 31.09 39.33
C PRO D 41 -66.01 31.01 37.86
N PHE D 42 -65.33 31.73 36.98
CA PHE D 42 -65.61 31.69 35.56
C PHE D 42 -64.73 30.70 34.80
N LEU D 43 -63.78 30.05 35.48
CA LEU D 43 -62.96 29.04 34.85
C LEU D 43 -63.46 27.65 35.20
N PRO D 44 -63.31 26.67 34.31
CA PRO D 44 -63.71 25.30 34.63
C PRO D 44 -62.82 24.71 35.72
N ARG D 45 -63.36 23.72 36.41
CA ARG D 45 -62.59 23.01 37.41
C ARG D 45 -61.38 22.34 36.75
N PRO D 46 -60.19 22.39 37.37
CA PRO D 46 -58.98 21.89 36.70
C PRO D 46 -59.01 20.41 36.34
N ALA D 47 -60.09 19.71 36.70
CA ALA D 47 -60.37 18.32 36.34
C ALA D 47 -59.43 17.33 37.01
N ALA D 48 -58.44 17.80 37.76
CA ALA D 48 -57.57 16.93 38.54
C ALA D 48 -57.65 17.20 40.03
N LEU D 49 -58.35 18.25 40.45
CA LEU D 49 -58.47 18.65 41.85
C LEU D 49 -59.96 18.70 42.18
N ASP D 50 -60.54 17.57 42.57
CA ASP D 50 -61.98 17.56 42.80
C ASP D 50 -62.32 18.11 44.19
N GLY D 51 -62.04 17.36 45.24
CA GLY D 51 -62.07 17.92 46.59
C GLY D 51 -61.08 17.30 47.56
N SER D 52 -60.43 16.21 47.16
CA SER D 52 -59.75 15.35 48.12
C SER D 52 -58.28 15.69 48.29
N VAL D 53 -58.00 16.97 48.49
CA VAL D 53 -56.65 17.45 48.81
C VAL D 53 -56.80 18.63 49.75
N VAL D 54 -55.92 18.72 50.75
CA VAL D 54 -55.92 19.85 51.65
C VAL D 54 -55.48 21.11 50.89
N GLY D 55 -56.16 22.22 51.13
CA GLY D 55 -55.88 23.45 50.42
C GLY D 55 -56.21 23.39 48.94
N ASP D 56 -57.36 22.82 48.59
CA ASP D 56 -57.78 22.63 47.21
C ASP D 56 -58.98 23.52 46.94
N VAL D 57 -58.71 24.74 46.47
CA VAL D 57 -59.77 25.65 46.05
C VAL D 57 -59.94 25.64 44.53
N GLY D 58 -59.40 24.63 43.86
CA GLY D 58 -59.51 24.52 42.42
C GLY D 58 -58.77 25.60 41.66
N PHE D 59 -57.57 25.96 42.11
CA PHE D 59 -56.77 27.01 41.48
C PHE D 59 -55.67 26.38 40.64
N ASP D 60 -55.95 26.23 39.35
CA ASP D 60 -54.95 25.80 38.37
C ASP D 60 -55.35 26.30 36.99
N PRO D 61 -55.34 27.62 36.75
CA PRO D 61 -55.80 28.13 35.46
C PRO D 61 -55.00 27.62 34.27
N VAL D 62 -53.69 27.44 34.43
CA VAL D 62 -52.83 27.08 33.31
C VAL D 62 -52.67 25.57 33.26
N GLY D 63 -53.41 24.86 34.10
CA GLY D 63 -53.48 23.41 34.03
C GLY D 63 -52.17 22.68 34.24
N PHE D 64 -51.42 23.07 35.27
CA PHE D 64 -50.19 22.35 35.58
C PHE D 64 -50.46 20.91 35.99
N THR D 65 -51.61 20.65 36.62
CA THR D 65 -51.96 19.31 37.05
C THR D 65 -52.42 18.42 35.90
N SER D 66 -52.62 18.98 34.70
CA SER D 66 -53.09 18.19 33.57
C SER D 66 -51.99 17.36 32.94
N TRP D 67 -50.72 17.68 33.20
CA TRP D 67 -49.60 16.92 32.62
C TRP D 67 -48.53 16.59 33.64
N LEU D 68 -48.75 16.86 34.92
CA LEU D 68 -47.82 16.51 35.97
C LEU D 68 -48.55 15.76 37.08
N PRO D 69 -47.89 14.83 37.76
CA PRO D 69 -48.54 14.13 38.86
C PRO D 69 -48.94 15.08 39.97
N LEU D 70 -50.13 14.83 40.53
CA LEU D 70 -50.62 15.69 41.61
C LEU D 70 -49.76 15.55 42.87
N SER D 71 -49.34 14.33 43.19
CA SER D 71 -48.51 14.12 44.38
C SER D 71 -47.17 14.83 44.23
N TYR D 72 -46.59 14.81 43.04
CA TYR D 72 -45.32 15.49 42.80
C TYR D 72 -45.45 16.99 43.04
N LEU D 73 -46.50 17.60 42.48
CA LEU D 73 -46.71 19.03 42.67
C LEU D 73 -47.00 19.37 44.12
N GLN D 74 -47.78 18.52 44.81
CA GLN D 74 -48.05 18.76 46.23
C GLN D 74 -46.77 18.72 47.05
N GLU D 75 -45.91 17.73 46.77
CA GLU D 75 -44.64 17.64 47.49
C GLU D 75 -43.77 18.86 47.22
N ALA D 76 -43.73 19.30 45.96
CA ALA D 76 -42.94 20.49 45.63
C ALA D 76 -43.48 21.73 46.36
N GLU D 77 -44.80 21.89 46.38
CA GLU D 77 -45.40 23.04 47.04
C GLU D 77 -45.11 23.02 48.54
N ILE D 78 -45.24 21.86 49.18
CA ILE D 78 -45.02 21.79 50.62
C ILE D 78 -43.55 22.03 50.94
N LYS D 79 -42.64 21.48 50.11
CA LYS D 79 -41.22 21.74 50.31
C LYS D 79 -40.91 23.22 50.19
N HIS D 80 -41.48 23.88 49.17
CA HIS D 80 -41.29 25.32 49.03
C HIS D 80 -41.84 26.07 50.23
N CYS D 81 -43.01 25.66 50.71
CA CYS D 81 -43.62 26.32 51.86
C CYS D 81 -42.71 26.26 53.07
N ARG D 82 -42.21 25.07 53.40
CA ARG D 82 -41.35 24.92 54.57
C ARG D 82 -40.04 25.68 54.40
N ILE D 83 -39.41 25.56 53.23
CA ILE D 83 -38.13 26.23 52.99
C ILE D 83 -38.30 27.73 53.12
N ALA D 84 -39.35 28.29 52.53
CA ALA D 84 -39.53 29.74 52.55
C ALA D 84 -39.97 30.23 53.92
N MET D 85 -40.70 29.42 54.69
CA MET D 85 -41.01 29.82 56.06
C MET D 85 -39.74 29.94 56.88
N LEU D 86 -38.88 28.92 56.82
CA LEU D 86 -37.60 28.98 57.51
C LEU D 86 -36.77 30.17 57.01
N ALA D 87 -36.80 30.42 55.70
CA ALA D 87 -35.99 31.48 55.12
C ALA D 87 -36.47 32.86 55.56
N THR D 88 -37.78 33.09 55.56
CA THR D 88 -38.32 34.38 55.99
C THR D 88 -37.99 34.61 57.47
N LEU D 89 -38.22 33.60 58.31
CA LEU D 89 -37.90 33.76 59.72
C LEU D 89 -36.42 34.04 59.91
N GLY D 90 -35.57 33.32 59.20
CA GLY D 90 -34.13 33.52 59.34
C GLY D 90 -33.66 34.87 58.85
N TRP D 91 -34.18 35.32 57.72
CA TRP D 91 -33.83 36.64 57.21
C TRP D 91 -34.20 37.72 58.22
N ILE D 92 -35.45 37.68 58.71
CA ILE D 92 -35.90 38.71 59.64
C ILE D 92 -35.10 38.66 60.93
N VAL D 93 -34.86 37.45 61.46
CA VAL D 93 -34.17 37.33 62.74
C VAL D 93 -32.71 37.74 62.61
N ALA D 94 -32.02 37.25 61.58
CA ALA D 94 -30.62 37.59 61.38
C ALA D 94 -30.41 39.06 61.08
N ASP D 95 -31.42 39.81 60.73
CA ASP D 95 -31.19 41.22 60.55
C ASP D 95 -31.32 41.87 61.90
N PHE D 96 -31.76 41.13 62.89
CA PHE D 96 -31.83 41.65 64.25
C PHE D 96 -30.73 41.07 65.14
N VAL D 97 -30.67 39.75 65.25
CA VAL D 97 -29.74 39.07 66.14
C VAL D 97 -28.65 38.42 65.32
N HIS D 98 -27.41 38.59 65.76
CA HIS D 98 -26.24 38.04 65.08
C HIS D 98 -25.54 37.03 65.98
N LEU D 99 -25.06 35.95 65.40
CA LEU D 99 -24.22 35.02 66.14
C LEU D 99 -22.90 35.70 66.50
N PRO D 100 -22.29 35.30 67.62
CA PRO D 100 -20.99 35.88 67.97
C PRO D 100 -19.96 35.64 66.89
N GLY D 101 -19.13 36.66 66.65
CA GLY D 101 -18.12 36.59 65.61
C GLY D 101 -18.21 37.71 64.61
N ALA D 102 -17.08 38.05 63.98
CA ALA D 102 -17.06 39.14 63.02
C ALA D 102 -17.70 38.75 61.69
N VAL D 103 -17.69 37.46 61.35
CA VAL D 103 -18.26 37.01 60.09
C VAL D 103 -19.77 37.18 60.08
N HIS D 104 -20.41 37.09 61.24
CA HIS D 104 -21.86 37.17 61.36
C HIS D 104 -22.34 38.60 61.56
N GLU D 105 -21.56 39.59 61.16
CA GLU D 105 -21.89 41.00 61.36
C GLU D 105 -22.23 41.69 60.04
N VAL D 106 -22.98 40.99 59.19
CA VAL D 106 -23.42 41.53 57.91
C VAL D 106 -24.94 41.40 57.82
N SER D 107 -25.52 42.21 56.95
CA SER D 107 -26.95 42.12 56.70
C SER D 107 -27.28 40.84 55.95
N SER D 108 -28.54 40.41 56.07
CA SER D 108 -28.97 39.19 55.39
C SER D 108 -28.83 39.30 53.88
N LEU D 109 -28.94 40.51 53.34
CA LEU D 109 -28.76 40.69 51.91
C LEU D 109 -27.34 40.37 51.47
N ALA D 110 -26.35 40.78 52.26
CA ALA D 110 -24.95 40.52 51.97
C ALA D 110 -24.42 39.29 52.68
N ALA D 111 -25.26 38.57 53.42
CA ALA D 111 -24.79 37.41 54.18
C ALA D 111 -24.47 36.22 53.30
N HIS D 112 -25.03 36.16 52.09
CA HIS D 112 -24.78 34.99 51.24
C HIS D 112 -23.33 34.90 50.81
N ASP D 113 -22.75 36.03 50.37
CA ASP D 113 -21.37 36.00 49.91
C ASP D 113 -20.39 35.80 51.06
N VAL D 114 -20.75 36.24 52.27
CA VAL D 114 -19.89 36.03 53.42
C VAL D 114 -20.00 34.59 53.92
N ALA D 115 -21.21 34.06 54.02
CA ALA D 115 -21.40 32.71 54.53
C ALA D 115 -20.82 31.67 53.59
N VAL D 116 -20.91 31.90 52.28
CA VAL D 116 -20.34 30.94 51.33
C VAL D 116 -18.81 30.93 51.42
N LYS D 117 -18.20 32.10 51.68
CA LYS D 117 -16.75 32.14 51.78
C LYS D 117 -16.26 31.48 53.07
N SER D 118 -16.98 31.70 54.18
CA SER D 118 -16.61 31.11 55.45
C SER D 118 -16.90 29.62 55.53
N GLY D 119 -17.64 29.07 54.56
CA GLY D 119 -18.03 27.68 54.61
C GLY D 119 -19.26 27.40 55.43
N ALA D 120 -19.93 28.44 55.93
CA ALA D 120 -21.15 28.23 56.71
C ALA D 120 -22.25 27.60 55.86
N LEU D 121 -22.41 28.07 54.63
CA LEU D 121 -23.43 27.51 53.75
C LEU D 121 -23.05 26.14 53.21
N ALA D 122 -21.76 25.77 53.29
CA ALA D 122 -21.35 24.44 52.85
C ALA D 122 -21.94 23.36 53.74
N GLN D 123 -21.97 23.59 55.05
CA GLN D 123 -22.55 22.61 55.97
C GLN D 123 -24.03 22.43 55.71
N ILE D 124 -24.74 23.55 55.54
CA ILE D 124 -26.16 23.49 55.22
C ILE D 124 -26.37 22.77 53.90
N LEU D 125 -25.51 23.01 52.92
CA LEU D 125 -25.62 22.32 51.64
C LEU D 125 -25.42 20.82 51.80
N ILE D 126 -24.44 20.41 52.61
CA ILE D 126 -24.17 18.99 52.80
C ILE D 126 -25.36 18.29 53.43
N TRP D 127 -25.86 18.86 54.54
CA TRP D 127 -26.96 18.18 55.24
C TRP D 127 -28.27 18.27 54.46
N THR D 128 -28.50 19.37 53.75
CA THR D 128 -29.66 19.48 52.89
C THR D 128 -29.58 18.48 51.74
N SER D 129 -28.38 18.24 51.21
CA SER D 129 -28.22 17.25 50.15
C SER D 129 -28.50 15.84 50.67
N ILE D 130 -28.07 15.54 51.89
CA ILE D 130 -28.39 14.24 52.48
C ILE D 130 -29.91 14.08 52.62
N ALA D 131 -30.55 15.11 53.18
CA ALA D 131 -32.00 15.07 53.34
C ALA D 131 -32.70 14.95 52.00
N GLU D 132 -32.16 15.61 50.97
CA GLU D 132 -32.79 15.60 49.65
C GLU D 132 -32.57 14.28 48.92
N ALA D 133 -31.46 13.57 49.19
CA ALA D 133 -31.32 12.23 48.64
C ALA D 133 -32.32 11.27 49.28
N ILE D 134 -32.46 11.36 50.61
CA ILE D 134 -33.50 10.57 51.26
C ILE D 134 -34.86 10.97 50.71
N SER D 135 -35.03 12.25 50.37
CA SER D 135 -36.28 12.71 49.75
C SER D 135 -36.45 12.12 48.35
N VAL D 136 -35.36 11.99 47.59
CA VAL D 136 -35.45 11.34 46.29
C VAL D 136 -36.04 9.95 46.46
N ILE D 137 -35.51 9.19 47.42
CA ILE D 137 -36.04 7.85 47.68
C ILE D 137 -37.51 7.92 48.08
N ALA D 138 -37.85 8.86 48.97
CA ALA D 138 -39.21 8.94 49.49
C ALA D 138 -40.22 9.29 48.41
N ILE D 139 -39.91 10.30 47.59
CA ILE D 139 -40.82 10.70 46.53
C ILE D 139 -40.94 9.62 45.46
N SER D 140 -39.84 8.93 45.17
CA SER D 140 -39.94 7.80 44.24
C SER D 140 -40.88 6.73 44.76
N GLN D 141 -40.73 6.38 46.04
CA GLN D 141 -41.61 5.36 46.63
C GLN D 141 -43.06 5.82 46.64
N MET D 142 -43.29 7.10 46.96
CA MET D 142 -44.65 7.63 46.97
C MET D 142 -45.27 7.58 45.58
N LEU D 143 -44.50 7.94 44.55
CA LEU D 143 -45.02 7.92 43.18
C LEU D 143 -45.27 6.49 42.71
N GLU D 144 -44.48 5.53 43.16
CA GLU D 144 -44.63 4.14 42.73
C GLU D 144 -45.42 3.30 43.72
N GLY D 145 -46.42 3.89 44.37
CA GLY D 145 -47.25 3.16 45.30
C GLY D 145 -47.08 3.62 46.74
N SER D 146 -46.54 2.74 47.59
CA SER D 146 -46.27 3.06 48.99
C SER D 146 -47.55 3.48 49.70
N GLY D 147 -47.79 4.78 49.78
CA GLY D 147 -48.92 5.31 50.49
C GLY D 147 -48.57 6.55 51.28
N ARG D 148 -47.31 6.97 51.18
CA ARG D 148 -46.85 8.17 51.87
C ARG D 148 -47.52 9.39 51.25
N GLN D 149 -48.21 10.17 52.07
CA GLN D 149 -48.83 11.39 51.59
C GLN D 149 -47.74 12.40 51.19
N PRO D 150 -48.01 13.25 50.20
CA PRO D 150 -47.02 14.25 49.79
C PRO D 150 -46.65 15.16 50.94
N GLY D 151 -45.35 15.27 51.20
CA GLY D 151 -44.85 16.07 52.29
C GLY D 151 -44.90 15.41 53.65
N ASP D 152 -45.41 14.18 53.74
CA ASP D 152 -45.55 13.48 55.02
C ASP D 152 -44.27 12.71 55.29
N PHE D 153 -43.40 13.28 56.12
CA PHE D 153 -42.20 12.62 56.59
C PHE D 153 -42.39 11.97 57.95
N LYS D 154 -43.62 11.97 58.46
CA LYS D 154 -43.98 11.42 59.78
C LYS D 154 -43.24 12.09 60.92
N PHE D 155 -42.61 13.25 60.67
CA PHE D 155 -41.88 13.96 61.71
C PHE D 155 -42.89 14.63 62.64
N ASP D 156 -43.01 14.11 63.86
CA ASP D 156 -44.00 14.61 64.80
C ASP D 156 -43.60 14.23 66.22
N PRO D 157 -42.56 14.87 66.79
CA PRO D 157 -42.15 14.54 68.15
C PRO D 157 -43.27 14.82 69.15
N LEU D 158 -43.75 16.06 69.17
CA LEU D 158 -45.02 16.35 69.80
C LEU D 158 -46.14 15.85 68.90
N ASN D 159 -47.38 15.92 69.38
CA ASN D 159 -48.49 15.38 68.59
C ASN D 159 -49.08 16.46 67.69
N PHE D 160 -49.70 17.48 68.28
CA PHE D 160 -50.24 18.62 67.56
C PHE D 160 -51.28 18.21 66.52
N ALA D 161 -51.51 16.91 66.38
CA ALA D 161 -52.46 16.37 65.40
C ALA D 161 -52.80 14.95 65.87
N LYS D 162 -53.97 14.81 66.50
CA LYS D 162 -54.35 13.55 67.12
C LYS D 162 -55.27 12.71 66.23
N ASP D 163 -56.21 13.33 65.54
CA ASP D 163 -57.15 12.63 64.68
C ASP D 163 -57.05 13.17 63.25
N GLU D 164 -57.94 12.69 62.38
CA GLU D 164 -57.94 13.14 60.99
C GLU D 164 -58.29 14.62 60.89
N LYS D 165 -59.28 15.08 61.66
CA LYS D 165 -59.73 16.46 61.56
C LYS D 165 -58.63 17.44 61.95
N SER D 166 -57.93 17.16 63.06
CA SER D 166 -56.84 18.02 63.47
C SER D 166 -55.71 18.02 62.45
N LEU D 167 -55.40 16.85 61.88
CA LEU D 167 -54.37 16.77 60.85
C LEU D 167 -54.74 17.58 59.63
N LYS D 168 -56.00 17.50 59.18
CA LYS D 168 -56.43 18.28 58.02
C LYS D 168 -56.37 19.78 58.31
N LYS D 169 -56.84 20.20 59.48
CA LYS D 169 -56.80 21.62 59.82
C LYS D 169 -55.36 22.13 59.87
N MET D 170 -54.46 21.34 60.47
CA MET D 170 -53.08 21.77 60.58
C MET D 170 -52.37 21.73 59.24
N GLN D 171 -52.75 20.80 58.36
CA GLN D 171 -52.21 20.80 57.00
C GLN D 171 -52.64 22.05 56.25
N LEU D 172 -53.91 22.44 56.40
CA LEU D 172 -54.37 23.67 55.76
C LEU D 172 -53.63 24.89 56.31
N SER D 173 -53.44 24.91 57.64
CA SER D 173 -52.69 26.02 58.24
C SER D 173 -51.26 26.06 57.72
N GLU D 174 -50.62 24.90 57.62
CA GLU D 174 -49.25 24.83 57.11
C GLU D 174 -49.19 25.32 55.67
N LEU D 175 -50.14 24.90 54.83
CA LEU D 175 -50.13 25.31 53.43
C LEU D 175 -50.34 26.82 53.30
N LYS D 176 -51.30 27.37 54.03
CA LYS D 176 -51.57 28.80 53.93
C LYS D 176 -50.41 29.62 54.46
N ASN D 177 -49.85 29.23 55.61
CA ASN D 177 -48.70 29.93 56.16
C ASN D 177 -47.51 29.83 55.23
N GLY D 178 -47.31 28.67 54.60
CA GLY D 178 -46.20 28.51 53.69
C GLY D 178 -46.32 29.36 52.44
N ARG D 179 -47.53 29.42 51.85
CA ARG D 179 -47.74 30.29 50.71
C ARG D 179 -47.52 31.76 51.08
N LEU D 180 -48.05 32.16 52.24
CA LEU D 180 -47.85 33.52 52.70
C LEU D 180 -46.37 33.82 52.90
N ALA D 181 -45.62 32.86 53.47
CA ALA D 181 -44.20 33.08 53.71
C ALA D 181 -43.39 33.08 52.41
N MET D 182 -43.81 32.29 51.41
CA MET D 182 -43.14 32.34 50.12
C MET D 182 -43.30 33.72 49.50
N LEU D 183 -44.52 34.24 49.48
CA LEU D 183 -44.74 35.58 48.94
C LEU D 183 -44.02 36.63 49.78
N ALA D 184 -44.00 36.44 51.11
CA ALA D 184 -43.35 37.39 51.99
C ALA D 184 -41.85 37.42 51.78
N PHE D 185 -41.22 36.26 51.64
CA PHE D 185 -39.78 36.22 51.37
C PHE D 185 -39.48 36.82 50.01
N SER D 186 -40.34 36.57 49.02
CA SER D 186 -40.17 37.20 47.72
C SER D 186 -40.15 38.71 47.85
N GLY D 187 -41.16 39.27 48.54
CA GLY D 187 -41.21 40.71 48.73
C GLY D 187 -40.03 41.24 49.52
N ILE D 188 -39.63 40.52 50.57
CA ILE D 188 -38.52 40.95 51.41
C ILE D 188 -37.24 41.05 50.60
N VAL D 189 -36.93 40.00 49.84
CA VAL D 189 -35.71 39.99 49.04
C VAL D 189 -35.75 41.06 47.98
N THR D 190 -36.88 41.20 47.27
CA THR D 190 -36.96 42.20 46.21
C THR D 190 -36.80 43.61 46.76
N GLN D 191 -37.46 43.91 47.89
CA GLN D 191 -37.36 45.23 48.47
C GLN D 191 -35.96 45.50 49.01
N ALA D 192 -35.36 44.52 49.68
CA ALA D 192 -34.02 44.70 50.23
C ALA D 192 -33.00 44.90 49.13
N ALA D 193 -33.14 44.17 48.03
CA ALA D 193 -32.22 44.37 46.90
C ALA D 193 -32.45 45.73 46.24
N LEU D 194 -33.72 46.13 46.09
CA LEU D 194 -34.01 47.44 45.52
C LEU D 194 -33.47 48.55 46.40
N THR D 195 -33.82 48.52 47.69
CA THR D 195 -33.37 49.51 48.66
C THR D 195 -32.68 48.77 49.80
N GLY D 196 -31.38 49.05 49.98
CA GLY D 196 -30.62 48.36 51.00
C GLY D 196 -30.95 48.79 52.41
N HIS D 197 -32.20 48.61 52.80
CA HIS D 197 -32.67 49.03 54.12
C HIS D 197 -32.60 47.90 55.12
N ALA D 198 -32.79 48.25 56.40
CA ALA D 198 -32.83 47.26 57.48
C ALA D 198 -34.21 46.61 57.49
N PHE D 199 -34.53 45.90 58.57
CA PHE D 199 -35.75 45.08 58.66
C PHE D 199 -36.99 45.72 58.04
N PRO D 200 -37.32 46.98 58.28
CA PRO D 200 -38.38 47.59 57.46
C PRO D 200 -37.87 47.84 56.06
N TYR D 201 -38.28 46.99 55.12
CA TYR D 201 -37.75 47.03 53.76
C TYR D 201 -38.53 47.97 52.86
N MET D 202 -39.39 48.81 53.44
CA MET D 202 -40.10 49.83 52.69
C MET D 202 -39.10 50.81 52.07
N GLY E 78 1.45 -38.50 43.75
CA GLY E 78 2.76 -39.00 43.38
C GLY E 78 3.81 -38.76 44.45
N LEU E 79 3.75 -37.58 45.07
CA LEU E 79 4.71 -37.24 46.11
C LEU E 79 4.50 -38.07 47.38
N GLU E 80 3.32 -38.67 47.55
CA GLU E 80 3.04 -39.45 48.74
C GLU E 80 3.90 -40.71 48.84
N ASN E 81 4.39 -41.23 47.72
CA ASN E 81 5.15 -42.47 47.70
C ASN E 81 6.62 -42.24 47.36
N GLN E 82 7.15 -41.08 47.73
CA GLN E 82 8.54 -40.74 47.48
C GLN E 82 9.21 -40.30 48.78
N VAL E 83 10.52 -40.53 48.86
CA VAL E 83 11.28 -40.11 50.02
C VAL E 83 11.43 -38.59 50.01
N GLY E 84 11.35 -37.97 51.19
CA GLY E 84 11.61 -36.55 51.28
C GLY E 84 10.80 -35.78 52.29
N PHE E 85 9.67 -36.31 52.74
CA PHE E 85 8.82 -35.62 53.70
C PHE E 85 8.88 -36.31 55.05
N ASP E 86 8.79 -35.50 56.11
CA ASP E 86 8.93 -36.00 57.48
C ASP E 86 8.04 -35.16 58.39
N ILE E 87 8.28 -35.25 59.69
CA ILE E 87 7.44 -34.58 60.69
C ILE E 87 7.56 -33.07 60.62
N GLU E 88 8.66 -32.54 60.07
CA GLU E 88 8.89 -31.10 60.08
C GLU E 88 7.81 -30.35 59.31
N THR E 89 7.21 -30.98 58.30
CA THR E 89 6.16 -30.33 57.52
C THR E 89 4.86 -31.12 57.64
N GLY E 90 4.51 -31.51 58.86
CA GLY E 90 3.32 -32.33 59.05
C GLY E 90 3.63 -33.78 58.76
N GLY E 91 2.84 -34.38 57.87
CA GLY E 91 3.12 -35.72 57.41
C GLY E 91 3.07 -35.81 55.91
N LYS E 92 2.61 -34.74 55.27
CA LYS E 92 2.40 -34.54 53.85
C LYS E 92 3.69 -34.04 53.19
N PRO E 93 3.86 -34.32 51.90
CA PRO E 93 5.02 -33.75 51.18
C PRO E 93 4.86 -32.24 51.05
N TRP E 94 5.89 -31.52 51.47
CA TRP E 94 5.86 -30.06 51.42
C TRP E 94 6.06 -29.60 49.98
N ASP E 95 5.02 -28.98 49.41
CA ASP E 95 5.06 -28.50 48.03
C ASP E 95 4.07 -27.36 47.89
N PRO E 96 4.42 -26.17 48.40
CA PRO E 96 3.49 -25.03 48.31
C PRO E 96 3.11 -24.64 46.89
N PHE E 97 4.04 -24.77 45.94
CA PHE E 97 3.81 -24.31 44.58
C PHE E 97 3.40 -25.41 43.63
N GLY E 98 3.25 -26.64 44.12
CA GLY E 98 2.82 -27.75 43.28
C GLY E 98 3.74 -28.03 42.12
N PHE E 99 5.05 -27.77 42.28
CA PHE E 99 6.00 -27.93 41.19
C PHE E 99 6.16 -29.40 40.79
N ALA E 100 5.82 -30.34 41.66
CA ALA E 100 5.94 -31.75 41.31
C ALA E 100 4.87 -32.19 40.33
N GLY E 101 3.74 -31.49 40.28
CA GLY E 101 2.64 -31.85 39.42
C GLY E 101 2.50 -31.04 38.15
N VAL E 102 3.48 -30.22 37.80
CA VAL E 102 3.40 -29.43 36.58
C VAL E 102 3.86 -30.19 35.35
N SER E 103 4.60 -31.30 35.53
CA SER E 103 5.05 -32.09 34.39
C SER E 103 3.88 -32.72 33.63
N GLU E 104 2.89 -33.24 34.36
CA GLU E 104 1.72 -33.85 33.75
C GLU E 104 0.80 -32.82 33.08
N ARG E 105 1.06 -31.54 33.28
CA ARG E 105 0.18 -30.49 32.75
C ARG E 105 0.45 -30.31 31.26
N ASN E 106 -0.07 -29.22 30.70
CA ASN E 106 -0.08 -29.03 29.26
C ASN E 106 1.33 -29.01 28.69
N GLY E 107 1.47 -29.59 27.51
CA GLY E 107 2.74 -29.75 26.82
C GLY E 107 3.21 -31.19 26.86
N LEU E 108 3.87 -31.61 25.77
CA LEU E 108 4.46 -32.94 25.73
C LEU E 108 5.50 -33.06 26.85
N GLY E 109 6.57 -32.28 26.76
CA GLY E 109 7.37 -31.99 27.93
C GLY E 109 8.08 -30.66 27.79
N ILE E 110 7.79 -29.75 28.71
CA ILE E 110 8.55 -28.49 28.82
C ILE E 110 9.01 -28.22 30.24
N LEU E 111 8.33 -28.77 31.24
CA LEU E 111 8.67 -28.67 32.65
C LEU E 111 9.18 -30.02 33.14
N PRO E 112 10.12 -30.02 34.07
CA PRO E 112 10.77 -31.28 34.47
C PRO E 112 9.80 -32.25 35.13
N HIS E 113 10.05 -33.54 34.90
CA HIS E 113 9.34 -34.57 35.62
C HIS E 113 9.80 -34.60 37.08
N ILE E 114 9.03 -35.30 37.92
CA ILE E 114 9.40 -35.39 39.33
C ILE E 114 10.72 -36.14 39.51
N LYS E 115 11.02 -37.08 38.61
CA LYS E 115 12.29 -37.79 38.68
C LYS E 115 13.46 -36.84 38.46
N TRP E 116 13.35 -35.94 37.47
CA TRP E 116 14.40 -34.95 37.25
C TRP E 116 14.56 -34.05 38.47
N LEU E 117 13.45 -33.64 39.07
CA LEU E 117 13.52 -32.77 40.24
C LEU E 117 14.20 -33.48 41.40
N GLN E 118 13.92 -34.77 41.59
CA GLN E 118 14.55 -35.52 42.67
C GLN E 118 16.04 -35.73 42.41
N GLU E 119 16.42 -36.00 41.15
CA GLU E 119 17.83 -36.11 40.85
C GLU E 119 18.55 -34.78 41.06
N SER E 120 17.89 -33.67 40.72
CA SER E 120 18.43 -32.36 41.02
C SER E 120 18.57 -32.16 42.52
N GLU E 121 17.59 -32.64 43.29
CA GLU E 121 17.70 -32.66 44.74
C GLU E 121 19.00 -33.30 45.18
N ILE E 122 19.22 -34.53 44.77
CA ILE E 122 20.36 -35.29 45.26
C ILE E 122 21.66 -34.62 44.82
N LYS E 123 21.74 -34.20 43.56
CA LYS E 123 22.96 -33.59 43.06
C LYS E 123 23.27 -32.28 43.77
N HIS E 124 22.27 -31.39 43.88
CA HIS E 124 22.47 -30.10 44.53
C HIS E 124 22.84 -30.29 45.99
N GLY E 125 22.18 -31.23 46.68
CA GLY E 125 22.49 -31.44 48.09
C GLY E 125 23.88 -31.98 48.31
N ARG E 126 24.30 -32.95 47.50
CA ARG E 126 25.67 -33.46 47.62
C ARG E 126 26.69 -32.38 47.32
N THR E 127 26.46 -31.59 46.28
CA THR E 127 27.36 -30.51 45.95
C THR E 127 27.42 -29.47 47.08
N ALA E 128 26.27 -29.17 47.68
CA ALA E 128 26.23 -28.20 48.77
C ALA E 128 26.95 -28.70 50.00
N MET E 129 26.81 -29.99 50.33
CA MET E 129 27.55 -30.55 51.46
C MET E 129 29.05 -30.49 51.20
N LEU E 130 29.47 -30.87 50.00
CA LEU E 130 30.89 -30.80 49.67
C LEU E 130 31.41 -29.36 49.72
N ALA E 131 30.60 -28.42 49.24
CA ALA E 131 31.01 -27.02 49.23
C ALA E 131 31.08 -26.45 50.65
N PHE E 132 30.15 -26.85 51.52
CA PHE E 132 30.23 -26.42 52.91
C PHE E 132 31.53 -26.93 53.54
N LEU E 133 31.85 -28.20 53.32
CA LEU E 133 33.13 -28.69 53.84
C LEU E 133 34.31 -27.93 53.24
N GLY E 134 34.23 -27.60 51.95
CA GLY E 134 35.30 -26.92 51.26
C GLY E 134 35.43 -25.43 51.54
N VAL E 135 34.44 -24.83 52.21
CA VAL E 135 34.59 -23.45 52.66
C VAL E 135 34.96 -23.46 54.14
N ILE E 136 34.57 -24.50 54.87
CA ILE E 136 34.89 -24.56 56.29
C ILE E 136 36.32 -25.04 56.51
N VAL E 137 36.69 -26.19 55.93
CA VAL E 137 37.99 -26.79 56.23
C VAL E 137 39.15 -25.91 55.77
N PRO E 138 39.23 -25.45 54.50
CA PRO E 138 40.36 -24.61 54.11
C PRO E 138 40.33 -23.23 54.74
N GLY E 139 39.19 -22.55 54.63
CA GLY E 139 39.12 -21.16 55.06
C GLY E 139 39.30 -20.97 56.55
N SER E 140 38.68 -21.83 57.36
CA SER E 140 38.73 -21.68 58.81
C SER E 140 39.86 -22.48 59.45
N LEU E 141 39.86 -23.79 59.24
CA LEU E 141 40.83 -24.65 59.91
C LEU E 141 42.26 -24.43 59.40
N GLY E 142 42.43 -23.76 58.27
CA GLY E 142 43.75 -23.46 57.76
C GLY E 142 44.43 -24.60 57.05
N ILE E 143 43.78 -25.75 56.89
CA ILE E 143 44.37 -26.87 56.19
C ILE E 143 44.41 -26.57 54.70
N TYR E 144 45.59 -26.73 54.09
CA TYR E 144 45.78 -26.42 52.68
C TYR E 144 46.59 -27.52 52.02
N VAL E 145 46.27 -27.81 50.76
CA VAL E 145 47.12 -28.69 49.96
C VAL E 145 48.47 -27.99 49.76
N PRO E 146 49.61 -28.70 49.86
CA PRO E 146 50.91 -28.03 49.88
C PRO E 146 51.16 -26.97 48.82
N THR E 147 51.09 -27.35 47.54
CA THR E 147 51.39 -26.40 46.46
C THR E 147 50.15 -25.68 45.95
N TYR E 148 49.36 -25.13 46.88
CA TYR E 148 48.16 -24.40 46.50
C TYR E 148 48.12 -23.07 47.25
N PRO E 149 47.48 -22.06 46.67
CA PRO E 149 47.45 -20.74 47.32
C PRO E 149 46.76 -20.80 48.67
N GLN E 150 47.28 -20.03 49.62
CA GLN E 150 46.74 -19.97 50.97
C GLN E 150 45.78 -18.79 51.07
N GLU E 151 44.62 -18.96 50.45
CA GLU E 151 43.59 -17.91 50.40
C GLU E 151 42.35 -18.37 51.15
N PRO E 152 42.14 -17.89 52.37
CA PRO E 152 40.91 -18.24 53.13
C PRO E 152 39.70 -17.45 52.66
N ASP E 153 39.38 -17.58 51.37
CA ASP E 153 38.28 -16.85 50.77
C ASP E 153 37.80 -17.60 49.55
N PHE E 154 36.55 -18.08 49.58
CA PHE E 154 36.03 -18.85 48.46
C PHE E 154 35.70 -18.00 47.25
N THR E 155 35.63 -16.68 47.40
CA THR E 155 35.37 -15.80 46.27
C THR E 155 36.62 -15.54 45.44
N LYS E 156 37.80 -15.95 45.91
CA LYS E 156 39.04 -15.80 45.16
C LYS E 156 39.84 -17.09 45.03
N ALA E 157 39.51 -18.12 45.82
CA ALA E 157 40.29 -19.36 45.80
C ALA E 157 40.20 -20.05 44.44
N PHE E 158 39.03 -19.98 43.80
CA PHE E 158 38.88 -20.64 42.50
C PHE E 158 39.87 -20.07 41.49
N SER E 159 39.92 -18.75 41.34
CA SER E 159 40.85 -18.14 40.41
C SER E 159 42.29 -18.36 40.85
N ALA E 160 42.55 -18.26 42.16
CA ALA E 160 43.92 -18.42 42.65
C ALA E 160 44.47 -19.79 42.31
N ALA E 161 43.65 -20.84 42.49
CA ALA E 161 44.07 -22.18 42.12
C ALA E 161 44.03 -22.39 40.60
N LEU E 162 43.16 -21.65 39.90
CA LEU E 162 43.11 -21.73 38.46
C LEU E 162 44.42 -21.25 37.84
N GLN E 163 45.07 -20.28 38.47
CA GLN E 163 46.38 -19.85 37.99
C GLN E 163 47.52 -20.67 38.60
N SER E 164 47.47 -20.90 39.92
CA SER E 164 48.61 -21.52 40.60
C SER E 164 48.82 -22.96 40.16
N ASN E 165 47.75 -23.76 40.13
CA ASN E 165 47.82 -25.16 39.73
C ASN E 165 46.77 -25.39 38.65
N PRO E 166 47.04 -24.94 37.42
CA PRO E 166 46.06 -25.17 36.34
C PRO E 166 45.80 -26.64 36.07
N LEU E 167 46.82 -27.49 36.18
CA LEU E 167 46.65 -28.91 35.89
C LEU E 167 45.68 -29.56 36.87
N GLY E 168 45.76 -29.19 38.14
CA GLY E 168 44.85 -29.76 39.13
C GLY E 168 43.40 -29.41 38.84
N MET E 169 43.14 -28.14 38.53
CA MET E 169 41.78 -27.72 38.20
C MET E 169 41.29 -28.38 36.92
N ALA E 170 42.17 -28.52 35.93
CA ALA E 170 41.79 -29.20 34.70
C ALA E 170 41.41 -30.66 34.97
N GLN E 171 42.19 -31.34 35.80
CA GLN E 171 41.88 -32.74 36.12
C GLN E 171 40.59 -32.84 36.93
N ILE E 172 40.34 -31.88 37.83
CA ILE E 172 39.10 -31.89 38.59
C ILE E 172 37.91 -31.73 37.65
N ALA E 173 38.01 -30.80 36.70
CA ALA E 173 36.94 -30.59 35.74
C ALA E 173 36.72 -31.83 34.88
N LEU E 174 37.81 -32.47 34.43
CA LEU E 174 37.68 -33.68 33.63
C LEU E 174 37.02 -34.80 34.42
N ALA E 175 37.41 -34.98 35.69
CA ALA E 175 36.80 -36.01 36.52
C ALA E 175 35.32 -35.74 36.73
N VAL E 176 34.96 -34.48 36.98
CA VAL E 176 33.55 -34.13 37.17
C VAL E 176 32.76 -34.42 35.90
N ALA E 177 33.31 -34.04 34.75
CA ALA E 177 32.62 -34.27 33.48
C ALA E 177 32.44 -35.76 33.23
N ILE E 178 33.48 -36.57 33.49
CA ILE E 178 33.37 -38.00 33.26
C ILE E 178 32.33 -38.62 34.19
N ILE E 179 32.36 -38.22 35.47
CA ILE E 179 31.42 -38.76 36.45
C ILE E 179 29.99 -38.44 36.04
N GLU E 180 29.74 -37.21 35.60
CA GLU E 180 28.39 -36.84 35.24
C GLU E 180 27.95 -37.50 33.94
N GLY E 181 28.85 -37.57 32.95
CA GLY E 181 28.49 -38.20 31.69
C GLY E 181 28.16 -39.68 31.85
N HIS E 182 28.90 -40.37 32.72
CA HIS E 182 28.57 -41.78 32.98
C HIS E 182 27.22 -41.91 33.67
N TYR E 183 26.88 -40.97 34.55
CA TYR E 183 25.64 -40.99 35.32
C TYR E 183 24.63 -40.00 34.75
N TYR E 184 24.56 -39.93 33.42
CA TYR E 184 23.70 -38.97 32.74
C TYR E 184 22.26 -39.10 33.20
N ALA E 185 21.64 -37.96 33.50
CA ALA E 185 20.22 -37.87 33.84
C ALA E 185 19.58 -36.92 32.83
N GLY E 186 19.20 -37.46 31.68
CA GLY E 186 18.54 -36.66 30.66
C GLY E 186 17.19 -37.22 30.29
N ASP E 187 17.02 -38.54 30.50
CA ASP E 187 15.72 -39.16 30.37
C ASP E 187 14.84 -38.93 31.60
N PHE E 188 15.40 -38.34 32.65
CA PHE E 188 14.62 -38.00 33.83
C PHE E 188 13.72 -36.80 33.59
N TRP E 189 14.04 -35.97 32.60
CA TRP E 189 13.24 -34.77 32.34
C TRP E 189 11.81 -35.13 31.95
N THR E 190 11.65 -36.14 31.10
CA THR E 190 10.33 -36.62 30.72
C THR E 190 9.89 -37.81 31.55
N GLY E 191 10.68 -38.23 32.53
CA GLY E 191 10.36 -39.38 33.34
C GLY E 191 10.79 -40.67 32.65
N GLY E 192 11.48 -41.54 33.38
CA GLY E 192 11.96 -42.79 32.84
C GLY E 192 13.47 -42.91 32.94
N GLY E 193 13.96 -44.07 32.52
CA GLY E 193 15.37 -44.37 32.61
C GLY E 193 15.63 -45.63 33.42
N ASP E 194 16.82 -46.22 33.24
CA ASP E 194 17.17 -47.42 33.99
C ASP E 194 17.58 -47.11 35.42
N ARG E 195 18.23 -45.97 35.64
CA ARG E 195 18.73 -45.63 36.96
C ARG E 195 17.61 -45.17 37.89
N GLN E 196 17.92 -45.10 39.18
CA GLN E 196 17.05 -44.50 40.16
C GLN E 196 17.55 -43.12 40.51
N VAL E 197 16.83 -42.44 41.40
CA VAL E 197 17.21 -41.08 41.79
C VAL E 197 18.46 -41.15 42.64
N GLY E 198 19.58 -40.66 42.09
CA GLY E 198 20.84 -40.68 42.81
C GLY E 198 21.35 -42.06 43.15
N ALA E 199 21.10 -43.05 42.30
CA ALA E 199 21.55 -44.41 42.55
C ALA E 199 23.07 -44.48 42.61
N PHE E 200 23.73 -44.22 41.48
CA PHE E 200 25.18 -44.02 41.41
C PHE E 200 26.01 -45.20 41.91
N GLY E 201 25.36 -46.31 42.26
CA GLY E 201 26.07 -47.42 42.88
C GLY E 201 26.77 -46.99 44.16
N PHE E 202 28.10 -46.93 44.12
CA PHE E 202 28.94 -46.24 45.09
C PHE E 202 28.54 -46.55 46.53
N ASP E 203 28.77 -47.81 46.91
CA ASP E 203 28.70 -48.23 48.32
C ASP E 203 29.97 -48.99 48.67
N PRO E 204 31.11 -48.29 48.77
CA PRO E 204 32.36 -48.99 49.11
C PRO E 204 32.34 -49.63 50.49
N LEU E 205 32.10 -48.85 51.53
CA LEU E 205 32.19 -49.36 52.90
C LEU E 205 30.85 -49.87 53.41
N GLY E 206 30.17 -50.68 52.59
CA GLY E 206 29.01 -51.45 52.98
C GLY E 206 28.05 -50.86 54.00
N PHE E 207 27.76 -49.56 53.89
CA PHE E 207 26.85 -48.94 54.85
C PHE E 207 25.41 -49.41 54.65
N SER E 208 25.05 -49.75 53.42
CA SER E 208 23.74 -50.32 53.11
C SER E 208 23.89 -51.73 52.57
N LYS E 209 24.82 -52.49 53.14
CA LYS E 209 25.08 -53.85 52.67
C LYS E 209 23.85 -54.72 52.81
N GLY E 210 23.40 -54.96 54.05
CA GLY E 210 22.14 -55.61 54.28
C GLY E 210 21.30 -54.85 55.27
N LYS E 211 20.19 -54.28 54.82
CA LYS E 211 19.33 -53.45 55.67
C LYS E 211 17.88 -53.67 55.26
N SER E 212 16.97 -53.34 56.17
CA SER E 212 15.56 -53.33 55.85
C SER E 212 15.25 -52.20 54.89
N GLU E 213 14.16 -52.36 54.14
CA GLU E 213 13.76 -51.32 53.19
C GLU E 213 13.47 -50.01 53.90
N ALA E 214 12.82 -50.08 55.06
CA ALA E 214 12.56 -48.87 55.84
C ALA E 214 13.86 -48.21 56.27
N ALA E 215 14.87 -49.01 56.62
CA ALA E 215 16.16 -48.45 57.01
C ALA E 215 16.82 -47.72 55.85
N ILE E 216 16.77 -48.30 54.65
CA ILE E 216 17.35 -47.64 53.48
C ILE E 216 16.59 -46.36 53.16
N LYS E 217 15.26 -46.39 53.28
CA LYS E 217 14.48 -45.18 53.06
C LYS E 217 14.82 -44.10 54.08
N SER E 218 15.02 -44.50 55.34
CA SER E 218 15.40 -43.54 56.37
C SER E 218 16.77 -42.94 56.09
N MET E 219 17.72 -43.75 55.65
CA MET E 219 19.04 -43.23 55.32
C MET E 219 18.96 -42.26 54.14
N GLN E 220 18.14 -42.59 53.14
CA GLN E 220 17.96 -41.68 52.01
C GLN E 220 17.32 -40.37 52.46
N LEU E 221 16.34 -40.44 53.37
CA LEU E 221 15.73 -39.23 53.90
C LEU E 221 16.73 -38.38 54.67
N LYS E 222 17.59 -39.03 55.45
CA LYS E 222 18.64 -38.30 56.16
C LYS E 222 19.57 -37.60 55.18
N GLU E 223 19.96 -38.30 54.11
CA GLU E 223 20.82 -37.69 53.09
C GLU E 223 20.15 -36.49 52.45
N ILE E 224 18.86 -36.62 52.09
CA ILE E 224 18.14 -35.52 51.44
C ILE E 224 18.03 -34.32 52.38
N LYS E 225 17.70 -34.56 53.64
CA LYS E 225 17.55 -33.46 54.58
C LYS E 225 18.87 -32.77 54.85
N ASN E 226 19.96 -33.54 54.97
CA ASN E 226 21.27 -32.94 55.15
C ASN E 226 21.67 -32.14 53.92
N GLY E 227 21.33 -32.63 52.73
CA GLY E 227 21.59 -31.88 51.52
C GLY E 227 20.83 -30.56 51.47
N ARG E 228 19.57 -30.58 51.90
CA ARG E 228 18.80 -29.34 51.98
C ARG E 228 19.42 -28.37 52.98
N LEU E 229 19.86 -28.88 54.13
CA LEU E 229 20.51 -28.04 55.12
C LEU E 229 21.79 -27.42 54.57
N ALA E 230 22.57 -28.20 53.82
CA ALA E 230 23.78 -27.67 53.21
C ALA E 230 23.47 -26.63 52.14
N MET E 231 22.41 -26.86 51.36
CA MET E 231 21.93 -25.83 50.43
C MET E 231 21.66 -24.53 51.15
N ILE E 232 20.94 -24.61 52.27
CA ILE E 232 20.60 -23.43 53.03
C ILE E 232 21.86 -22.74 53.57
N ALA E 233 22.81 -23.53 54.07
CA ALA E 233 24.04 -22.96 54.60
C ALA E 233 24.84 -22.25 53.51
N MET E 234 24.94 -22.86 52.32
CA MET E 234 25.70 -22.22 51.24
C MET E 234 24.99 -20.97 50.73
N ALA E 235 23.66 -21.00 50.66
CA ALA E 235 22.90 -19.81 50.30
C ALA E 235 23.12 -18.70 51.33
N ALA E 236 23.20 -19.08 52.60
CA ALA E 236 23.47 -18.10 53.65
C ALA E 236 24.87 -17.50 53.50
N PHE E 237 25.86 -18.34 53.17
CA PHE E 237 27.20 -17.84 52.88
C PHE E 237 27.17 -16.80 51.77
N ALA E 238 26.53 -17.15 50.65
CA ALA E 238 26.47 -16.23 49.52
C ALA E 238 25.73 -14.95 49.87
N SER E 239 24.63 -15.07 50.63
CA SER E 239 23.85 -13.88 51.00
C SER E 239 24.65 -12.96 51.91
N GLU E 240 25.34 -13.52 52.90
CA GLU E 240 26.14 -12.68 53.81
C GLU E 240 27.29 -12.02 53.07
N LYS E 241 27.90 -12.73 52.12
CA LYS E 241 28.95 -12.10 51.31
C LYS E 241 28.40 -10.96 50.47
N PHE E 242 27.19 -11.14 49.90
CA PHE E 242 26.60 -10.09 49.07
C PHE E 242 25.97 -8.99 49.91
N ILE E 243 24.98 -9.36 50.73
CA ILE E 243 24.29 -8.40 51.60
C ILE E 243 24.82 -8.61 53.01
N PRO E 244 25.66 -7.71 53.54
CA PRO E 244 26.19 -7.92 54.89
C PRO E 244 25.09 -7.87 55.94
N GLY E 245 25.26 -8.68 56.98
CA GLY E 245 24.26 -8.76 58.02
C GLY E 245 23.05 -9.59 57.68
N SER E 246 23.03 -10.38 56.62
CA SER E 246 21.83 -11.12 56.26
C SER E 246 21.68 -12.31 57.14
N VAL E 247 22.76 -12.95 57.53
CA VAL E 247 22.73 -14.04 58.50
C VAL E 247 23.42 -13.53 59.76
N PRO E 248 22.67 -13.28 60.85
CA PRO E 248 23.29 -12.61 62.01
C PRO E 248 24.37 -13.43 62.70
N LEU E 249 24.08 -14.70 63.01
CA LEU E 249 25.00 -15.52 63.79
C LEU E 249 26.16 -16.07 62.98
N LEU E 250 26.19 -15.84 61.66
CA LEU E 250 27.15 -16.53 60.81
C LEU E 250 28.58 -16.22 61.21
N HIS E 251 28.92 -14.92 61.32
CA HIS E 251 30.29 -14.55 61.66
C HIS E 251 30.65 -14.88 63.11
N SER E 252 29.64 -15.11 63.96
CA SER E 252 29.88 -15.57 65.32
C SER E 252 29.95 -17.09 65.42
N ALA E 253 29.62 -17.80 64.33
CA ALA E 253 29.71 -19.25 64.29
C ALA E 253 30.83 -19.76 63.42
N PHE E 254 31.39 -18.92 62.55
CA PHE E 254 32.61 -19.22 61.81
C PHE E 254 33.52 -18.03 62.01
N PRO E 255 34.20 -17.96 63.17
CA PRO E 255 34.89 -16.72 63.54
C PRO E 255 35.94 -16.28 62.52
N THR E 256 36.60 -17.21 61.85
CA THR E 256 37.53 -16.88 60.79
C THR E 256 36.80 -16.92 59.44
N LEU E 257 37.36 -16.20 58.47
CA LEU E 257 36.77 -16.11 57.14
C LEU E 257 36.70 -17.46 56.46
N LYS F 36 44.82 -69.35 16.06
CA LYS F 36 44.31 -69.68 14.73
C LYS F 36 45.15 -69.01 13.65
N SER F 37 45.79 -67.90 13.99
CA SER F 37 46.60 -67.17 13.02
C SER F 37 47.92 -67.89 12.76
N LYS F 38 48.41 -67.76 11.52
CA LYS F 38 49.68 -68.38 11.15
C LYS F 38 50.87 -67.54 11.59
N ALA F 39 50.75 -66.21 11.48
CA ALA F 39 51.85 -65.34 11.88
C ALA F 39 51.89 -65.14 13.39
N VAL F 40 50.74 -64.89 14.02
CA VAL F 40 50.70 -64.68 15.46
C VAL F 40 49.97 -65.85 16.09
N PRO F 41 50.68 -66.84 16.63
CA PRO F 41 50.01 -68.00 17.22
C PRO F 41 49.12 -67.65 18.40
N PHE F 42 49.47 -66.62 19.18
CA PHE F 42 48.66 -66.26 20.34
C PHE F 42 47.32 -65.68 19.91
N LEU F 43 47.34 -64.60 19.14
CA LEU F 43 46.11 -63.93 18.74
C LEU F 43 45.37 -64.76 17.70
N PRO F 44 44.04 -64.65 17.66
CA PRO F 44 43.27 -65.42 16.68
C PRO F 44 43.50 -64.90 15.26
N ARG F 45 43.17 -65.76 14.30
CA ARG F 45 43.32 -65.40 12.90
C ARG F 45 42.39 -64.25 12.55
N PRO F 46 42.84 -63.27 11.77
CA PRO F 46 41.96 -62.18 11.35
C PRO F 46 40.76 -62.71 10.56
N ALA F 47 39.60 -62.08 10.77
CA ALA F 47 38.38 -62.56 10.15
C ALA F 47 38.38 -62.38 8.64
N ALA F 48 38.99 -61.32 8.14
CA ALA F 48 38.97 -61.01 6.71
C ALA F 48 40.09 -61.67 5.94
N LEU F 49 41.04 -62.31 6.62
CA LEU F 49 42.19 -62.95 5.97
C LEU F 49 42.01 -64.46 6.01
N ASP F 50 41.56 -65.04 4.89
CA ASP F 50 41.46 -66.49 4.75
C ASP F 50 42.46 -67.04 3.74
N GLY F 51 42.47 -66.52 2.52
CA GLY F 51 43.42 -66.94 1.52
C GLY F 51 43.61 -65.91 0.43
N SER F 52 44.86 -65.54 0.18
CA SER F 52 45.19 -64.61 -0.89
C SER F 52 46.65 -64.85 -1.27
N VAL F 53 46.92 -64.90 -2.58
CA VAL F 53 48.25 -65.24 -3.08
C VAL F 53 49.22 -64.10 -2.80
N VAL F 54 48.73 -63.03 -2.17
CA VAL F 54 49.57 -61.89 -1.81
C VAL F 54 50.43 -62.15 -0.57
N GLY F 55 50.38 -63.35 -0.01
CA GLY F 55 51.18 -63.65 1.17
C GLY F 55 50.39 -63.58 2.45
N ASP F 56 49.18 -64.12 2.44
CA ASP F 56 48.31 -64.13 3.61
C ASP F 56 48.84 -65.11 4.64
N VAL F 57 49.53 -64.60 5.65
CA VAL F 57 49.95 -65.41 6.79
C VAL F 57 49.18 -65.01 8.05
N GLY F 58 48.08 -64.29 7.89
CA GLY F 58 47.23 -63.92 9.00
C GLY F 58 47.87 -62.97 9.99
N PHE F 59 48.59 -61.95 9.52
CA PHE F 59 49.23 -60.97 10.39
C PHE F 59 48.42 -59.69 10.34
N ASP F 60 47.52 -59.53 11.32
CA ASP F 60 46.75 -58.29 11.48
C ASP F 60 46.32 -58.19 12.94
N PRO F 61 47.26 -57.96 13.86
CA PRO F 61 46.90 -57.88 15.27
C PRO F 61 45.91 -56.78 15.61
N VAL F 62 45.99 -55.64 14.92
CA VAL F 62 45.09 -54.52 15.19
C VAL F 62 43.79 -54.59 14.40
N GLY F 63 43.63 -55.62 13.57
CA GLY F 63 42.38 -55.78 12.83
C GLY F 63 42.07 -54.67 11.86
N PHE F 64 43.09 -54.20 11.14
CA PHE F 64 42.85 -53.15 10.14
C PHE F 64 41.99 -53.66 8.98
N THR F 65 42.06 -54.96 8.68
CA THR F 65 41.26 -55.53 7.62
C THR F 65 39.76 -55.45 7.93
N SER F 66 39.39 -55.35 9.21
CA SER F 66 37.99 -55.13 9.54
C SER F 66 37.57 -53.69 9.23
N TRP F 67 38.48 -52.74 9.42
CA TRP F 67 38.20 -51.33 9.17
C TRP F 67 37.91 -51.10 7.69
N LEU F 68 38.91 -51.31 6.85
CA LEU F 68 38.90 -51.04 5.43
C LEU F 68 38.58 -52.31 4.66
N PRO F 69 38.12 -52.20 3.42
CA PRO F 69 38.09 -53.37 2.54
C PRO F 69 39.50 -53.90 2.35
N LEU F 70 39.62 -55.23 2.32
CA LEU F 70 40.94 -55.84 2.16
C LEU F 70 41.59 -55.42 0.84
N SER F 71 40.78 -55.21 -0.19
CA SER F 71 41.33 -54.87 -1.51
C SER F 71 42.05 -53.52 -1.49
N TYR F 72 41.44 -52.52 -0.83
CA TYR F 72 42.07 -51.20 -0.75
C TYR F 72 43.39 -51.27 0.01
N LEU F 73 43.42 -52.00 1.12
CA LEU F 73 44.66 -52.15 1.88
C LEU F 73 45.71 -52.87 1.06
N GLN F 74 45.31 -53.88 0.29
CA GLN F 74 46.25 -54.59 -0.56
C GLN F 74 46.84 -53.66 -1.62
N GLU F 75 45.99 -52.83 -2.23
CA GLU F 75 46.49 -51.87 -3.21
C GLU F 75 47.47 -50.90 -2.58
N ALA F 76 47.15 -50.40 -1.38
CA ALA F 76 48.06 -49.49 -0.69
C ALA F 76 49.39 -50.17 -0.36
N GLU F 77 49.33 -51.43 0.10
CA GLU F 77 50.55 -52.17 0.42
C GLU F 77 51.41 -52.38 -0.81
N ILE F 78 50.80 -52.73 -1.94
CA ILE F 78 51.57 -52.97 -3.16
C ILE F 78 52.18 -51.66 -3.66
N LYS F 79 51.43 -50.56 -3.57
CA LYS F 79 51.98 -49.26 -3.96
C LYS F 79 53.18 -48.90 -3.10
N HIS F 80 53.06 -49.10 -1.78
CA HIS F 80 54.18 -48.82 -0.89
C HIS F 80 55.36 -49.74 -1.20
N CYS F 81 55.08 -51.02 -1.48
CA CYS F 81 56.14 -51.95 -1.84
C CYS F 81 56.94 -51.45 -3.04
N ARG F 82 56.24 -51.11 -4.12
CA ARG F 82 56.92 -50.71 -5.35
C ARG F 82 57.68 -49.40 -5.15
N ILE F 83 57.05 -48.43 -4.49
CA ILE F 83 57.71 -47.15 -4.25
C ILE F 83 58.97 -47.36 -3.41
N ALA F 84 58.89 -48.18 -2.37
CA ALA F 84 60.03 -48.39 -1.48
C ALA F 84 61.16 -49.12 -2.20
N MET F 85 60.84 -50.12 -3.03
CA MET F 85 61.88 -50.81 -3.77
C MET F 85 62.59 -49.85 -4.73
N LEU F 86 61.83 -49.09 -5.50
CA LEU F 86 62.44 -48.12 -6.40
C LEU F 86 63.29 -47.12 -5.63
N ALA F 87 62.79 -46.66 -4.49
CA ALA F 87 63.50 -45.64 -3.72
C ALA F 87 64.78 -46.19 -3.11
N THR F 88 64.74 -47.41 -2.58
CA THR F 88 65.95 -48.00 -2.01
C THR F 88 67.02 -48.18 -3.08
N LEU F 89 66.63 -48.74 -4.23
CA LEU F 89 67.59 -48.92 -5.31
C LEU F 89 68.14 -47.58 -5.76
N GLY F 90 67.28 -46.57 -5.89
CA GLY F 90 67.72 -45.27 -6.35
C GLY F 90 68.65 -44.58 -5.37
N TRP F 91 68.32 -44.63 -4.08
CA TRP F 91 69.19 -44.05 -3.06
C TRP F 91 70.57 -44.70 -3.09
N ILE F 92 70.60 -46.04 -3.10
CA ILE F 92 71.88 -46.75 -3.07
C ILE F 92 72.70 -46.43 -4.32
N VAL F 93 72.06 -46.47 -5.49
CA VAL F 93 72.79 -46.27 -6.73
C VAL F 93 73.26 -44.82 -6.85
N ALA F 94 72.36 -43.86 -6.58
CA ALA F 94 72.70 -42.45 -6.69
C ALA F 94 73.75 -42.00 -5.70
N ASP F 95 74.07 -42.81 -4.72
CA ASP F 95 75.15 -42.40 -3.86
C ASP F 95 76.44 -42.93 -4.41
N PHE F 96 76.36 -43.95 -5.23
CA PHE F 96 77.58 -44.56 -5.74
C PHE F 96 77.99 -44.00 -7.10
N VAL F 97 77.15 -44.16 -8.12
CA VAL F 97 77.43 -43.69 -9.47
C VAL F 97 76.23 -42.92 -9.97
N HIS F 98 76.24 -41.60 -9.77
CA HIS F 98 75.21 -40.72 -10.30
C HIS F 98 75.84 -39.34 -10.48
N LEU F 99 76.34 -39.08 -11.68
CA LEU F 99 76.84 -37.75 -12.01
C LEU F 99 76.97 -37.56 -13.52
N PRO F 100 75.87 -37.60 -14.29
CA PRO F 100 75.92 -37.24 -15.71
C PRO F 100 75.76 -35.73 -15.92
N GLY F 101 76.46 -34.95 -15.11
CA GLY F 101 76.33 -33.51 -15.14
C GLY F 101 76.94 -32.90 -13.88
N ALA F 102 76.56 -31.64 -13.63
CA ALA F 102 77.08 -30.88 -12.50
C ALA F 102 76.12 -30.87 -11.31
N VAL F 103 74.83 -30.61 -11.55
CA VAL F 103 73.85 -30.55 -10.46
C VAL F 103 73.61 -31.91 -9.83
N HIS F 104 74.07 -32.99 -10.46
CA HIS F 104 73.91 -34.34 -9.92
C HIS F 104 75.12 -34.79 -9.12
N GLU F 105 75.82 -33.87 -8.46
CA GLU F 105 77.00 -34.18 -7.65
C GLU F 105 76.65 -34.19 -6.16
N VAL F 106 75.48 -34.70 -5.82
CA VAL F 106 74.97 -34.68 -4.45
C VAL F 106 74.97 -36.09 -3.88
N SER F 107 74.60 -36.23 -2.60
CA SER F 107 74.75 -37.47 -1.87
C SER F 107 73.42 -38.09 -1.46
N SER F 108 72.38 -37.89 -2.27
CA SER F 108 71.04 -38.46 -2.07
C SER F 108 70.43 -38.07 -0.73
N LEU F 109 71.05 -37.18 0.02
CA LEU F 109 70.48 -36.59 1.22
C LEU F 109 70.22 -35.11 1.05
N ALA F 110 71.12 -34.39 0.39
CA ALA F 110 70.86 -33.05 -0.11
C ALA F 110 70.32 -33.08 -1.54
N ALA F 111 70.10 -34.26 -2.10
CA ALA F 111 69.62 -34.36 -3.47
C ALA F 111 68.22 -33.81 -3.63
N HIS F 112 67.37 -33.97 -2.61
CA HIS F 112 65.97 -33.55 -2.75
C HIS F 112 65.87 -32.05 -3.02
N ASP F 113 66.49 -31.23 -2.18
CA ASP F 113 66.39 -29.79 -2.38
C ASP F 113 67.10 -29.34 -3.66
N VAL F 114 68.27 -29.91 -3.92
CA VAL F 114 69.04 -29.51 -5.10
C VAL F 114 68.25 -29.81 -6.36
N ALA F 115 67.61 -30.97 -6.43
CA ALA F 115 66.91 -31.38 -7.64
C ALA F 115 65.46 -30.93 -7.68
N VAL F 116 64.90 -30.40 -6.59
CA VAL F 116 63.66 -29.63 -6.76
C VAL F 116 63.98 -28.22 -7.23
N LYS F 117 65.15 -27.70 -6.86
CA LYS F 117 65.59 -26.43 -7.43
C LYS F 117 65.90 -26.58 -8.92
N SER F 118 66.51 -27.71 -9.31
CA SER F 118 66.83 -27.94 -10.71
C SER F 118 65.58 -28.08 -11.56
N GLY F 119 64.58 -28.81 -11.05
CA GLY F 119 63.33 -29.00 -11.77
C GLY F 119 63.02 -30.43 -12.18
N ALA F 120 63.88 -31.39 -11.84
CA ALA F 120 63.60 -32.78 -12.18
C ALA F 120 62.46 -33.34 -11.34
N LEU F 121 62.49 -33.08 -10.04
CA LEU F 121 61.44 -33.57 -9.15
C LEU F 121 60.07 -33.03 -9.56
N ALA F 122 60.02 -31.82 -10.12
CA ALA F 122 58.75 -31.29 -10.60
C ALA F 122 58.18 -32.15 -11.72
N GLN F 123 59.02 -32.56 -12.68
CA GLN F 123 58.56 -33.40 -13.78
C GLN F 123 58.13 -34.78 -13.28
N ILE F 124 58.93 -35.37 -12.38
CA ILE F 124 58.57 -36.67 -11.85
C ILE F 124 57.26 -36.58 -11.08
N LEU F 125 57.06 -35.48 -10.35
CA LEU F 125 55.80 -35.28 -9.63
C LEU F 125 54.64 -35.10 -10.58
N ILE F 126 54.84 -34.41 -11.69
CA ILE F 126 53.76 -34.23 -12.66
C ILE F 126 53.32 -35.59 -13.21
N TRP F 127 54.29 -36.40 -13.63
CA TRP F 127 53.92 -37.70 -14.21
C TRP F 127 53.37 -38.64 -13.14
N THR F 128 53.90 -38.57 -11.92
CA THR F 128 53.36 -39.36 -10.82
C THR F 128 51.93 -38.95 -10.50
N SER F 129 51.65 -37.65 -10.54
CA SER F 129 50.29 -37.17 -10.31
C SER F 129 49.34 -37.65 -11.39
N ILE F 130 49.78 -37.64 -12.65
CA ILE F 130 48.95 -38.18 -13.73
C ILE F 130 48.65 -39.65 -13.48
N ALA F 131 49.69 -40.43 -13.15
CA ALA F 131 49.51 -41.86 -12.91
C ALA F 131 48.58 -42.11 -11.74
N GLU F 132 48.72 -41.33 -10.66
CA GLU F 132 47.90 -41.52 -9.48
C GLU F 132 46.45 -41.10 -9.72
N ALA F 133 46.26 -40.02 -10.47
CA ALA F 133 44.90 -39.60 -10.83
C ALA F 133 44.21 -40.66 -11.66
N ILE F 134 44.94 -41.30 -12.56
CA ILE F 134 44.39 -42.46 -13.26
C ILE F 134 44.14 -43.59 -12.27
N SER F 135 45.00 -43.73 -11.26
CA SER F 135 44.87 -44.80 -10.29
C SER F 135 43.64 -44.66 -9.39
N VAL F 136 43.10 -43.45 -9.25
CA VAL F 136 41.88 -43.29 -8.48
C VAL F 136 40.77 -44.08 -9.15
N ILE F 137 40.64 -43.92 -10.46
CA ILE F 137 39.61 -44.63 -11.21
C ILE F 137 39.85 -46.13 -11.17
N ALA F 138 41.12 -46.54 -11.23
CA ALA F 138 41.44 -47.96 -11.11
C ALA F 138 41.03 -48.50 -9.75
N ILE F 139 41.32 -47.75 -8.68
CA ILE F 139 40.88 -48.14 -7.35
C ILE F 139 39.36 -48.04 -7.23
N SER F 140 38.75 -47.07 -7.90
CA SER F 140 37.30 -46.93 -7.85
C SER F 140 36.58 -47.91 -8.77
N GLN F 141 37.24 -48.43 -9.81
CA GLN F 141 36.59 -49.44 -10.63
C GLN F 141 36.55 -50.79 -9.92
N MET F 142 37.62 -51.12 -9.20
CA MET F 142 37.52 -52.11 -8.14
C MET F 142 36.83 -51.45 -6.94
N LEU F 143 36.57 -52.25 -5.89
CA LEU F 143 35.79 -51.80 -4.75
C LEU F 143 34.36 -51.47 -5.16
N GLU F 144 34.07 -51.66 -6.45
CA GLU F 144 32.78 -51.35 -7.04
C GLU F 144 32.27 -52.47 -7.95
N GLY F 145 33.16 -53.32 -8.47
CA GLY F 145 32.80 -54.37 -9.39
C GLY F 145 34.02 -54.77 -10.19
N SER F 146 33.86 -54.87 -11.51
CA SER F 146 34.96 -55.16 -12.43
C SER F 146 35.66 -56.44 -11.99
N GLY F 147 36.94 -56.60 -12.32
CA GLY F 147 37.69 -57.77 -11.91
C GLY F 147 39.14 -57.47 -11.59
N ARG F 148 39.48 -56.18 -11.47
CA ARG F 148 40.88 -55.80 -11.28
C ARG F 148 41.36 -56.22 -9.90
N GLN F 149 42.39 -57.06 -9.86
CA GLN F 149 43.00 -57.43 -8.60
C GLN F 149 43.80 -56.24 -8.05
N PRO F 150 43.94 -56.15 -6.73
CA PRO F 150 44.71 -55.03 -6.16
C PRO F 150 46.14 -55.01 -6.67
N GLY F 151 46.60 -53.82 -7.03
CA GLY F 151 47.95 -53.65 -7.54
C GLY F 151 48.15 -54.09 -8.97
N ASP F 152 47.11 -54.53 -9.66
CA ASP F 152 47.23 -55.02 -11.02
C ASP F 152 47.06 -53.86 -12.00
N PHE F 153 48.06 -53.67 -12.87
CA PHE F 153 48.00 -52.66 -13.91
C PHE F 153 48.22 -53.25 -15.29
N LYS F 154 48.24 -54.58 -15.42
CA LYS F 154 48.44 -55.26 -16.69
C LYS F 154 49.76 -54.84 -17.34
N PHE F 155 50.77 -54.59 -16.52
CA PHE F 155 52.09 -54.17 -17.00
C PHE F 155 53.03 -55.37 -16.90
N ASP F 156 53.01 -56.21 -17.93
CA ASP F 156 53.98 -57.30 -18.07
C ASP F 156 54.47 -57.33 -19.51
N PRO F 157 55.19 -56.27 -19.94
CA PRO F 157 55.63 -56.23 -21.34
C PRO F 157 56.58 -57.36 -21.72
N LEU F 158 57.44 -57.78 -20.79
CA LEU F 158 58.40 -58.84 -21.05
C LEU F 158 57.86 -60.22 -20.71
N ASN F 159 56.65 -60.31 -20.15
CA ASN F 159 56.01 -61.58 -19.84
C ASN F 159 56.87 -62.45 -18.93
N PHE F 160 57.32 -61.87 -17.83
CA PHE F 160 58.09 -62.64 -16.86
C PHE F 160 57.23 -63.68 -16.15
N ALA F 161 55.94 -63.41 -15.99
CA ALA F 161 54.99 -64.36 -15.43
C ALA F 161 54.17 -64.96 -16.56
N LYS F 162 54.03 -66.29 -16.54
CA LYS F 162 53.36 -67.01 -17.62
C LYS F 162 52.01 -67.57 -17.19
N ASP F 163 51.96 -68.37 -16.13
CA ASP F 163 50.73 -69.00 -15.66
C ASP F 163 50.36 -68.46 -14.28
N GLU F 164 49.29 -69.03 -13.72
CA GLU F 164 48.83 -68.60 -12.41
C GLU F 164 49.86 -68.93 -11.32
N LYS F 165 50.47 -70.11 -11.38
CA LYS F 165 51.42 -70.50 -10.36
C LYS F 165 52.61 -69.55 -10.31
N SER F 166 53.15 -69.21 -11.48
CA SER F 166 54.22 -68.21 -11.53
C SER F 166 53.72 -66.86 -11.05
N LEU F 167 52.49 -66.49 -11.42
CA LEU F 167 51.94 -65.21 -11.01
C LEU F 167 51.81 -65.13 -9.49
N LYS F 168 51.29 -66.19 -8.86
CA LYS F 168 51.15 -66.19 -7.41
C LYS F 168 52.50 -66.20 -6.72
N LYS F 169 53.43 -67.03 -7.21
CA LYS F 169 54.76 -67.10 -6.60
C LYS F 169 55.45 -65.75 -6.68
N MET F 170 55.37 -65.09 -7.82
CA MET F 170 56.07 -63.81 -7.98
C MET F 170 55.31 -62.66 -7.32
N GLN F 171 54.00 -62.78 -7.13
CA GLN F 171 53.29 -61.81 -6.30
C GLN F 171 53.77 -61.89 -4.85
N LEU F 172 53.87 -63.10 -4.32
CA LEU F 172 54.42 -63.27 -2.97
C LEU F 172 55.84 -62.74 -2.89
N SER F 173 56.66 -63.05 -3.90
CA SER F 173 58.03 -62.58 -3.92
C SER F 173 58.10 -61.06 -3.97
N GLU F 174 57.27 -60.44 -4.81
CA GLU F 174 57.26 -58.99 -4.93
C GLU F 174 56.85 -58.33 -3.62
N LEU F 175 55.84 -58.88 -2.95
CA LEU F 175 55.38 -58.27 -1.71
C LEU F 175 56.41 -58.45 -0.59
N LYS F 176 57.06 -59.61 -0.51
CA LYS F 176 58.11 -59.80 0.47
C LYS F 176 59.28 -58.85 0.22
N ASN F 177 59.70 -58.74 -1.03
CA ASN F 177 60.78 -57.81 -1.38
C ASN F 177 60.37 -56.36 -1.08
N GLY F 178 59.10 -56.03 -1.31
CA GLY F 178 58.65 -54.67 -1.05
C GLY F 178 58.60 -54.33 0.42
N ARG F 179 58.18 -55.29 1.25
CA ARG F 179 58.21 -55.06 2.70
C ARG F 179 59.65 -54.90 3.19
N LEU F 180 60.54 -55.77 2.72
CA LEU F 180 61.95 -55.65 3.07
C LEU F 180 62.51 -54.30 2.62
N ALA F 181 62.09 -53.84 1.44
CA ALA F 181 62.57 -52.56 0.92
C ALA F 181 62.00 -51.39 1.72
N MET F 182 60.75 -51.50 2.17
CA MET F 182 60.19 -50.47 3.05
C MET F 182 61.04 -50.33 4.30
N LEU F 183 61.29 -51.45 4.98
CA LEU F 183 62.09 -51.39 6.20
C LEU F 183 63.50 -50.91 5.91
N ALA F 184 64.09 -51.36 4.80
CA ALA F 184 65.45 -50.99 4.45
C ALA F 184 65.56 -49.51 4.14
N PHE F 185 64.61 -48.95 3.40
CA PHE F 185 64.65 -47.53 3.11
C PHE F 185 64.43 -46.70 4.37
N SER F 186 63.53 -47.15 5.25
CA SER F 186 63.37 -46.50 6.54
C SER F 186 64.70 -46.44 7.28
N GLY F 187 65.39 -47.58 7.34
CA GLY F 187 66.70 -47.60 7.99
C GLY F 187 67.70 -46.69 7.29
N ILE F 188 67.68 -46.68 5.96
CA ILE F 188 68.65 -45.88 5.20
C ILE F 188 68.47 -44.41 5.50
N VAL F 189 67.23 -43.93 5.48
CA VAL F 189 67.02 -42.50 5.71
C VAL F 189 67.30 -42.14 7.16
N THR F 190 66.87 -42.99 8.10
CA THR F 190 67.11 -42.67 9.51
C THR F 190 68.60 -42.67 9.83
N GLN F 191 69.37 -43.59 9.26
CA GLN F 191 70.81 -43.62 9.51
C GLN F 191 71.52 -42.47 8.79
N ALA F 192 71.18 -42.23 7.53
CA ALA F 192 71.81 -41.16 6.77
C ALA F 192 71.41 -39.78 7.25
N ALA F 193 70.38 -39.68 8.09
CA ALA F 193 70.09 -38.43 8.78
C ALA F 193 70.68 -38.38 10.18
N LEU F 194 70.87 -39.53 10.83
CA LEU F 194 71.56 -39.58 12.11
C LEU F 194 73.06 -39.38 11.98
N THR F 195 73.60 -39.46 10.77
CA THR F 195 75.02 -39.25 10.54
C THR F 195 75.21 -38.89 9.07
N GLY F 196 76.46 -38.70 8.68
CA GLY F 196 76.79 -38.48 7.27
C GLY F 196 77.83 -39.48 6.81
N HIS F 197 77.47 -40.34 5.86
CA HIS F 197 78.34 -41.44 5.48
C HIS F 197 77.90 -41.96 4.11
N ALA F 198 78.41 -43.14 3.76
CA ALA F 198 78.16 -43.84 2.52
C ALA F 198 77.40 -45.13 2.82
N PHE F 199 77.32 -46.01 1.82
CA PHE F 199 76.48 -47.21 1.80
C PHE F 199 76.30 -47.91 3.14
N PRO F 200 77.34 -48.08 3.97
CA PRO F 200 77.09 -48.63 5.32
C PRO F 200 76.10 -47.81 6.13
N TYR F 201 76.16 -46.48 6.03
CA TYR F 201 75.26 -45.58 6.75
C TYR F 201 75.27 -45.81 8.25
N LEU G 39 -52.65 34.81 -48.55
CA LEU G 39 -54.06 34.91 -48.92
C LEU G 39 -54.66 33.53 -49.14
N ASP G 40 -54.32 32.60 -48.25
CA ASP G 40 -54.73 31.20 -48.33
C ASP G 40 -54.94 30.70 -46.90
N GLY G 41 -54.94 29.38 -46.73
CA GLY G 41 -54.88 28.80 -45.41
C GLY G 41 -53.46 28.81 -44.86
N MET G 42 -52.60 29.62 -45.48
CA MET G 42 -51.21 29.73 -45.07
C MET G 42 -51.10 30.37 -43.68
N ILE G 43 -50.00 30.08 -43.01
CA ILE G 43 -49.71 30.65 -41.71
C ILE G 43 -49.24 32.09 -41.89
N GLY G 44 -49.67 32.97 -40.99
CA GLY G 44 -49.26 34.36 -41.03
C GLY G 44 -50.40 35.34 -41.04
N SER G 45 -51.63 34.84 -40.90
CA SER G 45 -52.81 35.68 -40.88
C SER G 45 -53.13 36.07 -39.44
N SER G 46 -53.04 37.36 -39.14
CA SER G 46 -53.24 37.88 -37.80
C SER G 46 -54.52 38.72 -37.73
N ALA G 47 -54.84 39.14 -36.51
CA ALA G 47 -56.10 39.85 -36.27
C ALA G 47 -56.24 41.17 -37.04
N PRO G 48 -55.26 42.08 -37.02
CA PRO G 48 -55.53 43.42 -37.60
C PRO G 48 -55.94 43.36 -39.06
N PHE G 49 -55.34 42.49 -39.85
CA PHE G 49 -55.69 42.37 -41.27
C PHE G 49 -55.50 40.90 -41.65
N LYS G 50 -56.59 40.14 -41.57
CA LYS G 50 -56.54 38.72 -41.91
C LYS G 50 -56.40 38.56 -43.42
N ASN G 51 -55.47 37.70 -43.84
CA ASN G 51 -55.19 37.44 -45.25
C ASN G 51 -54.94 38.75 -46.00
N PHE G 52 -53.92 39.46 -45.54
CA PHE G 52 -53.63 40.82 -46.01
C PHE G 52 -53.02 40.75 -47.41
N ASP G 53 -53.87 40.82 -48.43
CA ASP G 53 -53.44 40.94 -49.83
C ASP G 53 -54.31 41.99 -50.51
N PRO G 54 -54.16 43.27 -50.11
CA PRO G 54 -55.00 44.31 -50.72
C PRO G 54 -54.79 44.46 -52.21
N LEU G 55 -53.58 44.23 -52.71
CA LEU G 55 -53.29 44.36 -54.14
C LEU G 55 -53.47 43.06 -54.91
N GLY G 56 -53.90 41.99 -54.25
CA GLY G 56 -54.20 40.75 -54.93
C GLY G 56 -53.01 40.08 -55.59
N PHE G 57 -51.85 40.11 -54.93
CA PHE G 57 -50.68 39.43 -55.48
C PHE G 57 -50.85 37.92 -55.44
N ALA G 58 -51.57 37.40 -54.45
CA ALA G 58 -51.71 35.97 -54.25
C ALA G 58 -52.99 35.39 -54.85
N ALA G 59 -53.96 36.24 -55.20
CA ALA G 59 -55.22 35.74 -55.74
C ALA G 59 -55.04 35.05 -57.09
N LYS G 60 -53.99 35.40 -57.83
CA LYS G 60 -53.74 34.81 -59.14
C LYS G 60 -52.55 33.88 -59.18
N ALA G 61 -51.66 33.94 -58.19
CA ALA G 61 -50.46 33.11 -58.20
C ALA G 61 -50.80 31.66 -57.87
N ASP G 62 -50.00 30.75 -58.42
CA ASP G 62 -50.14 29.32 -58.14
C ASP G 62 -49.43 29.00 -56.82
N GLN G 63 -49.35 27.71 -56.49
CA GLN G 63 -48.73 27.32 -55.23
C GLN G 63 -47.23 27.56 -55.23
N LYS G 64 -46.58 27.35 -56.38
CA LYS G 64 -45.13 27.56 -56.45
C LYS G 64 -44.76 29.02 -56.23
N THR G 65 -45.49 29.94 -56.87
CA THR G 65 -45.22 31.36 -56.68
C THR G 65 -45.48 31.79 -55.25
N LEU G 66 -46.50 31.21 -54.63
CA LEU G 66 -46.80 31.54 -53.24
C LEU G 66 -45.73 31.00 -52.30
N ASN G 67 -45.19 29.82 -52.59
CA ASN G 67 -44.07 29.30 -51.82
C ASN G 67 -42.86 30.21 -51.97
N LYS G 68 -42.61 30.70 -53.18
CA LYS G 68 -41.52 31.65 -53.39
C LYS G 68 -41.75 32.93 -52.60
N TYR G 69 -42.98 33.43 -52.59
CA TYR G 69 -43.29 34.63 -51.83
C TYR G 69 -43.07 34.43 -50.35
N ARG G 70 -43.49 33.27 -49.82
CA ARG G 70 -43.28 32.99 -48.41
C ARG G 70 -41.80 32.88 -48.07
N GLU G 71 -41.03 32.24 -48.95
CA GLU G 71 -39.58 32.15 -48.74
C GLU G 71 -38.96 33.54 -48.70
N SER G 72 -39.33 34.40 -49.65
CA SER G 72 -38.78 35.75 -49.68
C SER G 72 -39.18 36.52 -48.44
N GLU G 73 -40.45 36.41 -48.01
CA GLU G 73 -40.89 37.13 -46.83
C GLU G 73 -40.15 36.68 -45.59
N LEU G 74 -39.99 35.37 -45.42
CA LEU G 74 -39.31 34.87 -44.22
C LEU G 74 -37.84 35.25 -44.22
N LYS G 75 -37.17 35.15 -45.38
CA LYS G 75 -35.77 35.54 -45.44
C LYS G 75 -35.61 37.02 -45.15
N HIS G 76 -36.47 37.85 -45.74
CA HIS G 76 -36.41 39.30 -45.48
C HIS G 76 -36.64 39.59 -44.01
N GLY G 77 -37.63 38.91 -43.40
CA GLY G 77 -37.92 39.15 -42.00
C GLY G 77 -36.76 38.78 -41.09
N ARG G 78 -36.15 37.62 -41.33
CA ARG G 78 -35.04 37.18 -40.50
C ARG G 78 -33.84 38.12 -40.67
N VAL G 79 -33.52 38.47 -41.92
CA VAL G 79 -32.40 39.38 -42.16
C VAL G 79 -32.68 40.73 -41.52
N ALA G 80 -33.93 41.18 -41.54
CA ALA G 80 -34.27 42.48 -40.98
C ALA G 80 -34.22 42.48 -39.46
N MET G 81 -34.65 41.38 -38.84
CA MET G 81 -34.50 41.27 -37.39
C MET G 81 -33.03 41.33 -36.99
N LEU G 82 -32.18 40.57 -37.69
CA LEU G 82 -30.75 40.64 -37.42
C LEU G 82 -30.22 42.06 -37.66
N ALA G 83 -30.68 42.71 -38.73
CA ALA G 83 -30.17 44.04 -39.06
C ALA G 83 -30.58 45.08 -38.02
N VAL G 84 -31.81 45.01 -37.53
CA VAL G 84 -32.26 45.96 -36.51
C VAL G 84 -31.49 45.76 -35.21
N LEU G 85 -31.38 44.50 -34.78
CA LEU G 85 -30.63 44.24 -33.55
C LEU G 85 -29.18 44.70 -33.69
N GLY G 86 -28.56 44.41 -34.83
CA GLY G 86 -27.19 44.86 -35.05
C GLY G 86 -27.08 46.37 -35.09
N TRP G 87 -28.02 47.04 -35.73
CA TRP G 87 -28.02 48.49 -35.78
C TRP G 87 -27.97 49.07 -34.37
N ILE G 88 -28.90 48.66 -33.53
CA ILE G 88 -28.96 49.23 -32.17
C ILE G 88 -27.71 48.86 -31.39
N VAL G 89 -27.37 47.57 -31.36
CA VAL G 89 -26.26 47.12 -30.51
C VAL G 89 -24.95 47.76 -30.95
N GLN G 90 -24.69 47.80 -32.26
CA GLN G 90 -23.54 48.49 -32.78
C GLN G 90 -23.54 49.95 -32.34
N GLU G 91 -24.71 50.59 -32.34
CA GLU G 91 -24.76 51.98 -31.93
C GLU G 91 -24.30 52.16 -30.49
N PHE G 92 -24.75 51.31 -29.57
CA PHE G 92 -24.33 51.49 -28.18
C PHE G 92 -23.31 50.46 -27.71
N TRP G 93 -22.77 49.63 -28.59
CA TRP G 93 -21.70 48.72 -28.20
C TRP G 93 -20.99 48.20 -29.44
N HIS G 94 -19.71 48.53 -29.60
CA HIS G 94 -18.88 48.00 -30.68
C HIS G 94 -17.52 47.56 -30.12
N PRO G 95 -17.50 46.48 -29.33
CA PRO G 95 -16.24 46.05 -28.71
C PRO G 95 -15.19 45.62 -29.71
N LEU G 96 -15.58 45.06 -30.85
CA LEU G 96 -14.62 44.52 -31.79
C LEU G 96 -13.86 45.63 -32.50
N TYR G 97 -12.77 45.23 -33.17
CA TYR G 97 -11.93 46.15 -33.94
C TYR G 97 -11.28 47.21 -33.05
N ASP G 98 -11.03 46.85 -31.79
CA ASP G 98 -10.38 47.74 -30.82
C ASP G 98 -11.06 49.10 -30.78
N GLY G 99 -12.35 49.07 -30.47
CA GLY G 99 -13.15 50.28 -30.61
C GLY G 99 -13.19 50.67 -32.07
N LYS G 100 -12.96 51.95 -32.33
CA LYS G 100 -12.98 52.51 -33.68
C LYS G 100 -14.30 52.11 -34.35
N LEU G 101 -14.32 52.02 -35.68
CA LEU G 101 -15.48 51.52 -36.41
C LEU G 101 -16.75 52.27 -36.00
N SER G 102 -16.76 53.56 -36.36
CA SER G 102 -17.69 54.55 -35.82
C SER G 102 -19.08 53.98 -35.60
N SER G 103 -19.65 54.32 -34.43
CA SER G 103 -20.88 53.69 -33.96
C SER G 103 -22.05 53.91 -34.91
N ASN G 104 -21.98 54.93 -35.76
CA ASN G 104 -23.05 55.16 -36.71
C ASN G 104 -23.00 54.11 -37.81
N PRO G 105 -24.04 53.31 -38.00
CA PRO G 105 -24.08 52.40 -39.15
C PRO G 105 -24.13 53.19 -40.45
N LEU G 106 -23.87 52.48 -41.55
CA LEU G 106 -23.72 53.06 -42.88
C LEU G 106 -22.44 53.88 -42.96
N LYS G 107 -21.73 54.01 -41.84
CA LYS G 107 -20.38 54.54 -41.78
C LYS G 107 -19.36 53.47 -41.44
N ALA G 108 -19.69 52.58 -40.49
CA ALA G 108 -18.88 51.40 -40.27
C ALA G 108 -18.96 50.42 -41.43
N LEU G 109 -19.98 50.56 -42.29
CA LEU G 109 -20.06 49.72 -43.48
C LEU G 109 -18.86 49.93 -44.39
N THR G 110 -18.29 51.14 -44.40
CA THR G 110 -17.13 51.46 -45.21
C THR G 110 -15.84 51.47 -44.40
N GLU G 111 -15.86 50.93 -43.18
CA GLU G 111 -14.68 50.88 -42.32
C GLU G 111 -14.22 49.47 -41.99
N VAL G 112 -15.04 48.46 -42.20
CA VAL G 112 -14.62 47.07 -41.96
C VAL G 112 -13.48 46.74 -42.91
N PRO G 113 -12.46 45.97 -42.48
CA PRO G 113 -11.25 45.77 -43.29
C PRO G 113 -11.46 45.30 -44.73
N LEU G 114 -12.70 44.96 -45.10
CA LEU G 114 -13.07 44.58 -46.46
C LEU G 114 -12.55 43.19 -46.80
N ILE G 115 -11.72 42.64 -45.91
CA ILE G 115 -11.42 41.21 -45.93
C ILE G 115 -12.27 40.47 -44.90
N GLY G 116 -12.80 41.17 -43.90
CA GLY G 116 -13.86 40.60 -43.09
C GLY G 116 -15.21 40.65 -43.77
N TRP G 117 -15.41 41.61 -44.67
CA TRP G 117 -16.61 41.62 -45.49
C TRP G 117 -16.67 40.38 -46.38
N ALA G 118 -15.53 40.01 -46.96
CA ALA G 118 -15.50 38.85 -47.85
C ALA G 118 -15.85 37.57 -47.10
N GLN G 119 -15.37 37.42 -45.87
CA GLN G 119 -15.65 36.22 -45.11
C GLN G 119 -17.12 36.14 -44.71
N ILE G 120 -17.73 37.27 -44.33
CA ILE G 120 -19.16 37.29 -44.05
C ILE G 120 -19.96 36.94 -45.30
N PHE G 121 -19.55 37.49 -46.45
CA PHE G 121 -20.22 37.19 -47.71
C PHE G 121 -20.12 35.70 -48.04
N VAL G 122 -18.94 35.12 -47.86
CA VAL G 122 -18.75 33.71 -48.18
C VAL G 122 -19.55 32.83 -47.22
N ALA G 123 -19.62 33.21 -45.95
CA ALA G 123 -20.40 32.45 -44.99
C ALA G 123 -21.89 32.48 -45.32
N ILE G 124 -22.40 33.66 -45.66
CA ILE G 124 -23.80 33.77 -46.08
C ILE G 124 -24.04 32.93 -47.33
N ASN G 125 -23.08 32.95 -48.25
CA ASN G 125 -23.22 32.18 -49.49
C ASN G 125 -23.25 30.69 -49.21
N VAL G 126 -22.38 30.20 -48.33
CA VAL G 126 -22.38 28.78 -47.99
C VAL G 126 -23.68 28.40 -47.29
N ILE G 127 -24.17 29.28 -46.41
CA ILE G 127 -25.43 29.02 -45.73
C ILE G 127 -26.57 28.90 -46.73
N GLU G 128 -26.60 29.79 -47.72
CA GLU G 128 -27.68 29.74 -48.71
C GLU G 128 -27.51 28.59 -49.69
N TYR G 129 -26.28 28.15 -49.94
CA TYR G 129 -26.07 26.91 -50.68
C TYR G 129 -26.65 25.72 -49.92
N LEU G 130 -26.42 25.68 -48.61
CA LEU G 130 -27.02 24.63 -47.80
C LEU G 130 -28.54 24.71 -47.80
N GLN G 131 -29.09 25.94 -47.76
CA GLN G 131 -30.52 26.11 -47.84
C GLN G 131 -31.07 25.62 -49.17
N ASN G 132 -30.36 25.90 -50.26
CA ASN G 132 -30.76 25.38 -51.58
C ASN G 132 -30.77 23.86 -51.57
N LYS G 133 -29.75 23.25 -50.97
CA LYS G 133 -29.72 21.79 -50.87
C LYS G 133 -30.90 21.28 -50.03
N ILE G 134 -31.26 22.00 -48.98
CA ILE G 134 -32.41 21.64 -48.16
C ILE G 134 -33.69 21.68 -48.99
N LYS G 135 -33.80 22.68 -49.87
CA LYS G 135 -35.04 22.90 -50.61
C LYS G 135 -35.45 21.71 -51.46
N GLU G 136 -34.52 20.82 -51.81
CA GLU G 136 -34.86 19.64 -52.59
C GLU G 136 -35.14 18.41 -51.74
N LEU G 137 -35.06 18.53 -50.42
CA LEU G 137 -35.42 17.40 -49.57
C LEU G 137 -36.93 17.15 -49.66
N PRO G 138 -37.35 15.90 -49.63
CA PRO G 138 -38.79 15.60 -49.76
C PRO G 138 -39.60 16.21 -48.63
N GLY G 139 -40.80 16.69 -48.98
CA GLY G 139 -41.67 17.31 -47.99
C GLY G 139 -41.25 18.69 -47.57
N TYR G 140 -40.41 19.37 -48.36
CA TYR G 140 -39.92 20.68 -47.98
C TYR G 140 -41.04 21.71 -47.93
N ARG G 141 -41.00 22.57 -46.91
CA ARG G 141 -41.90 23.68 -46.74
C ARG G 141 -41.16 24.99 -46.98
N PRO G 142 -41.85 26.03 -47.49
CA PRO G 142 -41.15 27.21 -48.02
C PRO G 142 -40.05 27.78 -47.14
N GLY G 143 -40.38 28.22 -45.93
CA GLY G 143 -39.39 28.80 -45.06
C GLY G 143 -38.77 27.86 -44.05
N ASP G 144 -39.12 26.58 -44.10
CA ASP G 144 -38.71 25.61 -43.08
C ASP G 144 -37.36 25.04 -43.47
N TYR G 145 -36.29 25.56 -42.86
CA TYR G 145 -34.96 25.01 -43.04
C TYR G 145 -34.53 24.10 -41.89
N LEU G 146 -35.32 24.05 -40.82
CA LEU G 146 -35.09 23.08 -39.75
C LEU G 146 -35.71 21.73 -40.04
N GLY G 147 -36.52 21.62 -41.08
CA GLY G 147 -37.20 20.37 -41.37
C GLY G 147 -38.25 19.98 -40.36
N THR G 148 -39.01 20.95 -39.85
CA THR G 148 -40.04 20.66 -38.85
C THR G 148 -41.17 19.80 -39.42
N TRP G 149 -41.29 19.69 -40.75
CA TRP G 149 -42.29 18.82 -41.33
C TRP G 149 -42.04 17.36 -40.99
N GLU G 150 -40.81 17.01 -40.62
CA GLU G 150 -40.52 15.64 -40.21
C GLU G 150 -41.26 15.27 -38.92
N TRP G 151 -41.30 16.19 -37.97
CA TRP G 151 -42.00 15.95 -36.70
C TRP G 151 -43.40 16.50 -36.68
N VAL G 152 -43.66 17.62 -37.35
CA VAL G 152 -44.95 18.31 -37.25
C VAL G 152 -45.81 17.83 -38.41
N GLU G 153 -46.57 16.76 -38.16
CA GLU G 153 -47.72 16.40 -38.98
C GLU G 153 -48.96 16.68 -38.16
N GLN G 154 -49.99 17.25 -38.81
CA GLN G 154 -51.18 17.75 -38.13
C GLN G 154 -50.79 18.82 -37.11
N SER G 155 -50.33 19.95 -37.66
CA SER G 155 -49.87 21.07 -36.85
C SER G 155 -50.96 21.52 -35.87
N ASP G 156 -50.52 22.05 -34.73
CA ASP G 156 -51.41 22.53 -33.68
C ASP G 156 -51.72 24.00 -33.90
N GLU G 157 -52.40 24.62 -32.94
CA GLU G 157 -52.59 26.07 -32.98
C GLU G 157 -51.40 26.80 -32.38
N GLY G 158 -50.69 26.16 -31.45
CA GLY G 158 -49.48 26.77 -30.90
C GLY G 158 -48.38 26.90 -31.93
N TRP G 159 -48.20 25.87 -32.76
CA TRP G 159 -47.17 25.92 -33.80
C TRP G 159 -47.49 26.99 -34.83
N ASP G 160 -48.76 27.05 -35.27
CA ASP G 160 -49.17 28.09 -36.20
C ASP G 160 -49.03 29.47 -35.59
N SER G 161 -49.38 29.60 -34.31
CA SER G 161 -49.26 30.89 -33.63
C SER G 161 -47.80 31.33 -33.52
N TYR G 162 -46.91 30.38 -33.24
CA TYR G 162 -45.49 30.74 -33.15
C TYR G 162 -44.91 31.11 -34.52
N GLN G 163 -45.32 30.40 -35.57
CA GLN G 163 -44.88 30.78 -36.92
C GLN G 163 -45.40 32.16 -37.27
N THR G 164 -46.66 32.46 -36.92
CA THR G 164 -47.19 33.80 -37.16
C THR G 164 -46.46 34.85 -36.35
N LYS G 165 -46.05 34.51 -35.12
CA LYS G 165 -45.27 35.43 -34.31
C LYS G 165 -43.95 35.75 -34.98
N GLU G 166 -43.26 34.73 -35.48
CA GLU G 166 -42.02 34.95 -36.21
C GLU G 166 -42.24 35.83 -37.43
N LEU G 167 -43.31 35.54 -38.19
CA LEU G 167 -43.58 36.32 -39.39
C LEU G 167 -43.88 37.78 -39.07
N ASN G 168 -44.69 38.02 -38.03
CA ASN G 168 -45.06 39.38 -37.68
C ASN G 168 -43.87 40.16 -37.14
N ASN G 169 -43.03 39.51 -36.32
CA ASN G 169 -41.82 40.16 -35.85
C ASN G 169 -40.89 40.48 -37.02
N GLY G 170 -40.81 39.57 -37.99
CA GLY G 170 -40.01 39.85 -39.17
C GLY G 170 -40.52 41.02 -39.98
N ARG G 171 -41.86 41.12 -40.12
CA ARG G 171 -42.44 42.24 -40.85
C ARG G 171 -42.17 43.56 -40.14
N LEU G 172 -42.35 43.57 -38.82
CA LEU G 172 -42.07 44.78 -38.05
C LEU G 172 -40.61 45.16 -38.15
N ALA G 173 -39.71 44.17 -38.13
CA ALA G 173 -38.29 44.45 -38.28
C ALA G 173 -37.95 44.93 -39.69
N MET G 174 -38.64 44.44 -40.72
CA MET G 174 -38.42 44.96 -42.06
C MET G 174 -38.78 46.44 -42.13
N VAL G 175 -39.96 46.80 -41.61
CA VAL G 175 -40.35 48.21 -41.59
C VAL G 175 -39.36 49.02 -40.77
N ALA G 176 -38.94 48.49 -39.62
CA ALA G 176 -38.02 49.22 -38.75
C ALA G 176 -36.66 49.45 -39.40
N ILE G 177 -36.13 48.45 -40.09
CA ILE G 177 -34.82 48.60 -40.70
C ILE G 177 -34.88 49.52 -41.90
N ALA G 178 -35.98 49.47 -42.66
CA ALA G 178 -36.17 50.44 -43.73
C ALA G 178 -36.18 51.85 -43.19
N GLY G 179 -36.93 52.07 -42.09
CA GLY G 179 -36.95 53.38 -41.47
C GLY G 179 -35.60 53.79 -40.94
N LEU G 180 -34.87 52.86 -40.33
CA LEU G 180 -33.54 53.16 -39.81
C LEU G 180 -32.61 53.63 -40.91
N ILE G 181 -32.56 52.89 -42.02
CA ILE G 181 -31.66 53.25 -43.10
C ILE G 181 -32.05 54.59 -43.70
N VAL G 182 -33.35 54.80 -43.93
CA VAL G 182 -33.80 56.07 -44.53
C VAL G 182 -33.49 57.24 -43.61
N GLN G 183 -33.77 57.10 -42.31
CA GLN G 183 -33.50 58.19 -41.37
C GLN G 183 -32.02 58.49 -41.30
N ASP G 184 -31.17 57.46 -41.25
CA ASP G 184 -29.74 57.69 -41.19
C ASP G 184 -29.23 58.32 -42.48
N LEU G 185 -29.86 58.01 -43.61
CA LEU G 185 -29.45 58.63 -44.87
C LEU G 185 -29.83 60.10 -44.91
N ILE G 186 -31.07 60.43 -44.55
CA ILE G 186 -31.53 61.81 -44.72
C ILE G 186 -30.99 62.72 -43.62
N THR G 187 -30.89 62.22 -42.38
CA THR G 187 -30.46 63.06 -41.28
C THR G 187 -28.96 62.96 -41.02
N GLY G 188 -28.38 61.78 -41.12
CA GLY G 188 -26.98 61.56 -40.84
C GLY G 188 -26.69 61.05 -39.44
N GLN G 189 -27.68 61.03 -38.57
CA GLN G 189 -27.53 60.52 -37.22
C GLN G 189 -28.10 59.10 -37.11
N ALA G 190 -27.57 58.36 -36.15
CA ALA G 190 -28.03 56.99 -35.91
C ALA G 190 -29.30 57.00 -35.07
N ALA G 191 -29.81 55.82 -34.76
CA ALA G 191 -31.09 55.66 -34.07
C ALA G 191 -31.08 56.32 -32.69
N LEU G 192 -30.26 55.79 -31.78
CA LEU G 192 -30.22 56.32 -30.42
C LEU G 192 -29.57 57.70 -30.36
N GLU G 193 -28.87 58.11 -31.41
CA GLU G 193 -28.32 59.47 -31.44
C GLU G 193 -29.39 60.48 -31.85
N GLN G 194 -30.16 60.15 -32.88
CA GLN G 194 -31.25 61.03 -33.30
C GLN G 194 -32.32 61.13 -32.22
N ILE G 195 -32.64 60.01 -31.58
CA ILE G 195 -33.63 60.02 -30.51
C ILE G 195 -33.15 60.85 -29.33
N THR G 196 -31.87 60.69 -28.96
CA THR G 196 -31.33 61.40 -27.80
C THR G 196 -31.37 62.91 -28.01
N ALA G 197 -30.92 63.38 -29.19
CA ALA G 197 -30.95 64.80 -29.48
C ALA G 197 -32.38 65.32 -29.54
N GLY G 198 -33.27 64.58 -30.18
CA GLY G 198 -34.64 65.01 -30.32
C GLY G 198 -35.00 65.38 -31.75
N ASN G 199 -34.28 64.81 -32.72
CA ASN G 199 -34.53 65.08 -34.13
C ASN G 199 -35.70 64.22 -34.65
N THR G 200 -36.86 64.47 -34.07
CA THR G 200 -38.07 63.73 -34.43
C THR G 200 -39.16 64.68 -34.92
N LYS H 6 -59.61 16.30 20.14
CA LYS H 6 -59.79 15.70 18.84
C LYS H 6 -59.60 16.73 17.73
N SER H 7 -58.46 17.41 17.76
CA SER H 7 -58.17 18.44 16.77
C SER H 7 -57.97 17.81 15.39
N THR H 8 -58.18 18.63 14.37
CA THR H 8 -58.09 18.19 12.99
C THR H 8 -56.66 18.29 12.43
N ILE H 9 -55.70 18.72 13.23
CA ILE H 9 -54.34 18.90 12.74
C ILE H 9 -53.36 18.03 13.51
N VAL H 10 -53.70 17.70 14.76
CA VAL H 10 -52.79 16.98 15.64
C VAL H 10 -53.50 15.77 16.24
N ASP H 11 -52.70 14.79 16.64
CA ASP H 11 -53.15 13.63 17.40
C ASP H 11 -52.63 13.76 18.83
N PHE H 12 -53.50 13.54 19.81
CA PHE H 12 -53.17 13.78 21.20
C PHE H 12 -52.65 12.51 21.86
N ASN H 13 -51.55 12.64 22.59
CA ASN H 13 -50.92 11.53 23.29
C ASN H 13 -50.67 10.32 22.38
N PRO H 14 -49.90 10.49 21.30
CA PRO H 14 -49.66 9.34 20.42
C PRO H 14 -48.68 8.33 21.01
N VAL H 15 -47.61 8.80 21.63
CA VAL H 15 -46.56 7.94 22.16
C VAL H 15 -46.40 8.24 23.65
N GLU H 16 -46.37 7.19 24.46
CA GLU H 16 -46.20 7.35 25.89
C GLU H 16 -44.76 7.69 26.24
N THR H 17 -44.58 8.63 27.16
CA THR H 17 -43.26 9.02 27.63
C THR H 17 -42.79 7.97 28.63
N SER H 18 -41.93 7.05 28.18
CA SER H 18 -41.45 5.96 29.02
C SER H 18 -39.98 5.72 28.75
N PHE H 19 -39.29 5.22 29.77
CA PHE H 19 -37.88 4.84 29.65
C PHE H 19 -37.69 3.38 29.27
N GLU H 20 -38.78 2.65 29.03
CA GLU H 20 -38.66 1.22 28.74
C GLU H 20 -37.89 0.97 27.45
N LYS H 21 -38.17 1.76 26.41
CA LYS H 21 -37.48 1.57 25.13
C LYS H 21 -36.05 2.10 25.15
N TRP H 22 -35.70 2.91 26.14
CA TRP H 22 -34.30 3.34 26.27
C TRP H 22 -33.41 2.17 26.65
N ALA H 23 -33.95 1.17 27.34
CA ALA H 23 -33.20 0.01 27.78
C ALA H 23 -33.22 -1.12 26.77
N LYS H 24 -33.82 -0.91 25.60
CA LYS H 24 -33.89 -1.90 24.53
C LYS H 24 -33.28 -1.30 23.28
N PRO H 25 -31.95 -1.32 23.16
CA PRO H 25 -31.31 -0.74 21.97
C PRO H 25 -31.76 -1.43 20.71
N GLY H 26 -31.93 -0.65 19.64
CA GLY H 26 -32.36 -1.19 18.37
C GLY H 26 -33.83 -1.51 18.29
N GLN H 27 -34.65 -0.98 19.20
CA GLN H 27 -36.07 -1.27 19.19
C GLN H 27 -36.75 -0.71 17.94
N PHE H 28 -36.18 0.34 17.35
CA PHE H 28 -36.80 0.96 16.18
C PHE H 28 -36.77 0.05 14.96
N SER H 29 -35.70 -0.73 14.81
CA SER H 29 -35.53 -1.56 13.63
C SER H 29 -36.14 -2.95 13.85
N ARG H 30 -36.78 -3.46 12.80
CA ARG H 30 -37.33 -4.82 12.87
C ARG H 30 -36.22 -5.85 12.94
N THR H 31 -35.08 -5.59 12.30
CA THR H 31 -33.99 -6.56 12.28
C THR H 31 -33.10 -6.46 13.52
N LEU H 32 -32.87 -5.25 14.01
CA LEU H 32 -31.99 -5.05 15.17
C LEU H 32 -32.70 -5.29 16.49
N ALA H 33 -34.02 -5.41 16.52
CA ALA H 33 -34.74 -5.55 17.78
C ALA H 33 -34.47 -6.88 18.45
N LYS H 34 -34.11 -7.91 17.68
CA LYS H 34 -33.89 -9.23 18.25
C LYS H 34 -32.64 -9.28 19.13
N GLY H 35 -31.74 -8.31 19.01
CA GLY H 35 -30.56 -8.28 19.83
C GLY H 35 -29.30 -8.60 19.05
N PRO H 36 -28.15 -8.17 19.56
CA PRO H 36 -26.90 -8.40 18.84
C PRO H 36 -26.46 -9.86 18.88
N LYS H 37 -25.99 -10.35 17.75
CA LYS H 37 -25.29 -11.63 17.67
C LYS H 37 -23.85 -11.49 17.22
N THR H 38 -23.54 -10.47 16.42
CA THR H 38 -22.18 -10.13 16.02
C THR H 38 -21.96 -8.64 16.25
N THR H 39 -20.70 -8.22 16.17
CA THR H 39 -20.39 -6.80 16.34
C THR H 39 -20.95 -5.93 15.20
N THR H 40 -21.39 -6.55 14.10
CA THR H 40 -22.04 -5.78 13.03
C THR H 40 -23.33 -5.13 13.52
N TRP H 41 -23.99 -5.74 14.51
CA TRP H 41 -25.22 -5.18 15.04
C TRP H 41 -24.98 -3.81 15.66
N ILE H 42 -23.85 -3.65 16.34
CA ILE H 42 -23.55 -2.37 16.98
C ILE H 42 -23.44 -1.27 15.94
N TRP H 43 -22.71 -1.53 14.86
CA TRP H 43 -22.56 -0.52 13.81
C TRP H 43 -23.87 -0.28 13.07
N ASN H 44 -24.65 -1.34 12.85
CA ASN H 44 -25.95 -1.17 12.20
C ASN H 44 -26.90 -0.36 13.08
N LEU H 45 -26.71 -0.40 14.39
CA LEU H 45 -27.58 0.35 15.29
C LEU H 45 -27.46 1.86 15.05
N HIS H 46 -26.24 2.35 14.85
CA HIS H 46 -26.04 3.79 14.64
C HIS H 46 -26.27 4.19 13.19
N ALA H 47 -26.08 3.26 12.25
CA ALA H 47 -26.29 3.57 10.84
C ALA H 47 -27.76 3.68 10.47
N ASP H 48 -28.65 3.12 11.28
CA ASP H 48 -30.08 3.13 11.01
C ASP H 48 -30.86 3.96 12.01
N ALA H 49 -30.18 4.71 12.88
CA ALA H 49 -30.86 5.43 13.95
C ALA H 49 -31.81 6.47 13.40
N HIS H 50 -31.36 7.27 12.42
CA HIS H 50 -32.16 8.34 11.87
C HIS H 50 -32.80 7.96 10.54
N ASP H 51 -32.68 6.72 10.10
CA ASP H 51 -33.34 6.26 8.88
C ASP H 51 -34.79 5.90 9.22
N PHE H 52 -35.59 6.95 9.44
CA PHE H 52 -36.97 6.76 9.88
C PHE H 52 -37.83 6.11 8.81
N ASP H 53 -37.38 6.10 7.55
CA ASP H 53 -38.17 5.47 6.49
C ASP H 53 -38.28 3.97 6.69
N ILE H 54 -37.22 3.32 7.16
CA ILE H 54 -37.26 1.87 7.37
C ILE H 54 -37.75 1.48 8.75
N GLN H 55 -37.96 2.46 9.64
CA GLN H 55 -38.48 2.16 10.98
C GLN H 55 -40.00 2.12 11.03
N THR H 56 -40.67 2.89 10.16
CA THR H 56 -42.13 2.88 10.08
C THR H 56 -42.54 2.83 8.62
N ASN H 57 -43.73 2.30 8.38
CA ASN H 57 -44.30 2.22 7.03
C ASN H 57 -45.28 3.36 6.75
N SER H 58 -45.41 4.31 7.67
CA SER H 58 -46.36 5.40 7.56
C SER H 58 -45.61 6.72 7.39
N LEU H 59 -45.99 7.49 6.36
CA LEU H 59 -45.38 8.80 6.15
C LEU H 59 -45.64 9.74 7.32
N GLN H 60 -46.79 9.57 7.98
CA GLN H 60 -47.13 10.42 9.12
C GLN H 60 -46.12 10.25 10.26
N GLU H 61 -45.78 9.00 10.58
CA GLU H 61 -44.85 8.74 11.67
C GLU H 61 -43.46 9.28 11.33
N VAL H 62 -43.02 9.10 10.07
CA VAL H 62 -41.73 9.62 9.65
C VAL H 62 -41.72 11.14 9.76
N SER H 63 -42.82 11.79 9.35
CA SER H 63 -42.89 13.25 9.43
C SER H 63 -42.83 13.72 10.88
N ARG H 64 -43.53 13.04 11.78
CA ARG H 64 -43.51 13.44 13.18
C ARG H 64 -42.12 13.26 13.79
N LYS H 65 -41.46 12.14 13.46
CA LYS H 65 -40.09 11.92 13.94
C LYS H 65 -39.16 13.01 13.42
N ILE H 66 -39.32 13.39 12.14
CA ILE H 66 -38.49 14.43 11.55
C ILE H 66 -38.72 15.76 12.25
N PHE H 67 -39.98 16.07 12.55
CA PHE H 67 -40.32 17.33 13.21
C PHE H 67 -39.68 17.40 14.60
N SER H 68 -39.79 16.32 15.38
CA SER H 68 -39.17 16.32 16.70
C SER H 68 -37.65 16.33 16.61
N ALA H 69 -37.07 15.68 15.60
CA ALA H 69 -35.63 15.73 15.42
C ALA H 69 -35.16 17.14 15.08
N HIS H 70 -35.95 17.86 14.28
CA HIS H 70 -35.65 19.26 14.01
C HIS H 70 -35.66 20.07 15.30
N PHE H 71 -36.64 19.81 16.17
CA PHE H 71 -36.67 20.52 17.44
C PHE H 71 -35.44 20.21 18.29
N GLY H 72 -35.03 18.94 18.33
CA GLY H 72 -33.82 18.59 19.06
C GLY H 72 -32.59 19.26 18.50
N GLN H 73 -32.49 19.33 17.16
CA GLN H 73 -31.35 19.98 16.53
C GLN H 73 -31.32 21.47 16.85
N LEU H 74 -32.49 22.12 16.82
CA LEU H 74 -32.53 23.54 17.15
C LEU H 74 -32.21 23.78 18.62
N ALA H 75 -32.60 22.86 19.51
CA ALA H 75 -32.20 22.96 20.91
C ALA H 75 -30.69 22.83 21.05
N VAL H 76 -30.08 21.93 20.29
CA VAL H 76 -28.61 21.79 20.33
C VAL H 76 -27.95 23.07 19.84
N ILE H 77 -28.48 23.65 18.75
CA ILE H 77 -27.92 24.89 18.22
C ILE H 77 -28.04 26.02 19.24
N PHE H 78 -29.20 26.11 19.90
CA PHE H 78 -29.39 27.14 20.92
C PHE H 78 -28.44 26.95 22.09
N LEU H 79 -28.21 25.69 22.50
CA LEU H 79 -27.25 25.43 23.55
C LEU H 79 -25.84 25.85 23.13
N TRP H 80 -25.47 25.58 21.88
CA TRP H 80 -24.17 26.00 21.37
C TRP H 80 -24.03 27.52 21.38
N LEU H 81 -25.08 28.23 20.94
CA LEU H 81 -25.03 29.69 20.95
C LEU H 81 -24.97 30.23 22.37
N SER H 82 -25.71 29.62 23.29
CA SER H 82 -25.65 30.02 24.70
C SER H 82 -24.25 29.82 25.26
N GLY H 83 -23.61 28.71 24.89
CA GLY H 83 -22.24 28.50 25.32
C GLY H 83 -21.28 29.55 24.77
N MET H 84 -21.46 29.93 23.51
CA MET H 84 -20.61 30.96 22.93
C MET H 84 -20.78 32.27 23.66
N HIS H 85 -22.03 32.65 23.93
CA HIS H 85 -22.27 33.91 24.63
C HIS H 85 -21.77 33.87 26.07
N PHE H 86 -21.90 32.71 26.72
CA PHE H 86 -21.40 32.56 28.09
C PHE H 86 -19.88 32.69 28.13
N HIS H 87 -19.19 32.08 27.15
CA HIS H 87 -17.74 32.21 27.09
C HIS H 87 -17.33 33.66 26.82
N GLY H 88 -18.07 34.35 25.94
CA GLY H 88 -17.81 35.76 25.74
C GLY H 88 -18.00 36.57 27.00
N ALA H 89 -18.99 36.20 27.80
CA ALA H 89 -19.28 36.96 29.02
C ALA H 89 -18.25 36.71 30.11
N TYR H 90 -17.79 35.46 30.25
CA TYR H 90 -17.00 35.07 31.41
C TYR H 90 -15.53 34.80 31.12
N PHE H 91 -15.20 34.21 29.98
CA PHE H 91 -13.83 33.78 29.70
C PHE H 91 -13.28 34.50 28.47
N SER H 92 -13.56 35.80 28.35
CA SER H 92 -13.17 36.56 27.17
C SER H 92 -12.64 37.91 27.58
N ASN H 93 -11.97 38.56 26.63
CA ASN H 93 -11.47 39.93 26.77
C ASN H 93 -12.27 40.88 25.90
N TYR H 94 -13.58 40.66 25.82
CA TYR H 94 -14.43 41.45 24.94
C TYR H 94 -14.44 42.91 25.35
N SER H 95 -14.48 43.19 26.65
CA SER H 95 -14.46 44.57 27.10
C SER H 95 -13.17 45.27 26.72
N ALA H 96 -12.04 44.58 26.86
CA ALA H 96 -10.76 45.15 26.45
C ALA H 96 -10.69 45.31 24.94
N TRP H 97 -11.24 44.36 24.19
CA TRP H 97 -11.24 44.44 22.74
C TRP H 97 -12.10 45.59 22.24
N LEU H 98 -13.17 45.92 22.97
CA LEU H 98 -14.03 47.03 22.55
C LEU H 98 -13.27 48.35 22.54
N THR H 99 -12.43 48.58 23.55
CA THR H 99 -11.67 49.82 23.65
C THR H 99 -10.45 49.86 22.73
N ASN H 100 -10.06 48.73 22.16
CA ASN H 100 -8.90 48.67 21.26
C ASN H 100 -9.10 47.55 20.24
N PRO H 101 -10.05 47.74 19.33
CA PRO H 101 -10.33 46.68 18.34
C PRO H 101 -9.17 46.40 17.40
N THR H 102 -8.34 47.39 17.10
CA THR H 102 -7.29 47.24 16.10
C THR H 102 -5.98 46.72 16.68
N SER H 103 -5.86 46.62 18.01
CA SER H 103 -4.62 46.17 18.63
C SER H 103 -4.79 45.01 19.60
N THR H 104 -6.02 44.58 19.87
CA THR H 104 -6.29 43.45 20.77
C THR H 104 -6.88 42.31 19.95
N LYS H 105 -6.31 41.13 20.13
CA LYS H 105 -6.80 39.95 19.40
C LYS H 105 -7.96 39.32 20.17
N PRO H 106 -9.07 39.00 19.52
CA PRO H 106 -10.22 38.44 20.23
C PRO H 106 -9.92 37.06 20.79
N SER H 107 -10.16 36.89 22.09
CA SER H 107 -10.00 35.61 22.75
C SER H 107 -11.18 35.37 23.67
N ALA H 108 -11.75 34.16 23.61
CA ALA H 108 -12.92 33.84 24.42
C ALA H 108 -12.85 32.43 24.99
N GLN H 109 -11.65 31.86 25.12
CA GLN H 109 -11.50 30.53 25.71
C GLN H 109 -10.15 30.48 26.42
N ILE H 110 -10.18 30.34 27.75
CA ILE H 110 -8.96 30.18 28.53
C ILE H 110 -8.76 28.71 28.81
N VAL H 111 -7.49 28.32 28.97
CA VAL H 111 -7.10 26.92 29.08
C VAL H 111 -6.58 26.68 30.49
N TRP H 112 -7.06 25.60 31.11
CA TRP H 112 -6.65 25.26 32.45
C TRP H 112 -5.16 24.93 32.50
N PRO H 113 -4.49 25.22 33.61
CA PRO H 113 -3.05 24.89 33.75
C PRO H 113 -2.80 23.45 34.19
N ILE H 114 -2.86 22.53 33.23
CA ILE H 114 -2.57 21.12 33.47
C ILE H 114 -1.56 20.65 32.43
N VAL H 115 -0.80 19.62 32.80
CA VAL H 115 0.20 18.95 31.97
C VAL H 115 0.97 19.92 31.08
N GLY H 116 1.18 21.15 31.55
CA GLY H 116 1.91 22.13 30.80
C GLY H 116 1.16 22.75 29.64
N GLN H 117 -0.15 22.54 29.53
CA GLN H 117 -0.93 23.05 28.42
C GLN H 117 -1.24 24.54 28.54
N GLU H 118 -0.87 25.18 29.65
CA GLU H 118 -1.16 26.59 29.83
C GLU H 118 -0.39 27.48 28.87
N VAL H 119 0.59 26.93 28.15
CA VAL H 119 1.26 27.68 27.09
C VAL H 119 0.28 28.08 26.00
N LEU H 120 -0.84 27.37 25.87
CA LEU H 120 -1.84 27.71 24.87
C LEU H 120 -2.51 29.04 25.15
N ASN H 121 -2.46 29.52 26.39
CA ASN H 121 -3.02 30.83 26.72
C ASN H 121 -2.09 31.91 26.14
N ALA H 122 -2.48 32.46 25.00
CA ALA H 122 -1.62 33.34 24.23
C ALA H 122 -1.69 34.78 24.76
N ASP H 123 -0.79 35.63 24.26
CA ASP H 123 -0.80 37.04 24.63
C ASP H 123 -1.71 37.78 23.67
N VAL H 124 -3.00 37.58 23.81
CA VAL H 124 -4.01 38.18 22.94
C VAL H 124 -4.19 39.67 23.20
N GLY H 125 -3.59 40.20 24.27
CA GLY H 125 -3.69 41.60 24.59
C GLY H 125 -4.83 41.91 25.53
N GLY H 126 -4.84 43.15 26.02
CA GLY H 126 -5.84 43.58 26.98
C GLY H 126 -5.76 42.90 28.32
N ASN H 127 -4.54 42.67 28.81
CA ASN H 127 -4.36 42.00 30.09
C ASN H 127 -5.16 40.71 30.12
N PHE H 128 -4.98 39.89 29.10
CA PHE H 128 -5.72 38.63 29.00
C PHE H 128 -4.84 37.55 28.43
N GLN H 129 -5.09 36.32 28.85
CA GLN H 129 -4.41 35.13 28.33
C GLN H 129 -5.46 34.13 27.90
N GLY H 130 -5.33 33.61 26.69
CA GLY H 130 -6.30 32.65 26.20
C GLY H 130 -6.03 32.32 24.75
N ILE H 131 -6.97 31.57 24.17
CA ILE H 131 -6.87 31.14 22.78
C ILE H 131 -7.52 32.19 21.90
N GLN H 132 -6.78 32.64 20.87
CA GLN H 132 -7.33 33.61 19.95
C GLN H 132 -8.51 33.02 19.19
N ILE H 133 -9.57 33.81 19.07
CA ILE H 133 -10.84 33.36 18.49
C ILE H 133 -10.93 33.85 17.06
N THR H 134 -11.22 32.94 16.13
CA THR H 134 -11.32 33.25 14.71
C THR H 134 -12.74 33.11 14.19
N SER H 135 -13.74 33.03 15.08
CA SER H 135 -15.13 32.93 14.67
C SER H 135 -15.80 34.28 14.53
N GLY H 136 -15.11 35.38 14.85
CA GLY H 136 -15.66 36.70 14.63
C GLY H 136 -16.83 37.07 15.52
N PHE H 137 -16.95 36.43 16.69
CA PHE H 137 -18.06 36.75 17.57
C PHE H 137 -17.94 38.17 18.14
N PHE H 138 -16.70 38.61 18.40
CA PHE H 138 -16.50 39.95 18.95
C PHE H 138 -17.02 41.02 17.99
N GLN H 139 -16.71 40.88 16.71
CA GLN H 139 -17.18 41.83 15.72
C GLN H 139 -18.69 41.77 15.57
N LEU H 140 -19.26 40.56 15.59
CA LEU H 140 -20.72 40.43 15.52
C LEU H 140 -21.39 41.07 16.73
N TRP H 141 -20.85 40.84 17.92
CA TRP H 141 -21.43 41.44 19.13
C TRP H 141 -21.32 42.96 19.10
N ARG H 142 -20.19 43.48 18.59
CA ARG H 142 -20.05 44.92 18.45
C ARG H 142 -21.06 45.48 17.46
N ALA H 143 -21.28 44.76 16.35
CA ALA H 143 -22.29 45.19 15.38
C ALA H 143 -23.69 45.13 15.97
N GLU H 144 -23.92 44.24 16.94
CA GLU H 144 -25.21 44.17 17.62
C GLU H 144 -25.40 45.27 18.64
N GLY H 145 -24.36 46.06 18.91
CA GLY H 145 -24.44 47.07 19.94
C GLY H 145 -24.13 46.58 21.34
N ILE H 146 -23.71 45.33 21.49
CA ILE H 146 -23.39 44.78 22.81
C ILE H 146 -22.09 45.41 23.28
N THR H 147 -22.16 46.22 24.34
CA THR H 147 -21.00 46.94 24.86
C THR H 147 -20.59 46.47 26.24
N SER H 148 -21.24 45.46 26.80
CA SER H 148 -20.92 44.97 28.13
C SER H 148 -21.02 43.46 28.15
N GLU H 149 -20.26 42.84 29.06
CA GLU H 149 -20.31 41.39 29.22
C GLU H 149 -21.57 40.94 29.95
N VAL H 150 -22.26 41.85 30.64
CA VAL H 150 -23.54 41.50 31.25
C VAL H 150 -24.57 41.15 30.18
N GLU H 151 -24.57 41.90 29.08
CA GLU H 151 -25.48 41.60 27.98
C GLU H 151 -25.16 40.24 27.37
N LEU H 152 -23.88 39.90 27.28
CA LEU H 152 -23.52 38.56 26.80
C LEU H 152 -24.03 37.49 27.76
N TYR H 153 -23.92 37.72 29.06
CA TYR H 153 -24.45 36.76 30.04
C TYR H 153 -25.95 36.59 29.89
N TRP H 154 -26.68 37.69 29.69
CA TRP H 154 -28.12 37.60 29.56
C TRP H 154 -28.52 36.93 28.26
N THR H 155 -27.75 37.16 27.18
CA THR H 155 -28.00 36.44 25.94
C THR H 155 -27.74 34.95 26.10
N ALA H 156 -26.71 34.59 26.88
CA ALA H 156 -26.46 33.17 27.15
C ALA H 156 -27.59 32.55 27.95
N VAL H 157 -28.11 33.28 28.93
CA VAL H 157 -29.25 32.77 29.71
C VAL H 157 -30.47 32.59 28.82
N GLY H 158 -30.73 33.57 27.95
CA GLY H 158 -31.82 33.44 27.01
C GLY H 158 -31.64 32.28 26.07
N GLY H 159 -30.39 32.02 25.66
CA GLY H 159 -30.11 30.87 24.81
C GLY H 159 -30.37 29.56 25.52
N LEU H 160 -30.00 29.47 26.79
CA LEU H 160 -30.31 28.28 27.57
C LEU H 160 -31.81 28.07 27.69
N VAL H 161 -32.55 29.14 27.98
CA VAL H 161 -34.00 29.04 28.09
C VAL H 161 -34.60 28.61 26.75
N ALA H 162 -34.11 29.18 25.66
CA ALA H 162 -34.61 28.81 24.33
C ALA H 162 -34.30 27.35 24.01
N SER H 163 -33.11 26.87 24.38
CA SER H 163 -32.77 25.48 24.14
C SER H 163 -33.70 24.55 24.91
N PHE H 164 -33.98 24.87 26.17
CA PHE H 164 -34.94 24.07 26.92
C PHE H 164 -36.31 24.12 26.27
N LEU H 165 -36.70 25.30 25.77
CA LEU H 165 -38.00 25.43 25.11
C LEU H 165 -38.09 24.55 23.87
N MET H 166 -37.01 24.49 23.10
CA MET H 166 -37.04 23.65 21.89
C MET H 166 -37.06 22.17 22.25
N LEU H 167 -36.32 21.79 23.30
CA LEU H 167 -36.41 20.40 23.77
C LEU H 167 -37.83 20.06 24.18
N PHE H 168 -38.48 20.95 24.95
CA PHE H 168 -39.85 20.71 25.37
C PHE H 168 -40.78 20.66 24.18
N ALA H 169 -40.54 21.50 23.16
CA ALA H 169 -41.38 21.49 21.97
C ALA H 169 -41.26 20.16 21.23
N GLY H 170 -40.05 19.64 21.10
CA GLY H 170 -39.88 18.34 20.46
C GLY H 170 -40.57 17.24 21.22
N TRP H 171 -40.40 17.21 22.54
CA TRP H 171 -41.10 16.20 23.33
C TRP H 171 -42.61 16.36 23.21
N PHE H 172 -43.11 17.59 23.25
CA PHE H 172 -44.54 17.83 23.17
C PHE H 172 -45.10 17.36 21.84
N HIS H 173 -44.41 17.66 20.75
CA HIS H 173 -44.92 17.35 19.43
C HIS H 173 -44.60 15.95 18.98
N TYR H 174 -43.86 15.16 19.78
CA TYR H 174 -43.85 13.73 19.51
C TYR H 174 -44.73 12.93 20.45
N HIS H 175 -44.90 13.35 21.71
CA HIS H 175 -45.55 12.52 22.71
C HIS H 175 -46.90 13.03 23.17
N LYS H 176 -47.16 14.34 23.08
CA LYS H 176 -48.38 14.93 23.60
C LYS H 176 -49.33 15.41 22.52
N ALA H 177 -48.81 16.07 21.47
CA ALA H 177 -49.65 16.53 20.37
C ALA H 177 -48.81 16.49 19.10
N ALA H 178 -48.91 15.37 18.38
CA ALA H 178 -48.15 15.19 17.15
C ALA H 178 -49.00 15.60 15.95
N PRO H 179 -48.49 16.46 15.07
CA PRO H 179 -49.28 16.89 13.92
C PRO H 179 -49.54 15.76 12.95
N LYS H 180 -50.63 15.90 12.21
CA LYS H 180 -51.03 14.88 11.24
C LYS H 180 -50.35 15.12 9.90
N LEU H 181 -50.51 14.16 8.99
CA LEU H 181 -49.85 14.23 7.69
C LEU H 181 -50.36 15.42 6.89
N GLU H 182 -51.66 15.71 6.97
CA GLU H 182 -52.22 16.82 6.21
C GLU H 182 -51.63 18.14 6.67
N TRP H 183 -51.33 18.26 7.96
CA TRP H 183 -50.66 19.46 8.46
C TRP H 183 -49.28 19.60 7.85
N PHE H 184 -48.52 18.50 7.77
CA PHE H 184 -47.18 18.55 7.20
C PHE H 184 -47.22 18.83 5.70
N GLN H 185 -48.26 18.39 5.01
CA GLN H 185 -48.34 18.50 3.56
C GLN H 185 -48.90 19.84 3.10
N ASN H 186 -49.18 20.77 4.02
CA ASN H 186 -49.61 22.11 3.65
C ASN H 186 -48.38 22.93 3.24
N VAL H 187 -47.83 22.57 2.08
CA VAL H 187 -46.63 23.23 1.61
C VAL H 187 -46.92 24.68 1.22
N GLU H 188 -48.14 24.98 0.78
CA GLU H 188 -48.49 26.36 0.48
C GLU H 188 -48.50 27.20 1.75
N SER H 189 -49.15 26.71 2.80
CA SER H 189 -49.16 27.43 4.07
C SER H 189 -47.77 27.51 4.66
N MET H 190 -47.00 26.42 4.57
CA MET H 190 -45.64 26.42 5.10
C MET H 190 -44.77 27.45 4.39
N LEU H 191 -44.87 27.50 3.05
CA LEU H 191 -44.09 28.47 2.30
C LEU H 191 -44.53 29.89 2.63
N ASN H 192 -45.84 30.12 2.72
CA ASN H 192 -46.33 31.44 3.07
C ASN H 192 -45.76 31.89 4.41
N HIS H 193 -45.78 31.00 5.39
CA HIS H 193 -45.31 31.37 6.73
C HIS H 193 -43.80 31.54 6.75
N HIS H 194 -43.05 30.61 6.17
CA HIS H 194 -41.60 30.72 6.19
C HIS H 194 -41.12 31.94 5.42
N LEU H 195 -41.87 32.37 4.41
CA LEU H 195 -41.46 33.54 3.63
C LEU H 195 -41.86 34.83 4.32
N ALA H 196 -43.12 34.93 4.80
CA ALA H 196 -43.53 36.16 5.46
C ALA H 196 -43.05 36.17 6.90
N GLY H 197 -43.61 35.30 7.75
CA GLY H 197 -43.27 35.31 9.15
C GLY H 197 -41.79 35.14 9.40
N LEU H 198 -41.25 33.95 9.16
CA LEU H 198 -39.86 33.68 9.50
C LEU H 198 -38.93 34.70 8.84
N LEU H 199 -38.82 34.66 7.52
CA LEU H 199 -37.83 35.49 6.84
C LEU H 199 -38.18 36.97 6.95
N GLY H 200 -39.36 37.37 6.47
CA GLY H 200 -39.68 38.79 6.43
C GLY H 200 -39.77 39.42 7.80
N LEU H 201 -40.47 38.78 8.74
CA LEU H 201 -40.60 39.36 10.06
C LEU H 201 -39.29 39.29 10.84
N GLY H 202 -38.43 38.31 10.57
CA GLY H 202 -37.11 38.34 11.17
C GLY H 202 -36.27 39.48 10.64
N SER H 203 -36.33 39.73 9.34
CA SER H 203 -35.64 40.88 8.77
C SER H 203 -36.20 42.18 9.34
N LEU H 204 -37.52 42.27 9.50
CA LEU H 204 -38.14 43.47 10.05
C LEU H 204 -37.73 43.69 11.50
N SER H 205 -37.76 42.63 12.31
CA SER H 205 -37.36 42.75 13.70
C SER H 205 -35.89 43.11 13.83
N TRP H 206 -35.04 42.52 12.98
CA TRP H 206 -33.62 42.87 13.03
C TRP H 206 -33.37 44.29 12.56
N ALA H 207 -34.13 44.75 11.57
CA ALA H 207 -34.04 46.14 11.16
C ALA H 207 -34.44 47.07 12.28
N GLY H 208 -35.51 46.72 13.01
CA GLY H 208 -35.89 47.51 14.17
C GLY H 208 -34.80 47.56 15.22
N HIS H 209 -34.22 46.40 15.53
CA HIS H 209 -33.14 46.36 16.51
C HIS H 209 -31.95 47.19 16.05
N GLN H 210 -31.56 47.05 14.78
CA GLN H 210 -30.43 47.82 14.28
C GLN H 210 -30.70 49.31 14.41
N ILE H 211 -31.87 49.75 13.92
CA ILE H 211 -32.21 51.17 13.91
C ILE H 211 -32.24 51.73 15.32
N HIS H 212 -32.78 50.99 16.28
CA HIS H 212 -32.98 51.56 17.61
C HIS H 212 -31.86 51.28 18.59
N ILE H 213 -30.98 50.30 18.31
CA ILE H 213 -29.96 49.90 19.25
C ILE H 213 -28.59 49.93 18.57
N ALA H 214 -28.47 49.23 17.44
CA ALA H 214 -27.17 49.07 16.82
C ALA H 214 -26.71 50.35 16.13
N LEU H 215 -27.62 51.04 15.47
CA LEU H 215 -27.26 52.30 14.81
C LEU H 215 -26.74 53.35 15.79
N PRO H 216 -27.41 53.65 16.91
CA PRO H 216 -26.86 54.69 17.79
C PRO H 216 -25.63 54.25 18.55
N ILE H 217 -25.63 53.03 19.07
CA ILE H 217 -24.52 52.56 19.89
C ILE H 217 -23.24 52.48 19.06
N ASN H 218 -23.34 51.93 17.85
CA ASN H 218 -22.16 51.83 17.01
C ASN H 218 -21.69 53.18 16.51
N LYS H 219 -22.62 54.10 16.24
CA LYS H 219 -22.22 55.45 15.86
C LYS H 219 -21.47 56.14 16.99
N LEU H 220 -21.94 55.96 18.23
CA LEU H 220 -21.22 56.51 19.38
C LEU H 220 -19.86 55.84 19.55
N LEU H 221 -19.79 54.53 19.33
CA LEU H 221 -18.52 53.83 19.43
C LEU H 221 -17.52 54.33 18.41
N ASP H 222 -17.97 54.54 17.17
CA ASP H 222 -17.07 55.05 16.12
C ASP H 222 -16.67 56.49 16.39
N LEU H 223 -17.52 57.26 17.06
CA LEU H 223 -17.18 58.63 17.42
C LEU H 223 -16.13 58.72 18.51
N GLY H 224 -15.78 57.60 19.14
CA GLY H 224 -14.78 57.58 20.18
C GLY H 224 -15.34 57.52 21.59
N VAL H 225 -16.66 57.47 21.75
CA VAL H 225 -17.26 57.38 23.08
C VAL H 225 -16.97 56.01 23.67
N SER H 226 -16.44 55.99 24.89
CA SER H 226 -16.11 54.74 25.53
C SER H 226 -17.39 53.97 25.89
N PRO H 227 -17.33 52.64 25.92
CA PRO H 227 -18.55 51.85 26.18
C PRO H 227 -19.18 52.13 27.53
N GLU H 228 -18.42 52.63 28.51
CA GLU H 228 -18.99 52.84 29.84
C GLU H 228 -19.92 54.05 29.87
N GLU H 229 -19.60 55.10 29.12
CA GLU H 229 -20.44 56.29 29.08
C GLU H 229 -21.49 56.24 27.97
N ILE H 230 -21.52 55.18 27.19
CA ILE H 230 -22.60 55.00 26.22
C ILE H 230 -23.88 54.63 26.96
N PRO H 231 -25.01 55.24 26.63
CA PRO H 231 -26.25 54.93 27.36
C PRO H 231 -26.66 53.48 27.16
N LEU H 232 -27.38 52.95 28.14
CA LEU H 232 -27.89 51.60 28.03
C LEU H 232 -28.88 51.51 26.86
N PRO H 233 -28.96 50.37 26.18
CA PRO H 233 -29.74 50.29 24.95
C PRO H 233 -31.20 50.66 25.11
N TYR H 234 -31.81 50.35 26.26
CA TYR H 234 -33.21 50.68 26.44
C TYR H 234 -33.44 52.18 26.51
N GLU H 235 -32.43 52.94 26.92
CA GLU H 235 -32.57 54.39 26.99
C GLU H 235 -32.68 55.02 25.61
N PHE H 236 -32.22 54.33 24.56
CA PHE H 236 -32.38 54.86 23.21
C PHE H 236 -33.82 54.74 22.72
N ILE H 237 -34.64 53.95 23.39
CA ILE H 237 -36.05 53.79 23.04
C ILE H 237 -36.94 54.71 23.89
N LEU H 238 -36.70 54.73 25.20
CA LEU H 238 -37.51 55.58 26.08
C LEU H 238 -37.23 57.05 25.84
N ASN H 239 -36.03 57.40 25.37
CA ASN H 239 -35.65 58.79 25.14
C ASN H 239 -35.40 58.98 23.65
N ARG H 240 -36.30 59.71 22.99
CA ARG H 240 -36.18 60.02 21.57
C ARG H 240 -35.15 61.12 21.31
N ASP H 241 -34.41 61.55 22.33
CA ASP H 241 -33.41 62.59 22.17
C ASP H 241 -31.99 62.06 22.15
N LEU H 242 -31.75 60.87 22.67
CA LEU H 242 -30.42 60.25 22.59
C LEU H 242 -30.11 59.74 21.20
N ILE H 243 -31.13 59.45 20.40
CA ILE H 243 -30.95 58.89 19.06
C ILE H 243 -31.18 59.99 18.02
N ALA H 244 -31.96 61.01 18.39
CA ALA H 244 -32.19 62.13 17.49
C ALA H 244 -31.01 63.08 17.41
N GLN H 245 -30.02 62.94 18.28
CA GLN H 245 -28.80 63.73 18.15
C GLN H 245 -27.85 63.10 17.13
N LEU H 246 -27.74 61.78 17.15
CA LEU H 246 -26.89 61.10 16.17
C LEU H 246 -27.55 61.07 14.80
N TYR H 247 -28.86 60.82 14.76
CA TYR H 247 -29.64 60.79 13.51
C TYR H 247 -30.79 61.77 13.67
N PRO H 248 -30.64 63.02 13.21
CA PRO H 248 -31.66 64.06 13.44
C PRO H 248 -32.89 63.92 12.55
N SER H 249 -33.39 62.70 12.44
CA SER H 249 -34.64 62.42 11.74
C SER H 249 -35.67 61.72 12.61
N PHE H 250 -35.28 61.25 13.79
CA PHE H 250 -36.25 60.68 14.72
C PHE H 250 -37.13 61.74 15.36
N ASN H 251 -36.73 63.02 15.27
CA ASN H 251 -37.55 64.09 15.82
C ASN H 251 -38.91 64.19 15.14
N LYS H 252 -39.03 63.69 13.91
CA LYS H 252 -40.30 63.67 13.21
C LYS H 252 -41.15 62.46 13.53
N GLY H 253 -40.61 61.51 14.29
CA GLY H 253 -41.38 60.33 14.67
C GLY H 253 -41.69 59.44 13.48
N LEU H 254 -42.81 58.73 13.59
CA LEU H 254 -43.27 57.84 12.52
C LEU H 254 -44.20 58.53 11.54
N THR H 255 -44.43 59.84 11.70
CA THR H 255 -45.26 60.56 10.73
C THR H 255 -44.73 60.48 9.30
N PRO H 256 -43.43 60.66 9.02
CA PRO H 256 -42.96 60.49 7.64
C PRO H 256 -43.24 59.12 7.07
N PHE H 257 -43.22 58.07 7.91
CA PHE H 257 -43.51 56.73 7.42
C PHE H 257 -44.95 56.60 6.96
N PHE H 258 -45.90 57.04 7.79
CA PHE H 258 -47.31 56.89 7.47
C PHE H 258 -47.82 57.92 6.47
N THR H 259 -47.06 58.99 6.25
CA THR H 259 -47.42 60.00 5.25
C THR H 259 -46.66 59.80 3.94
N LEU H 260 -46.00 58.65 3.77
CA LEU H 260 -45.25 58.28 2.58
C LEU H 260 -44.09 59.21 2.30
N ASN H 261 -43.70 60.04 3.27
CA ASN H 261 -42.55 60.92 3.12
C ASN H 261 -41.28 60.22 3.60
N TRP H 262 -40.99 59.08 2.96
CA TRP H 262 -39.88 58.22 3.36
C TRP H 262 -38.53 58.86 3.11
N GLY H 263 -38.47 59.97 2.37
CA GLY H 263 -37.21 60.66 2.18
C GLY H 263 -36.64 61.27 3.44
N GLU H 264 -37.49 61.54 4.44
CA GLU H 264 -37.02 62.09 5.69
C GLU H 264 -36.10 61.13 6.43
N TYR H 265 -36.29 59.83 6.26
CA TYR H 265 -35.52 58.81 6.96
C TYR H 265 -34.19 58.51 6.28
N SER H 266 -33.73 59.38 5.37
CA SER H 266 -32.45 59.16 4.72
C SER H 266 -31.27 59.31 5.69
N ASP H 267 -31.51 59.83 6.90
CA ASP H 267 -30.44 59.96 7.87
C ASP H 267 -29.90 58.60 8.29
N PHE H 268 -30.79 57.64 8.56
CA PHE H 268 -30.39 56.32 9.04
C PHE H 268 -30.75 55.20 8.09
N LEU H 269 -31.44 55.48 6.99
CA LEU H 269 -31.69 54.50 5.93
C LEU H 269 -30.99 55.02 4.69
N THR H 270 -29.70 54.73 4.58
CA THR H 270 -28.88 55.24 3.49
C THR H 270 -28.66 54.16 2.44
N PHE H 271 -28.10 54.59 1.31
CA PHE H 271 -27.64 53.67 0.27
C PHE H 271 -26.28 54.22 -0.18
N LYS H 272 -25.22 53.78 0.49
CA LYS H 272 -23.88 54.33 0.30
C LYS H 272 -22.95 53.38 -0.41
N GLY H 273 -22.97 52.10 -0.08
CA GLY H 273 -21.99 51.19 -0.61
C GLY H 273 -20.65 51.39 0.07
N GLY H 274 -19.66 50.65 -0.43
CA GLY H 274 -18.33 50.77 0.13
C GLY H 274 -18.28 50.27 1.56
N LEU H 275 -17.36 50.85 2.34
CA LEU H 275 -17.13 50.46 3.71
C LEU H 275 -17.03 51.69 4.60
N ASN H 276 -17.32 51.50 5.87
CA ASN H 276 -17.13 52.56 6.86
C ASN H 276 -15.64 52.82 7.02
N PRO H 277 -15.17 54.06 6.79
CA PRO H 277 -13.73 54.32 6.90
C PRO H 277 -13.19 54.15 8.32
N VAL H 278 -14.05 54.22 9.34
CA VAL H 278 -13.58 54.08 10.71
C VAL H 278 -13.38 52.62 11.08
N THR H 279 -14.37 51.77 10.76
CA THR H 279 -14.35 50.38 11.18
C THR H 279 -13.96 49.42 10.06
N GLY H 280 -14.08 49.83 8.80
CA GLY H 280 -13.78 48.95 7.70
C GLY H 280 -14.90 48.02 7.30
N GLY H 281 -16.04 48.06 8.01
CA GLY H 281 -17.19 47.25 7.67
C GLY H 281 -18.23 48.03 6.90
N LEU H 282 -19.31 47.33 6.55
CA LEU H 282 -20.41 47.96 5.85
C LEU H 282 -21.08 49.00 6.74
N TRP H 283 -21.58 50.07 6.11
CA TRP H 283 -22.34 51.08 6.84
C TRP H 283 -23.57 50.44 7.46
N LEU H 284 -23.71 50.56 8.77
CA LEU H 284 -24.83 49.94 9.45
C LEU H 284 -26.16 50.58 9.07
N THR H 285 -26.14 51.85 8.64
CA THR H 285 -27.35 52.43 8.06
C THR H 285 -27.75 51.70 6.78
N ASP H 286 -26.75 51.39 5.94
CA ASP H 286 -27.01 50.57 4.76
C ASP H 286 -27.55 49.21 5.15
N THR H 287 -26.99 48.60 6.20
CA THR H 287 -27.45 47.29 6.65
C THR H 287 -28.90 47.34 7.13
N ALA H 288 -29.25 48.38 7.89
CA ALA H 288 -30.63 48.51 8.36
C ALA H 288 -31.59 48.72 7.20
N HIS H 289 -31.22 49.58 6.25
CA HIS H 289 -32.06 49.77 5.07
C HIS H 289 -32.20 48.47 4.29
N HIS H 290 -31.10 47.72 4.17
CA HIS H 290 -31.14 46.44 3.48
C HIS H 290 -32.11 45.48 4.15
N HIS H 291 -32.04 45.37 5.47
CA HIS H 291 -32.92 44.44 6.17
C HIS H 291 -34.37 44.88 6.07
N LEU H 292 -34.62 46.19 6.10
CA LEU H 292 -35.97 46.68 5.91
C LEU H 292 -36.52 46.30 4.55
N ALA H 293 -35.72 46.53 3.50
CA ALA H 293 -36.17 46.19 2.15
C ALA H 293 -36.39 44.69 2.01
N ILE H 294 -35.49 43.90 2.60
CA ILE H 294 -35.63 42.44 2.57
C ILE H 294 -36.89 42.00 3.28
N ALA H 295 -37.20 42.64 4.42
CA ALA H 295 -38.40 42.32 5.16
C ALA H 295 -39.64 42.60 4.32
N VAL H 296 -39.71 43.77 3.69
CA VAL H 296 -40.87 44.10 2.88
C VAL H 296 -41.00 43.13 1.72
N LEU H 297 -39.88 42.83 1.04
CA LEU H 297 -39.91 41.92 -0.10
C LEU H 297 -40.37 40.53 0.31
N PHE H 298 -39.89 40.03 1.45
CA PHE H 298 -40.25 38.67 1.86
C PHE H 298 -41.68 38.60 2.37
N ILE H 299 -42.15 39.65 3.06
CA ILE H 299 -43.54 39.68 3.49
C ILE H 299 -44.45 39.67 2.26
N VAL H 300 -44.12 40.48 1.25
CA VAL H 300 -44.89 40.48 0.01
C VAL H 300 -44.87 39.09 -0.62
N ALA H 301 -43.68 38.49 -0.69
CA ALA H 301 -43.54 37.17 -1.31
C ALA H 301 -44.29 36.09 -0.55
N GLY H 302 -44.59 36.30 0.73
CA GLY H 302 -45.32 35.32 1.50
C GLY H 302 -46.80 35.24 1.17
N HIS H 303 -47.35 36.24 0.49
CA HIS H 303 -48.75 36.23 0.07
C HIS H 303 -48.89 35.72 -1.36
N MET H 304 -48.35 34.54 -1.64
CA MET H 304 -48.35 34.01 -3.00
C MET H 304 -49.17 32.75 -3.16
N TYR H 305 -49.11 31.83 -2.21
CA TYR H 305 -49.70 30.51 -2.37
C TYR H 305 -51.04 30.44 -1.64
N LYS H 306 -52.00 29.76 -2.26
CA LYS H 306 -53.34 29.63 -1.70
C LYS H 306 -53.33 28.65 -0.53
N THR H 307 -53.75 29.12 0.64
CA THR H 307 -53.73 28.30 1.84
C THR H 307 -55.13 27.99 2.37
N ASN H 308 -55.92 29.00 2.70
CA ASN H 308 -57.22 28.77 3.32
C ASN H 308 -58.34 29.64 2.78
N TRP H 309 -58.05 30.58 1.89
CA TRP H 309 -59.06 31.43 1.27
C TRP H 309 -59.02 31.24 -0.24
N PHE H 310 -59.99 31.85 -0.92
CA PHE H 310 -59.97 31.89 -2.39
C PHE H 310 -59.04 33.03 -2.82
N LEU H 311 -57.74 32.79 -2.62
CA LEU H 311 -56.73 33.80 -2.88
C LEU H 311 -55.37 33.11 -2.85
N GLY H 312 -54.53 33.44 -3.83
CA GLY H 312 -53.20 32.87 -3.92
C GLY H 312 -53.10 31.82 -5.01
N HIS H 313 -51.92 31.21 -5.07
CA HIS H 313 -51.60 30.23 -6.08
C HIS H 313 -51.66 28.82 -5.51
N SER H 314 -51.93 27.86 -6.39
CA SER H 314 -51.74 26.45 -6.10
C SER H 314 -50.49 25.99 -6.83
N ILE H 315 -49.52 25.46 -6.09
CA ILE H 315 -48.27 25.03 -6.70
C ILE H 315 -48.51 23.91 -7.69
N LYS H 316 -49.54 23.08 -7.46
CA LYS H 316 -49.88 22.03 -8.41
C LYS H 316 -50.29 22.61 -9.75
N THR H 317 -51.11 23.66 -9.75
CA THR H 317 -51.56 24.25 -11.01
C THR H 317 -50.43 24.98 -11.73
N ILE H 318 -49.51 25.60 -10.98
CA ILE H 318 -48.38 26.28 -11.60
C ILE H 318 -47.48 25.27 -12.30
N LEU H 319 -47.12 24.19 -11.61
CA LEU H 319 -46.20 23.20 -12.18
C LEU H 319 -46.82 22.50 -13.38
N GLU H 320 -48.09 22.12 -13.28
CA GLU H 320 -48.71 21.35 -14.36
C GLU H 320 -48.91 22.17 -15.63
N ALA H 321 -48.88 23.49 -15.54
CA ALA H 321 -49.03 24.34 -16.71
C ALA H 321 -47.71 24.60 -17.43
N HIS H 322 -46.58 24.18 -16.85
CA HIS H 322 -45.27 24.43 -17.43
C HIS H 322 -44.79 23.20 -18.20
N LYS H 323 -45.48 22.94 -19.30
CA LYS H 323 -45.07 21.91 -20.24
C LYS H 323 -44.34 22.57 -21.42
N GLY H 324 -43.93 21.75 -22.38
CA GLY H 324 -43.24 22.26 -23.54
C GLY H 324 -43.05 21.22 -24.62
N PRO H 325 -42.73 21.67 -25.83
CA PRO H 325 -42.46 20.72 -26.92
C PRO H 325 -41.31 19.78 -26.63
N PHE H 326 -40.29 20.25 -25.93
CA PHE H 326 -39.11 19.45 -25.66
C PHE H 326 -39.20 18.63 -24.37
N THR H 327 -40.20 18.89 -23.52
CA THR H 327 -40.24 18.32 -22.18
C THR H 327 -41.50 17.51 -21.90
N GLY H 328 -42.28 17.18 -22.91
CA GLY H 328 -43.40 16.28 -22.71
C GLY H 328 -44.40 16.82 -21.72
N GLU H 329 -44.67 16.04 -20.66
CA GLU H 329 -45.61 16.44 -19.64
C GLU H 329 -45.10 17.55 -18.74
N GLY H 330 -43.82 17.90 -18.83
CA GLY H 330 -43.31 18.99 -18.03
C GLY H 330 -43.24 18.64 -16.56
N HIS H 331 -43.69 19.58 -15.72
CA HIS H 331 -43.60 19.46 -14.28
C HIS H 331 -44.79 18.75 -13.66
N LYS H 332 -45.56 18.00 -14.46
CA LYS H 332 -46.69 17.26 -13.90
C LYS H 332 -46.17 16.13 -13.02
N GLY H 333 -46.69 16.04 -11.80
CA GLY H 333 -46.26 15.05 -10.85
C GLY H 333 -45.17 15.49 -9.91
N LEU H 334 -44.51 16.62 -10.18
CA LEU H 334 -43.47 17.11 -9.28
C LEU H 334 -44.05 17.53 -7.93
N TYR H 335 -45.27 18.07 -7.92
CA TYR H 335 -45.90 18.43 -6.66
C TYR H 335 -46.14 17.19 -5.79
N GLU H 336 -46.58 16.10 -6.42
CA GLU H 336 -46.77 14.86 -5.67
C GLU H 336 -45.44 14.30 -5.19
N VAL H 337 -44.37 14.49 -5.97
CA VAL H 337 -43.05 14.01 -5.57
C VAL H 337 -42.57 14.76 -4.33
N LEU H 338 -42.72 16.07 -4.32
CA LEU H 338 -42.18 16.91 -3.26
C LEU H 338 -43.08 17.01 -2.04
N THR H 339 -44.31 16.47 -2.11
CA THR H 339 -45.20 16.44 -0.97
C THR H 339 -45.36 15.05 -0.38
N THR H 340 -44.73 14.03 -0.97
CA THR H 340 -44.79 12.67 -0.47
C THR H 340 -43.42 12.06 -0.22
N SER H 341 -42.34 12.79 -0.48
CA SER H 341 -40.98 12.28 -0.28
C SER H 341 -40.18 13.31 0.49
N TRP H 342 -39.76 12.94 1.71
CA TRP H 342 -38.88 13.82 2.48
C TRP H 342 -37.50 13.90 1.85
N HIS H 343 -37.07 12.84 1.15
CA HIS H 343 -35.72 12.82 0.61
C HIS H 343 -35.57 13.81 -0.54
N ALA H 344 -36.60 13.98 -1.36
CA ALA H 344 -36.52 14.97 -2.43
C ALA H 344 -36.41 16.39 -1.87
N GLN H 345 -37.23 16.69 -0.86
CA GLN H 345 -37.14 17.99 -0.20
C GLN H 345 -35.77 18.19 0.43
N LEU H 346 -35.23 17.15 1.06
CA LEU H 346 -33.90 17.25 1.64
C LEU H 346 -32.85 17.49 0.57
N ALA H 347 -32.97 16.82 -0.58
CA ALA H 347 -32.02 17.03 -1.67
C ALA H 347 -32.03 18.48 -2.12
N ILE H 348 -33.21 19.00 -2.44
CA ILE H 348 -33.28 20.39 -2.92
C ILE H 348 -32.77 21.35 -1.87
N ASN H 349 -33.26 21.19 -0.63
CA ASN H 349 -32.91 22.12 0.43
C ASN H 349 -31.43 22.08 0.76
N LEU H 350 -30.84 20.88 0.80
CA LEU H 350 -29.42 20.76 1.12
C LEU H 350 -28.54 21.32 0.01
N ALA H 351 -28.90 21.06 -1.26
CA ALA H 351 -28.12 21.59 -2.36
C ALA H 351 -28.15 23.12 -2.35
N LEU H 352 -29.36 23.69 -2.28
CA LEU H 352 -29.46 25.15 -2.27
C LEU H 352 -28.88 25.75 -1.01
N PHE H 353 -28.91 25.00 0.09
CA PHE H 353 -28.37 25.48 1.36
C PHE H 353 -26.85 25.53 1.32
N GLY H 354 -26.21 24.51 0.76
CA GLY H 354 -24.77 24.56 0.58
C GLY H 354 -24.34 25.64 -0.40
N SER H 355 -25.08 25.79 -1.49
CA SER H 355 -24.78 26.86 -2.43
C SER H 355 -24.93 28.23 -1.76
N LEU H 356 -25.96 28.39 -0.93
CA LEU H 356 -26.15 29.61 -0.18
C LEU H 356 -25.00 29.85 0.79
N SER H 357 -24.51 28.79 1.44
CA SER H 357 -23.39 28.93 2.35
C SER H 357 -22.14 29.41 1.62
N ILE H 358 -21.89 28.86 0.42
CA ILE H 358 -20.73 29.31 -0.35
C ILE H 358 -20.90 30.77 -0.80
N ILE H 359 -22.12 31.14 -1.22
CA ILE H 359 -22.38 32.52 -1.59
C ILE H 359 -22.17 33.46 -0.39
N VAL H 360 -22.61 33.03 0.78
CA VAL H 360 -22.39 33.79 2.01
C VAL H 360 -20.90 33.96 2.26
N ALA H 361 -20.14 32.87 2.11
CA ALA H 361 -18.71 32.95 2.31
C ALA H 361 -18.07 33.98 1.38
N HIS H 362 -18.49 33.98 0.11
CA HIS H 362 -17.94 34.95 -0.84
C HIS H 362 -18.29 36.38 -0.43
N HIS H 363 -19.58 36.64 -0.20
CA HIS H 363 -20.02 37.99 0.11
C HIS H 363 -19.49 38.49 1.44
N MET H 364 -19.07 37.59 2.34
CA MET H 364 -18.53 38.00 3.62
C MET H 364 -17.24 38.79 3.45
N TYR H 365 -16.19 38.14 2.93
CA TYR H 365 -14.92 38.86 2.76
C TYR H 365 -15.05 39.92 1.67
N ALA H 366 -15.89 39.68 0.66
CA ALA H 366 -16.01 40.65 -0.41
C ALA H 366 -16.50 42.00 0.12
N MET H 367 -17.51 41.97 0.99
CA MET H 367 -18.07 43.18 1.60
C MET H 367 -18.17 42.91 3.10
N PRO H 368 -17.12 43.21 3.85
CA PRO H 368 -17.10 42.91 5.28
C PRO H 368 -18.26 43.60 5.99
N PRO H 369 -19.17 42.83 6.59
CA PRO H 369 -20.38 43.41 7.19
C PRO H 369 -20.26 43.76 8.66
N TYR H 370 -19.11 43.52 9.30
CA TYR H 370 -18.98 43.77 10.72
C TYR H 370 -17.84 44.77 10.98
N PRO H 371 -17.94 45.58 12.02
CA PRO H 371 -16.87 46.53 12.34
C PRO H 371 -15.61 45.79 12.76
N TYR H 372 -14.47 46.23 12.21
CA TYR H 372 -13.16 45.71 12.58
C TYR H 372 -13.05 44.21 12.35
N ILE H 373 -13.75 43.68 11.33
CA ILE H 373 -13.61 42.30 10.95
C ILE H 373 -12.76 42.13 9.69
N ALA H 374 -12.69 43.15 8.83
CA ALA H 374 -11.85 43.06 7.64
C ALA H 374 -10.37 43.06 7.99
N ILE H 375 -9.98 43.78 9.05
CA ILE H 375 -8.59 43.82 9.48
C ILE H 375 -8.21 42.66 10.39
N ASP H 376 -9.18 41.85 10.81
CA ASP H 376 -8.89 40.61 11.53
C ASP H 376 -8.79 39.48 10.50
N TYR H 377 -7.60 39.36 9.92
CA TYR H 377 -7.38 38.36 8.88
C TYR H 377 -7.68 36.94 9.32
N PRO H 378 -7.30 36.48 10.52
CA PRO H 378 -7.70 35.13 10.93
C PRO H 378 -9.20 34.91 10.89
N THR H 379 -9.98 35.90 11.32
CA THR H 379 -11.43 35.76 11.31
C THR H 379 -11.96 35.63 9.89
N GLN H 380 -11.47 36.48 8.98
CA GLN H 380 -11.94 36.41 7.60
C GLN H 380 -11.59 35.08 6.95
N LEU H 381 -10.35 34.64 7.10
CA LEU H 381 -9.93 33.38 6.51
C LEU H 381 -10.73 32.21 7.07
N SER H 382 -10.90 32.19 8.40
CA SER H 382 -11.63 31.09 9.03
C SER H 382 -13.10 31.09 8.59
N LEU H 383 -13.73 32.25 8.55
CA LEU H 383 -15.13 32.32 8.16
C LEU H 383 -15.31 31.84 6.73
N PHE H 384 -14.48 32.32 5.81
CA PHE H 384 -14.60 31.88 4.42
C PHE H 384 -14.41 30.38 4.31
N THR H 385 -13.32 29.86 4.87
CA THR H 385 -13.02 28.43 4.72
C THR H 385 -14.11 27.57 5.35
N HIS H 386 -14.57 27.95 6.54
CA HIS H 386 -15.60 27.18 7.22
C HIS H 386 -16.90 27.16 6.42
N HIS H 387 -17.31 28.33 5.90
CA HIS H 387 -18.59 28.37 5.19
C HIS H 387 -18.50 27.64 3.85
N VAL H 388 -17.35 27.70 3.18
CA VAL H 388 -17.20 26.96 1.93
C VAL H 388 -17.20 25.46 2.20
N TRP H 389 -16.56 25.02 3.29
CA TRP H 389 -16.58 23.61 3.64
C TRP H 389 -18.00 23.14 3.94
N ILE H 390 -18.74 23.93 4.72
CA ILE H 390 -20.12 23.56 5.04
C ILE H 390 -20.95 23.51 3.76
N GLY H 391 -20.73 24.45 2.85
CA GLY H 391 -21.47 24.44 1.60
C GLY H 391 -21.19 23.20 0.76
N GLY H 392 -19.92 22.83 0.64
CA GLY H 392 -19.58 21.63 -0.11
C GLY H 392 -20.18 20.38 0.49
N PHE H 393 -20.10 20.25 1.82
CA PHE H 393 -20.69 19.10 2.48
C PHE H 393 -22.19 19.05 2.26
N CYS H 394 -22.88 20.19 2.37
CA CYS H 394 -24.32 20.21 2.21
C CYS H 394 -24.71 19.90 0.78
N ILE H 395 -23.91 20.34 -0.20
CA ILE H 395 -24.21 20.02 -1.60
C ILE H 395 -24.07 18.52 -1.85
N VAL H 396 -23.01 17.92 -1.31
CA VAL H 396 -22.86 16.47 -1.47
C VAL H 396 -24.03 15.74 -0.79
N GLY H 397 -24.48 16.26 0.35
CA GLY H 397 -25.64 15.66 1.01
C GLY H 397 -26.91 15.78 0.20
N GLY H 398 -27.11 16.92 -0.46
CA GLY H 398 -28.26 17.08 -1.33
C GLY H 398 -28.23 16.08 -2.47
N ALA H 399 -27.06 15.87 -3.07
CA ALA H 399 -26.94 14.86 -4.11
C ALA H 399 -27.24 13.47 -3.57
N ALA H 400 -26.73 13.18 -2.36
CA ALA H 400 -26.97 11.87 -1.75
C ALA H 400 -28.44 11.63 -1.54
N HIS H 401 -29.17 12.63 -1.05
CA HIS H 401 -30.59 12.43 -0.77
C HIS H 401 -31.43 12.45 -2.04
N GLY H 402 -30.98 13.12 -3.10
CA GLY H 402 -31.61 12.93 -4.39
C GLY H 402 -31.50 11.48 -4.86
N ALA H 403 -30.31 10.90 -4.70
CA ALA H 403 -30.13 9.49 -5.05
C ALA H 403 -31.00 8.60 -4.17
N ILE H 404 -31.10 8.92 -2.88
CA ILE H 404 -31.95 8.13 -1.97
C ILE H 404 -33.40 8.21 -2.41
N PHE H 405 -33.87 9.40 -2.78
CA PHE H 405 -35.24 9.52 -3.28
C PHE H 405 -35.44 8.68 -4.52
N PHE H 406 -34.48 8.72 -5.45
CA PHE H 406 -34.63 7.93 -6.68
C PHE H 406 -34.71 6.45 -6.37
N VAL H 407 -33.89 5.97 -5.43
CA VAL H 407 -33.90 4.55 -5.10
C VAL H 407 -35.20 4.15 -4.41
N ARG H 408 -35.61 4.93 -3.40
CA ARG H 408 -36.68 4.54 -2.49
C ARG H 408 -38.05 5.11 -2.87
N ASP H 409 -38.15 6.43 -2.93
CA ASP H 409 -39.45 7.09 -3.02
C ASP H 409 -39.88 7.39 -4.45
N TYR H 410 -39.11 6.97 -5.45
CA TYR H 410 -39.47 7.26 -6.84
C TYR H 410 -40.47 6.22 -7.34
N ASN H 411 -41.61 6.70 -7.83
CA ASN H 411 -42.65 5.85 -8.41
C ASN H 411 -42.67 6.08 -9.91
N ALA H 412 -42.40 5.01 -10.68
CA ALA H 412 -42.37 5.14 -12.13
C ALA H 412 -43.75 5.46 -12.70
N ALA H 413 -44.80 4.85 -12.14
CA ALA H 413 -46.14 5.09 -12.65
C ALA H 413 -46.57 6.53 -12.48
N ASN H 414 -46.27 7.13 -11.33
CA ASN H 414 -46.69 8.51 -11.06
C ASN H 414 -45.88 9.54 -11.82
N ASN H 415 -44.80 9.13 -12.50
CA ASN H 415 -43.94 10.06 -13.20
C ASN H 415 -43.80 9.68 -14.66
N TYR H 416 -44.93 9.42 -15.32
CA TYR H 416 -44.92 9.02 -16.71
C TYR H 416 -44.70 10.24 -17.60
N ASN H 417 -43.58 10.25 -18.33
CA ASN H 417 -43.26 11.26 -19.34
C ASN H 417 -43.13 12.66 -18.75
N ASN H 418 -42.85 12.78 -17.46
CA ASN H 418 -42.59 14.08 -16.86
C ASN H 418 -41.10 14.37 -16.94
N LEU H 419 -40.65 15.43 -16.24
CA LEU H 419 -39.25 15.83 -16.33
C LEU H 419 -38.32 14.76 -15.77
N ILE H 420 -38.70 14.16 -14.64
CA ILE H 420 -37.85 13.14 -14.03
C ILE H 420 -37.70 11.94 -14.97
N ASP H 421 -38.82 11.51 -15.56
CA ASP H 421 -38.79 10.38 -16.49
C ASP H 421 -37.91 10.69 -17.69
N ARG H 422 -38.09 11.87 -18.28
CA ARG H 422 -37.33 12.22 -19.48
C ARG H 422 -35.84 12.38 -19.19
N VAL H 423 -35.49 12.80 -17.97
CA VAL H 423 -34.07 12.88 -17.62
C VAL H 423 -33.46 11.49 -17.53
N ILE H 424 -34.15 10.55 -16.90
CA ILE H 424 -33.65 9.17 -16.84
C ILE H 424 -33.56 8.55 -18.22
N ARG H 425 -34.49 8.91 -19.12
CA ARG H 425 -34.53 8.29 -20.43
C ARG H 425 -33.32 8.65 -21.29
N HIS H 426 -32.66 9.77 -21.03
CA HIS H 426 -31.47 10.16 -21.77
C HIS H 426 -30.28 10.41 -20.85
N ARG H 427 -30.22 9.67 -19.74
CA ARG H 427 -29.12 9.83 -18.79
C ARG H 427 -27.77 9.57 -19.44
N ASP H 428 -27.73 8.68 -20.43
CA ASP H 428 -26.49 8.39 -21.12
C ASP H 428 -25.92 9.65 -21.74
N ALA H 429 -26.75 10.36 -22.50
CA ALA H 429 -26.29 11.58 -23.18
C ALA H 429 -25.74 12.58 -22.17
N ILE H 430 -26.48 12.81 -21.08
CA ILE H 430 -26.05 13.75 -20.06
C ILE H 430 -24.70 13.36 -19.50
N ILE H 431 -24.57 12.08 -19.11
CA ILE H 431 -23.35 11.64 -18.44
C ILE H 431 -22.18 11.62 -19.40
N SER H 432 -22.41 11.23 -20.66
CA SER H 432 -21.32 11.20 -21.63
C SER H 432 -20.83 12.61 -21.95
N HIS H 433 -21.74 13.56 -22.12
CA HIS H 433 -21.31 14.92 -22.41
C HIS H 433 -20.65 15.57 -21.20
N LEU H 434 -21.15 15.26 -19.99
CA LEU H 434 -20.50 15.76 -18.79
C LEU H 434 -19.11 15.14 -18.63
N ASN H 435 -18.95 13.87 -19.02
CA ASN H 435 -17.63 13.25 -19.03
C ASN H 435 -16.70 13.97 -20.00
N TRP H 436 -17.19 14.28 -21.20
CA TRP H 436 -16.35 14.99 -22.17
C TRP H 436 -15.97 16.37 -21.64
N VAL H 437 -16.92 17.07 -21.03
CA VAL H 437 -16.63 18.39 -20.50
C VAL H 437 -15.60 18.30 -19.38
N CYS H 438 -15.73 17.30 -18.51
CA CYS H 438 -14.77 17.13 -17.43
C CYS H 438 -13.38 16.85 -17.97
N ILE H 439 -13.28 15.98 -18.99
CA ILE H 439 -11.97 15.70 -19.57
C ILE H 439 -11.39 16.94 -20.22
N PHE H 440 -12.23 17.70 -20.96
CA PHE H 440 -11.76 18.91 -21.61
C PHE H 440 -11.24 19.91 -20.58
N LEU H 441 -12.03 20.17 -19.53
CA LEU H 441 -11.65 21.15 -18.52
C LEU H 441 -10.42 20.71 -17.76
N GLY H 442 -10.33 19.44 -17.39
CA GLY H 442 -9.17 18.96 -16.66
C GLY H 442 -7.91 18.99 -17.51
N CYS H 443 -7.98 18.38 -18.70
CA CYS H 443 -6.89 18.49 -19.65
C CYS H 443 -6.40 19.93 -19.74
N HIS H 444 -7.30 20.86 -20.04
CA HIS H 444 -6.88 22.23 -20.26
C HIS H 444 -6.32 22.85 -18.99
N SER H 445 -7.14 23.01 -17.96
CA SER H 445 -6.62 23.69 -16.78
C SER H 445 -5.34 23.06 -16.26
N PHE H 446 -5.40 21.78 -15.92
CA PHE H 446 -4.26 21.16 -15.26
C PHE H 446 -3.08 21.03 -16.21
N GLY H 447 -3.31 20.79 -17.50
CA GLY H 447 -2.21 20.60 -18.41
C GLY H 447 -1.54 21.91 -18.79
N LEU H 448 -2.28 23.00 -18.57
CA LEU H 448 -1.68 24.30 -18.75
C LEU H 448 -0.80 24.47 -17.54
N TYR H 449 -1.28 24.06 -16.36
CA TYR H 449 -0.39 24.13 -15.18
C TYR H 449 0.87 23.31 -15.39
N VAL H 450 0.73 22.09 -15.91
CA VAL H 450 1.87 21.20 -16.10
C VAL H 450 2.79 21.72 -17.21
N HIS H 451 2.21 22.31 -18.25
CA HIS H 451 3.01 22.93 -19.31
C HIS H 451 3.83 24.08 -18.76
N ASN H 452 3.22 24.92 -17.90
CA ASN H 452 3.99 25.97 -17.25
C ASN H 452 5.12 25.37 -16.43
N ASP H 453 4.83 24.30 -15.68
CA ASP H 453 5.85 23.69 -14.84
C ASP H 453 7.01 23.13 -15.65
N THR H 454 6.71 22.44 -16.76
CA THR H 454 7.77 21.84 -17.57
C THR H 454 8.51 22.88 -18.41
N MET H 455 7.85 23.97 -18.80
CA MET H 455 8.57 25.05 -19.47
C MET H 455 9.52 25.74 -18.52
N ARG H 456 9.09 25.95 -17.28
CA ARG H 456 9.98 26.56 -16.28
C ARG H 456 11.14 25.62 -15.95
N ALA H 457 10.86 24.31 -15.86
CA ALA H 457 11.92 23.36 -15.55
C ALA H 457 12.91 23.23 -16.69
N LEU H 458 12.50 23.51 -17.91
CA LEU H 458 13.37 23.42 -19.08
C LEU H 458 14.05 24.74 -19.41
N GLY H 459 13.87 25.75 -18.57
CA GLY H 459 14.53 27.03 -18.81
C GLY H 459 13.93 27.83 -19.96
N ARG H 460 12.66 27.59 -20.29
CA ARG H 460 11.98 28.33 -21.33
C ARG H 460 10.89 29.16 -20.66
N SER H 461 11.28 30.35 -20.18
CA SER H 461 10.34 31.19 -19.43
C SER H 461 9.36 31.92 -20.33
N GLN H 462 9.67 32.07 -21.61
CA GLN H 462 8.80 32.77 -22.55
C GLN H 462 7.72 31.87 -23.15
N ASP H 463 7.75 30.57 -22.84
CA ASP H 463 6.78 29.61 -23.35
C ASP H 463 5.69 29.27 -22.34
N LEU H 464 5.67 29.95 -21.19
CA LEU H 464 4.69 29.68 -20.15
C LEU H 464 3.34 30.31 -20.50
N PHE H 465 2.32 29.93 -19.74
CA PHE H 465 1.02 30.59 -19.80
C PHE H 465 0.95 31.66 -18.70
N SER H 466 1.82 32.65 -18.82
CA SER H 466 1.98 33.70 -17.82
C SER H 466 1.62 35.06 -18.41
N ASP H 467 1.72 36.09 -17.59
CA ASP H 467 1.42 37.44 -18.05
C ASP H 467 2.51 37.99 -18.94
N ASN H 468 3.78 37.68 -18.62
CA ASN H 468 4.92 38.07 -19.44
C ASN H 468 5.22 37.04 -20.53
N ALA H 469 4.23 36.23 -20.89
CA ALA H 469 4.36 35.13 -21.84
C ALA H 469 3.01 34.99 -22.52
N ILE H 470 2.73 33.82 -23.09
CA ILE H 470 1.40 33.54 -23.61
C ILE H 470 0.40 33.86 -22.51
N ALA H 471 -0.44 34.85 -22.74
CA ALA H 471 -1.29 35.43 -21.69
C ALA H 471 -2.74 35.05 -21.95
N LEU H 472 -3.42 34.61 -20.90
CA LEU H 472 -4.84 34.27 -20.95
C LEU H 472 -5.56 35.23 -20.02
N LYS H 473 -5.90 36.41 -20.53
CA LYS H 473 -6.52 37.43 -19.71
C LYS H 473 -8.00 37.12 -19.51
N PRO H 474 -8.47 37.07 -18.27
CA PRO H 474 -9.91 36.89 -18.04
C PRO H 474 -10.69 38.16 -18.39
N ILE H 475 -10.87 38.40 -19.69
CA ILE H 475 -11.47 39.67 -20.13
C ILE H 475 -12.92 39.78 -19.68
N PHE H 476 -13.65 38.67 -19.65
CA PHE H 476 -15.07 38.73 -19.26
C PHE H 476 -15.22 39.18 -17.81
N ALA H 477 -14.37 38.68 -16.91
CA ALA H 477 -14.45 39.06 -15.51
C ALA H 477 -13.98 40.49 -15.30
N GLN H 478 -12.97 40.92 -16.04
CA GLN H 478 -12.50 42.29 -15.94
C GLN H 478 -13.55 43.27 -16.45
N PHE H 479 -14.29 42.88 -17.48
CA PHE H 479 -15.40 43.71 -17.96
C PHE H 479 -16.45 43.89 -16.87
N ILE H 480 -16.79 42.81 -16.16
CA ILE H 480 -17.75 42.90 -15.07
C ILE H 480 -17.21 43.78 -13.95
N GLN H 481 -15.92 43.62 -13.62
CA GLN H 481 -15.30 44.46 -12.61
C GLN H 481 -15.40 45.94 -12.98
N ASN H 482 -15.14 46.27 -14.24
CA ASN H 482 -15.27 47.64 -14.70
C ASN H 482 -16.71 48.12 -14.61
N LEU H 483 -17.66 47.26 -14.92
CA LEU H 483 -19.06 47.66 -14.88
C LEU H 483 -19.51 48.00 -13.47
N HIS H 484 -18.99 47.27 -12.47
CA HIS H 484 -19.41 47.52 -11.09
C HIS H 484 -18.78 48.80 -10.54
N THR H 485 -17.51 49.04 -10.84
CA THR H 485 -16.86 50.25 -10.34
C THR H 485 -17.42 51.51 -10.99
N LEU H 486 -18.08 51.38 -12.14
CA LEU H 486 -18.75 52.50 -12.78
C LEU H 486 -20.24 52.57 -12.43
N ALA H 487 -20.76 51.59 -11.69
CA ALA H 487 -22.19 51.58 -11.38
C ALA H 487 -22.64 52.79 -10.57
N PRO H 488 -21.96 53.21 -9.51
CA PRO H 488 -22.44 54.39 -8.76
C PRO H 488 -22.44 55.64 -9.62
N GLY H 489 -23.63 56.17 -9.85
CA GLY H 489 -23.82 57.37 -10.65
C GLY H 489 -24.20 57.12 -12.09
N SER H 490 -24.00 55.90 -12.60
CA SER H 490 -24.35 55.58 -13.97
C SER H 490 -25.49 54.57 -14.05
N THR H 491 -25.34 53.40 -13.45
CA THR H 491 -26.42 52.42 -13.37
C THR H 491 -27.04 52.34 -11.99
N ALA H 492 -26.29 52.66 -10.94
CA ALA H 492 -26.88 52.82 -9.62
C ALA H 492 -26.74 54.28 -9.23
N PRO H 493 -27.55 55.17 -9.82
CA PRO H 493 -27.31 56.61 -9.65
C PRO H 493 -27.44 57.10 -8.21
N ASN H 494 -28.16 56.37 -7.36
CA ASN H 494 -28.31 56.75 -5.96
C ASN H 494 -27.27 56.12 -5.06
N ALA H 495 -26.30 55.42 -5.63
CA ALA H 495 -25.17 54.90 -4.87
C ALA H 495 -24.07 55.95 -4.79
N LEU H 496 -23.36 55.97 -3.65
CA LEU H 496 -22.21 56.83 -3.49
C LEU H 496 -20.89 56.12 -3.72
N THR H 497 -20.86 54.79 -3.58
CA THR H 497 -19.64 54.02 -3.74
C THR H 497 -20.03 52.64 -4.24
N THR H 498 -19.07 51.97 -4.88
CA THR H 498 -19.29 50.61 -5.36
C THR H 498 -19.67 49.68 -4.21
N VAL H 499 -20.32 48.57 -4.56
CA VAL H 499 -20.75 47.62 -3.55
C VAL H 499 -19.56 47.06 -2.80
N SER H 500 -18.50 46.70 -3.53
CA SER H 500 -17.28 46.19 -2.93
C SER H 500 -16.08 46.80 -3.63
N TYR H 501 -15.06 47.14 -2.85
CA TYR H 501 -13.83 47.65 -3.43
C TYR H 501 -13.04 46.57 -4.15
N ALA H 502 -13.45 45.30 -4.03
CA ALA H 502 -12.81 44.24 -4.80
C ALA H 502 -12.96 44.47 -6.30
N PHE H 503 -14.09 45.04 -6.72
CA PHE H 503 -14.29 45.33 -8.15
C PHE H 503 -13.44 46.51 -8.62
N GLY H 504 -12.93 47.32 -7.70
CA GLY H 504 -12.16 48.48 -8.08
C GLY H 504 -12.42 49.65 -7.16
N GLY H 505 -11.56 50.66 -7.21
CA GLY H 505 -11.71 51.82 -6.34
C GLY H 505 -10.45 52.11 -5.55
N ASP H 506 -10.62 52.58 -4.31
CA ASP H 506 -9.51 52.96 -3.46
C ASP H 506 -9.16 51.83 -2.49
N VAL H 507 -7.95 51.91 -1.96
CA VAL H 507 -7.51 50.97 -0.93
C VAL H 507 -8.06 51.43 0.42
N ILE H 508 -8.84 50.58 1.07
CA ILE H 508 -9.47 50.91 2.34
C ILE H 508 -8.63 50.27 3.45
N SER H 509 -8.04 51.11 4.30
CA SER H 509 -7.19 50.67 5.38
C SER H 509 -7.71 51.19 6.71
N VAL H 510 -7.70 50.34 7.72
CA VAL H 510 -8.10 50.71 9.08
C VAL H 510 -6.92 50.42 10.00
N GLY H 511 -6.36 51.47 10.58
CA GLY H 511 -5.20 51.30 11.45
C GLY H 511 -4.00 50.74 10.74
N SER H 512 -3.71 51.23 9.53
CA SER H 512 -2.59 50.83 8.69
C SER H 512 -2.71 49.38 8.18
N LYS H 513 -3.86 48.75 8.37
CA LYS H 513 -4.10 47.40 7.87
C LYS H 513 -5.16 47.45 6.79
N ILE H 514 -4.91 46.77 5.67
CA ILE H 514 -5.82 46.83 4.53
C ILE H 514 -7.11 46.07 4.87
N ALA H 515 -8.24 46.74 4.69
CA ALA H 515 -9.54 46.10 4.85
C ALA H 515 -10.02 45.49 3.53
N MET H 516 -10.06 46.28 2.47
CA MET H 516 -10.42 45.80 1.15
C MET H 516 -9.64 46.58 0.11
N MET H 517 -9.46 45.98 -1.06
CA MET H 517 -8.67 46.59 -2.12
C MET H 517 -9.04 45.90 -3.43
N PRO H 518 -9.00 46.63 -4.56
CA PRO H 518 -9.27 46.00 -5.87
C PRO H 518 -8.49 44.72 -6.09
N ILE H 519 -9.21 43.62 -6.34
CA ILE H 519 -8.60 42.32 -6.56
C ILE H 519 -8.35 42.20 -8.06
N SER H 520 -7.10 42.38 -8.47
CA SER H 520 -6.75 42.29 -9.88
C SER H 520 -6.84 40.85 -10.36
N LEU H 521 -7.36 40.66 -11.57
CA LEU H 521 -7.49 39.36 -12.19
C LEU H 521 -6.56 39.28 -13.38
N GLY H 522 -5.65 38.32 -13.36
CA GLY H 522 -4.71 38.12 -14.46
C GLY H 522 -4.74 36.70 -14.97
N THR H 523 -3.66 36.27 -15.62
CA THR H 523 -3.62 34.90 -16.15
C THR H 523 -3.59 33.88 -15.03
N ALA H 524 -3.08 34.25 -13.85
CA ALA H 524 -3.06 33.33 -12.73
C ALA H 524 -4.47 33.04 -12.23
N ASP H 525 -5.35 34.04 -12.25
CA ASP H 525 -6.72 33.83 -11.82
C ASP H 525 -7.52 33.07 -12.87
N PHE H 526 -7.19 33.24 -14.14
CA PHE H 526 -7.82 32.45 -15.20
C PHE H 526 -7.63 30.96 -14.98
N LEU H 527 -6.39 30.55 -14.73
CA LEU H 527 -6.08 29.14 -14.57
C LEU H 527 -6.77 28.57 -13.35
N VAL H 528 -6.72 29.28 -12.22
CA VAL H 528 -7.31 28.75 -11.00
C VAL H 528 -8.83 28.74 -11.08
N HIS H 529 -9.43 29.72 -11.77
CA HIS H 529 -10.88 29.69 -11.95
C HIS H 529 -11.30 28.51 -12.82
N HIS H 530 -10.53 28.21 -13.87
CA HIS H 530 -10.86 27.05 -14.68
C HIS H 530 -10.60 25.75 -13.93
N ILE H 531 -9.63 25.75 -13.01
CA ILE H 531 -9.46 24.60 -12.12
C ILE H 531 -10.69 24.41 -11.25
N HIS H 532 -11.22 25.51 -10.72
CA HIS H 532 -12.45 25.45 -9.93
C HIS H 532 -13.59 24.87 -10.75
N ALA H 533 -13.75 25.38 -11.98
CA ALA H 533 -14.82 24.89 -12.85
C ALA H 533 -14.66 23.41 -13.13
N PHE H 534 -13.43 22.96 -13.39
CA PHE H 534 -13.19 21.56 -13.69
C PHE H 534 -13.50 20.67 -12.50
N THR H 535 -13.03 21.05 -11.31
CA THR H 535 -13.29 20.24 -10.12
C THR H 535 -14.78 20.18 -9.81
N ILE H 536 -15.47 21.31 -9.93
CA ILE H 536 -16.91 21.34 -9.70
C ILE H 536 -17.62 20.45 -10.70
N HIS H 537 -17.19 20.48 -11.96
CA HIS H 537 -17.81 19.65 -12.99
C HIS H 537 -17.60 18.17 -12.71
N VAL H 538 -16.41 17.78 -12.23
CA VAL H 538 -16.19 16.37 -11.94
C VAL H 538 -17.02 15.91 -10.74
N THR H 539 -17.12 16.77 -9.72
CA THR H 539 -17.98 16.42 -8.58
C THR H 539 -19.43 16.27 -9.03
N VAL H 540 -19.90 17.18 -9.88
CA VAL H 540 -21.25 17.09 -10.43
C VAL H 540 -21.40 15.80 -11.24
N LEU H 541 -20.35 15.43 -11.97
CA LEU H 541 -20.41 14.21 -12.77
C LEU H 541 -20.61 12.99 -11.89
N ILE H 542 -19.81 12.88 -10.82
CA ILE H 542 -19.93 11.72 -9.94
C ILE H 542 -21.31 11.69 -9.30
N LEU H 543 -21.77 12.83 -8.78
CA LEU H 543 -23.04 12.84 -8.07
C LEU H 543 -24.22 12.61 -9.01
N LEU H 544 -24.18 13.20 -10.21
CA LEU H 544 -25.28 13.02 -11.15
C LEU H 544 -25.29 11.60 -11.72
N LYS H 545 -24.13 11.01 -11.92
CA LYS H 545 -24.07 9.60 -12.32
C LYS H 545 -24.65 8.72 -11.23
N GLY H 546 -24.39 9.08 -9.96
CA GLY H 546 -24.99 8.32 -8.87
C GLY H 546 -26.50 8.45 -8.83
N VAL H 547 -27.02 9.66 -9.04
CA VAL H 547 -28.46 9.88 -8.96
C VAL H 547 -29.17 9.22 -10.13
N LEU H 548 -28.65 9.40 -11.35
CA LEU H 548 -29.35 8.92 -12.54
C LEU H 548 -29.29 7.41 -12.66
N TYR H 549 -28.15 6.81 -12.33
CA TYR H 549 -27.96 5.36 -12.41
C TYR H 549 -28.22 4.67 -11.07
N SER H 550 -29.03 5.28 -10.20
CA SER H 550 -29.33 4.70 -8.92
C SER H 550 -30.36 3.57 -9.00
N ARG H 551 -31.20 3.56 -10.02
CA ARG H 551 -32.27 2.58 -10.14
C ARG H 551 -31.90 1.41 -11.04
N ASN H 552 -31.24 1.67 -12.17
CA ASN H 552 -30.88 0.62 -13.11
C ASN H 552 -29.73 1.12 -13.97
N SER H 553 -29.17 0.19 -14.75
CA SER H 553 -28.08 0.49 -15.66
C SER H 553 -27.99 -0.66 -16.67
N ARG H 554 -27.01 -0.57 -17.56
CA ARG H 554 -26.75 -1.69 -18.46
C ARG H 554 -26.05 -2.83 -17.73
N LEU H 555 -25.27 -2.51 -16.69
CA LEU H 555 -24.66 -3.55 -15.87
C LEU H 555 -25.71 -4.27 -15.04
N ILE H 556 -26.38 -3.54 -14.16
CA ILE H 556 -27.35 -4.12 -13.24
C ILE H 556 -28.72 -3.55 -13.57
N PRO H 557 -29.56 -4.27 -14.34
CA PRO H 557 -30.87 -3.73 -14.71
C PRO H 557 -31.83 -3.59 -13.55
N ASP H 558 -31.53 -4.17 -12.39
CA ASP H 558 -32.38 -4.10 -11.20
C ASP H 558 -31.60 -3.58 -10.02
N LYS H 559 -30.85 -2.50 -10.22
CA LYS H 559 -30.07 -1.91 -9.15
C LYS H 559 -30.95 -1.30 -8.06
N ALA H 560 -32.19 -0.92 -8.40
CA ALA H 560 -33.08 -0.37 -7.38
C ALA H 560 -33.51 -1.42 -6.38
N ASN H 561 -33.54 -2.69 -6.78
CA ASN H 561 -33.90 -3.77 -5.86
C ASN H 561 -32.79 -4.07 -4.86
N LEU H 562 -31.58 -3.59 -5.10
CA LEU H 562 -30.48 -3.76 -4.16
C LEU H 562 -30.42 -2.64 -3.13
N GLY H 563 -31.23 -1.60 -3.27
CA GLY H 563 -31.27 -0.52 -2.31
C GLY H 563 -30.31 0.61 -2.65
N PHE H 564 -30.37 1.66 -1.83
CA PHE H 564 -29.47 2.79 -2.00
C PHE H 564 -28.06 2.45 -1.54
N ARG H 565 -27.94 1.71 -0.45
CA ARG H 565 -26.65 1.43 0.19
C ARG H 565 -26.38 -0.07 0.11
N PHE H 566 -25.51 -0.46 -0.83
CA PHE H 566 -25.03 -1.82 -0.92
C PHE H 566 -23.62 -1.80 -1.50
N PRO H 567 -22.77 -2.76 -1.14
CA PRO H 567 -21.37 -2.68 -1.57
C PRO H 567 -21.19 -2.93 -3.06
N CYS H 568 -21.94 -3.87 -3.63
CA CYS H 568 -21.68 -4.34 -4.99
C CYS H 568 -22.84 -5.22 -5.42
N ASP H 569 -22.69 -5.82 -6.60
CA ASP H 569 -23.51 -6.95 -7.01
C ASP H 569 -22.70 -8.24 -7.13
N GLY H 570 -21.38 -8.15 -7.07
CA GLY H 570 -20.53 -9.32 -7.13
C GLY H 570 -19.31 -9.12 -7.99
N PRO H 571 -18.39 -10.10 -7.97
CA PRO H 571 -17.19 -10.01 -8.81
C PRO H 571 -17.48 -10.23 -10.29
N GLY H 572 -18.69 -10.61 -10.66
CA GLY H 572 -19.02 -10.86 -12.03
C GLY H 572 -19.15 -9.58 -12.84
N ARG H 573 -19.44 -9.78 -14.13
CA ARG H 573 -19.47 -8.68 -15.10
C ARG H 573 -18.13 -7.98 -15.17
N GLY H 574 -17.05 -8.71 -14.89
CA GLY H 574 -15.74 -8.13 -14.74
C GLY H 574 -15.48 -7.49 -13.40
N GLY H 575 -16.50 -7.40 -12.54
CA GLY H 575 -16.39 -6.70 -11.28
C GLY H 575 -17.40 -5.58 -11.15
N THR H 576 -18.25 -5.65 -10.15
CA THR H 576 -19.32 -4.68 -9.96
C THR H 576 -19.19 -3.97 -8.61
N CYS H 577 -17.97 -3.57 -8.26
CA CYS H 577 -17.76 -2.76 -7.07
C CYS H 577 -18.54 -1.46 -7.17
N GLN H 578 -18.84 -0.89 -6.01
CA GLN H 578 -19.21 0.52 -5.89
C GLN H 578 -20.24 0.97 -6.94
N VAL H 579 -21.14 0.13 -7.33
CA VAL H 579 -22.10 0.54 -8.30
C VAL H 579 -23.27 1.22 -7.64
N SER H 580 -23.28 1.35 -6.33
CA SER H 580 -24.42 1.89 -5.68
C SER H 580 -24.55 3.27 -6.02
N ALA H 581 -25.30 3.96 -5.21
CA ALA H 581 -25.47 5.33 -5.43
C ALA H 581 -24.85 5.91 -4.25
N TRP H 582 -24.58 5.11 -3.25
CA TRP H 582 -23.93 5.58 -2.09
C TRP H 582 -22.50 5.64 -2.35
N ASP H 583 -22.03 4.71 -3.17
CA ASP H 583 -20.61 4.66 -3.47
C ASP H 583 -20.27 5.80 -4.40
N HIS H 584 -21.28 6.60 -4.73
CA HIS H 584 -21.06 7.71 -5.60
C HIS H 584 -21.07 8.92 -4.75
N VAL H 585 -21.69 8.84 -3.60
CA VAL H 585 -21.67 9.94 -2.70
C VAL H 585 -20.40 9.80 -1.94
N PHE H 586 -19.78 8.65 -1.94
CA PHE H 586 -18.48 8.48 -1.31
C PHE H 586 -17.36 9.09 -2.18
N LEU H 587 -17.34 8.73 -3.47
CA LEU H 587 -16.38 9.32 -4.40
C LEU H 587 -16.61 10.82 -4.56
N GLY H 588 -17.87 11.24 -4.59
CA GLY H 588 -18.17 12.65 -4.69
C GLY H 588 -17.73 13.43 -3.47
N LEU H 589 -17.77 12.81 -2.30
CA LEU H 589 -17.20 13.43 -1.10
C LEU H 589 -15.72 13.65 -1.27
N PHE H 590 -15.01 12.64 -1.80
CA PHE H 590 -13.59 12.82 -2.08
C PHE H 590 -13.36 14.00 -3.02
N TRP H 591 -14.12 14.06 -4.11
CA TRP H 591 -13.88 15.11 -5.09
C TRP H 591 -14.31 16.48 -4.60
N MET H 592 -15.35 16.53 -3.76
CA MET H 592 -15.71 17.78 -3.09
C MET H 592 -14.58 18.25 -2.18
N TYR H 593 -13.96 17.33 -1.45
CA TYR H 593 -12.80 17.70 -0.66
C TYR H 593 -11.73 18.32 -1.53
N ASN H 594 -11.43 17.67 -2.66
CA ASN H 594 -10.43 18.21 -3.58
C ASN H 594 -10.78 19.62 -4.04
N SER H 595 -12.02 19.80 -4.51
CA SER H 595 -12.44 21.09 -5.05
C SER H 595 -12.41 22.19 -4.01
N ILE H 596 -12.95 21.90 -2.81
CA ILE H 596 -12.99 22.92 -1.77
C ILE H 596 -11.58 23.23 -1.26
N SER H 597 -10.72 22.22 -1.19
CA SER H 597 -9.33 22.48 -0.81
C SER H 597 -8.66 23.41 -1.79
N ILE H 598 -8.87 23.19 -3.09
CA ILE H 598 -8.28 24.09 -4.08
C ILE H 598 -8.88 25.49 -3.95
N VAL H 599 -10.18 25.58 -3.70
CA VAL H 599 -10.85 26.87 -3.57
C VAL H 599 -10.26 27.66 -2.40
N ILE H 600 -10.14 27.02 -1.24
CA ILE H 600 -9.64 27.72 -0.07
C ILE H 600 -8.16 28.04 -0.21
N PHE H 601 -7.39 27.17 -0.89
CA PHE H 601 -6.00 27.50 -1.17
C PHE H 601 -5.89 28.74 -2.06
N HIS H 602 -6.71 28.80 -3.11
CA HIS H 602 -6.73 29.97 -3.97
C HIS H 602 -7.08 31.21 -3.18
N PHE H 603 -8.11 31.13 -2.35
CA PHE H 603 -8.51 32.29 -1.55
C PHE H 603 -7.37 32.73 -0.63
N SER H 604 -6.80 31.81 0.13
CA SER H 604 -5.76 32.16 1.08
C SER H 604 -4.57 32.81 0.38
N TRP H 605 -4.06 32.16 -0.66
CA TRP H 605 -2.88 32.71 -1.33
C TRP H 605 -3.18 34.04 -2.00
N LYS H 606 -4.31 34.14 -2.71
CA LYS H 606 -4.61 35.37 -3.42
C LYS H 606 -4.82 36.52 -2.46
N MET H 607 -5.54 36.30 -1.36
CA MET H 607 -5.75 37.37 -0.39
C MET H 607 -4.44 37.79 0.24
N GLN H 608 -3.65 36.82 0.72
CA GLN H 608 -2.38 37.16 1.38
C GLN H 608 -1.42 37.86 0.42
N SER H 609 -1.48 37.54 -0.87
CA SER H 609 -0.49 38.05 -1.81
C SER H 609 -0.93 39.34 -2.50
N ASP H 610 -2.22 39.58 -2.65
CA ASP H 610 -2.69 40.68 -3.48
C ASP H 610 -3.84 41.47 -2.87
N VAL H 611 -4.22 41.22 -1.61
CA VAL H 611 -5.21 42.08 -0.96
C VAL H 611 -4.70 42.51 0.41
N TRP H 612 -4.42 41.54 1.28
CA TRP H 612 -4.08 41.84 2.66
C TRP H 612 -2.66 42.39 2.76
N GLY H 613 -2.42 43.12 3.84
CA GLY H 613 -1.12 43.69 4.09
C GLY H 613 -1.25 44.97 4.89
N THR H 614 -0.23 45.81 4.77
CA THR H 614 -0.18 47.10 5.45
C THR H 614 0.00 48.21 4.44
N VAL H 615 -0.44 49.42 4.81
CA VAL H 615 -0.34 50.59 3.96
C VAL H 615 0.56 51.60 4.67
N SER H 616 1.61 52.05 3.99
CA SER H 616 2.52 53.04 4.54
C SER H 616 1.81 54.39 4.63
N PRO H 617 2.31 55.29 5.47
CA PRO H 617 1.67 56.61 5.59
C PRO H 617 1.62 57.39 4.28
N THR H 618 2.57 57.16 3.38
CA THR H 618 2.57 57.82 2.08
C THR H 618 1.72 57.11 1.05
N GLY H 619 1.12 55.97 1.39
CA GLY H 619 0.24 55.26 0.49
C GLY H 619 0.84 54.07 -0.23
N ALA H 620 2.00 53.58 0.20
CA ALA H 620 2.61 52.41 -0.41
C ALA H 620 2.04 51.15 0.21
N VAL H 621 1.61 50.22 -0.63
CA VAL H 621 0.96 49.00 -0.19
C VAL H 621 1.98 47.86 -0.19
N SER H 622 2.17 47.23 0.96
CA SER H 622 3.01 46.06 1.10
C SER H 622 2.17 44.90 1.62
N HIS H 623 2.19 43.79 0.91
CA HIS H 623 1.30 42.67 1.22
C HIS H 623 2.01 41.66 2.13
N ILE H 624 1.24 40.66 2.55
CA ILE H 624 1.76 39.65 3.48
C ILE H 624 2.88 38.85 2.83
N THR H 625 2.68 38.41 1.59
CA THR H 625 3.67 37.63 0.88
C THR H 625 4.46 38.46 -0.13
N GLY H 626 3.83 39.43 -0.78
CA GLY H 626 4.56 40.32 -1.67
C GLY H 626 4.24 40.15 -3.14
N GLY H 627 3.00 39.76 -3.46
CA GLY H 627 2.60 39.66 -4.85
C GLY H 627 3.15 38.47 -5.60
N ASN H 628 3.56 37.42 -4.91
CA ASN H 628 4.09 36.24 -5.59
C ASN H 628 3.02 35.39 -6.24
N PHE H 629 1.74 35.68 -6.01
CA PHE H 629 0.66 34.91 -6.61
C PHE H 629 0.66 35.05 -8.13
N ALA H 630 0.93 36.25 -8.62
CA ALA H 630 0.77 36.52 -10.05
C ALA H 630 1.72 35.67 -10.89
N GLN H 631 2.95 35.46 -10.41
CA GLN H 631 3.97 34.80 -11.20
C GLN H 631 4.31 33.39 -10.75
N SER H 632 3.97 33.01 -9.52
CA SER H 632 4.36 31.72 -8.98
C SER H 632 3.19 30.80 -8.68
N SER H 633 1.95 31.24 -8.88
CA SER H 633 0.80 30.37 -8.71
C SER H 633 0.38 29.71 -10.02
N ILE H 634 1.20 29.84 -11.07
CA ILE H 634 0.88 29.28 -12.37
C ILE H 634 1.55 27.93 -12.62
N THR H 635 2.38 27.46 -11.68
CA THR H 635 3.01 26.16 -11.77
C THR H 635 2.74 25.37 -10.49
N ILE H 636 2.70 24.05 -10.63
CA ILE H 636 2.48 23.20 -9.46
C ILE H 636 3.67 23.29 -8.51
N ASN H 637 4.88 23.43 -9.03
CA ASN H 637 6.03 23.65 -8.17
C ASN H 637 5.90 24.97 -7.42
N GLY H 638 5.31 25.97 -8.06
CA GLY H 638 5.06 27.23 -7.37
C GLY H 638 4.11 27.06 -6.20
N TRP H 639 3.01 26.33 -6.42
CA TRP H 639 2.08 26.06 -5.32
C TRP H 639 2.75 25.27 -4.21
N LEU H 640 3.58 24.28 -4.58
CA LEU H 640 4.26 23.47 -3.59
C LEU H 640 5.24 24.30 -2.75
N ARG H 641 5.98 25.19 -3.40
CA ARG H 641 7.08 25.89 -2.73
C ARG H 641 6.65 27.23 -2.12
N ASP H 642 6.17 28.15 -2.96
CA ASP H 642 5.87 29.50 -2.51
C ASP H 642 4.59 29.59 -1.69
N PHE H 643 3.74 28.57 -1.71
CA PHE H 643 2.55 28.55 -0.86
C PHE H 643 2.62 27.50 0.23
N LEU H 644 2.70 26.22 -0.13
CA LEU H 644 2.65 25.18 0.88
C LEU H 644 3.89 25.19 1.76
N TRP H 645 5.07 25.05 1.14
CA TRP H 645 6.32 25.04 1.89
C TRP H 645 6.54 26.37 2.60
N SER H 646 6.26 27.48 1.93
CA SER H 646 6.57 28.79 2.50
C SER H 646 5.67 29.12 3.68
N GLN H 647 4.36 28.94 3.52
CA GLN H 647 3.41 29.31 4.57
C GLN H 647 3.23 28.21 5.60
N ALA H 648 3.82 27.03 5.40
CA ALA H 648 3.84 26.01 6.43
C ALA H 648 4.96 26.23 7.44
N ALA H 649 5.77 27.28 7.25
CA ALA H 649 6.85 27.56 8.18
C ALA H 649 6.32 27.87 9.58
N GLN H 650 5.21 28.60 9.65
CA GLN H 650 4.67 28.98 10.95
C GLN H 650 4.12 27.78 11.71
N VAL H 651 3.58 26.79 10.99
CA VAL H 651 3.01 25.62 11.65
C VAL H 651 4.14 24.75 12.22
N VAL H 652 5.20 24.53 11.45
CA VAL H 652 6.26 23.64 11.90
C VAL H 652 7.14 24.28 12.95
N GLN H 653 7.19 25.62 13.01
CA GLN H 653 7.98 26.33 13.99
C GLN H 653 7.13 26.83 15.17
N SER H 654 5.96 26.23 15.38
CA SER H 654 5.06 26.65 16.43
C SER H 654 5.33 25.97 17.77
N TYR H 655 6.23 24.98 17.80
CA TYR H 655 6.50 24.26 19.04
C TYR H 655 7.15 25.18 20.07
N GLY H 656 6.69 25.08 21.31
CA GLY H 656 7.16 25.95 22.37
C GLY H 656 6.45 27.28 22.46
N SER H 657 5.66 27.65 21.46
CA SER H 657 4.92 28.89 21.45
C SER H 657 3.46 28.63 21.79
N SER H 658 2.66 29.70 21.79
CA SER H 658 1.24 29.57 22.07
C SER H 658 0.46 28.97 20.92
N LEU H 659 1.08 28.80 19.75
CA LEU H 659 0.45 28.15 18.62
C LEU H 659 0.84 26.69 18.49
N SER H 660 1.47 26.12 19.52
CA SER H 660 1.93 24.74 19.44
C SER H 660 0.77 23.76 19.25
N ALA H 661 -0.41 24.11 19.77
CA ALA H 661 -1.57 23.26 19.54
C ALA H 661 -1.87 23.11 18.06
N TYR H 662 -1.60 24.15 17.26
CA TYR H 662 -1.80 24.05 15.83
C TYR H 662 -0.83 23.08 15.19
N GLY H 663 0.43 23.05 15.65
CA GLY H 663 1.36 22.06 15.15
C GLY H 663 0.97 20.65 15.55
N LEU H 664 0.50 20.48 16.79
CA LEU H 664 0.05 19.17 17.24
C LEU H 664 -1.13 18.68 16.42
N ILE H 665 -2.09 19.57 16.15
CA ILE H 665 -3.24 19.19 15.34
C ILE H 665 -2.85 18.96 13.89
N PHE H 666 -1.86 19.70 13.39
CA PHE H 666 -1.28 19.45 12.07
C PHE H 666 -0.78 18.02 11.98
N LEU H 667 0.05 17.61 12.95
CA LEU H 667 0.59 16.25 12.94
C LEU H 667 -0.52 15.20 13.11
N GLY H 668 -1.47 15.46 14.02
CA GLY H 668 -2.52 14.49 14.25
C GLY H 668 -3.45 14.34 13.06
N ALA H 669 -3.70 15.44 12.34
CA ALA H 669 -4.51 15.36 11.14
C ALA H 669 -3.78 14.63 10.02
N HIS H 670 -2.46 14.83 9.92
CA HIS H 670 -1.69 14.00 9.01
C HIS H 670 -1.83 12.53 9.36
N PHE H 671 -1.74 12.21 10.65
CA PHE H 671 -1.86 10.84 11.10
C PHE H 671 -3.22 10.26 10.75
N ILE H 672 -4.29 11.03 10.97
CA ILE H 672 -5.64 10.53 10.69
C ILE H 672 -5.85 10.36 9.20
N TRP H 673 -5.35 11.30 8.39
CA TRP H 673 -5.48 11.17 6.95
C TRP H 673 -4.76 9.92 6.44
N ALA H 674 -3.55 9.66 6.95
CA ALA H 674 -2.86 8.44 6.56
C ALA H 674 -3.56 7.20 7.10
N PHE H 675 -4.17 7.31 8.28
CA PHE H 675 -4.93 6.20 8.86
C PHE H 675 -6.10 5.81 7.97
N SER H 676 -6.72 6.81 7.34
CA SER H 676 -7.86 6.55 6.45
C SER H 676 -7.50 5.58 5.34
N LEU H 677 -6.27 5.67 4.83
CA LEU H 677 -5.85 4.88 3.69
C LEU H 677 -5.83 3.38 3.99
N MET H 678 -5.72 3.00 5.27
CA MET H 678 -5.86 1.59 5.62
C MET H 678 -7.25 1.07 5.26
N PHE H 679 -8.28 1.86 5.57
CA PHE H 679 -9.64 1.44 5.23
C PHE H 679 -9.94 1.64 3.75
N LEU H 680 -9.36 2.66 3.13
CA LEU H 680 -9.68 2.95 1.74
C LEU H 680 -9.00 1.96 0.79
N PHE H 681 -7.81 1.49 1.13
CA PHE H 681 -7.05 0.64 0.20
C PHE H 681 -7.26 -0.84 0.42
N SER H 682 -7.65 -1.26 1.62
CA SER H 682 -7.74 -2.67 1.96
C SER H 682 -9.16 -3.19 1.75
N GLY H 683 -9.36 -4.46 2.12
CA GLY H 683 -10.65 -5.10 1.93
C GLY H 683 -11.04 -5.90 3.17
N ARG H 684 -12.21 -6.52 3.24
CA ARG H 684 -12.63 -7.21 4.47
C ARG H 684 -12.08 -8.58 4.64
N GLY H 685 -11.95 -9.32 3.58
CA GLY H 685 -11.51 -10.69 3.70
C GLY H 685 -10.30 -10.75 4.53
N TYR H 686 -9.41 -9.80 4.33
CA TYR H 686 -8.16 -9.88 5.08
C TYR H 686 -8.39 -9.62 6.56
N TRP H 687 -9.18 -8.59 6.88
CA TRP H 687 -9.41 -8.25 8.28
C TRP H 687 -10.26 -9.30 8.97
N GLN H 688 -11.23 -9.88 8.27
CA GLN H 688 -12.00 -10.98 8.86
C GLN H 688 -11.11 -12.18 9.16
N GLU H 689 -10.19 -12.51 8.24
CA GLU H 689 -9.34 -13.67 8.47
C GLU H 689 -8.29 -13.40 9.55
N LEU H 690 -7.89 -12.14 9.73
CA LEU H 690 -7.00 -11.81 10.84
C LEU H 690 -7.76 -11.86 12.17
N ILE H 691 -8.99 -11.37 12.19
CA ILE H 691 -9.85 -11.49 13.36
C ILE H 691 -10.08 -12.95 13.69
N GLU H 692 -10.05 -13.82 12.68
CA GLU H 692 -10.18 -15.26 12.94
C GLU H 692 -9.06 -15.76 13.86
N SER H 693 -7.81 -15.38 13.57
CA SER H 693 -6.69 -15.82 14.40
C SER H 693 -6.72 -15.14 15.76
N ILE H 694 -7.12 -13.86 15.81
CA ILE H 694 -7.25 -13.18 17.10
C ILE H 694 -8.30 -13.88 17.95
N VAL H 695 -9.42 -14.27 17.33
CA VAL H 695 -10.47 -15.00 18.04
C VAL H 695 -9.97 -16.36 18.48
N TRP H 696 -9.11 -16.99 17.67
CA TRP H 696 -8.51 -18.25 18.11
C TRP H 696 -7.71 -18.05 19.38
N ALA H 697 -6.93 -16.98 19.45
CA ALA H 697 -6.17 -16.71 20.67
C ALA H 697 -7.09 -16.48 21.85
N HIS H 698 -8.16 -15.70 21.64
CA HIS H 698 -9.10 -15.43 22.72
C HIS H 698 -9.78 -16.70 23.21
N ASN H 699 -10.18 -17.58 22.28
CA ASN H 699 -10.78 -18.85 22.65
C ASN H 699 -9.78 -19.72 23.39
N LYS H 700 -8.51 -19.69 22.98
CA LYS H 700 -7.46 -20.42 23.69
C LYS H 700 -7.34 -19.92 25.13
N LEU H 701 -7.57 -18.63 25.35
CA LEU H 701 -7.56 -18.09 26.70
C LEU H 701 -8.95 -17.92 27.29
N LYS H 702 -9.97 -18.53 26.67
CA LYS H 702 -11.34 -18.55 27.20
C LYS H 702 -11.90 -17.14 27.39
N VAL H 703 -11.54 -16.21 26.51
CA VAL H 703 -11.96 -14.83 26.67
C VAL H 703 -12.59 -14.33 25.37
N ALA H 704 -13.07 -15.25 24.55
CA ALA H 704 -13.78 -14.86 23.33
C ALA H 704 -15.13 -14.26 23.70
N PRO H 705 -15.46 -13.06 23.22
CA PRO H 705 -16.76 -12.47 23.57
C PRO H 705 -17.91 -13.23 22.95
N SER H 706 -19.06 -13.18 23.63
CA SER H 706 -20.26 -13.81 23.09
C SER H 706 -20.72 -13.11 21.83
N ILE H 707 -20.65 -11.77 21.80
CA ILE H 707 -20.91 -11.02 20.58
C ILE H 707 -19.74 -11.25 19.63
N GLN H 708 -19.98 -12.03 18.58
CA GLN H 708 -18.89 -12.45 17.71
C GLN H 708 -18.29 -11.25 17.00
N PRO H 709 -16.98 -11.03 17.12
CA PRO H 709 -16.36 -9.86 16.45
C PRO H 709 -16.23 -10.10 14.95
N ARG H 710 -16.78 -9.17 14.17
CA ARG H 710 -16.73 -9.22 12.73
C ARG H 710 -16.09 -7.95 12.19
N ALA H 711 -15.35 -8.08 11.10
CA ALA H 711 -14.77 -6.93 10.46
C ALA H 711 -15.86 -6.01 9.92
N LEU H 712 -15.56 -4.71 9.86
CA LEU H 712 -16.54 -3.75 9.40
C LEU H 712 -17.01 -4.10 7.99
N SER H 713 -18.31 -3.95 7.75
CA SER H 713 -18.86 -4.23 6.44
C SER H 713 -18.19 -3.37 5.38
N ILE H 714 -18.33 -3.81 4.12
CA ILE H 714 -17.66 -3.13 3.01
C ILE H 714 -18.09 -1.67 2.95
N THR H 715 -19.40 -1.42 3.03
CA THR H 715 -19.90 -0.06 3.01
C THR H 715 -19.40 0.72 4.22
N GLN H 716 -19.39 0.09 5.40
CA GLN H 716 -18.89 0.79 6.58
C GLN H 716 -17.38 1.01 6.49
N GLY H 717 -16.65 0.07 5.89
CA GLY H 717 -15.23 0.31 5.67
C GLY H 717 -14.99 1.53 4.80
N ARG H 718 -15.77 1.66 3.72
CA ARG H 718 -15.67 2.83 2.86
C ARG H 718 -16.06 4.10 3.62
N ALA H 719 -17.11 4.02 4.44
CA ALA H 719 -17.55 5.20 5.19
C ALA H 719 -16.49 5.64 6.19
N VAL H 720 -15.89 4.69 6.91
CA VAL H 720 -14.82 5.01 7.84
C VAL H 720 -13.64 5.62 7.11
N GLY H 721 -13.27 5.04 5.96
CA GLY H 721 -12.17 5.57 5.19
C GLY H 721 -12.41 7.01 4.76
N VAL H 722 -13.59 7.29 4.21
CA VAL H 722 -13.86 8.63 3.72
C VAL H 722 -13.99 9.62 4.87
N ALA H 723 -14.57 9.20 5.99
CA ALA H 723 -14.69 10.08 7.14
C ALA H 723 -13.32 10.45 7.70
N HIS H 724 -12.45 9.46 7.84
CA HIS H 724 -11.09 9.73 8.32
C HIS H 724 -10.31 10.57 7.32
N TYR H 725 -10.47 10.31 6.03
CA TYR H 725 -9.78 11.09 5.00
C TYR H 725 -10.20 12.55 5.08
N LEU H 726 -11.50 12.80 5.13
CA LEU H 726 -12.00 14.17 5.22
C LEU H 726 -11.53 14.84 6.50
N LEU H 727 -11.62 14.13 7.62
CA LEU H 727 -11.21 14.72 8.89
C LEU H 727 -9.72 15.07 8.87
N GLY H 728 -8.89 14.16 8.38
CA GLY H 728 -7.45 14.42 8.36
C GLY H 728 -7.09 15.56 7.44
N GLY H 729 -7.63 15.56 6.21
CA GLY H 729 -7.29 16.62 5.28
C GLY H 729 -7.79 17.98 5.75
N ILE H 730 -9.05 18.03 6.19
CA ILE H 730 -9.63 19.29 6.62
C ILE H 730 -8.93 19.80 7.88
N GLY H 731 -8.57 18.89 8.79
CA GLY H 731 -7.84 19.30 9.98
C GLY H 731 -6.44 19.79 9.68
N THR H 732 -5.76 19.16 8.72
CA THR H 732 -4.44 19.63 8.33
C THR H 732 -4.53 21.03 7.74
N THR H 733 -5.49 21.25 6.83
CA THR H 733 -5.67 22.59 6.27
C THR H 733 -6.10 23.58 7.35
N TRP H 734 -6.90 23.12 8.31
CA TRP H 734 -7.36 23.96 9.40
C TRP H 734 -6.20 24.46 10.24
N ALA H 735 -5.35 23.54 10.70
CA ALA H 735 -4.19 23.92 11.49
C ALA H 735 -3.24 24.79 10.69
N PHE H 736 -2.98 24.43 9.43
CA PHE H 736 -2.09 25.21 8.60
C PHE H 736 -2.59 26.65 8.44
N PHE H 737 -3.85 26.80 8.03
CA PHE H 737 -4.43 28.12 7.84
C PHE H 737 -4.41 28.93 9.12
N LEU H 738 -4.84 28.32 10.23
CA LEU H 738 -4.97 29.09 11.46
C LEU H 738 -3.61 29.53 11.99
N ALA H 739 -2.64 28.62 12.03
CA ALA H 739 -1.31 29.00 12.50
C ALA H 739 -0.68 30.06 11.61
N ARG H 740 -0.79 29.89 10.28
CA ARG H 740 -0.18 30.84 9.37
C ARG H 740 -0.81 32.22 9.51
N ILE H 741 -2.15 32.28 9.54
CA ILE H 741 -2.82 33.58 9.53
C ILE H 741 -2.87 34.21 10.92
N ILE H 742 -2.62 33.47 11.98
CA ILE H 742 -2.49 34.07 13.30
C ILE H 742 -1.07 34.59 13.54
N SER H 743 -0.07 33.85 13.05
CA SER H 743 1.31 34.31 13.21
C SER H 743 1.55 35.60 12.43
N VAL H 744 1.04 35.69 11.21
CA VAL H 744 1.27 36.88 10.37
C VAL H 744 -0.05 37.57 10.04
N VAL I 2 -7.18 -11.36 -33.16
CA VAL I 2 -7.56 -11.68 -31.83
C VAL I 2 -7.55 -13.16 -31.74
N TYR I 3 -6.41 -13.78 -32.06
CA TYR I 3 -6.33 -15.22 -32.07
C TYR I 3 -4.92 -15.67 -32.12
N LYS I 4 -3.98 -14.85 -31.69
CA LYS I 4 -2.63 -15.31 -31.63
C LYS I 4 -1.66 -14.48 -30.84
N PHE I 5 -2.09 -13.76 -29.81
CA PHE I 5 -1.12 -13.05 -28.99
C PHE I 5 -0.76 -13.92 -27.79
N PRO I 6 -1.73 -14.29 -26.92
CA PRO I 6 -1.31 -15.21 -25.85
C PRO I 6 -1.23 -16.63 -26.40
N LYS I 7 -0.15 -16.89 -27.15
CA LYS I 7 0.06 -18.19 -27.74
C LYS I 7 0.09 -19.29 -26.69
N PHE I 8 0.54 -18.95 -25.47
CA PHE I 8 0.66 -19.91 -24.38
C PHE I 8 -0.65 -20.19 -23.67
N SER I 9 -1.71 -19.45 -23.96
CA SER I 9 -2.99 -19.59 -23.27
C SER I 9 -4.13 -19.44 -24.26
N LYS I 10 -4.86 -20.54 -24.50
CA LYS I 10 -6.02 -20.46 -25.37
C LYS I 10 -7.20 -19.78 -24.69
N ALA I 11 -7.29 -19.90 -23.36
CA ALA I 11 -8.39 -19.27 -22.63
C ALA I 11 -8.34 -17.75 -22.77
N LEU I 12 -7.13 -17.18 -22.74
CA LEU I 12 -7.00 -15.74 -22.92
C LEU I 12 -7.20 -15.35 -24.38
N ALA I 13 -6.70 -16.17 -25.32
CA ALA I 13 -6.79 -15.84 -26.73
C ALA I 13 -8.23 -15.77 -27.23
N GLU I 14 -9.17 -16.38 -26.50
CA GLU I 14 -10.58 -16.31 -26.85
C GLU I 14 -11.31 -15.17 -26.16
N ASP I 15 -10.62 -14.38 -25.36
CA ASP I 15 -11.22 -13.23 -24.71
C ASP I 15 -11.50 -12.15 -25.74
N PRO I 16 -12.73 -11.68 -25.89
CA PRO I 16 -13.03 -10.64 -26.89
C PRO I 16 -12.69 -9.24 -26.44
N SER I 17 -12.20 -9.06 -25.21
CA SER I 17 -11.98 -7.75 -24.62
C SER I 17 -10.49 -7.43 -24.59
N THR I 18 -10.18 -6.20 -24.14
CA THR I 18 -8.80 -5.77 -23.96
C THR I 18 -8.12 -6.48 -22.79
N ARG I 19 -8.88 -7.19 -21.96
CA ARG I 19 -8.29 -7.95 -20.86
C ARG I 19 -7.32 -9.01 -21.37
N ARG I 20 -7.54 -9.51 -22.58
CA ARG I 20 -6.63 -10.51 -23.15
C ARG I 20 -5.22 -9.94 -23.31
N ILE I 21 -5.12 -8.71 -23.81
CA ILE I 21 -3.81 -8.08 -23.98
C ILE I 21 -3.15 -7.85 -22.63
N TRP I 22 -3.91 -7.34 -21.66
CA TRP I 22 -3.35 -7.06 -20.34
C TRP I 22 -2.87 -8.33 -19.66
N TYR I 23 -3.69 -9.39 -19.71
CA TYR I 23 -3.32 -10.64 -19.07
C TYR I 23 -2.27 -11.40 -19.86
N GLY I 24 -2.14 -11.14 -21.16
CA GLY I 24 -1.08 -11.76 -21.93
C GLY I 24 0.30 -11.32 -21.47
N ILE I 25 0.43 -10.05 -21.10
CA ILE I 25 1.71 -9.55 -20.59
C ILE I 25 2.01 -10.17 -19.23
N ALA I 26 1.03 -10.18 -18.34
CA ALA I 26 1.25 -10.51 -16.94
C ALA I 26 1.32 -12.01 -16.67
N THR I 27 1.06 -12.84 -17.67
CA THR I 27 1.14 -14.29 -17.51
C THR I 27 2.19 -14.91 -18.43
N ALA I 28 3.02 -14.09 -19.08
CA ALA I 28 3.97 -14.61 -20.06
C ALA I 28 5.06 -15.45 -19.40
N HIS I 29 5.45 -15.11 -18.18
CA HIS I 29 6.54 -15.80 -17.50
C HIS I 29 6.06 -16.86 -16.52
N ASP I 30 4.76 -17.01 -16.33
CA ASP I 30 4.21 -18.10 -15.51
C ASP I 30 4.11 -19.34 -16.40
N PHE I 31 5.27 -19.96 -16.62
CA PHE I 31 5.34 -21.07 -17.58
C PHE I 31 4.52 -22.26 -17.11
N GLU I 32 4.41 -22.47 -15.80
CA GLU I 32 3.68 -23.64 -15.29
C GLU I 32 2.20 -23.60 -15.63
N SER I 33 1.65 -22.42 -15.92
CA SER I 33 0.23 -22.28 -16.23
C SER I 33 -0.05 -22.24 -17.71
N HIS I 34 0.96 -22.43 -18.56
CA HIS I 34 0.77 -22.32 -19.99
C HIS I 34 0.12 -23.58 -20.56
N ASP I 35 -0.52 -23.41 -21.71
CA ASP I 35 -1.19 -24.53 -22.37
C ASP I 35 -0.17 -25.51 -22.94
N ALA I 36 -0.54 -26.79 -22.91
CA ALA I 36 0.30 -27.88 -23.40
C ALA I 36 1.68 -27.84 -22.76
N MET I 37 1.69 -28.01 -21.45
CA MET I 37 2.87 -27.75 -20.63
C MET I 37 3.34 -29.06 -19.99
N THR I 38 4.63 -29.32 -20.09
CA THR I 38 5.27 -30.44 -19.40
C THR I 38 6.41 -29.92 -18.53
N GLU I 39 6.92 -30.79 -17.66
CA GLU I 39 7.99 -30.38 -16.75
C GLU I 39 9.31 -30.20 -17.50
N SER I 40 9.59 -31.08 -18.46
CA SER I 40 10.85 -30.97 -19.21
C SER I 40 10.92 -29.66 -19.96
N LYS I 41 9.84 -29.29 -20.66
CA LYS I 41 9.80 -28.01 -21.34
C LYS I 41 9.92 -26.85 -20.37
N LEU I 42 9.35 -27.01 -19.18
CA LEU I 42 9.43 -25.96 -18.16
C LEU I 42 10.88 -25.70 -17.78
N TYR I 43 11.60 -26.76 -17.41
CA TYR I 43 12.99 -26.58 -16.98
C TYR I 43 13.86 -26.09 -18.13
N GLN I 44 13.63 -26.59 -19.35
CA GLN I 44 14.43 -26.15 -20.48
C GLN I 44 14.20 -24.67 -20.79
N LYS I 45 12.94 -24.23 -20.76
CA LYS I 45 12.65 -22.83 -21.01
C LYS I 45 13.22 -21.94 -19.91
N ILE I 46 13.15 -22.39 -18.66
CA ILE I 46 13.74 -21.62 -17.56
C ILE I 46 15.25 -21.51 -17.74
N PHE I 47 15.88 -22.61 -18.18
CA PHE I 47 17.32 -22.61 -18.43
C PHE I 47 17.71 -21.60 -19.50
N ALA I 48 16.99 -21.61 -20.62
CA ALA I 48 17.27 -20.66 -21.69
C ALA I 48 17.02 -19.23 -21.25
N SER I 49 15.95 -19.01 -20.47
CA SER I 49 15.67 -17.68 -19.95
C SER I 49 16.76 -17.21 -19.01
N HIS I 50 17.32 -18.13 -18.21
CA HIS I 50 18.46 -17.78 -17.37
C HIS I 50 19.64 -17.32 -18.21
N PHE I 51 19.91 -18.04 -19.30
CA PHE I 51 21.01 -17.65 -20.17
C PHE I 51 20.78 -16.26 -20.76
N GLY I 52 19.58 -16.00 -21.26
CA GLY I 52 19.28 -14.68 -21.78
C GLY I 52 19.39 -13.60 -20.72
N HIS I 53 19.01 -13.91 -19.49
CA HIS I 53 19.08 -12.94 -18.41
C HIS I 53 20.53 -12.60 -18.07
N ILE I 54 21.40 -13.61 -17.98
CA ILE I 54 22.80 -13.34 -17.70
C ILE I 54 23.42 -12.53 -18.85
N ALA I 55 23.00 -12.82 -20.08
CA ALA I 55 23.45 -12.02 -21.22
C ALA I 55 23.02 -10.57 -21.07
N ILE I 56 21.79 -10.34 -20.61
CA ILE I 56 21.31 -8.97 -20.40
C ILE I 56 22.13 -8.27 -19.34
N ILE I 57 22.44 -8.97 -18.25
CA ILE I 57 23.24 -8.37 -17.18
C ILE I 57 24.62 -7.97 -17.70
N PHE I 58 25.26 -8.87 -18.45
CA PHE I 58 26.59 -8.58 -18.97
C PHE I 58 26.55 -7.45 -19.99
N LEU I 59 25.50 -7.37 -20.80
CA LEU I 59 25.37 -6.28 -21.75
C LEU I 59 25.19 -4.95 -21.01
N TRP I 60 24.42 -4.95 -19.92
CA TRP I 60 24.25 -3.74 -19.12
C TRP I 60 25.58 -3.28 -18.53
N THR I 61 26.36 -4.21 -17.99
CA THR I 61 27.67 -3.83 -17.46
C THR I 61 28.59 -3.31 -18.56
N ALA I 62 28.55 -3.96 -19.72
CA ALA I 62 29.38 -3.51 -20.85
C ALA I 62 28.97 -2.12 -21.29
N GLY I 63 27.67 -1.82 -21.27
CA GLY I 63 27.23 -0.48 -21.62
C GLY I 63 27.70 0.56 -20.63
N ASN I 64 27.66 0.24 -19.34
CA ASN I 64 28.19 1.15 -18.34
C ASN I 64 29.68 1.41 -18.58
N LEU I 65 30.44 0.35 -18.84
CA LEU I 65 31.87 0.49 -19.09
C LEU I 65 32.13 1.36 -20.32
N PHE I 66 31.40 1.09 -21.40
CA PHE I 66 31.62 1.84 -22.65
C PHE I 66 31.28 3.30 -22.47
N HIS I 67 30.18 3.60 -21.77
CA HIS I 67 29.78 4.99 -21.64
C HIS I 67 30.69 5.75 -20.68
N VAL I 68 31.26 5.08 -19.69
CA VAL I 68 32.28 5.74 -18.87
C VAL I 68 33.54 5.98 -19.70
N ALA I 69 33.91 5.02 -20.55
CA ALA I 69 35.12 5.16 -21.36
C ALA I 69 34.97 6.24 -22.41
N TRP I 70 33.76 6.43 -22.96
CA TRP I 70 33.56 7.31 -24.10
C TRP I 70 33.20 8.74 -23.68
N GLN I 71 32.23 8.88 -22.79
CA GLN I 71 31.72 10.19 -22.41
C GLN I 71 32.05 10.58 -20.97
N GLY I 72 32.72 9.71 -20.22
CA GLY I 72 33.08 10.01 -18.85
C GLY I 72 34.36 10.80 -18.75
N ASN I 73 34.78 11.02 -17.51
CA ASN I 73 36.05 11.68 -17.20
C ASN I 73 36.87 10.80 -16.27
N PHE I 74 36.94 9.51 -16.60
CA PHE I 74 37.64 8.56 -15.74
C PHE I 74 39.12 8.92 -15.60
N GLU I 75 39.78 9.22 -16.71
CA GLU I 75 41.21 9.52 -16.68
C GLU I 75 41.50 10.78 -15.87
N ALA I 76 40.67 11.81 -16.03
CA ALA I 76 40.83 13.02 -15.22
C ALA I 76 40.53 12.74 -13.76
N TRP I 77 39.55 11.88 -13.48
CA TRP I 77 39.20 11.56 -12.11
C TRP I 77 40.31 10.78 -11.41
N ILE I 78 41.15 10.08 -12.17
CA ILE I 78 42.25 9.32 -11.57
C ILE I 78 43.23 10.26 -10.89
N LEU I 79 43.56 11.38 -11.56
CA LEU I 79 44.56 12.30 -11.04
C LEU I 79 44.07 13.16 -9.89
N ASN I 80 42.75 13.26 -9.70
CA ASN I 80 42.18 14.08 -8.62
C ASN I 80 40.82 13.49 -8.23
N PRO I 81 40.83 12.38 -7.50
CA PRO I 81 39.56 11.71 -7.18
C PRO I 81 38.71 12.44 -6.16
N LEU I 82 39.27 13.35 -5.38
CA LEU I 82 38.53 14.03 -4.32
C LEU I 82 37.89 15.34 -4.77
N LYS I 83 38.26 15.85 -5.93
CA LYS I 83 37.71 17.10 -6.45
C LYS I 83 36.93 16.91 -7.74
N VAL I 84 37.36 16.00 -8.61
CA VAL I 84 36.68 15.76 -9.87
C VAL I 84 35.46 14.90 -9.62
N ARG I 85 34.31 15.31 -10.15
CA ARG I 85 33.08 14.55 -9.99
C ARG I 85 32.93 13.59 -11.16
N PRO I 86 32.77 12.29 -10.90
CA PRO I 86 32.64 11.33 -12.01
C PRO I 86 31.43 11.61 -12.88
N ILE I 87 31.57 11.32 -14.18
CA ILE I 87 30.53 11.54 -15.17
C ILE I 87 30.03 10.18 -15.63
N ALA I 88 28.70 10.00 -15.63
CA ALA I 88 28.13 8.73 -16.06
C ALA I 88 28.08 8.63 -17.58
N HIS I 89 27.37 9.54 -18.23
CA HIS I 89 27.25 9.55 -19.68
C HIS I 89 26.81 10.93 -20.13
N ALA I 90 26.99 11.20 -21.41
CA ALA I 90 26.61 12.48 -21.97
C ALA I 90 25.10 12.54 -22.19
N ILE I 91 24.60 13.76 -22.39
CA ILE I 91 23.18 14.01 -22.59
C ILE I 91 22.98 14.65 -23.96
N TRP I 92 22.02 14.13 -24.72
CA TRP I 92 21.55 14.77 -25.94
C TRP I 92 20.03 14.73 -25.91
N ASP I 93 19.42 15.84 -25.49
CA ASP I 93 17.96 15.94 -25.39
C ASP I 93 17.53 17.18 -26.17
N PRO I 94 16.73 17.03 -27.22
CA PRO I 94 16.35 18.21 -28.02
C PRO I 94 15.50 19.22 -27.28
N HIS I 95 14.89 18.83 -26.16
CA HIS I 95 14.00 19.73 -25.42
C HIS I 95 14.76 20.71 -24.55
N PHE I 96 16.07 20.57 -24.42
CA PHE I 96 16.84 21.48 -23.57
C PHE I 96 16.81 22.89 -24.13
N GLY I 97 16.68 23.86 -23.23
CA GLY I 97 16.96 25.24 -23.55
C GLY I 97 18.45 25.51 -23.43
N GLN I 98 18.82 26.75 -23.71
CA GLN I 98 20.22 27.14 -23.55
C GLN I 98 20.63 27.07 -22.07
N ALA I 99 19.72 27.46 -21.17
CA ALA I 99 20.03 27.41 -19.75
C ALA I 99 20.27 25.99 -19.27
N ALA I 100 19.44 25.04 -19.72
CA ALA I 100 19.63 23.65 -19.31
C ALA I 100 20.93 23.10 -19.85
N TYR I 101 21.26 23.42 -21.10
CA TYR I 101 22.54 23.00 -21.67
C TYR I 101 23.70 23.55 -20.87
N LYS I 102 23.64 24.83 -20.51
CA LYS I 102 24.72 25.45 -19.75
C LYS I 102 24.85 24.83 -18.36
N ALA I 103 23.72 24.55 -17.70
CA ALA I 103 23.77 24.01 -16.35
C ALA I 103 24.27 22.58 -16.33
N PHE I 104 23.82 21.76 -17.27
CA PHE I 104 24.26 20.37 -17.33
C PHE I 104 25.61 20.21 -18.03
N LEU I 105 26.16 21.30 -18.58
CA LEU I 105 27.42 21.21 -19.31
C LEU I 105 28.56 20.80 -18.39
N LYS I 106 29.24 19.72 -18.76
CA LYS I 106 30.41 19.24 -18.03
C LYS I 106 31.48 18.92 -19.07
N THR I 107 32.58 19.67 -19.01
CA THR I 107 33.67 19.59 -19.99
C THR I 107 33.18 19.95 -21.39
N SER I 108 32.89 18.95 -22.22
CA SER I 108 32.60 19.18 -23.63
C SER I 108 31.12 19.08 -23.99
N SER I 109 30.31 18.41 -23.18
CA SER I 109 28.91 18.19 -23.51
C SER I 109 28.13 18.05 -22.22
N PRO I 110 26.83 18.34 -22.23
CA PRO I 110 26.01 18.07 -21.04
C PRO I 110 26.09 16.60 -20.67
N ALA I 111 26.21 16.34 -19.38
CA ALA I 111 26.44 14.98 -18.91
C ALA I 111 25.86 14.82 -17.51
N ASN I 112 25.69 13.56 -17.12
CA ASN I 112 25.14 13.22 -15.82
C ASN I 112 26.26 12.73 -14.91
N LEU I 113 26.30 13.25 -13.68
CA LEU I 113 27.23 12.73 -12.69
C LEU I 113 26.90 11.28 -12.39
N ALA I 114 27.93 10.48 -12.15
CA ALA I 114 27.77 9.05 -11.90
C ALA I 114 27.62 8.80 -10.40
N LEU I 115 26.46 8.30 -10.00
CA LEU I 115 26.18 7.99 -8.61
C LEU I 115 26.27 6.50 -8.31
N SER I 116 26.69 5.69 -9.29
CA SER I 116 26.80 4.25 -9.09
C SER I 116 28.10 3.84 -8.44
N GLY I 117 29.04 4.77 -8.26
CA GLY I 117 30.31 4.41 -7.67
C GLY I 117 31.17 3.50 -8.51
N VAL I 118 30.90 3.42 -9.82
CA VAL I 118 31.68 2.54 -10.68
C VAL I 118 33.10 3.06 -10.86
N TYR I 119 33.29 4.38 -10.81
CA TYR I 119 34.63 4.95 -10.95
C TYR I 119 35.55 4.44 -9.86
N GLU I 120 35.09 4.50 -8.60
CA GLU I 120 35.91 4.05 -7.49
C GLU I 120 36.13 2.53 -7.54
N TRP I 121 35.09 1.78 -7.90
CA TRP I 121 35.20 0.33 -7.98
C TRP I 121 36.22 -0.08 -9.04
N TRP I 122 36.12 0.51 -10.24
CA TRP I 122 37.05 0.16 -11.31
C TRP I 122 38.46 0.67 -11.03
N TYR I 123 38.58 1.83 -10.39
CA TYR I 123 39.90 2.33 -9.99
C TYR I 123 40.55 1.41 -8.98
N THR I 124 39.77 0.89 -8.02
CA THR I 124 40.32 0.03 -7.00
C THR I 124 40.86 -1.28 -7.59
N ILE I 125 40.15 -1.84 -8.56
CA ILE I 125 40.51 -3.14 -9.12
C ILE I 125 41.60 -2.96 -10.19
N GLY I 126 42.10 -1.74 -10.34
CA GLY I 126 43.25 -1.53 -11.20
C GLY I 126 42.95 -1.13 -12.63
N MET I 127 42.11 -0.11 -12.81
CA MET I 127 41.87 0.48 -14.13
C MET I 127 42.31 1.93 -14.11
N ARG I 128 43.14 2.30 -15.08
CA ARG I 128 43.71 3.64 -15.13
C ARG I 128 43.52 4.35 -16.46
N THR I 129 42.89 3.70 -17.44
CA THR I 129 42.81 4.25 -18.79
C THR I 129 41.41 4.04 -19.35
N ASN I 130 41.00 4.96 -20.22
CA ASN I 130 39.75 4.78 -20.96
C ASN I 130 39.85 3.66 -21.99
N ASN I 131 41.04 3.12 -22.22
CA ASN I 131 41.20 1.92 -23.03
C ASN I 131 41.07 0.64 -22.22
N ASP I 132 41.29 0.70 -20.91
CA ASP I 132 41.01 -0.45 -20.05
C ASP I 132 39.51 -0.69 -19.94
N LEU I 133 38.72 0.38 -19.84
CA LEU I 133 37.27 0.25 -19.80
C LEU I 133 36.74 -0.29 -21.12
N TYR I 134 37.29 0.17 -22.24
CA TYR I 134 36.85 -0.30 -23.54
C TYR I 134 37.12 -1.80 -23.71
N GLN I 135 38.27 -2.26 -23.23
CA GLN I 135 38.55 -3.69 -23.26
C GLN I 135 37.52 -4.47 -22.45
N GLY I 136 37.16 -3.96 -21.28
CA GLY I 136 36.14 -4.61 -20.47
C GLY I 136 34.81 -4.68 -21.17
N SER I 137 34.41 -3.58 -21.83
CA SER I 137 33.15 -3.57 -22.57
C SER I 137 33.18 -4.58 -23.71
N PHE I 138 34.29 -4.63 -24.45
CA PHE I 138 34.43 -5.60 -25.53
C PHE I 138 34.32 -7.03 -25.01
N PHE I 139 35.03 -7.33 -23.92
CA PHE I 139 35.01 -8.67 -23.36
C PHE I 139 33.62 -9.03 -22.85
N LEU I 140 32.92 -8.08 -22.25
CA LEU I 140 31.59 -8.37 -21.71
C LEU I 140 30.57 -8.58 -22.83
N ILE I 141 30.71 -7.86 -23.94
CA ILE I 141 29.83 -8.13 -25.08
C ILE I 141 30.13 -9.51 -25.66
N LEU I 142 31.41 -9.90 -25.68
CA LEU I 142 31.74 -11.25 -26.10
C LEU I 142 31.11 -12.29 -25.18
N LEU I 143 31.15 -12.06 -23.87
CA LEU I 143 30.53 -12.98 -22.92
C LEU I 143 29.03 -13.04 -23.11
N SER I 144 28.40 -11.90 -23.38
CA SER I 144 26.97 -11.88 -23.66
C SER I 144 26.65 -12.71 -24.89
N SER I 145 27.48 -12.59 -25.94
CA SER I 145 27.29 -13.42 -27.12
C SER I 145 27.44 -14.90 -26.79
N LEU I 146 28.42 -15.25 -25.95
CA LEU I 146 28.56 -16.63 -25.49
C LEU I 146 27.30 -17.12 -24.81
N LEU I 147 26.74 -16.32 -23.91
CA LEU I 147 25.57 -16.76 -23.15
C LEU I 147 24.34 -16.87 -24.03
N LEU I 148 24.17 -15.95 -24.99
CA LEU I 148 23.07 -16.05 -25.93
C LEU I 148 23.20 -17.30 -26.79
N PHE I 149 24.42 -17.61 -27.25
CA PHE I 149 24.62 -18.82 -28.02
C PHE I 149 24.31 -20.06 -27.20
N ALA I 150 24.73 -20.08 -25.93
CA ALA I 150 24.42 -21.21 -25.07
C ALA I 150 22.92 -21.36 -24.85
N GLY I 151 22.22 -20.25 -24.65
CA GLY I 151 20.78 -20.31 -24.47
C GLY I 151 20.07 -20.84 -25.69
N TRP I 152 20.52 -20.42 -26.88
CA TRP I 152 19.95 -21.00 -28.10
C TRP I 152 20.30 -22.48 -28.22
N LEU I 153 21.53 -22.86 -27.89
CA LEU I 153 21.99 -24.22 -28.07
C LEU I 153 21.22 -25.19 -27.20
N HIS I 154 20.95 -24.81 -25.95
CA HIS I 154 20.30 -25.73 -25.03
C HIS I 154 18.79 -25.79 -25.21
N LEU I 155 18.27 -25.21 -26.28
CA LEU I 155 16.92 -25.49 -26.74
C LEU I 155 16.92 -26.37 -27.98
N GLN I 156 18.09 -26.72 -28.50
CA GLN I 156 18.17 -27.60 -29.65
C GLN I 156 17.86 -29.03 -29.24
N PRO I 157 17.39 -29.87 -30.17
CA PRO I 157 16.91 -31.20 -29.78
C PRO I 157 17.92 -32.06 -29.04
N SER I 158 19.15 -32.17 -29.55
CA SER I 158 20.12 -33.07 -28.93
C SER I 158 20.84 -32.45 -27.74
N PHE I 159 20.56 -31.19 -27.42
CA PHE I 159 21.26 -30.51 -26.33
C PHE I 159 20.31 -30.02 -25.24
N ARG I 160 19.06 -30.48 -25.24
CA ARG I 160 18.10 -30.09 -24.21
C ARG I 160 18.24 -31.02 -23.02
N PRO I 161 18.60 -30.53 -21.84
CA PRO I 161 18.77 -31.41 -20.68
C PRO I 161 17.45 -32.00 -20.21
N SER I 162 17.55 -33.16 -19.58
CA SER I 162 16.37 -33.87 -19.08
C SER I 162 16.07 -33.44 -17.64
N LEU I 163 14.98 -33.97 -17.09
CA LEU I 163 14.60 -33.63 -15.72
C LEU I 163 15.61 -34.16 -14.71
N ASP I 164 16.18 -35.34 -14.98
CA ASP I 164 17.16 -35.90 -14.06
C ASP I 164 18.38 -34.99 -13.92
N TRP I 165 18.86 -34.45 -15.03
CA TRP I 165 19.99 -33.52 -14.97
C TRP I 165 19.61 -32.25 -14.23
N PHE I 166 18.41 -31.74 -14.46
CA PHE I 166 17.98 -30.52 -13.78
C PHE I 166 17.79 -30.74 -12.29
N LYS I 167 17.34 -31.94 -11.89
CA LYS I 167 17.08 -32.25 -10.50
C LYS I 167 18.24 -32.97 -9.82
N ALA I 168 19.39 -33.04 -10.49
CA ALA I 168 20.60 -33.61 -9.89
C ALA I 168 21.15 -32.62 -8.89
N ASN I 169 20.70 -32.74 -7.64
CA ASN I 169 21.06 -31.76 -6.62
C ASN I 169 22.53 -31.84 -6.25
N GLU I 170 23.05 -33.05 -6.03
CA GLU I 170 24.41 -33.20 -5.53
C GLU I 170 25.44 -32.66 -6.50
N TYR I 171 25.28 -33.00 -7.79
CA TYR I 171 26.22 -32.52 -8.80
C TYR I 171 26.20 -30.99 -8.88
N ARG I 172 25.00 -30.41 -8.92
CA ARG I 172 24.88 -28.96 -9.04
C ARG I 172 25.46 -28.25 -7.81
N LEU I 173 25.22 -28.80 -6.63
CA LEU I 173 25.78 -28.20 -5.42
C LEU I 173 27.30 -28.28 -5.40
N ASN I 174 27.85 -29.47 -5.67
CA ASN I 174 29.30 -29.61 -5.71
C ASN I 174 29.90 -28.58 -6.66
N HIS I 175 29.36 -28.51 -7.87
CA HIS I 175 29.93 -27.62 -8.88
C HIS I 175 29.72 -26.17 -8.52
N HIS I 176 28.48 -25.78 -8.19
CA HIS I 176 28.20 -24.40 -7.81
C HIS I 176 29.14 -23.96 -6.70
N LEU I 177 29.10 -24.64 -5.55
CA LEU I 177 29.97 -24.26 -4.45
C LEU I 177 31.42 -24.21 -4.89
N SER I 178 32.02 -25.37 -5.18
CA SER I 178 33.45 -25.41 -5.46
C SER I 178 33.79 -24.54 -6.66
N GLY I 179 33.36 -24.96 -7.86
CA GLY I 179 33.66 -24.21 -9.05
C GLY I 179 33.25 -22.76 -8.94
N LEU I 180 31.95 -22.46 -8.93
CA LEU I 180 31.51 -21.07 -8.98
C LEU I 180 32.16 -20.28 -7.85
N PHE I 181 31.80 -20.56 -6.59
CA PHE I 181 32.25 -19.69 -5.52
C PHE I 181 33.76 -19.75 -5.35
N GLY I 182 34.30 -20.95 -5.07
CA GLY I 182 35.70 -21.04 -4.75
C GLY I 182 36.61 -20.67 -5.90
N VAL I 183 36.34 -21.20 -7.10
CA VAL I 183 37.22 -20.91 -8.23
C VAL I 183 37.08 -19.47 -8.68
N SER I 184 35.88 -18.89 -8.62
CA SER I 184 35.76 -17.48 -8.96
C SER I 184 36.48 -16.61 -7.93
N SER I 185 36.45 -17.01 -6.66
CA SER I 185 37.22 -16.29 -5.65
C SER I 185 38.72 -16.47 -5.88
N LEU I 186 39.14 -17.66 -6.31
CA LEU I 186 40.55 -17.91 -6.60
C LEU I 186 41.02 -17.06 -7.78
N ALA I 187 40.21 -17.02 -8.84
CA ALA I 187 40.54 -16.18 -9.99
C ALA I 187 40.51 -14.71 -9.62
N TRP I 188 39.59 -14.30 -8.74
CA TRP I 188 39.55 -12.92 -8.32
C TRP I 188 40.75 -12.57 -7.45
N THR I 189 41.22 -13.51 -6.62
CA THR I 189 42.46 -13.29 -5.90
C THR I 189 43.63 -13.17 -6.85
N GLY I 190 43.65 -14.02 -7.88
CA GLY I 190 44.71 -13.91 -8.88
C GLY I 190 44.73 -12.55 -9.56
N HIS I 191 43.55 -12.07 -9.97
CA HIS I 191 43.49 -10.73 -10.56
C HIS I 191 43.87 -9.67 -9.55
N LEU I 192 43.26 -9.70 -8.36
CA LEU I 192 43.57 -8.75 -7.31
C LEU I 192 45.06 -8.61 -7.14
N VAL I 193 45.75 -9.70 -6.83
CA VAL I 193 47.19 -9.66 -6.65
C VAL I 193 47.81 -9.11 -7.94
N HIS I 194 47.75 -9.90 -9.02
CA HIS I 194 48.55 -9.66 -10.22
C HIS I 194 48.38 -8.24 -10.75
N VAL I 195 47.14 -7.81 -10.94
CA VAL I 195 46.87 -6.51 -11.54
C VAL I 195 46.71 -5.46 -10.45
N ALA I 196 45.73 -5.66 -9.57
CA ALA I 196 45.33 -4.58 -8.68
C ALA I 196 46.44 -4.19 -7.72
N ILE I 197 47.17 -5.17 -7.17
CA ILE I 197 48.14 -4.82 -6.13
C ILE I 197 49.26 -3.95 -6.72
N PRO I 198 49.90 -4.32 -7.83
CA PRO I 198 50.92 -3.41 -8.40
C PRO I 198 50.34 -2.12 -8.94
N GLU I 199 49.12 -2.14 -9.48
CA GLU I 199 48.56 -0.90 -10.01
C GLU I 199 48.30 0.12 -8.92
N SER I 200 47.96 -0.34 -7.71
CA SER I 200 47.89 0.58 -6.57
C SER I 200 49.26 1.06 -6.14
N ARG I 201 50.33 0.40 -6.59
CA ARG I 201 51.69 0.79 -6.27
C ARG I 201 52.42 1.37 -7.48
N GLY I 202 51.68 1.76 -8.51
CA GLY I 202 52.26 2.44 -9.65
C GLY I 202 52.77 1.55 -10.75
N ILE I 203 52.83 0.24 -10.55
CA ILE I 203 53.32 -0.68 -11.55
C ILE I 203 52.14 -1.14 -12.39
N HIS I 204 52.23 -0.95 -13.71
CA HIS I 204 51.16 -1.33 -14.62
C HIS I 204 51.32 -2.80 -15.01
N VAL I 205 50.28 -3.59 -14.75
CA VAL I 205 50.24 -5.00 -15.12
C VAL I 205 49.04 -5.17 -16.05
N GLY I 206 49.30 -5.14 -17.36
CA GLY I 206 48.27 -5.31 -18.35
C GLY I 206 48.30 -6.67 -19.01
N TRP I 207 47.53 -6.79 -20.09
CA TRP I 207 47.50 -8.05 -20.84
C TRP I 207 48.74 -8.26 -21.69
N ASP I 208 49.80 -7.49 -21.51
CA ASP I 208 51.07 -7.74 -22.18
C ASP I 208 52.15 -8.19 -21.22
N ASN I 209 52.46 -7.39 -20.19
CA ASN I 209 53.49 -7.73 -19.21
C ASN I 209 52.88 -8.31 -17.94
N PHE I 210 52.15 -9.41 -18.08
CA PHE I 210 51.65 -10.12 -16.91
C PHE I 210 52.28 -11.50 -16.76
N LEU I 211 52.81 -12.07 -17.84
CA LEU I 211 53.57 -13.31 -17.76
C LEU I 211 55.02 -13.07 -17.36
N THR I 212 55.44 -11.81 -17.24
CA THR I 212 56.82 -11.47 -16.90
C THR I 212 56.96 -10.54 -15.71
N VAL I 213 55.87 -10.03 -15.16
CA VAL I 213 55.91 -9.16 -13.99
C VAL I 213 55.48 -10.00 -12.79
N LEU I 214 56.42 -10.24 -11.88
CA LEU I 214 56.14 -11.08 -10.73
C LEU I 214 55.25 -10.35 -9.74
N PRO I 215 54.10 -10.91 -9.35
CA PRO I 215 53.28 -10.26 -8.31
C PRO I 215 54.00 -10.13 -6.99
N HIS I 216 54.91 -11.04 -6.67
CA HIS I 216 55.74 -10.95 -5.49
C HIS I 216 57.20 -11.13 -5.89
N PRO I 217 58.14 -10.45 -5.25
CA PRO I 217 59.54 -10.59 -5.64
C PRO I 217 60.06 -12.02 -5.54
N GLU I 218 59.60 -12.78 -4.55
CA GLU I 218 60.05 -14.16 -4.41
C GLU I 218 59.39 -15.08 -5.43
N GLY I 219 58.17 -14.77 -5.85
CA GLY I 219 57.58 -15.41 -7.02
C GLY I 219 57.23 -16.88 -6.89
N LEU I 220 56.21 -17.19 -6.08
CA LEU I 220 55.63 -18.52 -5.98
C LEU I 220 56.55 -19.49 -5.24
N THR I 221 57.78 -19.07 -4.94
CA THR I 221 58.66 -19.90 -4.13
C THR I 221 58.14 -20.07 -2.72
N PRO I 222 57.72 -19.03 -1.99
CA PRO I 222 57.18 -19.25 -0.64
C PRO I 222 55.96 -20.14 -0.60
N PHE I 223 55.09 -20.06 -1.61
CA PHE I 223 53.87 -20.86 -1.60
C PHE I 223 54.17 -22.34 -1.61
N PHE I 224 55.02 -22.78 -2.55
CA PHE I 224 55.38 -24.19 -2.60
C PHE I 224 56.29 -24.59 -1.45
N SER I 225 57.17 -23.67 -1.02
CA SER I 225 58.06 -23.95 0.10
C SER I 225 57.34 -23.93 1.44
N GLY I 226 56.11 -23.42 1.50
CA GLY I 226 55.38 -23.32 2.74
C GLY I 226 55.69 -22.08 3.55
N ASN I 227 56.63 -21.25 3.13
CA ASN I 227 56.97 -20.02 3.84
C ASN I 227 55.96 -18.92 3.48
N TRP I 228 54.69 -19.20 3.80
CA TRP I 228 53.60 -18.32 3.39
C TRP I 228 53.66 -16.96 4.07
N LYS I 229 54.44 -16.83 5.14
CA LYS I 229 54.60 -15.54 5.78
C LYS I 229 55.30 -14.53 4.87
N ALA I 230 56.07 -15.00 3.90
CA ALA I 230 56.80 -14.09 3.02
C ALA I 230 55.86 -13.20 2.22
N TYR I 231 54.65 -13.69 1.91
CA TYR I 231 53.69 -12.88 1.18
C TYR I 231 53.08 -11.78 2.04
N ALA I 232 53.29 -11.82 3.35
CA ALA I 232 52.77 -10.78 4.25
C ALA I 232 53.85 -9.80 4.70
N GLN I 233 55.12 -10.08 4.44
CA GLN I 233 56.18 -9.20 4.87
C GLN I 233 56.17 -7.90 4.05
N ASN I 234 56.52 -6.81 4.72
CA ASN I 234 56.61 -5.49 4.11
C ASN I 234 55.30 -5.07 3.47
N PRO I 235 54.26 -4.79 4.25
CA PRO I 235 53.00 -4.31 3.69
C PRO I 235 53.10 -2.84 3.31
N ASP I 236 52.01 -2.32 2.76
CA ASP I 236 51.96 -0.90 2.41
C ASP I 236 52.04 -0.05 3.68
N THR I 237 52.88 0.98 3.63
CA THR I 237 53.08 1.82 4.80
C THR I 237 51.88 2.75 5.01
N ALA I 238 51.95 3.56 6.07
CA ALA I 238 50.89 4.50 6.38
C ALA I 238 50.99 5.78 5.58
N SER I 239 52.03 5.94 4.76
CA SER I 239 52.19 7.10 3.90
C SER I 239 52.10 6.73 2.42
N HIS I 240 51.43 5.63 2.10
CA HIS I 240 51.32 5.17 0.73
C HIS I 240 50.27 5.97 -0.03
N ILE I 241 50.64 6.50 -1.18
CA ILE I 241 49.71 7.19 -2.06
C ILE I 241 49.16 6.18 -3.06
N PHE I 242 47.85 6.00 -3.07
CA PHE I 242 47.22 4.99 -3.92
C PHE I 242 47.50 5.29 -5.39
N GLY I 243 47.82 4.24 -6.14
CA GLY I 243 48.15 4.37 -7.54
C GLY I 243 49.56 4.85 -7.81
N SER I 244 50.38 5.02 -6.77
CA SER I 244 51.75 5.48 -6.91
C SER I 244 52.67 4.64 -6.05
N GLY I 245 53.93 4.57 -6.44
CA GLY I 245 54.91 3.78 -5.72
C GLY I 245 55.46 4.41 -4.47
N GLU I 246 55.04 5.62 -4.12
CA GLU I 246 55.56 6.30 -2.95
C GLU I 246 54.98 5.67 -1.68
N GLY I 247 55.86 5.16 -0.83
CA GLY I 247 55.43 4.56 0.42
C GLY I 247 54.74 3.21 0.28
N SER I 248 54.93 2.53 -0.86
CA SER I 248 54.28 1.27 -1.10
C SER I 248 55.05 0.13 -0.43
N GLY I 249 54.55 -1.10 -0.61
CA GLY I 249 55.22 -2.28 -0.10
C GLY I 249 55.30 -3.38 -1.13
N THR I 250 55.68 -4.57 -0.71
CA THR I 250 55.76 -5.72 -1.60
C THR I 250 54.83 -6.85 -1.22
N ALA I 251 54.15 -6.76 -0.08
CA ALA I 251 53.27 -7.84 0.36
C ALA I 251 52.04 -7.93 -0.54
N ILE I 252 51.47 -9.14 -0.60
CA ILE I 252 50.27 -9.37 -1.39
C ILE I 252 49.12 -9.94 -0.57
N LEU I 253 49.38 -10.60 0.55
CA LEU I 253 48.35 -11.15 1.43
C LEU I 253 48.70 -10.79 2.86
N THR I 254 47.90 -9.93 3.49
CA THR I 254 48.21 -9.44 4.83
C THR I 254 46.95 -9.38 5.67
N PHE I 255 47.15 -9.34 6.99
CA PHE I 255 46.15 -8.84 7.92
C PHE I 255 46.55 -7.44 8.34
N LEU I 256 45.72 -6.48 8.04
CA LEU I 256 45.96 -5.16 8.58
C LEU I 256 44.76 -4.61 9.32
N GLY I 257 43.55 -4.92 8.87
CA GLY I 257 42.35 -4.41 9.50
C GLY I 257 42.19 -2.92 9.27
N GLY I 258 41.00 -2.40 9.52
CA GLY I 258 40.81 -0.98 9.33
C GLY I 258 40.88 -0.58 7.87
N PHE I 259 41.29 0.66 7.64
CA PHE I 259 41.23 1.26 6.31
C PHE I 259 42.60 1.78 5.90
N HIS I 260 42.74 1.99 4.60
CA HIS I 260 43.91 2.67 4.07
C HIS I 260 43.95 4.09 4.61
N PRO I 261 45.10 4.57 5.08
CA PRO I 261 45.15 5.93 5.64
C PRO I 261 44.82 7.02 4.64
N GLN I 262 45.01 6.77 3.35
CA GLN I 262 44.77 7.78 2.31
C GLN I 262 43.41 7.66 1.66
N THR I 263 43.06 6.46 1.16
CA THR I 263 41.78 6.26 0.49
C THR I 263 40.63 6.02 1.46
N LYS I 264 40.92 5.78 2.74
CA LYS I 264 39.90 5.49 3.74
C LYS I 264 39.04 4.30 3.31
N SER I 265 39.71 3.25 2.84
CA SER I 265 39.05 2.04 2.38
C SER I 265 39.90 0.84 2.75
N LEU I 266 39.32 -0.35 2.59
CA LEU I 266 40.00 -1.57 2.98
C LEU I 266 41.27 -1.76 2.16
N TRP I 267 42.28 -2.38 2.81
CA TRP I 267 43.53 -2.65 2.12
C TRP I 267 43.31 -3.66 1.01
N LEU I 268 43.94 -3.40 -0.14
CA LEU I 268 43.85 -4.34 -1.26
C LEU I 268 44.45 -5.69 -0.89
N THR I 269 45.54 -5.68 -0.11
CA THR I 269 46.12 -6.94 0.35
C THR I 269 45.20 -7.66 1.33
N ASP I 270 44.40 -6.91 2.09
CA ASP I 270 43.40 -7.53 2.95
C ASP I 270 42.35 -8.27 2.13
N MET I 271 41.87 -7.64 1.06
CA MET I 271 40.79 -8.24 0.27
C MET I 271 41.29 -9.42 -0.54
N ALA I 272 42.53 -9.36 -1.04
CA ALA I 272 43.09 -10.51 -1.73
C ALA I 272 43.21 -11.72 -0.81
N HIS I 273 43.70 -11.50 0.42
CA HIS I 273 43.76 -12.57 1.40
C HIS I 273 42.38 -13.09 1.74
N HIS I 274 41.40 -12.17 1.87
CA HIS I 274 40.03 -12.57 2.14
C HIS I 274 39.50 -13.50 1.05
N HIS I 275 39.70 -13.12 -0.21
CA HIS I 275 39.17 -13.92 -1.31
C HIS I 275 39.93 -15.24 -1.45
N LEU I 276 41.23 -15.26 -1.14
CA LEU I 276 41.96 -16.52 -1.14
C LEU I 276 41.43 -17.47 -0.08
N ALA I 277 41.18 -16.96 1.12
CA ALA I 277 40.63 -17.80 2.18
C ALA I 277 39.24 -18.30 1.81
N ILE I 278 38.40 -17.42 1.25
CA ILE I 278 37.06 -17.81 0.82
C ILE I 278 37.14 -18.86 -0.28
N ALA I 279 38.07 -18.70 -1.21
CA ALA I 279 38.25 -19.66 -2.29
C ALA I 279 38.61 -21.03 -1.75
N VAL I 280 39.59 -21.07 -0.84
CA VAL I 280 39.99 -22.36 -0.26
C VAL I 280 38.83 -23.01 0.47
N LEU I 281 38.11 -22.22 1.27
CA LEU I 281 37.00 -22.77 2.05
C LEU I 281 35.90 -23.31 1.14
N PHE I 282 35.55 -22.58 0.08
CA PHE I 282 34.45 -23.01 -0.78
C PHE I 282 34.85 -24.18 -1.65
N ILE I 283 36.11 -24.21 -2.11
CA ILE I 283 36.59 -25.36 -2.87
C ILE I 283 36.55 -26.61 -2.00
N VAL I 284 36.96 -26.47 -0.74
CA VAL I 284 36.89 -27.61 0.19
C VAL I 284 35.43 -28.03 0.38
N ALA I 285 34.54 -27.07 0.63
CA ALA I 285 33.15 -27.38 0.91
C ALA I 285 32.41 -27.91 -0.32
N GLY I 286 32.97 -27.75 -1.51
CA GLY I 286 32.33 -28.24 -2.71
C GLY I 286 32.49 -29.72 -2.97
N HIS I 287 33.18 -30.44 -2.09
CA HIS I 287 33.37 -31.87 -2.22
C HIS I 287 32.45 -32.65 -1.29
N MET I 288 31.46 -31.98 -0.70
CA MET I 288 30.66 -32.61 0.34
C MET I 288 29.73 -33.69 -0.22
N TYR I 289 29.06 -33.41 -1.34
CA TYR I 289 27.98 -34.25 -1.80
C TYR I 289 28.47 -35.30 -2.78
N ARG I 290 27.72 -36.41 -2.84
CA ARG I 290 28.17 -37.59 -3.56
C ARG I 290 27.98 -37.45 -5.05
N THR I 291 28.94 -37.98 -5.81
CA THR I 291 28.91 -38.00 -7.26
C THR I 291 29.42 -39.37 -7.70
N ASN I 292 29.83 -39.48 -8.95
CA ASN I 292 30.10 -40.76 -9.59
C ASN I 292 31.29 -41.53 -8.99
N TRP I 293 31.88 -41.03 -7.91
CA TRP I 293 33.08 -41.65 -7.35
C TRP I 293 32.90 -42.13 -5.91
N LEU I 294 31.69 -42.57 -5.57
CA LEU I 294 31.37 -43.39 -4.41
C LEU I 294 31.56 -42.70 -3.07
N ILE I 295 32.09 -41.48 -3.02
CA ILE I 295 32.28 -40.78 -1.76
C ILE I 295 31.50 -39.47 -1.80
N GLY I 296 31.05 -39.04 -0.63
CA GLY I 296 30.26 -37.83 -0.51
C GLY I 296 29.00 -38.11 0.27
N HIS I 297 28.03 -37.21 0.11
CA HIS I 297 26.78 -37.27 0.86
C HIS I 297 25.60 -37.38 -0.08
N GLN I 298 24.59 -38.13 0.36
CA GLN I 298 23.29 -38.16 -0.29
C GLN I 298 22.34 -37.38 0.61
N MET I 299 21.93 -36.20 0.14
CA MET I 299 21.19 -35.27 0.99
C MET I 299 19.82 -35.81 1.39
N LYS I 300 19.26 -36.74 0.63
CA LYS I 300 18.03 -37.40 1.06
C LYS I 300 18.25 -38.12 2.39
N LEU I 301 19.38 -38.83 2.52
CA LEU I 301 19.69 -39.52 3.76
C LEU I 301 19.93 -38.54 4.90
N ILE I 302 20.63 -37.44 4.62
CA ILE I 302 20.89 -36.43 5.65
C ILE I 302 19.58 -35.86 6.17
N LEU I 303 18.68 -35.50 5.25
CA LEU I 303 17.40 -34.93 5.65
C LEU I 303 16.56 -35.95 6.42
N GLU I 304 16.53 -37.20 5.96
CA GLU I 304 15.70 -38.20 6.61
C GLU I 304 16.21 -38.58 7.98
N ALA I 305 17.52 -38.58 8.19
CA ALA I 305 18.10 -38.99 9.46
C ALA I 305 18.00 -37.93 10.54
N HIS I 306 17.55 -36.72 10.21
CA HIS I 306 17.54 -35.61 11.16
C HIS I 306 16.15 -35.48 11.78
N ARG I 307 15.87 -36.38 12.71
CA ARG I 307 14.67 -36.33 13.54
C ARG I 307 15.11 -36.36 14.99
N PRO I 308 14.80 -35.34 15.78
CA PRO I 308 15.19 -35.35 17.20
C PRO I 308 14.62 -36.57 17.91
N PRO I 309 15.44 -37.24 18.73
CA PRO I 309 14.99 -38.52 19.30
C PRO I 309 13.83 -38.38 20.27
N GLY I 310 13.86 -37.37 21.13
CA GLY I 310 12.73 -37.15 22.03
C GLY I 310 11.45 -36.88 21.26
N GLY I 311 11.54 -36.09 20.20
CA GLY I 311 10.44 -35.85 19.30
C GLY I 311 9.75 -34.53 19.58
N ARG I 312 10.16 -33.50 18.84
CA ARG I 312 9.52 -32.20 18.92
C ARG I 312 9.32 -31.56 17.56
N LEU I 313 9.98 -32.06 16.52
CA LEU I 313 9.78 -31.62 15.14
C LEU I 313 8.97 -32.63 14.34
N GLY I 314 8.24 -33.51 15.02
CA GLY I 314 7.47 -34.52 14.32
C GLY I 314 8.36 -35.64 13.86
N ILE I 315 8.30 -35.95 12.56
CA ILE I 315 9.15 -36.98 11.98
C ILE I 315 10.43 -36.41 11.38
N GLY I 316 10.67 -35.11 11.53
CA GLY I 316 11.89 -34.50 11.04
C GLY I 316 11.77 -33.95 9.64
N HIS I 317 12.81 -34.16 8.82
CA HIS I 317 12.89 -33.61 7.47
C HIS I 317 12.80 -34.70 6.41
N ILE I 318 12.03 -35.76 6.67
CA ILE I 318 12.05 -36.93 5.80
C ILE I 318 11.53 -36.60 4.41
N GLY I 319 10.43 -35.86 4.33
CA GLY I 319 9.80 -35.56 3.06
C GLY I 319 10.27 -34.28 2.41
N LEU I 320 11.29 -33.63 2.96
CA LEU I 320 11.74 -32.35 2.44
C LEU I 320 12.51 -32.47 1.13
N TYR I 321 13.23 -33.57 0.93
CA TYR I 321 14.04 -33.70 -0.28
C TYR I 321 13.17 -33.72 -1.53
N GLU I 322 12.16 -34.59 -1.55
CA GLU I 322 11.25 -34.64 -2.70
C GLU I 322 10.41 -33.39 -2.80
N THR I 323 10.11 -32.75 -1.67
CA THR I 323 9.33 -31.51 -1.67
C THR I 323 10.09 -30.40 -2.38
N ILE I 324 11.36 -30.19 -2.00
CA ILE I 324 12.16 -29.12 -2.59
C ILE I 324 12.52 -29.45 -4.03
N THR I 325 12.91 -30.70 -4.29
CA THR I 325 13.38 -31.07 -5.62
C THR I 325 12.29 -30.88 -6.66
N ASN I 326 11.06 -31.28 -6.34
CA ASN I 326 9.96 -31.25 -7.30
C ASN I 326 9.27 -29.89 -7.39
N SER I 327 9.66 -28.91 -6.57
CA SER I 327 9.05 -27.60 -6.57
C SER I 327 10.09 -26.55 -6.93
N LEU I 328 9.79 -25.76 -7.96
CA LEU I 328 10.65 -24.64 -8.33
C LEU I 328 10.34 -23.38 -7.56
N HIS I 329 9.21 -23.32 -6.88
CA HIS I 329 8.88 -22.15 -6.07
C HIS I 329 9.49 -22.20 -4.68
N PHE I 330 9.67 -23.39 -4.12
CA PHE I 330 10.41 -23.53 -2.87
C PHE I 330 11.86 -23.08 -3.05
N GLN I 331 12.51 -23.58 -4.11
CA GLN I 331 13.89 -23.20 -4.38
C GLN I 331 14.00 -21.71 -4.69
N LEU I 332 13.04 -21.18 -5.45
CA LEU I 332 13.06 -19.75 -5.77
C LEU I 332 12.89 -18.91 -4.52
N GLY I 333 11.99 -19.32 -3.62
CA GLY I 333 11.84 -18.59 -2.37
C GLY I 333 13.08 -18.63 -1.51
N LEU I 334 13.72 -19.81 -1.42
CA LEU I 334 14.96 -19.91 -0.66
C LEU I 334 16.04 -19.02 -1.25
N ALA I 335 16.19 -19.05 -2.57
CA ALA I 335 17.21 -18.23 -3.23
C ALA I 335 16.93 -16.74 -3.04
N LEU I 336 15.66 -16.34 -3.14
CA LEU I 336 15.32 -14.94 -2.97
C LEU I 336 15.55 -14.47 -1.54
N ALA I 337 15.23 -15.31 -0.55
CA ALA I 337 15.50 -14.94 0.83
C ALA I 337 16.99 -14.79 1.08
N ALA I 338 17.78 -15.73 0.57
CA ALA I 338 19.23 -15.65 0.73
C ALA I 338 19.78 -14.42 0.05
N LEU I 339 19.31 -14.12 -1.16
CA LEU I 339 19.77 -12.93 -1.88
C LEU I 339 19.37 -11.65 -1.16
N GLY I 340 18.16 -11.61 -0.59
CA GLY I 340 17.75 -10.44 0.16
C GLY I 340 18.62 -10.21 1.37
N VAL I 341 18.91 -11.27 2.13
CA VAL I 341 19.82 -11.13 3.27
C VAL I 341 21.20 -10.71 2.79
N ALA I 342 21.67 -11.27 1.67
CA ALA I 342 23.00 -10.94 1.17
C ALA I 342 23.11 -9.48 0.76
N THR I 343 22.10 -8.96 0.07
CA THR I 343 22.16 -7.57 -0.36
C THR I 343 21.90 -6.60 0.80
N SER I 344 21.11 -7.01 1.79
CA SER I 344 21.08 -6.24 3.03
C SER I 344 22.47 -6.17 3.66
N LEU I 345 23.18 -7.29 3.64
CA LEU I 345 24.55 -7.32 4.15
C LEU I 345 25.46 -6.39 3.35
N THR I 346 25.33 -6.40 2.03
CA THR I 346 26.12 -5.50 1.19
C THR I 346 25.85 -4.05 1.56
N ALA I 347 24.57 -3.68 1.70
CA ALA I 347 24.24 -2.32 2.07
C ALA I 347 24.82 -1.95 3.43
N GLN I 348 24.68 -2.86 4.41
CA GLN I 348 25.12 -2.55 5.77
C GLN I 348 26.64 -2.56 5.92
N HIS I 349 27.37 -3.21 5.02
CA HIS I 349 28.82 -3.29 5.16
C HIS I 349 29.59 -2.38 4.24
N MET I 350 29.01 -2.00 3.09
CA MET I 350 29.73 -1.13 2.18
C MET I 350 29.73 0.33 2.60
N TYR I 351 28.96 0.70 3.64
CA TYR I 351 29.04 2.02 4.23
C TYR I 351 29.88 2.03 5.50
N ALA I 352 29.80 0.98 6.31
CA ALA I 352 30.63 0.90 7.51
C ALA I 352 32.07 0.54 7.15
N LEU I 353 32.25 -0.32 6.17
CA LEU I 353 33.57 -0.79 5.73
C LEU I 353 33.68 -0.52 4.24
N PRO I 354 33.92 0.72 3.84
CA PRO I 354 34.03 1.05 2.41
C PRO I 354 35.17 0.29 1.78
N PRO I 355 34.89 -0.47 0.72
CA PRO I 355 35.94 -1.30 0.10
C PRO I 355 36.66 -0.67 -1.07
N TYR I 356 36.20 0.47 -1.56
CA TYR I 356 36.75 1.09 -2.77
C TYR I 356 37.40 2.41 -2.44
N ALA I 357 38.49 2.71 -3.15
CA ALA I 357 39.28 3.91 -2.89
C ALA I 357 38.45 5.17 -3.13
N PHE I 358 38.51 6.09 -2.17
CA PHE I 358 37.88 7.40 -2.26
C PHE I 358 36.35 7.32 -2.37
N LEU I 359 35.77 6.17 -2.05
CA LEU I 359 34.32 6.05 -2.03
C LEU I 359 33.70 6.62 -0.76
N ALA I 360 34.48 6.70 0.32
CA ALA I 360 33.95 7.24 1.58
C ALA I 360 33.61 8.73 1.45
N SER I 361 34.38 9.46 0.66
CA SER I 361 34.16 10.89 0.48
C SER I 361 33.17 11.21 -0.63
N ASN I 362 32.61 10.19 -1.29
CA ASN I 362 31.60 10.40 -2.33
C ASN I 362 30.22 10.20 -1.69
N PHE I 363 29.79 11.23 -0.96
CA PHE I 363 28.56 11.15 -0.19
C PHE I 363 27.32 10.83 -1.03
N PRO I 364 27.08 11.52 -2.16
CA PRO I 364 25.89 11.16 -2.96
C PRO I 364 25.88 9.72 -3.41
N THR I 365 27.04 9.18 -3.83
CA THR I 365 27.08 7.78 -4.26
C THR I 365 26.93 6.84 -3.07
N GLN I 366 27.45 7.21 -1.90
CA GLN I 366 27.22 6.40 -0.71
C GLN I 366 25.73 6.28 -0.41
N ALA I 367 25.03 7.42 -0.39
CA ALA I 367 23.60 7.39 -0.11
C ALA I 367 22.85 6.62 -1.17
N ALA I 368 23.19 6.83 -2.45
CA ALA I 368 22.50 6.14 -3.54
C ALA I 368 22.72 4.64 -3.45
N LEU I 369 23.95 4.21 -3.17
CA LEU I 369 24.23 2.78 -3.09
C LEU I 369 23.48 2.14 -1.93
N TYR I 370 23.50 2.78 -0.76
CA TYR I 370 22.81 2.18 0.38
C TYR I 370 21.31 2.09 0.12
N THR I 371 20.72 3.17 -0.40
CA THR I 371 19.29 3.17 -0.68
C THR I 371 18.93 2.11 -1.72
N HIS I 372 19.71 2.04 -2.80
CA HIS I 372 19.46 1.08 -3.86
C HIS I 372 19.49 -0.35 -3.32
N HIS I 373 20.53 -0.68 -2.55
CA HIS I 373 20.66 -2.04 -2.07
C HIS I 373 19.61 -2.39 -1.03
N GLN I 374 19.21 -1.43 -0.18
CA GLN I 374 18.17 -1.73 0.78
C GLN I 374 16.81 -1.94 0.10
N TYR I 375 16.51 -1.14 -0.92
CA TYR I 375 15.27 -1.34 -1.66
C TYR I 375 15.26 -2.69 -2.37
N ILE I 376 16.39 -3.05 -3.00
CA ILE I 376 16.50 -4.35 -3.63
C ILE I 376 16.33 -5.46 -2.60
N ALA I 377 16.87 -5.26 -1.40
CA ALA I 377 16.74 -6.25 -0.34
C ALA I 377 15.28 -6.46 0.05
N GLY I 378 14.55 -5.36 0.25
CA GLY I 378 13.13 -5.49 0.56
C GLY I 378 12.36 -6.19 -0.53
N PHE I 379 12.64 -5.84 -1.79
CA PHE I 379 11.98 -6.51 -2.91
C PHE I 379 12.26 -8.00 -2.91
N LEU I 380 13.52 -8.39 -2.69
CA LEU I 380 13.89 -9.79 -2.70
C LEU I 380 13.22 -10.54 -1.57
N MET I 381 13.13 -9.94 -0.39
CA MET I 381 12.49 -10.61 0.74
C MET I 381 11.01 -10.82 0.47
N VAL I 382 10.33 -9.79 -0.05
CA VAL I 382 8.91 -9.93 -0.35
C VAL I 382 8.72 -10.99 -1.43
N GLY I 383 9.63 -11.06 -2.40
CA GLY I 383 9.53 -12.08 -3.43
C GLY I 383 9.72 -13.48 -2.88
N ALA I 384 10.65 -13.63 -1.94
CA ALA I 384 10.85 -14.93 -1.30
C ALA I 384 9.59 -15.39 -0.61
N PHE I 385 8.95 -14.49 0.15
CA PHE I 385 7.74 -14.89 0.86
C PHE I 385 6.59 -15.15 -0.12
N ALA I 386 6.49 -14.36 -1.18
CA ALA I 386 5.45 -14.58 -2.18
C ALA I 386 5.61 -15.94 -2.84
N HIS I 387 6.85 -16.33 -3.15
CA HIS I 387 7.06 -17.62 -3.78
C HIS I 387 6.89 -18.77 -2.79
N GLY I 388 7.15 -18.54 -1.50
CA GLY I 388 6.75 -19.52 -0.52
C GLY I 388 5.25 -19.74 -0.50
N ALA I 389 4.48 -18.65 -0.58
CA ALA I 389 3.03 -18.77 -0.65
C ALA I 389 2.60 -19.51 -1.92
N ILE I 390 3.26 -19.21 -3.05
CA ILE I 390 2.94 -19.91 -4.29
C ILE I 390 3.23 -21.40 -4.17
N PHE I 391 4.35 -21.74 -3.53
CA PHE I 391 4.66 -23.16 -3.28
C PHE I 391 3.57 -23.81 -2.45
N PHE I 392 3.09 -23.12 -1.42
CA PHE I 392 2.00 -23.67 -0.61
C PHE I 392 0.77 -23.91 -1.47
N VAL I 393 0.45 -22.96 -2.35
CA VAL I 393 -0.79 -23.07 -3.13
C VAL I 393 -0.69 -24.22 -4.14
N ARG I 394 0.39 -24.29 -4.90
CA ARG I 394 0.42 -25.10 -6.10
C ARG I 394 1.43 -26.23 -6.10
N ASP I 395 2.39 -26.25 -5.18
CA ASP I 395 3.41 -27.30 -5.17
C ASP I 395 3.41 -28.16 -3.91
N TYR I 396 2.83 -27.69 -2.81
CA TYR I 396 2.87 -28.43 -1.56
C TYR I 396 1.96 -29.64 -1.61
N ASP I 397 2.47 -30.80 -1.21
CA ASP I 397 1.70 -32.04 -1.15
C ASP I 397 1.71 -32.56 0.29
N PRO I 398 0.57 -32.53 0.99
CA PRO I 398 0.57 -33.01 2.39
C PRO I 398 0.95 -34.47 2.53
N ALA I 399 0.67 -35.30 1.51
CA ALA I 399 0.98 -36.72 1.61
C ALA I 399 2.49 -36.97 1.68
N VAL I 400 3.27 -36.22 0.90
CA VAL I 400 4.71 -36.40 0.91
C VAL I 400 5.30 -35.99 2.25
N ASN I 401 4.77 -34.92 2.85
CA ASN I 401 5.27 -34.39 4.11
C ASN I 401 4.61 -35.03 5.32
N THR I 402 3.98 -36.19 5.15
CA THR I 402 3.31 -36.89 6.25
C THR I 402 3.65 -38.37 6.18
N ARG I 403 4.00 -38.96 7.32
CA ARG I 403 4.30 -40.39 7.40
C ARG I 403 3.46 -40.99 8.51
N ASN I 404 2.44 -41.77 8.13
CA ASN I 404 1.59 -42.49 9.08
C ASN I 404 0.93 -41.53 10.07
N GLY I 405 0.31 -40.47 9.55
CA GLY I 405 -0.40 -39.52 10.37
C GLY I 405 0.48 -38.41 10.92
N GLU I 406 1.68 -38.76 11.37
CA GLU I 406 2.61 -37.75 11.86
C GLU I 406 3.12 -36.89 10.71
N LYS I 407 3.33 -35.62 10.99
CA LYS I 407 3.71 -34.64 9.98
C LYS I 407 5.16 -34.23 10.14
N ASN I 408 5.81 -33.91 9.03
CA ASN I 408 7.23 -33.57 9.04
C ASN I 408 7.41 -32.13 9.49
N VAL I 409 8.64 -31.63 9.36
CA VAL I 409 8.97 -30.32 9.91
C VAL I 409 8.23 -29.21 9.17
N LEU I 410 7.97 -29.40 7.87
CA LEU I 410 7.28 -28.36 7.11
C LEU I 410 5.77 -28.45 7.29
N ALA I 411 5.21 -29.66 7.27
CA ALA I 411 3.77 -29.81 7.44
C ALA I 411 3.31 -29.36 8.82
N ARG I 412 4.18 -29.42 9.83
CA ARG I 412 3.83 -28.96 11.17
C ARG I 412 3.72 -27.45 11.26
N MET I 413 4.26 -26.72 10.28
CA MET I 413 4.11 -25.26 10.28
C MET I 413 2.68 -24.84 10.00
N LEU I 414 1.88 -25.72 9.39
CA LEU I 414 0.47 -25.45 9.14
C LEU I 414 -0.42 -25.91 10.29
N GLU I 415 0.13 -26.58 11.30
CA GLU I 415 -0.65 -26.98 12.46
C GLU I 415 -0.72 -25.88 13.51
N HIS I 416 0.43 -25.29 13.86
CA HIS I 416 0.47 -24.13 14.74
C HIS I 416 0.55 -22.83 13.96
N LYS I 417 -0.05 -22.79 12.76
CA LYS I 417 -0.09 -21.57 11.98
C LYS I 417 -0.82 -20.46 12.72
N GLU I 418 -1.89 -20.81 13.44
CA GLU I 418 -2.60 -19.82 14.23
C GLU I 418 -1.72 -19.27 15.34
N ALA I 419 -0.93 -20.13 15.98
CA ALA I 419 0.01 -19.66 17.00
C ALA I 419 1.04 -18.71 16.40
N ILE I 420 1.60 -19.08 15.25
CA ILE I 420 2.61 -18.23 14.61
C ILE I 420 2.01 -16.87 14.25
N ILE I 421 0.83 -16.87 13.64
CA ILE I 421 0.22 -15.61 13.21
C ILE I 421 -0.18 -14.77 14.41
N SER I 422 -0.73 -15.41 15.46
CA SER I 422 -1.13 -14.68 16.65
C SER I 422 0.08 -14.02 17.33
N HIS I 423 1.20 -14.74 17.40
CA HIS I 423 2.36 -14.16 18.06
C HIS I 423 3.04 -13.10 17.19
N LEU I 424 3.04 -13.26 15.87
CA LEU I 424 3.50 -12.17 15.01
C LEU I 424 2.63 -10.93 15.19
N SER I 425 1.31 -11.13 15.27
CA SER I 425 0.41 -10.01 15.51
C SER I 425 0.68 -9.37 16.87
N TRP I 426 0.93 -10.17 17.90
CA TRP I 426 1.22 -9.61 19.21
C TRP I 426 2.51 -8.79 19.19
N VAL I 427 3.56 -9.31 18.56
CA VAL I 427 4.81 -8.57 18.50
C VAL I 427 4.63 -7.28 17.73
N SER I 428 3.92 -7.34 16.59
CA SER I 428 3.69 -6.13 15.80
C SER I 428 2.91 -5.09 16.60
N LEU I 429 1.84 -5.52 17.28
CA LEU I 429 1.06 -4.58 18.08
C LEU I 429 1.88 -4.01 19.22
N PHE I 430 2.65 -4.86 19.91
CA PHE I 430 3.50 -4.42 21.00
C PHE I 430 4.46 -3.33 20.55
N LEU I 431 5.23 -3.62 19.49
CA LEU I 431 6.22 -2.68 18.99
C LEU I 431 5.56 -1.41 18.48
N GLY I 432 4.48 -1.54 17.72
CA GLY I 432 3.84 -0.34 17.18
C GLY I 432 3.27 0.54 18.27
N PHE I 433 2.49 -0.06 19.18
CA PHE I 433 1.92 0.69 20.30
C PHE I 433 2.99 1.46 21.03
N HIS I 434 4.09 0.78 21.39
CA HIS I 434 5.02 1.42 22.31
C HIS I 434 6.00 2.35 21.61
N THR I 435 6.44 2.01 20.40
CA THR I 435 7.27 2.94 19.64
C THR I 435 6.49 4.21 19.32
N LEU I 436 5.24 4.07 18.87
CA LEU I 436 4.43 5.26 18.60
C LEU I 436 4.14 6.02 19.89
N GLY I 437 3.93 5.31 20.99
CA GLY I 437 3.67 5.98 22.26
C GLY I 437 4.85 6.82 22.71
N ILE I 438 6.06 6.25 22.64
CA ILE I 438 7.24 7.00 23.05
C ILE I 438 7.49 8.17 22.09
N TYR I 439 7.32 7.94 20.79
CA TYR I 439 7.53 9.03 19.82
C TYR I 439 6.53 10.17 20.05
N VAL I 440 5.25 9.84 20.26
CA VAL I 440 4.25 10.87 20.48
C VAL I 440 4.43 11.54 21.83
N HIS I 441 4.89 10.79 22.84
CA HIS I 441 5.22 11.41 24.12
C HIS I 441 6.32 12.44 23.96
N ASN I 442 7.37 12.09 23.21
CA ASN I 442 8.42 13.06 22.94
C ASN I 442 7.89 14.24 22.14
N ASP I 443 7.04 13.98 21.14
CA ASP I 443 6.44 15.06 20.36
C ASP I 443 5.71 16.05 21.27
N VAL I 444 4.81 15.55 22.10
CA VAL I 444 3.99 16.42 22.94
C VAL I 444 4.84 17.14 23.97
N VAL I 445 5.78 16.42 24.58
CA VAL I 445 6.59 17.00 25.64
C VAL I 445 7.51 18.09 25.10
N VAL I 446 8.14 17.86 23.95
CA VAL I 446 8.99 18.87 23.33
C VAL I 446 8.15 20.05 22.87
N ALA I 447 6.99 19.78 22.27
CA ALA I 447 6.13 20.84 21.78
C ALA I 447 5.72 21.78 22.91
N PHE I 448 5.42 21.23 24.08
CA PHE I 448 5.05 22.05 25.23
C PHE I 448 6.25 22.77 25.85
N GLY I 449 7.42 22.71 25.20
CA GLY I 449 8.56 23.49 25.64
C GLY I 449 9.34 22.92 26.79
N GLN I 450 9.19 21.64 27.10
CA GLN I 450 9.85 21.01 28.24
C GLN I 450 10.57 19.74 27.78
N PRO I 451 11.62 19.88 26.95
CA PRO I 451 12.26 18.68 26.40
C PRO I 451 12.88 17.77 27.44
N GLU I 452 13.10 18.24 28.66
CA GLU I 452 13.72 17.42 29.69
C GLU I 452 12.84 16.26 30.12
N LYS I 453 11.52 16.32 29.87
CA LYS I 453 10.61 15.25 30.23
C LYS I 453 10.52 14.18 29.15
N GLN I 454 11.41 14.21 28.17
CA GLN I 454 11.42 13.19 27.12
C GLN I 454 11.81 11.84 27.69
N ILE I 455 11.28 10.78 27.07
CA ILE I 455 11.69 9.42 27.38
C ILE I 455 12.77 9.03 26.38
N LEU I 456 14.02 9.00 26.85
CA LEU I 456 15.18 8.69 26.00
C LEU I 456 15.88 7.48 26.60
N VAL I 457 15.81 6.35 25.89
CA VAL I 457 16.40 5.10 26.35
C VAL I 457 17.74 4.92 25.66
N GLU I 458 18.80 4.83 26.45
CA GLU I 458 20.13 4.61 25.89
C GLU I 458 20.24 3.20 25.34
N PRO I 459 20.62 3.03 24.09
CA PRO I 459 20.75 1.68 23.54
C PRO I 459 21.94 0.93 24.10
N LEU I 460 21.84 0.51 25.36
CA LEU I 460 22.98 -0.10 26.03
C LEU I 460 23.35 -1.44 25.41
N PHE I 461 22.35 -2.20 24.95
CA PHE I 461 22.65 -3.50 24.36
C PHE I 461 23.48 -3.35 23.09
N ALA I 462 23.14 -2.39 22.25
CA ALA I 462 23.90 -2.17 21.02
C ALA I 462 25.24 -1.51 21.30
N GLU I 463 25.27 -0.57 22.25
CA GLU I 463 26.54 0.02 22.66
C GLU I 463 27.46 -1.02 23.31
N TRP I 464 26.87 -2.01 23.97
CA TRP I 464 27.65 -3.12 24.50
C TRP I 464 28.37 -3.87 23.39
N ILE I 465 27.68 -4.09 22.26
CA ILE I 465 28.29 -4.75 21.12
C ILE I 465 29.41 -3.90 20.54
N GLN I 466 29.20 -2.58 20.44
CA GLN I 466 30.24 -1.71 19.91
C GLN I 466 31.49 -1.75 20.78
N ALA I 467 31.32 -1.75 22.10
CA ALA I 467 32.46 -1.86 23.00
C ALA I 467 33.14 -3.21 22.87
N ALA I 468 32.36 -4.27 22.61
CA ALA I 468 32.94 -5.60 22.45
C ALA I 468 33.88 -5.66 21.25
N SER I 469 33.61 -4.87 20.22
CA SER I 469 34.45 -4.83 19.03
C SER I 469 35.58 -3.81 19.15
N GLY I 470 35.70 -3.12 20.27
CA GLY I 470 36.85 -2.25 20.51
C GLY I 470 36.53 -0.77 20.65
N LYS I 471 35.28 -0.33 20.59
CA LYS I 471 34.98 1.08 20.67
C LYS I 471 35.05 1.53 22.12
N THR I 472 36.02 2.38 22.43
CA THR I 472 36.18 2.95 23.77
C THR I 472 35.51 4.32 23.82
N LEU I 473 34.18 4.29 23.77
CA LEU I 473 33.40 5.51 23.75
C LEU I 473 32.31 5.47 24.82
N TYR I 474 31.88 4.27 25.19
CA TYR I 474 30.82 4.09 26.17
C TYR I 474 31.33 3.64 27.53
N ASN I 475 32.65 3.58 27.71
CA ASN I 475 33.27 3.23 28.99
C ASN I 475 32.75 1.89 29.51
N PHE I 476 32.81 0.88 28.65
CA PHE I 476 32.38 -0.46 29.04
C PHE I 476 33.54 -1.38 29.40
N ASP I 477 34.70 -1.21 28.76
CA ASP I 477 35.90 -1.98 29.09
C ASP I 477 35.62 -3.48 29.02
N LEU I 478 35.00 -3.91 27.92
CA LEU I 478 34.38 -5.23 27.91
C LEU I 478 35.26 -6.34 27.33
N LEU I 479 35.51 -6.33 26.03
CA LEU I 479 36.31 -7.39 25.43
C LEU I 479 37.51 -6.87 24.65
N LEU I 480 37.24 -6.00 23.67
CA LEU I 480 38.31 -5.36 22.90
C LEU I 480 38.54 -3.92 23.32
N ALA I 481 37.62 -3.34 24.09
CA ALA I 481 37.89 -2.10 24.79
C ALA I 481 38.87 -2.30 25.94
N SER I 482 39.15 -3.54 26.31
CA SER I 482 40.12 -3.87 27.34
C SER I 482 41.37 -4.44 26.69
N SER I 483 42.54 -4.00 27.16
CA SER I 483 43.81 -4.51 26.66
C SER I 483 44.26 -5.79 27.36
N ASN I 484 43.57 -6.20 28.43
CA ASN I 484 43.94 -7.39 29.18
C ASN I 484 43.03 -8.58 28.89
N SER I 485 41.90 -8.38 28.22
CA SER I 485 41.00 -9.48 27.92
C SER I 485 41.66 -10.45 26.94
N PRO I 486 41.36 -11.74 27.05
CA PRO I 486 41.94 -12.71 26.11
C PRO I 486 41.60 -12.45 24.67
N ALA I 487 40.46 -11.80 24.39
CA ALA I 487 40.12 -11.46 23.02
C ALA I 487 41.09 -10.45 22.42
N SER I 488 41.62 -9.55 23.24
CA SER I 488 42.56 -8.54 22.73
C SER I 488 43.97 -9.08 22.64
N VAL I 489 44.44 -9.81 23.66
CA VAL I 489 45.80 -10.33 23.61
C VAL I 489 45.96 -11.28 22.43
N ALA I 490 44.89 -11.98 22.05
CA ALA I 490 44.99 -12.98 21.00
C ALA I 490 45.32 -12.36 19.64
N SER I 491 44.71 -11.22 19.31
CA SER I 491 44.92 -10.58 18.01
C SER I 491 45.70 -9.27 18.14
N SER I 492 46.39 -9.06 19.25
CA SER I 492 47.14 -7.82 19.42
C SER I 492 48.25 -7.67 18.39
N GLN I 493 48.64 -8.76 17.73
CA GLN I 493 49.72 -8.74 16.76
C GLN I 493 49.25 -8.98 15.32
N LEU I 494 47.95 -9.15 15.10
CA LEU I 494 47.46 -9.51 13.77
C LEU I 494 46.61 -8.42 13.13
N TRP I 495 45.49 -8.03 13.75
CA TRP I 495 44.63 -7.04 13.12
C TRP I 495 43.98 -6.04 14.07
N LEU I 496 44.26 -6.09 15.38
CA LEU I 496 43.71 -5.07 16.26
C LEU I 496 44.24 -3.67 15.99
N PRO I 497 45.55 -3.45 15.82
CA PRO I 497 46.01 -2.05 15.61
C PRO I 497 45.33 -1.38 14.44
N GLY I 498 45.09 -2.09 13.34
CA GLY I 498 44.32 -1.52 12.25
C GLY I 498 42.85 -1.38 12.59
N TRP I 499 42.26 -2.38 13.23
CA TRP I 499 40.83 -2.35 13.53
C TRP I 499 40.52 -1.29 14.58
N LEU I 500 41.32 -1.23 15.65
CA LEU I 500 41.07 -0.25 16.71
C LEU I 500 41.23 1.17 16.20
N SER I 501 42.23 1.41 15.34
CA SER I 501 42.45 2.73 14.79
C SER I 501 41.30 3.19 13.91
N ALA I 502 40.54 2.26 13.34
CA ALA I 502 39.41 2.61 12.48
C ALA I 502 38.11 2.72 13.26
N ILE I 503 37.85 1.79 14.19
CA ILE I 503 36.61 1.83 14.96
C ILE I 503 36.59 3.04 15.88
N ASN I 504 37.75 3.44 16.42
CA ASN I 504 37.84 4.60 17.31
C ASN I 504 38.27 5.83 16.52
N ASP I 505 37.43 6.21 15.56
CA ASP I 505 37.67 7.38 14.72
C ASP I 505 36.33 8.03 14.42
N GLY I 506 36.24 9.34 14.67
CA GLY I 506 34.98 10.04 14.50
C GLY I 506 34.60 10.33 13.06
N LYS I 507 35.53 10.21 12.13
CA LYS I 507 35.26 10.52 10.73
C LYS I 507 34.78 9.32 9.93
N ASN I 508 34.82 8.12 10.50
CA ASN I 508 34.37 6.92 9.82
C ASN I 508 32.87 6.74 9.99
N SER I 509 32.32 5.81 9.20
CA SER I 509 31.00 5.27 9.44
C SER I 509 31.06 3.90 10.12
N LEU I 510 32.27 3.42 10.42
CA LEU I 510 32.45 2.15 11.11
C LEU I 510 31.91 2.27 12.52
N PHE I 511 30.79 1.61 12.80
CA PHE I 511 30.16 1.59 14.13
C PHE I 511 29.87 3.02 14.60
N LEU I 512 28.93 3.65 13.88
CA LEU I 512 28.58 5.03 14.18
C LEU I 512 28.10 5.14 15.62
N PRO I 513 28.48 6.20 16.34
CA PRO I 513 27.96 6.37 17.71
C PRO I 513 26.45 6.49 17.70
N ILE I 514 25.82 5.90 18.71
CA ILE I 514 24.37 5.77 18.75
C ILE I 514 23.85 6.37 20.05
N GLY I 515 22.59 6.80 20.01
CA GLY I 515 21.93 7.35 21.16
C GLY I 515 20.48 6.94 21.22
N PRO I 516 19.67 7.65 22.01
CA PRO I 516 18.24 7.31 22.12
C PRO I 516 17.50 7.36 20.79
N GLY I 517 17.84 8.28 19.91
CA GLY I 517 17.21 8.31 18.60
C GLY I 517 17.47 7.03 17.82
N ASP I 518 18.69 6.52 17.89
CA ASP I 518 18.99 5.24 17.26
C ASP I 518 18.16 4.12 17.87
N PHE I 519 18.00 4.13 19.19
CA PHE I 519 17.15 3.14 19.86
C PHE I 519 15.74 3.16 19.32
N LEU I 520 15.12 4.35 19.28
CA LEU I 520 13.74 4.46 18.85
C LEU I 520 13.59 4.07 17.38
N VAL I 521 14.51 4.51 16.53
CA VAL I 521 14.38 4.18 15.11
C VAL I 521 14.64 2.71 14.87
N HIS I 522 15.51 2.08 15.66
CA HIS I 522 15.71 0.64 15.52
C HIS I 522 14.45 -0.12 15.93
N HIS I 523 13.75 0.38 16.95
CA HIS I 523 12.49 -0.26 17.32
C HIS I 523 11.43 -0.07 16.24
N ALA I 524 11.43 1.10 15.59
CA ALA I 524 10.54 1.30 14.44
C ALA I 524 10.87 0.34 13.31
N ILE I 525 12.16 0.12 13.06
CA ILE I 525 12.59 -0.82 12.03
C ILE I 525 12.15 -2.23 12.39
N ALA I 526 12.30 -2.61 13.67
CA ALA I 526 11.85 -3.93 14.11
C ALA I 526 10.35 -4.08 13.92
N LEU I 527 9.57 -3.04 14.24
CA LEU I 527 8.14 -3.09 14.02
C LEU I 527 7.81 -3.28 12.54
N GLY I 528 8.50 -2.55 11.67
CA GLY I 528 8.26 -2.71 10.24
C GLY I 528 8.58 -4.10 9.74
N LEU I 529 9.72 -4.64 10.18
CA LEU I 529 10.10 -5.99 9.79
C LEU I 529 9.07 -7.00 10.28
N HIS I 530 8.64 -6.87 11.54
CA HIS I 530 7.70 -7.83 12.10
C HIS I 530 6.35 -7.74 11.41
N THR I 531 5.89 -6.54 11.06
CA THR I 531 4.58 -6.43 10.41
C THR I 531 4.63 -6.95 8.98
N THR I 532 5.70 -6.64 8.23
CA THR I 532 5.84 -7.20 6.89
C THR I 532 5.91 -8.73 6.95
N THR I 533 6.67 -9.26 7.91
CA THR I 533 6.74 -10.70 8.09
C THR I 533 5.38 -11.27 8.46
N LEU I 534 4.62 -10.56 9.30
CA LEU I 534 3.29 -11.03 9.67
C LEU I 534 2.39 -11.14 8.45
N ILE I 535 2.36 -10.10 7.62
CA ILE I 535 1.52 -10.14 6.44
C ILE I 535 1.94 -11.28 5.52
N LEU I 536 3.24 -11.40 5.26
CA LEU I 536 3.72 -12.41 4.31
C LEU I 536 3.52 -13.82 4.84
N VAL I 537 3.83 -14.06 6.12
CA VAL I 537 3.66 -15.39 6.70
C VAL I 537 2.19 -15.76 6.78
N LYS I 538 1.33 -14.80 7.13
CA LYS I 538 -0.10 -15.06 7.15
C LYS I 538 -0.60 -15.43 5.77
N GLY I 539 -0.16 -14.71 4.75
CA GLY I 539 -0.56 -15.06 3.39
C GLY I 539 -0.04 -16.41 2.95
N ALA I 540 1.18 -16.75 3.35
CA ALA I 540 1.76 -18.03 2.95
C ALA I 540 1.05 -19.19 3.63
N LEU I 541 0.86 -19.10 4.95
CA LEU I 541 0.24 -20.20 5.68
C LEU I 541 -1.24 -20.33 5.37
N ASP I 542 -1.94 -19.20 5.28
CA ASP I 542 -3.36 -19.18 4.95
C ASP I 542 -3.62 -19.31 3.46
N ALA I 543 -2.58 -19.57 2.67
CA ALA I 543 -2.73 -19.68 1.22
C ALA I 543 -3.62 -20.87 0.84
N ARG I 544 -3.47 -21.98 1.54
CA ARG I 544 -4.21 -23.20 1.19
C ARG I 544 -5.63 -23.21 1.74
N GLY I 545 -5.99 -22.26 2.57
CA GLY I 545 -7.35 -22.18 3.09
C GLY I 545 -7.40 -21.57 4.47
N SER I 546 -8.60 -21.14 4.85
CA SER I 546 -8.86 -20.55 6.15
C SER I 546 -10.29 -20.89 6.55
N LYS I 547 -10.80 -20.21 7.58
CA LYS I 547 -12.19 -20.41 7.95
C LYS I 547 -13.12 -19.72 6.97
N LEU I 548 -12.73 -18.54 6.47
CA LEU I 548 -13.53 -17.83 5.50
C LEU I 548 -13.52 -18.49 4.13
N MET I 549 -12.49 -19.30 3.84
CA MET I 549 -12.37 -19.95 2.53
C MET I 549 -11.56 -21.23 2.71
N PRO I 550 -12.20 -22.30 3.17
CA PRO I 550 -11.46 -23.55 3.43
C PRO I 550 -11.07 -24.32 2.18
N ASP I 551 -11.29 -23.74 1.00
CA ASP I 551 -10.86 -24.34 -0.26
C ASP I 551 -10.08 -23.34 -1.10
N LYS I 552 -9.31 -22.46 -0.45
CA LYS I 552 -8.60 -21.42 -1.17
C LYS I 552 -7.56 -21.99 -2.14
N LYS I 553 -7.06 -23.20 -1.86
CA LYS I 553 -6.08 -23.81 -2.76
C LYS I 553 -6.69 -24.15 -4.11
N ASP I 554 -8.01 -24.40 -4.15
CA ASP I 554 -8.67 -24.71 -5.40
C ASP I 554 -8.84 -23.51 -6.31
N PHE I 555 -8.61 -22.31 -5.80
CA PHE I 555 -8.77 -21.09 -6.58
C PHE I 555 -7.43 -20.51 -7.05
N GLY I 556 -6.31 -21.11 -6.64
CA GLY I 556 -5.01 -20.66 -7.08
C GLY I 556 -4.40 -19.61 -6.18
N TYR I 557 -3.18 -19.21 -6.56
CA TYR I 557 -2.45 -18.22 -5.78
C TYR I 557 -3.09 -16.83 -5.90
N SER I 558 -3.49 -16.44 -7.10
CA SER I 558 -4.01 -15.10 -7.37
C SER I 558 -5.40 -15.21 -7.96
N PHE I 559 -6.40 -14.78 -7.20
CA PHE I 559 -7.76 -14.63 -7.67
C PHE I 559 -8.34 -13.39 -7.01
N PRO I 560 -9.35 -12.76 -7.64
CA PRO I 560 -9.85 -11.49 -7.08
C PRO I 560 -10.41 -11.63 -5.67
N CYS I 561 -11.34 -12.54 -5.47
CA CYS I 561 -12.07 -12.66 -4.21
C CYS I 561 -12.84 -13.97 -4.21
N ASP I 562 -13.73 -14.14 -3.24
CA ASP I 562 -14.72 -15.19 -3.25
C ASP I 562 -16.15 -14.64 -3.26
N GLY I 563 -16.39 -13.40 -3.54
CA GLY I 563 -17.79 -13.00 -3.60
C GLY I 563 -18.35 -12.01 -2.65
N PRO I 564 -19.64 -11.84 -2.67
CA PRO I 564 -20.17 -10.78 -1.83
C PRO I 564 -20.93 -11.24 -0.66
N GLY I 565 -21.03 -12.52 -0.43
CA GLY I 565 -21.87 -13.00 0.67
C GLY I 565 -21.11 -13.44 1.86
N ARG I 566 -21.66 -14.33 2.64
CA ARG I 566 -20.95 -14.85 3.77
C ARG I 566 -20.19 -13.80 4.48
N GLY I 567 -20.59 -12.55 4.40
CA GLY I 567 -19.81 -11.50 4.98
C GLY I 567 -19.23 -10.57 3.95
N GLY I 568 -18.26 -11.03 3.19
CA GLY I 568 -17.64 -10.25 2.16
C GLY I 568 -16.51 -11.12 1.79
N THR I 569 -15.62 -10.66 0.96
CA THR I 569 -14.46 -11.45 0.68
C THR I 569 -13.42 -10.67 -0.11
N CYS I 570 -13.04 -9.51 0.34
CA CYS I 570 -12.07 -8.69 -0.39
C CYS I 570 -10.66 -9.08 0.01
N ASP I 571 -9.76 -9.12 -0.98
CA ASP I 571 -8.33 -9.33 -0.73
C ASP I 571 -8.07 -10.59 0.07
N ILE I 572 -8.77 -11.68 -0.28
CA ILE I 572 -8.66 -12.92 0.49
C ILE I 572 -7.60 -13.86 -0.05
N SER I 573 -7.09 -13.63 -1.27
CA SER I 573 -6.12 -14.53 -1.86
C SER I 573 -4.73 -14.29 -1.26
N ALA I 574 -3.84 -15.24 -1.52
CA ALA I 574 -2.46 -15.11 -1.06
C ALA I 574 -1.72 -14.02 -1.82
N TRP I 575 -2.08 -13.80 -3.09
CA TRP I 575 -1.50 -12.70 -3.86
C TRP I 575 -1.81 -11.37 -3.20
N ASP I 576 -3.01 -11.23 -2.64
CA ASP I 576 -3.39 -10.00 -1.96
C ASP I 576 -2.55 -9.77 -0.71
N ALA I 577 -2.09 -10.85 -0.06
CA ALA I 577 -1.18 -10.69 1.07
C ALA I 577 0.15 -10.11 0.64
N PHE I 578 0.70 -10.60 -0.48
CA PHE I 578 1.87 -9.96 -1.08
C PHE I 578 1.58 -8.49 -1.40
N TYR I 579 0.40 -8.24 -1.96
CA TYR I 579 0.07 -6.88 -2.38
C TYR I 579 0.02 -5.93 -1.19
N LEU I 580 -0.53 -6.39 -0.06
CA LEU I 580 -0.59 -5.59 1.15
C LEU I 580 0.78 -5.45 1.79
N ALA I 581 1.59 -6.50 1.74
CA ALA I 581 2.91 -6.47 2.36
C ALA I 581 3.91 -5.65 1.56
N MET I 582 3.62 -5.38 0.28
CA MET I 582 4.50 -4.49 -0.48
C MET I 582 4.50 -3.08 0.12
N PHE I 583 3.33 -2.60 0.54
CA PHE I 583 3.26 -1.30 1.19
C PHE I 583 4.09 -1.28 2.47
N TRP I 584 4.01 -2.34 3.26
CA TRP I 584 4.76 -2.38 4.50
C TRP I 584 6.26 -2.53 4.26
N MET I 585 6.66 -3.27 3.22
CA MET I 585 8.06 -3.32 2.84
C MET I 585 8.56 -1.95 2.42
N LEU I 586 7.77 -1.24 1.61
CA LEU I 586 8.17 0.10 1.19
C LEU I 586 8.30 1.02 2.39
N ASN I 587 7.36 0.92 3.33
CA ASN I 587 7.41 1.75 4.53
C ASN I 587 8.62 1.43 5.39
N THR I 588 8.92 0.14 5.57
CA THR I 588 10.07 -0.25 6.38
C THR I 588 11.38 0.17 5.74
N ILE I 589 11.52 -0.03 4.43
CA ILE I 589 12.72 0.43 3.74
C ILE I 589 12.81 1.94 3.77
N GLY I 590 11.68 2.63 3.70
CA GLY I 590 11.70 4.08 3.84
C GLY I 590 12.20 4.52 5.21
N TRP I 591 11.75 3.83 6.27
CA TRP I 591 12.25 4.16 7.60
C TRP I 591 13.75 3.90 7.70
N VAL I 592 14.21 2.76 7.18
CA VAL I 592 15.62 2.40 7.26
C VAL I 592 16.46 3.43 6.51
N THR I 593 16.03 3.79 5.30
CA THR I 593 16.80 4.70 4.47
C THR I 593 16.74 6.13 5.01
N PHE I 594 15.59 6.53 5.57
CA PHE I 594 15.49 7.83 6.23
C PHE I 594 16.47 7.91 7.38
N TYR I 595 16.51 6.87 8.22
CA TYR I 595 17.43 6.85 9.35
C TYR I 595 18.87 6.93 8.89
N TRP I 596 19.24 6.08 7.91
CA TRP I 596 20.61 6.07 7.41
C TRP I 596 20.99 7.42 6.83
N HIS I 597 20.12 7.98 5.98
CA HIS I 597 20.46 9.21 5.29
C HIS I 597 20.54 10.38 6.25
N TRP I 598 19.62 10.48 7.22
CA TRP I 598 19.71 11.59 8.17
C TRP I 598 20.94 11.45 9.06
N LYS I 599 21.23 10.23 9.54
CA LYS I 599 22.42 10.04 10.35
C LYS I 599 23.67 10.44 9.58
N HIS I 600 23.77 10.05 8.32
CA HIS I 600 24.97 10.35 7.56
C HIS I 600 25.02 11.81 7.09
N LEU I 601 23.87 12.44 6.85
CA LEU I 601 23.88 13.87 6.56
C LEU I 601 24.36 14.68 7.75
N THR I 602 23.92 14.30 8.96
CA THR I 602 24.42 14.99 10.14
C THR I 602 25.89 14.69 10.37
N LEU I 603 26.33 13.45 10.10
CA LEU I 603 27.74 13.11 10.28
C LEU I 603 28.63 13.89 9.30
N TRP I 604 28.20 13.98 8.03
CA TRP I 604 29.02 14.66 7.03
C TRP I 604 29.03 16.16 7.24
N GLN I 605 27.86 16.74 7.53
CA GLN I 605 27.79 18.18 7.78
C GLN I 605 28.45 18.57 9.10
N GLY I 606 28.56 17.64 10.05
CA GLY I 606 29.18 17.89 11.32
C GLY I 606 28.21 18.14 12.46
N ASN I 607 26.95 18.43 12.16
CA ASN I 607 25.95 18.72 13.20
C ASN I 607 25.27 17.44 13.67
N GLN I 608 26.09 16.49 14.14
CA GLN I 608 25.55 15.26 14.69
C GLN I 608 24.69 15.52 15.93
N VAL I 609 24.86 16.67 16.58
CA VAL I 609 23.99 17.04 17.68
C VAL I 609 22.57 17.31 17.20
N GLN I 610 22.40 17.70 15.93
CA GLN I 610 21.06 17.91 15.40
C GLN I 610 20.27 16.61 15.35
N PHE I 611 20.92 15.51 14.92
CA PHE I 611 20.23 14.23 14.91
C PHE I 611 19.99 13.71 16.32
N ASN I 612 21.02 13.79 17.18
CA ASN I 612 20.93 13.19 18.51
C ASN I 612 19.84 13.84 19.35
N GLU I 613 19.48 15.08 19.05
CA GLU I 613 18.45 15.79 19.79
C GLU I 613 17.08 15.72 19.13
N SER I 614 17.02 15.93 17.81
CA SER I 614 15.74 16.01 17.11
C SER I 614 15.23 14.67 16.62
N SER I 615 16.02 13.60 16.69
CA SER I 615 15.58 12.32 16.16
C SER I 615 14.70 11.55 17.13
N ASN I 616 14.48 12.06 18.33
CA ASN I 616 13.68 11.38 19.34
C ASN I 616 12.19 11.67 19.21
N TYR I 617 11.79 12.61 18.36
CA TYR I 617 10.39 12.95 18.20
C TYR I 617 10.09 13.16 16.72
N ILE I 618 8.83 12.92 16.34
CA ILE I 618 8.47 12.85 14.92
C ILE I 618 8.66 14.20 14.25
N MET I 619 8.22 15.28 14.90
CA MET I 619 8.38 16.61 14.31
C MET I 619 9.84 16.93 14.07
N GLY I 620 10.73 16.39 14.90
CA GLY I 620 12.15 16.54 14.63
C GLY I 620 12.52 15.97 13.27
N TRP I 621 12.06 14.76 12.98
CA TRP I 621 12.29 14.19 11.66
C TRP I 621 11.69 15.08 10.58
N LEU I 622 10.41 15.40 10.71
CA LEU I 622 9.70 16.12 9.65
C LEU I 622 10.34 17.47 9.36
N ARG I 623 10.82 18.16 10.40
CA ARG I 623 11.35 19.51 10.24
C ARG I 623 12.82 19.50 9.82
N ASP I 624 13.64 18.66 10.44
CA ASP I 624 15.08 18.74 10.26
C ASP I 624 15.62 17.83 9.18
N TYR I 625 14.90 16.76 8.81
CA TYR I 625 15.35 15.95 7.69
C TYR I 625 14.64 16.39 6.43
N LEU I 626 13.31 16.19 6.38
CA LEU I 626 12.58 16.39 5.14
C LEU I 626 12.50 17.88 4.78
N TRP I 627 11.88 18.67 5.66
CA TRP I 627 11.68 20.08 5.36
C TRP I 627 13.00 20.82 5.21
N LEU I 628 13.99 20.45 6.02
CA LEU I 628 15.27 21.15 5.96
C LEU I 628 16.05 20.81 4.69
N ASN I 629 16.22 19.52 4.40
CA ASN I 629 17.06 19.14 3.27
C ASN I 629 16.32 19.16 1.93
N SER I 630 15.01 19.40 1.93
CA SER I 630 14.29 19.51 0.67
C SER I 630 14.45 20.86 0.01
N SER I 631 15.05 21.84 0.70
CA SER I 631 15.22 23.17 0.12
C SER I 631 16.10 23.17 -1.13
N PRO I 632 17.29 22.56 -1.14
CA PRO I 632 18.07 22.55 -2.39
C PRO I 632 17.37 21.85 -3.53
N LEU I 633 16.60 20.79 -3.24
CA LEU I 633 15.97 20.01 -4.30
C LEU I 633 14.86 20.80 -4.99
N ILE I 634 13.97 21.41 -4.22
CA ILE I 634 12.84 22.11 -4.82
C ILE I 634 13.31 23.34 -5.59
N ASN I 635 14.43 23.93 -5.20
CA ASN I 635 15.02 25.03 -5.96
C ASN I 635 16.00 24.51 -7.01
N GLY I 636 15.57 23.51 -7.77
CA GLY I 636 16.33 23.03 -8.90
C GLY I 636 15.97 23.84 -10.11
N TYR I 637 14.77 24.42 -10.07
CA TYR I 637 14.34 25.41 -11.04
C TYR I 637 13.27 26.27 -10.38
N ASN I 638 13.44 27.58 -10.48
CA ASN I 638 12.53 28.57 -9.90
C ASN I 638 12.17 29.57 -10.98
N PRO I 639 11.23 30.49 -10.70
CA PRO I 639 10.91 31.51 -11.71
C PRO I 639 12.09 32.42 -12.07
N PHE I 640 13.25 32.18 -11.47
CA PHE I 640 14.44 32.96 -11.75
C PHE I 640 15.51 32.21 -12.52
N GLY I 641 15.55 30.89 -12.42
CA GLY I 641 16.57 30.13 -13.13
C GLY I 641 16.46 28.66 -12.83
N MET I 642 17.56 27.94 -13.02
CA MET I 642 17.62 26.51 -12.78
C MET I 642 19.05 26.10 -12.53
N ASN I 643 19.21 24.90 -11.99
CA ASN I 643 20.52 24.31 -11.68
C ASN I 643 20.60 22.93 -12.30
N SER I 644 21.76 22.28 -12.14
CA SER I 644 21.89 20.89 -12.55
C SER I 644 21.01 19.95 -11.74
N LEU I 645 20.46 20.43 -10.62
CA LEU I 645 19.50 19.69 -9.82
C LEU I 645 18.08 19.83 -10.34
N SER I 646 17.88 20.49 -11.47
CA SER I 646 16.53 20.67 -12.01
C SER I 646 15.89 19.33 -12.36
N VAL I 647 16.68 18.40 -12.90
CA VAL I 647 16.14 17.09 -13.24
C VAL I 647 15.65 16.36 -11.99
N TRP I 648 16.32 16.59 -10.85
CA TRP I 648 15.90 15.91 -9.63
C TRP I 648 14.59 16.48 -9.08
N ALA I 649 14.38 17.79 -9.22
CA ALA I 649 13.09 18.37 -8.83
C ALA I 649 11.97 17.86 -9.73
N TRP I 650 12.24 17.76 -11.03
CA TRP I 650 11.25 17.20 -11.94
C TRP I 650 10.93 15.75 -11.59
N MET I 651 11.95 14.96 -11.25
CA MET I 651 11.71 13.59 -10.82
C MET I 651 10.97 13.52 -9.50
N PHE I 652 11.22 14.48 -8.60
CA PHE I 652 10.46 14.59 -7.36
C PHE I 652 8.97 14.74 -7.63
N LEU I 653 8.63 15.71 -8.46
CA LEU I 653 7.22 15.93 -8.81
C LEU I 653 6.65 14.74 -9.56
N PHE I 654 7.45 14.14 -10.44
CA PHE I 654 7.00 12.96 -11.18
C PHE I 654 6.67 11.81 -10.24
N GLY I 655 7.52 11.59 -9.24
CA GLY I 655 7.24 10.55 -8.26
C GLY I 655 5.99 10.83 -7.46
N HIS I 656 5.78 12.08 -7.06
CA HIS I 656 4.53 12.43 -6.38
C HIS I 656 3.32 12.13 -7.26
N LEU I 657 3.41 12.49 -8.54
CA LEU I 657 2.29 12.25 -9.46
C LEU I 657 2.00 10.77 -9.64
N VAL I 658 3.05 9.96 -9.81
CA VAL I 658 2.84 8.52 -9.97
C VAL I 658 2.28 7.91 -8.69
N TRP I 659 2.75 8.39 -7.54
CA TRP I 659 2.22 7.95 -6.26
C TRP I 659 0.72 8.21 -6.16
N ALA I 660 0.29 9.40 -6.54
CA ALA I 660 -1.13 9.72 -6.43
C ALA I 660 -1.97 9.00 -7.49
N THR I 661 -1.39 8.72 -8.66
CA THR I 661 -2.11 7.88 -9.63
C THR I 661 -2.28 6.46 -9.09
N GLY I 662 -1.27 5.96 -8.37
CA GLY I 662 -1.46 4.73 -7.64
C GLY I 662 -2.59 4.82 -6.65
N PHE I 663 -2.67 5.96 -5.96
CA PHE I 663 -3.81 6.19 -5.05
C PHE I 663 -5.13 6.07 -5.80
N MET I 664 -5.23 6.68 -6.99
CA MET I 664 -6.38 6.44 -7.88
C MET I 664 -6.69 4.95 -8.00
N PHE I 665 -5.71 4.18 -8.43
CA PHE I 665 -5.97 2.79 -8.79
C PHE I 665 -6.26 1.92 -7.57
N LEU I 666 -5.86 2.38 -6.39
CA LEU I 666 -6.07 1.62 -5.17
C LEU I 666 -7.38 1.97 -4.48
N ILE I 667 -7.74 3.25 -4.40
CA ILE I 667 -8.95 3.64 -3.70
C ILE I 667 -10.19 3.33 -4.52
N SER I 668 -10.24 3.83 -5.75
CA SER I 668 -11.35 3.55 -6.65
C SER I 668 -11.21 2.16 -7.25
N TRP I 669 -12.24 1.34 -7.09
CA TRP I 669 -12.22 -0.03 -7.57
C TRP I 669 -13.03 -0.14 -8.86
N ARG I 670 -13.21 -1.36 -9.34
CA ARG I 670 -13.86 -1.60 -10.63
C ARG I 670 -15.36 -1.33 -10.49
N GLY I 671 -16.07 -1.56 -11.52
CA GLY I 671 -17.48 -1.39 -11.35
C GLY I 671 -17.86 0.02 -11.49
N TYR I 672 -16.98 0.89 -11.10
CA TYR I 672 -17.26 2.28 -11.26
C TYR I 672 -16.61 2.69 -12.56
N TRP I 673 -15.70 1.86 -13.05
CA TRP I 673 -15.00 2.20 -14.21
C TRP I 673 -15.51 1.41 -15.35
N GLN I 674 -16.28 0.40 -15.11
CA GLN I 674 -16.91 -0.35 -16.19
C GLN I 674 -18.11 0.41 -16.76
N GLU I 675 -18.92 1.02 -15.90
CA GLU I 675 -20.07 1.78 -16.39
C GLU I 675 -19.63 3.03 -17.14
N LEU I 676 -18.58 3.70 -16.66
CA LEU I 676 -18.04 4.85 -17.39
C LEU I 676 -17.51 4.43 -18.75
N ILE I 677 -16.84 3.28 -18.81
CA ILE I 677 -16.34 2.77 -20.09
C ILE I 677 -17.50 2.43 -21.02
N GLU I 678 -18.59 1.92 -20.47
CA GLU I 678 -19.78 1.65 -21.28
C GLU I 678 -20.35 2.95 -21.84
N THR I 679 -20.38 4.01 -21.05
CA THR I 679 -20.83 5.30 -21.56
C THR I 679 -19.92 5.80 -22.68
N ILE I 680 -18.61 5.65 -22.52
CA ILE I 680 -17.67 6.05 -23.56
C ILE I 680 -17.88 5.21 -24.83
N VAL I 681 -18.15 3.92 -24.65
CA VAL I 681 -18.40 3.04 -25.78
C VAL I 681 -19.64 3.49 -26.55
N TRP I 682 -20.71 3.82 -25.82
CA TRP I 682 -21.91 4.34 -26.48
C TRP I 682 -21.60 5.62 -27.22
N ALA I 683 -20.84 6.52 -26.60
CA ALA I 683 -20.52 7.78 -27.25
C ALA I 683 -19.76 7.57 -28.54
N HIS I 684 -18.77 6.66 -28.53
CA HIS I 684 -18.03 6.38 -29.75
C HIS I 684 -18.91 5.72 -30.80
N GLU I 685 -19.78 4.80 -30.39
CA GLU I 685 -20.62 4.09 -31.35
C GLU I 685 -21.69 4.99 -31.96
N ARG I 686 -22.10 6.06 -31.29
CA ARG I 686 -23.20 6.88 -31.75
C ARG I 686 -22.77 8.24 -32.27
N THR I 687 -21.51 8.39 -32.67
CA THR I 687 -21.04 9.67 -33.18
C THR I 687 -20.57 9.52 -34.63
N PRO I 688 -20.96 10.42 -35.52
CA PRO I 688 -20.50 10.35 -36.91
C PRO I 688 -19.03 10.72 -37.02
N LEU I 689 -18.44 10.30 -38.14
CA LEU I 689 -17.05 10.58 -38.50
C LEU I 689 -16.08 9.78 -37.64
N ALA I 690 -16.61 9.11 -36.62
CA ALA I 690 -15.83 8.20 -35.79
C ALA I 690 -16.42 6.79 -35.77
N ASN I 691 -17.65 6.61 -36.27
CA ASN I 691 -18.19 5.28 -36.47
C ASN I 691 -17.38 4.47 -37.47
N LEU I 692 -16.68 5.15 -38.38
CA LEU I 692 -15.84 4.46 -39.36
C LEU I 692 -14.72 3.68 -38.70
N VAL I 693 -14.33 4.05 -37.49
CA VAL I 693 -13.26 3.38 -36.74
C VAL I 693 -13.89 2.66 -35.57
N ARG I 694 -13.65 1.35 -35.47
CA ARG I 694 -14.18 0.53 -34.40
C ARG I 694 -13.09 -0.37 -33.84
N TRP I 695 -13.17 -0.63 -32.55
CA TRP I 695 -12.18 -1.46 -31.87
C TRP I 695 -12.34 -2.92 -32.27
N LYS I 696 -11.24 -3.67 -32.20
CA LYS I 696 -11.29 -5.11 -32.38
C LYS I 696 -11.47 -5.83 -31.06
N ASP I 697 -10.87 -5.32 -29.99
CA ASP I 697 -11.07 -5.83 -28.64
C ASP I 697 -12.03 -4.91 -27.91
N LYS I 698 -13.05 -5.49 -27.29
CA LYS I 698 -14.03 -4.68 -26.58
C LYS I 698 -13.38 -4.01 -25.38
N PRO I 699 -13.41 -2.68 -25.29
CA PRO I 699 -12.76 -2.00 -24.16
C PRO I 699 -13.53 -2.28 -22.87
N VAL I 700 -12.82 -2.83 -21.87
CA VAL I 700 -13.39 -3.12 -20.56
C VAL I 700 -12.47 -2.58 -19.49
N ALA I 701 -13.01 -2.40 -18.30
CA ALA I 701 -12.22 -1.93 -17.17
C ALA I 701 -11.21 -2.99 -16.75
N LEU I 702 -10.12 -2.53 -16.15
CA LEU I 702 -9.09 -3.45 -15.67
C LEU I 702 -9.66 -4.36 -14.59
N SER I 703 -9.21 -5.61 -14.57
CA SER I 703 -9.70 -6.55 -13.59
C SER I 703 -9.26 -6.14 -12.19
N ILE I 704 -9.90 -6.75 -11.18
CA ILE I 704 -9.64 -6.37 -9.79
C ILE I 704 -8.17 -6.62 -9.43
N VAL I 705 -7.66 -7.81 -9.76
CA VAL I 705 -6.26 -8.12 -9.49
C VAL I 705 -5.34 -7.23 -10.32
N GLN I 706 -5.68 -7.02 -11.59
CA GLN I 706 -4.87 -6.14 -12.43
C GLN I 706 -4.87 -4.72 -11.88
N ALA I 707 -6.01 -4.25 -11.41
CA ALA I 707 -6.08 -2.91 -10.83
C ALA I 707 -5.23 -2.80 -9.59
N ARG I 708 -5.26 -3.83 -8.73
CA ARG I 708 -4.39 -3.85 -7.56
C ARG I 708 -2.93 -3.81 -7.97
N LEU I 709 -2.55 -4.60 -8.98
CA LEU I 709 -1.17 -4.60 -9.45
C LEU I 709 -0.77 -3.24 -10.00
N VAL I 710 -1.64 -2.60 -10.78
CA VAL I 710 -1.30 -1.32 -11.39
C VAL I 710 -1.17 -0.23 -10.34
N GLY I 711 -2.08 -0.23 -9.36
CA GLY I 711 -1.96 0.71 -8.27
C GLY I 711 -0.70 0.49 -7.45
N LEU I 712 -0.36 -0.77 -7.18
CA LEU I 712 0.88 -1.07 -6.47
C LEU I 712 2.10 -0.64 -7.28
N ALA I 713 2.07 -0.85 -8.59
CA ALA I 713 3.20 -0.44 -9.43
C ALA I 713 3.38 1.06 -9.43
N HIS I 714 2.27 1.80 -9.55
CA HIS I 714 2.36 3.26 -9.48
C HIS I 714 2.88 3.71 -8.12
N PHE I 715 2.32 3.15 -7.05
CA PHE I 715 2.76 3.48 -5.70
C PHE I 715 4.25 3.26 -5.54
N THR I 716 4.74 2.09 -5.96
CA THR I 716 6.14 1.75 -5.77
C THR I 716 7.05 2.60 -6.64
N ILE I 717 6.69 2.80 -7.91
CA ILE I 717 7.53 3.59 -8.81
C ILE I 717 7.61 5.03 -8.33
N GLY I 718 6.47 5.61 -7.95
CA GLY I 718 6.49 6.96 -7.41
C GLY I 718 7.30 7.05 -6.14
N TYR I 719 7.13 6.09 -5.23
CA TYR I 719 7.90 6.03 -4.00
C TYR I 719 9.40 6.05 -4.28
N VAL I 720 9.84 5.13 -5.15
CA VAL I 720 11.27 4.99 -5.43
C VAL I 720 11.81 6.24 -6.09
N LEU I 721 11.07 6.76 -7.09
CA LEU I 721 11.55 7.93 -7.82
C LEU I 721 11.65 9.15 -6.93
N THR I 722 10.60 9.42 -6.14
CA THR I 722 10.64 10.61 -5.30
C THR I 722 11.73 10.50 -4.23
N TYR I 723 11.92 9.31 -3.65
CA TYR I 723 12.97 9.23 -2.63
C TYR I 723 14.36 9.29 -3.24
N ALA I 724 14.57 8.68 -4.40
CA ALA I 724 15.87 8.78 -5.05
C ALA I 724 16.20 10.22 -5.38
N ALA I 725 15.23 10.94 -5.95
CA ALA I 725 15.43 12.35 -6.26
C ALA I 725 15.76 13.13 -4.99
N PHE I 726 14.99 12.90 -3.91
CA PHE I 726 15.23 13.65 -2.68
C PHE I 726 16.61 13.37 -2.12
N VAL I 727 16.97 12.09 -1.96
CA VAL I 727 18.23 11.77 -1.31
C VAL I 727 19.40 12.32 -2.11
N ILE I 728 19.38 12.10 -3.43
CA ILE I 728 20.49 12.54 -4.26
C ILE I 728 20.60 14.06 -4.27
N ALA I 729 19.48 14.74 -4.53
CA ALA I 729 19.52 16.19 -4.63
C ALA I 729 19.87 16.84 -3.30
N SER I 730 19.33 16.30 -2.19
CA SER I 730 19.63 16.86 -0.88
C SER I 730 21.11 16.70 -0.54
N THR I 731 21.66 15.51 -0.78
CA THR I 731 23.09 15.33 -0.51
C THR I 731 23.94 16.26 -1.35
N ILE I 732 23.62 16.36 -2.65
CA ILE I 732 24.43 17.19 -3.55
C ILE I 732 24.33 18.66 -3.17
N GLY I 733 23.11 19.15 -2.92
CA GLY I 733 22.91 20.56 -2.63
C GLY I 733 23.29 20.99 -1.24
N LYS I 734 23.37 20.05 -0.29
CA LYS I 734 23.78 20.41 1.06
C LYS I 734 25.29 20.27 1.24
N LEU I 735 25.86 19.15 0.80
CA LEU I 735 27.30 18.94 0.93
C LEU I 735 28.04 19.33 -0.35
N GLY I 736 27.83 20.55 -0.81
CA GLY I 736 28.51 21.06 -1.99
C GLY I 736 28.20 20.29 -3.26
N LYS J 4 -47.04 4.82 -35.63
CA LYS J 4 -46.22 5.27 -34.52
C LYS J 4 -45.08 4.31 -34.25
N LEU J 5 -45.40 3.01 -34.19
CA LEU J 5 -44.43 1.96 -33.92
C LEU J 5 -44.45 0.93 -35.02
N LYS J 6 -43.35 0.18 -35.13
CA LYS J 6 -43.21 -0.77 -36.23
C LYS J 6 -44.26 -1.88 -36.16
N GLN J 7 -44.53 -2.39 -34.97
CA GLN J 7 -45.50 -3.46 -34.79
C GLN J 7 -46.55 -3.04 -33.78
N SER J 8 -47.76 -3.55 -33.97
CA SER J 8 -48.88 -3.18 -33.09
C SER J 8 -48.78 -3.83 -31.72
N ASP J 9 -48.01 -4.89 -31.58
CA ASP J 9 -47.87 -5.59 -30.31
C ASP J 9 -46.76 -5.04 -29.43
N PHE J 10 -45.99 -4.08 -29.92
CA PHE J 10 -44.95 -3.47 -29.10
C PHE J 10 -45.59 -2.73 -27.94
N PRO J 11 -44.97 -2.75 -26.75
CA PRO J 11 -45.48 -1.92 -25.65
C PRO J 11 -45.36 -0.45 -26.02
N LYS J 12 -46.27 0.35 -25.47
CA LYS J 12 -46.29 1.77 -25.81
C LYS J 12 -45.12 2.48 -25.16
N PHE J 13 -43.92 2.23 -25.69
CA PHE J 13 -42.69 2.80 -25.18
C PHE J 13 -42.22 3.90 -26.14
N GLU J 14 -41.73 5.00 -25.57
CA GLU J 14 -41.30 6.14 -26.36
C GLU J 14 -39.85 6.02 -26.83
N GLY J 15 -39.19 4.90 -26.56
CA GLY J 15 -37.83 4.72 -27.00
C GLY J 15 -36.83 5.34 -26.06
N SER J 16 -35.77 4.61 -25.74
CA SER J 16 -34.75 5.07 -24.82
C SER J 16 -33.37 4.82 -25.43
N THR J 17 -32.41 5.69 -25.09
CA THR J 17 -31.04 5.46 -25.52
C THR J 17 -30.37 4.49 -24.54
N GLY J 18 -31.02 3.37 -24.29
CA GLY J 18 -30.48 2.33 -23.44
C GLY J 18 -30.85 0.97 -23.98
N GLY J 19 -31.45 0.97 -25.17
CA GLY J 19 -31.82 -0.26 -25.85
C GLY J 19 -30.62 -0.97 -26.42
N TRP J 20 -30.87 -1.84 -27.39
CA TRP J 20 -29.78 -2.62 -27.94
C TRP J 20 -28.93 -1.77 -28.89
N LEU J 21 -27.76 -2.30 -29.21
CA LEU J 21 -26.76 -1.60 -30.02
C LEU J 21 -26.40 -2.47 -31.22
N SER J 22 -25.30 -2.13 -31.90
CA SER J 22 -24.90 -2.89 -33.07
C SER J 22 -24.66 -4.36 -32.76
N ALA J 23 -24.41 -4.71 -31.50
CA ALA J 23 -24.23 -6.10 -31.14
C ALA J 23 -25.48 -6.93 -31.41
N ALA J 24 -26.65 -6.40 -31.06
CA ALA J 24 -27.89 -7.13 -31.32
C ALA J 24 -28.41 -6.83 -32.72
N LYS J 25 -27.48 -6.87 -33.68
CA LYS J 25 -27.77 -6.92 -35.10
C LYS J 25 -26.85 -7.86 -35.86
N ASN J 26 -25.74 -8.30 -35.25
CA ASN J 26 -24.80 -9.19 -35.89
C ASN J 26 -24.33 -10.33 -34.99
N GLU J 27 -24.68 -10.32 -33.69
CA GLU J 27 -24.32 -11.42 -32.80
C GLU J 27 -25.54 -12.15 -32.28
N GLU J 28 -26.45 -11.47 -31.58
CA GLU J 28 -27.67 -12.08 -31.06
C GLU J 28 -28.57 -11.04 -30.43
N LYS J 29 -29.88 -11.25 -30.49
CA LYS J 29 -30.85 -10.41 -29.81
C LYS J 29 -31.87 -11.30 -29.13
N TYR J 30 -32.48 -10.77 -28.07
CA TYR J 30 -33.42 -11.53 -27.26
C TYR J 30 -34.79 -10.85 -27.30
N VAL J 31 -35.83 -11.65 -27.48
CA VAL J 31 -37.20 -11.17 -27.55
C VAL J 31 -38.01 -11.86 -26.46
N ILE J 32 -38.79 -11.07 -25.72
CA ILE J 32 -39.70 -11.58 -24.70
C ILE J 32 -41.12 -11.28 -25.13
N ILE J 33 -41.97 -12.30 -25.09
CA ILE J 33 -43.37 -12.14 -25.46
C ILE J 33 -44.23 -12.51 -24.26
N TRP J 34 -45.37 -11.83 -24.14
CA TRP J 34 -46.32 -12.12 -23.08
C TRP J 34 -47.66 -11.51 -23.45
N THR J 35 -48.72 -12.03 -22.83
CA THR J 35 -50.07 -11.54 -23.00
C THR J 35 -50.56 -10.97 -21.68
N SER J 36 -51.08 -9.75 -21.72
CA SER J 36 -51.54 -9.06 -20.53
C SER J 36 -53.02 -8.76 -20.65
N LYS J 37 -53.73 -8.87 -19.52
CA LYS J 37 -55.15 -8.54 -19.50
C LYS J 37 -55.38 -7.03 -19.50
N ASP J 38 -54.46 -6.26 -18.93
CA ASP J 38 -54.63 -4.82 -18.79
C ASP J 38 -53.42 -4.10 -19.36
N ALA J 39 -53.64 -2.86 -19.79
CA ALA J 39 -52.58 -2.02 -20.31
C ALA J 39 -51.80 -1.37 -19.16
N SER J 40 -51.21 -2.23 -18.34
CA SER J 40 -50.49 -1.78 -17.16
C SER J 40 -49.23 -1.00 -17.55
N LEU J 41 -48.86 -0.07 -16.69
CA LEU J 41 -47.66 0.73 -16.87
C LEU J 41 -46.51 0.08 -16.10
N PHE J 42 -45.46 -0.29 -16.83
CA PHE J 42 -44.33 -0.99 -16.24
C PHE J 42 -43.04 -0.28 -16.61
N GLU J 43 -41.98 -0.60 -15.87
CA GLU J 43 -40.67 0.02 -16.04
C GLU J 43 -39.80 -0.86 -16.92
N MET J 44 -39.23 -0.26 -17.97
CA MET J 44 -38.36 -1.00 -18.87
C MET J 44 -37.06 -1.37 -18.14
N PRO J 45 -36.50 -2.54 -18.44
CA PRO J 45 -35.17 -2.87 -17.89
C PRO J 45 -34.08 -1.95 -18.38
N THR J 46 -34.29 -1.29 -19.52
CA THR J 46 -33.28 -0.41 -20.11
C THR J 46 -33.47 1.04 -19.68
N GLY J 47 -34.63 1.62 -19.98
CA GLY J 47 -34.87 3.02 -19.72
C GLY J 47 -35.93 3.30 -18.68
N GLY J 48 -37.06 3.84 -19.12
CA GLY J 48 -38.09 4.27 -18.20
C GLY J 48 -39.39 3.51 -18.28
N THR J 49 -40.51 4.22 -18.23
CA THR J 49 -41.82 3.61 -18.13
C THR J 49 -42.41 3.35 -19.52
N ALA J 50 -42.95 2.15 -19.70
CA ALA J 50 -43.67 1.78 -20.90
C ALA J 50 -45.05 1.28 -20.52
N LYS J 51 -45.95 1.25 -21.49
CA LYS J 51 -47.33 0.82 -21.28
C LYS J 51 -47.58 -0.48 -22.02
N MET J 52 -48.09 -1.48 -21.29
CA MET J 52 -48.43 -2.75 -21.89
C MET J 52 -49.61 -2.61 -22.84
N ASN J 53 -49.78 -3.61 -23.69
CA ASN J 53 -50.96 -3.73 -24.53
C ASN J 53 -51.93 -4.71 -23.88
N ALA J 54 -53.23 -4.42 -23.98
CA ALA J 54 -54.24 -5.33 -23.46
C ALA J 54 -54.35 -6.52 -24.41
N GLY J 55 -53.31 -7.35 -24.45
CA GLY J 55 -53.24 -8.46 -25.38
C GLY J 55 -51.80 -8.90 -25.59
N ASN J 56 -51.44 -9.17 -26.84
CA ASN J 56 -50.09 -9.63 -27.14
C ASN J 56 -49.09 -8.50 -26.96
N ASN J 57 -47.99 -8.78 -26.26
CA ASN J 57 -46.90 -7.84 -26.06
C ASN J 57 -45.59 -8.49 -26.44
N VAL J 58 -44.76 -7.76 -27.20
CA VAL J 58 -43.48 -8.26 -27.67
C VAL J 58 -42.43 -7.19 -27.46
N ALA J 59 -41.32 -7.55 -26.82
CA ALA J 59 -40.23 -6.63 -26.54
C ALA J 59 -38.90 -7.27 -26.91
N TYR J 60 -37.99 -6.48 -27.44
CA TYR J 60 -36.67 -6.93 -27.86
C TYR J 60 -35.60 -6.31 -26.96
N PHE J 61 -34.61 -7.11 -26.59
CA PHE J 61 -33.54 -6.64 -25.72
C PHE J 61 -32.21 -7.22 -26.22
N ALA J 62 -31.12 -6.69 -25.67
CA ALA J 62 -29.78 -7.10 -26.07
C ALA J 62 -29.21 -8.22 -25.21
N ARG J 63 -29.78 -8.48 -24.04
CA ARG J 63 -29.27 -9.48 -23.13
C ARG J 63 -30.40 -10.37 -22.63
N LYS J 64 -30.04 -11.61 -22.32
CA LYS J 64 -30.99 -12.51 -21.66
C LYS J 64 -31.36 -12.01 -20.28
N GLU J 65 -30.41 -11.40 -19.58
CA GLU J 65 -30.68 -10.89 -18.23
C GLU J 65 -31.71 -9.77 -18.26
N GLN J 66 -31.69 -8.91 -19.29
CA GLN J 66 -32.69 -7.86 -19.39
C GLN J 66 -34.09 -8.44 -19.58
N CYS J 67 -34.22 -9.42 -20.46
CA CYS J 67 -35.51 -10.07 -20.67
C CYS J 67 -35.99 -10.76 -19.40
N LEU J 68 -35.07 -11.41 -18.68
CA LEU J 68 -35.48 -12.10 -17.45
C LEU J 68 -35.83 -11.13 -16.34
N ALA J 69 -35.16 -9.98 -16.27
CA ALA J 69 -35.56 -8.95 -15.32
C ALA J 69 -36.94 -8.41 -15.64
N LEU J 70 -37.22 -8.19 -16.93
CA LEU J 70 -38.56 -7.78 -17.31
C LEU J 70 -39.59 -8.84 -16.93
N GLY J 71 -39.27 -10.11 -17.16
CA GLY J 71 -40.19 -11.18 -16.80
C GLY J 71 -40.44 -11.26 -15.30
N SER J 72 -39.37 -11.08 -14.50
CA SER J 72 -39.53 -11.05 -13.05
C SER J 72 -40.40 -9.90 -12.62
N GLN J 73 -40.28 -8.75 -13.30
CA GLN J 73 -41.19 -7.65 -13.03
C GLN J 73 -42.63 -8.01 -13.41
N LEU J 74 -42.80 -8.76 -14.50
CA LEU J 74 -44.13 -9.14 -14.95
C LEU J 74 -44.85 -10.01 -13.93
N ARG J 75 -44.10 -10.80 -13.15
CA ARG J 75 -44.72 -11.66 -12.15
C ARG J 75 -45.45 -10.83 -11.10
N GLY J 76 -45.00 -9.60 -10.85
CA GLY J 76 -45.72 -8.72 -9.94
C GLY J 76 -47.05 -8.25 -10.48
N PHE J 77 -47.25 -8.33 -11.79
CA PHE J 77 -48.53 -8.03 -12.43
C PHE J 77 -49.39 -9.27 -12.60
N LYS J 78 -49.05 -10.36 -11.92
CA LYS J 78 -49.73 -11.65 -12.07
C LYS J 78 -49.66 -12.16 -13.50
N ILE J 79 -48.57 -11.83 -14.20
CA ILE J 79 -48.31 -12.29 -15.56
C ILE J 79 -47.29 -13.43 -15.47
N THR J 80 -47.62 -14.57 -16.07
CA THR J 80 -46.83 -15.78 -15.88
C THR J 80 -46.45 -16.39 -17.23
N ASN J 81 -47.26 -16.13 -18.25
CA ASN J 81 -47.08 -16.76 -19.56
C ASN J 81 -45.97 -16.12 -20.40
N TYR J 82 -45.12 -15.28 -19.79
CA TYR J 82 -44.05 -14.65 -20.56
C TYR J 82 -43.01 -15.69 -21.00
N LYS J 83 -42.53 -15.54 -22.23
CA LYS J 83 -41.57 -16.47 -22.78
C LYS J 83 -40.47 -15.69 -23.50
N ILE J 84 -39.23 -16.14 -23.32
CA ILE J 84 -38.06 -15.43 -23.81
C ILE J 84 -37.37 -16.28 -24.88
N PHE J 85 -37.01 -15.66 -25.99
CA PHE J 85 -36.36 -16.33 -27.10
C PHE J 85 -35.04 -15.65 -27.43
N ARG J 86 -34.13 -16.42 -28.02
CA ARG J 86 -32.87 -15.90 -28.52
C ARG J 86 -32.90 -15.91 -30.04
N ILE J 87 -32.57 -14.77 -30.64
CA ILE J 87 -32.56 -14.62 -32.10
C ILE J 87 -31.13 -14.33 -32.51
N TYR J 88 -30.59 -15.18 -33.38
CA TYR J 88 -29.24 -15.02 -33.93
C TYR J 88 -29.31 -13.95 -35.02
N PRO J 89 -28.20 -13.64 -35.70
CA PRO J 89 -28.23 -12.55 -36.69
C PRO J 89 -29.33 -12.72 -37.72
N PRO J 90 -29.58 -13.94 -38.26
CA PRO J 90 -30.81 -14.13 -39.03
C PRO J 90 -31.94 -14.61 -38.13
N LEU J 91 -33.12 -14.87 -38.70
CA LEU J 91 -34.27 -15.29 -37.90
C LEU J 91 -34.04 -16.73 -37.45
N ASP J 92 -33.19 -16.88 -36.43
CA ASP J 92 -32.90 -18.16 -35.79
C ASP J 92 -33.45 -18.07 -34.36
N ILE J 93 -34.72 -18.43 -34.21
CA ILE J 93 -35.42 -18.29 -32.94
C ILE J 93 -35.22 -19.55 -32.12
N THR J 94 -34.87 -19.35 -30.85
CA THR J 94 -34.68 -20.47 -29.91
C THR J 94 -35.36 -20.10 -28.60
N LEU J 95 -36.33 -20.91 -28.17
CA LEU J 95 -36.98 -20.69 -26.89
C LEU J 95 -35.98 -20.94 -25.76
N LEU J 96 -35.91 -20.00 -24.82
CA LEU J 96 -34.90 -20.08 -23.76
C LEU J 96 -35.49 -20.30 -22.38
N HIS J 97 -36.35 -19.39 -21.90
CA HIS J 97 -36.63 -19.38 -20.47
C HIS J 97 -37.59 -20.49 -20.06
N PRO J 98 -38.83 -20.55 -20.59
CA PRO J 98 -39.64 -21.74 -20.25
C PRO J 98 -39.24 -22.92 -21.13
N PHE J 99 -38.06 -23.48 -20.83
CA PHE J 99 -37.41 -24.41 -21.74
C PHE J 99 -38.28 -25.65 -21.98
N ASP J 100 -38.85 -26.20 -20.91
CA ASP J 100 -39.77 -27.34 -21.02
C ASP J 100 -41.21 -26.94 -20.71
N GLY J 101 -41.53 -25.65 -20.79
CA GLY J 101 -42.85 -25.17 -20.47
C GLY J 101 -43.12 -24.98 -19.00
N VAL J 102 -42.21 -25.43 -18.14
CA VAL J 102 -42.32 -25.27 -16.69
C VAL J 102 -41.16 -24.41 -16.23
N PHE J 103 -41.44 -23.48 -15.33
CA PHE J 103 -40.40 -22.60 -14.82
C PHE J 103 -39.32 -23.42 -14.11
N PRO J 104 -38.06 -22.98 -14.17
CA PRO J 104 -36.97 -23.80 -13.61
C PRO J 104 -37.10 -24.02 -12.11
N GLU J 105 -37.85 -23.19 -11.40
CA GLU J 105 -38.00 -23.35 -9.96
C GLU J 105 -38.91 -24.52 -9.60
N LYS J 106 -39.75 -24.97 -10.52
CA LYS J 106 -40.65 -26.09 -10.28
C LYS J 106 -40.10 -27.34 -10.94
N VAL J 107 -40.08 -28.44 -10.19
CA VAL J 107 -39.52 -29.69 -10.71
C VAL J 107 -40.42 -30.25 -11.80
N ASN J 108 -39.82 -30.61 -12.92
CA ASN J 108 -40.53 -31.23 -14.03
C ASN J 108 -39.83 -32.54 -14.40
N GLN J 109 -40.61 -33.57 -14.65
CA GLN J 109 -40.05 -34.83 -15.12
C GLN J 109 -39.45 -34.64 -16.51
N GLY J 110 -38.42 -35.42 -16.80
CA GLY J 110 -37.70 -35.30 -18.05
C GLY J 110 -36.47 -34.42 -17.99
N ARG J 111 -36.09 -33.95 -16.82
CA ARG J 111 -34.88 -33.16 -16.65
C ARG J 111 -33.79 -34.03 -16.02
N SER J 112 -32.60 -33.98 -16.59
CA SER J 112 -31.49 -34.74 -16.03
C SER J 112 -30.52 -33.79 -15.31
N PRO J 113 -29.91 -34.25 -14.22
CA PRO J 113 -28.98 -33.37 -13.49
C PRO J 113 -27.73 -33.10 -14.31
N VAL J 114 -27.38 -31.82 -14.41
CA VAL J 114 -26.19 -31.38 -15.13
C VAL J 114 -25.27 -30.68 -14.15
N GLY J 115 -24.01 -31.11 -14.10
CA GLY J 115 -23.05 -30.53 -13.18
C GLY J 115 -23.22 -30.98 -11.74
N LYS J 116 -23.68 -32.20 -11.52
CA LYS J 116 -23.88 -32.72 -10.18
C LYS J 116 -22.70 -33.59 -9.79
N ARG J 117 -22.13 -33.33 -8.61
CA ARG J 117 -21.06 -34.13 -8.05
C ARG J 117 -21.60 -34.92 -6.86
N ASP J 118 -21.29 -36.22 -6.81
CA ASP J 118 -21.81 -37.08 -5.77
C ASP J 118 -20.93 -37.06 -4.52
N ALA J 119 -20.64 -35.86 -4.04
CA ALA J 119 -19.84 -35.64 -2.84
C ALA J 119 -20.00 -34.18 -2.45
N SER J 120 -19.56 -33.86 -1.24
CA SER J 120 -19.60 -32.49 -0.75
C SER J 120 -18.38 -31.73 -1.27
N ILE J 121 -18.18 -30.51 -0.79
CA ILE J 121 -17.04 -29.70 -1.22
C ILE J 121 -15.74 -30.35 -0.78
N GLY J 122 -15.72 -30.96 0.41
CA GLY J 122 -14.49 -31.52 0.96
C GLY J 122 -13.92 -32.67 0.15
N GLY J 123 -14.71 -33.26 -0.73
CA GLY J 123 -14.24 -34.35 -1.57
C GLY J 123 -13.55 -33.94 -2.85
N ASN J 124 -13.34 -32.64 -3.06
CA ASN J 124 -12.69 -32.19 -4.28
C ASN J 124 -11.22 -32.61 -4.29
N PRO J 125 -10.67 -32.96 -5.46
CA PRO J 125 -9.27 -33.40 -5.50
C PRO J 125 -8.30 -32.25 -5.24
N ASN J 126 -7.13 -32.62 -4.74
CA ASN J 126 -6.10 -31.63 -4.46
C ASN J 126 -5.54 -31.06 -5.76
N PRO J 127 -5.36 -29.74 -5.85
CA PRO J 127 -4.89 -29.14 -7.11
C PRO J 127 -3.53 -29.65 -7.56
N ALA J 128 -2.65 -30.04 -6.63
CA ALA J 128 -1.33 -30.52 -7.02
C ALA J 128 -1.42 -31.81 -7.84
N SER J 129 -2.50 -32.58 -7.65
CA SER J 129 -2.73 -33.78 -8.44
C SER J 129 -3.43 -33.48 -9.77
N LEU J 130 -3.74 -32.21 -10.03
CA LEU J 130 -4.38 -31.78 -11.27
C LEU J 130 -3.46 -30.84 -12.04
N LYS J 131 -2.19 -31.28 -12.08
CA LYS J 131 -1.15 -30.49 -12.75
C LYS J 131 -0.37 -31.26 -13.75
N PHE J 132 0.39 -30.56 -14.59
CA PHE J 132 1.14 -31.20 -15.68
C PHE J 132 0.44 -32.49 -16.01
N GLN J 133 -0.82 -32.39 -16.38
CA GLN J 133 -1.62 -33.56 -16.73
C GLN J 133 -3.01 -33.10 -17.06
N ILE K 2 -27.12 -42.02 18.74
CA ILE K 2 -27.51 -40.63 18.92
C ILE K 2 -29.01 -40.49 18.72
N GLN K 3 -29.60 -39.47 19.35
CA GLN K 3 -31.03 -39.23 19.28
C GLN K 3 -31.29 -37.76 19.52
N LYS K 4 -32.57 -37.39 19.56
CA LYS K 4 -32.95 -36.00 19.83
C LYS K 4 -32.46 -35.56 21.19
N GLY K 5 -31.82 -34.39 21.23
CA GLY K 5 -31.29 -33.86 22.46
C GLY K 5 -29.89 -34.31 22.80
N SER K 6 -29.33 -35.26 22.06
CA SER K 6 -27.98 -35.72 22.32
C SER K 6 -26.96 -34.66 21.93
N THR K 7 -25.80 -34.72 22.58
CA THR K 7 -24.70 -33.81 22.30
C THR K 7 -23.64 -34.52 21.49
N VAL K 8 -23.26 -33.94 20.35
CA VAL K 8 -22.34 -34.57 19.43
C VAL K 8 -21.23 -33.59 19.07
N ARG K 9 -20.08 -34.13 18.67
CA ARG K 9 -18.97 -33.35 18.17
C ARG K 9 -18.93 -33.47 16.65
N ILE K 10 -18.77 -32.34 15.98
CA ILE K 10 -18.76 -32.32 14.52
C ILE K 10 -17.40 -32.77 14.02
N LEU K 11 -17.39 -33.78 13.15
CA LEU K 11 -16.16 -34.29 12.55
C LEU K 11 -15.97 -33.85 11.11
N ARG K 12 -16.92 -33.09 10.55
CA ARG K 12 -16.76 -32.58 9.20
C ARG K 12 -15.76 -31.43 9.20
N LYS K 13 -14.72 -31.54 8.37
CA LYS K 13 -13.64 -30.56 8.40
C LYS K 13 -14.08 -29.23 7.81
N GLU K 14 -14.88 -29.25 6.75
CA GLU K 14 -15.34 -28.02 6.11
C GLU K 14 -16.57 -27.45 6.80
N SER K 15 -16.50 -27.36 8.13
CA SER K 15 -17.65 -26.95 8.93
C SER K 15 -17.26 -25.80 9.84
N TYR K 16 -18.16 -24.82 9.95
CA TYR K 16 -17.97 -23.75 10.92
C TYR K 16 -18.02 -24.24 12.35
N TRP K 17 -18.50 -25.47 12.58
CA TRP K 17 -18.58 -26.02 13.93
C TRP K 17 -17.71 -27.27 14.07
N TYR K 18 -16.68 -27.40 13.24
CA TYR K 18 -15.75 -28.51 13.36
C TYR K 18 -15.08 -28.49 14.73
N ASN K 19 -14.93 -29.68 15.33
CA ASN K 19 -14.39 -29.89 16.67
C ASN K 19 -15.26 -29.30 17.77
N GLU K 20 -16.40 -28.70 17.43
CA GLU K 20 -17.30 -28.12 18.41
C GLU K 20 -18.45 -29.08 18.71
N SER K 21 -19.18 -28.77 19.77
CA SER K 21 -20.29 -29.60 20.23
C SER K 21 -21.61 -28.93 19.91
N GLY K 22 -22.56 -29.73 19.42
CA GLY K 22 -23.89 -29.25 19.14
C GLY K 22 -24.94 -30.18 19.69
N THR K 23 -26.20 -29.76 19.58
CA THR K 23 -27.34 -30.53 20.08
C THR K 23 -28.11 -31.09 18.90
N VAL K 24 -28.35 -32.40 18.94
CA VAL K 24 -29.06 -33.07 17.85
C VAL K 24 -30.55 -32.72 17.94
N VAL K 25 -31.10 -32.18 16.85
CA VAL K 25 -32.50 -31.83 16.83
C VAL K 25 -33.36 -33.04 16.45
N VAL K 26 -32.95 -33.77 15.43
CA VAL K 26 -33.67 -34.96 14.98
C VAL K 26 -32.74 -35.78 14.10
N VAL K 27 -32.80 -37.09 14.25
CA VAL K 27 -32.09 -38.03 13.40
C VAL K 27 -33.12 -38.69 12.50
N ASP K 28 -33.06 -38.40 11.20
CA ASP K 28 -34.01 -38.97 10.26
C ASP K 28 -33.79 -40.47 10.11
N GLN K 29 -34.89 -41.21 10.06
CA GLN K 29 -34.85 -42.66 9.91
C GLN K 29 -35.00 -43.11 8.47
N SER K 30 -35.12 -42.18 7.52
CA SER K 30 -35.26 -42.53 6.11
C SER K 30 -33.88 -42.79 5.53
N LYS K 31 -33.81 -42.91 4.20
CA LYS K 31 -32.58 -43.23 3.49
C LYS K 31 -31.84 -41.99 3.01
N VAL K 32 -31.96 -40.87 3.73
CA VAL K 32 -31.27 -39.66 3.33
C VAL K 32 -29.79 -39.78 3.64
N ARG K 33 -28.99 -38.96 2.94
CA ARG K 33 -27.54 -39.05 3.07
C ARG K 33 -27.04 -38.42 4.36
N TYR K 34 -27.66 -37.34 4.81
CA TYR K 34 -27.24 -36.60 6.00
C TYR K 34 -28.44 -36.45 6.92
N PRO K 35 -28.74 -37.48 7.72
CA PRO K 35 -29.97 -37.47 8.51
C PRO K 35 -29.88 -36.65 9.80
N VAL K 36 -28.69 -36.57 10.39
CA VAL K 36 -28.55 -35.94 11.70
C VAL K 36 -28.65 -34.43 11.55
N LEU K 37 -29.59 -33.83 12.26
CA LEU K 37 -29.75 -32.38 12.28
C LEU K 37 -29.28 -31.86 13.63
N VAL K 38 -28.29 -30.97 13.61
CA VAL K 38 -27.62 -30.49 14.81
C VAL K 38 -27.81 -28.99 14.91
N ARG K 39 -28.15 -28.51 16.10
CA ARG K 39 -28.31 -27.09 16.38
C ARG K 39 -27.16 -26.61 17.26
N PHE K 40 -26.60 -25.46 16.91
CA PHE K 40 -25.45 -24.90 17.61
C PHE K 40 -25.81 -23.54 18.21
N THR K 41 -25.03 -23.14 19.20
CA THR K 41 -25.23 -21.84 19.84
C THR K 41 -24.56 -20.72 19.07
N LYS K 42 -23.49 -21.02 18.33
CA LYS K 42 -22.75 -20.02 17.58
C LYS K 42 -23.21 -20.04 16.14
N VAL K 43 -23.68 -18.88 15.65
CA VAL K 43 -24.05 -18.76 14.26
C VAL K 43 -22.80 -18.78 13.39
N ASN K 44 -22.92 -19.34 12.19
CA ASN K 44 -21.80 -19.39 11.26
C ASN K 44 -21.66 -18.04 10.57
N TYR K 45 -20.80 -17.98 9.55
CA TYR K 45 -20.58 -16.72 8.84
C TYR K 45 -21.81 -16.30 8.04
N ALA K 46 -22.68 -17.23 7.68
CA ALA K 46 -23.90 -16.92 6.94
C ALA K 46 -25.07 -16.58 7.85
N GLY K 47 -24.91 -16.75 9.16
CA GLY K 47 -25.95 -16.45 10.12
C GLY K 47 -26.75 -17.64 10.60
N THR K 48 -26.65 -18.78 9.91
CA THR K 48 -27.38 -19.97 10.32
C THR K 48 -26.72 -20.59 11.56
N ASN K 49 -27.53 -21.33 12.33
CA ASN K 49 -27.07 -22.00 13.53
C ASN K 49 -27.44 -23.47 13.55
N THR K 50 -27.77 -24.05 12.39
CA THR K 50 -28.15 -25.45 12.32
C THR K 50 -27.67 -26.02 10.99
N ASN K 51 -27.46 -27.33 10.96
CA ASN K 51 -26.99 -27.99 9.75
C ASN K 51 -27.24 -29.48 9.85
N ASN K 52 -27.39 -30.12 8.69
CA ASN K 52 -27.59 -31.56 8.61
C ASN K 52 -26.24 -32.25 8.43
N PHE K 53 -25.99 -33.27 9.24
CA PHE K 53 -24.72 -33.99 9.22
C PHE K 53 -24.97 -35.48 9.01
N GLY K 54 -23.97 -36.15 8.46
CA GLY K 54 -24.04 -37.59 8.30
C GLY K 54 -23.80 -38.32 9.61
N LEU K 55 -24.02 -39.63 9.57
CA LEU K 55 -23.87 -40.44 10.78
C LEU K 55 -22.40 -40.59 11.16
N ASN K 56 -21.49 -40.56 10.19
CA ASN K 56 -20.07 -40.69 10.45
C ASN K 56 -19.38 -39.35 10.65
N GLU K 57 -20.11 -38.24 10.55
CA GLU K 57 -19.54 -36.91 10.74
C GLU K 57 -19.88 -36.33 12.11
N VAL K 58 -20.55 -37.09 12.98
CA VAL K 58 -20.89 -36.65 14.32
C VAL K 58 -20.42 -37.71 15.31
N GLU K 59 -19.87 -37.26 16.43
CA GLU K 59 -19.40 -38.15 17.49
C GLU K 59 -20.05 -37.72 18.80
N GLU K 60 -20.81 -38.63 19.41
CA GLU K 60 -21.55 -38.30 20.62
C GLU K 60 -20.59 -38.03 21.78
N VAL K 61 -20.90 -36.98 22.55
CA VAL K 61 -20.14 -36.68 23.75
C VAL K 61 -20.66 -37.52 24.89
N VAL K 62 -19.75 -38.01 25.73
CA VAL K 62 -20.09 -38.88 26.85
C VAL K 62 -21.08 -38.22 27.80
N ASP L 25 29.23 7.66 33.93
CA ASP L 25 28.99 6.38 34.59
C ASP L 25 28.51 5.33 33.60
N ILE L 26 27.27 4.87 33.78
CA ILE L 26 26.72 3.83 32.94
C ILE L 26 26.48 4.40 31.54
N GLY L 27 27.12 3.79 30.54
CA GLY L 27 26.96 4.24 29.17
C GLY L 27 27.55 5.60 28.87
N GLY L 28 28.52 6.05 29.66
CA GLY L 28 29.12 7.34 29.46
C GLY L 28 28.31 8.52 29.98
N LEU L 29 27.15 8.26 30.59
CA LEU L 29 26.32 9.33 31.13
C LEU L 29 26.89 9.83 32.46
N ASN L 30 26.40 10.98 32.88
CA ASN L 30 26.81 11.60 34.13
C ASN L 30 25.57 12.00 34.92
N PRO L 31 25.67 12.04 36.25
CA PRO L 31 24.51 12.46 37.05
C PRO L 31 24.08 13.87 36.69
N CYS L 32 22.76 14.09 36.72
CA CYS L 32 22.21 15.39 36.36
C CYS L 32 22.53 16.46 37.40
N LYS L 33 22.87 16.06 38.63
CA LYS L 33 23.25 17.04 39.64
C LYS L 33 24.57 17.72 39.32
N ASP L 34 25.40 17.12 38.47
CA ASP L 34 26.69 17.69 38.09
C ASP L 34 26.75 17.98 36.59
N SER L 35 25.61 18.04 35.93
CA SER L 35 25.55 18.29 34.49
C SER L 35 25.33 19.79 34.27
N GLU L 36 26.33 20.46 33.70
CA GLU L 36 26.23 21.90 33.48
C GLU L 36 25.10 22.24 32.51
N VAL L 37 24.94 21.43 31.46
CA VAL L 37 23.89 21.69 30.48
C VAL L 37 22.51 21.58 31.09
N PHE L 38 22.35 20.72 32.10
CA PHE L 38 21.08 20.63 32.82
C PHE L 38 20.75 21.95 33.51
N GLN L 39 21.73 22.52 34.22
CA GLN L 39 21.52 23.81 34.87
C GLN L 39 21.32 24.92 33.86
N LYS L 40 21.99 24.84 32.70
CA LYS L 40 21.76 25.82 31.65
C LYS L 40 20.32 25.75 31.14
N ARG L 41 19.79 24.53 30.97
CA ARG L 41 18.40 24.38 30.58
C ARG L 41 17.46 24.98 31.60
N LEU L 42 17.72 24.71 32.89
CA LEU L 42 16.89 25.27 33.94
C LEU L 42 16.93 26.79 33.92
N ALA L 43 18.13 27.35 33.79
CA ALA L 43 18.27 28.81 33.78
C ALA L 43 17.58 29.44 32.59
N LYS L 44 17.70 28.81 31.41
CA LYS L 44 17.05 29.36 30.23
C LYS L 44 15.53 29.31 30.35
N THR L 45 14.99 28.20 30.85
CA THR L 45 13.54 28.12 31.02
C THR L 45 13.05 29.15 32.03
N VAL L 46 13.76 29.31 33.15
CA VAL L 46 13.36 30.29 34.16
C VAL L 46 13.45 31.69 33.58
N LYS L 47 14.50 31.98 32.81
CA LYS L 47 14.64 33.31 32.22
C LYS L 47 13.52 33.61 31.24
N LYS L 48 13.15 32.63 30.40
CA LYS L 48 12.02 32.83 29.50
C LYS L 48 10.74 33.09 30.26
N LEU L 49 10.50 32.31 31.33
CA LEU L 49 9.29 32.50 32.11
C LEU L 49 9.26 33.87 32.79
N GLU L 50 10.40 34.32 33.29
CA GLU L 50 10.46 35.64 33.92
C GLU L 50 10.27 36.75 32.91
N ASN L 51 10.85 36.62 31.72
CA ASN L 51 10.62 37.60 30.67
C ASN L 51 9.15 37.67 30.28
N ARG L 52 8.48 36.52 30.23
CA ARG L 52 7.04 36.52 30.03
C ARG L 52 6.32 37.20 31.19
N LEU L 53 6.81 36.97 32.41
CA LEU L 53 6.21 37.57 33.60
C LEU L 53 6.33 39.08 33.61
N LYS L 54 7.35 39.62 32.94
CA LYS L 54 7.60 41.06 32.99
C LYS L 54 6.50 41.86 32.31
N LYS L 55 5.79 41.26 31.36
CA LYS L 55 4.84 42.00 30.53
C LYS L 55 3.44 42.05 31.14
N TYR L 56 3.26 41.54 32.35
CA TYR L 56 2.00 41.64 33.07
C TYR L 56 2.17 42.58 34.27
N GLU L 57 1.07 42.83 34.97
CA GLU L 57 1.02 43.88 35.99
C GLU L 57 0.64 43.32 37.34
N GLU L 58 1.39 43.72 38.37
CA GLU L 58 1.05 43.57 39.79
C GLU L 58 0.71 42.11 40.11
N GLY L 59 -0.13 41.90 41.12
CA GLY L 59 -0.51 40.57 41.54
C GLY L 59 -1.72 40.04 40.79
N THR L 60 -1.74 40.28 39.48
CA THR L 60 -2.85 39.85 38.67
C THR L 60 -2.75 38.38 38.35
N PRO L 61 -3.86 37.70 38.13
CA PRO L 61 -3.84 36.24 37.96
C PRO L 61 -2.82 35.76 36.93
N PRO L 62 -2.60 36.49 35.82
CA PRO L 62 -1.53 36.04 34.91
C PRO L 62 -0.16 35.98 35.57
N GLN L 63 0.19 36.96 36.39
CA GLN L 63 1.47 36.92 37.08
C GLN L 63 1.53 35.79 38.09
N ILE L 64 0.43 35.51 38.77
CA ILE L 64 0.37 34.40 39.70
C ILE L 64 0.59 33.08 38.98
N ALA L 65 -0.05 32.93 37.81
CA ALA L 65 0.10 31.70 37.03
C ALA L 65 1.53 31.53 36.54
N ILE L 66 2.15 32.61 36.07
CA ILE L 66 3.53 32.51 35.59
C ILE L 66 4.48 32.21 36.74
N GLN L 67 4.23 32.81 37.92
CA GLN L 67 5.05 32.52 39.08
C GLN L 67 4.91 31.06 39.50
N GLN L 68 3.68 30.53 39.45
CA GLN L 68 3.49 29.11 39.73
C GLN L 68 4.23 28.24 38.73
N GLN L 69 4.23 28.66 37.46
CA GLN L 69 5.00 27.94 36.44
C GLN L 69 6.48 27.92 36.78
N ILE L 70 7.02 29.07 37.20
CA ILE L 70 8.44 29.15 37.56
C ILE L 70 8.74 28.25 38.76
N THR L 71 7.88 28.29 39.77
CA THR L 71 8.08 27.46 40.96
C THR L 71 8.04 25.99 40.62
N GLN L 72 7.07 25.58 39.79
CA GLN L 72 6.98 24.17 39.40
C GLN L 72 8.18 23.75 38.57
N THR L 73 8.66 24.62 37.68
CA THR L 73 9.84 24.29 36.89
C THR L 73 11.05 24.08 37.79
N LYS L 74 11.25 24.99 38.75
CA LYS L 74 12.38 24.85 39.67
C LYS L 74 12.25 23.57 40.50
N GLN L 75 11.06 23.27 40.99
CA GLN L 75 10.85 22.06 41.77
C GLN L 75 11.12 20.81 40.95
N ARG L 76 10.64 20.78 39.70
CA ARG L 76 10.86 19.62 38.85
C ARG L 76 12.34 19.43 38.55
N PHE L 77 13.05 20.51 38.24
CA PHE L 77 14.48 20.39 37.97
C PHE L 77 15.24 19.94 39.20
N THR L 78 14.89 20.48 40.38
CA THR L 78 15.55 20.06 41.61
C THR L 78 15.29 18.59 41.91
N ARG L 79 14.05 18.13 41.71
CA ARG L 79 13.73 16.74 41.96
C ARG L 79 14.46 15.82 41.00
N TYR L 80 14.55 16.20 39.72
CA TYR L 80 15.27 15.39 38.75
C TYR L 80 16.76 15.35 39.08
N ALA L 81 17.32 16.45 39.58
CA ALA L 81 18.72 16.47 39.97
C ALA L 81 18.99 15.50 41.10
N ASP L 82 18.14 15.50 42.12
CA ASP L 82 18.31 14.64 43.30
C ASP L 82 17.46 13.38 43.16
N SER L 83 17.70 12.64 42.06
CA SER L 83 16.87 11.46 41.79
C SER L 83 17.67 10.28 41.24
N ASN L 84 19.00 10.29 41.36
CA ASN L 84 19.85 9.26 40.77
C ASN L 84 19.57 9.13 39.27
N LEU L 85 19.42 10.26 38.61
CA LEU L 85 19.12 10.32 37.19
C LEU L 85 20.38 10.65 36.42
N LEU L 86 20.64 9.92 35.35
CA LEU L 86 21.82 10.12 34.51
C LEU L 86 21.44 10.98 33.32
N CYS L 87 22.22 12.03 33.07
CA CYS L 87 21.98 12.96 31.98
C CYS L 87 23.06 12.80 30.93
N GLY L 88 22.66 12.93 29.67
CA GLY L 88 23.59 12.83 28.56
C GLY L 88 24.26 14.15 28.27
N ASN L 89 24.74 14.30 27.04
CA ASN L 89 25.36 15.54 26.61
C ASN L 89 24.36 16.62 26.27
N ASP L 90 23.06 16.30 26.24
CA ASP L 90 22.01 17.27 25.98
C ASP L 90 21.35 17.79 27.26
N GLY L 91 21.78 17.33 28.43
CA GLY L 91 21.18 17.76 29.67
C GLY L 91 19.76 17.31 29.87
N LEU L 92 19.44 16.07 29.49
CA LEU L 92 18.13 15.51 29.69
C LEU L 92 18.25 14.16 30.39
N PRO L 93 17.35 13.84 31.30
CA PRO L 93 17.46 12.58 32.05
C PRO L 93 17.30 11.38 31.12
N HIS L 94 18.29 10.49 31.15
CA HIS L 94 18.26 9.26 30.40
C HIS L 94 17.89 8.10 31.33
N LEU L 95 17.10 7.17 30.81
CA LEU L 95 16.60 6.05 31.59
C LEU L 95 17.51 4.84 31.41
N ILE L 96 17.91 4.24 32.53
CA ILE L 96 18.77 3.07 32.54
C ILE L 96 17.87 1.87 32.79
N THR L 97 17.51 1.17 31.72
CA THR L 97 16.55 0.07 31.78
C THR L 97 17.19 -1.28 31.46
N ASP L 98 18.48 -1.43 31.72
CA ASP L 98 19.12 -2.72 31.51
C ASP L 98 18.70 -3.75 32.54
N GLY L 99 18.18 -3.31 33.69
CA GLY L 99 17.70 -4.24 34.70
C GLY L 99 18.32 -4.03 36.06
N ARG L 100 19.34 -3.19 36.15
CA ARG L 100 20.02 -2.97 37.42
C ARG L 100 19.09 -2.29 38.42
N TRP L 101 19.14 -2.75 39.67
CA TRP L 101 18.27 -2.20 40.70
C TRP L 101 18.69 -0.81 41.14
N SER L 102 19.90 -0.38 40.80
CA SER L 102 20.34 0.97 41.15
C SER L 102 19.42 2.01 40.54
N HIS L 103 19.18 1.91 39.24
CA HIS L 103 18.15 2.70 38.57
C HIS L 103 16.85 1.91 38.45
N GLY L 104 16.40 1.35 39.57
CA GLY L 104 15.21 0.52 39.55
C GLY L 104 13.91 1.28 39.56
N SER L 105 13.93 2.54 39.98
CA SER L 105 12.72 3.36 40.02
C SER L 105 12.37 3.96 38.67
N GLU L 106 13.24 3.79 37.66
CA GLU L 106 12.96 4.36 36.35
C GLU L 106 12.08 3.43 35.52
N PHE L 107 12.41 2.14 35.46
CA PHE L 107 11.64 1.18 34.69
C PHE L 107 11.08 0.04 35.52
N LEU L 108 11.89 -0.55 36.41
CA LEU L 108 11.51 -1.82 37.04
C LEU L 108 10.29 -1.66 37.95
N LEU L 109 10.32 -0.67 38.84
CA LEU L 109 9.18 -0.45 39.72
C LEU L 109 7.92 -0.03 38.96
N PRO L 110 7.98 0.91 38.01
CA PRO L 110 6.80 1.15 37.17
C PRO L 110 6.38 -0.07 36.38
N SER L 111 7.34 -0.90 35.97
CA SER L 111 6.99 -2.14 35.27
C SER L 111 6.17 -3.06 36.16
N ILE L 112 6.59 -3.22 37.41
CA ILE L 112 5.83 -4.05 38.35
C ILE L 112 4.45 -3.46 38.60
N LEU L 113 4.39 -2.15 38.77
CA LEU L 113 3.09 -1.51 39.01
C LEU L 113 2.14 -1.73 37.83
N PHE L 114 2.63 -1.52 36.61
CA PHE L 114 1.76 -1.74 35.45
C PHE L 114 1.37 -3.20 35.33
N LEU L 115 2.32 -4.11 35.56
CA LEU L 115 1.98 -5.53 35.45
C LEU L 115 0.87 -5.89 36.42
N TYR L 116 0.96 -5.37 37.65
CA TYR L 116 -0.11 -5.61 38.61
C TYR L 116 -1.45 -5.06 38.12
N ILE L 117 -1.46 -3.80 37.67
CA ILE L 117 -2.73 -3.16 37.29
C ILE L 117 -3.32 -3.85 36.06
N SER L 118 -2.50 -4.13 35.05
CA SER L 118 -2.99 -4.74 33.82
C SER L 118 -3.41 -6.19 34.05
N GLY L 119 -2.69 -6.92 34.89
CA GLY L 119 -3.15 -8.25 35.25
C GLY L 119 -4.47 -8.21 35.99
N TRP L 120 -4.66 -7.20 36.85
CA TRP L 120 -5.95 -6.99 37.50
C TRP L 120 -7.05 -6.81 36.46
N ILE L 121 -6.82 -5.93 35.49
CA ILE L 121 -7.84 -5.64 34.48
C ILE L 121 -8.16 -6.89 33.67
N GLY L 122 -7.12 -7.58 33.19
CA GLY L 122 -7.33 -8.77 32.40
C GLY L 122 -8.02 -9.87 33.18
N TRP L 123 -7.63 -10.04 34.45
CA TRP L 123 -8.24 -11.07 35.28
C TRP L 123 -9.72 -10.80 35.52
N VAL L 124 -10.07 -9.56 35.85
CA VAL L 124 -11.48 -9.27 36.11
C VAL L 124 -12.29 -9.40 34.82
N GLY L 125 -11.72 -8.98 33.68
CA GLY L 125 -12.43 -9.16 32.42
C GLY L 125 -12.65 -10.62 32.10
N ARG L 126 -11.62 -11.45 32.26
CA ARG L 126 -11.75 -12.87 31.98
C ARG L 126 -12.74 -13.53 32.92
N LYS L 127 -12.69 -13.17 34.20
CA LYS L 127 -13.61 -13.75 35.17
C LYS L 127 -15.05 -13.37 34.85
N TYR L 128 -15.29 -12.11 34.47
CA TYR L 128 -16.64 -11.71 34.09
C TYR L 128 -17.10 -12.44 32.83
N ILE L 129 -16.21 -12.60 31.85
CA ILE L 129 -16.58 -13.31 30.63
C ILE L 129 -16.96 -14.75 30.93
N ARG L 130 -16.16 -15.42 31.78
CA ARG L 130 -16.43 -16.81 32.09
C ARG L 130 -17.64 -16.96 33.00
N THR L 131 -17.95 -15.94 33.80
CA THR L 131 -19.07 -16.05 34.74
C THR L 131 -20.40 -15.87 34.03
N VAL L 132 -20.54 -14.82 33.21
CA VAL L 132 -21.76 -14.63 32.44
C VAL L 132 -21.81 -15.51 31.20
N GLY L 133 -20.76 -16.28 30.93
CA GLY L 133 -20.79 -17.25 29.85
C GLY L 133 -21.56 -18.50 30.16
N GLN L 134 -21.96 -18.70 31.43
CA GLN L 134 -22.72 -19.86 31.86
C GLN L 134 -24.15 -19.50 32.23
N THR L 135 -24.67 -18.39 31.74
CA THR L 135 -26.03 -17.97 31.98
C THR L 135 -26.87 -18.17 30.72
N SER L 136 -28.17 -17.89 30.84
CA SER L 136 -29.09 -18.14 29.74
C SER L 136 -28.78 -17.26 28.53
N ASN L 137 -28.44 -15.99 28.76
CA ASN L 137 -28.21 -15.01 27.70
C ASN L 137 -26.83 -14.40 27.88
N PRO L 138 -25.78 -15.12 27.51
CA PRO L 138 -24.41 -14.57 27.69
C PRO L 138 -24.16 -13.30 26.91
N THR L 139 -24.73 -13.18 25.71
CA THR L 139 -24.48 -12.00 24.88
C THR L 139 -25.18 -10.76 25.42
N GLU L 140 -26.34 -10.93 26.05
CA GLU L 140 -27.05 -9.79 26.61
C GLU L 140 -26.27 -9.14 27.73
N LYS L 141 -25.61 -9.95 28.57
CA LYS L 141 -24.87 -9.47 29.72
C LYS L 141 -23.52 -8.86 29.33
N GLU L 142 -23.24 -8.71 28.04
CA GLU L 142 -22.02 -8.08 27.57
C GLU L 142 -22.21 -6.66 27.09
N ILE L 143 -23.42 -6.31 26.62
CA ILE L 143 -23.74 -4.95 26.24
C ILE L 143 -24.43 -4.26 27.42
N ILE L 144 -25.11 -5.05 28.25
CA ILE L 144 -25.77 -4.56 29.45
C ILE L 144 -25.09 -5.27 30.61
N ILE L 145 -24.10 -4.62 31.21
CA ILE L 145 -23.28 -5.26 32.23
C ILE L 145 -24.09 -5.50 33.49
N ASP L 146 -23.90 -6.68 34.09
CA ASP L 146 -24.45 -6.97 35.41
C ASP L 146 -23.58 -6.24 36.43
N VAL L 147 -23.96 -4.99 36.72
CA VAL L 147 -23.13 -4.14 37.59
C VAL L 147 -22.88 -4.77 38.95
N PRO L 148 -23.86 -5.41 39.62
CA PRO L 148 -23.52 -6.10 40.88
C PRO L 148 -22.43 -7.14 40.70
N LEU L 149 -22.58 -8.04 39.73
CA LEU L 149 -21.57 -9.06 39.50
C LEU L 149 -20.26 -8.45 39.02
N ALA L 150 -20.35 -7.40 38.20
CA ALA L 150 -19.14 -6.72 37.74
C ALA L 150 -18.36 -6.14 38.91
N ILE L 151 -19.05 -5.47 39.83
CA ILE L 151 -18.39 -4.91 41.01
C ILE L 151 -17.82 -6.03 41.87
N SER L 152 -18.56 -7.15 41.99
CA SER L 152 -18.06 -8.28 42.77
C SER L 152 -16.75 -8.80 42.20
N ILE L 153 -16.66 -8.93 40.88
CA ILE L 153 -15.47 -9.50 40.26
C ILE L 153 -14.32 -8.49 40.27
N MET L 154 -14.62 -7.22 40.03
CA MET L 154 -13.57 -6.21 39.86
C MET L 154 -12.75 -6.01 41.13
N THR L 155 -13.41 -5.97 42.28
CA THR L 155 -12.69 -5.80 43.54
C THR L 155 -11.99 -7.07 43.99
N SER L 156 -12.18 -8.19 43.29
CA SER L 156 -11.52 -9.44 43.59
C SER L 156 -10.25 -9.65 42.78
N GLY L 157 -9.85 -8.68 41.96
CA GLY L 157 -8.67 -8.79 41.14
C GLY L 157 -7.37 -8.50 41.83
N PHE L 158 -7.40 -8.08 43.10
CA PHE L 158 -6.16 -7.82 43.84
C PHE L 158 -5.37 -9.08 44.08
N LEU L 159 -5.99 -10.26 43.97
CA LEU L 159 -5.31 -11.53 44.10
C LEU L 159 -5.04 -12.19 42.75
N TRP L 160 -5.06 -11.41 41.67
CA TRP L 160 -4.87 -12.00 40.34
C TRP L 160 -3.57 -12.79 40.20
N PRO L 161 -2.41 -12.35 40.74
CA PRO L 161 -1.25 -13.24 40.65
C PRO L 161 -1.45 -14.57 41.36
N PHE L 162 -2.14 -14.56 42.49
CA PHE L 162 -2.40 -15.80 43.23
C PHE L 162 -3.51 -16.61 42.57
N ALA L 163 -4.56 -15.94 42.08
CA ALA L 163 -5.64 -16.65 41.41
C ALA L 163 -5.16 -17.31 40.12
N ALA L 164 -4.29 -16.62 39.37
CA ALA L 164 -3.75 -17.18 38.14
C ALA L 164 -2.89 -18.40 38.44
N TRP L 165 -2.01 -18.31 39.44
CA TRP L 165 -1.28 -19.50 39.85
C TRP L 165 -2.00 -20.25 40.96
N GLN L 166 -3.31 -20.40 40.76
CA GLN L 166 -4.12 -21.43 41.42
C GLN L 166 -5.13 -22.05 40.46
N GLU L 167 -5.38 -21.40 39.32
CA GLU L 167 -6.22 -21.92 38.24
C GLU L 167 -5.40 -22.59 37.16
N PHE L 168 -4.16 -22.14 36.95
CA PHE L 168 -3.26 -22.84 36.05
C PHE L 168 -2.88 -24.20 36.60
N LEU L 169 -2.70 -24.30 37.92
CA LEU L 169 -2.37 -25.58 38.54
C LEU L 169 -3.51 -26.57 38.40
N SER L 170 -4.75 -26.11 38.50
CA SER L 170 -5.91 -26.99 38.40
C SER L 170 -6.33 -27.25 36.96
N GLY L 171 -5.63 -26.69 35.98
CA GLY L 171 -5.96 -26.91 34.60
C GLY L 171 -7.16 -26.14 34.10
N ASP L 172 -7.67 -25.21 34.88
CA ASP L 172 -8.85 -24.42 34.52
C ASP L 172 -8.51 -23.15 33.75
N LEU L 173 -7.22 -22.89 33.51
CA LEU L 173 -6.81 -21.66 32.83
C LEU L 173 -6.70 -21.84 31.32
N ILE L 174 -6.45 -23.05 30.84
CA ILE L 174 -6.12 -23.29 29.43
C ILE L 174 -7.09 -24.32 28.86
N ALA L 175 -7.63 -24.02 27.68
CA ALA L 175 -8.36 -25.02 26.92
C ALA L 175 -7.39 -25.93 26.17
N SER L 176 -7.85 -27.13 25.81
CA SER L 176 -6.98 -28.14 25.24
C SER L 176 -7.28 -28.45 23.77
N ASP L 177 -8.48 -28.94 23.47
CA ASP L 177 -8.80 -29.31 22.09
C ASP L 177 -10.22 -28.99 21.67
N GLU L 178 -11.03 -28.36 22.53
CA GLU L 178 -12.32 -27.84 22.09
C GLU L 178 -12.16 -26.56 21.29
N THR L 179 -10.97 -25.98 21.27
CA THR L 179 -10.71 -24.81 20.45
C THR L 179 -10.79 -25.16 18.97
N ILE L 180 -11.34 -24.25 18.19
CA ILE L 180 -11.60 -24.49 16.78
C ILE L 180 -10.33 -24.25 15.98
N THR L 181 -10.19 -24.97 14.86
CA THR L 181 -9.04 -24.83 13.98
C THR L 181 -9.53 -24.77 12.54
N THR L 182 -8.78 -24.05 11.70
CA THR L 182 -9.13 -23.93 10.29
C THR L 182 -8.89 -25.26 9.58
N SER L 183 -9.20 -25.29 8.27
CA SER L 183 -9.09 -26.52 7.52
C SER L 183 -7.68 -27.09 7.46
N PRO L 184 -6.63 -26.32 7.13
CA PRO L 184 -5.32 -26.97 7.08
C PRO L 184 -4.66 -27.10 8.45
N GLU M 44 20.22 -49.76 4.30
CA GLU M 44 19.81 -48.36 4.21
C GLU M 44 18.83 -48.01 5.32
N SER M 45 17.88 -47.12 5.00
CA SER M 45 16.84 -46.68 5.93
C SER M 45 17.46 -46.06 7.19
N THR M 46 18.13 -44.93 6.97
CA THR M 46 18.73 -44.18 8.07
C THR M 46 17.68 -43.61 9.02
N TYR M 47 16.42 -43.59 8.65
CA TYR M 47 15.37 -43.12 9.54
C TYR M 47 15.25 -44.04 10.74
N TRP M 48 15.07 -43.44 11.92
CA TRP M 48 15.02 -44.21 13.16
C TRP M 48 14.05 -43.54 14.13
N GLU M 49 13.48 -44.37 15.02
CA GLU M 49 12.58 -43.88 16.05
C GLU M 49 12.86 -44.45 17.42
N GLY M 50 13.83 -45.35 17.56
CA GLY M 50 14.10 -45.99 18.85
C GLY M 50 14.91 -45.12 19.78
N LYS M 51 15.84 -45.73 20.51
CA LYS M 51 16.69 -45.00 21.43
C LYS M 51 17.93 -44.45 20.74
N ALA M 52 18.50 -45.19 19.79
CA ALA M 52 19.69 -44.78 19.07
C ALA M 52 19.51 -45.09 17.59
N PRO M 53 20.14 -44.33 16.71
CA PRO M 53 20.06 -44.62 15.28
C PRO M 53 20.82 -45.88 14.94
N PRO M 54 20.49 -46.53 13.83
CA PRO M 54 21.26 -47.70 13.40
C PRO M 54 22.68 -47.30 13.02
N SER M 55 23.59 -48.28 13.10
CA SER M 55 25.00 -48.01 12.85
C SER M 55 25.27 -47.60 11.41
N VAL M 56 24.31 -47.78 10.49
CA VAL M 56 24.52 -47.39 9.10
C VAL M 56 24.68 -45.89 8.93
N VAL M 57 24.18 -45.09 9.89
CA VAL M 57 24.31 -43.64 9.79
C VAL M 57 25.74 -43.17 10.00
N LEU M 58 26.61 -44.03 10.49
CA LEU M 58 28.01 -43.69 10.72
C LEU M 58 28.88 -43.89 9.49
N GLY M 59 28.32 -44.43 8.41
CA GLY M 59 29.09 -44.72 7.22
C GLY M 59 29.76 -46.07 7.31
N PRO M 60 30.15 -46.64 6.16
CA PRO M 60 30.76 -47.97 6.18
C PRO M 60 32.25 -47.92 6.48
N PHE M 61 32.63 -47.06 7.40
CA PHE M 61 33.95 -47.04 8.03
C PHE M 61 33.84 -46.95 9.55
N LEU M 62 32.90 -46.15 10.05
CA LEU M 62 32.63 -46.09 11.48
C LEU M 62 31.60 -47.10 11.93
N SER M 63 30.83 -47.69 11.00
CA SER M 63 29.86 -48.69 11.38
C SER M 63 30.50 -49.94 11.96
N LYS M 64 31.79 -50.15 11.72
CA LYS M 64 32.48 -51.36 12.13
C LYS M 64 33.54 -51.11 13.21
N ILE M 65 33.64 -49.89 13.72
CA ILE M 65 34.57 -49.61 14.80
C ILE M 65 33.90 -49.99 16.12
N PRO M 66 34.53 -50.79 16.97
CA PRO M 66 33.97 -51.05 18.30
C PRO M 66 33.90 -49.76 19.10
N SER M 67 32.86 -49.67 19.94
CA SER M 67 32.70 -48.48 20.77
C SER M 67 33.85 -48.30 21.74
N GLY M 68 34.43 -49.41 22.21
CA GLY M 68 35.60 -49.34 23.08
C GLY M 68 36.82 -48.75 22.40
N VAL M 69 36.80 -48.65 21.07
CA VAL M 69 37.87 -47.97 20.35
C VAL M 69 37.50 -46.51 20.09
N LEU M 70 36.27 -46.25 19.68
CA LEU M 70 35.86 -44.88 19.36
C LEU M 70 35.86 -43.99 20.60
N GLY M 71 35.39 -44.51 21.73
CA GLY M 71 35.28 -43.72 22.94
C GLY M 71 36.60 -43.14 23.39
N PRO M 72 37.55 -44.00 23.77
CA PRO M 72 38.89 -43.51 24.14
C PRO M 72 39.54 -42.70 23.04
N ALA M 73 39.34 -43.08 21.77
CA ALA M 73 39.88 -42.28 20.68
C ALA M 73 39.27 -40.89 20.65
N SER M 74 37.96 -40.80 20.90
CA SER M 74 37.30 -39.49 20.94
C SER M 74 37.83 -38.64 22.09
N LEU M 75 38.00 -39.25 23.27
CA LEU M 75 38.53 -38.49 24.40
C LEU M 75 39.96 -38.01 24.13
N VAL M 76 40.79 -38.89 23.56
CA VAL M 76 42.16 -38.52 23.25
C VAL M 76 42.19 -37.40 22.22
N ALA M 77 41.34 -37.50 21.20
CA ALA M 77 41.30 -36.45 20.17
C ALA M 77 40.85 -35.13 20.77
N LEU M 78 39.85 -35.15 21.65
CA LEU M 78 39.39 -33.92 22.28
C LEU M 78 40.48 -33.30 23.13
N ILE M 79 41.19 -34.11 23.93
CA ILE M 79 42.25 -33.58 24.77
C ILE M 79 43.38 -33.01 23.91
N VAL M 80 43.76 -33.73 22.86
CA VAL M 80 44.84 -33.27 21.99
C VAL M 80 44.46 -31.98 21.29
N GLY M 81 43.21 -31.89 20.80
CA GLY M 81 42.77 -30.68 20.13
C GLY M 81 42.69 -29.49 21.06
N SER M 82 42.18 -29.70 22.28
CA SER M 82 42.14 -28.62 23.25
C SER M 82 43.55 -28.14 23.59
N TYR M 83 44.48 -29.07 23.78
CA TYR M 83 45.85 -28.68 24.08
C TYR M 83 46.49 -27.93 22.92
N CYS M 84 46.24 -28.39 21.69
CA CYS M 84 46.80 -27.71 20.53
C CYS M 84 46.24 -26.31 20.39
N THR M 85 44.93 -26.14 20.61
CA THR M 85 44.33 -24.81 20.58
C THR M 85 44.90 -23.91 21.66
N HIS M 86 45.07 -24.45 22.87
CA HIS M 86 45.60 -23.68 23.98
C HIS M 86 47.11 -23.44 23.86
N GLU M 87 47.80 -24.16 23.00
CA GLU M 87 49.21 -23.90 22.79
C GLU M 87 49.46 -22.94 21.64
N SER M 88 48.64 -23.02 20.59
CA SER M 88 48.72 -22.03 19.52
C SER M 88 48.25 -20.66 19.98
N ASN M 89 47.19 -20.62 20.79
CA ASN M 89 46.66 -19.37 21.31
C ASN M 89 46.57 -19.45 22.83
N ILE M 90 45.90 -18.47 23.45
CA ILE M 90 45.57 -18.52 24.87
C ILE M 90 46.82 -18.53 25.74
N PHE M 91 47.55 -19.64 25.76
CA PHE M 91 48.76 -19.72 26.57
C PHE M 91 49.91 -18.93 25.91
N ASN M 92 50.03 -19.04 24.60
CA ASN M 92 51.02 -18.27 23.84
C ASN M 92 50.29 -17.51 22.75
N THR M 93 50.47 -16.19 22.73
CA THR M 93 49.77 -15.37 21.75
C THR M 93 50.25 -15.68 20.34
N LEU M 94 49.31 -15.66 19.39
CA LEU M 94 49.63 -16.00 18.02
C LEU M 94 50.47 -14.91 17.37
N THR M 95 51.30 -15.32 16.41
CA THR M 95 52.15 -14.40 15.68
C THR M 95 52.37 -14.98 14.29
N VAL M 96 52.77 -14.11 13.36
CA VAL M 96 52.99 -14.54 11.98
C VAL M 96 54.03 -15.65 11.94
N ASP M 97 55.09 -15.51 12.74
CA ASP M 97 56.19 -16.47 12.72
C ASP M 97 55.86 -17.78 13.45
N THR M 98 54.73 -17.85 14.16
CA THR M 98 54.36 -19.01 14.96
C THR M 98 52.95 -19.44 14.58
N ILE M 99 52.83 -20.37 13.63
CA ILE M 99 51.54 -20.89 13.20
C ILE M 99 51.43 -22.40 13.49
N TYR M 100 52.50 -23.16 13.27
CA TYR M 100 52.60 -24.55 13.71
C TYR M 100 51.45 -25.41 13.18
N PRO M 101 51.56 -25.85 11.92
CA PRO M 101 50.54 -26.73 11.34
C PRO M 101 50.13 -27.90 12.23
N ALA M 102 51.01 -28.36 13.12
CA ALA M 102 50.61 -29.41 14.06
C ALA M 102 49.51 -28.93 14.99
N TYR M 103 49.68 -27.73 15.57
CA TYR M 103 48.66 -27.17 16.43
C TYR M 103 47.39 -26.85 15.65
N VAL M 104 47.54 -26.37 14.43
CA VAL M 104 46.38 -26.11 13.62
C VAL M 104 45.67 -27.39 13.24
N LEU M 105 46.39 -28.28 12.63
CA LEU M 105 45.79 -29.54 12.31
C LEU M 105 45.28 -30.15 13.56
N GLY M 106 45.94 -29.95 14.67
CA GLY M 106 45.54 -30.56 15.91
C GLY M 106 44.23 -30.00 16.27
N SER M 107 44.18 -28.68 16.43
CA SER M 107 42.94 -28.01 16.78
C SER M 107 41.79 -28.54 15.94
N PHE M 108 42.06 -28.91 14.69
CA PHE M 108 40.93 -29.50 13.95
C PHE M 108 40.36 -30.80 14.53
N LEU M 109 40.98 -31.45 15.49
CA LEU M 109 40.56 -32.64 16.16
C LEU M 109 39.51 -32.38 17.20
N THR M 110 39.38 -31.11 17.62
CA THR M 110 38.34 -30.74 18.57
C THR M 110 36.98 -30.83 17.89
N PRO M 111 36.78 -30.12 16.76
CA PRO M 111 35.50 -30.33 16.07
C PRO M 111 35.30 -31.80 15.78
N ILE M 112 36.34 -32.47 15.30
CA ILE M 112 36.24 -33.90 15.00
C ILE M 112 35.86 -34.71 16.23
N SER M 113 36.60 -34.53 17.32
CA SER M 113 36.29 -35.23 18.56
C SER M 113 34.78 -35.31 18.78
N TRP M 114 34.06 -34.22 18.58
CA TRP M 114 32.62 -34.22 18.74
C TRP M 114 32.08 -35.33 17.93
N GLY M 115 32.47 -35.48 16.68
CA GLY M 115 31.85 -36.52 15.87
C GLY M 115 32.23 -37.91 16.33
N LEU M 116 33.48 -38.08 16.75
CA LEU M 116 33.96 -39.38 17.18
C LEU M 116 33.21 -39.89 18.40
N HIS M 117 32.97 -39.02 19.39
CA HIS M 117 32.26 -39.54 20.56
C HIS M 117 30.77 -39.69 20.29
N VAL M 118 30.20 -38.88 19.39
CA VAL M 118 28.82 -39.15 18.99
C VAL M 118 28.71 -40.54 18.36
N ALA M 119 29.65 -40.87 17.47
CA ALA M 119 29.68 -42.20 16.88
C ALA M 119 29.95 -43.28 17.92
N ALA M 120 30.78 -42.97 18.92
CA ALA M 120 31.04 -43.94 19.98
C ALA M 120 29.79 -44.26 20.76
N TRP M 121 29.00 -43.24 21.10
CA TRP M 121 27.73 -43.49 21.79
C TRP M 121 26.78 -44.29 20.91
N ILE M 122 26.72 -43.94 19.61
CA ILE M 122 25.83 -44.67 18.71
C ILE M 122 26.22 -46.14 18.62
N GLN M 123 27.53 -46.41 18.54
CA GLN M 123 27.99 -47.80 18.50
C GLN M 123 27.71 -48.52 19.81
N LYS M 124 27.91 -47.84 20.94
CA LYS M 124 27.68 -48.47 22.24
C LYS M 124 26.22 -48.86 22.41
N MET M 125 25.30 -47.99 22.00
CA MET M 125 23.88 -48.28 22.16
C MET M 125 23.40 -49.34 21.17
N ASN M 126 24.14 -49.59 20.09
CA ASN M 126 23.77 -50.57 19.09
C ASN M 126 24.47 -51.91 19.32
N LYS M 127 24.95 -52.17 20.53
CA LYS M 127 25.64 -53.41 20.89
C LYS M 127 26.84 -53.65 19.98
N ALA M 128 27.74 -52.67 19.97
CA ALA M 128 28.95 -52.75 19.17
C ALA M 128 30.13 -52.14 19.92
N MET N 1 32.77 12.33 -40.92
CA MET N 1 31.82 12.29 -39.82
C MET N 1 32.53 12.08 -38.49
N SER N 2 32.45 13.07 -37.62
CA SER N 2 33.09 13.01 -36.32
C SER N 2 32.29 12.12 -35.36
N LEU N 3 32.91 11.80 -34.23
CA LEU N 3 32.24 10.99 -33.21
C LEU N 3 31.15 11.75 -32.49
N ASP N 4 31.23 13.09 -32.47
CA ASP N 4 30.23 13.89 -31.76
C ASP N 4 28.94 14.06 -32.54
N LEU N 5 28.91 13.65 -33.82
CA LEU N 5 27.68 13.62 -34.59
C LEU N 5 26.85 12.37 -34.33
N LEU N 6 27.45 11.35 -33.72
CA LEU N 6 26.73 10.12 -33.43
C LEU N 6 25.51 10.31 -32.53
N PRO N 7 25.55 11.12 -31.46
CA PRO N 7 24.31 11.35 -30.71
C PRO N 7 23.18 11.91 -31.55
N SER N 8 23.45 12.94 -32.36
CA SER N 8 22.41 13.50 -33.20
C SER N 8 21.96 12.56 -34.30
N PHE N 9 22.81 11.60 -34.69
CA PHE N 9 22.37 10.61 -35.67
C PHE N 9 21.53 9.51 -35.03
N PHE N 10 21.85 9.11 -33.81
CA PHE N 10 21.27 7.91 -33.20
C PHE N 10 20.07 8.20 -32.30
N VAL N 11 20.13 9.24 -31.46
CA VAL N 11 19.03 9.50 -30.53
C VAL N 11 17.69 9.71 -31.25
N PRO N 12 17.60 10.55 -32.29
CA PRO N 12 16.32 10.60 -33.02
C PRO N 12 15.98 9.26 -33.63
N LEU N 13 16.95 8.63 -34.29
CA LEU N 13 16.76 7.33 -34.91
C LEU N 13 16.12 6.35 -33.93
N VAL N 14 16.82 6.04 -32.84
CA VAL N 14 16.30 5.10 -31.86
C VAL N 14 14.96 5.62 -31.35
N GLY N 15 14.99 6.75 -30.63
CA GLY N 15 13.88 7.19 -29.81
C GLY N 15 12.62 7.59 -30.56
N LEU N 16 12.67 7.69 -31.89
CA LEU N 16 11.46 7.94 -32.65
C LEU N 16 11.18 6.86 -33.67
N VAL N 17 12.15 6.46 -34.47
CA VAL N 17 11.91 5.46 -35.50
C VAL N 17 11.63 4.10 -34.87
N LEU N 18 12.45 3.69 -33.89
CA LEU N 18 12.23 2.38 -33.29
C LEU N 18 10.86 2.27 -32.62
N PRO N 19 10.37 3.26 -31.88
CA PRO N 19 8.96 3.20 -31.46
C PRO N 19 7.99 3.03 -32.62
N LEU N 20 8.17 3.73 -33.73
CA LEU N 20 7.19 3.63 -34.81
C LEU N 20 7.12 2.22 -35.37
N PHE N 21 8.26 1.66 -35.74
CA PHE N 21 8.28 0.32 -36.32
C PHE N 21 7.88 -0.73 -35.30
N SER N 22 8.29 -0.56 -34.04
CA SER N 22 7.90 -1.51 -32.99
C SER N 22 6.40 -1.48 -32.76
N ILE N 23 5.79 -0.29 -32.75
CA ILE N 23 4.34 -0.18 -32.63
C ILE N 23 3.65 -0.83 -33.82
N ILE N 24 4.16 -0.59 -35.03
CA ILE N 24 3.56 -1.22 -36.20
C ILE N 24 3.58 -2.74 -36.05
N GLY N 25 4.74 -3.29 -35.73
CA GLY N 25 4.87 -4.73 -35.62
C GLY N 25 4.02 -5.31 -34.51
N LEU N 26 4.04 -4.68 -33.33
CA LEU N 26 3.29 -5.19 -32.20
C LEU N 26 1.78 -5.10 -32.43
N PHE N 27 1.31 -4.00 -33.00
CA PHE N 27 -0.11 -3.86 -33.32
C PHE N 27 -0.52 -4.91 -34.34
N LEU N 28 0.27 -5.09 -35.39
CA LEU N 28 -0.04 -6.09 -36.39
C LEU N 28 -0.09 -7.49 -35.77
N TYR N 29 0.87 -7.79 -34.90
CA TYR N 29 0.93 -9.12 -34.29
C TYR N 29 -0.25 -9.37 -33.37
N ILE N 30 -0.55 -8.42 -32.48
CA ILE N 30 -1.63 -8.62 -31.50
C ILE N 30 -3.00 -8.49 -32.12
N GLU N 31 -3.11 -7.95 -33.34
CA GLU N 31 -4.39 -7.88 -34.02
C GLU N 31 -4.56 -8.96 -35.09
N LYS N 32 -3.67 -9.96 -35.11
CA LYS N 32 -3.78 -11.03 -36.08
C LYS N 32 -4.98 -11.91 -35.78
N GLU N 33 -5.27 -12.81 -36.72
CA GLU N 33 -6.34 -13.79 -36.56
C GLU N 33 -5.80 -15.19 -36.82
N ASN N 34 -6.69 -16.17 -36.90
CA ASN N 34 -6.27 -17.54 -37.17
C ASN N 34 -7.09 -18.15 -38.30
N MET O 1 -37.75 3.98 38.45
CA MET O 1 -36.29 3.96 38.46
C MET O 1 -35.76 2.54 38.37
N LYS O 2 -36.53 1.65 37.75
CA LYS O 2 -36.08 0.29 37.52
C LYS O 2 -35.45 0.12 36.15
N ASP O 3 -36.01 0.76 35.13
CA ASP O 3 -35.44 0.74 33.79
C ASP O 3 -34.42 1.83 33.57
N PHE O 4 -34.52 2.95 34.30
CA PHE O 4 -33.47 3.96 34.23
C PHE O 4 -32.16 3.43 34.75
N LEU O 5 -32.19 2.69 35.87
CA LEU O 5 -30.97 2.07 36.38
C LEU O 5 -30.47 0.99 35.44
N LYS O 6 -31.38 0.31 34.73
CA LYS O 6 -30.96 -0.62 33.70
C LYS O 6 -30.35 0.10 32.51
N TYR O 7 -30.87 1.27 32.17
CA TYR O 7 -30.27 2.08 31.11
C TYR O 7 -28.87 2.53 31.50
N LEU O 8 -28.69 2.95 32.75
CA LEU O 8 -27.37 3.33 33.22
C LEU O 8 -26.41 2.15 33.26
N SER O 9 -26.92 0.93 33.22
CA SER O 9 -26.10 -0.27 33.20
C SER O 9 -25.69 -0.68 31.79
N THR O 10 -26.10 0.07 30.78
CA THR O 10 -25.72 -0.25 29.41
C THR O 10 -24.22 0.01 29.20
N ALA O 11 -23.69 -0.61 28.15
CA ALA O 11 -22.26 -0.49 27.85
C ALA O 11 -21.80 0.96 27.65
N PRO O 12 -22.49 1.82 26.88
CA PRO O 12 -21.95 3.16 26.63
C PRO O 12 -21.92 4.02 27.87
N VAL O 13 -23.02 4.02 28.64
CA VAL O 13 -23.07 4.84 29.84
C VAL O 13 -22.04 4.38 30.86
N LEU O 14 -21.93 3.06 31.05
CA LEU O 14 -20.96 2.54 32.00
C LEU O 14 -19.54 2.83 31.55
N LEU O 15 -19.25 2.66 30.26
CA LEU O 15 -17.90 2.97 29.77
C LEU O 15 -17.59 4.45 29.91
N THR O 16 -18.56 5.32 29.61
CA THR O 16 -18.34 6.75 29.76
C THR O 16 -18.09 7.12 31.21
N ALA O 17 -18.88 6.57 32.13
CA ALA O 17 -18.67 6.85 33.55
C ALA O 17 -17.33 6.34 34.03
N TRP O 18 -16.96 5.12 33.62
CA TRP O 18 -15.69 4.55 34.07
C TRP O 18 -14.50 5.30 33.50
N LEU O 19 -14.56 5.68 32.23
CA LEU O 19 -13.46 6.43 31.63
C LEU O 19 -13.38 7.85 32.18
N THR O 20 -14.54 8.46 32.47
CA THR O 20 -14.53 9.78 33.10
C THR O 20 -13.89 9.71 34.49
N PHE O 21 -14.28 8.70 35.28
CA PHE O 21 -13.67 8.51 36.59
C PHE O 21 -12.18 8.23 36.48
N THR O 22 -11.78 7.42 35.49
CA THR O 22 -10.39 7.06 35.32
C THR O 22 -9.54 8.26 34.94
N ALA O 23 -9.97 9.00 33.93
CA ALA O 23 -9.29 10.24 33.56
C ALA O 23 -9.28 11.21 34.73
N GLY O 24 -10.36 11.22 35.53
CA GLY O 24 -10.40 12.12 36.66
C GLY O 24 -9.33 11.82 37.69
N PHE O 25 -9.20 10.55 38.10
CA PHE O 25 -8.21 10.30 39.13
C PHE O 25 -6.79 10.37 38.58
N VAL O 26 -6.61 10.08 37.28
CA VAL O 26 -5.29 10.27 36.67
C VAL O 26 -4.92 11.75 36.67
N ILE O 27 -5.83 12.61 36.21
CA ILE O 27 -5.56 14.04 36.15
C ILE O 27 -5.32 14.59 37.54
N GLU O 28 -6.05 14.11 38.54
CA GLU O 28 -5.86 14.65 39.88
C GLU O 28 -4.57 14.16 40.52
N ILE O 29 -4.16 12.92 40.26
CA ILE O 29 -2.83 12.48 40.69
C ILE O 29 -1.77 13.36 40.06
N ASN O 30 -1.91 13.66 38.76
CA ASN O 30 -0.92 14.49 38.09
C ASN O 30 -1.00 15.95 38.51
N ARG O 31 -2.12 16.39 39.09
CA ARG O 31 -2.16 17.74 39.65
C ARG O 31 -1.47 17.79 41.00
N PHE O 32 -1.77 16.83 41.88
CA PHE O 32 -1.21 16.89 43.22
C PHE O 32 0.25 16.48 43.27
N TYR O 33 0.68 15.58 42.38
CA TYR O 33 2.09 15.20 42.26
C TYR O 33 2.48 15.32 40.79
N PRO O 34 2.73 16.54 40.31
CA PRO O 34 3.05 16.73 38.90
C PRO O 34 4.49 16.37 38.57
N ASP O 35 4.75 16.23 37.27
CA ASP O 35 6.10 16.05 36.74
C ASP O 35 6.80 14.84 37.34
N ALA O 36 6.07 13.73 37.45
CA ALA O 36 6.61 12.49 38.01
C ALA O 36 7.20 11.65 36.89
N LEU O 37 8.52 11.72 36.72
CA LEU O 37 9.18 10.95 35.68
C LEU O 37 9.54 9.55 36.14
N THR O 38 9.89 9.37 37.40
CA THR O 38 10.24 8.07 37.96
C THR O 38 9.31 7.74 39.11
N PHE O 39 9.44 6.51 39.61
CA PHE O 39 8.65 6.11 40.76
C PHE O 39 9.01 6.97 41.97
N PRO O 40 8.02 7.43 42.74
CA PRO O 40 8.34 8.31 43.88
C PRO O 40 9.26 7.67 44.91
N PHE O 41 9.14 6.36 45.12
CA PHE O 41 10.01 5.68 46.07
C PHE O 41 11.42 5.53 45.50
N VAL P 2 -47.04 19.47 -30.57
CA VAL P 2 -46.02 18.81 -31.37
C VAL P 2 -44.89 18.32 -30.48
N SER P 3 -44.19 17.29 -30.94
CA SER P 3 -43.02 16.75 -30.26
C SER P 3 -41.89 16.63 -31.27
N PHE P 4 -40.71 17.15 -30.91
CA PHE P 4 -39.57 17.17 -31.81
C PHE P 4 -38.54 16.08 -31.50
N ILE P 5 -38.86 15.16 -30.59
CA ILE P 5 -38.02 14.00 -30.32
C ILE P 5 -38.90 12.77 -30.38
N LYS P 6 -38.54 11.83 -31.24
CA LYS P 6 -39.29 10.61 -31.46
C LYS P 6 -38.31 9.45 -31.60
N PRO P 7 -38.77 8.22 -31.40
CA PRO P 7 -37.87 7.07 -31.60
C PRO P 7 -37.35 7.03 -33.03
N TYR P 8 -36.10 6.60 -33.17
CA TYR P 8 -35.43 6.64 -34.46
C TYR P 8 -35.99 5.56 -35.38
N ARG P 9 -36.51 6.01 -36.53
CA ARG P 9 -37.04 5.10 -37.56
C ARG P 9 -38.11 4.17 -36.99
N GLN P 10 -38.93 4.70 -36.07
CA GLN P 10 -40.05 3.98 -35.48
C GLN P 10 -39.60 2.71 -34.76
N ASP P 11 -38.38 2.70 -34.24
CA ASP P 11 -37.87 1.58 -33.45
C ASP P 11 -37.57 2.07 -32.04
N PRO P 12 -38.44 1.79 -31.06
CA PRO P 12 -38.21 2.29 -29.70
C PRO P 12 -37.13 1.55 -28.94
N PHE P 13 -36.48 0.55 -29.55
CA PHE P 13 -35.49 -0.26 -28.87
C PHE P 13 -34.06 0.03 -29.31
N VAL P 14 -33.86 0.88 -30.32
CA VAL P 14 -32.52 1.28 -30.69
C VAL P 14 -31.95 2.20 -29.63
N GLY P 15 -30.62 2.18 -29.47
CA GLY P 15 -29.97 3.12 -28.58
C GLY P 15 -29.75 4.45 -29.27
N HIS P 16 -30.82 5.05 -29.77
CA HIS P 16 -30.72 6.27 -30.56
C HIS P 16 -32.07 6.97 -30.52
N LEU P 17 -32.05 8.26 -30.86
CA LEU P 17 -33.25 9.07 -30.88
C LEU P 17 -33.24 9.98 -32.10
N ALA P 18 -34.45 10.34 -32.55
CA ALA P 18 -34.61 11.25 -33.69
C ALA P 18 -34.84 12.66 -33.15
N THR P 19 -33.75 13.30 -32.78
CA THR P 19 -33.78 14.65 -32.24
C THR P 19 -33.64 15.68 -33.36
N PRO P 20 -33.88 16.97 -33.08
CA PRO P 20 -33.72 17.99 -34.13
C PRO P 20 -32.28 18.20 -34.56
N ILE P 21 -31.38 17.33 -34.12
CA ILE P 21 -29.98 17.37 -34.50
C ILE P 21 -29.54 16.12 -35.23
N THR P 22 -30.02 14.95 -34.80
CA THR P 22 -29.65 13.71 -35.48
C THR P 22 -30.33 13.60 -36.84
N THR P 23 -31.60 13.97 -36.93
CA THR P 23 -32.39 13.77 -38.14
C THR P 23 -33.05 15.06 -38.60
N SER P 24 -32.32 16.17 -38.56
CA SER P 24 -32.81 17.42 -39.11
C SER P 24 -32.37 17.56 -40.56
N ALA P 25 -33.16 18.29 -41.34
CA ALA P 25 -32.84 18.48 -42.76
C ALA P 25 -31.47 19.15 -42.92
N PHE P 26 -31.14 20.09 -42.04
CA PHE P 26 -29.83 20.69 -42.08
C PHE P 26 -28.74 19.65 -41.86
N THR P 27 -28.92 18.78 -40.86
CA THR P 27 -27.95 17.73 -40.62
C THR P 27 -27.84 16.80 -41.83
N ARG P 28 -28.98 16.43 -42.41
CA ARG P 28 -28.97 15.56 -43.58
C ARG P 28 -28.15 16.16 -44.71
N ALA P 29 -28.47 17.39 -45.11
CA ALA P 29 -27.77 18.01 -46.23
C ALA P 29 -26.30 18.24 -45.91
N TYR P 30 -26.00 18.73 -44.70
CA TYR P 30 -24.63 19.04 -44.34
C TYR P 30 -23.76 17.79 -44.32
N LEU P 31 -24.28 16.68 -43.80
CA LEU P 31 -23.50 15.46 -43.81
C LEU P 31 -23.45 14.82 -45.20
N LYS P 32 -24.44 15.08 -46.04
CA LYS P 32 -24.42 14.54 -47.40
C LYS P 32 -23.54 15.36 -48.34
N VAL P 33 -23.16 16.58 -47.97
CA VAL P 33 -22.19 17.32 -48.79
C VAL P 33 -20.75 17.11 -48.32
N LEU P 34 -20.54 16.44 -47.19
CA LEU P 34 -19.19 16.17 -46.72
C LEU P 34 -18.55 15.08 -47.57
N PRO P 35 -17.22 15.11 -47.72
CA PRO P 35 -16.56 14.12 -48.58
C PRO P 35 -16.78 12.68 -48.15
N ALA P 36 -16.92 12.43 -46.84
CA ALA P 36 -17.11 11.07 -46.36
C ALA P 36 -18.43 10.48 -46.80
N TYR P 37 -19.44 11.31 -47.04
CA TYR P 37 -20.76 10.83 -47.43
C TYR P 37 -21.28 11.43 -48.73
N ARG P 38 -20.51 12.27 -49.39
CA ARG P 38 -20.99 12.90 -50.63
C ARG P 38 -21.17 11.84 -51.71
N PRO P 39 -22.33 11.79 -52.36
CA PRO P 39 -22.54 10.80 -53.42
C PRO P 39 -21.70 11.10 -54.65
N GLY P 40 -21.40 10.05 -55.41
CA GLY P 40 -20.66 10.18 -56.64
C GLY P 40 -19.16 10.31 -56.49
N LEU P 41 -18.60 9.98 -55.33
CA LEU P 41 -17.17 10.08 -55.09
C LEU P 41 -16.57 8.69 -54.94
N THR P 42 -15.48 8.44 -55.65
CA THR P 42 -14.69 7.24 -55.45
C THR P 42 -13.94 7.35 -54.11
N PRO P 43 -13.54 6.22 -53.52
CA PRO P 43 -12.83 6.30 -52.24
C PRO P 43 -11.54 7.09 -52.32
N LEU P 44 -10.86 7.04 -53.46
CA LEU P 44 -9.67 7.87 -53.65
C LEU P 44 -10.01 9.36 -53.61
N SER P 45 -11.13 9.74 -54.22
CA SER P 45 -11.54 11.15 -54.18
C SER P 45 -11.90 11.59 -52.77
N ARG P 46 -12.63 10.75 -52.04
CA ARG P 46 -12.96 11.07 -50.66
C ARG P 46 -11.70 11.25 -49.83
N GLY P 47 -10.76 10.32 -49.96
CA GLY P 47 -9.50 10.43 -49.24
C GLY P 47 -8.73 11.69 -49.63
N ALA P 48 -8.70 12.01 -50.92
CA ALA P 48 -7.97 13.18 -51.38
C ALA P 48 -8.56 14.46 -50.80
N GLU P 49 -9.88 14.59 -50.83
CA GLU P 49 -10.50 15.79 -50.29
C GLU P 49 -10.29 15.89 -48.78
N ILE P 50 -10.47 14.78 -48.06
CA ILE P 50 -10.28 14.79 -46.62
C ILE P 50 -8.84 15.16 -46.28
N GLY P 51 -7.88 14.57 -46.98
CA GLY P 51 -6.48 14.90 -46.74
C GLY P 51 -6.16 16.35 -47.03
N PHE P 52 -6.71 16.89 -48.13
CA PHE P 52 -6.47 18.29 -48.45
C PHE P 52 -6.97 19.18 -47.33
N THR P 53 -8.22 19.01 -46.92
CA THR P 53 -8.76 19.86 -45.86
C THR P 53 -7.96 19.70 -44.57
N HIS P 54 -7.59 18.46 -44.24
CA HIS P 54 -6.95 18.20 -42.96
C HIS P 54 -5.53 18.74 -42.91
N GLY P 55 -4.75 18.55 -43.96
CA GLY P 55 -3.43 19.18 -44.01
C GLY P 55 -3.54 20.70 -44.01
N TYR P 56 -4.53 21.23 -44.73
CA TYR P 56 -4.71 22.67 -44.80
C TYR P 56 -4.94 23.27 -43.42
N PHE P 57 -5.80 22.67 -42.61
CA PHE P 57 -6.01 23.22 -41.27
C PHE P 57 -5.01 22.69 -40.25
N LEU P 58 -4.20 21.68 -40.61
CA LEU P 58 -3.22 21.15 -39.67
C LEU P 58 -1.94 21.94 -39.68
N ILE P 59 -1.56 22.52 -40.82
CA ILE P 59 -0.33 23.31 -40.85
C ILE P 59 -0.45 24.53 -39.94
N GLY P 60 -1.67 24.99 -39.69
CA GLY P 60 -1.91 26.20 -38.93
C GLY P 60 -1.32 26.19 -37.53
N PRO P 61 -1.82 25.28 -36.67
CA PRO P 61 -1.31 25.26 -35.28
C PRO P 61 0.18 24.99 -35.16
N PHE P 62 0.73 24.17 -36.05
CA PHE P 62 2.16 23.88 -35.99
C PHE P 62 2.98 25.11 -36.33
N TYR P 63 2.59 25.84 -37.37
CA TYR P 63 3.33 27.03 -37.76
C TYR P 63 3.16 28.15 -36.73
N THR P 64 1.94 28.33 -36.22
CA THR P 64 1.67 29.47 -35.35
C THR P 64 2.30 29.28 -33.97
N TYR P 65 2.17 28.09 -33.38
CA TYR P 65 2.55 27.88 -31.99
C TYR P 65 3.71 26.91 -31.82
N GLY P 66 4.44 26.58 -32.90
CA GLY P 66 5.50 25.61 -32.82
C GLY P 66 6.66 26.02 -31.94
N PRO P 67 7.73 25.24 -31.96
CA PRO P 67 8.93 25.63 -31.19
C PRO P 67 9.75 26.70 -31.87
N LEU P 68 9.49 27.01 -33.14
CA LEU P 68 10.24 27.99 -33.91
C LEU P 68 9.33 29.10 -34.42
N ARG P 69 8.45 29.61 -33.57
CA ARG P 69 7.54 30.67 -33.97
C ARG P 69 8.30 31.94 -34.33
N SER P 70 7.57 32.90 -34.89
CA SER P 70 8.10 34.21 -35.20
C SER P 70 6.92 35.16 -35.32
N VAL P 71 6.95 36.25 -34.55
CA VAL P 71 5.87 37.22 -34.63
C VAL P 71 5.84 37.87 -36.01
N GLU P 72 7.00 37.95 -36.68
CA GLU P 72 7.07 38.33 -38.08
C GLU P 72 7.06 37.06 -38.93
N PHE P 73 7.10 37.22 -40.25
CA PHE P 73 7.12 36.06 -41.12
C PHE P 73 8.53 35.54 -41.28
N SER P 74 8.71 34.24 -41.03
CA SER P 74 10.00 33.58 -41.18
C SER P 74 9.83 32.36 -42.07
N LEU P 75 10.73 32.20 -43.03
CA LEU P 75 10.70 31.00 -43.87
C LEU P 75 11.00 29.75 -43.05
N THR P 76 11.86 29.86 -42.04
CA THR P 76 12.16 28.72 -41.19
C THR P 76 10.94 28.26 -40.40
N SER P 77 10.16 29.22 -39.87
CA SER P 77 8.95 28.85 -39.15
C SER P 77 7.96 28.17 -40.07
N LEU P 78 7.79 28.69 -41.28
CA LEU P 78 6.88 28.07 -42.23
C LEU P 78 7.34 26.67 -42.62
N ALA P 79 8.64 26.50 -42.84
CA ALA P 79 9.17 25.18 -43.17
C ALA P 79 8.99 24.21 -42.03
N ALA P 80 9.21 24.66 -40.80
CA ALA P 80 9.03 23.80 -39.63
C ALA P 80 7.57 23.36 -39.50
N GLY P 81 6.64 24.31 -39.64
CA GLY P 81 5.23 23.96 -39.57
C GLY P 81 4.82 23.02 -40.68
N LEU P 82 5.30 23.26 -41.90
CA LEU P 82 4.98 22.39 -43.02
C LEU P 82 5.51 20.98 -42.79
N LEU P 83 6.76 20.85 -42.33
CA LEU P 83 7.32 19.53 -42.09
C LEU P 83 6.58 18.81 -40.97
N ALA P 84 6.23 19.53 -39.90
CA ALA P 84 5.48 18.91 -38.81
C ALA P 84 4.12 18.43 -39.30
N ALA P 85 3.43 19.25 -40.09
CA ALA P 85 2.13 18.85 -40.63
C ALA P 85 2.25 17.64 -41.53
N ILE P 86 3.28 17.61 -42.39
CA ILE P 86 3.46 16.48 -43.30
C ILE P 86 3.77 15.20 -42.52
N THR P 87 4.59 15.29 -41.48
CA THR P 87 4.91 14.11 -40.70
C THR P 87 3.68 13.63 -39.91
N LEU P 88 2.87 14.55 -39.41
CA LEU P 88 1.64 14.16 -38.75
C LEU P 88 0.69 13.47 -39.72
N LEU P 89 0.61 13.98 -40.96
CA LEU P 89 -0.18 13.30 -41.98
C LEU P 89 0.36 11.91 -42.28
N LEU P 90 1.69 11.77 -42.28
CA LEU P 90 2.28 10.45 -42.47
C LEU P 90 1.90 9.49 -41.35
N ILE P 91 1.91 9.97 -40.10
CA ILE P 91 1.52 9.15 -38.98
C ILE P 91 0.06 8.74 -39.10
N LEU P 92 -0.81 9.69 -39.47
CA LEU P 92 -2.22 9.38 -39.67
C LEU P 92 -2.43 8.39 -40.80
N THR P 93 -1.64 8.50 -41.87
CA THR P 93 -1.74 7.56 -42.98
C THR P 93 -1.29 6.17 -42.56
N VAL P 94 -0.24 6.08 -41.73
CA VAL P 94 0.19 4.80 -41.20
C VAL P 94 -0.94 4.17 -40.38
N GLY P 95 -1.58 4.98 -39.53
CA GLY P 95 -2.71 4.48 -38.76
C GLY P 95 -3.84 4.00 -39.65
N LEU P 96 -4.16 4.77 -40.69
CA LEU P 96 -5.21 4.36 -41.62
C LEU P 96 -4.86 3.04 -42.30
N SER P 97 -3.60 2.90 -42.72
CA SER P 97 -3.18 1.69 -43.42
C SER P 97 -3.29 0.47 -42.53
N ILE P 98 -2.81 0.56 -41.28
CA ILE P 98 -2.87 -0.60 -40.40
C ILE P 98 -4.31 -0.90 -40.01
N TYR P 99 -5.13 0.13 -39.81
CA TYR P 99 -6.54 -0.09 -39.49
C TYR P 99 -7.25 -0.83 -40.62
N GLY P 100 -7.04 -0.38 -41.86
CA GLY P 100 -7.64 -1.07 -42.99
C GLY P 100 -7.10 -2.46 -43.17
N GLN P 101 -5.82 -2.67 -42.87
CA GLN P 101 -5.22 -4.01 -42.97
C GLN P 101 -5.88 -4.96 -42.00
N VAL P 102 -6.14 -4.52 -40.76
CA VAL P 102 -6.67 -5.44 -39.75
C VAL P 102 -8.20 -5.48 -39.71
N THR P 103 -8.88 -4.58 -40.43
CA THR P 103 -10.34 -4.50 -40.30
C THR P 103 -11.06 -5.33 -41.35
N TYR P 104 -10.83 -5.06 -42.63
CA TYR P 104 -11.62 -5.64 -43.70
C TYR P 104 -10.88 -6.78 -44.40
N ASP P 105 -11.65 -7.76 -44.90
CA ASP P 105 -11.18 -8.68 -45.95
C ASP P 105 -12.22 -8.77 -47.07
N VAL P 106 -12.24 -7.77 -47.94
CA VAL P 106 -13.16 -7.70 -49.08
C VAL P 106 -12.48 -6.89 -50.16
N TYR P 107 -12.79 -7.22 -51.43
CA TYR P 107 -12.36 -6.41 -52.56
C TYR P 107 -13.52 -5.81 -53.36
N ASP P 108 -14.74 -6.30 -53.17
CA ASP P 108 -15.91 -5.74 -53.85
C ASP P 108 -17.12 -5.98 -52.97
N ASN P 109 -17.65 -4.91 -52.39
CA ASN P 109 -18.73 -5.00 -51.41
C ASN P 109 -20.06 -4.73 -52.11
N ALA P 110 -21.15 -4.76 -51.34
CA ALA P 110 -22.54 -4.64 -51.77
C ALA P 110 -22.98 -5.81 -52.63
N LEU P 111 -22.08 -6.75 -52.92
CA LEU P 111 -22.40 -7.98 -53.64
C LEU P 111 -22.24 -9.21 -52.75
N ILE P 112 -21.08 -9.38 -52.11
CA ILE P 112 -20.79 -10.56 -51.30
C ILE P 112 -21.90 -10.81 -50.30
N VAL P 113 -22.47 -9.73 -49.73
CA VAL P 113 -23.57 -9.86 -48.80
C VAL P 113 -24.77 -10.53 -49.49
N LYS P 114 -25.10 -10.07 -50.69
CA LYS P 114 -26.22 -10.66 -51.42
C LYS P 114 -25.90 -12.10 -51.84
N LEU P 115 -24.67 -12.37 -52.23
CA LEU P 115 -24.27 -13.72 -52.63
C LEU P 115 -24.44 -14.69 -51.47
N VAL P 116 -24.05 -14.29 -50.27
CA VAL P 116 -24.17 -15.19 -49.13
C VAL P 116 -25.58 -15.18 -48.54
N ARG P 117 -26.39 -14.16 -48.83
CA ARG P 117 -27.81 -14.21 -48.49
C ARG P 117 -28.62 -15.01 -49.49
N GLN P 118 -28.04 -15.33 -50.65
CA GLN P 118 -28.73 -16.09 -51.68
C GLN P 118 -28.12 -17.47 -51.88
N MET P 119 -26.82 -17.55 -52.15
CA MET P 119 -26.16 -18.81 -52.47
C MET P 119 -25.57 -19.50 -51.25
N VAL P 120 -26.02 -19.15 -50.05
CA VAL P 120 -25.60 -19.75 -48.78
C VAL P 120 -24.13 -19.41 -48.48
N GLY P 121 -23.79 -19.40 -47.19
CA GLY P 121 -22.47 -19.01 -46.76
C GLY P 121 -21.81 -19.98 -45.79
N SER P 122 -21.98 -21.28 -46.04
CA SER P 122 -21.50 -22.29 -45.11
C SER P 122 -19.98 -22.38 -45.13
N GLU P 123 -19.32 -21.35 -44.63
CA GLU P 123 -17.86 -21.28 -44.59
C GLU P 123 -17.44 -20.74 -43.22
N ARG P 124 -16.18 -20.36 -43.10
CA ARG P 124 -15.64 -19.82 -41.85
C ARG P 124 -16.25 -18.50 -41.45
N THR P 125 -17.10 -17.90 -42.30
CA THR P 125 -17.84 -16.68 -42.00
C THR P 125 -16.91 -15.49 -41.80
N GLN P 126 -17.50 -14.32 -41.52
CA GLN P 126 -16.82 -13.06 -41.26
C GLN P 126 -16.17 -12.48 -42.52
N ASP P 127 -16.15 -13.26 -43.60
CA ASP P 127 -15.77 -12.76 -44.91
C ASP P 127 -16.88 -12.95 -45.93
N LEU P 128 -17.40 -14.16 -46.06
CA LEU P 128 -18.60 -14.41 -46.85
C LEU P 128 -19.80 -13.83 -46.11
N PRO P 129 -20.14 -14.39 -44.95
CA PRO P 129 -21.24 -13.83 -44.16
C PRO P 129 -20.83 -12.58 -43.40
N GLN P 130 -21.71 -12.09 -42.52
CA GLN P 130 -21.46 -10.89 -41.72
C GLN P 130 -21.27 -9.67 -42.61
N ILE P 131 -20.05 -9.14 -42.65
CA ILE P 131 -19.69 -7.97 -43.44
C ILE P 131 -20.50 -6.76 -42.99
N LYS P 132 -19.88 -5.92 -42.16
CA LYS P 132 -20.52 -4.70 -41.67
C LYS P 132 -20.33 -3.58 -42.67
N GLY P 133 -21.44 -2.93 -43.05
CA GLY P 133 -21.38 -1.83 -43.99
C GLY P 133 -21.29 -2.26 -45.44
N THR P 134 -21.98 -1.54 -46.33
CA THR P 134 -21.98 -1.86 -47.75
C THR P 134 -21.27 -0.79 -48.58
N SER P 135 -20.64 0.19 -47.94
CA SER P 135 -19.95 1.22 -48.67
C SER P 135 -18.68 0.69 -49.33
N GLU P 136 -18.25 1.38 -50.38
CA GLU P 136 -16.99 1.04 -51.03
C GLU P 136 -15.79 1.32 -50.14
N LEU P 137 -15.93 2.16 -49.12
CA LEU P 137 -14.88 2.39 -48.15
C LEU P 137 -14.64 1.20 -47.24
N ASP P 138 -15.54 0.21 -47.24
CA ASP P 138 -15.47 -0.93 -46.33
C ASP P 138 -14.85 -2.15 -46.99
N THR P 139 -13.86 -1.94 -47.86
CA THR P 139 -13.15 -3.01 -48.52
C THR P 139 -11.65 -2.80 -48.36
N VAL P 140 -10.89 -3.87 -48.57
CA VAL P 140 -9.43 -3.75 -48.53
C VAL P 140 -8.94 -2.80 -49.61
N LEU P 141 -9.46 -2.97 -50.83
CA LEU P 141 -9.08 -2.07 -51.91
C LEU P 141 -9.59 -0.65 -51.66
N GLY P 142 -10.83 -0.53 -51.19
CA GLY P 142 -11.38 0.80 -50.96
C GLY P 142 -10.63 1.59 -49.91
N TRP P 143 -10.32 0.94 -48.79
CA TRP P 143 -9.61 1.64 -47.72
C TRP P 143 -8.17 1.95 -48.11
N GLN P 144 -7.54 1.09 -48.91
CA GLN P 144 -6.18 1.37 -49.37
C GLN P 144 -6.16 2.63 -50.23
N LYS P 145 -7.09 2.74 -51.18
CA LYS P 145 -7.17 3.94 -52.00
C LYS P 145 -7.57 5.15 -51.17
N PHE P 146 -8.42 4.95 -50.15
CA PHE P 146 -8.77 6.04 -49.25
C PHE P 146 -7.55 6.58 -48.52
N SER P 147 -6.70 5.67 -48.01
CA SER P 147 -5.48 6.09 -47.32
C SER P 147 -4.52 6.78 -48.28
N GLU P 148 -4.38 6.24 -49.49
CA GLU P 148 -3.51 6.86 -50.49
C GLU P 148 -3.97 8.27 -50.81
N GLY P 149 -5.27 8.44 -51.03
CA GLY P 149 -5.81 9.76 -51.29
C GLY P 149 -5.63 10.71 -50.12
N PHE P 150 -5.87 10.20 -48.90
CA PHE P 150 -5.66 11.04 -47.71
C PHE P 150 -4.23 11.53 -47.65
N PHE P 151 -3.28 10.65 -47.93
CA PHE P 151 -1.87 11.00 -47.82
C PHE P 151 -1.46 12.01 -48.88
N SER P 152 -1.82 11.76 -50.15
CA SER P 152 -1.48 12.67 -51.23
C SER P 152 -2.16 14.03 -51.04
N GLY P 153 -3.46 14.01 -50.75
CA GLY P 153 -4.18 15.25 -50.52
C GLY P 153 -3.67 16.01 -49.31
N GLY P 154 -3.24 15.30 -48.28
CA GLY P 154 -2.64 15.98 -47.14
C GLY P 154 -1.38 16.72 -47.51
N LEU P 155 -0.50 16.07 -48.28
CA LEU P 155 0.70 16.76 -48.73
C LEU P 155 0.34 17.99 -49.55
N ILE P 156 -0.58 17.83 -50.52
CA ILE P 156 -0.91 18.94 -51.42
C ILE P 156 -1.56 20.08 -50.64
N GLY P 157 -2.48 19.76 -49.74
CA GLY P 157 -3.15 20.79 -48.97
C GLY P 157 -2.23 21.50 -48.01
N SER P 158 -1.29 20.78 -47.40
CA SER P 158 -0.31 21.44 -46.54
C SER P 158 0.55 22.40 -47.34
N ILE P 159 0.99 21.99 -48.53
CA ILE P 159 1.79 22.89 -49.37
C ILE P 159 0.99 24.11 -49.77
N VAL P 160 -0.28 23.91 -50.15
CA VAL P 160 -1.13 25.02 -50.57
C VAL P 160 -1.35 25.99 -49.41
N ALA P 161 -1.58 25.45 -48.22
CA ALA P 161 -1.79 26.32 -47.06
C ALA P 161 -0.51 27.07 -46.68
N ALA P 162 0.65 26.42 -46.83
CA ALA P 162 1.91 27.13 -46.60
C ALA P 162 2.08 28.28 -47.58
N VAL P 163 1.76 28.04 -48.86
CA VAL P 163 1.85 29.10 -49.86
C VAL P 163 0.90 30.23 -49.52
N GLY P 164 -0.33 29.90 -49.12
CA GLY P 164 -1.28 30.93 -48.76
C GLY P 164 -0.85 31.74 -47.54
N ILE P 165 -0.27 31.06 -46.54
CA ILE P 165 0.21 31.74 -45.36
C ILE P 165 1.35 32.69 -45.72
N ALA P 166 2.27 32.24 -46.57
CA ALA P 166 3.36 33.10 -47.00
C ALA P 166 2.85 34.31 -47.75
N LEU P 167 1.88 34.11 -48.65
CA LEU P 167 1.33 35.23 -49.41
C LEU P 167 0.63 36.22 -48.48
N TYR P 168 -0.15 35.72 -47.52
CA TYR P 168 -0.86 36.59 -46.59
C TYR P 168 0.11 37.38 -45.73
N SER P 169 1.19 36.73 -45.27
CA SER P 169 2.14 37.40 -44.39
C SER P 169 3.01 38.39 -45.17
N THR P 170 3.23 38.15 -46.46
CA THR P 170 4.11 39.02 -47.24
C THR P 170 3.35 40.20 -47.85
N TYR P 171 2.26 39.94 -48.57
CA TYR P 171 1.59 40.97 -49.35
C TYR P 171 0.47 41.67 -48.60
N LEU P 172 0.29 41.39 -47.32
CA LEU P 172 -0.75 42.06 -46.54
C LEU P 172 -0.14 42.75 -45.32
N MET Q 1 40.71 9.25 -25.26
CA MET Q 1 39.77 9.35 -26.37
C MET Q 1 39.89 8.14 -27.28
N ILE Q 2 38.79 7.43 -27.49
CA ILE Q 2 38.77 6.26 -28.36
C ILE Q 2 38.55 6.73 -29.80
N TYR Q 3 39.05 5.94 -30.75
CA TYR Q 3 39.04 6.31 -32.15
C TYR Q 3 37.72 5.91 -32.81
N ASP Q 4 37.57 6.33 -34.07
CA ASP Q 4 36.41 5.93 -34.85
C ASP Q 4 36.44 4.42 -35.12
N SER Q 5 37.62 3.87 -35.36
CA SER Q 5 37.74 2.43 -35.60
C SER Q 5 37.31 1.64 -34.38
N GLN Q 6 37.69 2.09 -33.19
CA GLN Q 6 37.32 1.38 -31.97
C GLN Q 6 35.80 1.37 -31.78
N VAL Q 7 35.16 2.52 -31.97
CA VAL Q 7 33.71 2.58 -31.81
C VAL Q 7 33.01 1.81 -32.92
N TYR Q 8 33.53 1.92 -34.15
CA TYR Q 8 32.89 1.27 -35.29
C TYR Q 8 32.86 -0.24 -35.14
N ILE Q 9 34.00 -0.84 -34.76
CA ILE Q 9 34.04 -2.29 -34.64
C ILE Q 9 33.23 -2.76 -33.44
N ALA Q 10 33.17 -1.95 -32.38
CA ALA Q 10 32.29 -2.28 -31.26
C ALA Q 10 30.83 -2.25 -31.69
N LEU Q 11 30.47 -1.30 -32.56
CA LEU Q 11 29.12 -1.28 -33.11
C LEU Q 11 28.86 -2.50 -33.98
N VAL Q 12 29.84 -2.90 -34.79
CA VAL Q 12 29.68 -4.07 -35.65
C VAL Q 12 29.53 -5.33 -34.79
N ILE Q 13 30.35 -5.47 -33.76
CA ILE Q 13 30.23 -6.62 -32.87
C ILE Q 13 28.89 -6.59 -32.14
N ALA Q 14 28.41 -5.40 -31.79
CA ALA Q 14 27.10 -5.30 -31.16
C ALA Q 14 26.00 -5.76 -32.11
N VAL Q 15 26.14 -5.49 -33.41
CA VAL Q 15 25.18 -5.98 -34.39
C VAL Q 15 25.16 -7.51 -34.39
N VAL Q 16 26.34 -8.13 -34.36
CA VAL Q 16 26.42 -9.58 -34.35
C VAL Q 16 25.73 -10.15 -33.11
N ALA Q 17 25.94 -9.50 -31.96
CA ALA Q 17 25.23 -9.91 -30.75
C ALA Q 17 23.73 -9.70 -30.86
N SER Q 18 23.29 -8.77 -31.72
CA SER Q 18 21.86 -8.57 -31.93
C SER Q 18 21.26 -9.69 -32.75
N VAL Q 19 21.95 -10.11 -33.81
CA VAL Q 19 21.45 -11.21 -34.63
C VAL Q 19 21.42 -12.50 -33.81
N LEU Q 20 22.36 -12.67 -32.89
CA LEU Q 20 22.31 -13.82 -31.98
C LEU Q 20 21.14 -13.70 -31.01
N ALA Q 21 20.73 -12.47 -30.69
CA ALA Q 21 19.62 -12.29 -29.75
C ALA Q 21 18.29 -12.62 -30.39
N ILE Q 22 18.07 -12.18 -31.63
CA ILE Q 22 16.81 -12.51 -32.30
C ILE Q 22 16.72 -14.01 -32.58
N ARG Q 23 17.86 -14.64 -32.88
CA ARG Q 23 17.85 -16.09 -33.08
C ARG Q 23 17.43 -16.80 -31.79
N LEU Q 24 17.93 -16.33 -30.64
CA LEU Q 24 17.44 -16.86 -29.38
C LEU Q 24 15.98 -16.47 -29.14
N GLY Q 25 15.62 -15.25 -29.49
CA GLY Q 25 14.24 -14.81 -29.30
C GLY Q 25 13.26 -15.59 -30.16
N ALA Q 26 13.61 -15.80 -31.43
CA ALA Q 26 12.73 -16.58 -32.30
C ALA Q 26 12.74 -18.05 -31.93
N THR Q 27 13.84 -18.55 -31.37
CA THR Q 27 13.89 -19.96 -30.98
C THR Q 27 13.07 -20.21 -29.72
N LEU Q 28 12.94 -19.20 -28.85
CA LEU Q 28 11.99 -19.27 -27.73
C LEU Q 28 10.54 -19.11 -28.19
N TYR Q 29 10.38 -19.11 -29.51
CA TYR Q 29 9.08 -19.17 -30.19
C TYR Q 29 8.32 -17.86 -30.12
N ASN Q 30 7.31 -17.74 -30.98
CA ASN Q 30 6.46 -16.57 -31.07
C ASN Q 30 5.88 -16.19 -29.71
N UNK R 1 -19.09 -9.17 -62.34
CA UNK R 1 -19.71 -8.99 -61.03
C UNK R 1 -19.36 -10.15 -60.10
N UNK R 2 -19.29 -11.35 -60.66
CA UNK R 2 -18.95 -12.54 -59.88
C UNK R 2 -18.55 -13.69 -60.79
N UNK R 3 -19.33 -14.77 -60.74
CA UNK R 3 -19.09 -15.95 -61.57
C UNK R 3 -20.37 -16.77 -61.65
N UNK R 4 -20.23 -18.08 -61.87
CA UNK R 4 -21.35 -19.00 -61.93
C UNK R 4 -22.41 -18.54 -62.94
N UNK R 5 -23.66 -18.91 -62.68
CA UNK R 5 -24.78 -18.54 -63.55
C UNK R 5 -26.13 -18.84 -62.91
N UNK R 6 -27.11 -19.14 -63.74
CA UNK R 6 -28.46 -19.54 -63.32
C UNK R 6 -29.18 -18.48 -62.50
N UNK R 7 -28.89 -18.45 -61.19
CA UNK R 7 -29.63 -17.58 -60.27
C UNK R 7 -29.14 -16.14 -60.27
N UNK R 8 -28.69 -15.66 -61.42
CA UNK R 8 -28.25 -14.27 -61.56
C UNK R 8 -29.46 -13.36 -61.61
N UNK R 9 -30.63 -13.92 -61.88
CA UNK R 9 -31.87 -13.17 -61.95
C UNK R 9 -32.24 -12.62 -60.58
N UNK R 10 -32.19 -13.49 -59.57
CA UNK R 10 -32.50 -13.08 -58.20
C UNK R 10 -31.38 -12.21 -57.63
N UNK R 11 -30.17 -12.41 -58.14
CA UNK R 11 -29.02 -11.65 -57.69
C UNK R 11 -29.08 -10.21 -58.20
N UNK R 12 -29.30 -10.06 -59.50
CA UNK R 12 -29.40 -8.74 -60.12
C UNK R 12 -30.65 -8.00 -59.65
N UNK R 13 -31.64 -8.76 -59.20
CA UNK R 13 -32.87 -8.18 -58.66
C UNK R 13 -32.58 -7.53 -57.31
N UNK R 14 -31.94 -8.29 -56.42
CA UNK R 14 -31.59 -7.79 -55.10
C UNK R 14 -30.52 -6.71 -55.20
N UNK R 15 -29.66 -6.82 -56.21
CA UNK R 15 -28.59 -5.85 -56.42
C UNK R 15 -29.15 -4.47 -56.75
N UNK R 16 -30.01 -4.42 -57.77
CA UNK R 16 -30.62 -3.16 -58.18
C UNK R 16 -31.54 -2.59 -57.09
N UNK R 17 -32.08 -3.49 -56.26
CA UNK R 17 -32.96 -3.09 -55.18
C UNK R 17 -32.16 -2.53 -54.00
N UNK R 18 -31.04 -3.18 -53.70
CA UNK R 18 -30.18 -2.75 -52.59
C UNK R 18 -29.36 -1.53 -52.97
N UNK R 19 -28.90 -1.47 -54.21
CA UNK R 19 -28.15 -0.33 -54.72
C UNK R 19 -29.03 0.90 -54.73
N UNK R 20 -30.32 0.70 -55.00
CA UNK R 20 -31.30 1.78 -54.96
C UNK R 20 -31.53 2.20 -53.52
N UNK R 21 -32.02 1.27 -52.70
CA UNK R 21 -32.37 1.55 -51.31
C UNK R 21 -31.26 2.24 -50.53
N UNK R 22 -30.02 1.86 -50.81
CA UNK R 22 -28.87 2.46 -50.14
C UNK R 22 -28.66 3.90 -50.60
N UNK R 23 -28.73 4.11 -51.92
CA UNK R 23 -28.45 5.41 -52.50
C UNK R 23 -29.68 6.32 -52.53
N UNK R 24 -30.84 5.75 -52.85
CA UNK R 24 -32.07 6.53 -52.97
C UNK R 24 -32.50 7.09 -51.62
N UNK R 25 -33.21 6.28 -50.84
CA UNK R 25 -33.70 6.71 -49.54
C UNK R 25 -32.56 6.90 -48.55
N UNK R 26 -32.40 5.94 -47.63
CA UNK R 26 -31.45 6.06 -46.54
C UNK R 26 -31.68 7.38 -45.80
N UNK R 27 -31.14 8.45 -46.36
CA UNK R 27 -31.28 9.80 -45.80
C UNK R 27 -30.82 9.81 -44.35
N UNK R 28 -29.92 8.88 -44.03
CA UNK R 28 -29.43 8.65 -42.69
C UNK R 28 -28.44 7.50 -42.76
N UNK R 29 -27.68 7.47 -43.86
CA UNK R 29 -26.68 6.44 -44.10
C UNK R 29 -25.67 6.38 -42.97
N UNK R 30 -25.50 7.52 -42.30
CA UNK R 30 -24.62 7.63 -41.14
C UNK R 30 -25.10 6.73 -40.01
N UNK R 31 -26.41 6.53 -39.92
CA UNK R 31 -27.00 5.70 -38.87
C UNK R 31 -27.74 4.51 -39.46
N UNK R 32 -26.98 3.54 -39.96
CA UNK R 32 -27.55 2.36 -40.60
C UNK R 32 -27.61 1.18 -39.64
N UNK R 33 -26.81 1.24 -38.57
CA UNK R 33 -26.80 0.19 -37.57
C UNK R 33 -27.87 0.44 -36.52
N UNK R 34 -28.83 1.29 -36.85
CA UNK R 34 -29.94 1.62 -35.95
C UNK R 34 -31.28 1.25 -36.59
N UNK R 35 -31.25 0.28 -37.49
CA UNK R 35 -32.46 -0.20 -38.15
C UNK R 35 -32.33 -1.69 -38.45
N UNK R 36 -33.47 -2.34 -38.71
CA UNK R 36 -33.46 -3.77 -38.99
C UNK R 36 -34.67 -4.19 -39.82
N UNK R 37 -34.64 -5.42 -40.31
CA UNK R 37 -35.75 -5.98 -41.07
C UNK R 37 -35.97 -7.44 -40.65
N UNK R 38 -35.25 -7.86 -39.61
CA UNK R 38 -35.35 -9.21 -39.10
C UNK R 38 -36.20 -9.27 -37.84
N UNK R 39 -37.48 -8.93 -37.98
CA UNK R 39 -38.41 -8.97 -36.87
C UNK R 39 -39.42 -10.10 -37.08
N UNK R 40 -39.72 -10.82 -36.02
CA UNK R 40 -40.65 -11.95 -36.10
C UNK R 40 -42.03 -11.57 -35.59
N UNK R 41 -43.05 -12.28 -36.07
CA UNK R 41 -44.42 -12.04 -35.63
C UNK R 41 -44.69 -12.77 -34.33
N UNK R 42 -45.64 -12.26 -33.55
CA UNK R 42 -45.99 -12.87 -32.27
C UNK R 42 -46.59 -14.26 -32.47
N UNK R 43 -47.26 -14.45 -33.60
CA UNK R 43 -47.88 -15.73 -33.92
C UNK R 43 -46.82 -16.81 -34.14
N UNK R 44 -45.77 -16.47 -34.88
CA UNK R 44 -44.70 -17.41 -35.18
C UNK R 44 -43.89 -17.74 -33.93
N UNK R 45 -43.69 -16.74 -33.08
CA UNK R 45 -42.91 -16.91 -31.86
C UNK R 45 -43.68 -17.74 -30.84
N UNK R 46 -44.98 -17.47 -30.71
CA UNK R 46 -45.82 -18.19 -29.76
C UNK R 46 -46.02 -19.65 -30.18
N UNK R 47 -45.85 -19.92 -31.47
CA UNK R 47 -46.02 -21.26 -32.00
C UNK R 47 -44.81 -22.14 -31.69
N UNK R 48 -43.63 -21.63 -31.99
CA UNK R 48 -42.38 -22.36 -31.73
C UNK R 48 -42.20 -22.61 -30.24
N UNK R 49 -42.75 -21.70 -29.44
CA UNK R 49 -42.61 -21.75 -28.00
C UNK R 49 -43.37 -22.93 -27.39
N UNK R 50 -44.68 -22.97 -27.62
CA UNK R 50 -45.52 -24.05 -27.11
C UNK R 50 -45.08 -25.40 -27.65
N SER S 2 -16.67 -19.73 -20.41
CA SER S 2 -17.83 -19.75 -19.53
C SER S 2 -17.44 -20.29 -18.15
N HIS S 3 -18.11 -19.79 -17.12
CA HIS S 3 -17.81 -20.22 -15.77
C HIS S 3 -18.32 -21.65 -15.53
N THR S 4 -17.83 -22.26 -14.47
CA THR S 4 -18.18 -23.63 -14.11
C THR S 4 -18.99 -23.62 -12.82
N VAL S 5 -20.12 -24.32 -12.83
CA VAL S 5 -21.01 -24.41 -11.67
C VAL S 5 -21.18 -25.89 -11.35
N LYS S 6 -20.88 -26.26 -10.11
CA LYS S 6 -21.01 -27.63 -9.65
C LYS S 6 -22.00 -27.71 -8.50
N ILE S 7 -22.74 -28.82 -8.46
CA ILE S 7 -23.70 -29.08 -7.40
C ILE S 7 -23.21 -30.29 -6.61
N TYR S 8 -23.33 -30.21 -5.29
CA TYR S 8 -22.84 -31.24 -4.39
C TYR S 8 -24.00 -31.86 -3.63
N ASP S 9 -23.84 -33.13 -3.26
CA ASP S 9 -24.94 -33.89 -2.68
C ASP S 9 -25.39 -33.39 -1.32
N THR S 10 -24.73 -32.35 -0.77
CA THR S 10 -25.25 -31.69 0.42
C THR S 10 -26.49 -30.87 0.14
N CYS S 11 -26.86 -30.73 -1.14
CA CYS S 11 -28.11 -30.10 -1.54
C CYS S 11 -29.29 -30.62 -0.75
N ILE S 12 -30.07 -29.69 -0.21
CA ILE S 12 -31.31 -30.01 0.50
C ILE S 12 -32.53 -29.68 -0.34
N GLY S 13 -32.34 -29.24 -1.57
CA GLY S 13 -33.45 -28.96 -2.47
C GLY S 13 -34.38 -27.86 -2.00
N CYS S 14 -33.83 -26.79 -1.45
CA CYS S 14 -34.62 -25.68 -0.96
C CYS S 14 -34.93 -24.64 -2.03
N THR S 15 -34.41 -24.84 -3.25
CA THR S 15 -34.71 -24.07 -4.46
C THR S 15 -34.25 -22.62 -4.39
N GLN S 16 -33.62 -22.18 -3.30
CA GLN S 16 -33.27 -20.77 -3.18
C GLN S 16 -32.20 -20.36 -4.20
N CYS S 17 -31.35 -21.30 -4.63
CA CYS S 17 -30.36 -20.99 -5.64
C CYS S 17 -31.02 -20.74 -6.99
N VAL S 18 -31.97 -21.58 -7.36
CA VAL S 18 -32.59 -21.48 -8.69
C VAL S 18 -33.36 -20.18 -8.83
N ARG S 19 -34.12 -19.81 -7.80
CA ARG S 19 -34.92 -18.59 -7.85
C ARG S 19 -34.09 -17.33 -7.60
N ALA S 20 -32.78 -17.46 -7.41
CA ALA S 20 -31.90 -16.32 -7.28
C ALA S 20 -31.01 -16.10 -8.50
N CYS S 21 -30.92 -17.08 -9.39
CA CYS S 21 -30.10 -16.95 -10.59
C CYS S 21 -30.70 -15.88 -11.51
N PRO S 22 -29.93 -14.84 -11.87
CA PRO S 22 -30.47 -13.80 -12.75
C PRO S 22 -30.46 -14.16 -14.23
N THR S 23 -29.81 -15.25 -14.62
CA THR S 23 -29.67 -15.59 -16.04
C THR S 23 -30.20 -16.98 -16.37
N ASP S 24 -30.99 -17.58 -15.48
CA ASP S 24 -31.60 -18.89 -15.69
C ASP S 24 -30.54 -19.93 -16.04
N VAL S 25 -29.64 -20.15 -15.10
CA VAL S 25 -28.60 -21.17 -15.25
C VAL S 25 -28.96 -22.43 -14.47
N LEU S 26 -29.53 -22.29 -13.28
CA LEU S 26 -29.84 -23.41 -12.42
C LEU S 26 -31.30 -23.80 -12.55
N GLU S 27 -31.57 -25.08 -12.32
CA GLU S 27 -32.92 -25.61 -12.34
C GLU S 27 -32.99 -26.78 -11.36
N MET S 28 -34.21 -27.09 -10.92
CA MET S 28 -34.44 -28.15 -9.95
C MET S 28 -34.82 -29.44 -10.69
N VAL S 29 -34.14 -30.52 -10.36
CA VAL S 29 -34.34 -31.79 -11.04
C VAL S 29 -34.64 -32.86 -9.98
N PRO S 30 -35.33 -33.93 -10.36
CA PRO S 30 -35.66 -34.98 -9.38
C PRO S 30 -34.41 -35.63 -8.81
N TRP S 31 -34.53 -36.06 -7.55
CA TRP S 31 -33.42 -36.67 -6.84
C TRP S 31 -33.99 -37.53 -5.72
N ASP S 32 -33.13 -38.39 -5.16
CA ASP S 32 -33.54 -39.25 -4.04
C ASP S 32 -32.54 -39.20 -2.89
N GLY S 33 -31.73 -38.15 -2.83
CA GLY S 33 -30.74 -37.99 -1.77
C GLY S 33 -31.12 -37.06 -0.65
N CYS S 34 -32.34 -36.51 -0.66
CA CYS S 34 -32.76 -35.58 0.38
C CYS S 34 -34.27 -35.69 0.55
N LYS S 35 -34.77 -35.03 1.61
CA LYS S 35 -36.19 -35.11 1.93
C LYS S 35 -37.04 -34.52 0.82
N ALA S 36 -36.63 -33.38 0.26
CA ALA S 36 -37.41 -32.72 -0.77
C ALA S 36 -37.47 -33.52 -2.07
N GLY S 37 -36.58 -34.49 -2.25
CA GLY S 37 -36.58 -35.26 -3.47
C GLY S 37 -36.16 -34.50 -4.69
N GLN S 38 -35.40 -33.41 -4.51
CA GLN S 38 -34.99 -32.55 -5.60
C GLN S 38 -33.56 -32.10 -5.37
N ILE S 39 -32.84 -31.85 -6.47
CA ILE S 39 -31.47 -31.33 -6.39
C ILE S 39 -31.30 -30.29 -7.49
N ALA S 40 -30.49 -29.28 -7.20
CA ALA S 40 -30.19 -28.26 -8.18
C ALA S 40 -29.31 -28.82 -9.30
N SER S 41 -29.50 -28.29 -10.50
CA SER S 41 -28.70 -28.66 -11.66
C SER S 41 -28.25 -27.39 -12.36
N ALA S 42 -27.17 -27.51 -13.13
CA ALA S 42 -26.60 -26.38 -13.87
C ALA S 42 -26.45 -26.76 -15.33
N PRO S 43 -27.55 -26.85 -16.07
CA PRO S 43 -27.48 -27.25 -17.47
C PRO S 43 -27.24 -26.13 -18.47
N ARG S 44 -27.23 -24.87 -18.01
CA ARG S 44 -27.09 -23.72 -18.89
C ARG S 44 -25.99 -22.80 -18.40
N THR S 45 -24.84 -23.38 -18.08
CA THR S 45 -23.70 -22.60 -17.59
C THR S 45 -23.15 -21.64 -18.63
N GLU S 46 -23.51 -21.79 -19.91
CA GLU S 46 -23.10 -20.82 -20.92
C GLU S 46 -23.68 -19.44 -20.65
N ASP S 47 -24.80 -19.38 -19.92
CA ASP S 47 -25.39 -18.12 -19.50
C ASP S 47 -24.92 -17.67 -18.13
N CYS S 48 -24.10 -18.47 -17.45
CA CYS S 48 -23.62 -18.11 -16.13
C CYS S 48 -22.78 -16.83 -16.21
N VAL S 49 -23.11 -15.87 -15.36
CA VAL S 49 -22.41 -14.59 -15.36
C VAL S 49 -21.38 -14.50 -14.25
N GLY S 50 -21.44 -15.38 -13.25
CA GLY S 50 -20.51 -15.34 -12.14
C GLY S 50 -20.87 -14.42 -11.01
N CYS S 51 -22.10 -13.90 -10.98
CA CYS S 51 -22.51 -12.98 -9.92
C CYS S 51 -22.55 -13.66 -8.56
N LYS S 52 -22.63 -15.00 -8.52
CA LYS S 52 -22.61 -15.78 -7.29
C LYS S 52 -23.80 -15.48 -6.38
N ARG S 53 -24.91 -14.98 -6.94
CA ARG S 53 -26.16 -14.91 -6.18
C ARG S 53 -26.63 -16.29 -5.80
N CYS S 54 -26.28 -17.31 -6.59
CA CYS S 54 -26.74 -18.66 -6.33
C CYS S 54 -26.24 -19.17 -4.98
N GLU S 55 -24.98 -18.94 -4.67
CA GLU S 55 -24.41 -19.43 -3.42
C GLU S 55 -24.54 -18.45 -2.27
N THR S 56 -25.03 -17.24 -2.52
CA THR S 56 -25.44 -16.36 -1.43
C THR S 56 -26.76 -16.80 -0.81
N ALA S 57 -27.58 -17.53 -1.56
CA ALA S 57 -28.85 -18.04 -1.07
C ALA S 57 -28.77 -19.49 -0.62
N CYS S 58 -27.58 -20.06 -0.58
CA CYS S 58 -27.41 -21.46 -0.19
C CYS S 58 -27.40 -21.59 1.33
N PRO S 59 -28.30 -22.38 1.92
CA PRO S 59 -28.32 -22.51 3.39
C PRO S 59 -27.42 -23.60 3.93
N THR S 60 -26.99 -24.54 3.09
CA THR S 60 -26.13 -25.62 3.55
C THR S 60 -24.81 -25.05 4.07
N ASP S 61 -24.09 -25.87 4.85
CA ASP S 61 -23.01 -25.35 5.68
C ASP S 61 -21.92 -24.68 4.87
N PHE S 62 -21.11 -25.46 4.14
CA PHE S 62 -20.28 -24.82 3.13
C PHE S 62 -20.83 -25.05 1.74
N LEU S 63 -22.04 -24.56 1.46
CA LEU S 63 -22.55 -24.48 0.10
C LEU S 63 -22.83 -25.85 -0.52
N SER S 64 -23.81 -25.92 -1.40
CA SER S 64 -23.99 -27.07 -2.26
C SER S 64 -23.88 -26.70 -3.73
N VAL S 65 -23.94 -25.42 -4.06
CA VAL S 65 -23.64 -24.92 -5.39
C VAL S 65 -22.37 -24.09 -5.32
N ARG S 66 -21.42 -24.40 -6.19
CA ARG S 66 -20.13 -23.73 -6.21
C ARG S 66 -19.86 -23.20 -7.61
N VAL S 67 -19.48 -21.92 -7.70
CA VAL S 67 -19.21 -21.27 -8.96
C VAL S 67 -17.71 -21.05 -9.08
N TYR S 68 -17.10 -21.65 -10.09
CA TYR S 68 -15.68 -21.50 -10.37
C TYR S 68 -15.55 -20.62 -11.61
N LEU S 69 -15.02 -19.42 -11.43
CA LEU S 69 -14.85 -18.50 -12.55
C LEU S 69 -13.79 -19.04 -13.51
N GLY S 70 -14.07 -18.94 -14.80
CA GLY S 70 -13.16 -19.45 -15.81
C GLY S 70 -13.03 -18.53 -17.01
N GLY S 71 -13.05 -19.10 -18.21
CA GLY S 71 -12.93 -18.29 -19.40
C GLY S 71 -14.11 -17.34 -19.55
N GLU S 72 -13.82 -16.17 -20.10
CA GLU S 72 -14.81 -15.11 -20.23
C GLU S 72 -15.46 -15.13 -21.61
N THR S 73 -16.72 -14.73 -21.65
CA THR S 73 -17.49 -14.63 -22.89
C THR S 73 -18.37 -13.39 -22.79
N THR S 74 -18.83 -12.91 -23.94
CA THR S 74 -19.70 -11.74 -23.96
C THR S 74 -20.96 -11.98 -23.13
N ARG S 75 -21.41 -13.23 -23.03
CA ARG S 75 -22.51 -13.56 -22.14
C ARG S 75 -22.07 -13.56 -20.67
N SER S 76 -20.89 -14.14 -20.39
CA SER S 76 -20.42 -14.22 -19.02
C SER S 76 -19.89 -12.88 -18.51
N LEU S 77 -19.47 -11.99 -19.41
CA LEU S 77 -19.02 -10.67 -19.02
C LEU S 77 -20.17 -9.68 -18.85
N GLY S 78 -21.40 -10.09 -19.13
CA GLY S 78 -22.54 -9.20 -19.01
C GLY S 78 -22.46 -8.00 -19.92
N LEU S 79 -22.03 -8.20 -21.17
CA LEU S 79 -21.85 -7.11 -22.12
C LEU S 79 -23.12 -6.95 -22.95
N ALA S 80 -23.80 -5.82 -22.76
CA ALA S 80 -24.91 -5.46 -23.62
C ALA S 80 -24.46 -4.90 -24.95
N TYR S 81 -23.16 -4.67 -25.12
CA TYR S 81 -22.61 -4.14 -26.37
C TYR S 81 -21.64 -5.16 -26.98
C1 XAT T . -14.35 23.91 56.92
C2 XAT T . -13.46 25.05 56.48
C3 XAT T . -12.02 24.80 56.90
C4 XAT T . -11.54 23.66 56.04
C5 XAT T . -12.28 22.37 56.39
C6 XAT T . -13.72 22.52 56.94
C7 XAT T . -14.62 21.37 56.52
C8 XAT T . -15.10 20.59 57.49
C9 XAT T . -16.01 19.46 57.23
C10 XAT T . -16.40 18.72 58.28
C11 XAT T . -17.31 17.58 58.15
C12 XAT T . -17.63 16.93 59.25
C13 XAT T . -18.56 15.78 59.25
C14 XAT T . -18.76 15.12 60.39
C15 XAT T . -19.68 13.98 60.46
C16 XAT T . -15.58 23.89 56.01
C17 XAT T . -14.86 24.20 58.34
C18 XAT T . -12.13 21.10 55.55
C19 XAT T . -16.49 19.16 55.85
C20 XAT T . -19.27 15.39 57.99
O3 XAT T . -11.23 25.97 56.67
O4 XAT T . -12.60 22.21 57.77
C21 XAT T . -24.30 4.02 66.81
C22 XAT T . -24.63 2.73 66.09
C23 XAT T . -26.13 2.57 66.05
C24 XAT T . -26.65 3.56 65.03
C25 XAT T . -26.16 5.00 65.21
C26 XAT T . -24.99 5.24 66.18
C27 XAT T . -24.06 6.35 65.72
C28 XAT T . -24.17 7.58 66.25
C29 XAT T . -23.26 8.66 65.84
C30 XAT T . -23.44 9.37 64.71
C31 XAT T . -22.50 10.44 64.42
C32 XAT T . -22.20 10.82 63.18
C33 XAT T . -21.24 11.93 63.00
C34 XAT T . -20.89 12.35 61.78
C35 XAT T . -19.96 13.46 61.65
C36 XAT T . -22.80 4.22 66.81
C37 XAT T . -24.77 3.90 68.26
C38 XAT T . -26.21 5.99 64.05
C39 XAT T . -22.11 9.02 66.74
C40 XAT T . -20.68 12.62 64.21
O23 XAT T . -26.46 1.23 65.65
O24 XAT T . -26.36 5.52 66.52
C1 XAT U . 15.06 -0.83 69.51
C2 XAT U . 16.11 -0.64 70.59
C3 XAT U . 15.81 0.64 71.34
C4 XAT U . 14.61 0.33 72.21
C5 XAT U . 13.38 -0.13 71.42
C6 XAT U . 13.61 -0.67 69.99
C7 XAT U . 12.64 -1.78 69.67
C8 XAT U . 11.70 -1.58 68.75
C9 XAT U . 10.74 -2.64 68.41
C10 XAT U . 9.56 -2.30 67.89
C11 XAT U . 8.57 -3.30 67.54
C12 XAT U . 7.31 -2.89 67.43
C13 XAT U . 6.22 -3.82 67.07
C14 XAT U . 5.00 -3.32 66.86
C15 XAT U . 3.87 -4.16 66.50
C16 XAT U . 15.23 -2.22 68.89
C17 XAT U . 15.30 0.18 68.39
C18 XAT U . 12.21 -0.84 72.12
C19 XAT U . 11.08 -4.08 68.65
C20 XAT U . 6.48 -5.30 66.94
O3 XAT U . 16.92 0.99 72.16
O4 XAT U . 13.08 0.65 70.26
C21 XAT U . -6.98 -7.49 60.61
C22 XAT U . -8.41 -7.90 60.30
C23 XAT U . -8.90 -8.83 61.40
C24 XAT U . -9.21 -7.91 62.55
C25 XAT U . -7.95 -7.16 63.03
C26 XAT U . -6.77 -7.04 62.07
C27 XAT U . -5.94 -5.79 62.27
C28 XAT U . -4.72 -6.00 62.77
C29 XAT U . -3.76 -4.91 63.03
C30 XAT U . -2.67 -5.22 63.73
C31 XAT U . -1.63 -4.24 64.06
C32 XAT U . -0.57 -4.69 64.73
C33 XAT U . 0.54 -3.81 65.10
C34 XAT U . 1.63 -4.38 65.65
C35 XAT U . 2.77 -3.57 66.04
C36 XAT U . -6.59 -6.36 59.68
C37 XAT U . -6.06 -8.68 60.32
C38 XAT U . -8.04 -5.93 63.93
C39 XAT U . -3.99 -3.53 62.51
C40 XAT U . 0.48 -2.33 64.87
O23 XAT U . -10.09 -9.49 60.98
O24 XAT U . -6.79 -7.99 63.15
C1 XAT V . -25.47 2.47 55.44
C2 XAT V . -26.13 1.91 54.20
C3 XAT V . -27.32 2.78 53.88
C4 XAT V . -26.74 4.03 53.24
C5 XAT V . -25.72 4.75 54.13
C6 XAT V . -25.10 3.96 55.31
C7 XAT V . -23.65 4.38 55.56
C8 XAT V . -23.28 4.66 56.80
C9 XAT V . -21.91 5.08 57.18
C10 XAT V . -20.90 4.20 57.20
C11 XAT V . -19.57 4.65 57.62
C12 XAT V . -18.54 3.82 57.67
C13 XAT V . -17.22 4.30 58.12
C14 XAT V . -16.17 3.47 58.16
C15 XAT V . -14.87 3.92 58.64
C16 XAT V . -24.23 1.65 55.77
C17 XAT V . -26.42 2.29 56.60
C18 XAT V . -24.70 5.73 53.52
C19 XAT V . -21.67 6.50 57.58
C20 XAT V . -17.06 5.72 58.58
O3 XAT V . -28.21 2.13 52.96
O4 XAT V . -26.13 4.97 55.47
C21 XAT V . -2.58 5.43 61.28
C22 XAT V . -1.33 5.81 62.04
C23 XAT V . -1.70 6.43 63.37
C24 XAT V . -2.15 5.27 64.23
C25 XAT V . -3.41 4.61 63.65
C26 XAT V . -3.66 4.76 62.14
C27 XAT V . -4.46 3.62 61.53
C28 XAT V . -5.73 3.95 61.31
C29 XAT V . -6.76 3.06 60.73
C30 XAT V . -8.01 3.52 60.71
C31 XAT V . -9.14 2.77 60.17
C32 XAT V . -10.32 3.39 60.13
C33 XAT V . -11.55 2.78 59.60
C34 XAT V . -12.62 3.56 59.39
C35 XAT V . -13.89 3.06 58.90
C36 XAT V . -2.21 4.52 60.12
C37 XAT V . -3.20 6.70 60.70
C38 XAT V . -3.93 3.28 64.20
C39 XAT V . -6.40 1.73 60.16
C40 XAT V . -11.60 1.31 59.30
O23 XAT V . -0.57 7.05 63.97
O24 XAT V . -4.37 5.52 63.11
C1 A1L1G W . -11.91 -9.95 73.28
C5 A1L1G W . -12.32 -11.23 71.15
C4 A1L1G W . -11.20 -11.82 74.81
C3 A1L1G W . -13.16 -12.14 73.33
C2 A1L1G W . -12.21 -7.37 73.08
C10 A1L1G W . -10.19 -9.56 75.10
C11 A1L1G W . -10.75 -10.54 74.10
C12 A1L1G W . -14.20 -10.11 72.30
C14 A1L1G W . -15.02 10.73 70.51
C17 A1L1G W . -14.12 11.58 67.81
C18 A1L1G W . -15.55 13.13 72.02
C19 A1L1G W . -13.29 12.33 72.71
C20 A1L1G W . -13.64 12.31 69.03
C21 A1L1G W . -13.14 13.70 68.80
C22 A1L1G W . -12.50 14.22 70.07
C23 A1L1G W . -13.51 14.26 71.20
C24 A1L1G W . -14.11 12.89 71.55
C25 A1L1G W . -14.09 11.91 70.38
C26 A1L1G W . -16.90 8.56 71.06
C27 A1L1G W . -16.40 3.07 71.02
C28 A1L1G W . -10.61 -1.26 71.47
C29 A1L1G W . -14.59 9.48 70.66
C30 A1L1G W . -15.42 8.36 70.81
C31 A1L1G W . -14.90 7.09 70.73
C32 A1L1G W . -15.54 5.93 70.32
C33 A1L1G W . -14.94 4.75 69.95
C34 A1L1G W . -15.06 3.49 70.55
C35 A1L1G W . -13.99 2.60 70.71
C36 A1L1G W . -14.03 1.28 71.09
C37 A1L1G W . -13.02 0.44 71.54
C38 A1L1G W . -13.03 -0.90 71.83
C39 A1L1G W . -11.92 -1.77 71.89
C40 A1L1G W . -12.01 -3.10 72.32
C41 A1L1G W . -11.04 -4.08 72.22
C42 A1L1G W . -10.90 -5.22 72.99
C43 A1L1G W . -10.14 -7.17 71.69
C44 A1L1G W . -11.09 -6.54 72.61
C45 A1L1G W . -12.04 -8.66 73.21
C6 A1L1G W . -12.88 -10.85 72.53
C8 A1L1G W . -11.89 -12.78 73.86
O13 A1L1G W . -17.50 9.04 69.89
O15 A1L1G W . -12.77 11.53 69.91
O16 A1L1G W . -11.97 15.52 69.84
O7 A1L1G W . -12.19 -14.00 74.55
O9 A1L1G W . -9.70 -10.98 73.20
C1 XAT X . -3.25 8.30 54.88
C2 XAT X . -1.93 8.87 54.40
C3 XAT X . -1.81 10.32 54.83
C4 XAT X . -1.57 10.26 56.32
C5 XAT X . -2.90 9.86 56.98
C6 XAT X . -3.82 8.93 56.17
C7 XAT X . -4.69 8.04 57.04
C8 XAT X . -5.97 8.39 56.95
C9 XAT X . -7.09 7.75 57.64
C10 XAT X . -8.29 8.32 57.42
C11 XAT X . -9.54 7.87 58.00
C12 XAT X . -10.62 8.47 57.51
C13 XAT X . -11.97 8.14 58.01
C14 XAT X . -12.97 8.98 57.72
C15 XAT X . -14.32 8.70 58.20
C16 XAT X . -3.09 6.79 55.09
C17 XAT X . -4.28 8.48 53.78
C18 XAT X . -3.02 9.60 58.48
C19 XAT X . -6.93 6.55 58.54
C20 XAT X . -12.21 6.90 58.80
O3 XAT X . -0.74 10.96 54.13
O4 XAT X . -4.06 10.34 56.29
C21 XAT X . -26.81 8.73 59.71
C22 XAT X . -28.13 8.54 60.43
C23 XAT X . -27.91 8.57 61.92
C24 XAT X . -27.65 10.02 62.23
C25 XAT X . -26.25 10.37 61.70
C26 XAT X . -25.79 9.62 60.44
C27 XAT X . -24.83 10.42 59.59
C28 XAT X . -23.61 9.91 59.55
C29 XAT X . -22.49 10.49 58.79
C30 XAT X . -21.30 9.92 58.97
C31 XAT X . -20.09 10.36 58.32
C32 XAT X . -18.98 9.69 58.62
C33 XAT X . -17.67 10.02 58.06
C34 XAT X . -16.63 9.26 58.39
C35 XAT X . -15.30 9.54 57.89
C36 XAT X . -27.08 9.34 58.33
C37 XAT X . -26.17 7.36 59.49
C38 XAT X . -25.69 11.80 61.74
C39 XAT X . -22.67 11.66 57.87
C40 XAT X . -17.51 11.19 57.13
O23 XAT X . -29.08 8.11 62.61
O24 XAT X . -25.31 9.29 61.76
MG CLA Y . -34.32 7.65 62.48
CHA CLA Y . -33.28 5.42 64.92
CHB CLA Y . -37.19 8.21 64.22
CHC CLA Y . -35.29 9.91 60.07
CHD CLA Y . -31.32 7.05 60.70
NA CLA Y . -35.09 6.90 64.27
C1A CLA Y . -34.50 5.99 65.15
C2A CLA Y . -35.41 5.72 66.35
C3A CLA Y . -36.67 6.56 66.05
C4A CLA Y . -36.32 7.29 64.76
CMA CLA Y . -37.89 5.70 65.90
CAA CLA Y . -34.76 6.18 67.65
CBA CLA Y . -34.12 7.54 67.52
CGA CLA Y . -33.37 7.88 68.77
O1A CLA Y . -32.57 7.19 69.39
O2A CLA Y . -33.65 9.13 69.24
NB CLA Y . -35.91 8.85 62.21
C1B CLA Y . -37.00 8.92 63.03
C2B CLA Y . -37.99 9.89 62.48
C3B CLA Y . -37.45 10.39 61.31
C4B CLA Y . -36.13 9.72 61.11
CMB CLA Y . -39.26 10.19 63.13
CAB CLA Y . -38.01 11.33 60.38
CBB CLA Y . -37.41 12.43 59.94
NC CLA Y . -33.45 8.33 60.70
C1C CLA Y . -34.03 9.26 59.87
C2C CLA Y . -33.16 9.51 58.72
C3C CLA Y . -32.04 8.70 58.89
C4C CLA Y . -32.23 7.96 60.14
CMC CLA Y . -33.47 10.44 57.64
CAC CLA Y . -30.87 8.60 58.00
CBC CLA Y . -31.17 7.86 56.72
ND CLA Y . -32.68 6.48 62.66
C1D CLA Y . -31.51 6.35 61.88
C2D CLA Y . -30.60 5.38 62.53
C3D CLA Y . -31.24 4.97 63.68
C4D CLA Y . -32.53 5.70 63.73
CMD CLA Y . -29.30 4.95 62.03
CAD CLA Y . -31.18 4.12 64.86
OBD CLA Y . -30.32 3.31 65.20
CBD CLA Y . -32.45 4.43 65.72
CGD CLA Y . -33.23 3.19 66.06
O1D CLA Y . -34.38 2.91 65.77
O2D CLA Y . -32.52 2.29 66.81
CED CLA Y . -33.20 1.54 67.80
C1 CLA Y . -32.57 9.84 69.88
MG CLA Z . -26.94 3.92 73.28
CHA CLA Z . -25.85 0.67 73.80
CHB CLA Z . -29.86 3.20 74.87
CHC CLA Z . -27.93 7.18 72.82
CHD CLA Z . -23.89 4.64 71.63
NA CLA Z . -27.71 2.21 74.17
C1A CLA Z . -27.10 0.95 74.30
C2A CLA Z . -28.01 -0.04 75.03
C3A CLA Z . -29.31 0.77 75.26
C4A CLA Z . -28.96 2.17 74.75
CMA CLA Z . -30.48 0.18 74.50
CAA CLA Z . -27.43 -0.43 76.39
CBA CLA Z . -26.63 0.69 77.02
CGA CLA Z . -27.34 1.30 78.18
O1A CLA Z . -28.33 2.04 78.19
O2A CLA Z . -26.78 0.94 79.38
NB CLA Z . -28.58 4.99 73.76
C1B CLA Z . -29.66 4.53 74.44
C2B CLA Z . -30.64 5.62 74.64
C3B CLA Z . -30.12 6.75 74.06
C4B CLA Z . -28.80 6.36 73.48
CMB CLA Z . -31.92 5.43 75.33
CAB CLA Z . -30.66 8.08 73.97
CBB CLA Z . -30.92 8.72 72.83
NC CLA Z . -26.07 5.59 72.37
C1C CLA Z . -26.67 6.82 72.28
C2C CLA Z . -25.78 7.75 71.57
C3C CLA Z . -24.63 7.04 71.25
C4C CLA Z . -24.82 5.68 71.75
CMC CLA Z . -26.10 9.15 71.29
CAC CLA Z . -23.45 7.55 70.54
CBC CLA Z . -22.40 8.09 71.47
ND CLA Z . -25.26 2.93 72.76
C1D CLA Z . -24.07 3.34 72.09
C2D CLA Z . -23.14 2.20 72.01
C3D CLA Z . -23.78 1.15 72.64
C4D CLA Z . -25.09 1.66 73.09
CMD CLA Z . -21.82 2.23 71.38
CAD CLA Z . -23.69 -0.26 73.03
OBD CLA Z . -22.81 -1.08 72.82
CBD CLA Z . -25.00 -0.59 73.81
CGD CLA Z . -25.72 -1.77 73.24
O1D CLA Z . -26.80 -1.79 72.64
O2D CLA Z . -25.06 -2.95 73.43
CED CLA Z . -25.84 -4.14 73.60
MG CLA AA . -23.82 -0.49 59.09
CHA CLA AA . -26.87 -2.11 59.03
CHB CLA AA . -22.61 -2.70 56.80
CHC CLA AA . -20.86 1.26 59.05
CHD CLA AA . -25.15 1.83 61.41
NA CLA AA . -24.62 -2.14 58.12
C1A CLA AA . -25.92 -2.65 58.21
C2A CLA AA . -26.10 -3.86 57.30
C3A CLA AA . -24.69 -4.12 56.76
C4A CLA AA . -23.90 -2.90 57.23
CMA CLA AA . -24.13 -5.42 57.29
CAA CLA AA . -27.03 -3.49 56.16
CBA CLA AA . -26.75 -2.10 55.62
CGA CLA AA . -25.76 -2.18 54.48
O1A CLA AA . -25.82 -2.88 53.48
O2A CLA AA . -24.68 -1.37 54.64
NB CLA AA . -22.06 -0.69 58.12
C1B CLA AA . -21.77 -1.63 57.18
C2B CLA AA . -20.41 -1.40 56.63
C3B CLA AA . -19.91 -0.28 57.27
C4B CLA AA . -20.96 0.18 58.23
CMB CLA AA . -19.82 -2.26 55.61
CAB CLA AA . -18.64 0.41 57.14
CBB CLA AA . -17.48 -0.13 56.77
NC CLA AA . -23.13 1.21 60.09
C1C CLA AA . -21.87 1.75 59.93
C2C CLA AA . -21.72 2.92 60.78
C3C CLA AA . -22.95 3.11 61.42
C4C CLA AA . -23.82 2.03 60.98
CMC CLA AA . -20.51 3.75 60.87
CAC CLA AA . -23.30 4.18 62.35
CBC CLA AA . -23.80 5.39 61.60
ND CLA AA . -25.54 -0.20 60.09
C1D CLA AA . -25.97 0.80 61.01
C2D CLA AA . -27.36 0.53 61.41
C3D CLA AA . -27.76 -0.60 60.69
C4D CLA AA . -26.60 -0.98 59.87
CMD CLA AA . -28.11 1.32 62.38
CAD CLA AA . -28.82 -1.55 60.41
OBD CLA AA . -29.93 -1.66 60.90
CBD CLA AA . -28.30 -2.51 59.31
CGD CLA AA . -28.38 -3.95 59.77
O1D CLA AA . -28.23 -4.38 60.91
O2D CLA AA . -28.63 -4.83 58.78
CED CLA AA . -28.36 -6.21 59.03
C1 CLA AA . -23.64 -1.47 53.63
C2 CLA AA . -22.70 -0.35 53.84
C3 CLA AA . -21.79 0.10 52.96
C4 CLA AA . -21.63 -0.53 51.63
C5 CLA AA . -20.91 1.25 53.29
C6 CLA AA . -21.30 2.50 52.52
C7 CLA AA . -20.52 3.71 53.00
C8 CLA AA . -21.06 5.01 52.40
C9 CLA AA . -20.98 4.99 50.89
C10 CLA AA . -20.31 6.22 52.95
C11 CLA AA . -21.24 7.39 53.19
C12 CLA AA . -20.79 8.23 54.36
C13 CLA AA . -21.70 9.43 54.59
C14 CLA AA . -23.16 9.08 54.39
C15 CLA AA . -21.31 10.61 53.70
MG CLA BA . -13.27 0.93 54.18
CHA CLA BA . -14.06 -2.01 52.52
CHB CLA BA . -16.47 2.01 53.79
CHC CLA BA . -12.45 3.83 55.83
CHD CLA BA . -9.94 -0.23 54.55
NA CLA BA . -14.98 0.10 53.30
C1A CLA BA . -15.11 -1.14 52.68
C2A CLA BA . -16.53 -1.35 52.17
C3A CLA BA . -17.27 -0.05 52.57
C4A CLA BA . -16.18 0.76 53.27
CMA CLA BA . -17.79 0.68 51.36
CAA CLA BA . -17.20 -2.53 52.85
CBA CLA BA . -18.54 -2.85 52.22
CGA CLA BA . -18.34 -3.67 50.99
O1A CLA BA . -17.74 -4.74 50.86
O2A CLA BA . -18.91 -3.13 49.87
NB CLA BA . -14.29 2.56 54.78
C1B CLA BA . -15.56 2.86 54.43
C2B CLA BA . -15.88 4.27 54.78
C3B CLA BA . -14.74 4.79 55.36
C4B CLA BA . -13.72 3.71 55.37
CMB CLA BA . -17.17 4.90 54.51
CAB CLA BA . -14.48 6.11 55.87
CBB CLA BA . -14.63 7.24 55.16
NC CLA BA . -11.52 1.65 55.05
C1C CLA BA . -11.40 2.86 55.68
C2C CLA BA . -10.05 3.05 56.18
C3C CLA BA . -9.33 1.90 55.82
C4C CLA BA . -10.26 1.03 55.12
CMC CLA BA . -9.58 4.23 56.90
CAC CLA BA . -7.91 1.61 56.10
CBC CLA BA . -6.97 2.37 55.19
ND CLA BA . -12.17 -0.67 53.63
C1D CLA BA . -10.82 -1.03 53.86
C2D CLA BA . -10.56 -2.34 53.22
C3D CLA BA . -11.76 -2.75 52.68
C4D CLA BA . -12.73 -1.69 52.98
CMD CLA BA . -9.25 -3.00 53.19
CAD CLA BA . -12.45 -3.78 51.92
OBD CLA BA . -12.02 -4.80 51.41
CBD CLA BA . -13.95 -3.35 51.85
CGD CLA BA . -14.44 -3.30 50.43
O1D CLA BA . -14.44 -2.32 49.67
O2D CLA BA . -14.93 -4.48 49.96
CED CLA BA . -14.33 -5.01 48.78
C1 CLA BA . -18.02 -2.83 48.78
C2 CLA BA . -18.84 -2.16 47.73
C3 CLA BA . -18.31 -1.34 46.82
C4 CLA BA . -16.86 -1.03 46.76
C5 CLA BA . -19.17 -0.70 45.78
C6 CLA BA . -19.23 0.81 45.93
C7 CLA BA . -20.10 1.21 47.11
C8 CLA BA . -20.12 2.72 47.32
C9 CLA BA . -20.98 3.39 46.27
C10 CLA BA . -18.71 3.30 47.29
MG CLA CA . 0.04 1.66 67.57
CHA CLA CA . 3.12 3.24 67.71
CHB CLA CA . 0.13 1.78 64.17
CHC CLA CA . -3.01 0.05 67.49
CHD CLA CA . -0.02 1.57 71.12
NA CLA CA . 1.41 2.40 66.19
C1A CLA CA . 2.64 3.02 66.45
C2A CLA CA . 3.35 3.40 65.15
C3A CLA CA . 2.33 3.02 64.05
C4A CLA CA . 1.20 2.35 64.83
CMA CLA CA . 1.85 4.22 63.28
CAA CLA CA . 4.64 2.63 64.97
CBA CLA CA . 4.44 1.13 65.01
CGA CLA CA . 4.63 0.61 66.41
O1A CLA CA . 5.66 0.57 67.08
O2A CLA CA . 3.47 0.13 66.95
NB CLA CA . -1.22 1.07 66.11
C1B CLA CA . -0.97 1.15 64.78
C2B CLA CA . -2.04 0.43 64.02
C3B CLA CA . -2.93 -0.05 64.95
C4B CLA CA . -2.43 0.35 66.29
CMB CLA CA . -2.04 0.34 62.55
CAB CLA CA . -4.15 -0.80 64.77
CBB CLA CA . -5.11 -0.50 63.90
NC CLA CA . -1.27 0.96 69.04
C1C CLA CA . -2.47 0.34 68.78
C2C CLA CA . -3.13 -0.01 70.03
C3C CLA CA . -2.29 0.40 71.06
C4C CLA CA . -1.12 1.02 70.43
CMC CLA CA . -4.43 -0.69 70.14
CAC CLA CA . -2.51 0.26 72.50
CBC CLA CA . -1.77 -0.92 73.09
ND CLA CA . 1.23 2.22 69.10
C1D CLA CA . 1.09 2.13 70.52
C2D CLA CA . 2.27 2.74 71.16
C3D CLA CA . 3.09 3.17 70.13
C4D CLA CA . 2.39 2.83 68.88
CMD CLA CA . 2.49 2.82 72.61
CAD CLA CA . 4.33 3.82 69.77
OBD CLA CA . 5.23 4.25 70.49
CBD CLA CA . 4.38 3.89 68.21
CGD CLA CA . 4.51 5.31 67.72
O1D CLA CA . 4.82 5.70 66.59
O2D CLA CA . 4.22 6.24 68.67
CED CLA CA . 3.58 7.45 68.25
C1 CLA CA . 3.54 -0.47 68.26
C2 CLA CA . 2.17 -0.89 68.60
C3 CLA CA . 1.86 -1.64 69.67
C4 CLA CA . 2.91 -2.11 70.61
C5 CLA CA . 0.46 -2.03 69.97
C6 CLA CA . 0.21 -3.51 69.78
C7 CLA CA . -0.58 -3.79 68.52
C8 CLA CA . -2.09 -3.76 68.74
C9 CLA CA . -2.45 -4.35 70.09
C10 CLA CA . -2.81 -4.51 67.62
C11 CLA CA . -2.65 -6.01 67.79
C12 CLA CA . -3.64 -6.78 66.92
C13 CLA CA . -3.41 -8.27 67.02
C14 CLA CA . -1.97 -8.62 66.65
C15 CLA CA . -4.38 -9.05 66.14
C16 CLA CA . -5.71 -9.20 66.83
C17 CLA CA . -6.09 -10.65 67.04
C18 CLA CA . -6.60 -11.29 65.75
C19 CLA CA . -7.02 -12.73 66.01
C20 CLA CA . -7.75 -10.51 65.19
MG CLA DA . 9.60 -6.50 63.17
CHA CLA DA . 10.85 -3.30 63.66
CHB CLA DA . 12.77 -7.68 62.81
CHC CLA DA . 8.32 -9.67 62.75
CHD CLA DA . 6.32 -5.21 63.45
NA CLA DA . 11.49 -5.62 63.24
C1A CLA DA . 11.80 -4.26 63.47
C2A CLA DA . 13.31 -4.04 63.43
C3A CLA DA . 13.88 -5.43 63.07
C4A CLA DA . 12.64 -6.32 63.04
CMA CLA DA . 14.60 -5.41 61.74
CAA CLA DA . 13.83 -3.58 64.78
CBA CLA DA . 13.51 -4.58 65.87
CGA CLA DA . 14.73 -4.87 66.69
O1A CLA DA . 14.85 -5.63 67.66
O2A CLA DA . 15.82 -4.18 66.26
NB CLA DA . 10.39 -8.32 62.81
C1B CLA DA . 11.72 -8.61 62.75
C2B CLA DA . 11.91 -10.08 62.59
C3B CLA DA . 10.66 -10.65 62.58
C4B CLA DA . 9.67 -9.54 62.71
CMB CLA DA . 13.23 -10.70 62.49
CAB CLA DA . 10.28 -12.03 62.45
CBB CLA DA . 9.56 -12.71 63.34
NC CLA DA . 7.67 -7.29 63.13
C1C CLA DA . 7.37 -8.61 62.95
C2C CLA DA . 5.93 -8.81 62.98
C3C CLA DA . 5.36 -7.55 63.17
C4C CLA DA . 6.46 -6.60 63.26
CMC CLA DA . 5.25 -10.10 62.84
CAC CLA DA . 3.94 -7.22 63.28
CBC CLA DA . 3.45 -7.31 64.71
ND CLA DA . 8.72 -4.73 63.53
C1D CLA DA . 7.35 -4.32 63.58
C2D CLA DA . 7.29 -2.85 63.78
C3D CLA DA . 8.60 -2.42 63.87
C4D CLA DA . 9.44 -3.62 63.68
CMD CLA DA . 6.06 -2.07 63.89
CAD CLA DA . 9.48 -1.28 64.06
OBD CLA DA . 9.21 -0.12 64.32
CBD CLA DA . 10.94 -1.80 63.87
CGD CLA DA . 11.63 -1.13 62.72
O1D CLA DA . 11.77 -1.56 61.56
O2D CLA DA . 12.16 0.09 63.01
CED CLA DA . 13.26 0.13 63.92
C1 CLA DA . 17.10 -4.68 66.68
MG CLA EA . -7.55 -6.36 54.67
CHA CLA EA . -10.95 -6.66 54.16
CHB CLA EA . -7.00 -9.03 52.64
CHC CLA EA . -4.17 -5.78 54.92
CHD CLA EA . -8.16 -3.60 56.81
NA CLA EA . -8.80 -7.66 53.64
C1A CLA EA . -10.20 -7.61 53.53
C2A CLA EA . -10.72 -8.76 52.67
C3A CLA EA . -9.46 -9.63 52.45
C4A CLA EA . -8.32 -8.73 52.93
CMA CLA EA . -9.53 -10.90 53.25
CAA CLA EA . -11.27 -8.26 51.35
CBA CLA EA . -10.32 -7.34 50.61
CGA CLA EA . -10.93 -6.97 49.29
O1A CLA EA . -12.02 -7.30 48.83
O2A CLA EA . -10.12 -6.18 48.52
NB CLA EA . -5.90 -7.28 53.97
C1B CLA EA . -5.89 -8.28 53.05
C2B CLA EA . -4.51 -8.48 52.53
C3B CLA EA . -3.70 -7.56 53.16
C4B CLA EA . -4.58 -6.80 54.10
CMB CLA EA . -4.20 -9.50 51.53
CAB CLA EA . -2.29 -7.29 53.06
CBB CLA EA . -1.52 -7.52 52.00
NC CLA EA . -6.39 -4.98 55.73
C1C CLA EA . -5.02 -4.94 55.71
C2C CLA EA . -4.53 -3.86 56.56
C3C CLA EA . -5.67 -3.23 57.07
C4C CLA EA . -6.82 -3.94 56.55
CMC CLA EA . -3.13 -3.51 56.77
CAC CLA EA . -5.70 -2.07 57.99
CBC CLA EA . -5.66 -2.49 59.44
ND CLA EA . -9.14 -5.37 55.43
C1D CLA EA . -9.26 -4.24 56.28
C2D CLA EA . -10.69 -3.91 56.45
C3D CLA EA . -11.38 -4.78 55.63
C4D CLA EA . -10.38 -5.68 55.01
CMD CLA EA . -11.20 -2.82 57.28
CAD CLA EA . -12.69 -5.22 55.16
OBD CLA EA . -13.80 -4.78 55.43
CBD CLA EA . -12.45 -6.41 54.17
CGD CLA EA . -13.25 -7.63 54.54
O1D CLA EA . -12.84 -8.71 54.98
O2D CLA EA . -14.59 -7.46 54.35
CED CLA EA . -15.37 -8.64 54.12
C1 CLA EA . -10.30 -4.76 48.67
C2 CLA EA . -10.55 -4.22 47.31
C3 CLA EA . -10.74 -2.91 47.07
C4 CLA EA . -11.00 -2.39 45.71
C5 CLA EA . -10.72 -1.92 48.17
C6 CLA EA . -11.80 -0.85 48.03
MG CLA FA . -14.68 -9.03 69.29
CHA CLA FA . -15.44 -12.29 68.46
CHB CLA FA . -17.52 -8.85 71.17
CHC CLA FA . -13.81 -5.84 70.19
CHD CLA FA . -11.83 -9.22 67.21
NA CLA FA . -16.21 -10.38 69.74
C1A CLA FA . -16.33 -11.70 69.30
C2A CLA FA . -17.60 -12.34 69.86
C3A CLA FA . -18.32 -11.17 70.57
C4A CLA FA . -17.28 -10.04 70.52
CMA CLA FA . -19.58 -10.81 69.86
CAA CLA FA . -17.26 -13.44 70.86
CBA CLA FA . -16.34 -12.96 71.97
CGA CLA FA . -17.11 -12.36 73.11
O1A CLA FA . -18.16 -12.76 73.62
O2A CLA FA . -16.55 -11.22 73.61
NB CLA FA . -15.52 -7.61 70.43
C1B CLA FA . -16.66 -7.74 71.16
C2B CLA FA . -16.89 -6.51 71.97
C3B CLA FA . -15.85 -5.64 71.70
C4B CLA FA . -14.95 -6.34 70.72
CMB CLA FA . -18.05 -6.36 72.85
CAB CLA FA . -15.57 -4.33 72.20
CBB CLA FA . -16.46 -3.34 72.29
NC CLA FA . -13.10 -7.77 68.78
C1C CLA FA . -12.93 -6.49 69.27
C2C CLA FA . -11.72 -5.90 68.71
C3C CLA FA . -11.17 -6.86 67.86
C4C CLA FA . -12.03 -8.03 67.91
CMC CLA FA . -11.21 -4.56 69.01
CAC CLA FA . -9.93 -6.74 67.07
CBC CLA FA . -8.76 -7.44 67.73
ND CLA FA . -13.75 -10.41 68.14
C1D CLA FA . -12.62 -10.35 67.30
C2D CLA FA . -12.46 -11.64 66.60
C3D CLA FA . -13.50 -12.44 67.02
C4D CLA FA . -14.29 -11.61 67.96
CMD CLA FA . -11.37 -11.96 65.66
CAD CLA FA . -14.16 -13.73 66.93
OBD CLA FA . -13.80 -14.74 66.34
CBD CLA FA . -15.46 -13.63 67.76
CGD CLA FA . -16.66 -13.61 66.86
O1D CLA FA . -17.03 -12.66 66.18
O2D CLA FA . -17.42 -14.73 66.83
CED CLA FA . -18.68 -14.60 66.18
C1 CLA FA . -17.32 -10.46 74.57
C2 CLA FA . -16.68 -9.12 74.67
C3 CLA FA . -16.36 -8.53 75.83
C4 CLA FA . -16.63 -9.16 77.14
C5 CLA FA . -15.71 -7.18 75.84
C6 CLA FA . -14.34 -7.22 76.50
C7 CLA FA . -13.58 -5.94 76.25
MG CLA GA . -17.71 1.02 75.35
CHA CLA GA . -20.28 -1.15 76.24
CHB CLA GA . -15.46 -1.50 75.69
CHC CLA GA . -15.22 3.21 74.50
CHD CLA GA . -20.12 3.60 74.93
NA CLA GA . -17.87 -1.00 75.88
C1A CLA GA . -19.03 -1.72 76.21
C2A CLA GA . -18.68 -3.18 76.53
C3A CLA GA . -17.16 -3.25 76.35
C4A CLA GA . -16.78 -1.82 75.94
CMA CLA GA . -16.46 -3.67 77.62
CAA CLA GA . -19.37 -4.16 75.59
CBA CLA GA . -19.32 -5.57 76.14
CGA CLA GA . -20.19 -5.68 77.34
O1A CLA GA . -21.42 -5.78 77.39
O2A CLA GA . -19.49 -5.67 78.52
NB CLA GA . -15.72 0.87 75.09
C1B CLA GA . -14.98 -0.24 75.33
C2B CLA GA . -13.52 0.08 75.18
C3B CLA GA . -13.44 1.41 74.84
C4B CLA GA . -14.84 1.94 74.79
CMB CLA GA . -12.47 -0.90 75.39
CAB CLA GA . -12.26 2.22 74.60
CBB CLA GA . -12.09 3.09 73.62
NC CLA GA . -17.68 3.04 74.82
C1C CLA GA . -16.55 3.74 74.52
C2C CLA GA . -16.88 5.12 74.22
C3C CLA GA . -18.26 5.23 74.32
C4C CLA GA . -18.76 3.91 74.69
CMC CLA GA . -15.91 6.17 73.89
CAC CLA GA . -19.08 6.44 74.12
CBC CLA GA . -19.37 7.17 75.41
ND CLA GA . -19.71 1.26 75.57
C1D CLA GA . -20.57 2.37 75.35
C2D CLA GA . -21.96 1.97 75.66
C3D CLA GA . -21.90 0.64 76.04
C4D CLA GA . -20.48 0.23 75.94
CMD CLA GA . -23.12 2.86 75.58
CAD CLA GA . -22.64 -0.53 76.48
OBD CLA GA . -23.83 -0.64 76.77
CBD CLA GA . -21.64 -1.71 76.58
CGD CLA GA . -21.67 -2.32 77.96
O1D CLA GA . -22.40 -3.23 78.36
O2D CLA GA . -20.77 -1.78 78.82
CED CLA GA . -21.19 -1.57 80.16
MG CLA HA . -15.28 16.31 63.97
CHA CLA HA . -14.13 19.59 64.21
CHB CLA HA . -16.31 16.43 67.21
CHC CLA HA . -16.44 13.09 63.66
CHD CLA HA . -14.14 16.22 60.62
NA CLA HA . -15.23 17.79 65.44
C1A CLA HA . -14.73 19.09 65.35
C2A CLA HA . -14.89 19.84 66.67
C3A CLA HA . -15.51 18.78 67.62
C4A CLA HA . -15.72 17.57 66.70
CMA CLA HA . -14.60 18.47 68.77
CAA CLA HA . -15.87 20.99 66.49
CBA CLA HA . -17.30 20.56 66.73
CGA CLA HA . -18.24 21.43 65.95
O1A CLA HA . -17.99 22.38 65.24
O2A CLA HA . -19.55 21.06 66.08
NB CLA HA . -16.23 15.02 65.18
C1B CLA HA . -16.53 15.24 66.50
C2B CLA HA . -17.10 14.01 67.10
C3B CLA HA . -17.15 13.06 66.11
C4B CLA HA . -16.60 13.69 64.87
CMB CLA HA . -17.51 13.94 68.50
CAB CLA HA . -17.60 11.70 66.13
CBB CLA HA . -17.42 10.83 67.12
NC CLA HA . -15.28 14.91 62.41
C1C CLA HA . -15.84 13.66 62.50
C2C CLA HA . -15.69 12.96 61.23
C3C CLA HA . -15.01 13.83 60.37
C4C CLA HA . -14.78 15.07 61.12
CMC CLA HA . -16.14 11.60 60.98
CAC CLA HA . -14.63 13.57 58.98
CBC CLA HA . -15.54 14.26 57.98
ND CLA HA . -14.33 17.54 62.67
C1D CLA HA . -13.92 17.38 61.32
C2D CLA HA . -13.26 18.62 60.86
C3D CLA HA . -13.31 19.50 61.94
C4D CLA HA . -13.99 18.78 63.03
CMD CLA HA . -12.70 18.82 59.53
CAD CLA HA . -12.95 20.82 62.43
OBD CLA HA . -12.36 21.72 61.87
CBD CLA HA . -13.49 20.91 63.90
CGD CLA HA . -12.38 21.25 64.85
O1D CLA HA . -12.14 22.35 65.37
O2D CLA HA . -11.58 20.20 65.16
CED CLA HA . -10.59 20.39 66.18
C1 CLA HA . -20.47 21.64 65.13
C2 CLA HA . -21.64 20.74 65.06
C3 CLA HA . -22.76 20.96 65.77
C4 CLA HA . -22.92 22.12 66.67
C5 CLA HA . -23.91 20.00 65.67
C6 CLA HA . -25.25 20.70 65.61
C7 CLA HA . -26.37 19.67 65.48
MG CLA IA . -11.17 12.98 54.09
CHA CLA IA . -9.40 15.97 54.31
CHB CLA IA . -14.09 14.71 54.43
CHC CLA IA . -12.88 10.03 53.73
CHD CLA IA . -8.10 11.25 53.78
NA CLA IA . -11.64 15.00 54.35
C1A CLA IA . -10.75 16.10 54.39
C2A CLA IA . -11.52 17.41 54.58
C3A CLA IA . -12.98 16.95 54.77
C4A CLA IA . -12.92 15.45 54.48
CMA CLA IA . -13.47 17.23 56.17
CAA CLA IA . -11.40 18.29 53.35
CBA CLA IA . -11.69 17.52 52.07
CGA CLA IA . -11.99 18.47 50.95
O1A CLA IA . -12.53 18.23 49.86
O2A CLA IA . -11.59 19.75 51.21
NB CLA IA . -13.11 12.47 54.10
C1B CLA IA . -14.16 13.32 54.20
C2B CLA IA . -15.45 12.57 54.06
C3B CLA IA . -15.11 11.25 53.87
C4B CLA IA . -13.62 11.16 53.89
CMB CLA IA . -16.75 13.21 54.14
CAB CLA IA . -15.94 10.09 53.67
CBB CLA IA . -17.04 10.03 52.91
NC CLA IA . -10.58 11.00 53.82
C1C CLA IA . -11.45 9.95 53.70
C2C CLA IA . -10.72 8.71 53.51
C3C CLA IA . -9.35 9.04 53.52
C4C CLA IA . -9.29 10.49 53.71
CMC CLA IA . -11.35 7.40 53.32
CAC CLA IA . -8.19 8.16 53.33
CBC CLA IA . -8.04 7.02 54.30
ND CLA IA . -9.19 13.43 54.06
C1D CLA IA . -8.04 12.61 53.93
C2D CLA IA . -6.83 13.48 53.99
C3D CLA IA . -7.30 14.78 54.12
C4D CLA IA . -8.77 14.68 54.16
CMD CLA IA . -5.46 13.00 53.90
CAD CLA IA . -6.95 16.18 54.24
OBD CLA IA . -5.84 16.71 54.25
CBD CLA IA . -8.29 16.98 54.36
CGD CLA IA . -8.35 17.78 55.63
O1D CLA IA . -8.36 17.37 56.79
O2D CLA IA . -8.39 19.14 55.43
CED CLA IA . -7.24 19.75 54.84
C1 CLA IA . -11.98 20.75 50.25
O6 SQD JA . -28.95 5.70 67.84
C44 SQD JA . -30.03 6.54 67.43
C45 SQD JA . -29.58 7.90 66.94
C46 SQD JA . -30.81 8.59 66.32
O47 SQD JA . -29.12 8.71 68.01
C7 SQD JA . -27.85 9.35 67.71
O49 SQD JA . -26.86 8.66 67.55
C8 SQD JA . -27.79 10.85 67.57
C9 SQD JA . -26.42 11.40 67.93
C10 SQD JA . -25.49 11.38 66.71
C11 SQD JA . -25.92 12.40 65.65
C12 SQD JA . -25.57 13.82 66.08
C13 SQD JA . -25.43 14.72 64.85
C14 SQD JA . -26.73 14.79 64.06
O48 SQD JA . -30.53 9.00 64.99
C23 SQD JA . -31.41 9.96 64.35
O10 SQD JA . -32.33 10.44 65.00
C24 SQD JA . -31.20 10.35 62.92
C25 SQD JA . -32.03 11.58 62.56
C26 SQD JA . -31.62 12.13 61.21
C27 SQD JA . -32.43 13.36 60.84
C1 SQD JA . -29.50 4.50 68.39
C2 SQD JA . -28.39 3.54 68.76
O2 SQD JA . -28.64 2.27 68.15
C3 SQD JA . -28.41 3.37 70.27
O3 SQD JA . -28.29 4.67 70.84
C4 SQD JA . -29.75 2.79 70.67
O4 SQD JA . -29.95 1.56 69.99
C5 SQD JA . -30.83 3.78 70.26
C6 SQD JA . -31.55 4.36 71.48
O5 SQD JA . -30.25 4.87 69.55
S SQD JA . -33.17 4.04 71.41
O7 SQD JA . -33.48 2.87 72.19
O8 SQD JA . -33.99 5.33 71.98
O9 SQD JA . -33.56 3.83 70.04
C1 A1L1G KA . 40.41 7.73 -69.89
C5 A1L1G KA . 41.98 7.65 -71.86
C4 A1L1G KA . 40.45 10.18 -69.48
C3 A1L1G KA . 42.59 8.94 -69.80
C2 A1L1G KA . 39.31 5.57 -68.94
C10 A1L1G KA . 38.28 8.98 -69.32
C11 A1L1G KA . 39.62 9.03 -70.01
C12 A1L1G KA . 42.57 6.44 -69.76
C14 A1L1G KA . 31.01 -9.06 -61.07
C17 A1L1G KA . 28.97 -8.24 -59.04
C18 A1L1G KA . 29.24 -9.42 -63.46
C19 A1L1G KA . 30.17 -11.59 -62.65
C20 A1L1G KA . 28.69 -9.36 -60.00
C21 A1L1G KA . 27.25 -9.71 -60.21
C22 A1L1G KA . 27.19 -11.07 -60.88
C23 A1L1G KA . 27.80 -11.01 -62.25
C24 A1L1G KA . 29.22 -10.43 -62.31
C25 A1L1G KA . 29.67 -9.75 -61.02
C26 A1L1G KA . 33.69 -8.12 -60.85
C27 A1L1G KA . 36.24 -3.05 -62.08
C28 A1L1G KA . 35.05 1.70 -67.34
C29 A1L1G KA . 31.30 -7.86 -61.54
C30 A1L1G KA . 32.62 -7.39 -61.62
C31 A1L1G KA . 32.98 -6.30 -62.39
C32 A1L1G KA . 34.08 -5.48 -62.24
C33 A1L1G KA . 34.00 -4.10 -62.23
C34 A1L1G KA . 34.92 -3.17 -62.74
C35 A1L1G KA . 34.67 -2.34 -63.85
C36 A1L1G KA . 35.59 -1.53 -64.49
C37 A1L1G KA . 35.44 -0.37 -65.23
C38 A1L1G KA . 36.33 0.65 -65.50
C39 A1L1G KA . 36.29 1.60 -66.53
C40 A1L1G KA . 37.36 2.46 -66.84
C41 A1L1G KA . 37.31 3.74 -67.39
C42 A1L1G KA . 37.25 4.10 -68.72
C43 A1L1G KA . 37.47 5.68 -70.62
C44 A1L1G KA . 38.00 5.08 -69.38
C45 A1L1G KA . 39.83 6.66 -69.42
C6 A1L1G KA . 41.88 7.68 -70.32
C8 A1L1G KA . 41.85 10.23 -70.08
O13 A1L1G KA . 34.43 -7.20 -60.10
O15 A1L1G KA . 29.51 -10.54 -59.81
O16 A1L1G KA . 25.83 -11.49 -60.98
O7 A1L1G KA . 42.58 11.34 -69.55
O9 A1L1G KA . 39.42 9.34 -71.41
C8 A1L1F LA . 6.02 5.74 -61.80
C5 A1L1F LA . 9.00 5.56 -62.25
C4 A1L1F LA . 5.90 6.06 -60.33
C6 A1L1F LA . 8.26 6.84 -61.90
C10 A1L1F LA . 7.22 6.36 -58.21
C11 A1L1F LA . 7.26 5.99 -59.68
C2 A1L1F LA . 9.49 8.66 -59.17
C3 A1L1F LA . 6.86 6.81 -62.46
C1 A1L1F LA . 8.15 6.95 -60.41
C12 A1L1F LA . 9.00 8.05 -62.43
C14 A1L1F LA . 19.57 22.31 -50.77
C17 A1L1F LA . 18.37 23.16 -48.43
C18 A1L1F LA . 22.06 23.59 -51.38
C19 A1L1F LA . 20.40 25.16 -52.30
C20 A1L1F LA . 18.94 24.32 -49.25
C21 A1L1F LA . 19.70 25.38 -48.48
C22 A1L1F LA . 20.30 26.34 -49.47
C23 A1L1F LA . 21.46 25.62 -50.13
C24 A1L1F LA . 20.92 24.53 -51.03
C25 A1L1F LA . 19.80 23.73 -50.38
C26 A1L1F LA . 19.22 19.57 -51.34
C27 A1L1F LA . 16.67 16.24 -54.20
C28 A1L1F LA . 10.64 15.14 -57.61
C29 A1L1F LA . 18.59 22.04 -51.63
C30 A1L1F LA . 18.37 20.63 -51.99
C31 A1L1F LA . 17.43 20.30 -52.88
C32 A1L1F LA . 17.18 18.93 -53.25
C33 A1L1F LA . 16.17 18.73 -54.10
C34 A1L1F LA . 15.79 17.39 -54.54
C35 A1L1F LA . 14.67 17.21 -55.24
C36 A1L1F LA . 14.27 15.90 -55.69
C37 A1L1F LA . 13.02 15.66 -56.08
C38 A1L1F LA . 12.68 14.30 -56.50
C39 A1L1F LA . 11.57 14.04 -57.21
C40 A1L1F LA . 11.29 12.65 -57.60
C41 A1L1F LA . 10.28 12.28 -58.39
C42 A1L1F LA . 10.22 10.84 -58.61
C43 A1L1F LA . 7.91 10.69 -59.53
C44 A1L1F LA . 9.22 10.10 -59.09
C45 A1L1F LA . 21.54 19.78 -52.21
C47 A1L1F LA . 22.42 19.77 -53.43
C48 A1L1F LA . 23.88 19.87 -53.01
C49 A1L1F LA . 24.58 18.53 -53.18
C50 A1L1F LA . 23.80 17.58 -54.08
C51 A1L1F LA . 23.57 16.24 -53.40
C52 A1L1F LA . 22.15 15.77 -53.62
C53 A1L1F LA . 21.66 14.93 -52.46
C54 A1L1F LA . 3.71 4.97 -61.87
C56 A1L1F LA . 3.29 3.73 -62.59
C57 A1L1F LA . 8.79 7.82 -59.79
O13 A1L1F LA . 20.22 19.19 -52.26
O15 A1L1F LA . 18.60 24.45 -50.62
O16 A1L1F LA . 20.80 27.48 -48.76
O46 A1L1F LA . 21.90 20.28 -51.18
O55 A1L1F LA . 3.19 5.33 -60.83
O7 A1L1F LA . 4.76 5.81 -62.44
O9 A1L1F LA . 7.71 4.65 -59.82
C1 XAT MA . 24.45 5.68 -51.33
C2 XAT MA . 24.64 7.08 -50.77
C3 XAT MA . 23.75 8.06 -51.48
C4 XAT MA . 22.33 7.76 -51.01
C5 XAT MA . 21.90 6.31 -51.29
C6 XAT MA . 22.98 5.26 -51.59
C7 XAT MA . 22.60 3.88 -51.08
C8 XAT MA . 22.79 2.83 -51.87
C9 XAT MA . 22.45 1.47 -51.44
C10 XAT MA . 23.46 0.59 -51.26
C11 XAT MA . 23.23 -0.78 -50.84
C12 XAT MA . 24.27 -1.61 -50.82
C13 XAT MA . 24.10 -3.02 -50.41
C14 XAT MA . 25.18 -3.81 -50.28
C15 XAT MA . 25.00 -5.20 -49.87
C16 XAT MA . 25.02 4.68 -50.34
C17 XAT MA . 25.30 5.54 -52.58
C18 XAT MA . 20.70 5.71 -50.58
C19 XAT MA . 21.03 1.05 -51.20
C20 XAT MA . 22.73 -3.55 -50.15
O3 XAT MA . 24.10 9.39 -51.07
O4 XAT MA . 22.19 5.86 -52.62
C21 XAT MA . 26.36 -16.93 -45.76
C22 XAT MA . 25.97 -18.35 -45.40
C23 XAT MA . 24.87 -18.85 -46.30
C24 XAT MA . 25.52 -19.03 -47.64
C25 XAT MA . 25.84 -17.66 -48.24
C26 XAT MA . 26.17 -16.55 -47.24
C27 XAT MA . 27.14 -15.50 -47.79
C28 XAT MA . 26.63 -14.28 -47.91
C29 XAT MA . 27.37 -13.12 -48.41
C30 XAT MA . 26.69 -11.96 -48.49
C31 XAT MA . 27.25 -10.70 -48.96
C32 XAT MA . 26.38 -9.70 -49.05
C33 XAT MA . 26.74 -8.34 -49.49
C34 XAT MA . 25.78 -7.42 -49.49
C35 XAT MA . 26.03 -6.03 -49.91
C36 XAT MA . 27.83 -16.72 -45.41
C37 XAT MA . 25.55 -15.97 -44.91
C38 XAT MA . 26.64 -17.50 -49.54
C39 XAT MA . 28.80 -13.21 -48.83
C40 XAT MA . 28.14 -8.02 -49.94
O23 XAT MA . 24.37 -20.11 -45.81
O24 XAT MA . 24.89 -16.64 -47.90
C1 XAT NA . 20.98 8.37 -65.10
C2 XAT NA . 21.08 9.75 -64.45
C3 XAT NA . 19.71 10.12 -63.94
C4 XAT NA . 19.51 9.31 -62.68
C5 XAT NA . 19.58 7.80 -62.92
C6 XAT NA . 20.33 7.30 -64.19
C7 XAT NA . 21.03 5.94 -64.03
C8 XAT NA . 22.15 5.72 -63.35
C9 XAT NA . 22.74 4.37 -63.27
C10 XAT NA . 23.92 4.24 -62.64
C11 XAT NA . 24.61 2.96 -62.53
C12 XAT NA . 25.72 2.95 -61.81
C13 XAT NA . 26.52 1.73 -61.63
C14 XAT NA . 27.65 1.81 -60.92
C15 XAT NA . 28.50 0.64 -60.74
C16 XAT NA . 22.38 8.00 -65.59
C17 XAT NA . 20.12 8.49 -66.34
C18 XAT NA . 19.61 6.85 -61.71
C19 XAT NA . 22.05 3.19 -63.88
C20 XAT NA . 26.10 0.43 -62.25
O3 XAT NA . 19.66 11.52 -63.64
O4 XAT NA . 18.89 7.34 -64.09
C21 XAT NA . 36.48 -7.99 -57.25
C22 XAT NA . 37.31 -9.26 -57.17
C23 XAT NA . 37.82 -9.64 -58.55
C24 XAT NA . 38.91 -8.62 -58.84
C25 XAT NA . 38.28 -7.23 -59.04
C26 XAT NA . 36.97 -6.96 -58.28
C27 XAT NA . 36.79 -5.49 -57.91
C28 XAT NA . 35.72 -4.93 -58.44
C29 XAT NA . 35.32 -3.52 -58.25
C30 XAT NA . 34.14 -3.18 -58.76
C31 XAT NA . 33.57 -1.84 -58.68
C32 XAT NA . 32.43 -1.68 -59.34
C33 XAT NA . 31.70 -0.40 -59.42
C34 XAT NA . 30.50 -0.42 -59.99
C35 XAT NA . 29.68 0.77 -60.13
C36 XAT NA . 36.45 -7.33 -55.87
C37 XAT NA . 35.05 -8.38 -57.58
C38 XAT NA . 39.13 -5.96 -59.15
C39 XAT NA . 36.19 -2.55 -57.52
C40 XAT NA . 32.28 0.87 -58.85
O23 XAT NA . 38.37 -10.96 -58.54
O24 XAT NA . 37.00 -7.25 -59.68
C1 XAT OA . 32.60 -12.40 -57.53
C2 XAT OA . 32.61 -11.61 -58.82
C3 XAT OA . 33.21 -12.47 -59.91
C4 XAT OA . 32.24 -13.58 -60.24
C5 XAT OA . 31.47 -14.21 -59.06
C6 XAT OA . 31.67 -13.63 -57.64
C7 XAT OA . 30.35 -13.69 -56.88
C8 XAT OA . 30.30 -13.99 -55.58
C9 XAT OA . 29.02 -14.08 -54.84
C10 XAT OA . 28.49 -13.08 -54.13
C11 XAT OA . 27.24 -13.31 -53.42
C12 XAT OA . 26.57 -12.33 -52.79
C13 XAT OA . 25.33 -12.62 -52.04
C14 XAT OA . 24.74 -11.63 -51.35
C15 XAT OA . 23.53 -11.86 -50.56
C16 XAT OA . 32.22 -11.45 -56.39
C17 XAT OA . 34.02 -12.90 -57.23
C18 XAT OA . 30.04 -14.74 -59.26
C19 XAT OA . 28.30 -15.40 -54.89
C20 XAT OA . 24.75 -14.00 -52.04
O3 XAT OA . 33.41 -11.66 -61.08
O4 XAT OA . 32.28 -14.86 -58.08
C21 XAT OA . 16.31 -10.07 -40.10
C22 XAT OA . 15.11 -10.91 -39.69
C23 XAT OA . 13.84 -10.12 -39.81
C24 XAT OA . 13.60 -10.00 -41.30
C25 XAT OA . 14.65 -9.08 -41.95
C26 XAT OA . 16.07 -9.10 -41.31
C27 XAT OA . 17.23 -8.84 -42.27
C28 XAT OA . 17.65 -9.63 -43.26
C29 XAT OA . 18.81 -9.26 -44.09
C30 XAT OA . 19.11 -10.00 -45.17
C31 XAT OA . 20.25 -9.72 -46.03
C32 XAT OA . 20.39 -10.38 -47.17
C33 XAT OA . 21.57 -10.14 -48.04
C34 XAT OA . 21.92 -11.07 -48.93
C35 XAT OA . 23.10 -10.88 -49.78
C36 XAT OA . 17.45 -11.05 -40.35
C37 XAT OA . 16.73 -9.20 -38.92
C38 XAT OA . 14.57 -8.79 -43.45
C39 XAT OA . 19.65 -8.07 -43.73
C40 XAT OA . 22.36 -8.86 -47.90
O23 XAT OA . 12.76 -10.84 -39.21
O24 XAT OA . 15.12 -8.03 -41.10
C1 A1L1G PA . 3.75 9.83 -55.89
C5 A1L1G PA . 2.47 11.58 -57.17
C4 A1L1G PA . 2.22 7.88 -56.30
C3 A1L1G PA . 1.28 10.06 -55.58
C2 A1L1G PA . 6.09 10.49 -54.96
C10 A1L1G PA . 4.68 7.49 -56.18
C11 A1L1G PA . 3.59 8.48 -56.59
C12 A1L1G PA . 2.80 11.84 -54.72
C14 A1L1G PA . 15.85 22.79 -44.26
C17 A1L1G PA . 18.69 22.18 -43.67
C18 A1L1G PA . 16.96 25.48 -45.91
C19 A1L1G PA . 15.04 25.69 -44.32
C20 A1L1G PA . 18.19 23.60 -43.61
C21 A1L1G PA . 19.24 24.67 -43.78
C22 A1L1G PA . 18.81 26.10 -43.49
C23 A1L1G PA . 17.30 26.31 -43.60
C24 A1L1G PA . 16.52 25.31 -44.46
C25 A1L1G PA . 16.80 23.91 -43.91
C26 A1L1G PA . 13.05 22.03 -44.08
C27 A1L1G PA . 10.07 18.47 -46.67
C28 A1L1G PA . 9.91 15.29 -53.54
C29 A1L1G PA . 15.12 22.63 -45.36
C30 A1L1G PA . 13.86 22.01 -45.34
C31 A1L1G PA . 13.37 21.35 -46.45
C32 A1L1G PA . 12.39 20.38 -46.49
C33 A1L1G PA . 12.29 19.32 -47.37
C34 A1L1G PA . 11.16 18.54 -47.67
C35 A1L1G PA . 11.01 17.83 -48.87
C36 A1L1G PA . 9.97 16.99 -49.24
C37 A1L1G PA . 9.55 16.57 -50.49
C38 A1L1G PA . 9.65 15.32 -51.09
C39 A1L1G PA . 9.15 14.92 -52.33
C40 A1L1G PA . 7.96 14.19 -52.49
C41 A1L1G PA . 7.33 13.82 -53.66
C42 A1L1G PA . 6.53 12.72 -53.87
C43 A1L1G PA . 6.94 12.43 -56.28
C44 A1L1G PA . 6.51 11.88 -54.98
C45 A1L1G PA . 4.91 10.15 -55.40
C6 A1L1G PA . 2.58 10.82 -55.83
C8 A1L1G PA . 1.09 8.87 -56.49
O13 A1L1G PA . 13.40 20.95 -43.26
O15 A1L1G PA . 17.26 23.87 -42.54
O16 A1L1G PA . 19.46 26.98 -44.41
O7 A1L1G PA . -0.16 8.24 -56.22
O9 A1L1G PA . 3.63 8.66 -58.02
O1 LHG QA . 1.80 -0.19 -43.79
C1 LHG QA . 2.77 -1.19 -43.84
C2 LHG QA . 2.27 -2.28 -44.78
O2 LHG QA . 3.20 -3.33 -44.80
C3 LHG QA . 2.08 -1.74 -46.20
O3 LHG QA . 2.78 -0.53 -46.32
P LHG QA . 4.29 -0.58 -46.96
O4 LHG QA . 4.69 -2.02 -47.19
O5 LHG QA . 4.33 0.16 -48.27
O6 LHG QA . 5.37 0.13 -45.88
C4 LHG QA . 6.71 0.36 -46.31
C5 LHG QA . 7.65 -0.19 -45.21
C6 LHG QA . 7.24 0.38 -43.87
O7 LHG QA . 7.55 -1.60 -45.18
C7 LHG QA . 8.43 -2.23 -44.30
O9 LHG QA . 8.01 -2.72 -43.30
C8 LHG QA . 9.94 -2.32 -44.62
C9 LHG QA . 10.76 -2.91 -43.46
O8 LHG QA . 6.78 1.68 -44.04
C23 LHG QA . 7.72 2.66 -43.73
O10 LHG QA . 8.62 2.88 -44.48
C24 LHG QA . 7.59 3.47 -42.43
C25 LHG QA . 8.00 4.93 -42.60
C26 LHG QA . 9.32 5.26 -42.63
C27 LHG QA . 9.75 6.75 -42.81
C28 LHG QA . 10.98 7.12 -41.93
C29 LHG QA . 10.64 7.08 -40.41
C30 LHG QA . 10.78 8.48 -39.74
C31 LHG QA . 9.43 9.09 -39.35
C32 LHG QA . 8.77 8.33 -38.16
C33 LHG QA . 9.01 9.02 -36.80
C34 LHG QA . 7.69 9.54 -36.18
C35 LHG QA . 7.67 9.44 -34.65
C36 LHG QA . 7.14 8.09 -34.15
C37 LHG QA . 5.83 8.24 -33.36
C38 LHG QA . 5.54 7.01 -32.49
MG CLA RA . 22.61 -11.44 -54.09
CHA CLA RA . 22.16 -14.72 -55.07
CHB CLA RA . 19.65 -11.53 -52.42
CHC CLA RA . 23.22 -8.26 -52.96
CHD CLA RA . 25.61 -11.35 -55.98
NA CLA RA . 21.15 -12.90 -53.81
C1A CLA RA . 21.17 -14.22 -54.27
C2A CLA RA . 19.92 -14.97 -53.82
C3A CLA RA . 19.07 -13.88 -53.11
C4A CLA RA . 20.02 -12.68 -53.08
CMA CLA RA . 17.81 -13.60 -53.88
CAA CLA RA . 20.35 -16.01 -52.79
CBA CLA RA . 21.36 -15.46 -51.81
CGA CLA RA . 21.23 -16.10 -50.47
O1A CLA RA . 20.56 -17.09 -50.15
O2A CLA RA . 21.98 -15.49 -49.50
NB CLA RA . 21.65 -10.16 -52.87
C1B CLA RA . 20.41 -10.35 -52.35
C2B CLA RA . 19.94 -9.11 -51.69
C3B CLA RA . 20.94 -8.17 -51.84
C4B CLA RA . 22.04 -8.83 -52.59
CMB CLA RA . 18.63 -9.00 -51.04
CAB CLA RA . 21.02 -6.80 -51.39
CBB CLA RA . 20.67 -6.37 -50.18
NC CLA RA . 24.14 -10.07 -54.41
C1C CLA RA . 24.21 -8.84 -53.81
C2C CLA RA . 25.45 -8.18 -54.19
C3C CLA RA . 26.09 -9.02 -55.09
C4C CLA RA . 25.27 -10.21 -55.23
CMC CLA RA . 25.89 -6.88 -53.71
CAC CLA RA . 27.40 -8.78 -55.75
CBC CLA RA . 28.55 -9.20 -54.87
ND CLA RA . 23.66 -12.67 -55.30
C1D CLA RA . 24.87 -12.51 -56.01
C2D CLA RA . 25.18 -13.76 -56.75
C3D CLA RA . 24.19 -14.66 -56.39
C4D CLA RA . 23.27 -13.93 -55.50
CMD CLA RA . 26.34 -13.95 -57.62
CAD CLA RA . 23.65 -16.00 -56.57
OBD CLA RA . 24.09 -16.93 -57.23
CBD CLA RA . 22.34 -16.08 -55.71
CGD CLA RA . 21.14 -16.46 -56.53
O1D CLA RA . 20.62 -15.80 -57.44
O2D CLA RA . 20.59 -17.65 -56.19
CED CLA RA . 21.01 -18.81 -56.92
C1 CLA RA . 21.36 -15.34 -48.21
C2 CLA RA . 22.33 -14.64 -47.33
C3 CLA RA . 22.00 -14.19 -46.11
C4 CLA RA . 20.64 -14.35 -45.56
C5 CLA RA . 23.01 -13.49 -45.26
C6 CLA RA . 22.98 -11.99 -45.43
C7 CLA RA . 24.37 -11.45 -45.76
C8 CLA RA . 24.92 -10.59 -44.63
C9 CLA RA . 23.89 -9.59 -44.16
C10 CLA RA . 26.20 -9.88 -45.06
C11 CLA RA . 25.94 -8.55 -45.73
C12 CLA RA . 26.79 -7.45 -45.10
C13 CLA RA . 27.19 -6.41 -46.14
C14 CLA RA . 28.65 -6.59 -46.53
C15 CLA RA . 26.95 -5.00 -45.61
C16 CLA RA . 27.58 -3.94 -46.50
C17 CLA RA . 27.43 -2.57 -45.90
C18 CLA RA . 27.81 -1.44 -46.85
C19 CLA RA . 29.26 -1.03 -46.66
C20 CLA RA . 27.55 -1.81 -48.30
MG CLA SA . 18.47 -1.82 -47.96
CHA CLA SA . 15.34 -3.29 -48.21
CHB CLA SA . 17.12 1.17 -48.89
CHC CLA SA . 21.53 -0.37 -47.50
CHD CLA SA . 19.82 -4.97 -47.09
NA CLA SA . 16.54 -1.20 -48.49
C1A CLA SA . 15.36 -1.96 -48.50
C2A CLA SA . 14.17 -1.11 -48.94
C3A CLA SA . 14.82 0.22 -49.38
C4A CLA SA . 16.26 0.08 -48.87
CMA CLA SA . 14.76 0.36 -50.86
CAA CLA SA . 13.22 -0.90 -47.78
CBA CLA SA . 13.91 -0.22 -46.62
CGA CLA SA . 12.96 0.04 -45.49
O1A CLA SA . 11.73 0.18 -45.54
O2A CLA SA . 13.58 0.14 -44.27
NB CLA SA . 19.20 0.03 -48.22
C1B CLA SA . 18.46 1.14 -48.48
C2B CLA SA . 19.29 2.37 -48.29
C3B CLA SA . 20.54 1.94 -47.89
C4B CLA SA . 20.51 0.46 -47.84
CMB CLA SA . 18.75 3.71 -48.49
CAB CLA SA . 21.71 2.72 -47.59
CBB CLA SA . 22.46 2.60 -46.48
NC CLA SA . 20.34 -2.55 -47.42
C1C CLA SA . 21.47 -1.78 -47.29
C2C CLA SA . 22.60 -2.61 -46.90
C3C CLA SA . 22.11 -3.91 -46.77
C4C CLA SA . 20.70 -3.86 -47.10
CMC CLA SA . 23.95 -2.11 -46.67
CAC CLA SA . 22.88 -5.10 -46.39
CBC CLA SA . 22.62 -5.51 -44.95
ND CLA SA . 17.80 -3.70 -47.69
C1D CLA SA . 18.47 -4.91 -47.35
C2D CLA SA . 17.48 -6.01 -47.33
C3D CLA SA . 16.25 -5.44 -47.62
C4D CLA SA . 16.51 -4.01 -47.86
CMD CLA SA . 17.78 -7.40 -47.02
CAD CLA SA . 14.84 -5.67 -47.82
OBD CLA SA . 14.19 -6.70 -47.72
CBD CLA SA . 14.21 -4.30 -48.21
CGD CLA SA . 13.51 -4.35 -49.54
O1D CLA SA . 13.94 -3.95 -50.63
O2D CLA SA . 12.28 -4.94 -49.50
CED CLA SA . 11.70 -5.36 -50.74
C1 CLA SA . 13.23 1.29 -43.47
MG CLA TA . 11.51 20.99 -52.94
CHA CLA TA . 11.71 22.64 -49.88
CHB CLA TA . 14.42 22.43 -53.93
CHC CLA TA . 11.21 19.38 -55.96
CHD CLA TA . 8.48 19.50 -51.86
NA CLA TA . 12.84 22.31 -52.03
C1A CLA TA . 12.75 22.89 -50.76
C2A CLA TA . 13.95 23.80 -50.50
C3A CLA TA . 14.79 23.69 -51.80
C4A CLA TA . 13.98 22.74 -52.66
CMA CLA TA . 15.01 25.03 -52.47
CAA CLA TA . 14.76 23.36 -49.30
CBA CLA TA . 14.73 24.45 -48.25
CGA CLA TA . 15.23 25.73 -48.85
O1A CLA TA . 16.19 25.89 -49.60
O2A CLA TA . 14.50 26.82 -48.49
NB CLA TA . 12.60 20.93 -54.63
C1B CLA TA . 13.78 21.57 -54.84
C2B CLA TA . 14.30 21.24 -56.19
C3B CLA TA . 13.40 20.37 -56.77
C4B CLA TA . 12.30 20.17 -55.78
CMB CLA TA . 15.57 21.78 -56.70
CAB CLA TA . 13.40 19.73 -58.06
CBB CLA TA . 14.46 19.19 -58.66
NC CLA TA . 10.09 19.68 -53.75
C1C CLA TA . 10.17 19.14 -55.01
C2C CLA TA . 9.02 18.28 -55.26
C3C CLA TA . 8.25 18.30 -54.09
C4C CLA TA . 8.93 19.18 -53.16
CMC CLA TA . 8.77 17.54 -56.50
CAC CLA TA . 6.98 17.59 -53.84
CBC CLA TA . 5.79 18.36 -54.36
ND CLA TA . 10.34 20.99 -51.28
C1D CLA TA . 9.12 20.33 -50.98
C2D CLA TA . 8.70 20.72 -49.61
C3D CLA TA . 9.65 21.60 -49.15
C4D CLA TA . 10.65 21.74 -50.22
CMD CLA TA . 7.49 20.23 -48.95
CAD CLA TA . 10.08 22.43 -48.04
OBD CLA TA . 9.57 22.59 -46.93
CBD CLA TA . 11.40 23.13 -48.48
CGD CLA TA . 11.26 24.63 -48.41
O1D CLA TA . 11.04 25.31 -47.39
O2D CLA TA . 11.42 25.29 -49.59
CED CLA TA . 11.37 26.72 -49.56
C1 CLA TA . 15.22 28.07 -48.40
MG CLA UA . 13.76 5.16 -52.16
CHA CLA UA . 12.39 5.28 -55.34
CHB CLA UA . 16.29 7.20 -53.18
CHC CLA UA . 14.90 5.28 -48.93
CHD CLA UA . 11.20 2.93 -51.19
NA CLA UA . 14.24 6.05 -53.98
C1A CLA UA . 13.53 6.01 -55.17
C2A CLA UA . 14.23 6.81 -56.25
C3A CLA UA . 15.61 7.05 -55.63
C4A CLA UA . 15.37 6.79 -54.14
CMA CLA UA . 16.51 5.97 -56.15
CAA CLA UA . 13.53 8.13 -56.49
CBA CLA UA . 14.45 9.17 -57.06
CGA CLA UA . 13.90 9.68 -58.37
O1A CLA UA . 12.77 10.07 -58.62
O2A CLA UA . 14.82 9.65 -59.37
NB CLA UA . 15.30 6.08 -51.23
C1B CLA UA . 16.17 6.94 -51.81
C2B CLA UA . 17.06 7.54 -50.77
C3B CLA UA . 16.67 7.00 -49.56
C4B CLA UA . 15.56 6.04 -49.84
CMB CLA UA . 18.12 8.50 -51.07
CAB CLA UA . 17.22 7.22 -48.26
CBB CLA UA . 16.53 7.53 -47.15
NC CLA UA . 13.17 4.23 -50.38
C1C CLA UA . 13.79 4.42 -49.18
C2C CLA UA . 13.12 3.62 -48.15
C3C CLA UA . 12.06 2.97 -48.79
C4C CLA UA . 12.10 3.35 -50.19
CMC CLA UA . 13.50 3.58 -46.75
CAC CLA UA . 11.09 2.05 -48.18
CBC CLA UA . 9.81 2.77 -47.78
ND CLA UA . 12.20 4.21 -53.03
C1D CLA UA . 11.22 3.32 -52.51
C2D CLA UA . 10.28 2.97 -53.60
C3D CLA UA . 10.66 3.70 -54.70
C4D CLA UA . 11.87 4.46 -54.29
CMD CLA UA . 9.16 2.05 -53.46
CAD CLA UA . 10.42 4.02 -56.10
OBD CLA UA . 9.55 3.60 -56.86
CBD CLA UA . 11.51 5.05 -56.54
CGD CLA UA . 12.34 4.52 -57.69
O1D CLA UA . 12.57 3.34 -57.96
O2D CLA UA . 12.91 5.48 -58.49
CED CLA UA . 12.07 6.33 -59.25
C1 CLA UA . 14.49 10.40 -60.57
MG CLA VA . 14.89 0.31 -63.97
CHA CLA VA . 11.56 -0.49 -64.45
CHB CLA VA . 15.72 -1.50 -66.73
CHC CLA VA . 18.16 1.32 -63.61
CHD CLA VA . 14.00 2.15 -61.08
NA CLA VA . 13.79 -0.82 -65.35
C1A CLA VA . 12.40 -1.01 -65.39
C2A CLA VA . 12.02 -1.89 -66.59
C3A CLA VA . 13.39 -2.41 -67.08
C4A CLA VA . 14.38 -1.50 -66.37
CMA CLA VA . 13.60 -3.85 -66.73
CAA CLA VA . 11.48 -1.11 -67.77
CBA CLA VA . 10.11 -0.50 -67.63
CGA CLA VA . 10.24 0.99 -67.66
O1A CLA VA . 9.45 1.84 -67.22
O2A CLA VA . 11.40 1.42 -68.24
NB CLA VA . 16.62 -0.04 -64.97
C1B CLA VA . 16.74 -0.76 -66.11
C2B CLA VA . 18.15 -0.72 -66.60
C3B CLA VA . 18.85 0.08 -65.72
C4B CLA VA . 17.88 0.52 -64.67
CMB CLA VA . 18.58 -1.43 -67.80
CAB CLA VA . 20.23 0.49 -65.69
CBB CLA VA . 21.26 -0.19 -66.17
NC CLA VA . 15.90 1.49 -62.58
C1C CLA VA . 17.24 1.77 -62.62
C2C CLA VA . 17.59 2.64 -61.51
C3C CLA VA . 16.43 2.88 -60.78
C4C CLA VA . 15.36 2.15 -61.47
CMC CLA VA . 18.94 3.14 -61.23
CAC CLA VA . 16.28 3.71 -59.58
CBC CLA VA . 16.01 5.16 -59.92
ND CLA VA . 13.22 0.74 -62.94
C1D CLA VA . 12.99 1.49 -61.76
C2D CLA VA . 11.54 1.44 -61.42
C3D CLA VA . 10.96 0.69 -62.43
C4D CLA VA . 12.04 0.28 -63.34
CMD CLA VA . 10.93 2.08 -60.27
CAD CLA VA . 9.72 0.15 -62.92
OBD CLA VA . 8.58 0.24 -62.47
CBD CLA VA . 10.07 -0.63 -64.23
CGD CLA VA . 9.66 -2.07 -64.13
O1D CLA VA . 10.40 -3.06 -63.98
O2D CLA VA . 8.32 -2.28 -64.20
CED CLA VA . 7.76 -3.30 -63.37
C1 CLA VA . 12.15 2.43 -67.53
MG CLA WA . 26.55 -0.29 -66.98
CHA CLA WA . 26.19 -3.24 -68.77
CHB CLA WA . 23.74 0.96 -68.45
CHC CLA WA . 27.10 2.70 -65.38
CHD CLA WA . 29.46 -1.62 -65.46
NA CLA WA . 25.18 -1.06 -68.35
C1A CLA WA . 25.21 -2.30 -69.00
C2A CLA WA . 24.00 -2.45 -69.92
C3A CLA WA . 23.17 -1.16 -69.68
C4A CLA WA . 24.08 -0.34 -68.76
CMA CLA WA . 22.84 -0.45 -70.96
CAA CLA WA . 23.19 -3.70 -69.61
CBA CLA WA . 23.12 -4.57 -70.83
CGA CLA WA . 23.59 -5.96 -70.55
O1A CLA WA . 24.11 -6.78 -71.32
O2A CLA WA . 23.40 -6.34 -69.24
NB CLA WA . 25.60 1.49 -66.93
C1B CLA WA . 24.48 1.82 -67.61
C2B CLA WA . 24.11 3.23 -67.33
C3B CLA WA . 25.05 3.73 -66.47
C4B CLA WA . 26.01 2.63 -66.19
CMB CLA WA . 22.93 3.87 -67.92
CAB CLA WA . 25.19 5.03 -65.88
CBB CLA WA . 25.20 6.18 -66.56
NC CLA WA . 28.00 0.39 -65.63
C1C CLA WA . 28.03 1.65 -65.10
C2C CLA WA . 29.18 1.79 -64.22
C3C CLA WA . 29.85 0.56 -64.24
C4C CLA WA . 29.10 -0.31 -65.13
CMC CLA WA . 29.54 3.01 -63.50
CAC CLA WA . 31.08 0.22 -63.52
CBC CLA WA . 32.30 0.74 -64.26
ND CLA WA . 27.56 -2.04 -66.96
C1D CLA WA . 28.77 -2.45 -66.33
C2D CLA WA . 29.11 -3.82 -66.75
C3D CLA WA . 28.16 -4.16 -67.70
C4D CLA WA . 27.23 -3.02 -67.81
CMD CLA WA . 30.24 -4.60 -66.26
CAD CLA WA . 27.68 -5.20 -68.60
OBD CLA WA . 28.09 -6.34 -68.77
CBD CLA WA . 26.47 -4.60 -69.37
CGD CLA WA . 26.74 -4.49 -70.84
O1D CLA WA . 26.42 -3.56 -71.60
O2D CLA WA . 27.41 -5.55 -71.38
CED CLA WA . 27.30 -5.76 -72.78
C1 CLA WA . 23.02 -7.72 -69.04
MG CLA XA . 26.43 9.42 -47.36
CHA CLA XA . 28.03 12.47 -46.86
CHB CLA XA . 29.33 8.11 -48.57
CHC CLA XA . 24.94 6.34 -47.41
CHD CLA XA . 23.46 10.82 -46.03
NA CLA XA . 28.33 10.20 -47.71
C1A CLA XA . 28.81 11.49 -47.41
C2A CLA XA . 30.27 11.62 -47.83
C3A CLA XA . 30.54 10.33 -48.64
C4A CLA XA . 29.33 9.46 -48.29
CMA CLA XA . 30.65 10.60 -50.12
CAA CLA XA . 31.14 11.70 -46.58
CBA CLA XA . 31.00 10.50 -45.66
CGA CLA XA . 29.98 10.73 -44.58
O1A CLA XA . 30.04 11.48 -43.61
O2A CLA XA . 28.84 10.00 -44.76
NB CLA XA . 26.99 7.59 -47.98
C1B CLA XA . 28.27 7.24 -48.27
C2B CLA XA . 28.43 5.76 -48.23
C3B CLA XA . 27.19 5.24 -47.90
C4B CLA XA . 26.27 6.40 -47.74
CMB CLA XA . 29.70 5.10 -48.49
CAB CLA XA . 26.79 3.87 -47.69
CBB CLA XA . 27.17 2.82 -48.43
NC CLA XA . 24.51 8.74 -46.93
C1C CLA XA . 24.10 7.45 -47.08
C2C CLA XA . 22.69 7.31 -46.70
C3C CLA XA . 22.29 8.57 -46.24
C4C CLA XA . 23.43 9.46 -46.39
CMC CLA XA . 21.93 6.07 -46.76
CAC CLA XA . 20.95 8.94 -45.75
CBC CLA XA . 19.92 9.02 -46.84
ND CLA XA . 25.79 11.23 -46.70
C1D CLA XA . 24.55 11.65 -46.15
C2D CLA XA . 24.67 13.07 -45.75
C3D CLA XA . 25.98 13.43 -45.99
C4D CLA XA . 26.65 12.23 -46.56
CMD CLA XA . 23.58 13.87 -45.19
CAD CLA XA . 26.96 14.50 -45.94
OBD CLA XA . 26.82 15.67 -45.61
CBD CLA XA . 28.32 13.89 -46.41
CGD CLA XA . 28.97 14.81 -47.42
O1D CLA XA . 29.21 16.01 -47.27
O2D CLA XA . 29.32 14.25 -48.61
CED CLA XA . 30.56 14.72 -49.18
C1 CLA XA . 28.11 9.60 -43.58
C2 CLA XA . 26.89 8.89 -44.03
C3 CLA XA . 26.15 8.10 -43.23
C4 CLA XA . 26.50 7.85 -41.81
C5 CLA XA . 24.93 7.42 -43.74
C6 CLA XA . 24.83 5.97 -43.29
C7 CLA XA . 23.37 5.57 -43.14
C8 CLA XA . 23.18 4.06 -43.14
C9 CLA XA . 21.75 3.72 -42.75
C10 CLA XA . 24.16 3.38 -42.20
MG CLA YA . 39.28 4.22 -63.11
CHA CLA YA . 42.59 5.17 -62.70
CHB CLA YA . 39.75 1.65 -60.92
CHC CLA YA . 35.96 3.42 -63.43
CHD CLA YA . 38.82 6.95 -65.32
NA CLA YA . 40.93 3.53 -62.02
C1A CLA YA . 42.22 4.07 -61.97
C2A CLA YA . 43.11 3.25 -61.04
C3A CLA YA . 42.21 2.08 -60.60
C4A CLA YA . 40.85 2.42 -61.21
CMA CLA YA . 42.73 0.74 -61.09
CAA CLA YA . 43.53 4.07 -59.83
CBA CLA YA . 44.15 3.22 -58.75
NB CLA YA . 38.09 2.78 -62.36
C1B CLA YA . 38.45 1.86 -61.43
C2B CLA YA . 37.26 1.09 -61.00
C3B CLA YA . 36.18 1.58 -61.70
C4B CLA YA . 36.70 2.67 -62.58
CMB CLA YA . 37.33 0.02 -59.99
CAB CLA YA . 34.78 1.21 -61.68
CBB CLA YA . 34.32 -0.02 -61.56
NC CLA YA . 37.69 5.03 -64.21
C1C CLA YA . 36.42 4.53 -64.20
C2C CLA YA . 35.57 5.32 -65.07
C3C CLA YA . 36.36 6.34 -65.60
C4C CLA YA . 37.71 6.15 -65.04
CMC CLA YA . 34.14 5.05 -65.29
CAC CLA YA . 35.96 7.42 -66.52
CBC CLA YA . 35.61 6.93 -67.91
ND CLA YA . 40.39 5.73 -63.88
C1D CLA YA . 40.09 6.77 -64.80
C2D CLA YA . 41.30 7.58 -65.02
C3D CLA YA . 42.30 7.00 -64.25
C4D CLA YA . 41.68 5.86 -63.55
CMD CLA YA . 41.38 8.75 -65.90
CAD CLA YA . 43.69 7.06 -63.83
OBD CLA YA . 44.57 7.84 -64.16
CBD CLA YA . 43.92 5.89 -62.82
CGD CLA YA . 44.99 4.94 -63.28
O1D CLA YA . 45.72 4.23 -62.57
O2D CLA YA . 45.16 4.91 -64.63
CED CLA YA . 44.45 3.90 -65.35
MG CLA ZA . 18.22 12.04 -38.95
CHA CLA ZA . 21.06 13.94 -39.53
CHB CLA ZA . 16.97 14.53 -36.98
CHC CLA ZA . 15.32 10.24 -38.64
CHD CLA ZA . 19.57 9.52 -41.04
NA CLA ZA . 18.94 13.89 -38.33
C1A CLA ZA . 20.13 14.52 -38.71
C2A CLA ZA . 20.27 15.89 -38.05
C3A CLA ZA . 19.05 15.95 -37.08
C4A CLA ZA . 18.24 14.72 -37.49
CMA CLA ZA . 19.48 15.88 -35.64
CAA CLA ZA . 20.16 16.93 -39.14
CBA CLA ZA . 20.09 18.36 -38.65
CGA CLA ZA . 19.47 19.19 -39.73
O1A CLA ZA . 19.74 19.22 -40.93
O2A CLA ZA . 18.45 19.98 -39.28
NB CLA ZA . 16.48 12.32 -37.99
C1B CLA ZA . 16.15 13.42 -37.26
C2B CLA ZA . 14.74 13.28 -36.76
C3B CLA ZA . 14.27 12.08 -37.22
C4B CLA ZA . 15.37 11.44 -38.02
CMB CLA ZA . 14.09 14.30 -35.93
CAB CLA ZA . 12.98 11.46 -37.02
CBB CLA ZA . 12.78 10.27 -36.46
NC CLA ZA . 17.59 10.18 -39.66
C1C CLA ZA . 16.36 9.63 -39.41
C2C CLA ZA . 16.25 8.34 -40.08
C3C CLA ZA . 17.45 8.14 -40.77
C4C CLA ZA . 18.28 9.31 -40.51
CMC CLA ZA . 15.09 7.46 -40.02
CAC CLA ZA . 17.81 6.98 -41.61
CBC CLA ZA . 18.69 6.00 -40.87
ND CLA ZA . 19.94 11.69 -39.97
C1D CLA ZA . 20.36 10.63 -40.81
C2D CLA ZA . 21.70 10.92 -41.34
C3D CLA ZA . 22.02 12.18 -40.89
C4D CLA ZA . 20.88 12.62 -40.06
CMD CLA ZA . 22.47 10.03 -42.21
CAD CLA ZA . 23.02 13.24 -40.84
OBD CLA ZA . 24.15 13.26 -41.32
CBD CLA ZA . 22.40 14.43 -40.05
CGD CLA ZA . 23.27 14.91 -38.93
O1D CLA ZA . 23.77 16.02 -38.78
O2D CLA ZA . 23.49 13.96 -37.98
CED CLA ZA . 24.82 13.85 -37.48
C1 CLA ZA . 17.41 20.30 -40.24
C2 CLA ZA . 16.13 20.24 -39.51
C3 CLA ZA . 15.48 19.08 -39.27
C4 CLA ZA . 14.20 19.04 -38.53
C5 CLA ZA . 16.01 17.78 -39.73
C6 CLA ZA . 14.95 17.01 -40.48
C7 CLA ZA . 15.24 15.53 -40.49
C8 CLA ZA . 16.46 15.21 -41.35
C9 CLA ZA . 16.31 15.82 -42.73
C10 CLA ZA . 16.66 13.70 -41.42
C11 CLA ZA . 16.88 13.19 -42.82
C12 CLA ZA . 15.77 12.27 -43.28
C13 CLA ZA . 16.28 10.88 -43.59
C14 CLA ZA . 17.71 10.90 -44.07
C15 CLA ZA . 15.39 10.19 -44.63
C16 CLA ZA . 14.05 9.84 -44.06
C17 CLA ZA . 13.34 8.79 -44.91
C1 XAT AB . 51.97 -8.24 -52.50
C2 XAT AB . 52.97 -7.70 -53.50
C3 XAT AB . 54.37 -8.08 -53.08
C4 XAT AB . 54.49 -9.56 -53.39
C5 XAT AB . 53.45 -10.42 -52.64
C6 XAT AB . 52.19 -9.72 -52.12
C7 XAT AB . 50.97 -10.63 -52.18
C8 XAT AB . 50.47 -11.09 -51.05
C9 XAT AB . 49.29 -11.98 -51.03
C10 XAT AB . 49.14 -12.83 -50.01
C11 XAT AB . 48.01 -13.75 -49.92
C12 XAT AB . 48.05 -14.67 -48.97
C13 XAT AB . 46.95 -15.63 -48.78
C14 XAT AB . 46.96 -16.42 -47.69
C15 XAT AB . 45.90 -17.39 -47.43
C16 XAT AB . 50.57 -8.07 -53.08
C17 XAT AB . 52.02 -7.41 -51.22
C18 XAT AB . 53.18 -11.87 -53.08
C19 XAT AB . 48.28 -11.93 -52.15
C20 XAT AB . 45.85 -15.74 -49.80
O3 XAT AB . 55.33 -7.35 -53.83
O4 XAT AB . 53.28 -10.10 -51.26
C21 XAT AB . 37.94 -24.77 -40.71
C22 XAT AB . 37.10 -25.92 -40.19
C23 XAT AB . 37.04 -27.02 -41.22
C24 XAT AB . 38.40 -27.67 -41.18
C25 XAT AB . 39.49 -26.69 -41.62
C26 XAT AB . 39.21 -25.19 -41.47
C27 XAT AB . 40.46 -24.37 -41.23
C28 XAT AB . 40.83 -23.55 -42.20
C29 XAT AB . 42.01 -22.68 -42.14
C30 XAT AB . 42.27 -21.91 -43.21
C31 XAT AB . 43.40 -21.00 -43.29
C32 XAT AB . 43.58 -20.40 -44.46
C33 XAT AB . 44.68 -19.44 -44.70
C34 XAT AB . 44.80 -18.91 -45.92
C35 XAT AB . 45.85 -17.94 -46.22
C36 XAT AB . 38.35 -23.89 -39.54
C37 XAT AB . 37.09 -23.92 -41.65
C38 XAT AB . 40.99 -26.99 -41.43
C39 XAT AB . 42.88 -22.65 -40.93
C40 XAT AB . 45.62 -19.06 -43.60
O23 XAT AB . 36.03 -27.98 -40.85
O24 XAT AB . 39.12 -25.88 -42.74
C1 XAT BB . 49.98 -20.56 -36.67
C2 XAT BB . 51.19 -19.67 -36.51
C3 XAT BB . 50.82 -18.27 -36.96
C4 XAT BB . 49.98 -17.69 -35.85
C5 XAT BB . 48.72 -18.53 -35.57
C6 XAT BB . 48.69 -19.99 -36.05
C7 XAT BB . 47.88 -20.85 -35.09
C8 XAT BB . 46.96 -21.69 -35.56
C9 XAT BB . 46.14 -22.52 -34.67
C10 XAT BB . 46.42 -23.81 -34.43
C11 XAT BB . 45.52 -24.56 -33.55
C12 XAT BB . 45.91 -25.64 -32.87
C13 XAT BB . 44.95 -26.35 -32.01
C14 XAT BB . 45.37 -27.21 -31.07
C15 XAT BB . 44.42 -27.92 -30.23
C16 XAT BB . 50.29 -21.93 -36.09
C17 XAT BB . 49.73 -20.78 -38.17
C18 XAT BB . 47.93 -18.36 -34.26
C19 XAT BB . 44.93 -21.90 -34.05
C20 XAT BB . 43.48 -26.13 -32.21
O3 XAT BB . 52.00 -17.48 -37.13
O4 XAT BB . 47.99 -18.93 -36.72
C21 XAT BB . 40.71 -36.56 -21.13
C22 XAT BB . 39.97 -37.79 -20.64
C23 XAT BB . 38.58 -37.84 -21.26
C24 XAT BB . 38.82 -38.25 -22.69
C25 XAT BB . 39.63 -37.19 -23.46
C26 XAT BB . 40.52 -36.26 -22.63
C27 XAT BB . 41.76 -35.79 -23.39
C28 XAT BB . 41.78 -34.51 -23.76
C29 XAT BB . 42.90 -33.91 -24.49
C30 XAT BB . 42.67 -32.77 -25.17
C31 XAT BB . 43.72 -32.10 -25.93
C32 XAT BB . 43.34 -31.15 -26.78
C33 XAT BB . 44.34 -30.42 -27.60
C34 XAT BB . 43.91 -29.53 -28.51
C35 XAT BB . 44.85 -28.81 -29.33
C36 XAT BB . 42.19 -36.74 -20.85
C37 XAT BB . 40.22 -35.36 -20.33
C38 XAT BB . 40.24 -37.46 -24.83
C39 XAT BB . 44.25 -34.56 -24.48
C40 XAT BB . 45.80 -30.69 -27.42
O23 XAT BB . 37.78 -38.82 -20.60
O24 XAT BB . 39.25 -35.84 -23.16
C1 XAT CB . 43.88 -33.26 -50.30
C2 XAT CB . 42.66 -33.54 -51.16
C3 XAT CB . 41.97 -34.81 -50.71
C4 XAT CB . 41.31 -34.46 -49.40
C5 XAT CB . 42.37 -34.17 -48.33
C6 XAT CB . 43.74 -33.64 -48.81
C7 XAT CB . 44.42 -32.72 -47.81
C8 XAT CB . 45.45 -33.25 -47.15
C9 XAT CB . 46.24 -32.52 -46.17
C10 XAT CB . 47.00 -33.25 -45.33
C11 XAT CB . 47.86 -32.65 -44.31
C12 XAT CB . 48.29 -33.45 -43.34
C13 XAT CB . 49.17 -32.95 -42.28
C14 XAT CB . 49.50 -33.76 -41.25
C15 XAT CB . 50.42 -33.29 -40.22
C16 XAT CB . 44.21 -31.78 -50.39
C17 XAT CB . 45.08 -34.02 -50.87
C18 XAT CB . 42.00 -33.57 -46.97
C19 XAT CB . 46.22 -31.02 -46.10
C20 XAT CB . 49.74 -31.55 -42.35
O3 XAT CB . 40.99 -35.20 -51.67
O4 XAT CB . 43.53 -35.00 -48.39
C21 XAT CB . 59.52 -30.96 -32.35
C22 XAT CB . 60.37 -30.15 -31.40
C23 XAT CB . 59.68 -28.83 -31.09
C24 XAT CB . 58.54 -29.20 -30.16
C25 XAT CB . 57.50 -30.05 -30.89
C26 XAT CB . 58.00 -30.90 -32.08
C27 XAT CB . 57.22 -32.18 -32.25
C28 XAT CB . 56.44 -32.21 -33.32
C29 XAT CB . 55.58 -33.33 -33.73
C30 XAT CB . 54.69 -33.04 -34.69
C31 XAT CB . 53.72 -33.96 -35.27
C32 XAT CB . 53.08 -33.43 -36.31
C33 XAT CB . 52.08 -34.13 -37.13
C34 XAT CB . 51.61 -33.46 -38.20
C35 XAT CB . 50.66 -34.01 -39.13
C36 XAT CB . 59.97 -32.41 -32.30
C37 XAT CB . 59.75 -30.46 -33.77
C38 XAT CB . 56.35 -30.72 -30.15
C39 XAT CB . 55.68 -34.70 -33.11
C40 XAT CB . 51.62 -35.52 -36.80
O23 XAT CB . 60.58 -27.95 -30.43
O24 XAT CB . 57.28 -29.66 -32.25
C8 A1L1F DB . 21.10 -14.85 -40.09
C5 A1L1F DB . 20.31 -15.91 -37.11
C4 A1L1F DB . 22.16 -15.68 -40.80
C6 A1L1F DB . 20.59 -16.63 -38.42
C10 A1L1F DB . 22.76 -18.08 -40.59
C11 A1L1F DB . 22.78 -16.72 -39.91
C2 A1L1F DB . 23.36 -17.38 -36.50
C3 A1L1F DB . 20.04 -15.80 -39.57
C1 A1L1F DB . 22.08 -16.81 -38.57
C12 A1L1F DB . 19.94 -18.00 -38.41
C14 A1L1F DB . 41.50 -17.37 -35.00
C17 A1L1F DB . 43.55 -16.07 -33.47
C18 A1L1F DB . 42.76 -18.38 -37.38
C19 A1L1F DB . 41.64 -16.25 -37.97
C20 A1L1F DB . 43.48 -15.61 -34.92
C21 A1L1F DB . 44.81 -15.42 -35.65
C22 A1L1F DB . 44.52 -15.06 -37.09
C23 A1L1F DB . 44.09 -16.34 -37.77
C24 A1L1F DB . 42.79 -16.87 -37.20
C25 A1L1F DB . 42.57 -16.57 -35.70
C26 A1L1F DB . 39.67 -18.93 -33.34
C27 A1L1F DB . 34.69 -19.53 -32.57
C28 A1L1F DB . 29.43 -15.85 -35.11
C29 A1L1F DB . 40.46 -16.74 -34.47
C30 A1L1F DB . 39.41 -17.52 -33.81
C31 A1L1F DB . 38.21 -16.96 -33.63
C32 A1L1F DB . 37.12 -17.69 -33.01
C33 A1L1F DB . 35.99 -17.60 -33.70
C34 A1L1F DB . 34.72 -18.24 -33.33
C35 A1L1F DB . 33.60 -17.63 -33.73
C36 A1L1F DB . 32.28 -18.18 -33.48
C37 A1L1F DB . 31.28 -17.48 -33.98
C38 A1L1F DB . 29.89 -17.90 -33.86
C39 A1L1F DB . 28.99 -17.10 -34.43
C40 A1L1F DB . 27.56 -17.43 -34.42
C41 A1L1F DB . 27.02 -17.60 -35.63
C42 A1L1F DB . 25.62 -17.93 -35.82
C43 A1L1F DB . 25.25 -15.64 -36.65
C44 A1L1F DB . 24.77 -17.01 -36.31
C45 A1L1F DB . 39.74 -19.16 -30.89
C47 A1L1F DB . 40.47 -18.99 -29.57
C48 A1L1F DB . 39.56 -19.44 -28.43
C49 A1L1F DB . 39.94 -20.83 -27.92
C50 A1L1F DB . 38.70 -21.56 -27.42
C51 A1L1F DB . 39.05 -22.66 -26.44
C52 A1L1F DB . 37.80 -23.43 -26.04
C53 A1L1F DB . 38.14 -24.54 -25.08
C54 A1L1F DB . 21.25 -12.88 -41.48
C56 A1L1F DB . 22.05 -12.04 -40.53
C57 A1L1F DB . 22.74 -17.09 -37.54
O13 A1L1F DB . 40.41 -18.88 -32.13
O15 A1L1F DB . 42.27 -15.18 -35.54
O16 A1L1F DB . 45.70 -14.56 -37.70
O46 A1L1F DB . 38.59 -19.54 -30.91
O55 A1L1F DB . 21.24 -12.65 -42.67
O7 A1L1F DB . 20.44 -13.98 -41.00
O9 A1L1F DB . 24.15 -16.36 -39.69
MG CLA EB . 48.30 -46.09 -22.62
CHA CLA EB . 47.86 -46.21 -26.07
CHB CLA EB . 49.28 -49.35 -22.65
CHC CLA EB . 48.75 -45.92 -19.22
CHD CLA EB . 47.25 -42.71 -22.64
NA CLA EB . 48.53 -47.52 -24.13
C1A CLA EB . 48.30 -47.37 -25.51
C2A CLA EB . 48.61 -48.67 -26.25
C3A CLA EB . 49.02 -49.66 -25.14
C4A CLA EB . 48.96 -48.80 -23.87
CMA CLA EB . 48.11 -50.86 -25.07
CAA CLA EB . 49.79 -48.47 -27.20
CBA CLA EB . 50.97 -47.87 -26.46
CGA CLA EB . 52.19 -47.86 -27.32
NB CLA EB . 48.91 -47.38 -21.21
C1B CLA EB . 49.25 -48.68 -21.42
C2B CLA EB . 49.60 -49.33 -20.11
C3B CLA EB . 49.45 -48.36 -19.14
C4B CLA EB . 49.01 -47.12 -19.83
CMB CLA EB . 50.02 -50.73 -20.03
CAB CLA EB . 49.65 -48.40 -17.70
CBB CLA EB . 50.19 -49.38 -16.99
NC CLA EB . 48.05 -44.59 -21.20
C1C CLA EB . 48.30 -44.73 -19.86
C2C CLA EB . 48.04 -43.48 -19.16
C3C CLA EB . 47.60 -42.57 -20.12
C4C CLA EB . 47.62 -43.28 -21.41
CMC CLA EB . 48.21 -43.28 -17.72
CAC CLA EB . 47.23 -41.16 -19.91
CBC CLA EB . 45.76 -40.98 -19.63
ND CLA EB . 47.69 -44.73 -23.97
C1D CLA EB . 47.27 -43.38 -23.85
C2D CLA EB . 46.89 -42.86 -25.19
C3D CLA EB . 47.10 -43.90 -26.08
C4D CLA EB . 47.59 -45.04 -25.27
CMD CLA EB . 46.41 -41.51 -25.46
CAD CLA EB . 47.04 -44.34 -27.46
OBD CLA EB . 46.69 -43.71 -28.45
CBD CLA EB . 47.51 -45.83 -27.49
CGD CLA EB . 46.43 -46.72 -28.04
O1D CLA EB . 45.29 -46.90 -27.59
O2D CLA EB . 46.79 -47.39 -29.17
CED CLA EB . 46.03 -48.56 -29.52
MG CLA FB . 52.62 -45.55 -34.25
CHA CLA FB . 50.62 -45.42 -37.07
CHB CLA FB . 52.98 -48.91 -34.66
CHC CLA FB . 54.65 -45.59 -31.48
CHD CLA FB . 52.21 -42.04 -33.87
NA CLA FB . 51.90 -46.92 -35.65
C1A CLA FB . 51.08 -46.68 -36.77
C2A CLA FB . 50.80 -47.96 -37.53
C3A CLA FB . 51.50 -49.05 -36.70
C4A CLA FB . 52.19 -48.25 -35.58
CMA CLA FB . 50.52 -50.06 -36.15
CAA CLA FB . 51.39 -47.90 -38.93
CBA CLA FB . 52.89 -47.68 -38.88
CGA CLA FB . 53.39 -47.15 -40.19
O1A CLA FB . 52.89 -47.28 -41.31
O2A CLA FB . 54.55 -46.45 -40.07
NB CLA FB . 53.62 -46.97 -33.26
C1B CLA FB . 53.66 -48.29 -33.59
C2B CLA FB . 54.55 -49.02 -32.64
C3B CLA FB . 55.02 -48.09 -31.74
C4B CLA FB . 54.44 -46.78 -32.12
CMB CLA FB . 54.80 -50.46 -32.73
CAB CLA FB . 55.90 -48.25 -30.61
CBB CLA FB . 57.11 -48.83 -30.65
NC CLA FB . 53.28 -44.08 -32.92
C1C CLA FB . 54.11 -44.32 -31.85
C2C CLA FB . 54.38 -43.08 -31.13
C3C CLA FB . 53.70 -42.07 -31.81
C4C CLA FB . 53.02 -42.70 -32.93
CMC CLA FB . 55.22 -42.98 -29.94
CAC CLA FB . 53.67 -40.65 -31.46
CBC CLA FB . 54.86 -39.89 -31.98
ND CLA FB . 51.65 -44.04 -35.19
C1D CLA FB . 51.56 -42.64 -34.94
C2D CLA FB . 50.70 -42.02 -35.96
C3D CLA FB . 50.30 -43.03 -36.81
C4D CLA FB . 50.92 -44.27 -36.28
CMD CLA FB . 50.39 -40.59 -36.03
CAD CLA FB . 49.52 -43.40 -37.98
OBD CLA FB . 48.83 -42.69 -38.71
CBD CLA FB . 49.71 -44.93 -38.19
CGD CLA FB . 48.43 -45.70 -38.19
O1D CLA FB . 47.88 -46.25 -37.23
O2D CLA FB . 47.82 -45.77 -39.41
CED CLA FB . 47.26 -47.03 -39.79
C1 CLA FB . 54.94 -45.63 -41.20
MG CLA GB . 40.19 -37.54 -28.24
CHA CLA GB . 38.49 -40.56 -28.11
CHB CLA GB . 37.22 -35.90 -28.59
CHC CLA GB . 41.90 -34.56 -28.21
CHD CLA GB . 43.25 -39.30 -27.93
NA CLA GB . 38.19 -38.16 -28.34
C1A CLA GB . 37.69 -39.45 -28.25
C2A CLA GB . 36.17 -39.47 -28.38
C3A CLA GB . 35.82 -38.00 -28.69
C4A CLA GB . 37.16 -37.28 -28.52
CMA CLA GB . 35.30 -37.86 -30.09
CAA CLA GB . 35.52 -39.92 -27.08
CBA CLA GB . 36.07 -39.21 -25.87
CGA CLA GB . 35.26 -38.01 -25.54
O1A CLA GB . 34.04 -37.84 -25.66
O2A CLA GB . 36.01 -36.96 -25.07
NB CLA GB . 39.65 -35.60 -28.39
C1B CLA GB . 38.39 -35.13 -28.49
C2B CLA GB . 38.40 -33.64 -28.49
C3B CLA GB . 39.73 -33.25 -28.38
C4B CLA GB . 40.54 -34.50 -28.31
CMB CLA GB . 37.18 -32.84 -28.60
CAB CLA GB . 40.34 -31.95 -28.34
CBB CLA GB . 39.87 -30.82 -28.88
NC CLA GB . 42.21 -37.04 -28.12
C1C CLA GB . 42.68 -35.75 -28.14
C2C CLA GB . 44.14 -35.76 -28.03
C3C CLA GB . 44.53 -37.10 -27.94
C4C CLA GB . 43.30 -37.90 -27.99
CMC CLA GB . 44.99 -34.57 -28.04
CAC CLA GB . 45.90 -37.62 -27.82
CBC CLA GB . 46.26 -37.89 -26.38
ND CLA GB . 40.80 -39.45 -28.08
C1D CLA GB . 42.09 -40.05 -27.97
C2D CLA GB . 41.95 -41.51 -27.91
C3D CLA GB . 40.58 -41.77 -27.95
C4D CLA GB . 39.92 -40.45 -28.05
CMD CLA GB . 43.06 -42.45 -27.81
CAD CLA GB . 39.54 -42.78 -27.93
OBD CLA GB . 39.63 -44.00 -27.84
CBD CLA GB . 38.18 -42.03 -28.06
CGD CLA GB . 37.43 -42.43 -29.30
O1D CLA GB . 37.89 -42.63 -30.42
O2D CLA GB . 36.09 -42.55 -29.13
CED CLA GB . 35.26 -42.55 -30.30
C1 CLA GB . 35.62 -35.63 -25.44
C2 CLA GB . 36.77 -34.77 -25.11
C3 CLA GB . 36.64 -33.48 -24.76
C4 CLA GB . 35.32 -32.81 -24.69
C5 CLA GB . 37.82 -32.64 -24.43
C6 CLA GB . 37.73 -32.09 -23.02
C7 CLA GB . 38.96 -31.27 -22.66
C8 CLA GB . 39.75 -31.90 -21.53
C9 CLA GB . 39.30 -31.32 -20.21
C10 CLA GB . 41.24 -31.73 -21.75
C11 CLA GB . 41.94 -30.90 -20.69
C12 CLA GB . 43.37 -30.57 -21.07
C13 CLA GB . 44.26 -31.81 -21.05
C14 CLA GB . 44.12 -32.56 -19.75
C15 CLA GB . 45.71 -31.42 -21.28
C16 CLA GB . 45.89 -30.60 -22.53
C17 CLA GB . 47.12 -29.73 -22.48
C18 CLA GB . 48.33 -30.36 -23.20
C19 CLA GB . 49.13 -31.26 -22.27
C20 CLA GB . 47.90 -31.12 -24.43
MG CLA HB . 39.07 -26.08 -28.11
CHA CLA HB . 35.64 -26.49 -28.54
CHB CLA HB . 39.09 -28.64 -25.88
CHC CLA HB . 42.48 -25.73 -27.82
CHD CLA HB . 39.01 -23.45 -30.46
NA CLA HB . 37.59 -27.34 -27.34
C1A CLA HB . 36.22 -27.38 -27.66
C2A CLA HB . 35.50 -28.48 -26.88
C3A CLA HB . 36.62 -29.10 -26.01
C4A CLA HB . 37.87 -28.32 -26.43
CMA CLA HB . 36.36 -28.93 -24.55
CAA CLA HB . 34.94 -29.52 -27.83
CBA CLA HB . 34.02 -30.51 -27.12
CGA CLA HB . 32.60 -30.12 -27.32
O1A CLA HB . 32.16 -29.15 -27.95
O2A CLA HB . 31.69 -30.96 -26.72
NB CLA HB . 40.52 -27.07 -27.13
C1B CLA HB . 40.30 -28.00 -26.16
C2B CLA HB . 41.55 -28.23 -25.38
C3B CLA HB . 42.52 -27.41 -25.93
C4B CLA HB . 41.87 -26.66 -27.03
CMB CLA HB . 41.61 -29.17 -24.26
CAB CLA HB . 43.90 -27.20 -25.57
CBB CLA HB . 44.68 -28.02 -24.87
NC CLA HB . 40.48 -24.81 -28.98
C1C CLA HB . 41.82 -24.85 -28.73
C2C CLA HB . 42.51 -23.85 -29.54
C3C CLA HB . 41.54 -23.19 -30.28
C4C CLA HB . 40.26 -23.81 -29.93
CMC CLA HB . 43.96 -23.61 -29.52
CAC CLA HB . 41.74 -22.10 -31.25
CBC CLA HB . 41.63 -22.58 -32.68
ND CLA HB . 37.68 -25.06 -29.16
C1D CLA HB . 37.80 -24.02 -30.12
C2D CLA HB . 36.45 -23.70 -30.64
C3D CLA HB . 35.59 -24.60 -30.06
C4D CLA HB . 36.41 -25.46 -29.17
CMD CLA HB . 36.17 -22.62 -31.60
CAD CLA HB . 34.22 -25.04 -29.92
OBD CLA HB . 33.19 -24.54 -30.38
CBD CLA HB . 34.22 -26.32 -29.04
CGD CLA HB . 33.18 -26.23 -27.95
O1D CLA HB . 31.96 -26.31 -28.08
O2D CLA HB . 33.67 -26.02 -26.70
CED CLA HB . 32.73 -25.90 -25.64
C1 CLA HB . 32.01 -31.48 -25.41
C2 CLA HB . 31.11 -30.83 -24.43
C3 CLA HB . 31.54 -29.90 -23.58
C4 CLA HB . 32.94 -29.42 -23.57
C5 CLA HB . 30.64 -29.26 -22.58
C6 CLA HB . 30.83 -27.75 -22.49
C7 CLA HB . 30.85 -27.28 -21.05
C8 CLA HB . 30.91 -25.76 -20.98
C9 CLA HB . 32.15 -25.24 -21.70
C10 CLA HB . 30.91 -25.27 -19.53
MG CLA IB . 50.51 -19.51 -42.68
CHA CLA IB . 52.17 -16.51 -43.22
CHB CLA IB . 48.34 -17.91 -40.59
CHC CLA IB . 48.87 -22.49 -42.20
CHD CLA IB . 52.75 -21.11 -44.90
NA CLA IB . 50.32 -17.53 -42.02
C1A CLA IB . 51.11 -16.43 -42.36
C2A CLA IB . 50.61 -15.16 -41.66
C3A CLA IB . 49.44 -15.65 -40.80
C4A CLA IB . 49.34 -17.14 -41.14
CMA CLA IB . 49.68 -15.42 -39.32
CAA CLA IB . 50.11 -14.15 -42.68
CBA CLA IB . 49.04 -14.72 -43.57
CGA CLA IB . 49.62 -15.24 -44.86
O1A CLA IB . 50.32 -14.66 -45.68
O2A CLA IB . 49.30 -16.56 -45.09
NB CLA IB . 48.91 -20.09 -41.60
C1B CLA IB . 48.14 -19.29 -40.81
C2B CLA IB . 47.05 -20.09 -40.19
C3B CLA IB . 47.20 -21.38 -40.64
C4B CLA IB . 48.38 -21.40 -41.54
CMB CLA IB . 46.07 -19.50 -39.28
CAB CLA IB . 46.42 -22.56 -40.35
CBB CLA IB . 46.03 -22.96 -39.14
NC CLA IB . 50.78 -21.44 -43.41
C1C CLA IB . 49.98 -22.51 -43.08
C2C CLA IB . 50.46 -23.70 -43.77
C3C CLA IB . 51.55 -23.32 -44.54
C4C CLA IB . 51.75 -21.90 -44.31
CMC CLA IB . 49.86 -25.03 -43.65
CAC CLA IB . 52.36 -24.17 -45.42
CBC CLA IB . 51.98 -24.04 -46.88
ND CLA IB . 52.12 -19.01 -43.80
C1D CLA IB . 52.94 -19.76 -44.67
C2D CLA IB . 53.97 -18.86 -45.25
C3D CLA IB . 53.74 -17.61 -44.71
C4D CLA IB . 52.56 -17.76 -43.82
CMD CLA IB . 55.02 -19.28 -46.18
CAD CLA IB . 54.16 -16.23 -44.66
OBD CLA IB . 55.10 -15.67 -45.21
CBD CLA IB . 53.15 -15.48 -43.72
CGD CLA IB . 53.86 -14.81 -42.57
O1D CLA IB . 53.56 -13.74 -42.02
O2D CLA IB . 54.94 -15.50 -42.11
CED CLA IB . 55.19 -15.49 -40.70
C1 CLA IB . 50.02 -17.20 -46.17
C2 CLA IB . 49.49 -18.58 -46.29
C3 CLA IB . 50.04 -19.48 -47.13
C4 CLA IB . 51.20 -19.15 -47.98
C5 CLA IB . 49.50 -20.87 -47.25
C6 CLA IB . 48.16 -21.07 -46.56
C7 CLA IB . 47.69 -22.50 -46.76
C8 CLA IB . 46.29 -22.74 -46.22
C9 CLA IB . 46.33 -22.96 -44.72
C10 CLA IB . 45.64 -23.94 -46.91
C11 CLA IB . 44.24 -23.64 -47.36
C12 CLA IB . 44.19 -22.44 -48.31
MG CLA JB . 43.02 -11.59 -50.07
CHA CLA JB . 45.92 -9.96 -49.11
CHB CLA JB . 42.40 -9.12 -52.34
CHC CLA JB . 40.14 -13.23 -51.00
CHD CLA JB . 43.63 -14.06 -47.62
NA CLA JB . 44.03 -9.84 -50.63
C1A CLA JB . 45.24 -9.34 -50.11
C2A CLA JB . 45.62 -8.03 -50.80
C3A CLA JB . 44.46 -7.78 -51.79
C4A CLA JB . 43.57 -9.00 -51.60
CMA CLA JB . 43.73 -6.50 -51.47
CAA CLA JB . 46.94 -8.18 -51.55
CBA CLA JB . 47.19 -6.97 -52.44
CGA CLA JB . 47.37 -5.74 -51.62
O1A CLA JB . 46.94 -4.61 -51.81
O2A CLA JB . 48.11 -5.96 -50.48
NB CLA JB . 41.56 -11.24 -51.41
C1B CLA JB . 41.49 -10.18 -52.25
C2B CLA JB . 40.26 -10.28 -53.09
C3B CLA JB . 39.62 -11.43 -52.72
C4B CLA JB . 40.43 -12.06 -51.64
CMB CLA JB . 39.92 -9.27 -54.10
CAB CLA JB . 38.39 -12.01 -53.21
CBB CLA JB . 38.21 -12.49 -54.44
NC CLA JB . 42.09 -13.34 -49.44
C1C CLA JB . 40.92 -13.84 -49.97
C2C CLA JB . 40.55 -15.08 -49.30
C3C CLA JB . 41.53 -15.32 -48.33
C4C CLA JB . 42.49 -14.21 -48.42
CMC CLA JB . 39.38 -15.88 -49.62
CAC CLA JB . 41.60 -16.45 -47.40
CBC CLA JB . 42.21 -17.68 -48.05
ND CLA JB . 44.44 -12.01 -48.71
C1D CLA JB . 44.55 -13.04 -47.73
C2D CLA JB . 45.78 -12.81 -46.93
C3D CLA JB . 46.35 -11.65 -47.43
C4D CLA JB . 45.48 -11.19 -48.53
CMD CLA JB . 46.24 -13.65 -45.83
CAD CLA JB . 47.46 -10.72 -47.34
OBD CLA JB . 48.45 -10.75 -46.62
CBD CLA JB . 47.18 -9.57 -48.36
CGD CLA JB . 47.00 -8.25 -47.68
O1D CLA JB . 46.06 -7.46 -47.80
O2D CLA JB . 48.01 -7.91 -46.83
CED CLA JB . 48.21 -6.53 -46.54
C1 CLA JB . 48.80 -4.80 -49.94
MG CLA KB . 34.75 -22.27 -35.50
CHA CLA KB . 33.68 -25.12 -33.83
CHB CLA KB . 31.50 -21.41 -36.06
CHC CLA KB . 35.84 -19.32 -36.86
CHD CLA KB . 38.10 -23.28 -34.97
NA CLA KB . 32.91 -23.14 -35.03
C1A CLA KB . 32.68 -24.32 -34.31
C2A CLA KB . 31.19 -24.59 -34.17
C3A CLA KB . 30.56 -23.56 -35.12
C4A CLA KB . 31.71 -22.61 -35.42
CMA CLA KB . 30.09 -24.25 -36.37
CAA CLA KB . 30.75 -24.29 -32.74
CBA CLA KB . 31.30 -22.97 -32.24
CGA CLA KB . 30.71 -22.53 -30.93
O1A CLA KB . 30.52 -23.20 -29.91
O2A CLA KB . 30.35 -21.21 -30.94
NB CLA KB . 33.84 -20.68 -36.32
C1B CLA KB . 32.50 -20.48 -36.41
C2B CLA KB . 32.22 -19.12 -36.95
C3B CLA KB . 33.45 -18.52 -37.18
C4B CLA KB . 34.49 -19.51 -36.78
CMB CLA KB . 30.85 -18.64 -37.17
CAB CLA KB . 33.80 -17.22 -37.69
CBB CLA KB . 32.98 -16.19 -37.94
NC CLA KB . 36.63 -21.47 -35.87
C1C CLA KB . 36.85 -20.24 -36.44
C2C CLA KB . 38.28 -19.99 -36.53
C3C CLA KB . 38.92 -21.11 -36.01
C4C CLA KB . 37.87 -22.03 -35.60
CMC CLA KB . 38.88 -18.76 -37.07
CAC CLA KB . 40.37 -21.33 -35.89
CBC CLA KB . 40.94 -22.04 -37.09
ND CLA KB . 35.72 -23.83 -34.65
C1D CLA KB . 37.11 -24.13 -34.52
C2D CLA KB . 37.25 -25.43 -33.83
C3D CLA KB . 35.97 -25.83 -33.51
C4D CLA KB . 35.06 -24.81 -34.06
CMD CLA KB . 38.53 -26.07 -33.52
CAD CLA KB . 35.14 -26.87 -32.91
OBD CLA KB . 35.46 -27.90 -32.34
CBD CLA KB . 33.66 -26.44 -33.11
CGD CLA KB . 32.89 -27.45 -33.90
O1D CLA KB . 32.47 -27.34 -35.05
O2D CLA KB . 32.66 -28.63 -33.24
CED CLA KB . 31.89 -29.62 -33.92
C1 CLA KB . 31.06 -20.35 -30.01
C2 CLA KB . 30.37 -19.02 -30.05
C3 CLA KB . 31.05 -17.87 -30.13
C4 CLA KB . 30.36 -16.56 -30.17
C5 CLA KB . 32.53 -17.86 -30.20
C6 CLA KB . 33.18 -16.58 -29.70
C7 CLA KB . 34.56 -16.86 -29.14
C8 CLA KB . 35.52 -15.68 -29.21
C9 CLA KB . 35.13 -14.72 -30.32
C10 CLA KB . 36.94 -16.16 -29.41
C11 CLA KB . 37.89 -15.05 -29.82
MG CLA LB . 41.36 -35.23 -44.11
CHA CLA LB . 38.17 -36.06 -45.22
CHB CLA LB . 42.27 -38.51 -44.28
CHC CLA LB . 44.53 -34.34 -43.16
CHD CLA LB . 40.37 -31.83 -44.00
NA CLA LB . 40.36 -36.98 -44.66
C1A CLA LB . 39.04 -37.12 -45.11
C2A CLA LB . 38.72 -38.58 -45.42
C3A CLA LB . 39.99 -39.32 -44.99
C4A CLA LB . 40.96 -38.21 -44.63
CMA CLA LB . 39.72 -40.26 -43.83
CAA CLA LB . 38.50 -38.74 -46.92
CBA CLA LB . 39.52 -37.96 -47.75
CGA CLA LB . 40.78 -38.74 -47.94
O1A CLA LB . 40.91 -39.92 -48.31
O2A CLA LB . 41.92 -38.03 -47.65
NB CLA LB . 43.07 -36.23 -43.80
C1B CLA LB . 43.24 -37.58 -43.91
C2B CLA LB . 44.64 -37.94 -43.54
C3B CLA LB . 45.29 -36.76 -43.21
C4B CLA LB . 44.30 -35.66 -43.38
CMB CLA LB . 45.11 -39.33 -43.54
CAB CLA LB . 46.64 -36.54 -42.78
CBB CLA LB . 47.33 -37.29 -41.92
NC CLA LB . 42.27 -33.42 -43.64
C1C CLA LB . 43.58 -33.27 -43.27
C2C CLA LB . 43.89 -31.87 -43.03
C3C CLA LB . 42.71 -31.16 -43.29
C4C CLA LB . 41.70 -32.14 -43.67
CMC CLA LB . 45.17 -31.32 -42.61
CAC CLA LB . 42.52 -29.70 -43.20
CBC CLA LB . 42.65 -29.03 -44.54
ND CLA LB . 39.68 -34.15 -44.45
C1D CLA LB . 39.41 -32.76 -44.36
C2D CLA LB . 37.99 -32.51 -44.70
C3D CLA LB . 37.47 -33.75 -45.04
C4D CLA LB . 38.57 -34.72 -44.87
CMD CLA LB . 37.34 -31.20 -44.67
CAD CLA LB . 36.29 -34.49 -45.47
OBD CLA LB . 35.16 -34.08 -45.69
CBD CLA LB . 36.72 -35.98 -45.62
CGD CLA LB . 35.89 -36.89 -44.77
O1D CLA LB . 35.97 -37.05 -43.55
O2D CLA LB . 34.94 -37.59 -45.45
CED CLA LB . 34.40 -38.76 -44.83
C1 CLA LB . 43.17 -38.74 -47.73
C2 CLA LB . 44.25 -37.77 -47.42
C3 CLA LB . 45.55 -38.03 -47.56
C4 CLA LB . 46.04 -39.34 -48.05
C5 CLA LB . 46.59 -37.01 -47.22
C6 CLA LB . 47.66 -36.90 -48.28
C7 CLA LB . 48.62 -35.76 -47.97
MG CLA MB . 52.68 -38.34 -40.99
CHA CLA MB . 51.31 -41.31 -42.14
CHB CLA MB . 51.33 -36.69 -43.65
CHC CLA MB . 54.18 -35.44 -39.89
CHD CLA MB . 54.06 -40.08 -38.24
NA CLA MB . 51.48 -38.93 -42.60
C1A CLA MB . 51.01 -40.22 -42.91
C2A CLA MB . 50.17 -40.20 -44.18
C3A CLA MB . 50.16 -38.71 -44.60
C4A CLA MB . 51.05 -38.04 -43.56
CMA CLA MB . 50.71 -38.52 -45.99
CAA CLA MB . 48.74 -40.66 -43.91
CBA CLA MB . 47.96 -40.81 -45.20
CGA CLA MB . 48.54 -41.90 -46.04
O1A CLA MB . 49.34 -42.78 -45.70
O2A CLA MB . 48.08 -41.89 -47.32
NB CLA MB . 52.71 -36.43 -41.61
C1B CLA MB . 52.14 -35.96 -42.77
C2B CLA MB . 52.52 -34.54 -42.98
C3B CLA MB . 53.33 -34.18 -41.92
C4B CLA MB . 53.46 -35.37 -41.05
CMB CLA MB . 52.08 -33.76 -44.14
CAB CLA MB . 53.97 -32.91 -41.66
CBB CLA MB . 53.78 -32.16 -40.58
NC CLA MB . 53.88 -37.86 -39.34
C1C CLA MB . 54.38 -36.61 -39.09
C2C CLA MB . 55.18 -36.64 -37.86
C3C CLA MB . 55.13 -37.95 -37.40
C4C CLA MB . 54.31 -38.71 -38.33
CMC CLA MB . 55.89 -35.50 -37.30
CAC CLA MB . 55.79 -38.48 -36.18
CBC CLA MB . 57.21 -38.92 -36.44
ND CLA MB . 52.71 -40.23 -40.29
C1D CLA MB . 53.32 -40.81 -39.14
C2D CLA MB . 53.04 -42.26 -39.15
C3D CLA MB . 52.29 -42.52 -40.28
C4D CLA MB . 52.10 -41.21 -40.95
CMD CLA MB . 53.53 -43.20 -38.13
CAD CLA MB . 51.60 -43.51 -41.08
OBD CLA MB . 51.50 -44.73 -40.90
CBD CLA MB . 50.97 -42.78 -42.29
CGD CLA MB . 51.49 -43.29 -43.60
O1D CLA MB . 52.34 -42.77 -44.33
O2D CLA MB . 50.96 -44.49 -43.97
CED CLA MB . 51.56 -45.16 -45.10
C1 CLA MB . 49.06 -42.15 -48.35
MG CLA NB . 57.88 -29.56 -25.40
CHA CLA NB . 60.58 -27.62 -24.40
CHB CLA NB . 59.95 -31.43 -27.36
CHC CLA NB . 55.20 -31.57 -26.20
CHD CLA NB . 55.78 -27.61 -23.32
NA CLA NB . 59.93 -29.49 -25.83
C1A CLA NB . 60.89 -28.62 -25.29
C2A CLA NB . 62.27 -28.92 -25.87
C3A CLA NB . 62.01 -30.05 -26.89
C4A CLA NB . 60.53 -30.36 -26.69
CMA CLA NB . 62.32 -29.62 -28.30
CAA CLA NB . 63.22 -29.40 -24.79
NB CLA NB . 57.62 -31.19 -26.56
C1B CLA NB . 58.60 -31.82 -27.27
C2B CLA NB . 58.03 -33.01 -27.97
C3B CLA NB . 56.69 -33.05 -27.65
C4B CLA NB . 56.41 -31.89 -26.75
CMB CLA NB . 58.83 -33.89 -28.82
CAB CLA NB . 55.68 -33.99 -28.06
CBB CLA NB . 54.63 -33.68 -28.82
NC CLA NB . 55.85 -29.55 -24.89
C1C CLA NB . 54.94 -30.47 -25.34
C2C CLA NB . 53.63 -30.18 -24.76
C3C CLA NB . 53.78 -29.07 -23.93
C4C CLA NB . 55.19 -28.69 -24.02
CMC CLA NB . 52.42 -30.97 -25.04
CAC CLA NB . 52.75 -28.41 -23.13
CBC CLA NB . 51.74 -27.63 -23.95
ND CLA NB . 58.04 -27.93 -24.22
C1D CLA NB . 57.11 -27.25 -23.40
C2D CLA NB . 57.80 -26.15 -22.68
C3D CLA NB . 59.13 -26.24 -23.03
C4D CLA NB . 59.23 -27.38 -23.97
CMD CLA NB . 57.14 -25.20 -21.78
CAD CLA NB . 60.46 -25.68 -22.90
OBD CLA NB . 60.81 -24.67 -22.28
CBD CLA NB . 61.44 -26.59 -23.70
CGD CLA NB . 62.32 -25.82 -24.65
O1D CLA NB . 63.51 -26.03 -24.89
O2D CLA NB . 61.70 -24.80 -25.29
CED CLA NB . 62.28 -24.33 -26.50
C1A DGD OB . 48.99 -41.49 -29.86
C2A DGD OB . 48.35 -40.69 -28.77
C3A DGD OB . 49.41 -40.05 -27.87
C4A DGD OB . 49.93 -38.78 -28.50
O1A DGD OB . 48.83 -41.16 -31.02
C1B DGD OB . 50.98 -43.58 -25.78
C2B DGD OB . 51.63 -42.73 -24.72
C3B DGD OB . 50.98 -42.99 -23.36
C4B DGD OB . 51.57 -44.25 -22.74
C5B DGD OB . 51.92 -44.03 -21.27
C6B DGD OB . 52.31 -45.35 -20.63
O1B DGD OB . 50.74 -44.76 -25.59
O1G DGD OB . 49.79 -42.67 -29.58
C1G DGD OB . 51.18 -42.56 -29.31
C2G DGD OB . 51.49 -43.39 -28.09
O2G DGD OB . 50.62 -42.99 -27.04
C3G DGD OB . 51.25 -44.84 -28.43
O3G DGD OB . 51.36 -44.96 -29.84
C1D DGD OB . 50.42 -45.89 -30.35
C2D DGD OB . 49.87 -45.37 -31.67
O2D DGD OB . 49.23 -44.11 -31.45
C3D DGD OB . 48.87 -46.36 -32.20
O3D DGD OB . 48.36 -45.91 -33.46
C4D DGD OB . 49.59 -47.68 -32.38
O4D DGD OB . 50.67 -47.48 -33.28
C5D DGD OB . 50.14 -48.13 -31.04
O5D DGD OB . 51.03 -50.05 -29.89
C6D DGD OB . 50.85 -49.46 -31.18
O6D DGD OB . 51.05 -47.14 -30.57
C1E DGD OB . 51.87 -51.19 -29.93
C2E DGD OB . 51.04 -52.45 -29.71
O2E DGD OB . 50.09 -52.58 -30.78
C3E DGD OB . 50.31 -52.34 -28.38
O3E DGD OB . 49.66 -53.57 -28.11
C4E DGD OB . 51.29 -52.04 -27.25
O4E DGD OB . 52.07 -53.20 -26.98
C5E DGD OB . 52.22 -50.89 -27.62
O6E DGD OB . 52.84 -51.13 -28.89
C6E DGD OB . 53.29 -50.71 -26.55
O5E DGD OB . 54.26 -51.76 -26.64
C1 XAT PB . -54.23 33.44 49.21
C2 XAT PB . -54.88 32.12 49.59
C3 XAT PB . -53.87 31.13 50.12
C4 XAT PB . -53.42 31.70 51.44
C5 XAT PB . -52.57 32.94 51.19
C6 XAT PB . -52.94 33.80 49.97
C7 XAT PB . -52.67 35.28 50.18
C8 XAT PB . -51.78 35.80 49.34
C9 XAT PB . -51.32 37.20 49.32
C10 XAT PB . -50.51 37.53 48.31
C11 XAT PB . -49.91 38.83 48.06
C12 XAT PB . -49.18 38.91 46.95
C13 XAT PB . -48.48 40.12 46.50
C14 XAT PB . -47.81 40.07 45.35
C15 XAT PB . -47.08 41.24 44.85
C16 XAT PB . -55.26 34.56 49.40
C17 XAT PB . -53.90 33.40 47.72
C18 XAT PB . -52.04 33.80 52.35
C19 XAT PB . -51.74 38.20 50.37
C20 XAT PB . -48.52 41.37 47.32
O3 XAT PB . -54.46 29.84 50.30
O4 XAT PB . -51.81 32.92 49.99
C21 XAT PB . -39.40 48.20 36.82
C22 XAT PB . -37.97 48.70 36.59
C23 XAT PB . -37.66 49.74 37.64
C24 XAT PB . -37.41 48.98 38.92
C25 XAT PB . -38.60 48.10 39.34
C26 XAT PB . -39.66 47.77 38.27
C27 XAT PB . -40.27 46.39 38.48
C28 XAT PB . -41.52 46.31 38.92
C29 XAT PB . -42.19 45.02 39.14
C30 XAT PB . -43.03 44.91 40.17
C31 XAT PB . -43.72 43.65 40.47
C32 XAT PB . -44.42 43.60 41.60
C33 XAT PB . -45.15 42.38 42.00
C34 XAT PB . -45.78 42.37 43.18
C35 XAT PB . -46.50 41.20 43.66
C36 XAT PB . -39.66 47.03 35.89
C37 XAT PB . -40.35 49.32 36.46
C38 XAT PB . -38.42 46.95 40.34
C39 XAT PB . -41.93 43.86 38.23
C40 XAT PB . -45.18 41.18 41.10
O23 XAT PB . -36.49 50.47 37.27
O24 XAT PB . -39.87 48.75 39.31
C1 XAT QB . -17.34 30.53 64.29
C2 XAT QB . -16.15 31.32 64.81
C3 XAT QB . -16.59 32.40 65.77
C4 XAT QB . -17.05 31.66 67.02
C5 XAT QB . -18.31 30.84 66.73
C6 XAT QB . -18.50 30.34 65.28
C7 XAT QB . -19.21 29.01 65.20
C8 XAT QB . -20.46 29.04 64.74
C9 XAT QB . -21.30 27.84 64.57
C10 XAT QB . -22.58 28.01 64.22
C11 XAT QB . -23.47 26.89 63.99
C12 XAT QB . -24.61 27.17 63.37
C13 XAT QB . -25.62 26.16 63.02
C14 XAT QB . -26.60 26.53 62.19
C15 XAT QB . -27.63 25.63 61.72
C16 XAT QB . -16.85 29.17 63.84
C17 XAT QB . -17.89 31.23 63.05
C18 XAT QB . -18.89 29.86 67.74
C19 XAT QB . -20.73 26.46 64.77
C20 XAT QB . -25.52 24.76 63.55
O3 XAT QB . -15.50 33.27 66.08
O4 XAT QB . -19.23 31.46 65.81
C21 XAT QB . -35.37 20.57 52.87
C22 XAT QB . -36.60 20.01 52.16
C23 XAT QB . -37.62 19.57 53.17
C24 XAT QB . -38.20 20.84 53.75
C25 XAT QB . -37.14 21.66 54.51
C26 XAT QB . -35.68 21.45 54.10
C27 XAT QB . -34.83 22.70 54.25
C28 XAT QB . -33.98 22.70 55.27
C29 XAT QB . -33.06 23.81 55.59
C30 XAT QB . -32.52 23.84 56.80
C31 XAT QB . -31.58 24.86 57.24
C32 XAT QB . -31.04 24.68 58.44
C33 XAT QB . -30.04 25.60 59.01
C34 XAT QB . -29.36 25.20 60.09
C35 XAT QB . -28.33 26.05 60.67
C36 XAT QB . -34.59 21.40 51.87
C37 XAT QB . -34.49 19.41 53.32
C38 XAT QB . -37.42 23.09 54.97
C39 XAT QB . -32.74 24.86 54.56
C40 XAT QB . -29.77 26.93 58.37
O23 XAT QB . -38.64 18.81 52.52
O24 XAT QB . -36.24 20.87 55.29
C1 XAT RB . -50.02 28.50 40.48
C2 XAT RB . -50.47 27.59 39.36
C3 XAT RB . -51.44 28.29 38.46
C4 XAT RB . -50.63 29.30 37.68
C5 XAT RB . -50.01 30.36 38.60
C6 XAT RB . -49.75 29.97 40.07
C7 XAT RB . -48.50 30.62 40.62
C8 XAT RB . -48.52 31.16 41.84
C9 XAT RB . -47.35 31.80 42.44
C10 XAT RB . -46.40 31.06 43.02
C11 XAT RB . -45.23 31.69 43.64
C12 XAT RB . -44.37 30.93 44.31
C13 XAT RB . -43.20 31.53 44.97
C14 XAT RB . -42.28 30.74 45.56
C15 XAT RB . -41.12 31.28 46.25
C16 XAT RB . -48.76 27.92 41.09
C17 XAT RB . -51.07 28.49 41.58
C18 XAT RB . -48.92 31.32 38.09
C19 XAT RB . -47.23 33.30 42.42
C20 XAT RB . -43.04 33.02 45.03
O3 XAT RB . -52.05 27.36 37.56
O4 XAT RB . -50.85 30.81 39.66
C21 XAT RB . -30.11 33.22 51.91
C22 XAT RB . -29.14 34.01 52.77
C23 XAT RB . -29.86 35.02 53.62
C24 XAT RB . -30.59 34.20 54.66
C25 XAT RB . -31.71 33.40 54.00
C26 XAT RB . -31.49 32.97 52.53
C27 XAT RB . -32.19 31.67 52.17
C28 XAT RB . -33.24 31.80 51.35
C29 XAT RB . -34.09 30.72 50.84
C30 XAT RB . -35.23 31.10 50.25
C31 XAT RB . -36.24 30.22 49.66
C32 XAT RB . -37.26 30.87 49.09
C33 XAT RB . -38.40 30.23 48.42
C34 XAT RB . -39.25 31.02 47.75
C35 XAT RB . -40.41 30.48 47.05
C36 XAT RB . -29.48 31.87 51.58
C37 XAT RB . -30.31 33.98 50.60
C38 XAT RB . -32.52 32.35 54.76
C39 XAT RB . -33.71 29.28 50.96
C40 XAT RB . -38.59 28.74 48.48
O23 XAT RB . -28.93 35.90 54.25
O24 XAT RB . -32.35 34.06 52.91
C1 XAT SB . -43.63 43.22 56.02
C2 XAT SB . -43.37 44.50 55.25
C3 XAT SB . -42.14 44.35 54.39
C4 XAT SB . -42.56 43.44 53.25
C5 XAT SB . -42.87 42.04 53.79
C6 XAT SB . -43.34 41.91 55.25
C7 XAT SB . -44.30 40.76 55.46
C8 XAT SB . -43.79 39.69 56.09
C9 XAT SB . -44.54 38.48 56.40
C10 XAT SB . -43.84 37.41 56.83
C11 XAT SB . -44.45 36.15 57.18
C12 XAT SB . -43.66 35.14 57.51
C13 XAT SB . -44.19 33.83 57.93
C14 XAT SB . -43.37 33.00 58.58
C15 XAT SB . -43.80 31.70 59.09
C16 XAT SB . -45.09 43.21 56.47
C17 XAT SB . -42.78 43.22 57.28
C18 XAT SB . -43.51 40.97 52.89
C19 XAT SB . -46.03 38.42 56.22
C20 XAT SB . -45.61 33.45 57.63
O3 XAT SB . -41.71 45.61 53.88
O4 XAT SB . -42.01 41.58 54.84
C21 XAT SB . -42.17 20.87 66.04
C22 XAT SB . -42.49 19.45 66.49
C23 XAT SB . -43.81 19.01 65.92
C24 XAT SB . -43.54 18.77 64.46
C25 XAT SB . -43.27 20.11 63.76
C26 XAT SB . -42.63 21.22 64.61
C27 XAT SB . -41.76 22.19 63.83
C28 XAT SB . -42.30 23.37 63.60
C29 XAT SB . -41.64 24.48 62.89
C30 XAT SB . -42.39 25.54 62.58
C31 XAT SB . -41.86 26.72 61.91
C32 XAT SB . -42.74 27.63 61.49
C33 XAT SB . -42.33 28.89 60.85
C34 XAT SB . -43.27 29.72 60.39
C35 XAT SB . -42.92 31.00 59.79
C36 XAT SB . -40.67 21.10 66.14
C37 XAT SB . -42.86 21.83 67.00
C38 XAT SB . -42.81 20.18 62.29
C39 XAT SB . -40.18 24.42 62.56
C40 XAT SB . -40.88 29.24 60.73
O23 XAT SB . -44.25 17.81 66.56
O24 XAT SB . -44.02 21.21 64.27
C1 XAT TB . -28.12 35.57 46.03
C2 XAT TB . -26.80 36.00 46.66
C3 XAT TB . -26.56 37.48 46.43
C4 XAT TB . -27.54 38.18 47.35
C5 XAT TB . -28.99 37.89 46.95
C6 XAT TB . -29.28 36.58 46.20
C7 XAT TB . -30.65 36.03 46.57
C8 XAT TB . -31.58 36.02 45.62
C9 XAT TB . -32.94 35.54 45.89
C10 XAT TB . -33.91 35.83 45.01
C11 XAT TB . -35.29 35.42 45.22
C12 XAT TB . -36.20 35.86 44.37
C13 XAT TB . -37.62 35.51 44.54
C14 XAT TB . -38.53 36.05 43.71
C15 XAT TB . -39.94 35.74 43.89
C16 XAT TB . -28.53 34.24 46.64
C17 XAT TB . -27.90 35.34 44.53
C18 XAT TB . -30.15 38.29 47.87
C19 XAT TB . -33.24 34.74 47.12
C20 XAT TB . -38.06 34.59 45.64
O3 XAT TB . -25.22 37.82 46.79
O4 XAT TB . -29.23 37.85 45.54
C21 XAT TB . -51.94 36.60 44.20
C22 XAT TB . -53.19 35.92 44.71
C23 XAT TB . -54.16 35.68 43.56
C24 XAT TB . -53.52 34.56 42.76
C25 XAT TB . -52.24 35.05 42.09
C26 XAT TB . -51.47 36.19 42.80
C27 XAT TB . -49.96 36.14 42.58
C28 XAT TB . -49.38 37.29 42.23
C29 XAT TB . -47.94 37.44 41.98
C30 XAT TB . -47.02 36.83 42.74
C31 XAT TB . -45.62 37.07 42.45
C32 XAT TB . -44.65 36.36 43.05
C33 XAT TB . -43.25 36.68 42.73
C34 XAT TB . -42.28 36.07 43.43
C35 XAT TB . -40.87 36.38 43.18
C36 XAT TB . -50.82 36.28 45.18
C37 XAT TB . -52.16 38.11 44.22
C38 XAT TB . -51.26 34.11 41.37
C39 XAT TB . -47.48 38.35 40.86
C40 XAT TB . -42.92 37.68 41.68
O23 XAT TB . -55.41 35.25 44.08
O24 XAT TB . -52.28 36.42 41.64
MG CLA UB . -61.11 34.33 43.43
CHA CLA UB . -60.73 32.60 46.41
CHB CLA UB . -64.40 34.85 44.14
CHC CLA UB . -61.41 36.06 40.48
CHD CLA UB . -57.70 33.72 42.71
NA CLA UB . -62.34 33.80 45.04
C1A CLA UB . -62.00 33.09 46.20
C2A CLA UB . -63.21 32.93 47.11
C3A CLA UB . -64.37 33.58 46.32
C4A CLA UB . -63.67 34.14 45.07
CMA CLA UB . -65.44 32.58 45.96
CAA CLA UB . -63.06 33.62 48.47
CBA CLA UB . -62.03 34.73 48.50
CGA CLA UB . -62.63 36.06 48.18
O1A CLA UB . -63.38 36.36 47.26
O2A CLA UB . -62.26 37.03 49.08
NB CLA UB . -62.61 35.29 42.50
C1B CLA UB . -63.90 35.39 42.94
C2B CLA UB . -64.71 36.15 41.96
C3B CLA UB . -63.88 36.50 40.93
C4B CLA UB . -62.53 35.96 41.25
CMB CLA UB . -66.14 36.42 42.15
CAB CLA UB . -64.17 37.23 39.72
CBB CLA UB . -63.52 38.32 39.30
NC CLA UB . -59.79 34.80 41.88
C1C CLA UB . -60.12 35.53 40.77
C2C CLA UB . -58.97 35.70 39.91
C3C CLA UB . -57.91 35.02 40.52
C4C CLA UB . -58.44 34.47 41.77
CMC CLA UB . -58.98 36.43 38.63
CAC CLA UB . -56.52 34.90 40.04
CBC CLA UB . -56.37 33.99 38.84
ND CLA UB . -59.54 33.38 44.29
C1D CLA UB . -58.19 33.22 43.88
C2D CLA UB . -57.48 32.43 44.92
C3D CLA UB . -58.41 32.17 45.92
C4D CLA UB . -59.68 32.78 45.47
CMD CLA UB . -56.08 32.04 44.85
CAD CLA UB . -58.66 31.53 47.20
OBD CLA UB . -57.90 30.87 47.90
CBD CLA UB . -60.15 31.81 47.56
CGD CLA UB . -60.94 30.56 47.82
O1D CLA UB . -61.70 29.96 47.05
O2D CLA UB . -60.77 30.05 49.08
CED CLA UB . -61.92 29.57 49.77
MG CLA VB . -57.19 33.94 56.28
CHA CLA VB . -56.49 31.08 58.15
CHB CLA VB . -60.51 33.52 56.89
CHC CLA VB . -57.82 36.78 54.46
CHD CLA VB . -53.72 34.37 55.73
NA CLA VB . -58.29 32.52 57.36
C1A CLA VB . -57.82 31.41 58.06
C2A CLA VB . -58.97 30.65 58.72
C3A CLA VB . -60.23 31.42 58.26
C4A CLA VB . -59.66 32.57 57.45
CMA CLA VB . -61.16 30.55 57.45
CAA CLA VB . -58.85 30.71 60.23
CBA CLA VB . -58.70 32.14 60.73
CGA CLA VB . -58.23 32.18 62.15
O1A CLA VB . -58.27 31.28 62.99
O2A CLA VB . -57.71 33.39 62.50
NB CLA VB . -58.84 34.97 55.80
C1B CLA VB . -60.12 34.62 56.12
C2B CLA VB . -61.08 35.58 55.49
C3B CLA VB . -60.33 36.50 54.80
C4B CLA VB . -58.90 36.13 54.99
CMB CLA VB . -62.53 35.47 55.65
CAB CLA VB . -60.76 37.63 54.02
CBB CLA VB . -60.38 38.90 54.22
NC CLA VB . -55.99 35.31 55.27
C1C CLA VB . -56.46 36.40 54.59
C2C CLA VB . -55.35 37.15 54.01
C3C CLA VB . -54.18 36.48 54.37
C4C CLA VB . -54.59 35.32 55.17
CMC CLA VB . -55.49 38.37 53.21
CAC CLA VB . -52.80 36.86 54.04
CBC CLA VB . -52.08 37.52 55.19
ND CLA VB . -55.47 32.97 56.74
C1D CLA VB . -54.11 33.27 56.46
C2D CLA VB . -53.25 32.23 57.07
C3D CLA VB . -54.12 31.34 57.71
C4D CLA VB . -55.48 31.87 57.48
CMD CLA VB . -51.80 32.17 56.98
CAD CLA VB . -54.22 30.13 58.50
OBD CLA VB . -53.36 29.35 58.86
CBD CLA VB . -55.74 29.95 58.84
CGD CLA VB . -56.24 28.57 58.53
O1D CLA VB . -55.89 27.51 59.07
O2D CLA VB . -57.16 28.50 57.54
CED CLA VB . -58.13 27.46 57.62
C1 CLA VB . -56.61 33.39 63.45
C2 CLA VB . -56.29 34.81 63.73
C3 CLA VB . -55.11 35.23 64.21
C4 CLA VB . -54.85 36.68 64.46
C5 CLA VB . -53.99 34.29 64.48
C6 CLA VB . -52.66 34.80 63.96
C7 CLA VB . -51.52 34.39 64.86
C8 CLA VB . -50.16 34.61 64.19
C9 CLA VB . -49.09 33.80 64.90
C10 CLA VB . -49.78 36.09 64.19
C11 CLA VB . -48.33 36.32 63.87
MG CLA WB . -49.77 26.55 44.84
CHA CLA WB . -52.68 24.79 44.26
CHB CLA WB . -47.96 23.93 43.62
CHC CLA WB . -46.93 28.40 45.28
CHD CLA WB . -51.69 29.20 46.17
NA CLA WB . -50.26 24.68 44.08
C1A CLA WB . -51.54 24.14 43.91
C2A CLA WB . -51.47 22.73 43.31
C3A CLA WB . -49.96 22.43 43.31
C4A CLA WB . -49.33 23.77 43.66
CMA CLA WB . -49.67 21.38 44.36
CAA CLA WB . -52.02 22.74 41.89
CBA CLA WB . -51.49 23.91 41.07
CGA CLA WB . -50.23 23.52 40.36
O1A CLA WB . -50.00 22.49 39.72
O2A CLA WB . -49.23 24.45 40.47
NB CLA WB . -47.80 26.20 44.58
C1B CLA WB . -47.28 25.11 43.94
C2B CLA WB . -45.83 25.34 43.65
C3B CLA WB . -45.53 26.61 44.12
C4B CLA WB . -46.79 27.16 44.72
CMB CLA WB . -45.00 24.35 42.99
CAB CLA WB . -44.30 27.36 44.09
CBB CLA WB . -43.06 26.88 44.08
NC CLA WB . -49.39 28.45 45.61
C1C CLA WB . -48.15 29.00 45.71
C2C CLA WB . -48.24 30.34 46.30
C3C CLA WB . -49.59 30.58 46.53
C4C CLA WB . -50.31 29.38 46.09
CMC CLA WB . -47.10 31.22 46.56
CAC CLA WB . -50.20 31.78 47.11
CBC CLA WB . -50.76 32.69 46.04
ND CLA WB . -51.72 27.00 45.11
C1D CLA WB . -52.38 28.10 45.71
C2D CLA WB . -53.83 27.84 45.74
C3D CLA WB . -54.01 26.58 45.19
C4D CLA WB . -52.66 26.10 44.83
CMD CLA WB . -54.83 28.77 46.27
CAD CLA WB . -54.95 25.54 44.80
OBD CLA WB . -56.17 25.54 44.85
CBD CLA WB . -54.12 24.34 44.28
CGD CLA WB . -54.20 23.17 45.21
O1D CLA WB . -53.54 22.99 46.24
O2D CLA WB . -55.10 22.21 44.86
CED CLA WB . -54.84 20.88 45.30
C1 CLA WB . -47.90 24.04 40.06
C2 CLA WB . -47.07 25.26 40.16
C3 CLA WB . -45.91 25.47 39.50
C4 CLA WB . -45.33 24.48 38.58
C5 CLA WB . -45.17 26.76 39.68
C6 CLA WB . -45.16 27.58 38.41
C7 CLA WB . -45.01 29.06 38.69
C8 CLA WB . -44.94 29.89 37.42
C9 CLA WB . -44.09 29.21 36.36
C10 CLA WB . -44.40 31.29 37.69
C11 CLA WB . -45.18 31.99 38.78
C12 CLA WB . -44.46 33.20 39.31
C13 CLA WB . -45.17 34.51 38.98
C14 CLA WB . -46.67 34.33 38.92
C15 CLA WB . -44.66 35.10 37.68
C16 CLA WB . -44.43 36.60 37.79
C17 CLA WB . -45.62 37.39 37.27
C18 CLA WB . -45.22 38.60 36.42
C19 CLA WB . -43.73 38.88 36.46
C20 CLA WB . -45.69 38.43 35.01
MG CLA XB . -38.35 26.80 42.65
CHA CLA XB . -38.32 23.55 41.43
CHB CLA XB . -41.32 27.36 41.09
CHC CLA XB . -38.35 29.99 43.93
CHD CLA XB . -35.29 26.15 44.30
NA CLA XB . -39.60 25.62 41.47
C1A CLA XB . -39.42 24.28 41.09
C2A CLA XB . -40.59 23.79 40.24
C3A CLA XB . -41.51 25.04 40.13
C4A CLA XB . -40.78 26.09 40.96
CMA CLA XB . -41.68 25.47 38.70
CAA CLA XB . -41.31 22.71 41.02
CBA CLA XB . -42.70 22.44 40.49
CGA CLA XB . -42.63 21.44 39.38
O1A CLA XB . -42.67 20.22 39.44
O2A CLA XB . -42.47 22.03 38.16
NB CLA XB . -39.63 28.35 42.58
C1B CLA XB . -40.74 28.42 41.81
C2B CLA XB . -41.26 29.81 41.77
C3B CLA XB . -40.43 30.57 42.58
C4B CLA XB . -39.38 29.64 43.10
CMB CLA XB . -42.44 30.19 41.00
CAB CLA XB . -40.45 31.96 42.91
CBB CLA XB . -40.89 32.96 42.14
NC CLA XB . -37.06 27.87 43.90
C1C CLA XB . -37.27 29.16 44.31
C2C CLA XB . -36.18 29.57 45.20
C3C CLA XB . -35.31 28.49 45.29
C4C CLA XB . -35.87 27.42 44.48
CMC CLA XB . -36.07 30.88 45.83
CAC CLA XB . -34.07 28.41 46.07
CBC CLA XB . -34.25 27.64 47.36
ND CLA XB . -37.04 25.28 42.83
C1D CLA XB . -35.80 25.14 43.52
C2D CLA XB . -35.25 23.79 43.27
C3D CLA XB . -36.16 23.15 42.46
C4D CLA XB . -37.27 24.10 42.24
CMD CLA XB . -33.98 23.30 43.79
CAD CLA XB . -36.49 21.92 41.75
OBD CLA XB . -35.86 20.88 41.64
CBD CLA XB . -37.89 22.15 41.07
CGD CLA XB . -37.81 22.00 39.59
O1D CLA XB . -36.95 22.43 38.81
O2D CLA XB . -38.84 21.28 39.05
CED CLA XB . -39.14 20.00 39.62
C1 CLA XB . -42.26 21.16 37.04
C2 CLA XB . -41.28 21.82 36.15
C3 CLA XB . -41.58 22.90 35.39
C4 CLA XB . -42.93 23.51 35.37
C5 CLA XB . -40.54 23.52 34.52
MG CLA YB . -29.94 31.82 59.32
CHA CLA YB . -27.06 33.59 60.09
CHB CLA YB . -28.61 30.95 56.31
CHC CLA YB . -32.78 29.99 58.66
CHD CLA YB . -31.26 32.70 62.48
NA CLA YB . -28.13 32.24 58.37
C1A CLA YB . -27.05 32.99 58.87
C2A CLA YB . -25.90 33.01 57.85
C3A CLA YB . -26.48 32.24 56.63
C4A CLA YB . -27.83 31.76 57.12
CMA CLA YB . -26.59 33.11 55.41
CAA CLA YB . -24.65 32.30 58.34
CBA CLA YB . -24.78 31.34 59.52
CGA CLA YB . -25.86 30.33 59.33
O1A CLA YB . -25.96 29.46 58.46
O2A CLA YB . -26.90 30.45 60.21
NB CLA YB . -30.57 30.68 57.79
C1B CLA YB . -29.89 30.44 56.65
C2B CLA YB . -30.69 29.57 55.75
C3B CLA YB . -31.87 29.30 56.40
C4B CLA YB . -31.81 30.00 57.71
CMB CLA YB . -30.22 29.15 54.42
CAB CLA YB . -33.00 28.51 55.99
CBB CLA YB . -33.65 28.62 54.83
NC CLA YB . -31.70 31.44 60.38
C1C CLA YB . -32.74 30.66 59.92
C2C CLA YB . -33.80 30.61 60.92
C3C CLA YB . -33.37 31.38 62.01
C4C CLA YB . -32.06 31.89 61.66
CMC CLA YB . -35.06 29.88 60.76
CAC CLA YB . -34.11 31.63 63.25
CBC CLA YB . -33.59 30.80 64.40
ND CLA YB . -29.39 32.94 60.92
C1D CLA YB . -30.02 33.19 62.17
C2D CLA YB . -29.11 34.04 63.00
C3D CLA YB . -27.97 34.23 62.24
C4D CLA YB . -28.19 33.50 60.97
CMD CLA YB . -29.43 34.54 64.32
CAD CLA YB . -26.65 34.84 62.18
OBD CLA YB . -26.09 35.56 62.99
CBD CLA YB . -26.02 34.41 60.82
CGD CLA YB . -25.55 35.58 60.00
O1D CLA YB . -24.46 35.73 59.43
O2D CLA YB . -26.49 36.57 59.88
CED CLA YB . -26.33 37.50 58.81
C1 CLA YB . -26.79 29.92 61.55
C2 CLA YB . -28.18 29.57 61.94
C3 CLA YB . -28.61 29.52 63.20
C4 CLA YB . -27.73 29.78 64.36
C5 CLA YB . -30.03 29.16 63.51
C6 CLA YB . -30.63 28.20 62.50
C7 CLA YB . -31.81 27.47 63.11
C8 CLA YB . -32.44 26.48 62.13
C9 CLA YB . -32.64 27.12 60.78
C10 CLA YB . -33.78 25.97 62.67
C11 CLA YB . -33.82 24.46 62.75
C12 CLA YB . -34.02 23.83 61.38
C13 CLA YB . -33.43 22.42 61.32
C14 CLA YB . -31.99 22.41 61.83
C15 CLA YB . -33.50 21.87 59.89
C16 CLA YB . -32.67 20.62 59.73
C17 CLA YB . -32.12 20.52 58.32
C18 CLA YB . -32.08 19.08 57.82
C19 CLA YB . -31.51 19.03 56.41
C20 CLA YB . -31.25 18.22 58.74
MG CLA ZB . -21.75 22.40 61.32
CHA CLA ZB . -20.06 25.45 61.22
CHB CLA ZB . -18.88 20.84 62.26
CHC CLA ZB . -23.50 19.46 61.57
CHD CLA ZB . -24.67 24.04 60.19
NA CLA ZB . -19.80 23.06 61.67
C1A CLA ZB . -19.29 24.37 61.59
C2A CLA ZB . -17.80 24.39 61.90
C3A CLA ZB . -17.44 22.91 62.06
C4A CLA ZB . -18.80 22.20 62.02
CMA CLA ZB . -16.55 22.44 60.92
CAA CLA ZB . -17.50 25.17 63.17
CBA CLA ZB . -16.22 24.69 63.83
CGA CLA ZB . -15.36 25.85 64.19
O1A CLA ZB . -15.09 26.30 65.31
O2A CLA ZB . -14.81 26.46 63.10
NB CLA ZB . -21.27 20.50 61.79
C1B CLA ZB . -20.06 20.08 62.23
C2B CLA ZB . -20.15 18.66 62.67
C3B CLA ZB . -21.46 18.26 62.47
C4B CLA ZB . -22.19 19.43 61.91
CMB CLA ZB . -19.02 17.90 63.20
CAB CLA ZB . -22.07 16.99 62.73
CBB CLA ZB . -23.06 16.77 63.61
NC CLA ZB . -23.73 21.86 60.95
C1C CLA ZB . -24.23 20.59 61.12
C2C CLA ZB . -25.65 20.57 60.76
C3C CLA ZB . -25.97 21.86 60.36
C4C CLA ZB . -24.76 22.67 60.47
CMC CLA ZB . -26.51 19.39 60.84
CAC CLA ZB . -27.30 22.34 59.90
CBC CLA ZB . -27.55 22.05 58.44
ND CLA ZB . -22.31 24.28 60.85
C1D CLA ZB . -23.53 24.80 60.36
C2D CLA ZB . -23.37 26.26 60.13
C3D CLA ZB . -22.07 26.57 60.50
C4D CLA ZB . -21.45 25.30 60.91
CMD CLA ZB . -24.42 27.14 59.65
CAD CLA ZB . -21.08 27.62 60.63
OBD CLA ZB . -21.20 28.82 60.49
CBD CLA ZB . -19.74 26.92 61.04
CGD CLA ZB . -18.69 27.19 60.00
O1D CLA ZB . -18.85 27.74 58.90
O2D CLA ZB . -17.43 26.82 60.34
CED CLA ZB . -16.39 27.78 60.22
C1 CLA ZB . -13.55 25.96 62.64
MG CLA AC . -33.85 19.61 45.94
CHA CLA AC . -37.04 19.49 44.61
CHB CLA AC . -33.24 16.48 44.74
CHC CLA AC . -30.61 19.87 47.08
CHD CLA AC . -34.57 22.83 47.24
NA CLA AC . -34.99 18.23 44.87
C1A CLA AC . -36.29 18.38 44.39
C2A CLA AC . -36.74 17.12 43.64
C3A CLA AC . -35.61 16.12 43.90
C4A CLA AC . -34.51 16.98 44.53
CMA CLA AC . -36.09 15.04 44.83
CAA CLA AC . -36.88 17.42 42.16
CBA CLA AC . -35.56 17.35 41.43
CGA CLA AC . -35.62 18.08 40.12
O1A CLA AC . -36.49 18.02 39.25
O2A CLA AC . -34.55 18.90 39.93
NB CLA AC . -32.23 18.41 45.91
C1B CLA AC . -32.17 17.18 45.34
C2B CLA AC . -30.79 16.64 45.46
C3B CLA AC . -30.04 17.59 46.11
C4B CLA AC . -30.95 18.73 46.42
CMB CLA AC . -30.39 15.33 44.94
CAB CLA AC . -28.66 17.56 46.49
CBB CLA AC . -27.72 18.40 46.02
NC CLA AC . -32.80 21.08 47.00
C1C CLA AC . -31.48 20.98 47.35
C2C CLA AC . -31.06 22.19 48.06
C3C CLA AC . -32.18 23.03 48.11
C4C CLA AC . -33.27 22.32 47.44
CMC CLA AC . -29.72 22.42 48.59
CAC CLA AC . -32.26 24.36 48.72
CBC CLA AC . -32.71 24.32 50.16
ND CLA AC . -35.42 20.89 46.01
C1D CLA AC . -35.58 22.18 46.57
C2D CLA AC . -36.95 22.65 46.28
C3D CLA AC . -37.55 21.67 45.53
C4D CLA AC . -36.55 20.59 45.38
CMD CLA AC . -37.50 23.94 46.72
CAD CLA AC . -38.77 21.22 44.85
OBD CLA AC . -39.85 21.78 44.74
CBD CLA AC . -38.46 19.83 44.22
CGD CLA AC . -39.41 18.78 44.73
O1D CLA AC . -39.44 18.29 45.86
O2D CLA AC . -40.33 18.36 43.82
CED CLA AC . -41.31 17.42 44.26
C1 CLA AC . -34.27 19.28 38.56
MG CLA BC . -44.76 21.25 59.43
CHA CLA BC . -45.37 17.83 59.52
CHB CLA BC . -47.99 21.84 60.33
CHC CLA BC . -44.06 24.61 59.51
CHD CLA BC . -41.41 20.57 58.52
NA CLA BC . -46.39 20.02 59.83
C1A CLA BC . -46.44 18.62 59.83
C2A CLA BC . -47.83 18.12 60.20
C3A CLA BC . -48.68 19.42 60.24
C4A CLA BC . -47.63 20.51 60.14
CMA CLA BC . -49.64 19.47 59.07
CAA CLA BC . -47.80 17.49 61.58
CBA CLA BC . -46.85 18.21 62.53
CGA CLA BC . -47.55 19.35 63.19
O1A CLA BC . -48.65 19.35 63.75
O2A CLA BC . -46.84 20.54 63.16
NB CLA BC . -45.84 22.92 59.75
C1B CLA BC . -47.10 22.92 60.26
C2B CLA BC . -47.45 24.28 60.75
C3B CLA BC . -46.36 25.08 60.52
C4B CLA BC . -45.30 24.22 59.89
CMB CLA BC . -48.75 24.58 61.34
CAB CLA BC . -46.15 26.47 60.83
CBB CLA BC . -47.07 27.43 60.85
NC CLA BC . -43.05 22.37 59.03
C1C CLA BC . -42.99 23.75 59.09
C2C CLA BC . -41.65 24.20 58.73
C3C CLA BC . -40.89 23.06 58.49
C4C CLA BC . -41.77 21.91 58.69
CMC CLA BC . -41.23 25.60 58.66
CAC CLA BC . -39.47 23.00 58.09
CBC CLA BC . -38.57 22.60 59.24
ND CLA BC . -43.60 19.62 59.11
C1D CLA BC . -42.24 19.48 58.72
C2D CLA BC . -41.92 18.03 58.57
C3D CLA BC . -43.09 17.36 58.87
C4D CLA BC . -44.09 18.40 59.19
CMD CLA BC . -40.62 17.50 58.17
CAD CLA BC . -43.74 16.06 58.99
OBD CLA BC . -43.29 14.94 58.80
CBD CLA BC . -45.22 16.33 59.40
CGD CLA BC . -46.20 15.81 58.38
O1D CLA BC . -46.08 15.85 57.15
O2D CLA BC . -47.32 15.25 58.90
CED CLA BC . -48.39 14.95 58.01
C1 CLA BC . -47.07 21.45 64.25
C2 CLA BC . -46.49 22.77 63.89
C3 CLA BC . -46.79 23.91 64.55
C4 CLA BC . -47.75 23.94 65.68
C5 CLA BC . -46.17 25.21 64.16
C6 CLA BC . -45.73 26.03 65.36
C7 CLA BC . -44.23 25.90 65.60
C8 CLA BC . -43.68 27.06 66.42
MG CLA CC . -49.14 32.41 61.67
CHA CLA CC . -51.97 30.50 62.30
CHB CLA CC . -47.22 30.08 63.23
CHC CLA CC . -46.38 34.35 61.04
CHD CLA CC . -51.17 34.79 60.01
NA CLA CC . -49.56 30.59 62.61
C1A CLA CC . -50.80 29.96 62.76
C2A CLA CC . -50.65 28.63 63.51
C3A CLA CC . -49.13 28.54 63.80
C4A CLA CC . -48.57 29.82 63.17
CMA CLA CC . -48.85 28.47 65.28
CAA CLA CC . -51.09 27.46 62.66
CBA CLA CC . -51.13 26.17 63.46
CGA CLA CC . -51.99 26.32 64.67
O1A CLA CC . -51.70 26.82 65.76
O2A CLA CC . -53.25 25.81 64.50
NB CLA CC . -47.17 32.23 62.01
C1B CLA CC . -46.58 31.22 62.72
C2B CLA CC . -45.12 31.51 62.90
C3B CLA CC . -44.88 32.71 62.28
C4B CLA CC . -46.18 33.19 61.71
CMB CLA CC . -44.22 30.62 63.62
CAB CLA CC . -43.65 33.45 62.17
CBB CLA CC . -43.43 34.66 62.69
NC CLA CC . -48.85 34.24 60.71
C1C CLA CC . -47.63 34.85 60.57
C2C CLA CC . -47.80 36.12 59.86
C3C CLA CC . -49.14 36.23 59.55
C4C CLA CC . -49.80 35.05 60.08
CMC CLA CC . -46.71 37.05 59.56
CAC CLA CC . -49.80 37.34 58.84
CBC CLA CC . -50.15 38.49 59.76
ND CLA CC . -51.11 32.69 61.28
C1D CLA CC . -51.80 33.69 60.56
C2D CLA CC . -53.25 33.35 60.53
C3D CLA CC . -53.37 32.16 61.24
C4D CLA CC . -52.01 31.78 61.64
CMD CLA CC . -54.29 34.18 59.93
CAD CLA CC . -54.27 31.13 61.72
OBD CLA CC . -55.50 31.09 61.68
CBD CLA CC . -53.40 30.02 62.36
CGD CLA CC . -53.84 29.73 63.77
O1D CLA CC . -54.64 28.87 64.16
O2D CLA CC . -53.27 30.54 64.70
CED CLA CC . -53.45 30.21 66.08
MG CLA DC . -44.04 44.02 48.27
CHA CLA DC . -43.03 47.34 47.97
CHB CLA DC . -45.59 44.77 51.21
CHC CLA DC . -45.08 40.76 48.49
CHD CLA DC . -42.42 43.30 45.21
NA CLA DC . -44.25 45.78 49.39
C1A CLA DC . -43.76 47.06 49.09
C2A CLA DC . -44.16 48.07 50.18
C3A CLA DC . -44.91 47.20 51.21
C4A CLA DC . -44.93 45.81 50.57
CMA CLA DC . -44.24 47.17 52.55
CAA CLA DC . -45.07 49.14 49.63
NB CLA DC . -45.09 42.96 49.62
C1B CLA DC . -45.68 43.45 50.74
C2B CLA DC . -46.48 42.40 51.41
C3B CLA DC . -46.35 41.26 50.65
C4B CLA DC . -45.46 41.59 49.50
CMB CLA DC . -47.24 42.63 52.63
CAB CLA DC . -46.95 39.96 50.86
CBB CLA DC . -46.28 38.81 50.92
NC CLA DC . -43.77 42.34 47.07
C1C CLA DC . -44.29 41.10 47.36
C2C CLA DC . -43.92 40.16 46.30
C3C CLA DC . -43.17 40.87 45.37
C4C CLA DC . -43.09 42.24 45.86
CMC CLA DC . -44.29 38.75 46.27
CAC CLA DC . -42.58 40.38 44.12
CBC CLA DC . -41.25 39.68 44.33
ND CLA DC . -42.98 45.02 46.87
C1D CLA DC . -42.36 44.60 45.66
C2D CLA DC . -41.68 45.76 45.04
C3D CLA DC . -41.91 46.84 45.87
C4D CLA DC . -42.72 46.32 46.99
CMD CLA DC . -40.94 45.71 43.78
CAD CLA DC . -41.68 48.25 46.11
OBD CLA DC . -41.08 49.07 45.43
CBD CLA DC . -42.39 48.61 47.45
CGD CLA DC . -41.42 49.18 48.46
O1D CLA DC . -41.67 49.95 49.39
O2D CLA DC . -40.14 48.78 48.26
CED CLA DC . -39.09 49.61 48.75
MG CLA EC . -26.61 29.33 46.78
CHA CLA EC . -23.39 29.23 45.51
CHB CLA EC . -27.58 31.34 44.22
CHC CLA EC . -29.77 29.45 48.14
CHD CLA EC . -25.54 27.28 49.48
NA CLA EC . -25.62 30.13 45.13
C1A CLA EC . -24.28 29.97 44.76
C2A CLA EC . -23.97 30.72 43.47
C3A CLA EC . -25.32 31.40 43.10
C4A CLA EC . -26.26 30.92 44.21
CMA CLA EC . -25.21 32.90 43.05
CAA CLA EC . -23.53 29.79 42.36
CBA CLA EC . -24.29 28.49 42.37
CGA CLA EC . -24.91 28.25 41.01
O1A CLA EC . -25.66 28.98 40.36
O2A CLA EC . -24.57 27.03 40.49
NB CLA EC . -28.34 30.23 46.29
C1B CLA EC . -28.54 31.00 45.18
C2B CLA EC . -29.96 31.46 45.14
C3B CLA EC . -30.58 30.93 46.24
C4B CLA EC . -29.56 30.14 46.98
CMB CLA EC . -30.49 32.31 44.07
CAB CLA EC . -31.95 31.07 46.66
CBB CLA EC . -32.37 31.42 47.88
NC CLA EC . -27.49 28.50 48.49
C1C CLA EC . -28.80 28.67 48.84
C2C CLA EC . -29.08 27.95 50.09
C3C CLA EC . -27.89 27.35 50.47
C4C CLA EC . -26.89 27.70 49.46
CMC CLA EC . -30.38 27.90 50.76
CAC CLA EC . -27.67 26.50 51.65
CBC CLA EC . -27.96 25.05 51.35
ND CLA EC . -24.92 28.40 47.38
C1D CLA EC . -24.61 27.61 48.52
C2D CLA EC . -23.18 27.23 48.47
C3D CLA EC . -22.67 27.80 47.33
C4D CLA EC . -23.78 28.54 46.70
CMD CLA EC . -22.51 26.38 49.46
CAD CLA EC . -21.49 27.99 46.49
OBD CLA EC . -20.37 27.51 46.60
CBD CLA EC . -21.91 28.95 45.33
CGD CLA EC . -21.11 30.23 45.34
O1D CLA EC . -21.52 31.37 45.21
O2D CLA EC . -19.77 30.04 45.52
CED CLA EC . -18.97 29.79 44.37
C1 CLA EC . -25.59 26.35 39.74
MG CLA FC . -35.63 39.11 41.19
CHA CLA FC . -32.31 39.82 41.89
CHB CLA FC . -36.35 42.44 41.22
CHC CLA FC . -38.89 38.35 40.39
CHD CLA FC . -34.84 35.66 41.17
NA CLA FC . -34.49 40.83 41.51
C1A CLA FC . -33.12 40.92 41.79
C2A CLA FC . -32.69 42.39 41.95
C3A CLA FC . -34.01 43.18 41.77
C4A CLA FC . -35.04 42.08 41.48
CMA CLA FC . -34.38 44.00 42.98
CAA CLA FC . -31.69 42.79 40.88
CBA CLA FC . -32.28 42.72 39.49
CGA CLA FC . -31.99 41.40 38.86
O1A CLA FC . -30.95 40.75 38.88
O2A CLA FC . -33.06 40.89 38.18
NB CLA FC . -37.30 40.19 40.86
C1B CLA FC . -37.39 41.54 40.93
C2B CLA FC . -38.79 41.97 40.63
C3B CLA FC . -39.51 40.82 40.40
C4B CLA FC . -38.57 39.67 40.55
CMB CLA FC . -39.22 43.36 40.62
CAB CLA FC . -40.91 40.66 40.07
CBB CLA FC . -41.37 40.09 38.96
NC CLA FC . -36.67 37.33 40.85
C1C CLA FC . -37.99 37.25 40.54
C2C CLA FC . -38.39 35.86 40.35
C3C CLA FC . -37.24 35.09 40.58
C4C CLA FC . -36.16 36.02 40.90
CMC CLA FC . -39.73 35.42 40.00
CAC CLA FC . -37.13 33.62 40.52
CBC CLA FC . -37.08 32.98 41.88
ND CLA FC . -34.00 37.95 41.49
C1D CLA FC . -33.81 36.54 41.45
C2D CLA FC . -32.39 36.24 41.73
C3D CLA FC . -31.77 37.46 41.91
C4D CLA FC . -32.81 38.49 41.75
CMD CLA FC . -31.82 34.90 41.78
CAD CLA FC . -30.52 38.14 42.19
OBD CLA FC . -29.41 37.67 42.42
CBD CLA FC . -30.83 39.67 42.17
CGD CLA FC . -30.40 40.35 43.44
O1D CLA FC . -31.02 40.44 44.50
O2D CLA FC . -29.16 40.91 43.35
CED CLA FC . -28.17 40.55 44.32
C1 CLA FC . -33.40 39.51 38.43
C2 CLA FC . -34.47 39.16 37.47
C3 CLA FC . -34.86 37.90 37.22
C4 CLA FC . -34.22 36.73 37.87
C5 CLA FC . -35.95 37.62 36.24
C6 CLA FC . -37.18 37.00 36.87
C7 CLA FC . -38.43 37.43 36.11
C8 CLA FC . -39.47 36.33 36.02
C9 CLA FC . -38.87 35.06 35.47
C10 CLA FC . -40.64 36.77 35.15
C1A DGD GC . -36.08 44.68 34.08
C2A DGD GC . -35.98 44.02 32.73
C3A DGD GC . -37.16 44.45 31.90
C4A DGD GC . -37.32 43.55 30.68
O1A DGD GC . -37.11 45.22 34.41
C1B DGD GC . -36.77 42.68 37.44
C2B DGD GC . -38.11 43.23 37.04
C3B DGD GC . -39.01 42.05 36.69
C4B DGD GC . -38.38 41.19 35.60
C5B DGD GC . -39.28 41.14 34.37
C6B DGD GC . -40.58 41.91 34.59
O1B DGD GC . -36.69 41.62 38.03
O1G DGD GC . -34.96 44.69 35.00
C1G DGD GC . -35.03 45.52 36.15
C2G DGD GC . -35.62 44.78 37.35
O2G DGD GC . -35.55 43.39 37.09
C3G DGD GC . -34.78 45.07 38.57
O3G DGD GC . -34.88 46.46 38.89
C1D DGD GC . -33.65 47.14 38.71
C2D DGD GC . -33.93 48.44 37.99
O2D DGD GC . -34.50 48.20 36.70
C3D DGD GC . -32.63 49.20 37.81
O3D DGD GC . -32.88 50.44 37.15
C4D DGD GC . -32.05 49.43 39.18
O4D DGD GC . -32.99 50.19 39.94
C5D DGD GC . -31.81 48.09 39.86
O5D DGD GC . -30.69 47.06 41.71
C6D DGD GC . -31.21 48.30 41.24
O6D DGD GC . -33.06 47.43 39.97
C1E DGD GC . -30.27 47.14 43.07
C2E DGD GC . -28.75 47.15 43.16
O2E DGD GC . -28.24 48.31 42.51
C3E DGD GC . -28.19 45.90 42.49
O3E DGD GC . -26.78 45.83 42.70
C4E DGD GC . -28.84 44.65 43.05
O4E DGD GC . -28.35 44.41 44.37
C5E DGD GC . -30.36 44.78 43.10
O6E DGD GC . -30.73 45.99 43.77
C6E DGD GC . -30.47 43.54 43.87
O5E DGD GC . -29.70 43.85 45.04
C8 A1L1F HC . 12.37 -3.26 53.13
C5 A1L1F HC . 10.65 -4.85 55.12
C4 A1L1F HC . 13.77 -3.83 53.27
C6 A1L1F HC . 11.36 -5.43 53.90
C10 A1L1F HC . 15.18 -5.39 54.60
C11 A1L1F HC . 13.81 -4.76 54.46
C2 A1L1F HC . 13.33 -8.21 54.78
C3 A1L1F HC . 11.41 -4.39 52.79
C1 A1L1F HC . 12.76 -5.81 54.30
C12 A1L1F HC . 10.63 -6.66 53.41
C14 A1L1F HC . 14.91 -26.53 57.67
C17 A1L1F HC . 17.06 -28.23 56.63
C18 A1L1F HC . 12.80 -28.12 58.72
C19 A1L1F HC . 12.26 -27.81 56.33
C20 A1L1F HC . 15.66 -28.63 56.18
C21 A1L1F HC . 15.35 -30.12 56.08
C22 A1L1F HC . 13.88 -30.31 55.83
C23 A1L1F HC . 13.18 -29.96 57.12
C24 A1L1F HC . 13.23 -28.46 57.30
C25 A1L1F HC . 14.63 -27.89 57.07
C26 A1L1F HC . 15.56 -23.95 58.88
C27 A1L1F HC . 15.90 -18.82 57.57
C28 A1L1F HC . 14.87 -14.40 52.40
C29 A1L1F HC . 15.12 -25.50 56.87
C30 A1L1F HC . 15.36 -24.15 57.41
C31 A1L1F HC . 15.39 -23.11 56.57
C32 A1L1F HC . 15.56 -21.73 56.98
C33 A1L1F HC . 15.50 -20.83 56.01
C34 A1L1F HC . 15.58 -19.38 56.22
C35 A1L1F HC . 15.31 -18.58 55.18
C36 A1L1F HC . 15.25 -17.12 55.25
C37 A1L1F HC . 15.79 -16.26 54.40
C38 A1L1F HC . 15.49 -14.87 54.74
C39 A1L1F HC . 15.04 -14.00 53.83
C40 A1L1F HC . 14.70 -12.64 54.27
C41 A1L1F HC . 14.12 -11.71 53.52
C42 A1L1F HC . 13.87 -10.48 54.27
C43 A1L1F HC . 13.38 -9.04 52.32
C44 A1L1F HC . 13.53 -9.29 53.79
C45 A1L1F HC . 17.57 -23.94 60.33
C47 A1L1F HC . 18.36 -22.68 60.12
C48 A1L1F HC . 19.84 -23.04 60.12
C49 A1L1F HC . 20.34 -23.27 61.55
C50 A1L1F HC . 21.31 -24.44 61.58
C51 A1L1F HC . 21.13 -25.25 62.86
C52 A1L1F HC . 21.28 -24.37 64.09
C53 A1L1F HC . 22.57 -24.69 64.83
C54 A1L1F HC . 12.05 -0.98 52.62
C56 A1L1F HC . 11.23 -0.04 51.80
C57 A1L1F HC . 13.04 -7.01 54.50
O13 A1L1F HC . 16.81 -24.52 59.25
O15 A1L1F HC . 14.73 -27.68 55.65
O16 A1L1F HC . 13.57 -31.67 55.50
O46 A1L1F HC . 17.54 -24.49 61.43
O55 A1L1F HC . 12.46 -0.69 53.74
O7 A1L1F HC . 12.37 -2.29 52.09
O9 A1L1F HC . 13.55 -4.02 55.65
C1 XAT IC . 52.13 -33.03 46.59
C2 XAT IC . 53.19 -31.93 46.67
C3 XAT IC . 54.00 -31.93 45.40
C4 XAT IC . 53.10 -31.31 44.35
C5 XAT IC . 51.81 -32.13 44.13
C6 XAT IC . 51.37 -33.07 45.26
C7 XAT IC . 49.86 -33.20 45.37
C8 XAT IC . 49.32 -34.36 45.00
C9 XAT IC . 47.87 -34.62 45.06
C10 XAT IC . 46.96 -33.72 44.68
C11 XAT IC . 45.55 -34.08 44.76
C12 XAT IC . 44.58 -33.18 44.77
C13 XAT IC . 43.18 -33.65 44.83
C14 XAT IC . 42.17 -32.80 44.69
C15 XAT IC . 40.80 -33.29 44.75
C16 XAT IC . 51.15 -32.87 47.74
C17 XAT IC . 52.82 -34.38 46.78
C18 XAT IC . 50.62 -31.52 43.38
C19 XAT IC . 47.40 -35.96 45.56
C20 XAT IC . 42.91 -35.11 45.05
O3 XAT IC . 55.17 -31.12 45.58
O4 XAT IC . 52.00 -33.54 44.06
C21 XAT IC . 29.17 -34.87 43.26
C22 XAT IC . 28.10 -35.86 42.82
C23 XAT IC . 27.00 -35.16 42.06
C24 XAT IC . 27.62 -34.79 40.73
C25 XAT IC . 28.72 -33.73 40.91
C26 XAT IC . 29.46 -33.73 42.27
C27 XAT IC . 30.90 -33.26 42.14
C28 XAT IC . 31.36 -32.39 43.04
C29 XAT IC . 32.75 -31.88 42.99
C30 XAT IC . 33.68 -32.45 43.77
C31 XAT IC . 35.05 -31.95 43.73
C32 XAT IC . 36.02 -32.65 44.31
C33 XAT IC . 37.40 -32.15 44.26
C34 XAT IC . 38.43 -32.98 44.43
C35 XAT IC . 39.80 -32.48 44.38
C36 XAT IC . 30.46 -35.67 43.50
C37 XAT IC . 28.75 -34.25 44.58
C38 XAT IC . 29.65 -33.32 39.77
C39 XAT IC . 33.10 -30.74 42.10
C40 XAT IC . 37.65 -30.68 44.02
O23 XAT IC . 25.90 -36.05 41.86
O24 XAT IC . 28.44 -32.76 41.94
C1 XAT JC . 33.56 -23.67 46.89
C2 XAT JC . 34.70 -22.82 47.41
C3 XAT JC . 35.82 -22.71 46.39
C4 XAT JC . 35.26 -21.87 45.25
C5 XAT JC . 34.12 -22.60 44.54
C6 XAT JC . 33.29 -23.60 45.37
C7 XAT JC . 31.83 -23.61 44.94
C8 XAT JC . 31.19 -24.78 44.86
C9 XAT JC . 29.79 -24.82 44.46
C10 XAT JC . 28.86 -25.14 45.38
C11 XAT JC . 27.43 -25.21 45.07
C12 XAT JC . 26.56 -25.11 46.06
C13 XAT JC . 25.11 -25.19 45.77
C14 XAT JC . 24.21 -24.64 46.59
C15 XAT JC . 22.79 -24.74 46.26
C16 XAT JC . 32.30 -23.27 47.63
C17 XAT JC . 33.85 -25.13 47.26
C18 XAT JC . 33.25 -21.90 43.49
C19 XAT JC . 29.40 -24.50 43.05
C20 XAT JC . 24.65 -25.90 44.53
O3 XAT JC . 36.94 -22.04 46.97
O4 XAT JC . 34.29 -24.01 44.42
C21 XAT JC . 9.73 -23.31 46.87
C22 XAT JC . 8.34 -23.91 47.01
C23 XAT JC . 8.23 -25.15 46.15
C24 XAT JC . 9.01 -26.21 46.89
C25 XAT JC . 10.49 -25.81 46.97
C26 XAT JC . 10.89 -24.34 46.83
C27 XAT JC . 12.15 -24.00 47.60
C28 XAT JC . 13.27 -23.84 46.90
C29 XAT JC . 14.57 -23.52 47.53
C30 XAT JC . 15.69 -23.74 46.84
C31 XAT JC . 17.02 -23.47 47.39
C32 XAT JC . 18.08 -23.97 46.76
C33 XAT JC . 19.45 -23.75 47.24
C34 XAT JC . 20.47 -24.29 46.56
C35 XAT JC . 21.86 -24.12 46.97
C36 XAT JC . 9.97 -22.35 48.04
C37 XAT JC . 9.78 -22.50 45.58
C38 XAT JC . 11.45 -26.52 47.93
C39 XAT JC . 14.61 -22.95 48.92
C40 XAT JC . 19.70 -22.93 48.48
O23 XAT JC . 6.85 -25.55 46.05
O24 XAT JC . 11.04 -25.28 45.76
C8 A1L1F KC . 22.62 -19.62 60.54
C5 A1L1F KC . 25.64 -19.95 60.64
C4 A1L1F KC . 22.11 -20.54 59.46
C6 A1L1F KC . 24.64 -21.06 60.90
C10 A1L1F KC . 22.67 -22.30 57.81
C11 A1L1F KC . 23.22 -21.17 58.66
C2 A1L1F KC . 25.64 -23.68 58.80
C3 A1L1F KC . 23.38 -20.47 61.54
C1 A1L1F KC . 24.31 -21.71 59.57
C12 A1L1F KC . 25.23 -22.11 61.82
C14 A1L1F KC . 30.43 -40.94 51.96
C17 A1L1F KC . 28.33 -41.63 50.21
C18 A1L1F KC . 32.23 -43.39 50.96
C19 A1L1F KC . 31.83 -43.11 53.37
C20 A1L1F KC . 28.82 -42.81 51.05
C21 A1L1F KC . 29.06 -44.14 50.36
C22 A1L1F KC . 29.34 -45.19 51.42
C23 A1L1F KC . 30.63 -44.88 52.16
C24 A1L1F KC . 31.17 -43.45 52.05
C25 A1L1F KC . 30.09 -42.40 51.78
C26 A1L1F KC . 31.56 -38.34 52.80
C27 A1L1F KC . 29.94 -33.49 53.68
C28 A1L1F KC . 24.65 -30.08 56.84
C29 A1L1F KC . 29.75 -40.17 52.80
C30 A1L1F KC . 30.12 -38.76 52.96
C31 A1L1F KC . 29.21 -37.84 53.28
C32 A1L1F KC . 29.55 -36.43 53.46
C33 A1L1F KC . 28.58 -35.66 53.93
C34 A1L1F KC . 28.75 -34.23 54.18
C35 A1L1F KC . 27.80 -33.60 54.88
C36 A1L1F KC . 27.89 -32.17 55.21
C37 A1L1F KC . 26.86 -31.54 55.74
C38 A1L1F KC . 27.00 -30.12 56.07
C39 A1L1F KC . 25.98 -29.43 56.59
C40 A1L1F KC . 26.21 -28.01 56.92
C41 A1L1F KC . 25.37 -27.28 57.66
C42 A1L1F KC . 25.78 -25.91 57.89
C43 A1L1F KC . 23.80 -25.42 59.28
C44 A1L1F KC . 25.09 -25.04 58.63
C45 A1L1F KC . 33.09 -37.40 51.14
C47 A1L1F KC . 33.43 -35.99 51.57
C48 A1L1F KC . 34.27 -36.04 52.84
C49 A1L1F KC . 35.33 -34.95 52.82
C54 A1L1F KC . 21.80 -18.04 62.17
C56 A1L1F KC . 21.63 -16.58 61.87
C57 A1L1F KC . 24.96 -22.71 59.20
O13 A1L1F KC . 31.80 -37.96 51.46
O15 A1L1F KC . 28.88 -42.72 52.47
O16 A1L1F KC . 29.48 -46.47 50.79
O46 A1L1F KC . 33.90 -38.07 50.53
O55 A1L1F KC . 22.17 -18.44 63.25
O7 A1L1F KC . 21.48 -19.02 61.14
O9 A1L1F KC . 23.80 -20.18 57.81
C1 XAT LC . 31.44 -16.92 42.80
C2 XAT LC . 31.64 -16.37 44.21
C3 XAT LC . 30.93 -15.07 44.54
C4 XAT LC . 30.81 -14.18 43.32
C5 XAT LC . 29.90 -14.83 42.27
C6 XAT LC . 30.24 -16.31 42.04
C7 XAT LC . 28.95 -17.12 41.93
C8 XAT LC . 28.60 -17.67 40.78
C9 XAT LC . 27.35 -18.45 40.69
C10 XAT LC . 27.14 -19.18 39.59
C11 XAT LC . 25.92 -19.97 39.40
C12 XAT LC . 25.79 -20.58 38.22
C13 XAT LC . 24.62 -21.40 37.88
C14 XAT LC . 24.66 -22.12 36.76
C15 XAT LC . 23.56 -22.96 36.33
C16 XAT LC . 31.22 -18.43 42.92
C17 XAT LC . 32.70 -16.71 41.97
C18 XAT LC . 28.40 -14.53 42.18
C19 XAT LC . 26.33 -18.41 41.79
C20 XAT LC . 23.41 -21.43 38.76
O3 XAT LC . 29.62 -15.38 45.06
O4 XAT LC . 30.55 -15.28 41.08
C21 XAT LC . 17.59 -30.65 29.58
C22 XAT LC . 16.85 -31.98 29.74
C23 XAT LC . 17.22 -32.94 28.64
C24 XAT LC . 18.65 -33.34 28.93
C25 XAT LC . 19.61 -32.15 28.77
C26 XAT LC . 19.02 -30.75 29.02
C27 XAT LC . 20.04 -29.79 29.61
C28 XAT LC . 20.10 -28.53 29.19
C29 XAT LC . 21.09 -27.63 29.78
C30 XAT LC . 20.83 -27.05 30.95
C31 XAT LC . 21.81 -26.15 31.55
C32 XAT LC . 21.60 -25.62 32.75
C33 XAT LC . 22.63 -24.73 33.31
C34 XAT LC . 22.55 -24.30 34.57
C35 XAT LC . 23.61 -23.44 35.09
C36 XAT LC . 17.63 -29.97 30.94
C37 XAT LC . 16.77 -29.77 28.63
C38 XAT LC . 21.08 -32.22 29.19
C39 XAT LC . 22.38 -27.33 29.07
C40 XAT LC . 23.79 -24.31 32.45
O23 XAT LC . 16.38 -34.09 28.71
O24 XAT LC . 19.26 -31.26 27.70
C1 XAT MC . 32.95 -43.82 36.35
C2 XAT MC . 31.92 -44.77 36.94
C3 XAT MC . 32.51 -46.16 37.04
C4 XAT MC . 33.48 -46.10 38.20
C5 XAT MC . 34.62 -45.10 37.94
C6 XAT MC . 34.37 -43.98 36.92
C7 XAT MC . 35.10 -42.70 37.28
C8 XAT MC . 36.07 -42.31 36.45
C9 XAT MC . 36.87 -41.10 36.65
C10 XAT MC . 37.97 -40.95 35.90
C11 XAT MC . 38.85 -39.78 36.01
C12 XAT MC . 39.98 -39.82 35.31
C13 XAT MC . 40.94 -38.71 35.33
C14 XAT MC . 42.16 -38.90 34.79
C15 XAT MC . 43.15 -37.84 34.78
C16 XAT MC . 32.47 -42.40 36.56
C17 XAT MC . 33.02 -44.05 34.84
C18 XAT MC . 35.55 -44.65 39.08
C19 XAT MC . 36.47 -40.06 37.66
C20 XAT MC . 40.58 -37.38 35.91
O3 XAT MC . 31.48 -47.12 37.32
O4 XAT MC . 35.16 -45.14 36.62
C21 XAT MC . 55.67 -34.18 33.75
C22 XAT MC . 56.81 -33.76 34.66
C23 XAT MC . 56.65 -32.29 35.00
C24 XAT MC . 55.52 -32.22 36.01
C25 XAT MC . 54.21 -32.82 35.48
C26 XAT MC . 54.27 -33.75 34.25
C27 XAT MC . 53.22 -34.85 34.29
C28 XAT MC . 52.18 -34.77 33.47
C29 XAT MC . 51.14 -35.83 33.50
C30 XAT MC . 49.86 -35.51 33.27
C31 XAT MC . 48.85 -36.56 33.30
C32 XAT MC . 47.60 -36.26 33.66
C33 XAT MC . 46.57 -37.32 33.70
C34 XAT MC . 45.35 -37.04 34.17
C35 XAT MC . 44.34 -38.09 34.21
C36 XAT MC . 55.71 -35.69 33.59
C37 XAT MC . 55.89 -33.56 32.37
C38 XAT MC . 53.06 -33.23 36.43
C39 XAT MC . 51.54 -37.24 33.79
C40 XAT MC . 46.90 -38.70 33.20
O23 XAT MC . 57.85 -31.80 35.60
O24 XAT MC . 53.84 -32.38 34.16
MG CLA NC . 14.46 -32.54 62.09
CHA CLA NC . 15.85 -35.62 61.24
CHB CLA NC . 12.06 -34.12 63.91
CHC CLA NC . 13.17 -29.47 62.92
CHD CLA NC . 17.01 -30.94 60.20
NA CLA NC . 14.04 -34.55 62.50
C1A CLA NC . 14.74 -35.68 62.07
C2A CLA NC . 14.11 -36.96 62.60
C3A CLA NC . 12.88 -36.45 63.41
C4A CLA NC . 12.99 -34.93 63.28
CMA CLA NC . 11.59 -36.98 62.85
CAA CLA NC . 15.07 -37.69 63.53
CBA CLA NC . 15.64 -36.75 64.57
CGA CLA NC . 17.03 -37.16 64.94
O1A CLA NC . 17.49 -38.30 65.08
O2A CLA NC . 17.87 -36.10 65.15
NB CLA NC . 12.94 -31.91 63.24
C1B CLA NC . 12.03 -32.71 63.85
C2B CLA NC . 10.96 -31.89 64.48
C3B CLA NC . 11.27 -30.57 64.20
C4B CLA NC . 12.53 -30.56 63.40
CMB CLA NC . 9.84 -32.46 65.22
CAB CLA NC . 10.56 -29.37 64.57
CBB CLA NC . 11.07 -28.34 65.25
NC CLA NC . 15.00 -30.57 61.63
C1C CLA NC . 14.32 -29.47 62.08
C2C CLA NC . 14.98 -28.25 61.59
C3C CLA NC . 16.06 -28.67 60.82
C4C CLA NC . 16.07 -30.13 60.85
CMC CLA NC . 14.53 -26.89 61.89
CAC CLA NC . 17.03 -27.81 60.12
CBC CLA NC . 18.35 -27.71 60.85
ND CLA NC . 16.03 -33.09 60.93
C1D CLA NC . 17.00 -32.33 60.21
C2D CLA NC . 17.95 -33.25 59.55
C3D CLA NC . 17.54 -34.53 59.89
C4D CLA NC . 16.36 -34.36 60.77
CMD CLA NC . 19.07 -32.84 58.70
CAD CLA NC . 17.78 -35.96 59.76
OBD CLA NC . 18.63 -36.55 59.09
CBD CLA NC . 16.73 -36.69 60.65
CGD CLA NC . 15.91 -37.69 59.89
O1D CLA NC . 15.02 -37.48 59.07
O2D CLA NC . 16.23 -38.99 60.16
CED CLA NC . 15.31 -40.00 59.74
C1 CLA NC . 19.08 -36.37 65.88
MG CLA OC . 12.92 -29.36 47.98
CHA CLA OC . 10.30 -31.58 48.41
CHB CLA OC . 12.77 -29.83 44.61
CHC CLA OC . 15.43 -27.03 47.59
CHD CLA OC . 12.91 -28.75 51.47
NA CLA OC . 11.76 -30.57 46.74
C1A CLA OC . 10.70 -31.42 47.11
C2A CLA OC . 10.11 -32.10 45.89
C3A CLA OC . 11.07 -31.70 44.75
C4A CLA OC . 11.94 -30.62 45.39
CMA CLA OC . 11.88 -32.88 44.26
CAA CLA OC . 8.72 -31.59 45.58
CBA CLA OC . 8.62 -30.08 45.50
CGA CLA OC . 8.98 -29.58 44.13
O1A CLA OC . 8.58 -29.99 43.04
O2A CLA OC . 9.85 -28.52 44.16
NB CLA OC . 13.87 -28.53 46.41
C1B CLA OC . 13.65 -28.85 45.10
C2B CLA OC . 14.59 -28.07 44.23
C3B CLA OC . 15.34 -27.29 45.07
C4B CLA OC . 14.92 -27.59 46.46
CMB CLA OC . 14.64 -28.24 42.77
CAB CLA OC . 16.41 -26.38 44.74
CBB CLA OC . 17.51 -26.71 44.06
NC CLA OC . 14.01 -28.17 49.31
C1C CLA OC . 15.02 -27.31 48.93
C2C CLA OC . 15.59 -26.67 50.12
C3C CLA OC . 14.84 -27.12 51.21
C4C CLA OC . 13.86 -28.06 50.69
CMC CLA OC . 16.70 -25.72 50.11
CAC CLA OC . 15.03 -26.74 52.62
CBC CLA OC . 14.09 -25.65 53.04
ND CLA OC . 12.00 -30.09 49.63
C1D CLA OC . 12.04 -29.70 50.99
C2D CLA OC . 11.02 -30.47 51.74
C3D CLA OC . 10.35 -31.23 50.80
C4D CLA OC . 10.96 -30.91 49.50
CMD CLA OC . 10.81 -30.40 53.19
CAD CLA OC . 9.28 -32.19 50.58
OBD CLA OC . 8.56 -32.77 51.39
CBD CLA OC . 9.18 -32.40 49.03
CGD CLA OC . 9.37 -33.85 48.72
O1D CLA OC . 10.43 -34.49 48.71
O2D CLA OC . 8.21 -34.51 48.40
CED CLA OC . 8.20 -35.93 48.60
C1 CLA OC . 10.43 -28.09 42.91
C2 CLA OC . 11.38 -27.00 43.26
C3 CLA OC . 12.00 -26.23 42.35
C4 CLA OC . 11.80 -26.39 40.89
C5 CLA OC . 12.95 -25.17 42.79
C6 CLA OC . 12.53 -23.77 42.40
C7 CLA OC . 13.14 -22.76 43.35
C8 CLA OC . 12.85 -21.33 42.93
C9 CLA OC . 13.91 -20.83 41.98
C10 CLA OC . 12.75 -20.41 44.14
C11 CLA OC . 13.93 -20.60 45.08
C12 CLA OC . 14.14 -19.40 45.97
C13 CLA OC . 12.91 -19.14 46.84
MG CLA PC . 20.61 -24.39 40.55
CHA CLA PC . 19.17 -26.38 38.09
CHB CLA PC . 17.51 -23.69 41.79
CHC CLA PC . 22.09 -22.58 43.09
CHD CLA PC . 23.80 -25.19 39.27
NA CLA PC . 18.67 -24.94 39.99
C1A CLA PC . 18.28 -25.80 38.95
C2A CLA PC . 16.77 -25.94 38.91
C3A CLA PC . 16.27 -25.00 40.02
C4A CLA PC . 17.56 -24.50 40.67
CMA CLA PC . 15.44 -23.87 39.47
CAA CLA PC . 16.38 -27.38 39.26
CBA CLA PC . 14.89 -27.60 39.18
CGA CLA PC . 14.48 -27.81 37.76
O1A CLA PC . 15.13 -28.32 36.84
O2A CLA PC . 13.21 -27.38 37.50
NB CLA PC . 19.93 -23.41 42.17
C1B CLA PC . 18.63 -23.15 42.45
C2B CLA PC . 18.52 -22.17 43.57
C3B CLA PC . 19.81 -21.85 43.95
C4B CLA PC . 20.72 -22.62 43.05
CMB CLA PC . 17.23 -21.69 44.07
CAB CLA PC . 20.33 -20.95 44.94
CBB CLA PC . 19.68 -20.42 45.98
NC CLA PC . 22.59 -23.94 41.05
C1C CLA PC . 22.96 -23.20 42.13
C2C CLA PC . 24.41 -23.12 42.21
C3C CLA PC . 24.91 -23.85 41.12
C4C CLA PC . 23.74 -24.38 40.42
CMC CLA PC . 25.17 -22.38 43.23
CAC CLA PC . 26.32 -24.08 40.77
CBC CLA PC . 26.73 -25.51 40.96
ND CLA PC . 21.37 -25.37 38.96
C1D CLA PC . 22.70 -25.67 38.58
C2D CLA PC . 22.69 -26.54 37.38
C3D CLA PC . 21.36 -26.83 37.14
C4D CLA PC . 20.59 -26.12 38.18
CMD CLA PC . 23.89 -26.98 36.67
CAD CLA PC . 20.41 -27.52 36.28
OBD CLA PC . 20.61 -28.12 35.24
CBD CLA PC . 19.01 -27.35 36.93
CGD CLA PC . 17.98 -26.93 35.91
O1D CLA PC . 17.43 -27.64 35.07
O2D CLA PC . 17.65 -25.60 35.95
CED CLA PC . 16.57 -25.18 35.11
C1 CLA PC . 13.09 -26.25 36.62
C2 CLA PC . 12.14 -25.30 37.26
C3 CLA PC . 11.73 -24.18 36.67
C4 CLA PC . 10.78 -23.24 37.32
C5 CLA PC . 12.19 -23.81 35.30
C6 CLA PC . 13.41 -22.91 35.32
C7 CLA PC . 13.99 -22.78 33.92
C8 CLA PC . 15.30 -21.98 33.87
C9 CLA PC . 15.72 -21.48 35.23
C10 CLA PC . 15.20 -20.82 32.88
C11 CLA PC . 13.83 -20.19 32.85
C12 CLA PC . 13.90 -18.77 32.31
C13 CLA PC . 12.85 -18.52 31.23
C14 CLA PC . 11.45 -18.47 31.82
C15 CLA PC . 12.94 -19.56 30.12
C16 CLA PC . 14.21 -19.38 29.31
C17 CLA PC . 14.35 -20.45 28.24
C18 CLA PC . 15.78 -20.57 27.74
C19 CLA PC . 15.85 -21.39 26.48
C20 CLA PC . 16.40 -19.20 27.51
MG CLA QC . 38.17 -27.88 47.97
CHA CLA QC . 41.25 -26.32 47.60
CHB CLA QC . 37.16 -26.59 44.98
CHC CLA QC . 35.20 -29.57 48.31
CHD CLA QC . 39.26 -29.20 51.07
NA CLA QC . 39.07 -26.65 46.55
C1A CLA QC . 40.38 -26.12 46.58
C2A CLA QC . 40.64 -25.29 45.32
C3A CLA QC . 39.31 -25.33 44.56
C4A CLA QC . 38.44 -26.26 45.40
CMA CLA QC . 38.70 -23.96 44.40
CAA CLA QC . 41.72 -25.98 44.50
CBA CLA QC . 41.38 -27.42 44.18
CGA CLA QC . 42.01 -28.37 45.15
O1A CLA QC . 43.19 -28.48 45.48
O2A CLA QC . 41.10 -29.22 45.75
NB CLA QC . 36.51 -28.06 46.85
C1B CLA QC . 36.27 -27.43 45.68
C2B CLA QC . 34.89 -27.73 45.20
C3B CLA QC . 34.33 -28.57 46.14
C4B CLA QC . 35.34 -28.79 47.21
CMB CLA QC . 34.33 -27.19 43.96
CAB CLA QC . 33.01 -29.17 46.20
CBB CLA QC . 31.87 -28.55 45.95
NC CLA QC . 37.39 -29.14 49.43
C1C CLA QC . 36.15 -29.73 49.35
C2C CLA QC . 35.94 -30.59 50.51
C3C CLA QC . 37.07 -30.46 51.31
C4C CLA QC . 37.98 -29.56 50.63
CMC CLA QC . 34.73 -31.39 50.72
CAC CLA QC . 37.33 -31.14 52.60
CBC CLA QC . 38.28 -32.31 52.45
ND CLA QC . 39.82 -27.79 49.14
C1D CLA QC . 40.14 -28.38 50.38
C2D CLA QC . 41.51 -27.97 50.78
C3D CLA QC . 41.98 -27.18 49.74
C4D CLA QC . 40.89 -27.11 48.76
CMD CLA QC . 42.18 -28.38 52.02
CAD CLA QC . 43.09 -26.38 49.25
OBD CLA QC . 44.18 -26.14 49.77
CBD CLA QC . 42.67 -25.84 47.85
CGD CLA QC . 42.77 -24.34 47.76
O1D CLA QC . 42.95 -23.66 46.75
O2D CLA QC . 42.63 -23.70 48.95
CED CLA QC . 42.01 -22.41 48.95
C1 CLA QC . 41.57 -29.96 46.89
C2 CLA QC . 40.47 -30.86 47.32
C3 CLA QC . 40.61 -31.76 48.32
C4 CLA QC . 41.88 -31.91 49.06
C5 CLA QC . 39.49 -32.66 48.72
C6 CLA QC . 38.24 -32.45 47.89
C7 CLA QC . 37.35 -33.68 47.94
MG CLA RC . 45.54 -36.70 39.41
CHA CLA RC . 47.74 -34.15 40.25
CHB CLA RC . 48.13 -38.54 38.20
CHC CLA RC . 43.32 -39.23 38.68
CHD CLA RC . 42.87 -34.72 40.62
NA CLA RC . 47.59 -36.37 39.27
C1A CLA RC . 48.33 -35.25 39.68
C2A CLA RC . 49.82 -35.42 39.38
C3A CLA RC . 49.89 -36.79 38.66
C4A CLA RC . 48.45 -37.29 38.71
CMA CLA RC . 50.39 -36.65 37.25
CAA CLA RC . 50.64 -35.43 40.66
CBA CLA RC . 51.03 -36.84 41.07
NB CLA RC . 45.70 -38.53 38.61
C1B CLA RC . 46.85 -39.11 38.16
C2B CLA RC . 46.56 -40.46 37.61
C3B CLA RC . 45.20 -40.66 37.74
C4B CLA RC . 44.63 -39.44 38.38
CMB CLA RC . 47.58 -41.34 37.04
CAB CLA RC . 44.40 -41.79 37.36
CBB CLA RC . 43.74 -42.59 38.21
NC CLA RC . 43.47 -36.92 39.63
C1C CLA RC . 42.77 -38.04 39.26
C2C CLA RC . 41.36 -37.86 39.56
C3C CLA RC . 41.23 -36.58 40.10
C4C CLA RC . 42.56 -36.00 40.14
CMC CLA RC . 40.31 -38.86 39.32
CAC CLA RC . 39.98 -35.93 40.57
CBC CLA RC . 39.84 -35.95 42.06
ND CLA RC . 45.29 -34.87 40.25
C1D CLA RC . 44.13 -34.17 40.68
C2D CLA RC . 44.54 -32.84 41.19
C3D CLA RC . 45.92 -32.78 41.07
C4D CLA RC . 46.32 -34.07 40.47
CMD CLA RC . 43.62 -31.83 41.72
CAD CLA RC . 47.11 -31.99 41.26
OBD CLA RC . 47.23 -30.86 41.73
CBD CLA RC . 48.32 -32.83 40.74
CGD CLA RC . 49.08 -32.13 39.64
O1D CLA RC . 49.25 -32.51 38.48
O2D CLA RC . 49.60 -30.92 40.01
CED CLA RC . 50.64 -30.37 39.20
MG CLA SC . 26.58 -30.27 35.91
CHA CLA SC . 23.15 -30.81 36.15
CHB CLA SC . 26.55 -31.54 32.75
CHC CLA SC . 29.95 -29.61 35.68
CHD CLA SC . 26.58 -29.03 39.23
NA CLA SC . 25.08 -31.03 34.67
C1A CLA SC . 23.71 -31.17 34.95
C2A CLA SC . 22.97 -31.77 33.77
C3A CLA SC . 24.09 -32.09 32.75
C4A CLA SC . 25.34 -31.51 33.41
CMA CLA SC . 24.22 -33.56 32.47
CAA CLA SC . 21.98 -30.78 33.17
CBA CLA SC . 22.54 -29.37 33.10
CGA CLA SC . 23.40 -29.17 31.89
O1A CLA SC . 23.36 -29.77 30.82
O2A CLA SC . 24.34 -28.19 32.06
NB CLA SC . 27.97 -30.46 34.46
C1B CLA SC . 27.77 -31.07 33.26
C2B CLA SC . 29.09 -31.22 32.56
C3B CLA SC . 30.05 -30.67 33.38
C4B CLA SC . 29.35 -30.19 34.61
CMB CLA SC . 29.23 -31.84 31.25
CAB CLA SC . 31.47 -30.55 33.23
CBB CLA SC . 32.11 -30.20 32.11
NC CLA SC . 28.00 -29.47 37.21
C1C CLA SC . 29.31 -29.28 36.91
C2C CLA SC . 30.02 -28.69 38.05
C3C CLA SC . 29.07 -28.55 39.06
C4C CLA SC . 27.81 -29.03 38.53
CMC CLA SC . 31.44 -28.36 38.06
CAC CLA SC . 29.30 -27.99 40.40
CBC CLA SC . 29.96 -28.99 41.33
ND CLA SC . 25.25 -30.02 37.41
C1D CLA SC . 25.38 -29.49 38.72
C2D CLA SC . 24.05 -29.51 39.39
C3D CLA SC . 23.17 -30.00 38.45
C4D CLA SC . 23.96 -30.30 37.23
CMD CLA SC . 23.81 -29.07 40.75
CAD CLA SC . 21.79 -30.36 38.17
OBD CLA SC . 20.80 -30.30 38.89
CBD CLA SC . 21.74 -30.86 36.68
CGD CLA SC . 21.16 -32.24 36.60
O1D CLA SC . 21.75 -33.30 36.36
O2D CLA SC . 19.81 -32.29 36.82
CED CLA SC . 19.27 -33.46 37.44
C1 CLA SC . 25.43 -28.16 31.10
C2 CLA SC . 26.67 -27.90 31.86
C3 CLA SC . 27.71 -27.24 31.35
C4 CLA SC . 28.95 -27.00 32.14
C5 CLA SC . 27.69 -26.71 29.96
C6 CLA SC . 28.96 -27.02 29.19
MG CLA TC . 25.61 -40.09 50.06
CHA CLA TC . 24.81 -42.96 48.30
CHB CLA TC . 23.63 -41.12 52.62
CHC CLA TC . 26.57 -37.32 51.84
CHD CLA TC . 27.62 -39.03 47.34
NA CLA TC . 24.41 -41.77 50.37
C1A CLA TC . 24.22 -42.86 49.52
C2A CLA TC . 23.25 -43.88 50.14
C3A CLA TC . 22.77 -43.18 51.42
C4A CLA TC . 23.66 -41.94 51.50
CMA CLA TC . 21.32 -42.80 51.33
CAA CLA TC . 23.95 -45.18 50.47
CBA CLA TC . 25.32 -44.98 51.09
CGA CLA TC . 25.21 -44.78 52.57
O1A CLA TC . 24.66 -45.51 53.41
O2A CLA TC . 25.81 -43.64 53.01
NB CLA TC . 25.17 -39.35 51.88
C1B CLA TC . 24.37 -39.94 52.80
C2B CLA TC . 24.36 -39.15 54.05
C3B CLA TC . 25.19 -38.06 53.84
C4B CLA TC . 25.71 -38.19 52.45
CMB CLA TC . 23.58 -39.54 55.22
CAB CLA TC . 25.55 -36.97 54.71
CBB CLA TC . 24.79 -36.42 55.66
NC CLA TC . 26.85 -38.46 49.65
C1C CLA TC . 27.09 -37.44 50.51
C2C CLA TC . 28.00 -36.47 49.90
C3C CLA TC . 28.31 -36.96 48.63
C4C CLA TC . 27.58 -38.21 48.48
CMC CLA TC . 28.48 -35.25 50.53
CAC CLA TC . 29.19 -36.34 47.63
CBC CLA TC . 30.52 -37.04 47.51
ND CLA TC . 26.12 -40.76 48.22
C1D CLA TC . 26.94 -40.22 47.20
C2D CLA TC . 26.95 -41.16 46.04
C3D CLA TC . 26.16 -42.22 46.43
C4D CLA TC . 25.67 -41.93 47.78
CMD CLA TC . 27.68 -40.94 44.80
CAD CLA TC . 25.62 -43.50 46.04
OBD CLA TC . 25.81 -44.12 45.00
CBD CLA TC . 24.71 -44.01 47.20
CGD CLA TC . 23.29 -44.22 46.80
O1D CLA TC . 22.39 -43.37 46.72
O2D CLA TC . 22.98 -45.51 46.49
CED CLA TC . 21.78 -46.06 47.04
C1 CLA TC . 25.97 -43.48 54.44
C2 CLA TC . 26.59 -42.16 54.65
C3 CLA TC . 26.94 -41.69 55.86
C4 CLA TC . 26.72 -42.49 57.10
C5 CLA TC . 27.59 -40.36 56.03
C6 CLA TC . 28.86 -40.42 56.84
C7 CLA TC . 29.45 -39.03 57.01
MG CLA UC . 24.12 -33.74 60.55
CHA CLA UC . 22.42 -36.73 61.02
CHB CLA UC . 26.69 -35.42 59.08
CHC CLA UC . 25.77 -30.75 60.16
CHD CLA UC . 21.44 -32.04 62.12
NA CLA UC . 24.46 -35.75 60.12
C1A CLA UC . 23.63 -36.86 60.40
C2A CLA UC . 24.29 -38.15 59.92
C3A CLA UC . 25.63 -37.69 59.29
C4A CLA UC . 25.61 -36.18 59.50
CMA CLA UC . 26.82 -38.33 59.93
CAA CLA UC . 23.45 -38.90 58.90
CBA CLA UC . 24.00 -40.29 58.65
CGA CLA UC . 24.06 -41.10 59.91
O1A CLA UC . 24.70 -40.89 60.93
O2A CLA UC . 23.27 -42.21 59.86
NB CLA UC . 25.89 -33.18 59.76
C1B CLA UC . 26.81 -34.03 59.23
C2B CLA UC . 28.01 -33.26 58.81
C3B CLA UC . 27.77 -31.93 59.11
C4B CLA UC . 26.40 -31.87 59.71
CMB CLA UC . 29.18 -33.91 58.20
CAB CLA UC . 28.56 -30.74 58.93
CBB CLA UC . 29.80 -30.65 58.45
NC CLA UC . 23.67 -31.75 61.03
C1C CLA UC . 24.49 -30.69 60.77
C2C CLA UC . 23.87 -29.45 61.24
C3C CLA UC . 22.64 -29.82 61.81
C4C CLA UC . 22.53 -31.26 61.68
CMC CLA UC . 24.45 -28.12 61.12
CAC CLA UC . 21.66 -28.92 62.43
CBC CLA UC . 21.99 -28.61 63.86
ND CLA UC . 22.32 -34.20 61.36
C1D CLA UC . 21.32 -33.40 61.98
C2D CLA UC . 20.21 -34.27 62.43
C3D CLA UC . 20.58 -35.56 62.09
C4D CLA UC . 21.91 -35.45 61.43
CMD CLA UC . 19.00 -33.81 63.08
CAD CLA UC . 20.22 -36.97 62.10
OBD CLA UC . 19.20 -37.50 62.55
CBD CLA UC . 21.39 -37.75 61.44
CGD CLA UC . 21.98 -38.78 62.38
O1D CLA UC . 22.45 -38.58 63.50
O2D CLA UC . 21.96 -40.05 61.89
CED CLA UC . 21.44 -41.08 62.73
C1 CLA UC . 23.83 -43.41 60.41
MG CLA VC . 18.27 -13.96 56.93
CHA CLA VC . 18.00 -10.68 55.86
CHB CLA VC . 19.11 -14.93 53.78
CHC CLA VC . 18.65 -17.18 58.08
CHD CLA VC . 17.52 -12.91 60.23
NA CLA VC . 18.46 -12.95 55.12
C1A CLA VC . 18.32 -11.57 54.87
C2A CLA VC . 18.53 -11.26 53.38
C3A CLA VC . 18.88 -12.63 52.76
C4A CLA VC . 18.80 -13.59 53.96
CMA CLA VC . 17.96 -13.03 51.63
CAA CLA VC . 19.60 -10.22 53.09
NB CLA VC . 18.82 -15.71 56.10
C1B CLA VC . 19.10 -15.91 54.79
C2B CLA VC . 19.41 -17.35 54.55
C3B CLA VC . 19.28 -17.98 55.76
C4B CLA VC . 18.89 -16.96 56.76
CMB CLA VC . 19.75 -17.89 53.23
CAB CLA VC . 19.45 -19.38 56.09
CBB CLA VC . 20.36 -19.83 56.94
NC CLA VC . 18.06 -14.88 58.81
C1C CLA VC . 18.24 -16.22 59.04
C2C CLA VC . 18.00 -16.51 60.45
C3C CLA VC . 17.71 -15.30 61.08
C4C CLA VC . 17.76 -14.28 60.03
CMC CLA VC . 18.07 -17.85 61.05
CAC CLA VC . 17.39 -15.09 62.49
CBC CLA VC . 18.62 -14.99 63.37
ND CLA VC . 17.70 -12.26 57.87
C1D CLA VC . 17.50 -11.95 59.24
C2D CLA VC . 17.26 -10.49 59.38
C3D CLA VC . 17.41 -9.96 58.11
C4D CLA VC . 17.72 -11.10 57.21
CMD CLA VC . 16.94 -9.81 60.63
CAD CLA VC . 17.35 -8.76 57.30
OBD CLA VC . 16.98 -7.64 57.58
CBD CLA VC . 17.87 -9.18 55.88
CGD CLA VC . 17.04 -8.65 54.74
O1D CLA VC . 16.23 -9.27 54.05
O2D CLA VC . 17.26 -7.33 54.46
CED CLA VC . 18.60 -6.87 54.42
MG CLA WC . 31.72 -22.80 65.60
CHA CLA WC . 35.12 -22.31 66.11
CHB CLA WC . 32.42 -25.08 63.17
CHC CLA WC . 28.34 -23.22 65.12
CHD CLA WC . 31.06 -20.38 68.09
NA CLA WC . 33.50 -23.57 64.80
C1A CLA WC . 34.82 -23.25 65.15
C2A CLA WC . 35.81 -24.06 64.31
C3A CLA WC . 34.91 -24.90 63.38
C4A CLA WC . 33.50 -24.52 63.80
CMA CLA WC . 35.17 -24.60 61.93
CAA CLA WC . 36.72 -24.98 65.12
CBA CLA WC . 36.24 -25.35 66.52
CGA CLA WC . 34.98 -26.15 66.50
O1A CLA WC . 33.82 -25.79 66.67
O2A CLA WC . 35.20 -27.49 66.25
NB CLA WC . 30.60 -23.94 64.38
C1B CLA WC . 31.06 -24.81 63.44
C2B CLA WC . 29.92 -25.43 62.72
C3B CLA WC . 28.77 -24.91 63.27
C4B CLA WC . 29.18 -23.95 64.33
CMB CLA WC . 30.09 -26.41 61.65
CAB CLA WC . 27.39 -25.17 62.96
CBB CLA WC . 26.82 -26.37 62.96
NC CLA WC . 30.02 -21.97 66.47
C1C CLA WC . 28.74 -22.30 66.13
C2C CLA WC . 27.79 -21.53 66.93
C3C CLA WC . 28.55 -20.70 67.76
C4C CLA WC . 29.95 -20.99 67.47
CMC CLA WC . 26.33 -21.62 66.83
CAC CLA WC . 28.04 -19.74 68.75
CBC CLA WC . 27.97 -20.33 70.13
ND CLA WC . 32.78 -21.64 66.88
C1D CLA WC . 32.38 -20.66 67.83
C2D CLA WC . 33.59 -20.06 68.44
C3D CLA WC . 34.67 -20.65 67.82
C4D CLA WC . 34.11 -21.62 66.85
CMD CLA WC . 33.57 -19.03 69.47
CAD CLA WC . 36.12 -20.73 67.72
OBD CLA WC . 36.97 -20.13 68.36
CBD CLA WC . 36.44 -21.77 66.60
CGD CLA WC . 37.23 -21.16 65.47
O1D CLA WC . 36.91 -21.10 64.28
O2D CLA WC . 38.43 -20.63 65.84
CED CLA WC . 39.44 -20.49 64.84
C1 CLA WC . 35.24 -28.34 67.41
C1 XAT XC . 68.96 -43.67 19.61
C2 XAT XC . 69.78 -42.66 20.39
C3 XAT XC . 69.64 -41.28 19.79
C4 XAT XC . 68.24 -40.84 20.14
C5 XAT XC . 67.21 -41.69 19.41
C6 XAT XC . 67.62 -43.13 19.05
C7 XAT XC . 66.44 -44.10 19.06
C8 XAT XC . 66.19 -44.71 17.91
C9 XAT XC . 65.10 -45.68 17.73
C10 XAT XC . 65.20 -46.54 16.70
C11 XAT XC . 64.20 -47.56 16.41
C12 XAT XC . 64.49 -48.41 15.43
C13 XAT XC . 63.56 -49.49 15.02
C14 XAT XC . 63.97 -50.34 14.08
C15 XAT XC . 63.12 -51.44 13.62
C16 XAT XC . 68.67 -44.87 20.51
C17 XAT XC . 69.79 -44.18 18.45
C18 XAT XC . 65.71 -41.61 19.72
C19 XAT XC . 63.91 -45.70 18.65
C20 XAT XC . 62.21 -49.61 15.64
O3 XAT XC . 70.61 -40.39 20.36
O4 XAT XC . 67.59 -42.07 18.08
C21 XAT XC . 59.72 -60.00 5.15
C22 XAT XC . 58.29 -59.92 4.67
C23 XAT XC . 57.52 -61.07 5.30
C24 XAT XC . 57.29 -60.69 6.75
C25 XAT XC . 58.56 -60.29 7.51
C26 XAT XC . 59.84 -60.01 6.68
C27 XAT XC . 60.70 -58.90 7.28
C28 XAT XC . 61.79 -59.18 7.99
C29 XAT XC . 62.60 -58.06 8.52
C30 XAT XC . 62.27 -57.49 9.68
C31 XAT XC . 63.09 -56.37 10.17
C32 XAT XC . 62.53 -55.45 10.94
C33 XAT XC . 63.35 -54.32 11.44
C34 XAT XC . 62.81 -53.40 12.24
C35 XAT XC . 63.62 -52.29 12.73
C36 XAT XC . 60.49 -58.81 4.59
C37 XAT XC . 60.35 -61.27 4.62
C38 XAT XC . 58.49 -59.44 8.78
C39 XAT XC . 63.78 -57.57 7.74
C40 XAT XC . 64.79 -54.22 11.04
O23 XAT XC . 56.26 -61.22 4.64
O24 XAT XC . 59.64 -61.23 7.42
C1 A1L1G YC . 71.16 -33.63 -18.20
C5 A1L1G YC . 71.58 -33.54 -20.68
C4 A1L1G YC . 73.14 -32.35 -17.40
C3 A1L1G YC . 73.44 -34.14 -19.10
C2 A1L1G YC . 69.04 -34.81 -17.26
C10 A1L1G YC . 70.90 -31.91 -16.36
C11 A1L1G YC . 71.63 -32.29 -17.63
C12 A1L1G YC . 71.56 -35.75 -19.51
C14 A1L1G YC . 55.73 -43.96 -8.65
C17 A1L1G YC . 52.88 -43.18 -9.10
C18 A1L1G YC . 55.14 -46.74 -10.16
C19 A1L1G YC . 56.23 -46.83 -7.91
C20 A1L1G YC . 53.23 -44.57 -8.67
C21 A1L1G YC . 52.25 -45.65 -8.98
C22 A1L1G YC . 52.47 -46.80 -8.02
C23 A1L1G YC . 53.85 -47.40 -8.16
C24 A1L1G YC . 54.96 -46.44 -8.67
C25 A1L1G YC . 54.63 -44.97 -8.44
C26 A1L1G YC . 58.00 -42.21 -8.25
C27 A1L1G YC . 62.82 -41.26 -10.63
C28 A1L1G YC . 64.37 -38.60 -17.51
C29 A1L1G YC . 56.80 -44.08 -9.43
C30 A1L1G YC . 57.95 -43.27 -9.31
C31 A1L1G YC . 59.04 -43.43 -10.16
C32 A1L1G YC . 60.15 -42.62 -10.29
C33 A1L1G YC . 60.59 -41.99 -11.43
C34 A1L1G YC . 61.88 -41.56 -11.74
C35 A1L1G YC . 62.35 -41.39 -13.05
C36 A1L1G YC . 63.47 -40.69 -13.47
C37 A1L1G YC . 63.70 -39.98 -14.64
C38 A1L1G YC . 64.78 -39.97 -15.49
C39 A1L1G YC . 65.22 -38.95 -16.34
C40 A1L1G YC . 66.41 -38.23 -16.17
C41 A1L1G YC . 66.77 -37.00 -16.68
C42 A1L1G YC . 67.48 -36.74 -17.84
C43 A1L1G YC . 68.05 -35.05 -19.55
C44 A1L1G YC . 68.17 -35.57 -18.17
C45 A1L1G YC . 70.11 -34.22 -17.70
C6 A1L1G YC . 71.93 -34.26 -19.36
C8 A1L1G YC . 73.88 -32.77 -18.64
O13 A1L1G YC . 57.91 -42.80 -6.98
O15 A1L1G YC . 53.76 -44.68 -7.32
O16 A1L1G YC . 51.50 -47.81 -8.27
O7 A1L1G YC . 75.28 -32.78 -18.38
O9 A1L1G YC . 71.45 -31.26 -18.63
C1 XAT ZC . 65.12 -41.02 -2.89
C2 XAT ZC . 66.45 -40.35 -2.56
C3 XAT ZC . 66.43 -38.93 -3.06
C4 XAT ZC . 65.53 -38.17 -2.11
C5 XAT ZC . 64.11 -38.75 -2.02
C6 XAT ZC . 63.88 -40.20 -2.48
C7 XAT ZC . 62.79 -40.88 -1.66
C8 XAT ZC . 61.74 -41.38 -2.31
C9 XAT ZC . 60.59 -42.06 -1.68
C10 XAT ZC . 60.74 -43.04 -0.78
C11 XAT ZC . 59.56 -43.72 -0.22
C12 XAT ZC . 59.74 -44.69 0.67
C13 XAT ZC . 58.63 -45.46 1.27
C14 XAT ZC . 58.83 -46.10 2.44
C15 XAT ZC . 57.77 -46.90 3.05
C16 XAT ZC . 65.09 -42.40 -2.25
C17 XAT ZC . 65.08 -41.24 -4.39
C18 XAT ZC . 63.18 -38.37 -0.86
C19 XAT ZC . 59.22 -41.67 -2.10
C20 XAT ZC . 57.30 -45.53 0.59
O3 XAT ZC . 67.76 -38.39 -3.01
O4 XAT ZC . 63.50 -39.06 -3.27
C21 XAT ZC . 50.98 -53.97 9.66
C22 XAT ZC . 49.51 -54.08 10.03
C23 XAT ZC . 49.41 -54.74 11.38
C24 XAT ZC . 49.81 -53.67 12.39
C25 XAT ZC . 51.22 -53.13 12.15
C26 XAT ZC . 51.85 -53.36 10.76
C27 XAT ZC . 52.79 -52.22 10.36
C28 XAT ZC . 54.00 -52.58 9.92
C29 XAT ZC . 55.04 -51.65 9.47
C30 XAT ZC . 54.95 -51.06 8.26
C31 XAT ZC . 56.00 -50.16 7.80
C32 XAT ZC . 55.91 -49.63 6.58
C33 XAT ZC . 56.98 -48.76 6.05
C34 XAT ZC . 56.82 -48.18 4.85
C35 XAT ZC . 57.88 -47.35 4.29
C36 XAT ZC . 51.09 -53.16 8.36
C37 XAT ZC . 51.50 -55.37 9.34
C38 XAT ZC . 51.69 -51.80 12.76
C39 XAT ZC . 56.23 -51.38 10.34
C40 XAT ZC . 58.24 -48.58 6.83
O23 XAT ZC . 48.07 -55.16 11.62
O24 XAT ZC . 52.22 -54.14 11.92
C1 XAT AD . 70.36 -50.96 5.09
C2 XAT AD . 71.50 -49.99 5.34
C3 XAT AD . 72.51 -50.66 6.25
C4 XAT AD . 73.25 -51.65 5.37
C5 XAT AD . 72.32 -52.67 4.69
C6 XAT AD . 70.82 -52.35 4.62
C7 XAT AD . 70.19 -52.92 3.35
C8 XAT AD . 69.06 -53.61 3.46
C9 XAT AD . 68.34 -54.22 2.32
C10 XAT AD . 67.92 -53.49 1.28
C11 XAT AD . 67.19 -54.14 0.19
C12 XAT AD . 66.36 -53.44 -0.58
C13 XAT AD . 65.63 -54.11 -1.67
C14 XAT AD . 65.37 -53.46 -2.81
C15 XAT AD . 64.67 -54.13 -3.91
C16 XAT AD . 69.41 -50.35 4.06
C17 XAT AD . 69.57 -51.12 6.38
C18 XAT AD . 72.79 -53.48 3.47
C19 XAT AD . 68.06 -55.68 2.37
C20 XAT AD . 65.18 -55.53 -1.50
O3 XAT AD . 73.42 -49.69 6.77
O4 XAT AD . 71.37 -53.29 5.57
C21 XAT AD . 59.92 -54.91 -16.15
C22 XAT AD . 59.00 -55.49 -17.21
C23 XAT AD . 58.23 -56.67 -16.67
C24 XAT AD . 57.25 -56.08 -15.68
C25 XAT AD . 58.04 -55.63 -14.44
C26 XAT AD . 59.47 -55.13 -14.68
C27 XAT AD . 59.95 -54.10 -13.67
C28 XAT AD . 60.80 -54.55 -12.74
C29 XAT AD . 61.39 -53.71 -11.69
C30 XAT AD . 61.98 -54.32 -10.65
C31 XAT AD . 62.60 -53.58 -9.56
C32 XAT AD . 62.91 -54.22 -8.44
C33 XAT AD . 63.57 -53.52 -7.32
C34 XAT AD . 63.77 -54.15 -6.15
C35 XAT AD . 64.44 -53.48 -5.05
C36 XAT AD . 60.07 -53.41 -16.38
C37 XAT AD . 61.31 -55.53 -16.30
C38 XAT AD . 57.38 -54.91 -13.27
C39 XAT AD . 61.34 -52.21 -11.77
C40 XAT AD . 64.05 -52.11 -7.50
O23 XAT AD . 57.52 -57.31 -17.74
O24 XAT AD . 59.19 -56.44 -14.17
C1 XAT BD . 63.25 -34.78 2.66
C2 XAT BD . 64.11 -33.64 2.12
C3 XAT BD . 65.27 -33.34 3.03
C4 XAT BD . 66.20 -34.52 2.88
C5 XAT BD . 65.56 -35.77 3.49
C6 XAT BD . 64.02 -35.86 3.46
C7 XAT BD . 63.56 -37.30 3.31
C8 XAT BD . 62.89 -37.80 4.35
C9 XAT BD . 62.41 -39.18 4.38
C10 XAT BD . 61.92 -39.66 5.53
C11 XAT BD . 61.46 -41.04 5.65
C12 XAT BD . 61.24 -41.49 6.87
C13 XAT BD . 60.81 -42.89 7.09
C14 XAT BD . 60.73 -43.37 8.34
C15 XAT BD . 60.35 -44.75 8.55
C16 XAT BD . 62.52 -35.44 1.50
C17 XAT BD . 62.19 -34.19 3.58
C18 XAT BD . 66.20 -37.15 3.35
C19 XAT BD . 62.50 -40.06 3.17
C20 XAT BD . 60.50 -43.77 5.92
O3 XAT BD . 65.94 -32.14 2.63
O4 XAT BD . 64.75 -35.53 4.64
C21 XAT BD . 56.93 -56.04 13.15
C22 XAT BD . 56.78 -57.55 13.26
C23 XAT BD . 57.89 -58.26 12.52
C24 XAT BD . 59.15 -57.99 13.33
C25 XAT BD . 59.53 -56.51 13.17
C26 XAT BD . 58.37 -55.51 12.98
C27 XAT BD . 58.68 -54.14 13.56
C28 XAT BD . 58.77 -53.16 12.66
C29 XAT BD . 59.07 -51.76 13.00
C30 XAT BD . 59.28 -50.92 11.98
C31 XAT BD . 59.59 -49.50 12.15
C32 XAT BD . 59.57 -48.76 11.05
C33 XAT BD . 59.89 -47.33 11.06
C34 XAT BD . 59.98 -46.69 9.89
C35 XAT BD . 60.33 -45.29 9.77
C36 XAT BD . 56.34 -55.40 14.40
C37 XAT BD . 56.11 -55.56 11.95
C38 XAT BD . 60.68 -55.89 13.95
C39 XAT BD . 59.14 -51.30 14.43
C40 XAT BD . 60.11 -46.60 12.36
O23 XAT BD . 57.64 -59.67 12.49
O24 XAT BD . 59.21 -55.95 11.90
MG CLA CD . 55.73 -64.81 14.55
CHA CLA CD . 56.12 -65.42 11.15
CHB CLA CD . 56.35 -68.08 15.20
CHC CLA CD . 55.44 -64.12 17.90
CHD CLA CD . 55.07 -61.40 13.81
NA CLA CD . 56.15 -66.46 13.35
C1A CLA CD . 56.28 -66.51 11.95
C2A CLA CD . 56.60 -67.93 11.48
C3A CLA CD . 56.56 -68.77 12.78
C4A CLA CD . 56.35 -67.71 13.87
CMA CLA CD . 55.46 -69.80 12.76
CAA CLA CD . 57.98 -67.98 10.83
CBA CLA CD . 58.89 -69.03 11.43
CGA CLA CD . 59.72 -68.45 12.53
O1A CLA CD . 60.06 -67.27 12.69
O2A CLA CD . 60.13 -69.39 13.43
NB CLA CD . 55.88 -65.90 16.23
C1B CLA CD . 56.15 -67.22 16.29
C2B CLA CD . 56.17 -67.67 17.72
C3B CLA CD . 55.91 -66.55 18.48
C4B CLA CD . 55.72 -65.41 17.55
CMB CLA CD . 56.42 -69.05 18.10
CAB CLA CD . 55.80 -66.40 19.92
CBB CLA CD . 56.63 -66.94 20.81
NC CLA CD . 55.32 -63.07 15.65
C1C CLA CD . 55.24 -63.03 17.01
C2C CLA CD . 54.94 -61.67 17.45
C3C CLA CD . 54.83 -60.90 16.29
C4C CLA CD . 55.08 -61.79 15.16
CMC CLA CD . 54.79 -61.26 18.85
CAC CLA CD . 54.54 -59.45 16.22
CBC CLA CD . 53.10 -59.12 16.51
ND CLA CD . 55.56 -63.63 12.91
C1D CLA CD . 55.30 -62.25 12.74
C2D CLA CD . 55.32 -61.92 11.30
C3D CLA CD . 55.62 -63.10 10.63
C4D CLA CD . 55.77 -64.13 11.69
CMD CLA CD . 55.06 -60.59 10.74
CAD CLA CD . 55.83 -63.75 9.35
OBD CLA CD . 55.76 -63.28 8.22
CBD CLA CD . 56.20 -65.24 9.65
CGD CLA CD . 55.30 -66.20 8.91
O1D CLA CD . 54.38 -66.86 9.38
O2D CLA CD . 55.60 -66.33 7.60
CED CLA CD . 55.90 -67.64 7.10
C1 CLA CD . 61.37 -70.06 13.15
C2 CLA CD . 61.09 -71.51 13.14
C3 CLA CD . 60.31 -72.10 12.23
MG CLA DD . 62.93 -65.66 3.39
CHA CLA DD . 61.50 -65.85 0.23
CHB CLA DD . 62.59 -69.03 3.74
CHC CLA DD . 64.37 -65.42 6.50
CHD CLA DD . 63.31 -62.17 2.94
NA CLA DD . 62.16 -67.17 2.17
C1A CLA DD . 61.62 -67.05 0.88
C2A CLA DD . 61.19 -68.42 0.34
C3A CLA DD . 61.51 -69.39 1.50
C4A CLA DD . 62.14 -68.48 2.56
CMA CLA DD . 60.27 -70.09 2.01
CAA CLA DD . 62.00 -68.80 -0.89
CBA CLA DD . 63.46 -68.46 -0.70
CGA CLA DD . 64.31 -69.17 -1.71
O1A CLA DD . 64.34 -69.01 -2.94
O2A CLA DD . 65.12 -70.13 -1.15
NB CLA DD . 63.40 -66.97 4.84
C1B CLA DD . 63.19 -68.31 4.80
C2B CLA DD . 63.65 -68.94 6.07
C3B CLA DD . 64.15 -67.93 6.86
C4B CLA DD . 64.00 -66.66 6.08
CMB CLA DD . 63.55 -70.37 6.34
CAB CLA DD . 64.72 -67.97 8.17
CBB CLA DD . 64.19 -67.39 9.25
NC CLA DD . 63.69 -64.07 4.51
C1C CLA DD . 64.22 -64.19 5.77
C2C CLA DD . 64.64 -62.89 6.27
C3C CLA DD . 64.35 -61.97 5.26
C4C CLA DD . 63.76 -62.72 4.16
CMC CLA DD . 65.25 -62.66 7.58
CAC CLA DD . 64.60 -60.52 5.30
CBC CLA DD . 65.94 -60.16 4.71
ND CLA DD . 62.50 -64.27 1.98
C1D CLA DD . 62.72 -62.87 1.92
C2D CLA DD . 62.22 -62.36 0.62
C3D CLA DD . 61.71 -63.45 -0.06
C4D CLA DD . 61.93 -64.62 0.82
CMD CLA DD . 62.26 -60.95 0.22
CAD CLA DD . 61.08 -63.94 -1.27
OBD CLA DD . 60.70 -63.30 -2.25
CBD CLA DD . 60.94 -65.48 -1.13
CGD CLA DD . 59.53 -65.98 -1.35
O1D CLA DD . 58.71 -66.30 -0.49
O2D CLA DD . 59.18 -66.07 -2.66
CED CLA DD . 59.75 -67.13 -3.42
MG CLA ED . 51.68 -55.37 5.45
CHA CLA ED . 49.54 -58.09 5.74
CHB CLA ED . 49.10 -53.49 4.26
CHC CLA ED . 53.82 -52.70 5.24
CHD CLA ED . 54.32 -57.39 6.68
NA CLA ED . 49.66 -55.76 5.06
C1A CLA ED . 48.97 -56.95 5.25
C2A CLA ED . 47.49 -56.80 4.84
C3A CLA ED . 47.44 -55.38 4.25
C4A CLA ED . 48.82 -54.81 4.55
CMA CLA ED . 47.15 -55.43 2.78
CAA CLA ED . 46.57 -56.94 6.05
CBA CLA ED . 47.03 -56.12 7.24
CGA CLA ED . 46.46 -54.73 7.15
O1A CLA ED . 45.29 -54.38 7.27
O2A CLA ED . 47.42 -53.78 6.92
NB CLA ED . 51.51 -53.48 4.81
C1B CLA ED . 50.35 -52.86 4.47
C2B CLA ED . 50.57 -51.39 4.32
C3B CLA ED . 51.90 -51.17 4.59
C4B CLA ED . 52.52 -52.49 4.91
CMB CLA ED . 49.48 -50.48 3.95
CAB CLA ED . 52.70 -49.95 4.61
CBB CLA ED . 52.26 -48.70 4.47
NC CLA ED . 53.71 -55.10 5.87
C1C CLA ED . 54.39 -53.93 5.70
C2C CLA ED . 55.79 -54.11 6.06
C3C CLA ED . 55.92 -55.42 6.50
C4C CLA ED . 54.61 -56.05 6.37
CMC CLA ED . 56.81 -53.06 6.00
CAC CLA ED . 57.14 -56.08 6.98
CBC CLA ED . 57.21 -56.09 8.48
ND CLA ED . 51.93 -57.26 6.12
C1D CLA ED . 53.08 -57.98 6.56
C2D CLA ED . 52.69 -59.37 6.86
C3D CLA ED . 51.34 -59.47 6.59
C4D CLA ED . 50.93 -58.14 6.10
CMD CLA ED . 53.60 -60.40 7.37
CAD CLA ED . 50.16 -60.32 6.56
OBD CLA ED . 50.03 -61.49 6.92
CBD CLA ED . 49.00 -59.48 5.96
CGD CLA ED . 48.53 -60.10 4.67
O1D CLA ED . 49.17 -60.84 3.92
O2D CLA ED . 47.25 -59.77 4.32
CED CLA ED . 46.96 -59.68 2.93
C1 CLA ED . 47.04 -52.39 6.98
C2 CLA ED . 48.09 -51.76 7.82
C3 CLA ED . 48.22 -50.46 8.07
C4 CLA ED . 47.31 -49.44 7.52
C5 CLA ED . 49.33 -49.99 8.95
C6 CLA ED . 49.90 -48.64 8.57
C7 CLA ED . 49.77 -47.67 9.72
C8 CLA ED . 50.35 -48.19 11.03
C9 CLA ED . 49.96 -47.26 12.16
C10 CLA ED . 51.87 -48.31 10.94
C11 CLA ED . 52.55 -48.22 12.29
C12 CLA ED . 53.91 -47.57 12.20
C13 CLA ED . 55.03 -48.58 12.38
C14 CLA ED . 54.80 -49.43 13.61
C15 CLA ED . 56.38 -47.90 12.46
MG CLA FD . 52.43 -43.75 3.90
CHA CLA FD . 49.09 -43.61 2.98
CHB CLA FD . 51.64 -45.93 6.40
CHC CLA FD . 55.77 -43.95 4.68
CHD CLA FD . 53.18 -41.45 1.32
NA CLA FD . 50.64 -44.61 4.56
C1A CLA FD . 49.36 -44.44 4.03
C2A CLA FD . 48.34 -45.28 4.79
C3A CLA FD . 49.17 -45.92 5.93
C4A CLA FD . 50.60 -45.48 5.62
CMA CLA FD . 48.70 -45.40 7.26
CAA CLA FD . 47.79 -46.37 3.88
CBA CLA FD . 46.87 -47.32 4.60
CGA CLA FD . 45.51 -46.70 4.78
O1A CLA FD . 44.71 -46.37 3.90
O2A CLA FD . 45.19 -46.50 6.09
NB CLA FD . 53.51 -44.79 5.24
C1B CLA FD . 52.99 -45.57 6.22
C2B CLA FD . 54.09 -45.99 7.15
C3B CLA FD . 55.25 -45.43 6.68
C4B CLA FD . 54.90 -44.67 5.45
CMB CLA FD . 53.85 -46.83 8.33
CAB CLA FD . 56.60 -45.50 7.18
CBB CLA FD . 56.96 -45.40 8.45
NC CLA FD . 54.15 -42.86 3.13
C1C CLA FD . 55.42 -43.11 3.59
C2C CLA FD . 56.39 -42.36 2.80
C3C CLA FD . 55.65 -41.62 1.86
C4C CLA FD . 54.25 -41.95 2.07
CMC CLA FD . 57.84 -42.39 3.00
CAC CLA FD . 56.18 -40.72 0.82
CBC CLA FD . 56.06 -41.31 -0.56
ND CLA FD . 51.42 -42.69 2.50
C1D CLA FD . 51.85 -41.78 1.51
C2D CLA FD . 50.67 -41.29 0.75
C3D CLA FD . 49.59 -41.96 1.27
C4D CLA FD . 50.11 -42.84 2.35
CMD CLA FD . 50.71 -40.30 -0.32
CAD CLA FD . 48.15 -42.17 1.23
OBD CLA FD . 47.32 -41.64 0.49
CBD CLA FD . 47.79 -43.23 2.31
CGD CLA FD . 46.78 -42.73 3.31
O1D CLA FD . 46.90 -41.77 4.07
O2D CLA FD . 45.63 -43.45 3.34
C1 CLA FD . 44.20 -45.49 6.35
C2 CLA FD . 44.01 -45.45 7.82
C3 CLA FD . 45.01 -45.20 8.67
MG CLA GD . 66.89 -41.50 -8.84
CHA CLA GD . 69.09 -38.87 -9.41
CHB CLA GD . 64.72 -39.36 -7.34
CHC CLA GD . 64.74 -44.13 -8.35
CHD CLA GD . 69.19 -43.69 -10.42
NA CLA GD . 66.94 -39.45 -8.44
C1A CLA GD . 67.94 -38.52 -8.75
C2A CLA GD . 67.56 -37.12 -8.28
C3A CLA GD . 66.21 -37.33 -7.55
C4A CLA GD . 65.92 -38.81 -7.78
CMA CLA GD . 66.30 -36.97 -6.09
CAA CLA GD . 67.37 -36.18 -9.45
CBA CLA GD . 66.48 -36.80 -10.51
CGA CLA GD . 67.29 -37.15 -11.72
O1A CLA GD . 67.83 -36.38 -12.53
O2A CLA GD . 67.44 -38.49 -11.91
NB CLA GD . 65.09 -41.70 -7.98
C1B CLA GD . 64.34 -40.70 -7.49
C2B CLA GD . 63.01 -41.23 -7.05
C3B CLA GD . 63.01 -42.58 -7.32
C4B CLA GD . 64.33 -42.90 -7.92
CMB CLA GD . 61.98 -40.38 -6.46
CAB CLA GD . 61.99 -43.58 -7.12
CBB CLA GD . 61.20 -43.68 -6.05
NC CLA GD . 66.97 -43.53 -9.30
C1C CLA GD . 65.97 -44.43 -8.99
C2C CLA GD . 66.36 -45.76 -9.43
C3C CLA GD . 67.61 -45.65 -10.03
C4C CLA GD . 67.99 -44.24 -9.93
CMC CLA GD . 65.54 -46.98 -9.28
CAC CLA GD . 68.42 -46.72 -10.63
CBC CLA GD . 68.28 -46.78 -12.14
ND CLA GD . 68.70 -41.38 -9.75
C1D CLA GD . 69.54 -42.36 -10.34
C2D CLA GD . 70.77 -41.70 -10.84
C3D CLA GD . 70.64 -40.36 -10.53
C4D CLA GD . 69.35 -40.22 -9.83
CMD CLA GD . 71.84 -42.40 -11.54
CAD CLA GD . 71.24 -39.04 -10.60
OBD CLA GD . 72.29 -38.68 -11.14
CBD CLA GD . 70.29 -38.06 -9.85
CGD CLA GD . 70.97 -37.41 -8.67
O1D CLA GD . 71.13 -36.21 -8.46
O2D CLA GD . 71.45 -38.30 -7.75
CED CLA GD . 72.69 -38.00 -7.12
C1 CLA GD . 66.22 -39.26 -12.06
MG CLA HD . 61.65 -35.08 -18.66
CHA CLA HD . 64.50 -33.47 -17.53
CHB CLA HD . 61.47 -32.90 -21.28
CHC CLA HD . 58.87 -36.75 -19.79
CHD CLA HD . 61.80 -37.23 -15.85
NA CLA HD . 62.83 -33.47 -19.29
C1A CLA HD . 63.99 -32.96 -18.69
C2A CLA HD . 64.54 -31.77 -19.47
C3A CLA HD . 63.51 -31.58 -20.62
C4A CLA HD . 62.53 -32.73 -20.41
CMA CLA HD . 62.83 -30.24 -20.54
CAA CLA HD . 65.91 -32.08 -20.05
CBA CLA HD . 66.95 -31.10 -19.56
CGA CLA HD . 68.25 -31.37 -20.25
O1A CLA HD . 69.37 -31.51 -19.75
O2A CLA HD . 68.13 -31.44 -21.61
NB CLA HD . 60.43 -34.89 -20.25
C1B CLA HD . 60.49 -33.91 -21.18
C2B CLA HD . 59.34 -34.03 -22.12
C3B CLA HD . 58.60 -35.11 -21.71
C4B CLA HD . 59.28 -35.67 -20.51
CMB CLA HD . 59.14 -33.09 -23.23
CAB CLA HD . 57.38 -35.67 -22.25
CBB CLA HD . 57.09 -35.80 -23.54
NC CLA HD . 60.56 -36.71 -17.96
C1C CLA HD . 59.47 -37.25 -18.59
C2C CLA HD . 58.98 -38.40 -17.85
C3C CLA HD . 59.78 -38.51 -16.71
C4C CLA HD . 60.77 -37.45 -16.79
CMC CLA HD . 57.84 -39.24 -18.25
CAC CLA HD . 59.68 -39.53 -15.65
CBC CLA HD . 58.67 -39.16 -14.58
ND CLA HD . 62.83 -35.35 -17.05
C1D CLA HD . 62.77 -36.25 -15.94
C2D CLA HD . 63.89 -35.96 -15.02
C3D CLA HD . 64.61 -34.93 -15.60
C4D CLA HD . 63.90 -34.57 -16.84
CMD CLA HD . 64.15 -36.67 -13.78
CAD CLA HD . 65.76 -34.04 -15.48
OBD CLA HD . 66.63 -34.02 -14.63
CBD CLA HD . 65.70 -33.06 -16.69
CGD CLA HD . 65.58 -31.63 -16.24
O1D CLA HD . 64.60 -30.88 -16.37
O2D CLA HD . 66.69 -31.16 -15.62
CED CLA HD . 66.73 -29.77 -15.29
C1 CLA HD . 68.12 -30.20 -22.32
MG CLA ID . 49.00 -41.01 -4.08
CHA CLA ID . 47.56 -43.57 -2.25
CHB CLA ID . 45.92 -40.10 -5.22
CHC CLA ID . 50.45 -38.35 -5.70
CHD CLA ID . 52.19 -42.07 -2.97
NA CLA ID . 47.07 -41.74 -3.78
C1A CLA ID . 46.68 -42.81 -2.96
C2A CLA ID . 45.16 -43.02 -3.02
C3A CLA ID . 44.72 -42.04 -4.12
C4A CLA ID . 45.97 -41.21 -4.40
CMA CLA ID . 44.27 -42.82 -5.33
CAA CLA ID . 44.51 -42.68 -1.69
CBA CLA ID . 44.69 -41.23 -1.31
CGA CLA ID . 44.36 -41.03 0.15
O1A CLA ID . 44.14 -41.89 0.99
O2A CLA ID . 44.33 -39.72 0.53
NB CLA ID . 48.32 -39.51 -5.25
C1B CLA ID . 47.02 -39.28 -5.56
C2B CLA ID . 46.90 -38.04 -6.37
C3B CLA ID . 48.18 -37.54 -6.51
C4B CLA ID . 49.10 -38.48 -5.80
CMB CLA ID . 45.63 -37.53 -6.87
CAB CLA ID . 48.68 -36.37 -7.18
CBB CLA ID . 48.07 -35.17 -7.24
NC CLA ID . 50.96 -40.35 -4.30
C1C CLA ID . 51.34 -39.24 -5.00
C2C CLA ID . 52.78 -39.06 -4.93
C3C CLA ID . 53.28 -40.11 -4.16
C4C CLA ID . 52.13 -40.92 -3.78
CMC CLA ID . 53.53 -37.96 -5.56
CAC CLA ID . 54.69 -40.37 -3.81
CBC CLA ID . 55.40 -41.19 -4.86
ND CLA ID . 49.77 -42.47 -2.92
C1D CLA ID . 51.09 -42.80 -2.55
C2D CLA ID . 51.07 -43.99 -1.66
C3D CLA ID . 49.73 -44.31 -1.49
C4D CLA ID . 48.97 -43.34 -2.30
CMD CLA ID . 52.25 -44.63 -1.10
CAD CLA ID . 48.77 -45.22 -0.88
OBD CLA ID . 48.96 -46.18 -0.13
CBD CLA ID . 47.35 -44.78 -1.36
CGD CLA ID . 46.65 -45.88 -2.12
O1D CLA ID . 46.86 -46.24 -3.28
O2D CLA ID . 45.69 -46.52 -1.40
CED CLA ID . 45.07 -47.66 -2.01
C1 CLA ID . 45.57 -39.00 0.50
C2 CLA ID . 45.60 -38.13 1.70
C3 CLA ID . 46.69 -37.46 2.10
MG CLA JD . 56.10 -55.78 -10.18
CHA CLA JD . 53.22 -56.46 -11.98
CHB CLA JD . 56.55 -59.11 -9.65
CHC CLA JD . 59.00 -55.05 -8.48
CHD CLA JD . 55.58 -52.33 -10.77
NA CLA JD . 55.04 -57.49 -10.74
C1A CLA JD . 53.87 -57.57 -11.50
C2A CLA JD . 53.43 -59.01 -11.67
C3A CLA JD . 54.42 -59.81 -10.79
C4A CLA JD . 55.43 -58.74 -10.37
CMA CLA JD . 53.75 -60.44 -9.61
CAA CLA JD . 53.58 -59.43 -13.13
CBA CLA JD . 54.80 -58.81 -13.79
CGA CLA JD . 56.03 -59.62 -13.48
O1A CLA JD . 56.20 -60.83 -13.61
O2A CLA JD . 57.07 -58.87 -12.99
NB CLA JD . 57.46 -56.87 -9.17
C1B CLA JD . 57.54 -58.22 -9.19
C2B CLA JD . 58.85 -58.67 -8.65
C3B CLA JD . 59.55 -57.53 -8.31
C4B CLA JD . 58.68 -56.36 -8.64
CMB CLA JD . 59.21 -60.09 -8.56
CAB CLA JD . 60.88 -57.40 -7.77
CBB CLA JD . 61.45 -58.19 -6.85
NC CLA JD . 57.09 -54.01 -9.69
C1C CLA JD . 58.25 -53.93 -8.97
C2C CLA JD . 58.65 -52.54 -8.80
C3C CLA JD . 57.70 -51.77 -9.48
C4C CLA JD . 56.71 -52.70 -10.02
CMC CLA JD . 59.83 -52.08 -8.08
CAC CLA JD . 57.66 -50.31 -9.59
CBC CLA JD . 58.12 -49.86 -10.97
ND CLA JD . 54.79 -54.61 -11.19
C1D CLA JD . 54.67 -53.20 -11.31
C2D CLA JD . 53.45 -52.90 -12.09
C3D CLA JD . 52.86 -54.11 -12.39
C4D CLA JD . 53.72 -55.13 -11.78
CMD CLA JD . 53.00 -51.54 -12.46
CAD CLA JD . 51.76 -54.80 -13.04
OBD CLA JD . 50.83 -54.33 -13.72
CBD CLA JD . 51.93 -56.32 -12.75
CGD CLA JD . 50.79 -56.84 -11.93
O1D CLA JD . 50.22 -56.28 -10.99
O2D CLA JD . 50.36 -58.08 -12.28
CED CLA JD . 49.61 -58.82 -11.31
C1 CLA JD . 58.30 -59.60 -12.83
C2 CLA JD . 59.37 -58.69 -12.32
C3 CLA JD . 60.64 -59.11 -12.17
C4 CLA JD . 61.09 -60.48 -12.48
C5 CLA JD . 61.69 -58.17 -11.68
C6 CLA JD . 62.91 -58.18 -12.58
C7 CLA JD . 63.49 -56.78 -12.70
C8 CLA JD . 65.01 -56.78 -12.61
C10 CLA JD . 65.51 -55.39 -12.22
MG CLA KD . 65.99 -60.14 -4.17
CHA CLA KD . 64.07 -62.29 -6.13
CHB CLA KD . 66.03 -62.43 -1.67
CHC CLA KD . 67.65 -57.86 -2.19
CHD CLA KD . 65.88 -57.75 -6.79
NA CLA KD . 65.22 -62.07 -3.98
C1A CLA KD . 64.41 -62.79 -4.88
C2A CLA KD . 64.06 -64.16 -4.29
C3A CLA KD . 64.96 -64.25 -3.04
C4A CLA KD . 65.43 -62.81 -2.85
CMA CLA KD . 64.30 -64.82 -1.81
CAA CLA KD . 64.32 -65.35 -5.21
CBA CLA KD . 65.67 -65.26 -5.91
CGA CLA KD . 65.53 -65.78 -7.30
O1A CLA KD . 66.37 -65.78 -8.21
O2A CLA KD . 64.30 -66.30 -7.55
NB CLA KD . 66.66 -60.13 -2.27
C1B CLA KD . 66.56 -61.16 -1.39
C2B CLA KD . 67.16 -60.77 -0.09
C3B CLA KD . 67.62 -59.49 -0.23
C4B CLA KD . 67.34 -59.06 -1.63
CMB CLA KD . 67.23 -61.67 1.06
CAB CLA KD . 68.32 -58.64 0.69
CBB CLA KD . 69.45 -58.97 1.32
NC CLA KD . 66.69 -58.20 -4.47
C1C CLA KD . 67.37 -57.46 -3.53
C2C CLA KD . 67.73 -56.16 -4.08
C3C CLA KD . 67.19 -56.10 -5.37
C4C CLA KD . 66.54 -57.39 -5.59
CMC CLA KD . 68.48 -55.13 -3.37
CAC CLA KD . 67.29 -54.99 -6.33
CBC CLA KD . 68.27 -55.27 -7.45
ND CLA KD . 65.34 -60.05 -6.08
C1D CLA KD . 65.30 -58.98 -7.01
C2D CLA KD . 64.59 -59.43 -8.23
C3D CLA KD . 64.12 -60.69 -7.95
C4D CLA KD . 64.57 -61.03 -6.58
CMD CLA KD . 64.45 -58.62 -9.43
CAD CLA KD . 63.41 -61.84 -8.47
OBD CLA KD . 63.00 -62.08 -9.60
CBD CLA KD . 63.24 -62.82 -7.27
CGD CLA KD . 61.77 -62.86 -6.92
O1D CLA KD . 61.09 -61.91 -6.56
O2D CLA KD . 61.19 -64.09 -7.03
CED CLA KD . 61.06 -64.63 -8.35
MG CLA LD . 68.84 -49.79 11.48
CHA CLA LD . 71.43 -48.35 13.28
CHB CLA LD . 70.98 -52.15 10.28
CHC CLA LD . 66.23 -51.18 9.73
CHD CLA LD . 66.64 -47.33 12.78
NA CLA LD . 70.88 -50.16 11.76
C1A CLA LD . 71.79 -49.45 12.54
C2A CLA LD . 73.18 -50.07 12.46
C3A CLA LD . 73.00 -51.25 11.48
C4A CLA LD . 71.52 -51.20 11.14
CMA CLA LD . 73.88 -51.11 10.26
CAA CLA LD . 73.63 -50.61 13.82
NB CLA LD . 68.64 -51.37 10.24
C1B CLA LD . 69.63 -52.22 9.86
C2B CLA LD . 69.10 -53.23 8.93
C3B CLA LD . 67.76 -52.97 8.76
C4B CLA LD . 67.45 -51.77 9.60
CMB CLA LD . 69.91 -54.29 8.34
CAB CLA LD . 66.76 -53.63 7.97
CBB CLA LD . 66.73 -53.60 6.63
NC CLA LD . 66.81 -49.33 11.30
C1C CLA LD . 65.91 -50.03 10.52
C2C CLA LD . 64.59 -49.45 10.63
C3C CLA LD . 64.70 -48.36 11.50
C4C CLA LD . 66.11 -48.30 11.91
CMC CLA LD . 63.40 -49.94 9.94
CAC CLA LD . 63.64 -47.45 11.93
CBC CLA LD . 63.51 -46.23 11.05
ND CLA LD . 68.94 -48.19 12.72
C1D CLA LD . 67.96 -47.27 13.16
C2D CLA LD . 68.60 -46.28 14.07
C3D CLA LD . 69.94 -46.64 14.14
C4D CLA LD . 70.09 -47.85 13.29
CMD CLA LD . 67.91 -45.17 14.72
CAD CLA LD . 71.24 -46.33 14.71
OBD CLA LD . 71.57 -45.43 15.46
CBD CLA LD . 72.24 -47.41 14.17
CGD CLA LD . 73.37 -46.78 13.43
O1D CLA LD . 73.38 -45.69 12.84
O2D CLA LD . 74.52 -47.50 13.43
CED CLA LD . 75.39 -47.37 14.56
MG CLA MD . 58.79 -33.86 -1.99
CHA CLA MD . 58.83 -30.38 -2.19
CHB CLA MD . 58.99 -33.67 1.40
CHC CLA MD . 58.84 -37.29 -1.85
CHD CLA MD . 58.59 -34.03 -5.52
NA CLA MD . 58.87 -32.27 -0.64
C1A CLA MD . 58.88 -30.89 -0.92
C2A CLA MD . 58.94 -30.09 0.38
C3A CLA MD . 58.95 -31.16 1.49
C4A CLA MD . 58.93 -32.47 0.71
CMA CLA MD . 60.17 -31.04 2.39
CAA CLA MD . 57.75 -29.15 0.50
CBA CLA MD . 56.76 -29.54 1.59
CGA CLA MD . 55.94 -28.33 1.91
O1A CLA MD . 56.28 -27.28 2.44
O2A CLA MD . 54.63 -28.46 1.51
NB CLA MD . 58.91 -35.22 -0.51
C1B CLA MD . 58.97 -34.95 0.81
C2B CLA MD . 59.04 -36.21 1.59
C3B CLA MD . 59.00 -37.24 0.68
C4B CLA MD . 58.91 -36.62 -0.68
CMB CLA MD . 59.11 -36.23 3.05
CAB CLA MD . 59.02 -38.68 0.82
CBB CLA MD . 59.34 -39.38 1.93
NC CLA MD . 58.71 -35.38 -3.43
C1C CLA MD . 58.73 -36.71 -3.15
C2C CLA MD . 58.65 -37.49 -4.37
C3C CLA MD . 58.59 -36.57 -5.42
C4C CLA MD . 58.63 -35.24 -4.83
CMC CLA MD . 58.63 -38.95 -4.40
CAC CLA MD . 58.47 -36.85 -6.87
CBC CLA MD . 59.58 -37.70 -7.43
ND CLA MD . 58.67 -32.56 -3.54
C1D CLA MD . 58.61 -32.76 -4.95
C2D CLA MD . 58.59 -31.44 -5.62
C3D CLA MD . 58.66 -30.51 -4.61
C4D CLA MD . 58.72 -31.25 -3.34
CMD CLA MD . 58.50 -31.25 -7.06
CAD CLA MD . 58.69 -29.08 -4.30
OBD CLA MD . 58.62 -28.12 -5.05
CBD CLA MD . 58.84 -28.97 -2.75
CGD CLA MD . 60.08 -28.18 -2.41
O1D CLA MD . 60.44 -27.12 -2.91
O2D CLA MD . 60.86 -28.72 -1.43
CED CLA MD . 61.95 -27.93 -0.93
C1 CLA MD . 54.12 -27.43 0.63
C2 CLA MD . 52.65 -27.54 0.68
C3 CLA MD . 51.87 -27.50 -0.41
C4 CLA MD . 52.43 -27.34 -1.77
C5 CLA MD . 50.39 -27.62 -0.30
C6 CLA MD . 49.94 -28.05 1.08
MG CLA ND . 62.25 -39.75 11.09
CHA CLA ND . 63.85 -36.93 9.84
CHB CLA ND . 64.83 -40.30 13.21
CHC CLA ND . 60.58 -42.51 12.32
CHD CLA ND . 59.57 -39.16 8.83
NA CLA ND . 64.04 -38.76 11.45
C1A CLA ND . 64.53 -37.59 10.82
C2A CLA ND . 65.89 -37.20 11.40
C3A CLA ND . 66.19 -38.32 12.42
C4A CLA ND . 64.94 -39.20 12.38
CMA CLA ND . 67.43 -39.10 12.09
CAA CLA ND . 65.82 -35.86 12.10
CBA CLA ND . 64.85 -35.90 13.27
CGA CLA ND . 63.82 -34.83 13.13
O1A CLA ND . 63.98 -33.60 13.15
O2A CLA ND . 62.56 -35.31 12.95
NB CLA ND . 62.64 -41.13 12.49
C1B CLA ND . 63.76 -41.19 13.26
C2B CLA ND . 63.68 -42.35 14.19
C3B CLA ND . 62.48 -42.98 13.94
C4B CLA ND . 61.80 -42.22 12.86
CMB CLA ND . 64.73 -42.69 15.15
CAB CLA ND . 61.91 -44.15 14.56
CBB CLA ND . 60.75 -44.18 15.23
NC CLA ND . 60.41 -40.66 10.64
C1C CLA ND . 59.93 -41.78 11.27
C2C CLA ND . 58.62 -42.13 10.73
C3C CLA ND . 58.34 -41.19 9.74
C4C CLA ND . 59.47 -40.27 9.69
CMC CLA ND . 57.81 -43.27 11.17
CAC CLA ND . 57.13 -41.13 8.89
CBC CLA ND . 57.37 -41.72 7.51
ND CLA ND . 61.75 -38.40 9.66
C1D CLA ND . 60.63 -38.28 8.80
C2D CLA ND . 60.81 -37.09 7.94
C3D CLA ND . 62.01 -36.53 8.30
C4D CLA ND . 62.56 -37.39 9.38
CMD CLA ND . 59.84 -36.65 6.93
CAD CLA ND . 62.96 -35.45 8.07
OBD CLA ND . 62.88 -34.50 7.29
CBD CLA ND . 64.16 -35.69 9.03
CGD CLA ND . 65.45 -35.82 8.26
O1D CLA ND . 65.90 -36.83 7.72
O2D CLA ND . 66.15 -34.66 8.14
CED CLA ND . 66.96 -34.49 6.99
C1 A1L1G OD . -39.49 64.67 -47.13
C5 A1L1G OD . -37.88 64.24 -45.24
C4 A1L1G OD . -39.40 67.17 -47.13
C3 A1L1G OD . -39.70 65.94 -44.98
C2 A1L1G OD . -40.55 62.65 -48.40
C10 A1L1G OD . -39.52 65.95 -49.31
C11 A1L1G OD . -39.00 65.91 -47.88
C12 A1L1G OD . -40.24 63.50 -45.03
C14 A1L1G OD . -47.50 46.77 -38.85
C17 A1L1G OD . -50.08 46.37 -40.33
C18 A1L1G OD . -46.45 44.01 -39.95
C19 A1L1G OD . -46.34 44.35 -37.50
C20 A1L1G OD . -49.45 45.24 -39.56
C21 A1L1G OD . -49.84 43.85 -39.96
C22 A1L1G OD . -49.55 42.96 -38.78
C23 A1L1G OD . -48.06 42.88 -38.49
C24 A1L1G OD . -47.28 44.20 -38.69
C25 A1L1G OD . -48.17 45.42 -38.85
C26 A1L1G OD . -46.07 49.18 -38.36
C27 A1L1G OD . -44.40 53.45 -40.60
C28 A1L1G OD . -43.45 56.87 -47.04
C29 A1L1G OD . -46.93 47.38 -39.88
C30 A1L1G OD . -46.38 48.67 -39.74
C31 A1L1G OD . -46.12 49.47 -40.84
C32 A1L1G OD . -45.52 50.72 -40.85
C33 A1L1G OD . -45.22 51.53 -41.92
C34 A1L1G OD . -44.76 52.86 -41.90
C35 A1L1G OD . -44.64 53.66 -43.05
C36 A1L1G OD . -43.71 54.66 -43.30
C37 A1L1G OD . -43.42 55.37 -44.46
C38 A1L1G OD . -43.04 56.68 -44.62
C39 A1L1G OD . -42.86 57.41 -45.80
C40 A1L1G OD . -42.14 58.62 -45.88
C41 A1L1G OD . -42.33 59.68 -46.76
C42 A1L1G OD . -41.38 60.52 -47.29
C43 A1L1G OD . -42.88 62.47 -47.50
C44 A1L1G OD . -41.56 61.83 -47.73
C45 A1L1G OD . -40.02 63.68 -47.79
C6 A1L1G OD . -39.33 64.59 -45.61
C8 A1L1G OD . -39.02 67.11 -45.66
O13 A1L1G OD . -46.94 50.25 -38.05
O15 A1L1G OD . -49.43 45.42 -38.12
O16 A1L1G OD . -50.05 41.64 -39.03
O7 A1L1G OD . -39.40 68.33 -45.01
O9 A1L1G OD . -37.56 65.92 -47.91
C1 XAT PD . -8.63 42.87 -35.85
C2 XAT PD . -7.40 43.58 -35.29
C3 XAT PD . -7.79 44.51 -34.17
C4 XAT PD . -8.15 43.60 -33.00
C5 XAT PD . -9.40 42.78 -33.32
C6 XAT PD . -9.69 42.49 -34.80
C7 XAT PD . -10.40 41.16 -35.03
C8 XAT PD . -11.69 41.23 -35.34
C9 XAT PD . -12.53 40.05 -35.60
C10 XAT PD . -13.84 40.24 -35.73
C11 XAT PD . -14.75 39.14 -36.01
C12 XAT PD . -16.00 39.46 -36.32
C13 XAT PD . -17.02 38.43 -36.66
C14 XAT PD . -18.14 38.84 -37.27
C15 XAT PD . -19.19 37.92 -37.67
C16 XAT PD . -8.16 41.61 -36.58
C17 XAT PD . -9.27 43.77 -36.89
C18 XAT PD . -9.86 41.63 -32.41
C19 XAT PD . -11.91 38.69 -35.73
C20 XAT PD . -16.78 36.98 -36.35
O3 XAT PD . -6.70 45.36 -33.82
O4 XAT PD . -10.40 43.48 -34.06
C21 XAT PD . -29.25 34.47 -44.86
C22 XAT PD . -30.56 33.88 -45.35
C23 XAT PD . -31.15 32.97 -44.30
C24 XAT PD . -31.67 33.89 -43.21
C25 XAT PD . -30.51 34.62 -42.53
C26 XAT PD . -29.23 34.83 -43.36
C27 XAT PD . -28.47 36.10 -42.99
C28 XAT PD . -27.32 35.91 -42.35
C29 XAT PD . -26.42 37.00 -41.93
C30 XAT PD . -25.37 36.68 -41.17
C31 XAT PD . -24.40 37.65 -40.71
C32 XAT PD . -23.40 37.20 -39.96
C33 XAT PD . -22.34 38.10 -39.46
C34 XAT PD . -21.29 37.56 -38.81
C35 XAT PD . -20.22 38.42 -38.34
C36 XAT PD . -28.95 35.73 -45.67
C37 XAT PD . -28.13 33.48 -45.12
C38 XAT PD . -30.74 35.78 -41.55
C39 XAT PD . -26.66 38.41 -42.37
C40 XAT PD . -22.43 39.57 -39.70
O23 XAT PD . -32.23 32.21 -44.86
O24 XAT PD . -29.34 33.83 -42.34
C1 XAT QD . -25.08 47.19 -42.82
C2 XAT QD . -23.86 47.50 -41.97
C3 XAT QD . -24.30 48.21 -40.70
C4 XAT QD . -24.95 47.14 -39.84
C5 XAT QD . -26.21 46.60 -40.51
C6 XAT QD . -26.32 46.69 -42.04
C7 XAT QD . -27.08 45.53 -42.65
C8 XAT QD . -28.30 45.82 -43.11
C9 XAT QD . -29.20 44.84 -43.74
C10 XAT QD . -30.47 45.22 -43.91
C11 XAT QD . -31.50 44.40 -44.53
C12 XAT QD . -32.68 44.99 -44.67
C13 XAT QD . -33.85 44.36 -45.30
C14 XAT QD . -34.95 45.11 -45.45
C15 XAT QD . -36.16 44.60 -46.09
C16 XAT QD . -24.70 46.15 -43.86
C17 XAT QD . -25.48 48.45 -43.58
C18 XAT QD . -26.92 45.34 -39.96
C19 XAT QD . -28.70 43.51 -44.21
C20 XAT QD . -33.80 42.94 -45.77
O3 XAT QD . -23.17 48.77 -40.03
O4 XAT QD . -27.03 47.58 -41.16
C21 XAT QD . -48.38 45.30 -50.55
C22 XAT QD . -49.79 44.84 -50.90
C23 XAT QD . -49.85 43.34 -50.99
C24 XAT QD . -49.70 42.87 -49.56
C25 XAT QD . -48.26 43.11 -49.09
C26 XAT QD . -47.55 44.34 -49.68
C27 XAT QD . -46.57 44.99 -48.72
C28 XAT QD . -45.28 44.88 -49.01
C29 XAT QD . -44.24 45.50 -48.16
C30 XAT QD . -42.96 45.18 -48.38
C31 XAT QD . -41.86 45.76 -47.60
C32 XAT QD . -40.71 45.11 -47.56
C33 XAT QD . -39.54 45.63 -46.83
C34 XAT QD . -38.39 44.97 -46.92
C35 XAT QD . -37.18 45.43 -46.25
C36 XAT QD . -48.48 46.63 -49.82
C37 XAT QD . -47.62 45.55 -51.85
C38 XAT QD . -47.81 42.83 -47.65
C39 XAT QD . -44.62 46.49 -47.10
C40 XAT QD . -39.65 46.89 -46.01
O23 XAT QD . -51.12 42.94 -51.52
O24 XAT QD . -47.28 42.99 -50.13
C8 A1L1F RD . -31.41 30.06 -27.42
C5 A1L1F RD . -34.30 30.51 -26.91
C4 A1L1F RD . -31.29 30.02 -28.94
C6 A1L1F RD . -33.38 31.56 -27.52
C10 A1L1F RD . -32.55 30.21 -31.07
C11 A1L1F RD . -32.67 30.14 -29.56
C2 A1L1F RD . -34.26 33.03 -30.64
C3 A1L1F RD . -31.99 31.38 -26.97
C1 A1L1F RD . -33.31 31.37 -29.01
C12 A1L1F RD . -33.89 32.94 -27.20
C14 A1L1F RD . -38.44 51.18 -34.09
C17 A1L1F RD . -37.01 52.25 -31.91
C18 A1L1F RD . -36.09 52.41 -36.03
C19 A1L1F RD . -38.45 52.67 -36.64
C20 A1L1F RD . -37.28 53.27 -33.01
C21 A1L1F RD . -36.15 54.18 -33.45
C22 A1L1F RD . -36.75 55.23 -34.38
C23 A1L1F RD . -37.25 54.57 -35.66
C24 A1L1F RD . -37.40 53.06 -35.61
C25 A1L1F RD . -37.82 52.55 -34.24
C26 A1L1F RD . -39.97 48.69 -34.24
C27 A1L1F RD . -39.09 43.41 -34.29
C28 A1L1F RD . -33.50 39.28 -32.94
C29 A1L1F RD . -37.82 50.08 -34.45
C30 A1L1F RD . -38.47 48.78 -34.29
C31 A1L1F RD . -37.70 47.69 -34.16
C32 A1L1F RD . -38.21 46.33 -33.98
C33 A1L1F RD . -37.37 45.35 -34.29
C34 A1L1F RD . -37.70 43.92 -34.13
C35 A1L1F RD . -36.69 43.11 -33.81
C36 A1L1F RD . -36.86 41.69 -33.58
C37 A1L1F RD . -35.78 40.93 -33.40
C38 A1L1F RD . -35.94 39.51 -33.11
C39 A1L1F RD . -34.88 38.73 -32.89
C40 A1L1F RD . -35.11 37.32 -32.55
C41 A1L1F RD . -34.27 36.65 -31.77
C42 A1L1F RD . -34.59 35.25 -31.46
C43 A1L1F RD . -32.35 34.75 -30.54
C44 A1L1F RD . -33.75 34.39 -30.88
C45 A1L1F RD . -41.71 49.83 -32.83
C47 A1L1F RD . -42.09 50.46 -31.52
C48 A1L1F RD . -43.17 51.49 -31.77
C49 A1L1F RD . -44.47 51.10 -31.07
C50 A1L1F RD . -45.62 51.12 -32.06
C51 A1L1F RD . -46.96 51.28 -31.34
C52 A1L1F RD . -46.93 50.59 -29.98
C53 A1L1F RD . -47.83 49.38 -29.96
C54 A1L1F RD . -29.72 28.56 -26.68
C56 A1L1F RD . -30.78 27.50 -26.77
C57 A1L1F RD . -33.77 32.23 -29.80
O13 A1L1F RD . -40.41 49.21 -32.99
O15 A1L1F RD . -38.59 53.50 -33.52
O16 A1L1F RD . -35.74 56.19 -34.70
O46 A1L1F RD . -42.49 49.84 -33.77
O55 A1L1F RD . -28.55 28.30 -26.44
O7 A1L1F RD . -30.10 29.94 -26.86
O9 A1L1F RD . -33.43 28.99 -29.22
MG CLA SD . -50.33 42.86 -33.46
CHA CLA SD . -49.02 39.74 -32.65
CHB CLA SD . -53.45 41.72 -32.68
CHC CLA SD . -51.57 45.99 -34.15
CHD CLA SD . -47.07 43.98 -34.18
NA CLA SD . -51.09 41.01 -32.80
C1A CLA SD . -50.38 39.85 -32.51
C2A CLA SD . -51.31 38.74 -32.04
C3A CLA SD . -52.72 39.36 -32.18
C4A CLA SD . -52.43 40.81 -32.57
CMA CLA SD . -53.52 38.62 -33.21
CAA CLA SD . -51.04 38.40 -30.59
CBA CLA SD . -51.15 39.63 -29.70
CGA CLA SD . -50.16 39.57 -28.58
O1A CLA SD . -50.01 38.67 -27.75
O2A CLA SD . -49.35 40.67 -28.52
NB CLA SD . -52.17 43.69 -33.44
C1B CLA SD . -53.31 43.08 -33.05
C2B CLA SD . -54.44 44.06 -33.09
C3B CLA SD . -53.91 45.26 -33.51
C4B CLA SD . -52.46 45.04 -33.73
CMB CLA SD . -55.81 43.71 -32.73
CAB CLA SD . -54.54 46.54 -33.72
CBB CLA SD . -55.60 46.74 -34.52
NC CLA SD . -49.46 44.64 -34.09
C1C CLA SD . -50.17 45.80 -34.33
C2C CLA SD . -49.25 46.84 -34.78
C3C CLA SD . -47.97 46.29 -34.75
C4C CLA SD . -48.11 44.91 -34.33
CMC CLA SD . -49.64 48.21 -35.13
CAC CLA SD . -46.70 46.96 -35.12
CBC CLA SD . -45.94 47.41 -33.89
ND CLA SD . -48.46 42.09 -33.49
C1D CLA SD . -47.20 42.66 -33.80
C2D CLA SD . -46.15 41.64 -33.64
C3D CLA SD . -46.79 40.50 -33.21
C4D CLA SD . -48.22 40.84 -33.12
CMD CLA SD . -44.73 41.86 -33.90
CAD CLA SD . -46.64 39.10 -32.82
OBD CLA SD . -45.63 38.41 -32.75
CBD CLA SD . -48.06 38.58 -32.45
CGD CLA SD . -48.45 37.39 -33.28
O1D CLA SD . -48.21 37.19 -34.47
O2D CLA SD . -49.16 36.44 -32.60
CED CLA SD . -49.73 35.37 -33.35
C1 CLA SD . -49.73 41.73 -27.62
C2 CLA SD . -49.32 41.32 -26.25
C3 CLA SD . -48.03 41.34 -25.83
C4 CLA SD . -47.67 40.92 -24.46
C5 CLA SD . -46.93 41.80 -26.72
C6 CLA SD . -46.20 43.01 -26.17
C7 CLA SD . -44.77 43.05 -26.68
C8 CLA SD . -43.91 41.97 -26.04
C9 CLA SD . -43.62 42.29 -24.60
C10 CLA SD . -42.62 41.75 -26.83
C11 CLA SD . -41.43 42.47 -26.26
C12 CLA SD . -41.19 43.80 -26.93
C13 CLA SD . -39.89 44.45 -26.43
C14 CLA SD . -39.84 45.91 -26.79
C15 CLA SD . -38.67 43.71 -26.95
C16 CLA SD . -37.39 44.29 -26.38
MG CLA TD . -46.10 40.06 -46.36
CHA CLA TD . -49.01 38.19 -46.14
CHB CLA TD . -44.99 38.02 -48.85
CHC CLA TD . -43.27 42.00 -46.62
CHD CLA TD . -47.33 42.21 -43.84
NA CLA TD . -46.89 38.37 -47.31
C1A CLA TD . -48.13 37.76 -47.09
C2A CLA TD . -48.32 36.55 -48.02
C3A CLA TD . -46.97 36.46 -48.77
C4A CLA TD . -46.21 37.71 -48.30
CMA CLA TD . -46.23 35.19 -48.47
CAA CLA TD . -49.45 36.72 -49.02
CBA CLA TD . -49.81 38.17 -49.35
CGA CLA TD . -48.73 38.90 -50.10
O1A CLA TD . -48.50 40.10 -50.08
O2A CLA TD . -47.95 38.10 -50.90
NB CLA TD . -44.46 40.04 -47.54
C1B CLA TD . -44.18 39.11 -48.49
C2B CLA TD . -42.85 39.40 -49.10
C3B CLA TD . -42.36 40.53 -48.48
C4B CLA TD . -43.38 40.94 -47.46
CMB CLA TD . -42.28 38.57 -50.15
CAB CLA TD . -41.13 41.25 -48.65
CBB CLA TD . -40.52 41.48 -49.82
NC CLA TD . -45.42 41.77 -45.37
C1C CLA TD . -44.22 42.39 -45.63
C2C CLA TD . -44.07 43.55 -44.75
C3C CLA TD . -45.23 43.63 -44.00
C4C CLA TD . -46.08 42.51 -44.39
CMC CLA TD . -42.92 44.44 -44.71
CAC CLA TD . -45.52 44.67 -43.00
CBC CLA TD . -46.52 45.67 -43.49
ND CLA TD . -47.73 40.18 -45.17
C1D CLA TD . -48.11 41.12 -44.18
C2D CLA TD . -49.43 40.72 -43.62
C3D CLA TD . -49.82 39.59 -44.32
C4D CLA TD . -48.73 39.32 -45.30
CMD CLA TD . -50.13 41.43 -42.55
CAD CLA TD . -50.83 38.56 -44.50
OBD CLA TD . -51.87 38.37 -43.88
CBD CLA TD . -50.36 37.67 -45.69
CGD CLA TD . -50.28 36.22 -45.30
O1D CLA TD . -49.30 35.62 -44.85
O2D CLA TD . -51.44 35.52 -45.47
CED CLA TD . -51.56 34.25 -44.83
C1 CLA TD . -47.39 38.64 -52.11
C2 CLA TD . -46.20 39.49 -51.77
C3 CLA TD . -45.39 39.99 -52.71
C4 CLA TD . -45.60 39.74 -54.16
C5 CLA TD . -44.22 40.82 -52.34
C6 CLA TD . -44.56 42.29 -52.17
C7 CLA TD . -44.43 43.05 -53.48
C8 CLA TD . -43.51 44.26 -53.39
C9 CLA TD . -42.60 44.18 -52.19
C10 CLA TD . -44.31 45.56 -53.39
C11 CLA TD . -43.55 46.74 -52.84
C12 CLA TD . -44.22 47.33 -51.62
C13 CLA TD . -43.73 48.73 -51.27
C14 CLA TD . -42.29 48.94 -51.71
C15 CLA TD . -43.88 48.99 -49.78
C16 CLA TD . -43.16 50.24 -49.34
C17 CLA TD . -43.47 50.57 -47.89
C18 CLA TD . -42.22 50.80 -47.04
C19 CLA TD . -42.49 50.46 -45.59
C20 CLA TD . -41.04 50.01 -47.55
MG CLA UD . -35.88 42.71 -51.70
CHA CLA UD . -36.61 39.96 -53.68
CHB CLA UD . -39.11 43.77 -51.99
CHC CLA UD . -35.15 45.36 -49.62
CHD CLA UD . -32.54 41.59 -51.46
NA CLA UD . -37.57 41.96 -52.69
C1A CLA UD . -37.67 40.79 -53.45
C2A CLA UD . -39.10 40.62 -53.98
C3A CLA UD . -39.82 41.88 -53.51
C4A CLA UD . -38.78 42.60 -52.66
CMA CLA UD . -40.28 42.73 -54.66
CAA CLA UD . -39.74 39.39 -53.36
CBA CLA UD . -41.14 39.15 -53.89
CGA CLA UD . -41.06 38.33 -55.15
O1A CLA UD . -40.36 37.35 -55.38
O2A CLA UD . -41.91 38.76 -56.12
NB CLA UD . -36.93 44.24 -50.91
C1B CLA UD . -38.23 44.53 -51.20
C2B CLA UD . -38.61 45.82 -50.57
C3B CLA UD . -37.49 46.28 -49.88
C4B CLA UD . -36.42 45.28 -50.11
CMB CLA UD . -39.95 46.40 -50.71
CAB CLA UD . -37.28 47.47 -49.10
CBB CLA UD . -37.86 48.66 -49.30
NC CLA UD . -34.15 43.36 -50.73
C1C CLA UD . -34.08 44.46 -49.92
C2C CLA UD . -32.73 44.59 -49.38
C3C CLA UD . -31.98 43.54 -49.91
C4C CLA UD . -32.88 42.76 -50.75
CMC CLA UD . -32.29 45.66 -48.48
CAC CLA UD . -30.57 43.25 -49.66
CBC CLA UD . -30.38 42.27 -48.52
ND CLA UD . -34.75 41.21 -52.44
C1D CLA UD . -33.39 40.85 -52.24
C2D CLA UD . -33.11 39.61 -52.99
C3D CLA UD . -34.31 39.22 -53.55
C4D CLA UD . -35.30 40.23 -53.16
CMD CLA UD . -31.80 38.97 -53.05
CAD CLA UD . -34.98 38.23 -54.37
OBD CLA UD . -34.56 37.23 -54.92
CBD CLA UD . -36.49 38.67 -54.45
CGD CLA UD . -36.94 38.80 -55.88
O1D CLA UD . -37.72 38.06 -56.50
O2D CLA UD . -36.42 39.88 -56.53
CED CLA UD . -36.56 39.92 -57.95
C1 CLA UD . -41.56 39.98 -56.81
C2 CLA UD . -42.76 40.37 -57.59
C3 CLA UD . -42.85 41.54 -58.26
C4 CLA UD . -44.07 41.89 -59.03
C5 CLA UD . -41.74 42.52 -58.26
C6 CLA UD . -42.18 43.90 -57.80
C7 CLA UD . -41.63 44.98 -58.71
C8 CLA UD . -40.23 45.41 -58.28
C9 CLA UD . -40.30 46.44 -57.17
MG CLA VD . -23.10 43.49 -36.30
CHA CLA VD . -20.04 44.98 -35.63
CHB CLA VD . -22.62 44.01 -39.63
CHC CLA VD . -26.08 41.89 -36.92
CHD CLA VD . -23.58 43.02 -32.83
NA CLA VD . -21.57 44.37 -37.42
C1A CLA VD . -20.37 44.93 -36.96
C2A CLA VD . -19.54 45.46 -38.11
C3A CLA VD . -20.44 45.25 -39.35
C4A CLA VD . -21.64 44.49 -38.78
CMA CLA VD . -20.83 46.56 -39.98
CAA CLA VD . -18.27 44.62 -38.25
CBA CLA VD . -18.57 43.15 -38.45
CGA CLA VD . -18.52 42.41 -37.15
O1A CLA VD . -17.59 42.32 -36.36
O2A CLA VD . -19.71 41.81 -36.82
NB CLA VD . -24.17 43.07 -37.96
C1B CLA VD . -23.77 43.30 -39.24
C2B CLA VD . -24.73 42.70 -40.19
C3B CLA VD . -25.72 42.09 -39.43
C4B CLA VD . -25.37 42.32 -38.00
CMB CLA VD . -24.56 42.79 -41.64
CAB CLA VD . -26.90 41.35 -39.81
CBB CLA VD . -27.64 41.56 -40.91
NC CLA VD . -24.57 42.62 -35.09
C1C CLA VD . -25.70 42.02 -35.56
C2C CLA VD . -26.49 41.53 -34.44
C3C CLA VD . -25.80 41.86 -33.27
C4C CLA VD . -24.59 42.54 -33.69
CMC CLA VD . -27.78 40.83 -34.56
CAC CLA VD . -26.20 41.57 -31.88
CBC CLA VD . -25.42 40.42 -31.28
ND CLA VD . -22.10 43.86 -34.59
C1D CLA VD . -22.42 43.63 -33.22
C2D CLA VD . -21.31 44.13 -32.38
C3D CLA VD . -20.35 44.63 -33.24
C4D CLA VD . -20.90 44.45 -34.61
CMD CLA VD . -21.28 44.05 -30.92
CAD CLA VD . -19.05 45.25 -33.39
OBD CLA VD . -18.22 45.53 -32.52
CBD CLA VD . -18.82 45.53 -34.90
CGD CLA VD . -18.59 46.99 -35.18
O1D CLA VD . -17.61 47.50 -35.73
O2D CLA VD . -19.60 47.80 -34.77
CED CLA VD . -19.69 49.11 -35.36
C1 CLA VD . -19.80 41.31 -35.47
C2 CLA VD . -21.09 40.58 -35.33
C3 CLA VD . -21.41 39.93 -34.20
C4 CLA VD . -20.51 39.90 -33.03
C5 CLA VD . -22.70 39.20 -34.06
C6 CLA VD . -23.20 38.58 -35.35
C7 CLA VD . -24.16 37.46 -35.07
C8 CLA VD . -24.91 37.01 -36.31
C9 CLA VD . -25.61 38.19 -36.96
C10 CLA VD . -25.92 35.92 -35.97
C11 CLA VD . -25.52 34.58 -36.53
C12 CLA VD . -25.31 34.66 -38.03
C13 CLA VD . -25.19 33.27 -38.66
C14 CLA VD . -23.77 32.98 -39.08
C15 CLA VD . -26.13 33.14 -39.85
C16 CLA VD . -27.55 32.79 -39.41
C17 CLA VD . -27.78 31.29 -39.44
C18 CLA VD . -29.19 30.93 -39.92
C19 CLA VD . -30.22 31.93 -39.46
C20 CLA VD . -29.23 30.80 -41.42
MG CLA WD . -12.61 35.24 -39.58
CHA CLA WD . -11.25 38.43 -39.52
CHB CLA WD . -9.47 33.91 -39.47
CHC CLA WD . -14.00 32.11 -39.49
CHD CLA WD . -15.84 36.68 -39.76
NA CLA WD . -10.69 36.06 -39.53
C1A CLA WD . -10.33 37.42 -39.49
C2A CLA WD . -8.81 37.58 -39.46
C3A CLA WD . -8.29 36.14 -39.63
C4A CLA WD . -9.56 35.29 -39.53
CMA CLA WD . -7.59 35.94 -40.95
CAA CLA WD . -8.33 38.22 -38.17
CBA CLA WD . -8.53 37.30 -36.98
CGA CLA WD . -7.54 37.63 -35.90
O1A CLA WD . -7.65 37.50 -34.69
O2A CLA WD . -6.37 38.14 -36.40
NB CLA WD . -11.88 33.36 -39.57
C1B CLA WD . -10.57 33.04 -39.37
C2B CLA WD . -10.45 31.60 -39.04
C3B CLA WD . -11.72 31.08 -39.04
C4B CLA WD . -12.65 32.19 -39.39
CMB CLA WD . -9.17 30.94 -38.77
CAB CLA WD . -12.17 29.74 -38.77
CBB CLA WD . -12.79 28.95 -39.65
NC CLA WD . -14.57 34.53 -39.65
C1C CLA WD . -14.91 33.20 -39.62
C2C CLA WD . -16.36 33.06 -39.69
C3C CLA WD . -16.89 34.36 -39.74
C4C CLA WD . -15.75 35.28 -39.71
CMC CLA WD . -17.08 31.78 -39.69
CAC CLA WD . -18.31 34.73 -39.81
CBC CLA WD . -18.71 35.19 -41.19
ND CLA WD . -13.42 37.09 -39.59
C1D CLA WD . -14.77 37.54 -39.70
C2D CLA WD . -14.77 39.02 -39.74
C3D CLA WD . -13.45 39.42 -39.65
C4D CLA WD . -12.66 38.17 -39.58
CMD CLA WD . -15.97 39.86 -39.84
CAD CLA WD . -12.53 40.54 -39.64
OBD CLA WD . -12.75 41.74 -39.68
CBD CLA WD . -11.09 39.93 -39.55
CGD CLA WD . -10.18 40.35 -40.68
O1D CLA WD . -9.81 39.66 -41.62
O2D CLA WD . -9.77 41.65 -40.61
CED CLA WD . -8.37 41.91 -40.77
C1 CLA WD . -5.27 37.21 -36.51
MG CLA XD . -29.53 35.85 -51.29
CHA CLA XD . -32.89 35.42 -51.97
CHB CLA XD . -28.76 33.43 -53.57
CHC CLA XD . -26.19 36.45 -50.72
CHD CLA XD . -30.37 38.33 -48.90
NA CLA XD . -30.67 34.63 -52.54
C1A CLA XD . -32.05 34.61 -52.69
C2A CLA XD . -32.49 33.55 -53.71
C3A CLA XD . -31.17 32.83 -54.06
C4A CLA XD . -30.11 33.68 -53.35
CMA CLA XD . -31.17 31.41 -53.58
CAA CLA XD . -33.05 34.25 -54.94
CBA CLA XD . -31.97 34.94 -55.77
CGA CLA XD . -32.56 35.94 -56.72
O1A CLA XD . -33.62 35.87 -57.35
O2A CLA XD . -31.79 37.05 -56.86
NB CLA XD . -27.81 35.07 -51.98
C1B CLA XD . -27.70 34.14 -52.97
C2B CLA XD . -26.28 33.94 -53.34
C3B CLA XD . -25.54 34.78 -52.53
C4B CLA XD . -26.51 35.51 -51.66
CMB CLA XD . -25.85 33.00 -54.36
CAB CLA XD . -24.12 35.00 -52.48
CBB CLA XD . -23.33 35.13 -53.55
NC CLA XD . -28.48 37.14 -50.02
C1C CLA XD . -27.10 37.21 -49.95
C2C CLA XD . -26.72 38.22 -48.97
C3C CLA XD . -27.89 38.76 -48.45
C4C CLA XD . -29.00 38.07 -49.12
CMC CLA XD . -25.33 38.57 -48.63
CAC CLA XD . -28.01 39.81 -47.43
CBC CLA XD . -28.04 39.27 -46.02
ND CLA XD . -31.20 36.70 -50.54
C1D CLA XD . -31.41 37.71 -49.57
C2D CLA XD . -32.87 37.93 -49.41
C3D CLA XD . -33.48 37.08 -50.31
C4D CLA XD . -32.40 36.35 -50.99
CMD CLA XD . -33.46 38.90 -48.48
CAD CLA XD . -34.74 36.60 -50.85
OBD CLA XD . -35.89 36.91 -50.56
CBD CLA XD . -34.40 35.55 -51.95
CGD CLA XD . -35.08 34.23 -51.67
O1D CLA XD . -34.61 33.23 -51.14
O2D CLA XD . -36.38 34.20 -52.09
CED CLA XD . -36.75 33.18 -53.04
C1 CLA XD . -32.47 38.30 -57.15
C2 CLA XD . -31.42 39.35 -57.13
C3 CLA XD . -31.64 40.63 -56.75
C4 CLA XD . -30.55 41.63 -56.75
C5 CLA XD . -32.98 41.10 -56.32
C6 CLA XD . -33.28 42.52 -56.75
C7 CLA XD . -33.67 43.41 -55.58
C8 CLA XD . -35.18 43.46 -55.38
C9 CLA XD . -35.91 43.41 -56.70
C10 CLA XD . -35.63 44.70 -54.60
C11 CLA XD . -34.50 45.56 -54.07
C12 CLA XD . -35.03 46.77 -53.34
C13 CLA XD . -33.92 47.66 -52.77
C14 CLA XD . -32.79 46.82 -52.19
C15 CLA XD . -34.49 48.62 -51.73
C16 CLA XD . -33.50 48.99 -50.63
C17 CLA XD . -34.21 49.54 -49.42
C18 CLA XD . -33.25 49.80 -48.27
C19 CLA XD . -32.75 51.22 -48.28
C20 CLA XD . -33.94 49.49 -46.94
MG CLA YD . -36.78 31.92 -36.38
CHA CLA YD . -37.22 28.72 -37.63
CHB CLA YD . -39.55 31.55 -34.45
CHC CLA YD . -36.27 35.08 -35.14
CHD CLA YD . -33.92 32.28 -38.45
NA CLA YD . -38.14 30.37 -36.08
C1A CLA YD . -38.14 29.10 -36.69
C2A CLA YD . -39.29 28.26 -36.18
C3A CLA YD . -40.05 29.20 -35.22
C4A CLA YD . -39.19 30.47 -35.22
CMA CLA YD . -41.45 29.46 -35.71
CAA CLA YD . -38.73 27.09 -35.39
CBA CLA YD . -37.69 27.56 -34.38
CGA CLA YD . -36.95 26.41 -33.76
O1A CLA YD . -37.37 25.29 -33.48
O2A CLA YD . -35.64 26.71 -33.49
NB CLA YD . -37.70 33.07 -35.02
C1B CLA YD . -38.87 32.78 -34.40
C2B CLA YD . -39.37 33.97 -33.65
C3B CLA YD . -38.45 34.97 -33.84
C4B CLA YD . -37.37 34.41 -34.71
CMB CLA YD . -40.62 33.96 -32.90
CAB CLA YD . -38.41 36.33 -33.36
CBB CLA YD . -38.77 36.74 -32.15
NC CLA YD . -35.33 33.39 -36.73
C1C CLA YD . -35.31 34.60 -36.09
C2C CLA YD . -34.15 35.37 -36.53
C3C CLA YD . -33.50 34.60 -37.48
C4C CLA YD . -34.25 33.35 -37.59
CMC CLA YD . -33.80 36.71 -36.04
CAC CLA YD . -32.26 34.94 -38.20
CBC CLA YD . -31.04 34.66 -37.35
ND CLA YD . -35.76 30.82 -37.74
C1D CLA YD . -34.61 31.09 -38.54
C2D CLA YD . -34.34 29.92 -39.40
C3D CLA YD . -35.32 28.98 -39.10
C4D CLA YD . -36.17 29.59 -38.06
CMD CLA YD . -33.24 29.83 -40.37
CAD CLA YD . -35.85 27.65 -39.38
OBD CLA YD . -35.44 26.80 -40.16
CBD CLA YD . -37.11 27.47 -38.47
CGD CLA YD . -38.34 27.34 -39.31
O1D CLA YD . -38.59 27.91 -40.38
O2D CLA YD . -39.29 26.50 -38.80
CED CLA YD . -40.63 26.66 -39.28
C1 CLA YD . -35.01 25.99 -32.41
C2 CLA YD . -34.31 24.83 -33.00
C3 CLA YD . -32.99 24.62 -32.86
C4 CLA YD . -32.12 25.54 -32.09
C5 CLA YD . -32.33 23.43 -33.48
C6 CLA YD . -31.03 23.77 -34.16
C7 CLA YD . -30.46 22.57 -34.89
C8 CLA YD . -29.17 22.89 -35.62
MG CLA ZD . -41.26 41.47 -30.01
CHA CLA ZD . -43.64 38.99 -29.42
CHB CLA ZD . -38.78 39.21 -29.41
CHC CLA ZD . -38.96 43.95 -30.53
CHD CLA ZD . -43.89 43.78 -30.54
NA CLA ZD . -41.24 39.43 -29.53
C1A CLA ZD . -42.33 38.57 -29.32
C2A CLA ZD . -41.87 37.16 -28.96
C3A CLA ZD . -40.33 37.29 -28.91
C4A CLA ZD . -40.07 38.74 -29.32
CMA CLA ZD . -39.81 37.03 -27.52
CAA CLA ZD . -42.27 36.13 -29.99
CBA CLA ZD . -41.88 34.75 -29.51
CGA CLA ZD . -42.69 34.36 -28.31
O1A CLA ZD . -43.74 33.73 -28.27
O2A CLA ZD . -42.16 34.81 -27.12
NB CLA ZD . -39.25 41.57 -29.96
C1B CLA ZD . -38.41 40.53 -29.75
C2B CLA ZD . -37.00 40.96 -29.93
C3B CLA ZD . -37.02 42.30 -30.25
C4B CLA ZD . -38.46 42.72 -30.27
CMB CLA ZD . -35.86 40.07 -29.77
CAB CLA ZD . -35.88 43.15 -30.50
CBB CLA ZD . -35.86 44.43 -30.91
NC CLA ZD . -41.41 43.49 -30.46
C1C CLA ZD . -40.34 44.33 -30.62
C2C CLA ZD . -40.80 45.68 -30.89
C3C CLA ZD . -42.20 45.64 -30.90
C4C CLA ZD . -42.57 44.25 -30.63
CMC CLA ZD . -39.94 46.84 -31.10
CAC CLA ZD . -43.13 46.76 -31.12
CBC CLA ZD . -43.67 47.29 -29.81
ND CLA ZD . -43.29 41.44 -30.07
C1D CLA ZD . -44.24 42.48 -30.28
C2D CLA ZD . -45.60 41.90 -30.14
C3D CLA ZD . -45.43 40.57 -29.81
C4D CLA ZD . -43.97 40.34 -29.77
CMD CLA ZD . -46.85 42.65 -30.32
CAD CLA ZD . -46.07 39.30 -29.51
OBD CLA ZD . -47.26 39.02 -29.45
CBD CLA ZD . -44.94 38.28 -29.19
CGD CLA ZD . -45.03 37.81 -27.76
O1D CLA ZD . -44.43 38.27 -26.79
O2D CLA ZD . -45.88 36.76 -27.57
CED CLA ZD . -46.24 36.45 -26.23
C1 CLA ZD . -43.01 34.69 -25.97
C2 CLA ZD . -42.57 35.68 -24.96
C3 CLA ZD . -41.74 35.39 -23.94
C4 CLA ZD . -41.18 34.03 -23.74
C5 CLA ZD . -41.34 36.44 -22.96
C6 CLA ZD . -39.83 36.52 -22.77
C7 CLA ZD . -39.25 37.66 -23.58
MG CLA AE . -39.85 57.05 -39.78
CHA CLA AE . -38.98 60.40 -39.46
CHB CLA AE . -40.61 56.93 -36.46
CHC CLA AE . -40.73 53.76 -40.16
CHD CLA AE . -38.96 57.19 -43.20
NA CLA AE . -39.80 58.46 -38.23
C1A CLA AE . -39.40 59.80 -38.29
C2A CLA AE . -39.50 60.47 -36.92
C3A CLA AE . -39.90 59.31 -35.99
C4A CLA AE . -40.14 58.13 -36.95
CMA CLA AE . -38.83 59.01 -34.97
CAA CLA AE . -40.56 61.55 -36.92
NB CLA AE . -40.48 55.60 -38.53
C1B CLA AE . -40.84 55.78 -37.23
C2B CLA AE . -41.55 54.57 -36.72
C3B CLA AE . -41.58 53.67 -37.76
C4B CLA AE . -40.90 54.31 -38.93
CMB CLA AE . -42.05 54.46 -35.36
CAB CLA AE . -42.13 52.34 -37.83
CBB CLA AE . -41.76 51.33 -37.05
NC CLA AE . -39.84 55.72 -41.39
C1C CLA AE . -40.24 54.41 -41.32
C2C CLA AE . -40.09 53.78 -42.63
C3C CLA AE . -39.59 54.75 -43.49
C4C CLA AE . -39.43 55.97 -42.70
CMC CLA AE . -40.42 52.39 -42.92
CAC CLA AE . -39.25 54.58 -44.91
CBC CLA AE . -40.33 55.06 -45.85
ND CLA AE . -39.21 58.45 -41.10
C1D CLA AE . -38.86 58.36 -42.47
C2D CLA AE . -38.39 59.69 -42.92
C3D CLA AE . -38.43 60.51 -41.81
C4D CLA AE . -38.93 59.68 -40.69
CMD CLA AE . -38.00 59.99 -44.30
CAD CLA AE . -38.20 61.85 -41.29
OBD CLA AE . -37.87 62.88 -41.89
CBD CLA AE . -38.48 61.79 -39.75
CGD CLA AE . -37.24 62.12 -38.95
O1D CLA AE . -36.94 61.70 -37.82
O2D CLA AE . -36.37 62.97 -39.56
CED CLA AE . -36.51 64.37 -39.27
MG CLA BE . -19.82 31.93 -54.87
CHA CLA BE . -22.65 30.06 -55.71
CHB CLA BE . -18.64 29.30 -53.06
CHC CLA BE . -17.09 33.83 -53.99
CHD CLA BE . -21.17 34.68 -56.63
NA CLA BE . -20.54 30.00 -54.48
C1A CLA BE . -21.73 29.40 -54.94
C2A CLA BE . -21.85 27.97 -54.41
C3A CLA BE . -20.59 27.79 -53.54
C4A CLA BE . -19.85 29.11 -53.71
CMA CLA BE . -20.94 27.51 -52.10
CAA CLA BE . -21.88 26.97 -55.55
CBA CLA BE . -20.49 26.43 -55.86
CGA CLA BE . -20.35 25.04 -55.32
O1A CLA BE . -20.01 24.69 -54.19
O2A CLA BE . -20.62 24.08 -56.25
NB CLA BE . -18.16 31.61 -53.77
C1B CLA BE . -17.86 30.47 -53.10
C2B CLA BE . -16.57 30.63 -52.38
C3B CLA BE . -16.12 31.91 -52.64
C4B CLA BE . -17.14 32.55 -53.52
CMB CLA BE . -15.98 29.59 -51.56
CAB CLA BE . -14.95 32.58 -52.16
CBB CLA BE . -13.97 33.07 -52.95
NC CLA BE . -19.24 33.89 -55.27
C1C CLA BE . -18.08 34.46 -54.82
C2C CLA BE . -17.99 35.84 -55.28
C3C CLA BE . -19.15 36.09 -56.02
C4C CLA BE . -19.93 34.86 -56.01
CMC CLA BE . -16.87 36.74 -54.99
CAC CLA BE . -19.52 37.34 -56.69
CBC CLA BE . -20.08 38.39 -55.75
ND CLA BE . -21.48 32.34 -55.95
C1D CLA BE . -21.91 33.52 -56.62
C2D CLA BE . -23.23 33.25 -57.26
C3D CLA BE . -23.54 31.94 -56.95
C4D CLA BE . -22.44 31.43 -56.13
CMD CLA BE . -23.98 34.22 -58.05
CAD CLA BE . -24.52 30.87 -57.10
OBD CLA BE . -25.59 30.87 -57.71
CBD CLA BE . -23.97 29.65 -56.31
CGD CLA BE . -24.97 29.17 -55.27
O1D CLA BE . -25.78 28.26 -55.37
O2D CLA BE . -24.93 29.87 -54.10
CED CLA BE . -25.97 29.61 -53.15
O6 SQD CE . -47.53 28.88 -26.51
C44 SQD CE . -46.41 29.19 -25.67
C45 SQD CE . -45.62 30.31 -26.33
C46 SQD CE . -45.90 31.65 -25.61
O47 SQD CE . -44.21 30.05 -26.39
C7 SQD CE . -43.48 30.13 -25.12
O49 SQD CE . -43.88 29.53 -24.14
C8 SQD CE . -42.22 30.94 -25.03
C9 SQD CE . -41.02 30.03 -25.21
C10 SQD CE . -39.83 30.54 -24.41
C11 SQD CE . -38.83 31.21 -25.35
C12 SQD CE . -38.14 32.38 -24.66
C13 SQD CE . -37.09 33.00 -25.58
C14 SQD CE . -37.73 33.67 -26.78
C15 SQD CE . -36.81 34.75 -27.33
C16 SQD CE . -36.31 35.63 -26.21
C17 SQD CE . -35.42 36.77 -26.72
C18 SQD CE . -33.99 36.30 -26.95
C19 SQD CE . -33.05 37.48 -27.15
O48 SQD CE . -45.93 31.46 -24.19
C23 SQD CE . -46.56 32.46 -23.35
O10 SQD CE . -47.63 32.93 -23.68
C24 SQD CE . -45.89 32.90 -22.06
C25 SQD CE . -46.72 33.99 -21.42
C26 SQD CE . -46.23 34.33 -20.01
C27 SQD CE . -44.84 34.94 -20.04
C28 SQD CE . -44.47 35.55 -18.69
C29 SQD CE . -44.44 34.50 -17.59
C30 SQD CE . -43.57 34.99 -16.43
C31 SQD CE . -42.18 35.34 -16.91
C32 SQD CE . -41.26 35.71 -15.75
C1 SQD CE . -48.71 29.51 -26.05
C2 SQD CE . -49.65 29.77 -27.21
O2 SQD CE . -48.96 30.58 -28.18
C3 SQD CE . -50.89 30.50 -26.73
O3 SQD CE . -51.86 30.55 -27.79
C4 SQD CE . -51.49 29.79 -25.53
O4 SQD CE . -52.52 30.61 -24.96
C5 SQD CE . -50.43 29.49 -24.48
C6 SQD CE . -51.05 28.75 -23.30
O5 SQD CE . -49.38 28.74 -25.05
S SQD CE . -51.60 29.85 -22.18
O7 SQD CE . -51.23 31.18 -22.60
O8 SQD CE . -53.22 29.76 -22.05
O9 SQD CE . -50.99 29.59 -20.90
MG CLA DE . 1.64 17.70 3.96
CHA CLA DE . -1.48 19.12 3.44
CHB CLA DE . 0.28 14.61 3.56
CHC CLA DE . 4.80 16.39 4.02
CHD CLA DE . 2.98 20.93 4.38
NA CLA DE . -0.31 17.00 3.67
C1A CLA DE . -1.47 17.75 3.44
C2A CLA DE . -2.68 16.82 3.29
C3A CLA DE . -2.11 15.45 3.70
C4A CLA DE . -0.60 15.67 3.63
CMA CLA DE . -2.57 15.03 5.06
CAA CLA DE . -3.20 16.73 1.87
CBA CLA DE . -4.37 15.76 1.82
CGA CLA DE . -4.82 15.51 0.42
O1A CLA DE . -5.57 14.64 0.03
O2A CLA DE . -4.30 16.35 -0.50
NB CLA DE . 2.39 15.83 3.87
C1B CLA DE . 1.68 14.73 3.53
C2B CLA DE . 2.63 13.64 3.13
C3B CLA DE . 3.90 14.14 3.26
C4B CLA DE . 3.77 15.54 3.76
CMB CLA DE . 2.21 12.32 2.69
CAB CLA DE . 5.17 13.51 3.04
CBB CLA DE . 5.58 12.44 3.69
NC CLA DE . 3.53 18.51 4.25
C1C CLA DE . 4.69 17.79 4.27
C2C CLA DE . 5.82 18.67 4.51
C3C CLA DE . 5.31 19.96 4.57
C4C CLA DE . 3.86 19.85 4.42
CMC CLA DE . 7.20 18.22 4.60
CAC CLA DE . 6.04 21.20 4.81
CBC CLA DE . 5.65 21.78 6.15
ND CLA DE . 0.95 19.58 4.07
C1D CLA DE . 1.63 20.83 4.20
C2D CLA DE . 0.64 21.91 4.12
C3D CLA DE . -0.55 21.32 3.77
C4D CLA DE . -0.32 19.88 3.75
CMD CLA DE . 0.94 23.32 4.30
CAD CLA DE . -1.98 21.50 3.62
OBD CLA DE . -2.70 22.44 3.89
CBD CLA DE . -2.52 20.15 3.08
CGD CLA DE . -3.91 19.88 3.52
O1D CLA DE . -4.41 20.08 4.62
O2D CLA DE . -4.64 19.41 2.49
CED CLA DE . -4.34 19.89 1.18
C1 CLA DE . -5.05 16.56 -1.72
C2 CLA DE . -4.24 17.50 -2.53
C3 CLA DE . -4.70 18.66 -2.99
C4 CLA DE . -6.08 19.11 -2.75
C5 CLA DE . -3.83 19.56 -3.78
C6 CLA DE . -2.49 19.72 -3.10
C7 CLA DE . -1.97 21.14 -3.21
C8 CLA DE . -1.39 21.42 -4.58
C9 CLA DE . 0.11 21.42 -4.53
C10 CLA DE . -1.87 22.77 -5.09
C11 CLA DE . -1.99 22.76 -6.58
C12 CLA DE . -3.34 23.30 -7.00
C13 CLA DE . -3.28 23.84 -8.41
C14 CLA DE . -4.16 25.04 -8.54
C15 CLA DE . -3.70 22.78 -9.41
C16 CLA DE . -4.63 21.79 -8.78
C17 CLA DE . -5.32 20.95 -9.82
C18 CLA DE . -6.12 19.84 -9.19
C19 CLA DE . -6.07 19.94 -7.69
C20 CLA DE . -7.56 19.90 -9.66
MG CLA EE . -2.12 -0.27 8.94
CHA CLA EE . -1.98 -3.35 10.52
CHB CLA EE . -1.94 1.27 11.98
CHC CLA EE . -1.91 2.77 7.33
CHD CLA EE . -2.35 -1.90 5.83
NA CLA EE . -2.04 -0.95 10.91
C1A CLA EE . -1.95 -2.27 11.35
C2A CLA EE . -1.88 -2.32 12.87
C3A CLA EE . -2.20 -0.87 13.29
C4A CLA EE . -2.03 -0.10 11.98
CMA CLA EE . -3.60 -0.74 13.83
CAA CLA EE . -0.47 -2.69 13.26
CBA CLA EE . -0.27 -2.86 14.75
CGA CLA EE . -0.03 -1.53 15.40
O1A CLA EE . 0.78 -0.66 15.09
O2A CLA EE . -0.86 -1.32 16.47
NB CLA EE . -1.93 1.65 9.54
C1B CLA EE . -1.83 2.07 10.82
C2B CLA EE . -1.62 3.53 10.87
C3B CLA EE . -1.61 3.97 9.56
C4B CLA EE . -1.82 2.77 8.69
CMB CLA EE . -1.49 4.25 12.13
CAB CLA EE . -1.46 5.30 9.03
CBB CLA EE . -0.74 6.29 9.57
NC CLA EE . -2.20 0.32 6.95
C1C CLA EE . -2.12 1.62 6.51
C2C CLA EE . -2.20 1.65 5.05
C3C CLA EE . -2.30 0.32 4.63
C4C CLA EE . -2.28 -0.50 5.83
CMC CLA EE . -2.17 2.87 4.24
CAC CLA EE . -2.41 -0.16 3.25
CBC CLA EE . -3.80 -0.65 2.93
ND CLA EE . -2.33 -2.15 8.28
C1D CLA EE . -2.36 -2.69 6.97
C2D CLA EE . -2.41 -4.17 7.05
C3D CLA EE . -2.25 -4.48 8.39
C4D CLA EE . -2.19 -3.19 9.11
CMD CLA EE . -2.54 -5.06 5.90
CAD CLA EE . -2.23 -5.53 9.40
OBD CLA EE . -2.41 -6.74 9.29
CBD CLA EE . -1.90 -4.84 10.77
CGD CLA EE . -2.77 -5.30 11.91
O1D CLA EE . -4.00 -5.28 12.00
O2D CLA EE . -2.05 -5.79 12.96
CED CLA EE . -2.77 -6.27 14.09
C1 CLA EE . -0.79 -0.02 17.09
C2 CLA EE . -1.81 0.84 16.44
C3 CLA EE . -1.57 2.13 16.17
C4 CLA EE . -0.28 2.78 16.51
C5 CLA EE . -2.60 2.99 15.52
C6 CLA EE . -3.88 3.11 16.32
C7 CLA EE . -3.61 3.67 17.70
C8 CLA EE . -4.48 4.88 18.00
C9 CLA EE . -3.67 6.15 17.91
C10 CLA EE . -5.11 4.77 19.38
C11 CLA EE . -5.91 6.01 19.73
C12 CLA EE . -6.98 5.74 20.78
C13 CLA EE . -7.81 6.97 21.05
MG CLA FE . -4.44 15.39 -6.70
CHA CLA FE . -1.21 15.57 -5.52
CHB CLA FE . -3.55 17.29 -9.36
CHC CLA FE . -7.61 15.00 -7.95
CHD CLA FE . -5.36 13.53 -3.83
NA CLA FE . -2.67 16.31 -7.29
C1A CLA FE . -1.43 16.27 -6.66
C2A CLA FE . -0.40 17.11 -7.43
C3A CLA FE . -1.27 17.87 -8.45
C4A CLA FE . -2.59 17.11 -8.39
CMA CLA FE . -1.46 19.31 -8.06
CAA CLA FE . 0.61 16.21 -8.12
CBA CLA FE . 1.91 16.95 -8.42
CGA CLA FE . 1.85 17.53 -9.79
O1A CLA FE . 0.90 17.59 -10.57
O2A CLA FE . 3.06 18.05 -10.18
NB CLA FE . -5.43 16.14 -8.28
C1B CLA FE . -4.80 16.65 -9.37
C2B CLA FE . -5.61 16.45 -10.59
C3B CLA FE . -6.75 15.81 -10.20
C4B CLA FE . -6.67 15.61 -8.73
CMB CLA FE . -5.16 16.90 -11.91
CAB CLA FE . -7.89 15.36 -10.94
CBB CLA FE . -8.16 15.63 -12.22
NC CLA FE . -6.19 14.47 -5.98
C1C CLA FE . -7.38 14.47 -6.64
C2C CLA FE . -8.39 13.80 -5.84
C3C CLA FE . -7.75 13.35 -4.68
C4C CLA FE . -6.36 13.80 -4.77
CMC CLA FE . -9.79 13.62 -6.23
CAC CLA FE . -8.35 12.64 -3.55
CBC CLA FE . -9.09 13.58 -2.61
ND CLA FE . -3.54 14.61 -5.07
C1D CLA FE . -4.03 13.90 -3.94
C2D CLA FE . -2.89 13.61 -3.04
C3D CLA FE . -1.77 14.18 -3.63
C4D CLA FE . -2.25 14.84 -4.86
CMD CLA FE . -2.99 12.82 -1.81
CAD CLA FE . -0.34 14.39 -3.57
OBD CLA FE . 0.50 13.87 -2.84
CBD CLA FE . 0.04 15.41 -4.68
CGD CLA FE . 0.46 16.73 -4.13
O1D CLA FE . -0.27 17.69 -3.84
O2D CLA FE . 1.80 16.86 -3.95
CED CLA FE . 2.24 17.94 -3.15
C1 CLA FE . 3.18 18.43 -11.57
C2 CLA FE . 3.33 17.18 -12.35
C3 CLA FE . 4.36 16.95 -13.19
C4 CLA FE . 5.44 17.94 -13.40
C5 CLA FE . 4.45 15.67 -13.96
C6 CLA FE . 4.17 15.89 -15.43
C7 CLA FE . 4.02 14.57 -16.16
C8 CLA FE . 3.22 14.72 -17.43
C9 CLA FE . 1.73 14.72 -17.15
C10 CLA FE . 3.56 13.62 -18.43
C11 CLA FE . 5.03 13.57 -18.73
C12 CLA FE . 5.32 12.67 -19.92
C13 CLA FE . 6.80 12.41 -20.09
C14 CLA FE . 7.58 13.70 -20.23
C15 CLA FE . 7.06 11.51 -21.29
C16 CLA FE . 8.52 11.15 -21.41
C17 CLA FE . 8.70 9.86 -22.19
C18 CLA FE . 9.94 9.91 -23.06
C19 CLA FE . 9.92 8.79 -24.08
C20 CLA FE . 11.19 9.81 -22.21
MG CLA GE . -23.83 4.28 21.26
CHA CLA GE . -21.72 1.52 21.31
CHB CLA GE . -21.17 6.31 20.64
CHC CLA GE . -25.97 6.98 21.24
CHD CLA GE . -26.54 2.15 22.06
NA CLA GE . -21.79 3.94 20.97
C1A CLA GE . -21.10 2.72 21.04
C2A CLA GE . -19.62 2.93 20.77
C3A CLA GE . -19.47 4.46 20.67
C4A CLA GE . -20.90 4.96 20.73
CMA CLA GE . -18.64 5.00 21.81
CAA CLA GE . -19.27 2.32 19.42
CBA CLA GE . -17.79 2.02 19.30
CGA CLA GE . -17.51 0.75 20.02
O1A CLA GE . -18.15 -0.29 20.02
O2A CLA GE . -16.36 0.79 20.77
NB CLA GE . -23.60 6.27 21.04
C1B CLA GE . -22.44 6.90 20.72
C2B CLA GE . -22.70 8.35 20.48
C3B CLA GE . -24.05 8.55 20.64
C4B CLA GE . -24.65 7.22 20.99
CMB CLA GE . -21.62 9.28 20.12
CAB CLA GE . -24.85 9.73 20.52
CBB CLA GE . -24.46 10.99 20.78
NC CLA GE . -25.88 4.50 21.56
C1C CLA GE . -26.55 5.70 21.50
C2C CLA GE . -27.96 5.49 21.76
C3C CLA GE . -28.13 4.13 22.01
C4C CLA GE . -26.81 3.52 21.88
CMC CLA GE . -28.98 6.54 21.77
CAC CLA GE . -29.39 3.43 22.33
CBC CLA GE . -29.57 3.27 23.82
ND CLA GE . -24.16 2.29 21.48
C1D CLA GE . -25.31 1.56 21.86
C2D CLA GE . -24.95 0.14 22.04
C3D CLA GE . -23.59 0.06 21.81
C4D CLA GE . -23.14 1.43 21.51
CMD CLA GE . -25.89 -0.94 22.38
CAD CLA GE . -22.43 -0.80 21.76
OBD CLA GE . -22.35 -2.02 21.89
CBD CLA GE . -21.19 0.12 21.52
CGD CLA GE . -20.25 -0.02 22.69
O1D CLA GE . -19.97 -1.05 23.31
O2D CLA GE . -19.64 1.14 23.10
CED CLA GE . -18.27 1.04 23.50
C1 CLA GE . -15.76 -0.49 21.03
C2 CLA GE . -15.10 -0.38 22.35
C3 CLA GE . -14.33 -1.38 22.84
C4 CLA GE . -14.11 -2.62 22.06
C5 CLA GE . -13.68 -1.27 24.17
C6 CLA GE . -13.13 0.11 24.44
C7 CLA GE . -11.80 0.31 23.75
C8 CLA GE . -11.06 1.55 24.23
C9 CLA GE . -11.19 1.70 25.74
C10 CLA GE . -11.58 2.81 23.54
MG CLA HE . -30.19 10.29 17.96
CHA CLA HE . -32.67 8.00 18.73
CHB CLA HE . -32.50 12.79 17.92
CHC CLA HE . -27.68 12.54 17.31
CHD CLA HE . -27.85 7.64 17.85
NA CLA HE . -32.25 10.34 18.28
C1A CLA HE . -33.11 9.29 18.60
C2A CLA HE . -34.55 9.77 18.73
C3A CLA HE . -34.47 11.26 18.31
C4A CLA HE . -32.97 11.50 18.17
CMA CLA HE . -35.14 11.50 16.99
CAA CLA HE . -35.05 9.61 20.15
CBA CLA HE . -34.76 10.80 21.03
CGA CLA HE . -35.03 10.43 22.46
O1A CLA HE . -35.89 9.68 22.90
O2A CLA HE . -34.18 11.02 23.35
NB CLA HE . -30.12 12.27 17.62
C1B CLA HE . -31.16 13.14 17.75
C2B CLA HE . -30.68 14.54 17.67
C3B CLA HE . -29.31 14.48 17.49
C4B CLA HE . -28.93 13.03 17.46
CMB CLA HE . -31.59 15.68 17.76
CAB CLA HE . -28.32 15.52 17.35
CBB CLA HE . -28.52 16.76 16.87
NC CLA HE . -28.13 10.12 17.65
C1C CLA HE . -27.30 11.17 17.38
C2C CLA HE . -25.93 10.68 17.21
C3C CLA HE . -25.98 9.30 17.36
C4C CLA HE . -27.36 8.95 17.63
CMC CLA HE . -24.77 11.53 16.93
CAC CLA HE . -24.85 8.36 17.26
CBC CLA HE . -24.52 8.00 15.83
ND CLA HE . -30.17 8.29 18.28
C1D CLA HE . -29.15 7.32 18.17
C2D CLA HE . -29.73 5.98 18.44
C3D CLA HE . -31.06 6.18 18.70
C4D CLA HE . -31.30 7.64 18.55
CMD CLA HE . -28.96 4.74 18.45
CAD CLA HE . -32.34 5.58 19.05
OBD CLA HE . -32.59 4.41 19.33
CBD CLA HE . -33.42 6.71 19.00
CGD CLA HE . -34.45 6.46 17.95
O1D CLA HE . -34.47 6.87 16.78
O2D CLA HE . -35.50 5.67 18.37
CED CLA HE . -36.60 5.53 17.48
C1 CLA HE . -34.29 12.45 23.54
C2 CLA HE . -34.63 12.66 24.97
C3 CLA HE . -33.96 13.53 25.75
C4 CLA HE . -34.32 13.72 27.17
C5 CLA HE . -32.83 14.33 25.22
C6 CLA HE . -31.63 14.37 26.16
C7 CLA HE . -30.92 13.02 26.21
C8 CLA HE . -29.46 13.13 26.65
C9 CLA HE . -29.10 11.95 27.53
C10 CLA HE . -29.18 14.43 27.40
MG CLA IE . -33.62 16.85 9.09
CHA CLA IE . -33.78 20.01 7.76
CHB CLA IE . -31.80 18.04 11.68
CHC CLA IE . -33.55 13.71 10.39
CHD CLA IE . -35.47 15.67 6.34
NA CLA IE . -32.92 18.72 9.62
C1A CLA IE . -33.09 19.91 8.92
C2A CLA IE . -32.44 21.04 9.64
C3A CLA IE . -31.66 20.37 10.76
C4A CLA IE . -32.16 18.94 10.71
CMA CLA IE . -30.20 20.43 10.48
CAA CLA IE . -33.57 21.81 10.29
CBA CLA IE . -33.01 22.84 11.22
CGA CLA IE . -33.06 24.08 10.42
O1A CLA IE . -34.05 24.55 9.87
O2A CLA IE . -31.87 24.73 10.26
NB CLA IE . -32.88 16.04 10.76
C1B CLA IE . -32.17 16.69 11.70
C2B CLA IE . -31.79 15.76 12.78
C3B CLA IE . -32.28 14.54 12.43
C4B CLA IE . -32.97 14.69 11.12
CMB CLA IE . -31.00 16.18 13.92
CAB CLA IE . -32.17 13.26 13.07
CBB CLA IE . -31.96 13.12 14.38
NC CLA IE . -34.33 15.01 8.45
C1C CLA IE . -34.16 13.85 9.11
C2C CLA IE . -34.74 12.77 8.35
C3C CLA IE . -35.32 13.34 7.23
C4C CLA IE . -35.07 14.75 7.30
CMC CLA IE . -34.72 11.36 8.75
CAC CLA IE . -36.01 12.69 6.13
CBC CLA IE . -35.12 12.61 4.92
ND CLA IE . -34.39 17.58 7.38
C1D CLA IE . -35.18 17.01 6.36
C2D CLA IE . -35.56 18.04 5.41
C3D CLA IE . -35.01 19.20 5.88
C4D CLA IE . -34.32 18.86 7.12
CMD CLA IE . -36.35 17.81 4.21
CAD CLA IE . -34.83 20.61 5.67
OBD CLA IE . -35.13 21.28 4.72
CBD CLA IE . -34.09 21.18 6.89
CGD CLA IE . -32.86 21.86 6.42
O1D CLA IE . -32.22 22.77 6.93
O2D CLA IE . -32.38 21.37 5.26
CED CLA IE . -31.02 21.65 5.01
C1 CLA IE . -31.04 24.89 11.40
C2 CLA IE . -31.03 26.29 11.84
C3 CLA IE . -31.04 27.38 11.08
C4 CLA IE . -31.05 27.39 9.60
C5 CLA IE . -31.04 28.68 11.79
C6 CLA IE . -30.94 28.39 13.26
C7 CLA IE . -30.98 29.65 14.07
C8 CLA IE . -30.64 29.32 15.52
C9 CLA IE . -31.71 28.44 16.10
C10 CLA IE . -30.47 30.58 16.35
C11 CLA IE . -31.57 31.60 16.16
C12 CLA IE . -31.15 32.90 16.79
C13 CLA IE . -32.15 33.99 16.52
C14 CLA IE . -31.81 35.25 17.26
C15 CLA IE . -33.54 33.52 16.92
C16 CLA IE . -34.50 34.68 16.99
C17 CLA IE . -35.35 34.52 18.22
C18 CLA IE . -36.69 35.21 18.06
C19 CLA IE . -37.78 34.21 17.75
C20 CLA IE . -36.61 36.22 16.96
MG CLA JE . -25.96 19.89 12.68
CHA CLA JE . -26.14 16.53 13.53
CHB CLA JE . -27.08 19.15 9.56
CHC CLA JE . -25.87 23.24 11.94
CHD CLA JE . -24.72 20.59 15.93
NA CLA JE . -26.51 18.11 11.73
C1A CLA JE . -26.53 16.82 12.26
C2A CLA JE . -27.01 15.81 11.22
C3A CLA JE . -27.16 16.66 9.93
C4A CLA JE . -26.92 18.08 10.42
CMA CLA JE . -26.14 16.26 8.91
CAA CLA JE . -28.35 15.21 11.61
CBA CLA JE . -28.26 13.71 11.82
CGA CLA JE . -28.30 12.98 10.52
O1A CLA JE . -29.19 12.26 10.07
O2A CLA JE . -27.16 13.16 9.77
NB CLA JE . -26.44 20.98 11.07
C1B CLA JE . -26.86 20.49 9.88
C2B CLA JE . -27.01 21.61 8.90
C3B CLA JE . -26.67 22.76 9.57
C4B CLA JE . -26.29 22.39 10.96
CMB CLA JE . -27.43 21.41 7.51
CAB CLA JE . -26.61 24.13 9.11
CBB CLA JE . -27.27 25.14 9.65
NC CLA JE . -25.39 21.59 13.74
C1C CLA JE . -25.43 22.87 13.24
C2C CLA JE . -24.97 23.82 14.25
C3C CLA JE . -24.65 23.08 15.37
C4C CLA JE . -24.91 21.67 15.04
CMC CLA JE . -24.89 25.27 14.06
CAC CLA JE . -24.13 23.58 16.66
CBC CLA JE . -22.63 23.41 16.75
ND CLA JE . -25.45 18.86 14.35
C1D CLA JE . -24.96 19.27 15.61
C2D CLA JE . -24.80 18.09 16.48
C3D CLA JE . -25.23 17.01 15.74
C4D CLA JE . -25.64 17.55 14.42
CMD CLA JE . -24.29 18.12 17.85
CAD CLA JE . -25.43 15.57 15.70
OBD CLA JE . -25.18 14.73 16.55
CBD CLA JE . -26.06 15.23 14.31
CGD CLA JE . -25.24 14.20 13.57
O1D CLA JE . -25.44 12.98 13.52
O2D CLA JE . -24.17 14.72 12.90
CED CLA JE . -23.06 13.86 12.68
C1 CLA JE . -26.27 12.04 9.68
C2 CLA JE . -24.98 12.59 9.16
C3 CLA JE . -24.39 12.12 8.05
C4 CLA JE . -24.97 11.02 7.24
C5 CLA JE . -23.10 12.69 7.57
C6 CLA JE . -22.35 13.44 8.66
C7 CLA JE . -22.46 14.94 8.47
C8 CLA JE . -21.11 15.60 8.23
C9 CLA JE . -20.03 14.95 9.07
C10 CLA JE . -21.17 17.09 8.56
C11 CLA JE . -21.53 17.91 7.34
C12 CLA JE . -21.63 19.39 7.66
C13 CLA JE . -22.89 19.70 8.45
C14 CLA JE . -23.77 20.65 7.66
C15 CLA JE . -22.58 20.29 9.82
C16 CLA JE . -22.85 19.28 10.91
C17 CLA JE . -22.45 19.82 12.27
C18 CLA JE . -21.49 18.89 12.99
C19 CLA JE . -21.94 17.45 12.90
C20 CLA JE . -21.34 19.30 14.44
MG CLA KE . -18.58 25.60 28.74
CHA CLA KE . -15.82 25.65 30.83
CHB CLA KE . -16.73 24.05 26.34
CHC CLA KE . -21.38 25.51 26.73
CHD CLA KE . -20.44 27.25 31.25
NA CLA KE . -16.59 24.96 28.63
C1A CLA KE . -15.60 25.06 29.61
C2A CLA KE . -14.29 24.45 29.13
C3A CLA KE . -14.61 24.00 27.68
C4A CLA KE . -16.08 24.34 27.52
CMA CLA KE . -13.73 24.71 26.67
CAA CLA KE . -13.93 23.24 29.97
CBA CLA KE . -15.06 22.23 29.97
CGA CLA KE . -14.76 21.08 30.89
O1A CLA KE . -13.66 20.64 31.23
O2A CLA KE . -15.89 20.50 31.40
NB CLA KE . -18.99 24.88 26.91
C1B CLA KE . -18.08 24.33 26.06
C2B CLA KE . -18.72 24.07 24.73
C3B CLA KE . -20.02 24.48 24.83
C4B CLA KE . -20.22 25.00 26.22
CMB CLA KE . -17.99 23.50 23.60
CAB CLA KE . -21.07 24.46 23.85
CBB CLA KE . -22.20 23.75 23.95
NC CLA KE . -20.55 26.26 28.96
C1C CLA KE . -21.53 26.11 28.02
C2C CLA KE . -22.79 26.67 28.51
C3C CLA KE . -22.52 27.18 29.78
C4C CLA KE . -21.12 26.92 30.06
CMC CLA KE . -24.05 26.67 27.78
CAC CLA KE . -23.48 27.83 30.69
CBC CLA KE . -23.97 26.88 31.78
ND CLA KE . -18.26 26.35 30.59
C1D CLA KE . -19.12 27.00 31.52
C2D CLA KE . -18.36 27.31 32.75
C3D CLA KE . -17.08 26.82 32.53
C4D CLA KE . -17.08 26.22 31.18
CMD CLA KE . -18.90 28.00 33.92
CAD CLA KE . -15.74 26.66 33.08
OBD CLA KE . -15.29 27.03 34.16
CBD CLA KE . -14.91 25.89 32.01
CGD CLA KE . -13.67 26.64 31.61
O1D CLA KE . -13.41 27.14 30.52
O2D CLA KE . -12.76 26.76 32.62
CED CLA KE . -11.81 27.82 32.51
C1 CLA KE . -15.75 19.15 31.89
C2 CLA KE . -17.12 18.61 32.05
C3 CLA KE . -17.38 17.38 32.51
C4 CLA KE . -16.30 16.45 32.90
C5 CLA KE . -18.77 16.89 32.64
C6 CLA KE . -18.99 15.54 31.97
MG CLA LE . -11.59 25.39 20.82
CHA CLA LE . -13.75 27.84 19.64
CHB CLA LE . -14.07 24.17 22.80
CHC CLA LE . -9.51 22.83 21.74
CHD CLA LE . -9.04 26.72 18.76
NA CLA LE . -13.57 25.94 21.17
C1A CLA LE . -14.29 26.98 20.56
C2A CLA LE . -15.71 27.02 21.09
C3A CLA LE . -15.71 26.00 22.24
C4A CLA LE . -14.37 25.30 22.06
CMA CLA LE . -15.82 26.68 23.58
CAA CLA LE . -16.61 26.54 19.96
CBA CLA LE . -17.11 25.12 20.13
CGA CLA LE . -17.13 24.45 18.79
O1A CLA LE . -16.36 24.63 17.85
O2A CLA LE . -18.16 23.56 18.62
NB CLA LE . -11.76 23.80 22.04
C1B CLA LE . -12.86 23.45 22.75
C2B CLA LE . -12.60 22.21 23.53
C3B CLA LE . -11.30 21.82 23.24
C4B CLA LE . -10.76 22.83 22.28
CMB CLA LE . -13.61 21.62 24.41
CAB CLA LE . -10.50 20.71 23.68
CBB CLA LE . -10.78 19.85 24.66
NC CLA LE . -9.61 24.90 20.37
C1C CLA LE . -8.96 23.81 20.87
C2C CLA LE . -7.60 23.75 20.32
C3C CLA LE . -7.47 24.86 19.48
C4C CLA LE . -8.74 25.57 19.50
CMC CLA LE . -6.61 22.72 20.64
CAC CLA LE . -6.29 25.24 18.70
CBC CLA LE . -5.46 26.29 19.41
ND CLA LE . -11.35 26.96 19.57
C1D CLA LE . -10.25 27.38 18.76
C2D CLA LE . -10.65 28.58 17.99
C3D CLA LE . -11.98 28.79 18.29
C4D CLA LE . -12.37 27.76 19.26
CMD CLA LE . -9.77 29.32 17.08
CAD CLA LE . -13.14 29.64 18.06
OBD CLA LE . -13.26 30.65 17.38
CBD CLA LE . -14.32 29.03 18.88
CGD CLA LE . -14.98 30.05 19.77
O1D CLA LE . -15.72 30.97 19.42
O2D CLA LE . -14.70 29.93 21.09
CED CLA LE . -15.32 30.85 21.99
C1 CLA LE . -17.82 22.17 18.41
C2 CLA LE . -17.39 21.98 17.00
C3 CLA LE . -17.23 20.77 16.45
C4 CLA LE . -17.47 19.52 17.19
C5 CLA LE . -16.78 20.64 15.03
C6 CLA LE . -15.44 19.97 14.88
C7 CLA LE . -15.02 19.91 13.42
C8 CLA LE . -13.69 20.60 13.19
C9 CLA LE . -13.91 22.01 12.66
C10 CLA LE . -12.82 19.80 12.24
C11 CLA LE . -11.43 20.40 12.13
C12 CLA LE . -10.36 19.41 12.53
C13 CLA LE . -10.13 19.41 14.05
C14 CLA LE . -9.33 20.62 14.46
C15 CLA LE . -9.43 18.14 14.54
C16 CLA LE . -8.85 17.32 13.41
C17 CLA LE . -7.46 16.81 13.74
C18 CLA LE . -7.49 15.80 14.87
C19 CLA LE . -7.86 14.42 14.38
C20 CLA LE . -6.14 15.75 15.56
MG CLA ME . -6.09 19.21 27.00
CHA CLA ME . -8.70 21.29 27.96
CHB CLA ME . -6.61 17.28 29.73
CHC CLA ME . -3.46 17.23 26.01
CHD CLA ME . -5.48 21.34 24.23
NA CLA ME . -7.47 19.28 28.56
C1A CLA ME . -8.49 20.21 28.78
C2A CLA ME . -9.26 19.88 30.07
C3A CLA ME . -8.60 18.57 30.56
C4A CLA ME . -7.47 18.33 29.56
CMA CLA ME . -8.07 18.71 31.97
CAA CLA ME . -10.74 19.67 29.85
CBA CLA ME . -11.06 18.88 28.60
CGA CLA ME . -12.25 19.49 27.93
O1A CLA ME . -12.32 20.53 27.28
O2A CLA ME . -13.41 18.77 28.10
NB CLA ME . -5.25 17.52 27.69
C1B CLA ME . -5.53 16.96 28.89
C2B CLA ME . -4.49 15.94 29.22
C3B CLA ME . -3.60 15.92 28.18
C4B CLA ME . -4.07 16.93 27.18
CMB CLA ME . -4.50 15.15 30.46
CAB CLA ME . -2.41 15.13 27.97
CBB CLA ME . -2.35 13.81 28.03
NC CLA ME . -4.76 19.25 25.38
C1C CLA ME . -3.79 18.32 25.15
C2C CLA ME . -3.07 18.63 23.91
C3C CLA ME . -3.61 19.82 23.44
C4C CLA ME . -4.67 20.21 24.36
CMC CLA ME . -1.98 17.83 23.36
CAC CLA ME . -3.22 20.54 22.22
CBC CLA ME . -4.00 20.05 21.01
ND CLA ME . -6.85 20.91 26.22
C1D CLA ME . -6.50 21.70 25.09
C2D CLA ME . -7.38 22.87 25.03
C3D CLA ME . -8.26 22.76 26.09
C4D CLA ME . -7.89 21.53 26.81
CMD CLA ME . -7.30 23.92 24.01
CAD CLA ME . -9.38 23.36 26.79
OBD CLA ME . -10.01 24.39 26.55
CBD CLA ME . -9.68 22.44 28.01
CGD CLA ME . -9.60 23.21 29.31
O1D CLA ME . -8.69 23.20 30.14
O2D CLA ME . -10.70 23.98 29.55
CED CLA ME . -10.53 25.14 30.37
C1 CLA ME . -14.50 19.15 27.23
C2 CLA ME . -15.74 19.16 28.04
C3 CLA ME . -16.86 19.76 27.61
C4 CLA ME . -16.92 20.44 26.29
C5 CLA ME . -18.10 19.77 28.43
C6 CLA ME . -19.26 19.10 27.73
C7 CLA ME . -19.59 17.78 28.40
C8 CLA ME . -21.09 17.53 28.46
C9 CLA ME . -21.38 16.19 29.10
C10 CLA ME . -21.71 17.59 27.07
C11 CLA ME . -23.16 17.17 27.07
C12 CLA ME . -23.92 17.72 25.90
C13 CLA ME . -25.27 17.04 25.75
C14 CLA ME . -25.13 15.65 25.16
C15 CLA ME . -26.24 17.87 24.90
C16 CLA ME . -27.37 18.42 25.75
C17 CLA ME . -28.71 17.89 25.32
C18 CLA ME . -29.20 18.54 24.03
C19 CLA ME . -29.87 19.86 24.32
C20 CLA ME . -30.14 17.62 23.29
MG CLA NE . -46.15 24.56 18.75
CHA CLA NE . -49.47 23.77 19.41
CHB CLA NE . -46.76 24.30 15.41
CHC CLA NE . -42.92 25.54 18.15
CHD CLA NE . -45.54 24.69 22.23
NA CLA NE . -47.84 24.09 17.61
C1A CLA NE . -49.14 23.81 18.08
C2A CLA NE . -50.10 23.53 16.91
C3A CLA NE . -49.16 23.55 15.67
C4A CLA NE . -47.82 24.03 16.25
CMA CLA NE . -49.05 22.19 15.05
CAA CLA NE . -51.13 24.63 16.80
CBA CLA NE . -50.50 26.00 16.94
CGA CLA NE . -51.35 27.05 16.30
O1A CLA NE . -52.42 26.92 15.70
O2A CLA NE . -50.81 28.31 16.41
NB CLA NE . -45.06 24.87 17.09
C1B CLA NE . -45.49 24.72 15.81
C2B CLA NE . -44.38 25.06 14.87
C3B CLA NE . -43.29 25.41 15.63
C4B CLA NE . -43.71 25.29 17.06
CMB CLA NE . -44.55 24.99 13.41
CAB CLA NE . -41.96 25.82 15.25
CBB CLA NE . -41.25 25.30 14.25
NC CLA NE . -44.53 25.02 19.98
C1C CLA NE . -43.30 25.39 19.51
C2C CLA NE . -42.42 25.67 20.64
C3C CLA NE . -43.14 25.41 21.80
C4C CLA NE . -44.47 25.00 21.37
CMC CLA NE . -41.03 26.13 20.51
CAC CLA NE . -42.68 25.54 23.18
CBC CLA NE . -43.14 26.83 23.82
ND CLA NE . -47.19 24.26 20.46
C1D CLA NE . -46.82 24.35 21.83
C2D CLA NE . -48.00 24.05 22.67
C3D CLA NE . -49.05 23.83 21.79
C4D CLA NE . -48.50 23.97 20.43
CMD CLA NE . -48.00 24.03 24.12
CAD CLA NE . -50.46 23.50 21.65
OBD CLA NE . -51.30 23.26 22.52
CBD CLA NE . -50.77 23.46 20.12
CGD CLA NE . -51.36 22.14 19.68
O1D CLA NE . -51.03 21.02 20.04
O2D CLA NE . -52.36 22.27 18.77
CED CLA NE . -53.62 21.68 19.09
C1 CLA NE . -51.36 29.14 17.45
C2 CLA NE . -50.32 30.16 17.78
C3 CLA NE . -50.40 30.96 18.86
C4 CLA NE . -51.55 30.89 19.79
C5 CLA NE . -49.35 31.96 19.15
C6 CLA NE . -48.72 31.75 20.52
C7 CLA NE . -47.39 32.45 20.62
C8 CLA NE . -46.58 31.93 21.81
C9 CLA NE . -47.33 32.13 23.11
C10 CLA NE . -45.22 32.63 21.88
C11 CLA NE . -44.08 31.63 21.85
MG CLA OE . -38.65 10.63 23.10
CHA CLA OE . -39.02 8.05 20.81
CHB CLA OE . -39.06 8.42 25.66
CHC CLA OE . -37.99 13.16 25.32
CHD CLA OE . -38.25 12.89 20.40
NA CLA OE . -39.02 8.57 23.19
C1A CLA OE . -39.10 7.68 22.12
C2A CLA OE . -39.34 6.26 22.64
C3A CLA OE . -39.56 6.44 24.15
C4A CLA OE . -39.17 7.91 24.37
CMA CLA OE . -40.98 6.15 24.55
CAA CLA OE . -38.05 5.46 22.40
CBA CLA OE . -36.83 6.29 22.73
CGA CLA OE . -35.54 5.53 22.56
O1A CLA OE . -35.33 4.33 22.70
O2A CLA OE . -34.49 6.34 22.21
NB CLA OE . -38.57 10.76 25.10
C1B CLA OE . -38.74 9.74 25.98
C2B CLA OE . -38.53 10.22 27.37
C3B CLA OE . -38.23 11.57 27.29
C4B CLA OE . -38.25 11.93 25.84
CMB CLA OE . -38.64 9.35 28.54
CAB CLA OE . -37.92 12.54 28.30
CBB CLA OE . -37.18 12.33 29.40
NC CLA OE . -38.21 12.65 22.89
C1C CLA OE . -37.96 13.50 23.93
C2C CLA OE . -37.65 14.83 23.44
C3C CLA OE . -37.74 14.76 22.05
C4C CLA OE . -38.10 13.39 21.70
CMC CLA OE . -37.30 15.98 24.26
CAC CLA OE . -37.49 15.84 21.08
CBC CLA OE . -36.06 15.81 20.57
ND CLA OE . -38.67 10.56 21.08
C1D CLA OE . -38.52 11.57 20.09
C2D CLA OE . -38.66 10.95 18.74
C3D CLA OE . -38.82 9.60 18.97
C4D CLA OE . -38.82 9.41 20.43
CMD CLA OE . -38.59 11.67 17.48
CAD CLA OE . -39.01 8.29 18.36
OBD CLA OE . -39.08 7.98 17.18
CBD CLA OE . -39.15 7.26 19.52
CGD CLA OE . -40.45 6.49 19.44
O1D CLA OE . -41.33 6.42 20.30
O2D CLA OE . -40.62 5.81 18.27
CED CLA OE . -40.50 4.40 18.30
C1 CLA OE . -33.66 6.86 23.28
C2 CLA OE . -32.68 7.76 22.61
C3 CLA OE . -31.75 8.50 23.26
C4 CLA OE . -31.61 8.49 24.73
C5 CLA OE . -30.82 9.36 22.49
C6 CLA OE . -30.88 10.83 22.82
C7 CLA OE . -30.43 11.63 21.61
C8 CLA OE . -30.00 13.04 21.97
C9 CLA OE . -31.11 14.04 21.67
C10 CLA OE . -28.74 13.41 21.21
C11 CLA OE . -28.01 14.56 21.86
C12 CLA OE . -26.50 14.38 21.79
C13 CLA OE . -25.80 15.69 21.51
C14 CLA OE . -26.31 16.29 20.21
C15 CLA OE . -24.28 15.52 21.46
C16 CLA OE . -23.88 14.60 20.33
C17 CLA OE . -22.38 14.33 20.33
MG CLA PE . -50.74 31.48 10.96
CHA CLA PE . -51.58 28.11 10.79
CHB CLA PE . -53.01 32.17 8.53
CHC CLA PE . -49.91 34.81 11.21
CHD CLA PE . -48.33 30.69 13.43
NA CLA PE . -52.08 30.32 9.87
C1A CLA PE . -52.28 28.93 9.95
C2A CLA PE . -53.37 28.48 8.97
C3A CLA PE . -53.74 29.78 8.21
C4A CLA PE . -52.91 30.85 8.92
CMA CLA PE . -53.41 29.68 6.74
CAA CLA PE . -54.58 27.96 9.74
CBA CLA PE . -55.10 28.96 10.76
CGA CLA PE . -54.52 28.73 12.12
O1A CLA PE . -54.74 27.81 12.91
O2A CLA PE . -53.64 29.72 12.50
NB CLA PE . -51.34 33.17 10.04
C1B CLA PE . -52.30 33.25 9.09
C2B CLA PE . -52.51 34.67 8.70
C3B CLA PE . -51.64 35.43 9.45
C4B CLA PE . -50.87 34.48 10.32
CMB CLA PE . -53.49 35.08 7.69
CAB CLA PE . -51.43 36.85 9.45
CBB CLA PE . -51.49 37.65 10.52
NC CLA PE . -49.37 32.55 12.12
C1C CLA PE . -49.20 33.90 12.07
C2C CLA PE . -48.17 34.32 13.01
C3C CLA PE . -47.71 33.15 13.63
C4C CLA PE . -48.47 32.04 13.07
CMC CLA PE . -47.73 35.70 13.23
CAC CLA PE . -46.67 33.05 14.68
CBC CLA PE . -47.26 32.87 16.05
ND CLA PE . -50.09 29.84 11.95
C1D CLA PE . -49.07 29.65 12.93
C2D CLA PE . -48.98 28.21 13.25
C3D CLA PE . -49.92 27.58 12.47
C4D CLA PE . -50.57 28.64 11.67
CMD CLA PE . -48.05 27.63 14.22
CAD CLA PE . -50.54 26.31 12.10
OBD CLA PE . -50.32 25.18 12.53
CBD CLA PE . -51.60 26.62 11.00
CGD CLA PE . -51.34 25.89 9.71
O1D CLA PE . -50.80 26.32 8.70
O2D CLA PE . -51.75 24.58 9.72
CED CLA PE . -51.91 23.94 8.46
C1 CLA PE . -53.45 29.97 13.90
C2 CLA PE . -52.63 31.21 13.98
C3 CLA PE . -52.71 32.09 15.00
C4 CLA PE . -53.64 31.90 16.13
C5 CLA PE . -51.85 33.31 15.01
C6 CLA PE . -51.46 33.76 16.41
C7 CLA PE . -50.60 35.00 16.35
C8 CLA PE . -50.49 35.70 17.70
C9 CLA PE . -49.14 36.37 17.84
MG CLA QE . -42.49 26.56 10.85
CHA CLA QE . -39.71 24.50 10.93
CHB CLA QE . -40.58 29.15 11.98
CHC CLA QE . -45.24 28.62 10.62
CHD CLA QE . -44.43 23.84 9.69
NA CLA QE . -40.48 26.76 11.37
C1A CLA QE . -39.47 25.78 11.31
C2A CLA QE . -38.13 26.35 11.78
C3A CLA QE . -38.48 27.79 12.20
C4A CLA QE . -39.95 27.93 11.82
CMA CLA QE . -38.29 27.96 13.69
CAA CLA QE . -37.13 26.36 10.64
CBA CLA QE . -35.72 26.33 11.18
CGA CLA QE . -35.10 27.70 11.10
O1A CLA QE . -35.07 28.47 10.14
O2A CLA QE . -34.53 28.09 12.27
NB CLA QE . -42.84 28.52 11.20
C1B CLA QE . -41.93 29.41 11.68
C2B CLA QE . -42.58 30.74 11.88
C3B CLA QE . -43.90 30.60 11.50
C4B CLA QE . -44.08 29.17 11.07
CMB CLA QE . -41.85 31.90 12.40
CAB CLA QE . -44.99 31.54 11.50
CBB CLA QE . -44.90 32.82 11.13
NC CLA QE . -44.47 26.27 10.26
C1C CLA QE . -45.42 27.25 10.24
C2C CLA QE . -46.70 26.70 9.78
C3C CLA QE . -46.47 25.36 9.50
C4C CLA QE . -45.06 25.09 9.81
CMC CLA QE . -47.93 27.46 9.62
CAC CLA QE . -47.46 24.38 9.00
CBC CLA QE . -47.37 24.16 7.51
ND CLA QE . -42.23 24.60 10.46
C1D CLA QE . -43.10 23.58 9.99
C2D CLA QE . -42.35 22.31 9.89
C3D CLA QE . -41.04 22.61 10.23
C4D CLA QE . -41.02 24.04 10.57
CMD CLA QE . -42.90 21.01 9.50
CAD CLA QE . -39.71 22.08 10.44
OBD CLA QE . -39.30 20.93 10.33
CBD CLA QE . -38.81 23.29 10.85
CGD CLA QE . -38.10 23.03 12.15
O1D CLA QE . -36.96 23.37 12.46
O2D CLA QE . -38.85 22.36 13.05
CED CLA QE . -38.68 22.69 14.44
C1 CLA QE . -34.84 29.41 12.73
C2 CLA QE . -35.08 29.30 14.19
C3 CLA QE . -35.40 30.35 14.96
C4 CLA QE . -35.54 31.72 14.40
C5 CLA QE . -35.63 30.19 16.43
C6 CLA QE . -36.87 30.90 16.95
C7 CLA QE . -38.14 30.31 16.36
C8 CLA QE . -39.21 30.09 17.43
C9 CLA QE . -39.30 28.62 17.79
C10 CLA QE . -40.56 30.63 16.95
C11 CLA QE . -41.39 29.60 16.21
C12 CLA QE . -42.75 30.15 15.83
C13 CLA QE . -43.85 29.16 16.17
C14 CLA QE . -44.55 28.68 14.91
C15 CLA QE . -44.87 29.77 17.14
C16 CLA QE . -45.78 28.71 17.71
C17 CLA QE . -45.79 28.76 19.23
C18 CLA QE . -46.75 27.75 19.84
C19 CLA QE . -48.06 27.70 19.08
C20 CLA QE . -47.01 28.05 21.30
MG CLA RE . -32.96 43.25 20.43
CHA CLA RE . -30.81 43.73 23.11
CHB CLA RE . -31.12 40.56 19.44
CHC CLA RE . -35.15 42.79 17.82
CHD CLA RE . -34.79 46.11 21.45
NA CLA RE . -31.25 42.32 21.18
C1A CLA RE . -30.50 42.67 22.30
C2A CLA RE . -29.31 41.72 22.49
C3A CLA RE . -29.40 40.79 21.25
C4A CLA RE . -30.69 41.23 20.56
CMA CLA RE . -28.20 40.94 20.35
CAA CLA RE . -29.40 40.93 23.78
CBA CLA RE . -30.51 39.89 23.75
CGA CLA RE . -30.75 39.40 25.15
O1A CLA RE . -30.27 39.81 26.21
O2A CLA RE . -31.64 38.36 25.20
NB CLA RE . -33.10 41.94 18.90
C1B CLA RE . -32.29 40.88 18.71
C2B CLA RE . -32.79 40.06 17.56
C3B CLA RE . -33.92 40.68 17.09
C4B CLA RE . -34.14 41.89 17.95
CMB CLA RE . -32.10 38.85 17.11
CAB CLA RE . -34.81 40.33 16.02
CBB CLA RE . -34.46 39.78 14.85
NC CLA RE . -34.66 44.27 19.75
C1C CLA RE . -35.39 43.91 18.66
C2C CLA RE . -36.50 44.85 18.48
C3C CLA RE . -36.41 45.79 19.51
C4C CLA RE . -35.24 45.43 20.31
CMC CLA RE . -37.49 44.77 17.41
CAC CLA RE . -37.29 46.94 19.74
CBC CLA RE . -36.84 48.17 19.00
ND CLA RE . -32.90 44.63 21.91
C1D CLA RE . -33.70 45.75 22.22
C2D CLA RE . -33.18 46.41 23.43
C3D CLA RE . -32.07 45.67 23.82
C4D CLA RE . -31.94 44.58 22.84
CMD CLA RE . -33.76 47.58 24.08
CAD CLA RE . -31.01 45.52 24.80
OBD CLA RE . -30.76 46.18 25.80
CBD CLA RE . -30.15 44.29 24.35
CGD CLA RE . -28.72 44.65 24.09
O1D CLA RE . -27.73 44.30 24.72
O2D CLA RE . -28.54 45.46 23.01
CED CLA RE . -27.23 45.57 22.48
MG CLA SE . -39.56 51.62 15.03
CHA CLA SE . -40.23 54.41 16.97
CHB CLA SE . -40.54 49.61 17.59
CHC CLA SE . -38.93 48.89 13.04
CHD CLA SE . -38.49 53.76 12.42
NA CLA SE . -40.27 51.98 16.96
C1A CLA SE . -40.49 53.21 17.58
C2A CLA SE . -41.03 53.02 19.00
C3A CLA SE . -41.03 51.49 19.19
C4A CLA SE . -40.60 50.96 17.82
CMA CLA SE . -40.08 51.07 20.28
CAA CLA SE . -42.45 53.56 19.09
CBA CLA SE . -43.35 52.84 18.10
CGA CLA SE . -44.57 53.66 17.77
O1A CLA SE . -44.94 54.73 18.24
O2A CLA SE . -45.33 53.07 16.79
NB CLA SE . -39.69 49.63 15.27
C1B CLA SE . -40.14 49.00 16.39
C2B CLA SE . -40.16 47.52 16.16
C3B CLA SE . -39.71 47.31 14.88
C4B CLA SE . -39.40 48.64 14.29
CMB CLA SE . -40.61 46.59 17.19
CAB CLA SE . -39.52 46.09 14.13
CBB CLA SE . -40.24 44.97 14.24
NC CLA SE . -38.84 51.38 13.09
C1C CLA SE . -38.67 50.17 12.47
C2C CLA SE . -38.16 50.37 11.11
C3C CLA SE . -38.03 51.75 10.94
C4C CLA SE . -38.46 52.38 12.18
CMC CLA SE . -37.87 49.29 10.18
CAC CLA SE . -37.57 52.46 9.73
CBC CLA SE . -38.70 53.12 8.98
ND CLA SE . -39.39 53.61 14.69
C1D CLA SE . -38.92 54.36 13.59
C2D CLA SE . -38.98 55.80 13.92
C3D CLA SE . -39.49 55.88 15.21
C4D CLA SE . -39.72 54.48 15.64
CMD CLA SE . -38.58 56.88 13.03
CAD CLA SE . -39.86 56.75 16.30
OBD CLA SE . -39.85 57.98 16.37
CBD CLA SE . -40.34 55.83 17.48
CGD CLA SE . -39.53 56.02 18.73
O1D CLA SE . -39.96 56.17 19.88
O2D CLA SE . -38.18 56.00 18.53
CED CLA SE . -37.34 55.94 19.68
C1 CLA SE . -46.75 52.97 17.04
C2 CLA SE . -47.12 51.55 16.83
C3 CLA SE . -48.06 51.17 15.96
C4 CLA SE . -48.82 52.14 15.13
C5 CLA SE . -48.40 49.72 15.79
MG CLA TE . -34.23 45.64 28.59
CHA CLA TE . -32.01 45.35 31.26
CHB CLA TE . -32.83 42.92 27.12
CHC CLA TE . -36.51 45.94 26.05
CHD CLA TE . -35.71 48.41 30.23
NA CLA TE . -32.66 44.37 29.12
C1A CLA TE . -31.86 44.40 30.27
C2A CLA TE . -30.85 43.26 30.26
C3A CLA TE . -31.09 42.56 28.90
C4A CLA TE . -32.28 43.32 28.33
CMA CLA TE . -29.88 42.60 28.01
CAA CLA TE . -31.12 42.29 31.39
CBA CLA TE . -32.61 42.12 31.62
CGA CLA TE . -32.99 40.68 31.66
O1A CLA TE . -33.23 39.96 32.64
O2A CLA TE . -33.09 40.12 30.41
NB CLA TE . -34.62 44.60 26.93
C1B CLA TE . -33.91 43.53 26.47
C2B CLA TE . -34.45 43.09 25.14
C3B CLA TE . -35.48 43.94 24.83
C4B CLA TE . -35.60 44.92 25.96
CMB CLA TE . -33.89 41.97 24.40
CAB CLA TE . -36.33 43.96 23.67
CBB CLA TE . -37.66 43.89 23.67
NC CLA TE . -35.80 46.97 28.20
C1C CLA TE . -36.59 46.91 27.09
C2C CLA TE . -37.60 47.97 27.13
C3C CLA TE . -37.39 48.66 28.32
C4C CLA TE . -36.26 48.01 28.99
CMC CLA TE . -38.60 48.22 26.10
CAC CLA TE . -38.14 49.81 28.83
CBC CLA TE . -39.07 49.45 29.97
ND CLA TE . -33.92 46.74 30.26
C1D CLA TE . -34.63 47.83 30.84
C2D CLA TE . -33.99 48.20 32.13
C3D CLA TE . -32.96 47.30 32.32
C4D CLA TE . -32.98 46.40 31.15
CMD CLA TE . -34.42 49.32 32.97
CAD CLA TE . -31.87 46.90 33.18
OBD CLA TE . -31.42 47.42 34.19
CBD CLA TE . -31.29 45.57 32.56
CGD CLA TE . -29.79 45.62 32.42
O1D CLA TE . -28.94 45.38 33.29
O2D CLA TE . -29.35 45.97 31.17
CED CLA TE . -27.98 45.72 30.85
MG CLA UE . -36.36 52.50 0.20
CHA CLA UE . -34.26 54.90 -1.19
CHB CLA UE . -36.99 54.59 2.82
CHC CLA UE . -38.53 50.17 1.45
CHD CLA UE . -35.68 50.38 -2.55
NA CLA UE . -35.71 54.42 0.70
C1A CLA UE . -34.84 55.25 0.00
C2A CLA UE . -34.63 56.58 0.73
C3A CLA UE . -35.44 56.41 2.03
C4A CLA UE . -36.11 55.05 1.86
CMA CLA UE . -34.59 56.50 3.27
CAA CLA UE . -35.16 57.74 -0.09
CBA CLA UE . -36.65 57.94 0.07
CGA CLA UE . -37.44 57.02 -0.80
O1A CLA UE . -37.79 55.86 -0.59
O2A CLA UE . -37.80 57.59 -1.99
NB CLA UE . -37.50 52.37 1.86
C1B CLA UE . -37.68 53.37 2.76
C2B CLA UE . -38.78 53.02 3.69
C3B CLA UE . -39.25 51.77 3.32
C4B CLA UE . -38.43 51.34 2.15
CMB CLA UE . -39.22 53.89 4.77
CAB CLA UE . -40.33 51.03 3.94
CBB CLA UE . -41.08 50.08 3.38
NC CLA UE . -36.96 50.60 -0.42
C1C CLA UE . -37.84 49.81 0.25
C2C CLA UE . -38.02 48.55 -0.46
C3C CLA UE . -37.24 48.61 -1.61
C4C CLA UE . -36.57 49.91 -1.58
CMC CLA UE . -38.90 47.46 -0.03
CAC CLA UE . -37.10 47.58 -2.65
CBC CLA UE . -35.75 46.91 -2.66
ND CLA UE . -35.24 52.55 -1.48
C1D CLA UE . -35.05 51.61 -2.53
C2D CLA UE . -34.11 52.17 -3.53
C3D CLA UE . -33.79 53.44 -3.07
C4D CLA UE . -34.52 53.62 -1.80
CMD CLA UE . -33.68 51.48 -4.74
CAD CLA UE . -33.03 54.65 -3.32
OBD CLA UE . -32.31 54.94 -4.27
CBD CLA UE . -33.31 55.62 -2.12
CGD CLA UE . -32.03 56.09 -1.48
O1D CLA UE . -31.13 56.75 -2.00
O2D CLA UE . -31.87 55.73 -0.18
CED CLA UE . -31.14 56.63 0.67
C1 CLA UE . -38.73 58.69 -1.91
C2 CLA UE . -39.97 58.14 -1.29
C3 CLA UE . -40.92 57.53 -2.01
C4 CLA UE . -40.81 57.34 -3.47
C5 CLA UE . -42.15 57.00 -1.34
C6 CLA UE . -42.52 55.59 -1.79
C7 CLA UE . -43.83 55.17 -1.18
C8 CLA UE . -44.30 53.81 -1.69
C9 CLA UE . -44.14 53.70 -3.19
C10 CLA UE . -45.76 53.58 -1.31
C11 CLA UE . -46.19 52.15 -1.58
MG CLA VE . -28.75 44.34 -0.31
CHA CLA VE . -25.64 42.95 0.36
CHB CLA VE . -27.75 47.26 1.13
CHC CLA VE . -31.85 45.64 -0.98
CHD CLA VE . -29.71 41.30 -1.85
NA CLA VE . -26.97 44.97 0.60
C1A CLA VE . -25.79 44.25 0.78
C2A CLA VE . -24.73 45.10 1.49
C3A CLA VE . -25.48 46.43 1.79
C4A CLA VE . -26.83 46.23 1.13
CMA CLA VE . -25.60 46.67 3.28
CAA CLA VE . -23.54 45.36 0.59
CBA CLA VE . -23.17 46.82 0.48
CGA CLA VE . -23.77 47.43 -0.75
O1A CLA VE . -23.43 48.45 -1.35
O2A CLA VE . -24.83 46.72 -1.25
NB CLA VE . -29.63 46.12 0.01
C1B CLA VE . -29.05 47.21 0.57
C2B CLA VE . -30.00 48.35 0.59
C3B CLA VE . -31.16 47.90 -0.01
C4B CLA VE . -30.94 46.47 -0.37
CMB CLA VE . -29.66 49.66 1.14
CAB CLA VE . -32.39 48.61 -0.25
CBB CLA VE . -32.93 48.79 -1.45
NC CLA VE . -30.47 43.59 -1.23
C1C CLA VE . -31.63 44.29 -1.38
C2C CLA VE . -32.63 43.46 -2.04
C3C CLA VE . -32.02 42.24 -2.33
C4C CLA VE . -30.66 42.33 -1.81
CMC CLA VE . -34.00 43.88 -2.36
CAC CLA VE . -32.63 41.08 -3.01
CBC CLA VE . -32.93 39.90 -2.12
ND CLA VE . -27.94 42.52 -0.67
C1D CLA VE . -28.44 41.37 -1.33
C2D CLA VE . -27.40 40.32 -1.32
C3D CLA VE . -26.31 40.88 -0.68
C4D CLA VE . -26.69 42.25 -0.30
CMD CLA VE . -27.55 38.98 -1.89
CAD CLA VE . -24.95 40.66 -0.22
OBD CLA VE . -24.24 39.67 -0.30
CBD CLA VE . -24.48 41.99 0.45
CGD CLA VE . -24.08 41.76 1.89
O1D CLA VE . -24.76 41.96 2.89
O2D CLA VE . -22.82 41.26 2.04
CED CLA VE . -22.41 40.89 3.36
C1 CLA VE . -25.71 47.44 -2.14
C2 CLA VE . -26.82 46.50 -2.46
C3 CLA VE . -27.22 46.25 -3.72
C4 CLA VE . -26.58 46.91 -4.90
C5 CLA VE . -28.34 45.31 -4.01
C6 CLA VE . -29.59 46.03 -4.44
C7 CLA VE . -30.57 45.07 -5.08
C8 CLA VE . -31.92 45.72 -5.31
C9 CLA VE . -32.92 44.70 -5.83
MG CLA WE . -29.14 39.27 7.39
CHA CLA WE . -26.77 40.29 9.70
CHB CLA WE . -27.09 40.29 4.87
CHC CLA WE . -31.48 38.16 5.12
CHD CLA WE . -31.24 38.28 10.05
NA CLA WE . -27.25 40.15 7.32
C1A CLA WE . -26.41 40.49 8.39
C2A CLA WE . -25.11 41.08 7.89
C3A CLA WE . -25.33 41.26 6.38
C4A CLA WE . -26.64 40.50 6.14
CMA CLA WE . -25.43 42.71 5.98
CAA CLA WE . -23.99 40.08 8.13
CBA CLA WE . -23.61 39.28 6.90
CGA CLA WE . -24.55 38.14 6.63
O1A CLA WE . -25.55 37.81 7.28
O2A CLA WE . -24.22 37.40 5.53
NB CLA WE . -29.28 39.27 5.38
C1B CLA WE . -28.30 39.64 4.53
C2B CLA WE . -28.68 39.29 3.14
C3B CLA WE . -29.91 38.69 3.19
C4B CLA WE . -30.32 38.68 4.63
CMB CLA WE . -27.80 39.58 2.01
CAB CLA WE . -30.75 38.16 2.15
CBB CLA WE . -30.84 38.63 0.90
NC CLA WE . -31.03 38.40 7.57
C1C CLA WE . -31.81 38.02 6.51
C2C CLA WE . -33.06 37.45 6.99
C3C CLA WE . -32.99 37.48 8.39
C4C CLA WE . -31.71 38.07 8.75
CMC CLA WE . -34.13 36.94 6.14
CAC CLA WE . -34.02 36.99 9.32
CBC CLA WE . -33.88 35.51 9.58
ND CLA WE . -29.07 39.23 9.41
C1D CLA WE . -30.02 38.83 10.39
C2D CLA WE . -29.45 39.06 11.74
C3D CLA WE . -28.20 39.62 11.53
C4D CLA WE . -28.02 39.72 10.07
CMD CLA WE . -30.12 38.74 13.00
CAD CLA WE . -26.98 40.14 12.14
OBD CLA WE . -26.67 40.19 13.33
CBD CLA WE . -26.06 40.63 10.98
CGD CLA WE . -25.82 42.12 11.07
O1D CLA WE . -26.68 43.01 11.15
O2D CLA WE . -24.51 42.48 11.06
CED CLA WE . -24.21 43.83 10.74
C1 CLA WE . -24.78 37.79 4.26
C2 CLA WE . -25.83 36.80 3.86
C3 CLA WE . -26.01 36.46 2.58
C4 CLA WE . -25.19 37.04 1.50
C5 CLA WE . -27.05 35.48 2.13
C6 CLA WE . -28.40 35.58 2.82
C7 CLA WE . -29.44 34.87 1.97
C8 CLA WE . -30.80 34.72 2.64
C9 CLA WE . -30.71 33.79 3.84
C10 CLA WE . -31.84 34.20 1.66
C11 CLA WE . -32.26 35.26 0.67
C12 CLA WE . -32.45 34.70 -0.73
C13 CLA WE . -33.02 35.74 -1.68
C14 CLA WE . -34.48 35.45 -1.96
C15 CLA WE . -32.24 35.79 -2.98
C16 CLA WE . -30.77 36.00 -2.74
C17 CLA WE . -29.93 35.33 -3.80
C18 CLA WE . -28.55 34.90 -3.30
C19 CLA WE . -28.49 34.76 -1.79
C20 CLA WE . -27.48 35.86 -3.78
MG CLA XE . -51.09 38.33 5.65
CHA CLA XE . -52.77 35.67 4.19
CHB CLA XE . -53.42 40.49 4.40
CHC CLA XE . -49.38 40.94 7.09
CHD CLA XE . -48.67 36.07 6.89
NA CLA XE . -52.81 38.09 4.49
C1A CLA XE . -53.35 36.89 3.99
C2A CLA XE . -54.63 37.17 3.18
C3A CLA XE . -54.75 38.71 3.22
C4A CLA XE . -53.58 39.14 4.10
CMA CLA XE . -54.66 39.33 1.84
CAA CLA XE . -55.83 36.52 3.83
CBA CLA XE . -57.08 36.66 2.97
CGA CLA XE . -57.87 37.84 3.40
O1A CLA XE . -58.61 38.57 2.73
O2A CLA XE . -57.72 38.13 4.73
NB CLA XE . -51.36 40.33 5.74
C1B CLA XE . -52.38 41.02 5.17
C2B CLA XE . -52.22 42.47 5.48
C3B CLA XE . -51.08 42.61 6.24
C4B CLA XE . -50.51 41.24 6.41
CMB CLA XE . -53.17 43.49 5.00
CAB CLA XE . -50.45 43.77 6.80
CBB CLA XE . -50.29 44.95 6.19
NC CLA XE . -49.34 38.46 6.79
C1C CLA XE . -48.83 39.64 7.27
C2C CLA XE . -47.60 39.37 8.02
C3C CLA XE . -47.40 37.99 7.97
C4C CLA XE . -48.50 37.43 7.19
CMC CLA XE . -46.78 40.39 8.67
CAC CLA XE . -46.29 37.24 8.58
CBC CLA XE . -46.72 36.47 9.81
ND CLA XE . -50.73 36.34 5.59
C1D CLA XE . -49.71 35.54 6.14
C2D CLA XE . -49.95 34.12 5.79
C3D CLA XE . -51.12 34.12 5.04
C4D CLA XE . -51.56 35.52 4.94
CMD CLA XE . -49.10 33.01 6.19
CAD CLA XE . -52.07 33.30 4.30
OBD CLA XE . -52.08 32.09 4.11
CBD CLA XE . -53.16 34.27 3.74
CGD CLA XE . -53.30 34.16 2.25
O1D CLA XE . -54.20 33.59 1.62
O2D CLA XE . -52.32 34.78 1.55
CED CLA XE . -52.21 34.48 0.16
MG CLA YE . -39.90 32.17 -4.37
CHA CLA YE . -41.39 30.22 -6.82
CHB CLA YE . -38.73 29.34 -2.86
CHC CLA YE . -38.24 34.14 -2.10
CHD CLA YE . -41.17 35.06 -5.96
NA CLA YE . -40.08 30.12 -4.77
C1A CLA YE . -40.72 29.51 -5.85
C2A CLA YE . -40.60 27.99 -5.78
C3A CLA YE . -39.92 27.75 -4.42
C4A CLA YE . -39.53 29.16 -3.97
CMA CLA YE . -40.85 27.08 -3.44
CAA CLA YE . -39.72 27.50 -6.92
CBA CLA YE . -38.31 28.03 -6.80
CGA CLA YE . -37.75 28.39 -8.14
O1A CLA YE . -38.32 28.42 -9.24
O2A CLA YE . -36.43 28.72 -8.10
NB CLA YE . -38.72 31.81 -2.78
C1B CLA YE . -38.33 30.58 -2.34
C2B CLA YE . -37.37 30.73 -1.21
C3B CLA YE . -37.23 32.08 -0.99
C4B CLA YE . -38.08 32.78 -1.98
CMB CLA YE . -36.79 29.58 -0.54
CAB CLA YE . -36.42 32.77 -0.01
CBB CLA YE . -35.21 32.41 0.43
NC CLA YE . -39.77 34.22 -4.06
C1C CLA YE . -39.04 34.81 -3.07
C2C CLA YE . -39.16 36.27 -3.16
C3C CLA YE . -39.98 36.53 -4.25
C4C CLA YE . -40.36 35.25 -4.82
CMC CLA YE . -38.52 37.21 -2.25
CAC CLA YE . -40.41 37.86 -4.74
CBC CLA YE . -39.77 38.24 -6.05
ND CLA YE . -41.07 32.60 -5.95
C1D CLA YE . -41.50 33.84 -6.51
C2D CLA YE . -42.32 33.56 -7.72
C3D CLA YE . -42.30 32.20 -7.88
C4D CLA YE . -41.50 31.65 -6.76
CMD CLA YE . -42.96 34.59 -8.54
CAD CLA YE . -42.76 31.07 -8.68
OBD CLA YE . -43.49 31.05 -9.67
CBD CLA YE . -42.16 29.78 -8.05
CGD CLA YE . -43.21 28.75 -7.72
O1D CLA YE . -44.01 28.76 -6.78
O2D CLA YE . -43.25 27.72 -8.60
CED CLA YE . -44.12 26.62 -8.31
C1 CLA YE . -35.75 28.81 -9.36
C2 CLA YE . -34.58 27.89 -9.28
C3 CLA YE . -33.41 28.25 -8.73
C4 CLA YE . -33.18 29.58 -8.16
C5 CLA YE . -32.27 27.28 -8.68
C6 CLA YE . -32.66 25.87 -9.07
C7 CLA YE . -31.54 24.92 -8.73
C8 CLA YE . -31.86 23.47 -9.10
C9 CLA YE . -31.97 22.62 -7.84
C10 CLA YE . -30.81 22.92 -10.05
C11 CLA YE . -30.80 21.41 -10.12
C12 CLA YE . -29.92 20.94 -11.25
C13 CLA YE . -29.83 19.42 -11.30
C14 CLA YE . -29.03 18.97 -12.51
C15 CLA YE . -31.21 18.78 -11.32
C16 CLA YE . -31.13 17.29 -11.59
C17 CLA YE . -32.50 16.65 -11.61
C18 CLA YE . -32.43 15.18 -12.02
C19 CLA YE . -33.81 14.60 -12.20
C20 CLA YE . -31.65 14.39 -11.00
MG CLA ZE . -49.55 36.04 -8.98
CHA CLA ZE . -52.99 35.54 -8.90
CHB CLA ZE . -49.55 35.47 -12.34
CHC CLA ZE . -46.15 36.53 -9.00
CHD CLA ZE . -49.60 36.60 -5.49
NA CLA ZE . -51.05 35.61 -10.38
C1A CLA ZE . -52.42 35.45 -10.15
C2A CLA ZE . -53.16 35.15 -11.45
C3A CLA ZE . -52.05 35.14 -12.52
C4A CLA ZE . -50.78 35.44 -11.71
CMA CLA ZE . -51.96 33.82 -13.24
CAA CLA ZE . -54.20 36.22 -11.77
CBA CLA ZE . -53.73 37.19 -12.82
CGA CLA ZE . -54.65 38.39 -12.85
O1A CLA ZE . -55.75 38.53 -12.31
O2A CLA ZE . -54.14 39.43 -13.59
NB CLA ZE . -48.13 36.06 -10.41
C1B CLA ZE . -48.31 35.71 -11.71
C2B CLA ZE . -47.00 35.60 -12.40
C3B CLA ZE . -46.02 35.90 -11.46
C4B CLA ZE . -46.74 36.19 -10.19
CMB CLA ZE . -46.88 35.24 -13.81
CAB CLA ZE . -44.58 35.95 -11.52
CBB CLA ZE . -43.80 35.59 -12.55
NC CLA ZE . -48.14 36.50 -7.52
C1C CLA ZE . -46.81 36.67 -7.75
C2C CLA ZE . -46.12 37.02 -6.51
C3C CLA ZE . -47.09 37.01 -5.51
C4C CLA ZE . -48.36 36.70 -6.15
CMC CLA ZE . -44.69 37.29 -6.38
CAC CLA ZE . -46.91 37.32 -4.08
CBC CLA ZE . -47.40 38.71 -3.76
ND CLA ZE . -50.92 36.06 -7.49
C1D CLA ZE . -50.79 36.30 -6.10
C2D CLA ZE . -52.14 36.18 -5.47
C3D CLA ZE . -53.00 35.87 -6.50
C4D CLA ZE . -52.20 35.82 -7.74
CMD CLA ZE . -52.39 36.34 -4.05
CAD CLA ZE . -54.39 35.57 -6.86
OBD CLA ZE . -55.37 35.47 -6.15
CBD CLA ZE . -54.42 35.38 -8.41
CGD CLA ZE . -55.00 34.06 -8.80
O1D CLA ZE . -56.20 33.75 -8.85
O2D CLA ZE . -54.09 33.12 -9.14
CED CLA ZE . -54.53 31.76 -9.23
C1 CLA ZE . -54.34 40.76 -13.05
C2 CLA ZE . -53.40 41.65 -13.79
C3 CLA ZE . -52.73 42.65 -13.20
C4 CLA ZE . -52.86 42.95 -11.75
MG CLA AF . -44.55 31.19 -15.96
CHA CLA AF . -47.93 31.02 -15.16
CHB CLA AF . -45.30 30.45 -19.21
CHC CLA AF . -41.21 31.45 -16.72
CHD CLA AF . -43.83 31.94 -12.59
NA CLA AF . -46.33 30.80 -16.98
C1A CLA AF . -47.64 30.78 -16.48
C2A CLA AF . -48.65 30.45 -17.56
C3A CLA AF . -47.77 30.13 -18.79
C4A CLA AF . -46.37 30.50 -18.32
CMA CLA AF . -47.89 28.67 -19.14
CAA CLA AF . -49.56 31.63 -17.85
CBA CLA AF . -48.83 32.95 -17.80
CGA CLA AF . -49.78 34.05 -17.42
O1A CLA AF . -50.78 33.99 -16.71
O2A CLA AF . -49.45 35.26 -17.98
NB CLA AF . -43.46 30.96 -17.64
C1B CLA AF . -43.96 30.75 -18.89
C2B CLA AF . -42.86 30.83 -19.89
C3B CLA AF . -41.70 31.12 -19.20
C4B CLA AF . -42.07 31.19 -17.76
CMB CLA AF . -43.06 30.65 -21.32
CAB CLA AF . -40.37 31.29 -19.70
CBB CLA AF . -39.62 32.39 -19.51
NC CLA AF . -42.83 31.60 -14.84
C1C CLA AF . -41.57 31.64 -15.36
C2C CLA AF . -40.61 31.93 -14.30
C3C CLA AF . -41.35 32.10 -13.13
C4C CLA AF . -42.75 31.88 -13.49
CMC CLA AF . -39.16 32.05 -14.49
CAC CLA AF . -40.82 32.41 -11.79
CBC CLA AF . -40.25 31.20 -11.09
ND CLA AF . -45.58 31.45 -14.24
C1D CLA AF . -45.15 31.74 -12.91
C2D CLA AF . -46.35 31.78 -12.04
C3D CLA AF . -47.44 31.52 -12.84
C4D CLA AF . -46.89 31.31 -14.20
CMD CLA AF . -46.32 32.06 -10.62
CAD CLA AF . -48.88 31.34 -12.91
OBD CLA AF . -49.71 31.43 -12.02
CBD CLA AF . -49.23 31.01 -14.39
CGD CLA AF . -49.91 29.68 -14.50
O1D CLA AF . -49.48 28.66 -15.06
O2D CLA AF . -51.14 29.63 -13.93
CED CLA AF . -51.93 28.46 -14.14
C1 CLA AF . -49.80 36.42 -17.20
MG CLA BF . -37.69 23.34 -14.14
CHA CLA BF . -39.43 25.54 -12.11
CHB CLA BF . -37.62 25.68 -16.62
CHC CLA BF . -35.86 21.16 -16.07
CHD CLA BF . -37.83 20.92 -11.57
NA CLA BF . -38.41 25.29 -14.31
C1A CLA BF . -39.09 26.05 -13.34
C2A CLA BF . -39.41 27.44 -13.86
C3A CLA BF . -38.92 27.40 -15.32
C4A CLA BF . -38.24 26.04 -15.44
CMA CLA BF . -40.05 27.56 -16.31
CAA CLA BF . -38.63 28.48 -13.09
CBA CLA BF . -37.24 27.99 -12.73
CGA CLA BF . -36.18 28.93 -13.23
O1A CLA BF . -36.28 29.86 -14.03
O2A CLA BF . -34.95 28.68 -12.66
NB CLA BF . -36.84 23.43 -15.97
C1B CLA BF . -36.98 24.45 -16.85
C2B CLA BF . -36.39 24.07 -18.17
C3B CLA BF . -35.88 22.80 -18.03
C4B CLA BF . -36.18 22.37 -16.62
CMB CLA BF . -36.38 24.96 -19.33
CAB CLA BF . -35.21 21.96 -18.98
CBB CLA BF . -33.97 21.49 -18.84
NC CLA BF . -36.97 21.39 -13.86
C1C CLA BF . -36.23 20.70 -14.77
C2C CLA BF . -35.87 19.40 -14.24
C3C CLA BF . -36.46 19.31 -12.97
C4C CLA BF . -37.14 20.58 -12.74
CMC CLA BF . -35.07 18.39 -14.93
CAC CLA BF . -36.38 18.19 -12.03
CBC CLA BF . -37.50 17.21 -12.24
ND CLA BF . -38.47 23.18 -12.29
C1D CLA BF . -38.46 22.12 -11.33
C2D CLA BF . -39.22 22.56 -10.13
C3D CLA BF . -39.60 23.86 -10.37
C4D CLA BF . -39.11 24.20 -11.73
CMD CLA BF . -39.44 21.73 -8.95
CAD CLA BF . -40.31 25.03 -9.87
OBD CLA BF . -40.91 25.16 -8.80
CBD CLA BF . -40.21 26.13 -10.96
CGD CLA BF . -41.56 26.60 -11.41
O1D CLA BF . -42.59 25.94 -11.50
O2D CLA BF . -41.61 27.93 -11.74
CED CLA BF . -42.87 28.45 -12.15
C1 CLA BF . -33.79 28.83 -13.52
C2 CLA BF . -32.72 27.98 -12.94
C3 CLA BF . -31.51 27.82 -13.49
C4 CLA BF . -30.48 26.95 -12.86
C5 CLA BF . -31.12 28.51 -14.76
C6 CLA BF . -30.12 27.70 -15.58
C7 CLA BF . -29.82 28.40 -16.89
C8 CLA BF . -28.67 27.74 -17.65
C9 CLA BF . -28.34 28.54 -18.90
C10 CLA BF . -29.01 26.30 -18.02
MG CLA CF . -38.86 24.56 -2.04
CHA CLA CF . -38.22 25.54 1.23
CHB CLA CF . -35.72 25.48 -2.93
CHC CLA CF . -39.61 23.77 -5.30
CHD CLA CF . -42.11 23.57 -1.06
NA CLA CF . -37.24 25.34 -0.99
C1A CLA CF . -37.16 25.70 0.37
C2A CLA CF . -35.77 26.24 0.71
C3A CLA CF . -34.96 26.03 -0.60
C4A CLA CF . -36.03 25.59 -1.59
CMA CLA CF . -34.20 27.25 -1.04
CAA CLA CF . -35.11 25.48 1.86
CBA CLA CF . -33.90 26.23 2.38
CGA CLA CF . -33.40 25.60 3.63
O1A CLA CF . -32.91 24.48 3.80
O2A CLA CF . -33.55 26.42 4.72
NB CLA CF . -37.84 24.57 -3.78
C1B CLA CF . -36.60 25.08 -3.95
C2B CLA CF . -36.26 25.14 -5.40
C3B CLA CF . -37.36 24.65 -6.07
C4B CLA CF . -38.38 24.28 -5.04
CMB CLA CF . -34.97 25.63 -5.87
CAB CLA CF . -37.61 24.47 -7.48
CBB CLA CF . -36.77 24.67 -8.50
NC CLA CF . -40.55 23.78 -2.99
C1C CLA CF . -40.64 23.52 -4.33
C2C CLA CF . -41.95 22.99 -4.65
C3C CLA CF . -42.66 22.93 -3.46
C4C CLA CF . -41.77 23.43 -2.42
CMC CLA CF . -42.41 22.61 -6.00
CAC CLA CF . -44.04 22.45 -3.26
CBC CLA CF . -44.10 21.06 -2.71
ND CLA CF . -39.96 24.51 -0.35
C1D CLA CF . -41.29 24.08 -0.09
C2D CLA CF . -41.60 24.30 1.35
C3D CLA CF . -40.47 24.89 1.89
C4D CLA CF . -39.47 24.98 0.81
CMD CLA CF . -42.88 23.98 1.98
CAD CLA CF . -39.86 25.42 3.09
OBD CLA CF . -40.33 25.55 4.22
CBD CLA CF . -38.41 25.85 2.71
CGD CLA CF . -38.16 27.31 3.01
O1D CLA CF . -37.58 27.79 3.99
O2D CLA CF . -38.66 28.17 2.07
CED CLA CF . -38.93 29.51 2.47
C1 CLA CF . -33.53 25.78 6.01
C2 CLA CF . -34.90 25.25 6.27
C3 CLA CF . -35.92 26.04 6.64
C4 CLA CF . -35.76 27.50 6.84
C5 CLA CF . -37.28 25.48 6.88
C6 CLA CF . -37.37 23.98 6.61
C7 CLA CF . -38.81 23.58 6.40
C8 CLA CF . -38.99 22.08 6.24
C9 CLA CF . -38.18 21.33 7.27
C10 CLA CF . -38.63 21.61 4.84
C11 CLA CF . -39.86 21.35 4.00
C12 CLA CF . -40.82 20.41 4.69
C13 CLA CF . -41.62 19.58 3.69
C14 CLA CF . -42.13 20.44 2.56
C15 CLA CF . -42.78 18.87 4.37
C16 CLA CF . -43.56 18.04 3.38
C17 CLA CF . -42.88 16.71 3.10
C18 CLA CF . -43.91 15.60 2.95
C19 CLA CF . -43.23 14.26 2.74
C20 CLA CF . -44.82 15.53 4.16
MG CLA DF . -21.66 25.01 -7.53
CHA CLA DF . -20.37 28.20 -7.19
CHB CLA DF . -24.09 26.22 -9.60
CHC CLA DF . -22.78 21.81 -8.01
CHD CLA DF . -19.17 23.81 -5.32
NA CLA DF . -22.13 26.90 -8.26
C1A CLA DF . -21.46 28.11 -8.00
C2A CLA DF . -22.12 29.24 -8.75
C3A CLA DF . -23.41 28.63 -9.33
C4A CLA DF . -23.20 27.14 -9.07
CMA CLA DF . -24.63 29.18 -8.65
CAA CLA DF . -21.18 29.54 -9.90
CBA CLA DF . -21.81 30.30 -11.04
CGA CLA DF . -20.77 30.51 -12.08
O1A CLA DF . -19.57 30.23 -12.04
O2A CLA DF . -21.25 31.09 -13.22
NB CLA DF . -23.17 24.18 -8.56
C1B CLA DF . -24.02 24.83 -9.41
C2B CLA DF . -24.90 23.86 -10.11
C3B CLA DF . -24.55 22.61 -9.67
C4B CLA DF . -23.43 22.79 -8.68
CMB CLA DF . -25.92 24.28 -11.08
CAB CLA DF . -25.06 21.31 -10.02
CBB CLA DF . -25.43 20.93 -11.25
NC CLA DF . -21.07 23.15 -6.78
C1C CLA DF . -21.67 21.96 -7.13
C2C CLA DF . -21.00 20.86 -6.45
C3C CLA DF . -19.99 21.42 -5.67
C4C CLA DF . -20.05 22.87 -5.89
CMC CLA DF . -21.36 19.45 -6.59
CAC CLA DF . -19.02 20.72 -4.81
CBC CLA DF . -17.63 20.67 -5.40
ND CLA DF . -20.10 25.75 -6.49
C1D CLA DF . -19.18 25.16 -5.59
C2D CLA DF . -18.27 26.21 -5.06
C3D CLA DF . -18.67 27.40 -5.67
C4D CLA DF . -19.82 27.06 -6.52
CMD CLA DF . -17.18 25.99 -4.12
CAD CLA DF . -18.45 28.82 -5.78
OBD CLA DF . -17.58 29.53 -5.27
CBD CLA DF . -19.56 29.39 -6.73
CGD CLA DF . -20.43 30.37 -6.00
O1D CLA DF . -21.61 30.22 -5.67
O2D CLA DF . -19.81 31.53 -5.67
CED CLA DF . -20.45 32.36 -4.70
C1 CLA DF . -20.27 31.70 -14.07
C2 CLA DF . -20.86 32.98 -14.55
C3 CLA DF . -21.63 33.05 -15.65
C4 CLA DF . -21.96 31.86 -16.47
C5 CLA DF . -22.19 34.36 -16.08
C6 CLA DF . -23.66 34.51 -15.69
C7 CLA DF . -23.98 35.96 -15.43
C8 CLA DF . -25.40 36.29 -15.87
C9 CLA DF . -26.39 35.47 -15.08
C10 CLA DF . -25.58 36.03 -17.36
C11 CLA DF . -25.97 37.28 -18.11
C12 CLA DF . -27.46 37.32 -18.38
C13 CLA DF . -27.77 38.08 -19.66
C14 CLA DF . -27.17 37.38 -20.86
C15 CLA DF . -27.29 39.53 -19.59
C16 CLA DF . -27.98 40.38 -20.64
C17 CLA DF . -29.49 40.34 -20.50
C18 CLA DF . -30.18 40.78 -21.78
C19 CLA DF . -29.82 39.87 -22.93
C20 CLA DF . -31.68 40.81 -21.58
MG CLA EF . -22.25 37.87 -6.10
CHA CLA EF . -22.86 34.76 -7.49
CHB CLA EF . -25.60 38.55 -6.14
CHC CLA EF . -21.60 40.92 -4.70
CHD CLA EF . -18.80 37.10 -6.02
NA CLA EF . -23.94 36.81 -6.73
C1A CLA EF . -23.98 35.51 -7.28
C2A CLA EF . -25.42 35.12 -7.60
C3A CLA EF . -26.25 36.37 -7.24
C4A CLA EF . -25.21 37.32 -6.65
CMA CLA EF . -26.93 36.97 -8.45
CAA CLA EF . -25.87 33.93 -6.76
CBA CLA EF . -27.25 33.48 -7.19
CGA CLA EF . -27.51 32.10 -6.66
O1A CLA EF . -26.80 31.10 -6.74
O2A CLA EF . -28.70 32.01 -6.02
NB CLA EF . -23.38 39.43 -5.52
C1B CLA EF . -24.74 39.51 -5.59
C2B CLA EF . -25.21 40.80 -5.02
C3B CLA EF . -24.08 41.49 -4.62
C4B CLA EF . -22.90 40.62 -4.94
CMB CLA EF . -26.62 41.19 -4.98
CAB CLA EF . -23.92 42.79 -4.01
CBB CLA EF . -24.75 43.35 -3.12
NC CLA EF . -20.51 38.83 -5.49
C1C CLA EF . -20.47 40.08 -4.97
C2C CLA EF . -19.08 40.45 -4.67
C3C CLA EF . -18.30 39.35 -5.02
C4C CLA EF . -19.20 38.34 -5.53
CMC CLA EF . -18.66 41.73 -4.11
CAC CLA EF . -16.83 39.23 -4.91
CBC CLA EF . -16.09 39.77 -6.11
ND CLA EF . -21.05 36.35 -6.65
C1D CLA EF . -19.64 36.16 -6.54
C2D CLA EF . -19.30 34.82 -7.09
C3D CLA EF . -20.49 34.26 -7.49
C4D CLA EF . -21.55 35.24 -7.17
CMD CLA EF . -17.94 34.29 -7.17
CAD CLA EF . -21.13 33.11 -8.08
OBD CLA EF . -20.60 32.11 -8.53
CBD CLA EF . -22.67 33.37 -8.05
CGD CLA EF . -23.30 33.24 -9.42
O1D CLA EF . -24.37 32.68 -9.70
O2D CLA EF . -22.58 33.80 -10.42
CED CLA EF . -23.20 33.92 -11.70
C1 CLA EF . -28.96 30.76 -5.33
C2 CLA EF . -30.06 31.01 -4.39
C3 CLA EF . -30.10 30.46 -3.17
C4 CLA EF . -29.03 29.56 -2.70
C5 CLA EF . -31.23 30.74 -2.23
C6 CLA EF . -32.50 31.18 -2.94
C7 CLA EF . -33.28 29.99 -3.45
C8 CLA EF . -34.65 30.39 -3.99
C9 CLA EF . -35.31 29.22 -4.68
C10 CLA EF . -34.53 31.57 -4.93
C11 CLA EF . -35.86 31.95 -5.54
C12 CLA EF . -35.79 33.29 -6.23
C13 CLA EF . -37.14 33.69 -6.81
C14 CLA EF . -37.61 32.67 -7.82
C15 CLA EF . -37.11 35.08 -7.45
C16 CLA EF . -35.92 35.90 -6.99
C17 CLA EF . -36.35 37.06 -6.11
C18 CLA EF . -35.72 38.37 -6.56
C19 CLA EF . -34.21 38.27 -6.57
C20 CLA EF . -36.15 39.50 -5.65
MG CLA FF . -15.37 24.93 11.17
CHA CLA FF . -16.47 26.35 14.14
CHB CLA FF . -13.10 27.45 10.83
CHC CLA FF . -14.10 23.32 8.44
CHD CLA FF . -17.78 22.37 11.57
NA CLA FF . -14.94 26.65 12.28
C1A CLA FF . -15.49 27.05 13.50
C2A CLA FF . -14.88 28.39 13.95
C3A CLA FF . -14.05 28.84 12.72
C4A CLA FF . -14.01 27.57 11.87
CMA CLA FF . -14.71 29.98 12.00
CAA CLA FF . -14.04 28.22 15.19
CBA CLA FF . -12.66 27.65 14.91
CGA CLA FF . -12.71 26.15 14.98
O1A CLA FF . -12.02 25.33 14.37
O2A CLA FF . -13.65 25.69 15.85
NB CLA FF . -13.94 25.36 9.82
C1B CLA FF . -13.00 26.32 9.99
C2B CLA FF . -11.80 26.04 9.14
C3B CLA FF . -12.08 24.86 8.46
C4B CLA FF . -13.44 24.43 8.88
CMB CLA FF . -10.63 26.92 9.12
CAB CLA FF . -11.31 24.10 7.50
CBB CLA FF . -10.17 24.47 6.91
NC CLA FF . -15.90 23.19 10.15
C1C CLA FF . -15.26 22.74 9.02
C2C CLA FF . -15.92 21.52 8.55
C3C CLA FF . -16.93 21.23 9.46
C4C CLA FF . -16.92 22.29 10.46
CMC CLA FF . -15.52 20.76 7.37
CAC CLA FF . -17.87 20.09 9.41
CBC CLA FF . -17.58 19.05 10.47
ND CLA FF . -16.85 24.45 12.47
C1D CLA FF . -17.76 23.36 12.53
C2D CLA FF . -18.59 23.49 13.74
C3D CLA FF . -18.11 24.59 14.42
C4D CLA FF . -17.03 25.16 13.58
CMD CLA FF . -19.66 22.56 14.13
CAD CLA FF . -18.26 25.45 15.57
OBD CLA FF . -19.06 25.37 16.51
CBD CLA FF . -17.19 26.57 15.45
CGD CLA FF . -17.80 27.94 15.56
O1D CLA FF . -17.96 28.75 14.66
O2D CLA FF . -18.20 28.26 16.82
CED CLA FF . -17.71 29.48 17.36
C1 CLA FF . -13.88 24.27 15.85
C2 CLA FF . -13.57 23.78 17.21
C3 CLA FF . -12.47 23.07 17.50
C4 CLA FF . -11.47 22.72 16.47
C5 CLA FF . -12.21 22.59 18.88
C6 CLA FF . -11.94 21.10 18.94
C7 CLA FF . -13.21 20.30 18.69
C8 CLA FF . -12.90 18.81 18.54
C9 CLA FF . -13.03 18.39 17.09
C10 CLA FF . -13.79 17.98 19.45
C11 CLA FF . -14.92 17.25 18.75
C12 CLA FF . -15.13 15.87 19.34
C13 CLA FF . -16.60 15.48 19.43
C14 CLA FF . -17.39 15.97 18.24
C15 CLA FF . -17.23 15.99 20.72
C16 CLA FF . -18.68 15.57 20.84
C17 CLA FF . -19.34 16.13 22.07
MG CLA GF . -22.57 30.28 10.00
CHA CLA GF . -21.98 33.51 11.16
CHB CLA GF . -20.73 29.04 12.56
CHC CLA GF . -23.26 27.15 8.87
CHD CLA GF . -24.52 31.65 7.36
NA CLA GF . -21.50 31.15 11.57
C1A CLA GF . -21.37 32.52 11.88
C2A CLA GF . -20.47 32.71 13.10
C3A CLA GF . -19.92 31.30 13.36
C4A CLA GF . -20.77 30.41 12.45
CMA CLA GF . -18.47 31.24 12.97
CAA CLA GF . -21.23 33.25 14.30
CBA CLA GF . -22.37 32.35 14.71
CGA CLA GF . -23.59 33.17 14.97
O1A CLA GF . -24.28 33.25 15.99
O2A CLA GF . -23.94 33.92 13.88
NB CLA GF . -22.03 28.44 10.57
C1B CLA GF . -21.46 28.13 11.76
C2B CLA GF . -21.64 26.68 12.07
C3B CLA GF . -22.35 26.15 11.01
C4B CLA GF . -22.60 27.26 10.04
CMB CLA GF . -21.12 26.06 13.28
CAB CLA GF . -22.82 24.80 10.77
CBB CLA GF . -22.18 23.67 11.11
NC CLA GF . -23.63 29.55 8.38
C1C CLA GF . -23.73 28.23 8.06
C2C CLA GF . -24.46 28.07 6.81
C3C CLA GF . -24.92 29.34 6.44
C4C CLA GF . -24.37 30.26 7.43
CMC CLA GF . -24.69 26.79 6.16
CAC CLA GF . -25.69 29.68 5.23
CBC CLA GF . -27.11 30.08 5.57
ND CLA GF . -23.14 32.11 9.35
C1D CLA GF . -23.95 32.53 8.26
C2D CLA GF . -24.05 34.01 8.27
C3D CLA GF . -23.31 34.44 9.36
C4D CLA GF . -22.77 33.22 9.99
CMD CLA GF . -24.80 34.77 7.29
CAD CLA GF . -22.83 35.57 10.12
OBD CLA GF . -23.00 36.78 9.94
CBD CLA GF . -21.97 35.01 11.31
CGD CLA GF . -20.56 35.53 11.31
O1D CLA GF . -19.74 35.48 10.40
O2D CLA GF . -20.19 36.10 12.49
CED CLA GF . -18.96 36.81 12.49
C1 CLA GF . -25.33 34.31 13.82
C2 CLA GF . -25.64 34.63 12.41
C3 CLA GF . -25.90 35.88 12.00
C4 CLA GF . -25.90 37.01 12.94
C5 CLA GF . -26.22 36.17 10.58
C6 CLA GF . -27.52 35.54 10.14
C7 CLA GF . -27.92 36.02 8.77
C8 CLA GF . -28.57 34.91 7.95
C9 CLA GF . -28.76 35.36 6.51
C10 CLA GF . -29.91 34.51 8.57
C11 CLA GF . -30.64 33.49 7.72
C12 CLA GF . -31.43 32.53 8.59
C13 CLA GF . -32.52 31.82 7.79
C14 CLA GF . -33.66 31.41 8.70
C15 CLA GF . -31.99 30.62 7.04
C16 CLA GF . -32.03 30.83 5.54
C17 CLA GF . -32.90 29.80 4.85
C18 CLA GF . -33.60 30.37 3.63
C19 CLA GF . -34.93 29.69 3.40
C20 CLA GF . -32.74 30.24 2.40
MG CLA HF . -27.50 12.15 5.25
CHA CLA HF . -28.06 8.73 5.18
CHB CLA HF . -30.29 12.56 7.15
CHC CLA HF . -26.77 15.51 5.50
CHD CLA HF . -24.60 11.68 3.30
NA CLA HF . -28.95 10.85 6.00
C1A CLA HF . -28.99 9.45 5.89
C2A CLA HF . -30.19 8.88 6.62
C3A CLA HF . -30.96 10.14 7.10
C4A CLA HF . -30.00 11.28 6.75
CMA CLA HF . -32.29 10.27 6.40
CAA CLA HF . -29.72 8.09 7.83
CBA CLA HF . -28.73 8.87 8.65
CGA CLA HF . -28.27 8.09 9.84
O1A CLA HF . -28.83 7.15 10.41
O2A CLA HF . -27.08 8.52 10.35
NB CLA HF . -28.32 13.72 6.21
C1B CLA HF . -29.51 13.70 6.85
C2B CLA HF . -29.91 15.08 7.21
C3B CLA HF . -28.93 15.93 6.76
C4B CLA HF . -27.91 15.07 6.09
CMB CLA HF . -31.14 15.35 7.91
CAB CLA HF . -28.79 17.37 6.81
CBB CLA HF . -29.79 18.26 6.91
NC CLA HF . -25.98 13.37 4.51
C1C CLA HF . -25.87 14.70 4.75
C2C CLA HF . -24.67 15.23 4.15
C3C CLA HF . -24.05 14.16 3.49
C4C CLA HF . -24.88 12.98 3.73
CMC CLA HF . -24.24 16.63 4.24
CAC CLA HF . -22.79 14.19 2.74
CBC CLA HF . -21.64 13.67 3.58
ND CLA HF . -26.59 10.63 4.29
C1D CLA HF . -25.38 10.57 3.54
C2D CLA HF . -25.14 9.17 3.14
C3D CLA HF . -26.13 8.42 3.73
C4D CLA HF . -26.99 9.37 4.47
CMD CLA HF . -24.02 8.74 2.30
CAD CLA HF . -26.71 7.10 3.91
OBD CLA HF . -26.40 6.03 3.40
CBD CLA HF . -27.89 7.25 4.93
CGD CLA HF . -29.13 6.54 4.43
O1D CLA HF . -29.31 5.32 4.35
O2D CLA HF . -30.14 7.36 4.03
CED CLA HF . -31.43 6.77 3.82
C1 CLA HF . -26.90 8.36 11.77
C2 CLA HF . -25.73 9.20 12.17
C3 CLA HF . -24.47 8.76 12.12
C4 CLA HF . -24.13 7.39 11.64
C5 CLA HF . -23.33 9.63 12.53
C6 CLA HF . -22.01 9.22 11.93
C7 CLA HF . -20.88 10.10 12.43
C8 CLA HF . -20.29 10.98 11.34
C9 CLA HF . -20.17 10.21 10.03
C10 CLA HF . -18.91 11.50 11.76
C11 CLA HF . -19.00 12.92 12.26
C12 CLA HF . -17.69 13.39 12.85
C13 CLA HF . -17.83 14.76 13.51
C14 CLA HF . -17.68 15.86 12.48
C15 CLA HF . -16.84 14.95 14.64
C16 CLA HF . -15.43 14.60 14.20
C17 CLA HF . -14.39 15.24 15.09
C18 CLA HF . -13.32 14.26 15.54
C19 CLA HF . -12.13 14.98 16.13
C20 CLA HF . -13.90 13.29 16.55
MG CLA IF . -30.94 17.27 -21.62
CHA CLA IF . -34.04 16.69 -23.05
CHB CLA IF . -29.43 16.34 -24.51
CHC CLA IF . -27.89 17.93 -20.17
CHD CLA IF . -32.56 18.11 -18.57
NA CLA IF . -31.65 16.63 -23.47
C1A CLA IF . -32.98 16.46 -23.87
C2A CLA IF . -33.05 15.98 -25.32
C3A CLA IF . -31.57 15.74 -25.70
C4A CLA IF . -30.81 16.29 -24.50
CMA CLA IF . -31.28 14.27 -25.91
CAA CLA IF . -33.65 17.06 -26.21
CBA CLA IF . -32.57 17.78 -26.99
CGA CLA IF . -33.12 19.04 -27.61
O1A CLA IF . -34.24 19.24 -28.06
O2A CLA IF . -32.20 20.06 -27.65
NB CLA IF . -29.03 17.15 -22.22
C1B CLA IF . -28.61 16.80 -23.47
C2B CLA IF . -27.14 16.95 -23.57
C3B CLA IF . -26.70 17.39 -22.34
C4B CLA IF . -27.89 17.53 -21.46
CMB CLA IF . -26.39 16.63 -24.78
CAB CLA IF . -25.37 17.71 -21.90
CBB CLA IF . -24.53 18.55 -22.51
NC CLA IF . -30.34 17.90 -19.71
C1C CLA IF . -29.05 18.10 -19.34
C2C CLA IF . -28.99 18.54 -17.94
C3C CLA IF . -30.31 18.59 -17.49
C4C CLA IF . -31.15 18.18 -18.60
CMC CLA IF . -27.76 18.83 -17.21
CAC CLA IF . -30.77 18.96 -16.14
CBC CLA IF . -31.20 20.41 -16.06
ND CLA IF . -32.83 17.41 -20.91
C1D CLA IF . -33.36 17.75 -19.64
C2D CLA IF . -34.82 17.65 -19.68
C3D CLA IF . -35.15 17.24 -20.96
C4D CLA IF . -33.87 17.11 -21.69
CMD CLA IF . -35.71 17.93 -18.56
CAD CLA IF . -36.21 16.89 -21.89
OBD CLA IF . -37.42 16.84 -21.70
CBD CLA IF . -35.53 16.53 -23.25
CGD CLA IF . -35.88 15.13 -23.69
O1D CLA IF . -36.71 14.79 -24.54
O2D CLA IF . -35.19 14.15 -23.05
CED CLA IF . -35.13 12.86 -23.66
C1 CLA IF . -32.69 21.34 -28.05
C2 CLA IF . -31.52 22.24 -28.15
C3 CLA IF . -31.55 23.52 -27.76
C4 CLA IF . -32.76 24.14 -27.19
C5 CLA IF . -30.33 24.38 -27.87
MG CLA JF . -23.37 16.66 -28.48
CHA CLA JF . -26.37 15.07 -29.17
CHB CLA JF . -21.66 13.93 -29.56
CHC CLA JF . -20.43 18.34 -27.88
CHD CLA JF . -25.17 19.43 -27.23
NA CLA JF . -23.95 14.81 -29.24
C1A CLA JF . -25.25 14.36 -29.48
C2A CLA JF . -25.22 12.93 -30.05
C3A CLA JF . -23.73 12.55 -30.02
C4A CLA JF . -23.04 13.86 -29.60
CMA CLA JF . -23.44 11.44 -29.05
CAA CLA JF . -25.73 12.95 -31.48
CBA CLA JF . -24.79 13.75 -32.38
CGA CLA JF . -25.42 14.06 -33.70
O1A CLA JF . -26.50 13.67 -34.14
O2A CLA JF . -24.65 14.89 -34.46
NB CLA JF . -21.42 16.22 -28.68
C1B CLA JF . -20.92 15.05 -29.15
C2B CLA JF . -19.43 15.10 -29.17
C3B CLA JF . -19.07 16.35 -28.69
C4B CLA JF . -20.33 17.08 -28.38
CMB CLA JF . -18.63 13.97 -29.63
CAB CLA JF . -17.77 16.95 -28.49
CBB CLA JF . -16.62 16.31 -28.29
NC CLA JF . -22.90 18.55 -27.71
C1C CLA JF . -21.62 19.04 -27.56
C2C CLA JF . -21.67 20.38 -27.01
C3C CLA JF . -23.02 20.70 -26.83
C4C CLA JF . -23.78 19.54 -27.27
CMC CLA JF . -20.50 21.22 -26.72
CAC CLA JF . -23.58 21.95 -26.29
CBC CLA JF . -24.10 21.83 -24.89
ND CLA JF . -25.30 17.20 -28.24
C1D CLA JF . -25.90 18.34 -27.66
C2D CLA JF . -27.37 18.16 -27.64
C3D CLA JF . -27.62 16.95 -28.26
C4D CLA JF . -26.29 16.39 -28.59
CMD CLA JF . -28.29 19.14 -27.07
CAD CLA JF . -28.62 15.98 -28.69
OBD CLA JF . -29.84 16.05 -28.65
CBD CLA JF . -27.85 14.74 -29.24
CGD CLA JF . -28.16 13.49 -28.46
O1D CLA JF . -27.56 13.03 -27.49
O2D CLA JF . -29.25 12.80 -28.93
CED CLA JF . -29.46 11.48 -28.43
C1 CLA JF . -25.34 15.97 -35.13
C2 CLA JF . -24.31 16.75 -35.86
C3 CLA JF . -24.45 18.07 -36.11
C4 CLA JF . -25.64 18.83 -35.65
C5 CLA JF . -23.41 18.83 -36.84
C6 CLA JF . -23.06 20.15 -36.16
C7 CLA JF . -21.83 20.77 -36.79
C8 CLA JF . -21.55 22.17 -36.24
C9 CLA JF . -22.80 23.02 -36.30
C10 CLA JF . -20.42 22.84 -37.02
MG CLA KF . -7.60 21.90 -27.32
CHA CLA KF . -9.44 19.00 -26.80
CHB CLA KF . -4.74 20.20 -26.57
CHC CLA KF . -5.82 24.75 -27.98
CHD CLA KF . -10.60 23.61 -28.04
NA CLA KF . -7.19 19.92 -26.75
C1A CLA KF . -8.09 18.87 -26.60
C2A CLA KF . -7.37 17.59 -26.15
C3A CLA KF . -5.92 18.07 -25.91
C4A CLA KF . -5.92 19.50 -26.45
CMA CLA KF . -5.58 18.03 -24.44
CAA CLA KF . -7.41 16.50 -27.20
CBA CLA KF . -6.76 15.22 -26.70
CGA CLA KF . -7.51 14.70 -25.52
O1A CLA KF . -8.67 14.94 -25.17
O2A CLA KF . -6.76 13.86 -24.73
NB CLA KF . -5.65 22.40 -27.22
C1B CLA KF . -4.63 21.53 -27.04
C2B CLA KF . -3.34 22.18 -27.39
C3B CLA KF . -3.64 23.46 -27.78
C4B CLA KF . -5.11 23.62 -27.67
CMB CLA KF . -2.04 21.51 -27.28
CAB CLA KF . -2.76 24.53 -28.21
CBB CLA KF . -2.49 24.83 -29.48
NC CLA KF . -8.13 23.84 -27.87
C1C CLA KF . -7.24 24.86 -28.06
C2C CLA KF . -7.95 26.08 -28.40
C3C CLA KF . -9.30 25.76 -28.45
C4C CLA KF . -9.41 24.34 -28.12
CMC CLA KF . -7.32 27.38 -28.66
CAC CLA KF . -10.43 26.65 -28.76
CBC CLA KF . -11.00 27.30 -27.52
ND CLA KF . -9.58 21.47 -27.41
C1D CLA KF . -10.71 22.28 -27.73
C2D CLA KF . -11.93 21.43 -27.66
C3D CLA KF . -11.50 20.17 -27.32
C4D CLA KF . -10.03 20.25 -27.16
CMD CLA KF . -13.29 21.92 -27.92
CAD CLA KF . -11.90 18.80 -27.03
OBD CLA KF . -13.01 18.29 -27.02
CBD CLA KF . -10.58 18.01 -26.70
CGD CLA KF . -10.65 17.36 -25.34
O1D CLA KF . -10.24 17.81 -24.27
O2D CLA KF . -11.23 16.13 -25.36
CED CLA KF . -11.90 15.69 -24.18
C1 CLA KF . -7.50 13.11 -23.75
C2 CLA KF . -6.75 11.84 -23.54
C3 CLA KF . -7.38 10.67 -23.35
C4 CLA KF . -8.86 10.55 -23.36
C5 CLA KF . -6.62 9.41 -23.14
C6 CLA KF . -5.13 9.56 -23.39
C7 CLA KF . -4.45 8.21 -23.30
C8 CLA KF . -3.04 8.29 -22.74
C9 CLA KF . -2.19 9.23 -23.58
C10 CLA KF . -2.40 6.92 -22.67
C11 CLA KF . -0.97 6.98 -22.21
C12 CLA KF . -0.44 5.61 -21.78
C13 CLA KF . -0.96 5.24 -20.40
C14 CLA KF . -0.04 5.76 -19.32
C15 CLA KF . -1.12 3.73 -20.26
C16 CLA KF . 0.20 3.02 -20.45
C17 CLA KF . 0.16 1.60 -19.93
C18 CLA KF . 0.49 0.57 -21.01
C19 CLA KF . 1.98 0.48 -21.25
C20 CLA KF . -0.23 0.91 -22.30
MG CLA LF . 2.09 21.83 -24.04
CHA CLA LF . 4.27 23.16 -26.39
CHB CLA LF . -0.40 23.84 -25.22
CHC CLA LF . -0.06 20.41 -21.77
CHD CLA LF . 4.72 19.83 -22.78
NA CLA LF . 1.98 23.24 -25.57
C1A CLA LF . 3.00 23.65 -26.44
C2A CLA LF . 2.47 24.70 -27.42
C3A CLA LF . 1.05 25.00 -26.91
C4A CLA LF . 0.83 23.94 -25.83
CMA CLA LF . 0.94 26.41 -26.35
CAA CLA LF . 2.41 24.11 -28.81
CBA CLA LF . 1.74 22.74 -28.85
CGA CLA LF . 1.39 22.37 -30.25
O1A CLA LF . 2.15 22.09 -31.19
O2A CLA LF . 0.05 22.35 -30.48
NB CLA LF . 0.16 22.11 -23.54
C1B CLA LF . -0.72 22.91 -24.20
C2B CLA LF . -2.10 22.69 -23.70
C3B CLA LF . -2.01 21.72 -22.73
C4B CLA LF . -0.58 21.34 -22.62
CMB CLA LF . -3.27 23.40 -24.21
CAB CLA LF . -3.04 21.11 -21.92
CBB CLA LF . -4.20 20.63 -22.38
NC CLA LF . 2.31 20.39 -22.55
C1C CLA LF . 1.29 19.96 -21.73
C2C CLA LF . 1.79 18.96 -20.81
C3C CLA LF . 3.14 18.79 -21.08
C4C CLA LF . 3.47 19.70 -22.18
CMC CLA LF . 0.97 18.28 -19.80
CAC CLA LF . 4.08 17.89 -20.40
CBC CLA LF . 4.03 16.49 -20.95
ND CLA LF . 4.03 21.46 -24.49
C1D CLA LF . 5.00 20.64 -23.87
C2D CLA LF . 6.29 20.82 -24.58
C3D CLA LF . 6.07 21.76 -25.55
C4D CLA LF . 4.66 22.15 -25.45
CMD CLA LF . 7.53 20.10 -24.24
CAD CLA LF . 6.64 22.50 -26.65
OBD CLA LF . 7.78 22.45 -27.13
CBD CLA LF . 5.54 23.48 -27.17
CGD CLA LF . 6.02 24.90 -27.02
O1D CLA LF . 7.18 25.27 -26.85
O2D CLA LF . 5.05 25.85 -27.08
CED CLA LF . 5.26 27.07 -26.37
C1 CLA LF . -0.46 21.37 -31.40
C2 CLA LF . -1.92 21.61 -31.49
C3 CLA LF . -2.75 20.96 -32.32
C4 CLA LF . -2.27 19.91 -33.25
C5 CLA LF . -4.20 21.27 -32.33
C6 CLA LF . -4.90 20.82 -31.07
C7 CLA LF . -5.91 21.84 -30.59
C8 CLA LF . -7.03 22.08 -31.59
C9 CLA LF . -7.05 23.54 -32.00
C10 CLA LF . -8.38 21.68 -31.00
C11 CLA LF . -9.52 22.19 -31.84
C12 CLA LF . -10.87 21.82 -31.29
C13 CLA LF . -12.00 22.42 -32.12
C14 CLA LF . -12.33 23.82 -31.66
C15 CLA LF . -13.25 21.53 -32.09
C16 CLA LF . -14.41 22.16 -32.85
C17 CLA LF . -14.22 22.05 -34.35
C18 CLA LF . -15.43 22.59 -35.10
C19 CLA LF . -16.69 21.84 -34.71
C20 CLA LF . -15.22 22.50 -36.59
MG CLA MF . -23.57 42.58 -12.30
CHA CLA MF . -24.67 45.36 -10.54
CHB CLA MF . -23.21 40.87 -9.36
CHC CLA MF . -22.68 39.79 -14.08
CHD CLA MF . -23.95 44.38 -15.32
NA CLA MF . -23.87 43.07 -10.29
C1A CLA MF . -24.36 44.27 -9.77
C2A CLA MF . -24.45 44.21 -8.25
C3A CLA MF . -23.79 42.86 -7.91
C4A CLA MF . -23.62 42.19 -9.27
CMA CLA MF . -22.46 43.08 -7.25
CAA CLA MF . -25.90 44.22 -7.81
CBA CLA MF . -26.72 43.18 -8.55
CGA CLA MF . -28.19 43.34 -8.28
O1A CLA MF . -28.98 44.15 -8.78
O2A CLA MF . -28.66 42.46 -7.35
NB CLA MF . -23.05 40.69 -11.82
C1B CLA MF . -22.99 40.17 -10.56
C2B CLA MF . -22.61 38.73 -10.62
C3B CLA MF . -22.45 38.42 -11.95
C4B CLA MF . -22.72 39.66 -12.73
CMB CLA MF . -22.45 37.89 -9.44
CAB CLA MF . -22.10 37.16 -12.55
CBB CLA MF . -21.00 36.94 -13.28
NC CLA MF . -23.32 42.17 -14.34
C1C CLA MF . -22.94 40.96 -14.84
C2C CLA MF . -22.87 41.03 -16.29
C3C CLA MF . -23.25 42.33 -16.65
C4C CLA MF . -23.53 43.04 -15.41
CMC CLA MF . -22.50 39.91 -17.17
CAC CLA MF . -23.36 42.87 -18.01
CBC CLA MF . -24.79 42.94 -18.47
ND CLA MF . -24.08 44.44 -12.86
C1D CLA MF . -24.21 45.05 -14.14
C2D CLA MF . -24.65 46.46 -13.96
C3D CLA MF . -24.83 46.64 -12.59
C4D CLA MF . -24.48 45.34 -11.96
CMD CLA MF . -24.84 47.41 -15.04
CAD CLA MF . -25.19 47.55 -11.53
OBD CLA MF . -25.46 48.74 -11.58
CBD CLA MF . -25.17 46.74 -10.19
CGD CLA MF . -24.31 47.39 -9.13
O1D CLA MF . -23.08 47.44 -9.09
O2D CLA MF . -25.03 47.95 -8.12
CED CLA MF . -24.40 48.97 -7.35
C1 CLA MF . -29.40 41.34 -7.86
C2 CLA MF . -29.82 40.55 -6.67
C3 CLA MF . -30.28 39.29 -6.76
C4 CLA MF . -30.41 38.58 -8.05
C5 CLA MF . -30.69 38.54 -5.54
MG CLA NF . -30.02 49.97 -12.47
CHA CLA NF . -31.34 51.52 -9.67
CHB CLA NF . -29.15 47.28 -10.59
CHC CLA NF . -28.71 48.49 -15.29
CHD CLA NF . -30.80 52.86 -14.37
NA CLA NF . -30.25 49.49 -10.46
C1A CLA NF . -30.82 50.27 -9.45
C2A CLA NF . -30.77 49.53 -8.10
C3A CLA NF . -29.98 48.24 -8.41
C4A CLA NF . -29.78 48.31 -9.93
CMA CLA NF . -28.67 48.18 -7.68
CAA CLA NF . -32.17 49.19 -7.63
CBA CLA NF . -32.93 48.42 -8.70
CGA CLA NF . -34.33 48.15 -8.25
O1A CLA NF . -34.91 48.58 -7.26
O2A CLA NF . -35.00 47.31 -9.10
NB CLA NF . -29.05 48.25 -12.86
C1B CLA NF . -28.90 47.22 -11.98
C2B CLA NF . -28.40 46.01 -12.67
C3B CLA NF . -28.28 46.35 -14.01
C4B CLA NF . -28.69 47.77 -14.13
CMB CLA NF . -28.14 44.75 -11.98
CAB CLA NF . -27.84 45.54 -15.11
CBB CLA NF . -28.59 45.24 -16.18
NC CLA NF . -29.82 50.57 -14.47
C1C CLA NF . -29.25 49.81 -15.45
C2C CLA NF . -29.26 50.54 -16.71
C3C CLA NF . -29.85 51.78 -16.46
C4C CLA NF . -30.19 51.80 -15.04
CMC CLA NF . -28.73 50.03 -17.98
CAC CLA NF . -30.09 52.88 -17.41
CBC CLA NF . -31.52 52.94 -17.86
ND CLA NF . -30.97 51.73 -12.19
C1D CLA NF . -31.18 52.86 -13.04
C2D CLA NF . -31.83 53.94 -12.26
C3D CLA NF . -31.94 53.46 -10.97
C4D CLA NF . -31.35 52.11 -10.97
CMD CLA NF . -32.25 55.23 -12.81
CAD CLA NF . -32.40 53.75 -9.62
OBD CLA NF . -33.01 54.71 -9.18
CBD CLA NF . -31.94 52.55 -8.74
CGD CLA NF . -30.92 53.01 -7.72
O1D CLA NF . -30.28 54.05 -7.73
O2D CLA NF . -30.73 52.14 -6.69
CED CLA NF . -30.40 52.71 -5.42
MG CLA OF . -14.53 34.04 -8.35
CHA CLA OF . -15.43 36.79 -10.27
CHB CLA OF . -16.64 32.09 -10.17
CHC CLA OF . -13.62 31.35 -6.42
CHD CLA OF . -12.40 36.12 -6.44
NA CLA OF . -15.82 34.41 -9.96
C1A CLA OF . -16.04 35.62 -10.63
C2A CLA OF . -17.07 35.45 -11.75
C3A CLA OF . -17.47 33.95 -11.65
C4A CLA OF . -16.58 33.42 -10.53
CMA CLA OF . -18.94 33.79 -11.33
CAA CLA OF . -16.54 35.77 -13.13
CBA CLA OF . -17.66 36.36 -13.97
CGA CLA OF . -17.39 36.24 -15.43
O1A CLA OF . -16.32 36.40 -16.03
O2A CLA OF . -18.50 35.91 -16.17
NB CLA OF . -15.03 32.10 -8.31
C1B CLA OF . -15.90 31.47 -9.16
C2B CLA OF . -15.95 30.02 -8.84
C3B CLA OF . -15.09 29.81 -7.79
C4B CLA OF . -14.51 31.12 -7.42
CMB CLA OF . -16.79 29.09 -9.60
CAB CLA OF . -14.74 28.60 -7.07
CBB CLA OF . -15.53 27.54 -6.87
NC CLA OF . -13.24 33.80 -6.73
C1C CLA OF . -13.02 32.60 -6.09
C2C CLA OF . -12.08 32.79 -5.00
C3C CLA OF . -11.73 34.14 -4.99
C4C CLA OF . -12.47 34.77 -6.09
CMC CLA OF . -11.62 31.73 -4.10
CAC CLA OF . -10.81 34.81 -4.08
CBC CLA OF . -9.50 35.19 -4.72
ND CLA OF . -13.98 35.98 -8.32
C1D CLA OF . -13.09 36.71 -7.48
C2D CLA OF . -13.09 38.13 -7.90
C3D CLA OF . -13.97 38.21 -8.97
C4D CLA OF . -14.49 36.86 -9.19
CMD CLA OF . -12.30 39.19 -7.27
CAD CLA OF . -14.58 39.08 -9.95
OBD CLA OF . -14.44 40.28 -10.11
CBD CLA OF . -15.54 38.21 -10.81
CGD CLA OF . -16.96 38.69 -10.74
O1D CLA OF . -17.67 39.07 -11.67
O2D CLA OF . -17.48 38.70 -9.48
CED CLA OF . -18.90 38.75 -9.35
C1 CLA OF . -18.70 36.66 -17.39
C2 CLA OF . -19.86 36.06 -18.08
C3 CLA OF . -20.43 36.63 -19.16
C4 CLA OF . -19.93 37.90 -19.73
C5 CLA OF . -21.60 35.99 -19.84
C6 CLA OF . -22.62 36.99 -20.33
MG CLA PF . -14.26 29.98 -19.51
CHA CLA PF . -14.23 32.76 -17.45
CHB CLA PF . -15.87 28.21 -17.09
CHC CLA PF . -14.41 27.29 -21.65
CHD CLA PF . -12.62 31.87 -22.01
NA CLA PF . -14.91 30.43 -17.58
C1A CLA PF . -14.81 31.65 -16.90
C2A CLA PF . -15.42 31.55 -15.51
C3A CLA PF . -15.83 30.07 -15.39
C4A CLA PF . -15.52 29.50 -16.78
CMA CLA PF . -15.05 29.36 -14.30
CAA CLA PF . -16.65 32.44 -15.43
CBA CLA PF . -17.71 32.06 -16.44
CGA CLA PF . -17.55 32.81 -17.72
O1A CLA PF . -17.12 33.95 -17.91
O2A CLA PF . -17.94 32.08 -18.81
NB CLA PF . -15.01 28.11 -19.39
C1B CLA PF . -15.64 27.57 -18.32
C2B CLA PF . -16.06 26.17 -18.63
C3B CLA PF . -15.64 25.91 -19.92
C4B CLA PF . -14.97 27.13 -20.42
CMB CLA PF . -16.75 25.34 -17.65
CAB CLA PF . -15.76 24.72 -20.73
CBB CLA PF . -16.78 23.86 -20.71
NC CLA PF . -13.59 29.64 -21.47
C1C CLA PF . -13.75 28.46 -22.14
C2C CLA PF . -13.19 28.57 -23.48
C3C CLA PF . -12.69 29.87 -23.59
C4C CLA PF . -12.95 30.54 -22.32
CMC CLA PF . -13.17 27.51 -24.47
CAC CLA PF . -12.01 30.47 -24.76
CBC CLA PF . -12.95 31.33 -25.57
ND CLA PF . -13.50 31.83 -19.72
C1D CLA PF . -12.87 32.50 -20.81
C2D CLA PF . -12.57 33.90 -20.42
C3D CLA PF . -13.08 34.06 -19.14
C4D CLA PF . -13.65 32.75 -18.76
CMD CLA PF . -11.90 34.87 -21.28
CAD CLA PF . -13.26 34.96 -18.02
OBD CLA PF . -12.93 36.13 -17.89
CBD CLA PF . -14.03 34.16 -16.92
CGD CLA PF . -13.35 34.19 -15.57
O1D CLA PF . -13.89 34.33 -14.47
O2D CLA PF . -12.00 34.03 -15.60
CED CLA PF . -11.30 34.13 -14.36
C1 CLA PF . -16.98 31.95 -19.88
C2 CLA PF . -17.63 32.47 -21.12
C3 CLA PF . -17.52 31.89 -22.31
C4 CLA PF . -18.18 32.45 -23.52
C5 CLA PF . -16.72 30.64 -22.48
C6 CLA PF . -17.00 29.89 -23.78
C7 CLA PF . -18.06 28.82 -23.58
C8 CLA PF . -18.21 27.95 -24.82
C9 CLA PF . -19.66 27.60 -25.07
C10 CLA PF . -17.38 26.68 -24.67
C11 CLA PF . -17.42 25.84 -25.94
C12 CLA PF . -16.38 24.76 -25.94
C13 CLA PF . -16.11 24.27 -27.35
C14 CLA PF . -15.56 25.39 -28.21
C15 CLA PF . -17.36 23.67 -27.98
C16 CLA PF . -17.17 23.42 -29.46
C17 CLA PF . -16.98 21.95 -29.78
C18 CLA PF . -18.29 21.19 -29.90
C19 CLA PF . -18.10 19.89 -30.65
C20 CLA PF . -19.36 22.03 -30.58
MG CLA QF . -21.70 23.34 -17.39
CHA CLA QF . -20.83 26.06 -15.43
CHB CLA QF . -23.05 21.82 -14.66
CHC CLA QF . -22.51 20.65 -19.37
CHD CLA QF . -20.14 24.89 -20.15
NA CLA QF . -21.91 23.89 -15.38
C1A CLA QF . -21.48 25.06 -14.76
C2A CLA QF . -21.81 25.05 -13.26
C3A CLA QF . -22.50 23.67 -13.06
C4A CLA QF . -22.50 23.07 -14.46
CMA CLA QF . -21.75 22.81 -12.09
CAA CLA QF . -22.73 26.18 -12.84
CBA CLA QF . -23.94 26.35 -13.74
CGA CLA QF . -24.57 27.67 -13.44
O1A CLA QF . -24.01 28.77 -13.36
O2A CLA QF . -25.92 27.60 -13.25
NB CLA QF . -22.53 21.53 -17.06
C1B CLA QF . -23.13 21.16 -15.90
C2B CLA QF . -23.89 19.89 -16.12
C3B CLA QF . -23.75 19.55 -17.43
C4B CLA QF . -22.89 20.60 -18.06
CMB CLA QF . -24.66 19.23 -15.06
CAB CLA QF . -24.31 18.44 -18.16
CBB CLA QF . -23.65 17.61 -18.96
NC CLA QF . -21.39 22.87 -19.40
C1C CLA QF . -21.82 21.73 -20.00
C2C CLA QF . -21.44 21.73 -21.41
C3C CLA QF . -20.75 22.92 -21.63
C4C CLA QF . -20.72 23.64 -20.36
CMC CLA QF . -21.76 20.68 -22.37
CAC CLA QF . -20.16 23.38 -22.90
CBC CLA QF . -21.03 24.41 -23.59
ND CLA QF . -20.84 25.12 -17.81
C1D CLA QF . -20.18 25.61 -18.98
C2D CLA QF . -19.62 26.95 -18.69
C3D CLA QF . -19.87 27.19 -17.35
C4D CLA QF . -20.58 26.00 -16.84
CMD CLA QF . -18.95 27.80 -19.67
CAD CLA QF . -19.75 28.12 -16.24
OBD CLA QF . -19.35 29.28 -16.25
CBD CLA QF . -20.23 27.38 -14.97
CGD CLA QF . -19.09 27.14 -14.01
O1D CLA QF . -17.91 26.92 -14.29
O2D CLA QF . -19.44 27.18 -12.70
CED CLA QF . -18.50 26.68 -11.75
C1 CLA QF . -26.58 28.80 -12.76
C2 CLA QF . -26.91 29.63 -13.95
C3 CLA QF . -26.53 30.92 -14.04
C4 CLA QF . -25.78 31.60 -12.97
C5 CLA QF . -26.88 31.73 -15.25
C6 CLA QF . -28.35 31.65 -15.63
C7 CLA QF . -28.74 32.89 -16.42
C8 CLA QF . -30.12 32.79 -17.04
C9 CLA QF . -30.54 34.14 -17.60
C10 CLA QF . -31.16 32.28 -16.03
C11 CLA QF . -32.57 32.67 -16.39
C12 CLA QF . -33.59 31.74 -15.75
C13 CLA QF . -34.99 32.34 -15.79
C14 CLA QF . -35.50 32.46 -17.20
C15 CLA QF . -35.02 33.70 -15.09
C16 CLA QF . -35.47 33.58 -13.65
C17 CLA QF . -34.28 33.56 -12.70
C18 CLA QF . -34.70 33.36 -11.26
C19 CLA QF . -35.91 34.21 -10.92
C20 CLA QF . -33.56 33.68 -10.31
MG CLA RF . -7.82 -8.56 23.38
CHA CLA RF . -5.04 -9.69 21.65
CHB CLA RF . -6.90 -10.46 26.06
CHC CLA RF . -10.47 -7.27 25.15
CHD CLA RF . -8.76 -6.67 20.56
NA CLA RF . -6.24 -9.87 23.76
C1A CLA RF . -5.17 -10.18 22.91
C2A CLA RF . -4.21 -11.16 23.58
C3A CLA RF . -4.96 -11.53 24.89
C4A CLA RF . -6.10 -10.54 24.94
CMA CLA RF . -5.51 -12.92 24.77
CAA CLA RF . -2.89 -10.49 23.90
CBA CLA RF . -3.03 -9.23 24.74
CGA CLA RF . -3.20 -8.03 23.86
O1A CLA RF . -2.65 -7.78 22.79
O2A CLA RF . -4.11 -7.13 24.32
NB CLA RF . -8.52 -8.77 25.26
C1B CLA RF . -8.01 -9.61 26.21
C2B CLA RF . -8.84 -9.55 27.44
C3B CLA RF . -9.86 -8.66 27.20
C4B CLA RF . -9.68 -8.16 25.80
CMB CLA RF . -8.56 -10.35 28.63
CAB CLA RF . -10.94 -8.25 28.04
CBB CLA RF . -11.16 -7.02 28.49
NC CLA RF . -9.35 -7.23 22.92
C1C CLA RF . -10.33 -6.85 23.79
C2C CLA RF . -11.22 -5.89 23.13
C3C CLA RF . -10.75 -5.72 21.84
C4C CLA RF . -9.57 -6.57 21.70
CMC CLA RF . -12.37 -5.26 23.77
CAC CLA RF . -11.31 -4.85 20.79
CBC CLA RF . -10.52 -3.57 20.63
ND CLA RF . -7.17 -8.29 21.48
C1D CLA RF . -7.63 -7.45 20.44
C2D CLA RF . -6.73 -7.60 19.28
C3D CLA RF . -5.71 -8.44 19.68
C4D CLA RF . -6.03 -8.82 21.08
CMD CLA RF . -6.90 -6.91 18.00
CAD CLA RF . -4.48 -9.12 19.31
OBD CLA RF . -3.89 -9.16 18.23
CBD CLA RF . -3.98 -9.89 20.58
CGD CLA RF . -3.73 -11.34 20.32
O1D CLA RF . -4.45 -12.15 19.73
O2D CLA RF . -2.54 -11.80 20.82
CED CLA RF . -2.46 -13.16 21.22
C1 CLA RF . -4.86 -6.43 23.30
C2 CLA RF . -5.68 -5.38 23.97
C3 CLA RF . -6.20 -4.35 23.28
C4 CLA RF . -5.97 -4.19 21.83
C5 CLA RF . -7.02 -3.30 23.95
C6 CLA RF . -8.27 -3.85 24.60
C7 CLA RF . -9.29 -2.74 24.82
C8 CLA RF . -9.75 -2.64 26.26
C9 CLA RF . -8.62 -2.17 27.16
C10 CLA RF . -10.30 -3.96 26.77
C11 CLA RF . -11.78 -3.87 27.05
C12 CLA RF . -12.06 -3.68 28.52
C13 CLA RF . -13.48 -4.14 28.85
C14 CLA RF . -14.50 -3.13 28.35
C15 CLA RF . -13.66 -4.37 30.35
C16 CLA RF . -15.10 -4.72 30.68
C17 CLA RF . -15.19 -5.71 31.82
C18 CLA RF . -16.17 -5.23 32.89
C19 CLA RF . -16.17 -6.19 34.07
C20 CLA RF . -17.56 -5.10 32.32
MG CLA SF . -12.14 6.45 14.48
CHA CLA SF . -15.37 6.48 13.19
CHB CLA SF . -12.16 9.85 14.60
CHC CLA SF . -9.00 6.35 15.84
CHD CLA SF . -12.14 2.91 14.22
NA CLA SF . -13.55 7.90 13.97
C1A CLA SF . -14.84 7.72 13.45
C2A CLA SF . -15.54 9.05 13.22
C3A CLA SF . -14.44 10.10 13.56
C4A CLA SF . -13.30 9.24 14.09
CMA CLA SF . -14.04 10.90 12.34
CAA CLA SF . -16.72 9.22 14.15
CBA CLA SF . -16.38 8.71 15.55
CGA CLA SF . -16.50 9.82 16.55
O1A CLA SF . -16.21 11.00 16.41
O2A CLA SF . -16.97 9.39 17.75
NB CLA SF . -10.81 7.83 15.09
C1B CLA SF . -11.04 9.18 15.11
C2B CLA SF . -9.88 9.86 15.74
C3B CLA SF . -8.97 8.88 16.09
C4B CLA SF . -9.56 7.58 15.68
CMB CLA SF . -9.79 11.31 15.90
CAB CLA SF . -7.69 9.03 16.75
CBB CLA SF . -6.55 8.42 16.40
NC CLA SF . -10.81 4.91 14.94
C1C CLA SF . -9.57 5.09 15.50
C2C CLA SF . -8.92 3.80 15.69
C3C CLA SF . -9.81 2.82 15.23
C4C CLA SF . -11.00 3.53 14.76
CMC CLA SF . -7.58 3.61 16.27
CAC CLA SF . -9.60 1.37 15.22
CBC CLA SF . -9.12 0.86 13.87
ND CLA SF . -13.41 4.98 13.88
C1D CLA SF . -13.28 3.58 13.81
C2D CLA SF . -14.53 2.99 13.27
C3D CLA SF . -15.37 4.07 13.04
C4D CLA SF . -14.62 5.28 13.42
CMD CLA SF . -14.76 1.57 13.07
CAD CLA SF . -16.68 4.49 12.57
OBD CLA SF . -17.63 3.81 12.18
CBD CLA SF . -16.70 6.05 12.62
CGD CLA SF . -16.93 6.65 11.26
O1D CLA SF . -16.16 7.34 10.60
O2D CLA SF . -18.15 6.36 10.73
CED CLA SF . -18.49 6.92 9.47
C1 CLA SF . -16.63 10.19 18.90
C2 CLA SF . -17.48 9.70 20.01
C3 CLA SF . -17.68 10.39 21.14
C4 CLA SF . -17.05 11.71 21.36
C5 CLA SF . -18.55 9.85 22.22
C6 CLA SF . -17.82 9.73 23.54
C7 CLA SF . -16.72 8.69 23.47
C8 CLA SF . -15.90 8.65 24.75
C9 CLA SF . -16.74 8.14 25.91
C10 CLA SF . -15.34 10.03 25.09
C11 CLA SF . -14.63 10.04 26.42
C12 CLA SF . -13.43 10.95 26.43
C13 CLA SF . -12.57 10.70 27.66
C14 CLA SF . -12.63 11.87 28.61
C15 CLA SF . -11.12 10.39 27.27
C16 CLA SF . -10.56 9.29 28.12
C17 CLA SF . -9.10 9.02 27.82
C18 CLA SF . -8.57 7.85 28.64
C19 CLA SF . -7.12 7.56 28.30
C20 CLA SF . -8.70 8.14 30.11
C1 PQN TF . -9.93 -2.09 7.79
O1 PQN TF . -8.94 -1.45 7.36
C2 PQN TF . -9.95 -2.55 9.19
C2M PQN TF . -8.78 -2.24 10.08
C3 PQN TF . -11.12 -3.32 9.70
C4 PQN TF . -12.26 -3.62 8.80
O4 PQN TF . -13.24 -4.25 9.22
C5 PQN TF . -12.24 -3.15 7.38
C6 PQN TF . -13.29 -3.40 6.52
C7 PQN TF . -13.24 -2.95 5.21
C8 PQN TF . -12.14 -2.24 4.75
C9 PQN TF . -11.06 -1.96 5.56
C10 PQN TF . -11.07 -2.38 6.88
C11 PQN TF . -11.14 -3.79 11.14
C12 PQN TF . -11.62 -2.64 11.99
C13 PQN TF . -12.36 -2.79 13.08
C14 PQN TF . -12.77 -4.17 13.54
C15 PQN TF . -12.78 -1.56 13.85
C16 PQN TF . -12.54 -1.74 15.35
C17 PQN TF . -13.05 -0.50 16.08
C18 PQN TF . -12.89 -0.62 17.59
C19 PQN TF . -13.32 -2.00 18.09
C20 PQN TF . -13.70 0.48 18.26
C21 PQN TF . -13.08 1.86 18.03
C22 PQN TF . -11.90 2.10 18.97
C23 PQN TF . -11.33 3.49 18.80
C24 PQN TF . -10.14 3.69 19.73
C25 PQN TF . -12.43 4.52 19.06
C26 PQN TF . -12.33 5.69 18.08
C27 PQN TF . -11.51 6.85 18.64
C28 PQN TF . -12.42 7.96 19.19
C29 PQN TF . -11.61 9.19 19.58
C30 PQN TF . -13.51 8.32 18.19
MG CLA UF . -40.58 26.99 -24.21
CHA CLA UF . -40.55 26.84 -27.68
CHB CLA UF . -37.23 27.61 -24.22
CHC CLA UF . -40.71 27.46 -20.81
CHD CLA UF . -44.06 26.45 -24.27
NA CLA UF . -39.13 27.12 -25.71
C1A CLA UF . -39.33 27.06 -27.10
C2A CLA UF . -38.01 27.23 -27.84
C3A CLA UF . -36.95 27.27 -26.71
C4A CLA UF . -37.81 27.35 -25.45
CMA CLA UF . -36.04 26.07 -26.75
CAA CLA UF . -38.03 28.53 -28.61
CBA CLA UF . -36.68 28.87 -29.23
CGA CLA UF . -36.87 29.99 -30.20
O1A CLA UF . -37.50 31.04 -30.05
O2A CLA UF . -36.24 29.78 -31.39
NB CLA UF . -39.23 27.44 -22.79
C1B CLA UF . -37.91 27.70 -22.99
C2B CLA UF . -37.27 28.11 -21.72
C3B CLA UF . -38.25 28.06 -20.75
C4B CLA UF . -39.50 27.63 -21.41
CMB CLA UF . -35.84 28.45 -21.64
CAB CLA UF . -38.22 28.34 -19.33
CBB CLA UF . -37.16 28.66 -18.58
NC CLA UF . -42.10 26.89 -22.80
C1C CLA UF . -41.94 27.10 -21.45
C2C CLA UF . -43.22 26.96 -20.76
C3C CLA UF . -44.17 26.71 -21.75
C4C CLA UF . -43.47 26.66 -23.02
CMC CLA UF . -43.41 27.12 -19.32
CAC CLA UF . -45.62 26.51 -21.55
CBC CLA UF . -46.45 27.63 -22.17
ND CLA UF . -42.00 26.56 -25.58
C1D CLA UF . -43.40 26.40 -25.47
C2D CLA UF . -43.98 26.21 -26.83
C3D CLA UF . -42.93 26.39 -27.71
C4D CLA UF . -41.73 26.63 -26.89
CMD CLA UF . -45.39 25.95 -27.10
CAD CLA UF . -42.51 26.36 -29.11
OBD CLA UF . -43.16 26.09 -30.11
CBD CLA UF . -41.01 26.78 -29.12
CGD CLA UF . -40.16 25.89 -29.97
O1D CLA UF . -39.13 26.20 -30.60
O2D CLA UF . -40.61 24.61 -30.06
CED CLA UF . -39.96 23.76 -31.01
C1 CLA UF . -35.50 30.90 -31.92
C2 CLA UF . -34.49 30.33 -32.86
C3 CLA UF . -33.46 31.05 -33.30
C4 CLA UF . -33.23 32.46 -32.91
C5 CLA UF . -32.45 30.46 -34.23
C6 CLA UF . -32.78 29.04 -34.62
C7 CLA UF . -31.80 28.53 -35.65
C8 CLA UF . -32.26 27.23 -36.31
C9 CLA UF . -32.90 26.32 -35.30
C10 CLA UF . -31.08 26.53 -36.97
C11 CLA UF . -31.38 26.21 -38.43
C12 CLA UF . -30.14 25.74 -39.16
C13 CLA UF . -29.46 26.88 -39.90
C14 CLA UF . -29.33 26.56 -41.37
C15 CLA UF . -28.08 27.22 -39.33
C16 CLA UF . -27.58 26.23 -38.30
C17 CLA UF . -26.18 26.57 -37.85
C18 CLA UF . -26.17 27.48 -36.65
C19 CLA UF . -25.07 28.52 -36.75
C20 CLA UF . -26.00 26.67 -35.38
O1 LHG VF . -28.98 -3.40 9.10
C1 LHG VF . -28.66 -2.91 7.84
C2 LHG VF . -27.63 -1.80 8.00
O2 LHG VF . -28.25 -0.57 7.91
C3 LHG VF . -26.57 -1.92 6.89
O3 LHG VF . -25.35 -1.52 7.42
P LHG VF . -24.20 -0.96 6.39
O4 LHG VF . -24.83 -0.58 5.08
O5 LHG VF . -23.17 -2.04 6.15
O6 LHG VF . -23.46 0.39 7.05
C4 LHG VF . -22.75 1.25 6.17
C5 LHG VF . -22.31 2.50 6.94
C6 LHG VF . -23.02 3.72 6.39
O7 LHG VF . -22.59 2.35 8.30
C7 LHG VF . -21.66 2.99 9.14
O9 LHG VF . -20.66 3.42 8.68
C8 LHG VF . -21.94 3.14 10.66
C9 LHG VF . -20.96 4.15 11.30
C10 LHG VF . -21.58 4.87 12.52
O8 LHG VF . -23.77 4.29 7.41
C23 LHG VF . -24.67 5.26 6.98
O10 LHG VF . -25.02 5.28 5.84
C24 LHG VF . -25.19 6.33 7.97
C11 LHG VF . -20.85 4.50 13.84
C12 LHG VF . -20.84 5.70 14.85
C13 LHG VF . -19.84 5.50 16.02
C14 LHG VF . -19.94 6.61 17.10
C15 LHG VF . -20.86 7.77 16.66
C16 LHG VF . -20.09 9.11 16.53
C17 LHG VF . -21.00 10.32 16.77
C18 LHG VF . -20.43 11.59 16.17
C19 LHG VF . -21.05 12.84 16.80
C20 LHG VF . -20.85 14.08 15.93
C21 LHG VF . -21.18 15.37 16.68
C25 LHG VF . -24.19 7.46 8.11
C26 LHG VF . -23.23 7.58 7.17
C27 LHG VF . -22.16 8.71 7.24
C28 LHG VF . -20.83 8.29 6.56
C29 LHG VF . -20.71 8.82 5.11
C30 LHG VF . -19.54 9.82 4.96
C31 LHG VF . -19.13 10.45 6.30
C32 LHG VF . -18.34 11.77 6.14
C33 LHG VF . -17.81 12.29 7.48
C34 LHG VF . -17.01 13.61 7.32
C35 LHG VF . -16.34 14.05 8.63
C36 LHG VF . -15.29 15.13 8.38
C37 LHG VF . -15.26 16.18 9.50
C38 LHG VF . -14.29 17.33 9.18
O1 LHG WF . -39.55 23.76 -18.15
C1 LHG WF . -40.62 24.39 -18.79
C2 LHG WF . -41.21 23.37 -19.76
O2 LHG WF . -40.59 22.14 -19.54
C3 LHG WF . -40.95 23.83 -21.19
O3 LHG WF . -39.66 23.45 -21.54
P LHG WF . -39.38 23.05 -23.10
O4 LHG WF . -39.94 24.13 -24.00
O5 LHG WF . -40.03 21.73 -23.42
O6 LHG WF . -37.74 22.93 -23.35
C4 LHG WF . -37.06 24.06 -23.89
C5 LHG WF . -35.55 23.88 -23.64
C6 LHG WF . -35.00 25.12 -22.97
O7 LHG WF . -35.35 22.76 -22.82
C7 LHG WF . -34.71 21.69 -23.46
O9 LHG WF . -34.95 21.45 -24.60
C8 LHG WF . -33.68 20.82 -22.69
C9 LHG WF . -32.47 20.46 -23.56
C10 LHG WF . -31.12 20.75 -22.86
O8 LHG WF . -33.77 25.42 -23.54
C23 LHG WF . -32.70 25.18 -22.69
O10 LHG WF . -32.87 25.08 -21.51
C24 LHG WF . -31.26 25.03 -23.25
C11 LHG WF . -29.93 20.71 -23.84
C12 LHG WF . -28.59 21.20 -23.17
C13 LHG WF . -27.72 22.05 -24.14
C25 LHG WF . -30.21 25.60 -22.31
C1 BCR XF . -31.66 34.41 22.05
C2 BCR XF . -30.78 33.25 21.61
C3 BCR XF . -29.36 33.69 21.28
C4 BCR XF . -29.41 34.69 20.15
C5 BCR XF . -30.23 35.88 20.61
C6 BCR XF . -31.34 35.71 21.34
C7 BCR XF . -32.29 36.84 21.51
C8 BCR XF . -33.12 37.19 20.53
C9 BCR XF . -34.08 38.31 20.70
C10 BCR XF . -35.00 38.51 19.77
C11 BCR XF . -35.99 39.58 19.86
C33 BCR XF . -29.75 37.25 20.24
C31 BCR XF . -31.50 34.66 23.54
C32 BCR XF . -33.12 34.04 21.76
C34 BCR XF . -34.00 39.18 21.92
C12 BCR XF . -36.89 39.68 18.89
C13 BCR XF . -37.95 40.70 18.88
C14 BCR XF . -38.79 40.73 17.85
C15 BCR XF . -39.88 41.70 17.75
C16 BCR XF . -40.66 41.66 16.68
C17 BCR XF . -41.78 42.59 16.52
C18 BCR XF . -42.45 42.64 15.37
C19 BCR XF . -43.58 43.58 15.22
C20 BCR XF . -44.23 43.69 14.05
C21 BCR XF . -45.34 44.61 13.97
C22 BCR XF . -46.02 44.79 12.83
C23 BCR XF . -47.16 45.74 12.81
C24 BCR XF . -47.66 46.19 11.66
C25 BCR XF . -48.80 47.12 11.66
C26 BCR XF . -50.02 46.67 11.95
C27 BCR XF . -51.14 47.60 12.39
C28 BCR XF . -50.61 49.01 12.57
C29 BCR XF . -49.81 49.39 11.34
C30 BCR XF . -48.54 48.56 11.28
C35 BCR XF . -38.07 41.69 20.01
C36 BCR XF . -42.07 41.76 14.22
C37 BCR XF . -45.65 44.03 11.59
C38 BCR XF . -50.34 45.20 11.83
C39 BCR XF . -47.52 49.15 12.25
C40 BCR XF . -47.97 48.59 9.86
C1 BCR YF . -26.24 29.80 12.80
C2 BCR YF . -26.16 28.30 12.53
C3 BCR YF . -25.96 28.00 11.06
C4 BCR YF . -27.15 28.53 10.27
C5 BCR YF . -27.26 30.01 10.53
C6 BCR YF . -27.09 30.51 11.77
C7 BCR YF . -27.72 31.79 12.15
C8 BCR YF . -29.05 31.84 12.25
C9 BCR YF . -29.75 33.07 12.62
C10 BCR YF . -31.05 33.14 12.36
C11 BCR YF . -31.84 34.32 12.72
C33 BCR YF . -27.56 30.92 9.37
C31 BCR YF . -24.85 30.41 12.77
C32 BCR YF . -26.86 30.02 14.18
C34 BCR YF . -29.04 34.19 13.30
C12 BCR YF . -33.15 34.15 12.75
C13 BCR YF . -34.06 35.25 13.11
C14 BCR YF . -35.37 34.97 13.18
C15 BCR YF . -36.33 36.01 13.54
C16 BCR YF . -37.61 35.68 13.62
C17 BCR YF . -38.57 36.71 13.99
C18 BCR YF . -39.87 36.44 14.12
C19 BCR YF . -40.78 37.52 14.50
C20 BCR YF . -42.04 37.29 14.84
C21 BCR YF . -42.83 38.47 15.19
C22 BCR YF . -44.15 38.42 15.37
C23 BCR YF . -44.86 39.66 15.73
C24 BCR YF . -46.13 39.64 16.08
C25 BCR YF . -46.85 40.90 16.43
C26 BCR YF . -46.51 41.60 17.51
C27 BCR YF . -46.95 43.03 17.71
C28 BCR YF . -47.57 43.58 16.43
C29 BCR YF . -48.63 42.61 15.95
C30 BCR YF . -47.98 41.30 15.51
C35 BCR YF . -33.54 36.63 13.41
C36 BCR YF . -40.38 35.05 13.86
C37 BCR YF . -44.90 37.13 15.20
C38 BCR YF . -45.69 40.99 18.61
C39 BCR YF . -47.42 41.45 14.11
C40 BCR YF . -49.02 40.17 15.53
C1 BCR ZF . -31.38 35.12 -22.68
C2 BCR ZF . -31.68 36.63 -22.76
C3 BCR ZF . -33.15 37.05 -22.69
C4 BCR ZF . -33.93 36.18 -21.73
C5 BCR ZF . -33.80 34.79 -22.27
C6 BCR ZF . -32.58 34.26 -22.33
C7 BCR ZF . -32.32 32.84 -22.04
C8 BCR ZF . -32.91 32.23 -21.02
C9 BCR ZF . -32.64 30.80 -20.73
C10 BCR ZF . -33.21 30.27 -19.64
C11 BCR ZF . -33.00 28.88 -19.26
C33 BCR ZF . -35.03 34.06 -22.75
C31 BCR ZF . -30.32 34.88 -21.62
C32 BCR ZF . -30.86 34.64 -24.04
C34 BCR ZF . -31.76 29.98 -21.61
C12 BCR ZF . -33.58 28.47 -18.15
C13 BCR ZF . -33.44 27.10 -17.63
C14 BCR ZF . -33.94 26.81 -16.43
C15 BCR ZF . -33.82 25.48 -15.86
C16 BCR ZF . -34.21 25.30 -14.61
C17 BCR ZF . -34.10 23.98 -14.02
C18 BCR ZF . -34.41 23.79 -12.73
C19 BCR ZF . -34.26 22.44 -12.18
C20 BCR ZF . -34.64 22.15 -10.93
C21 BCR ZF . -34.43 20.78 -10.51
C22 BCR ZF . -34.88 20.33 -9.33
C23 BCR ZF . -34.61 18.93 -8.99
C24 BCR ZF . -34.94 18.44 -7.80
C25 BCR ZF . -34.67 17.02 -7.48
C26 BCR ZF . -33.42 16.61 -7.23
C27 BCR ZF . -33.07 15.14 -7.18
C28 BCR ZF . -34.20 14.44 -6.45
C29 BCR ZF . -35.48 14.61 -7.24
C30 BCR ZF . -35.87 16.07 -7.46
C35 BCR ZF . -32.73 26.05 -18.44
C36 BCR ZF . -34.90 24.93 -11.87
C37 BCR ZF . -35.62 21.23 -8.39
C38 BCR ZF . -32.33 17.60 -6.96
C39 BCR ZF . -36.78 16.54 -6.33
C40 BCR ZF . -36.62 16.18 -8.77
C1 BCR AG . -26.21 17.21 -8.33
C2 BCR AG . -26.60 15.74 -8.47
C3 BCR AG . -28.10 15.65 -8.59
C4 BCR AG . -28.73 16.03 -7.26
C5 BCR AG . -28.13 17.33 -6.75
C6 BCR AG . -27.07 17.91 -7.31
C7 BCR AG . -26.68 19.29 -6.95
C8 BCR AG . -27.37 20.32 -7.39
C9 BCR AG . -27.00 21.71 -7.06
C10 BCR AG . -27.69 22.70 -7.62
C11 BCR AG . -27.39 24.11 -7.37
C33 BCR AG . -28.79 17.94 -5.54
C31 BCR AG . -26.37 17.90 -9.68
C32 BCR AG . -24.75 17.32 -7.88
C34 BCR AG . -25.87 21.99 -6.11
C12 BCR AG . -28.04 24.98 -8.14
C13 BCR AG . -27.85 26.43 -8.03
C14 BCR AG . -28.42 27.21 -8.95
C15 BCR AG . -28.26 28.66 -8.91
C16 BCR AG . -28.82 29.39 -9.87
C17 BCR AG . -28.67 30.83 -9.86
C18 BCR AG . -29.29 31.59 -10.77
C19 BCR AG . -29.12 33.04 -10.75
C20 BCR AG . -29.67 33.81 -11.69
C21 BCR AG . -29.46 35.24 -11.65
C22 BCR AG . -29.69 35.97 -12.76
C23 BCR AG . -29.47 37.42 -12.75
C24 BCR AG . -28.48 37.87 -13.53
C25 BCR AG . -28.13 39.30 -13.64
C26 BCR AG . -28.45 39.94 -14.77
C27 BCR AG . -27.66 41.13 -15.25
C28 BCR AG . -27.29 41.98 -14.05
C29 BCR AG . -26.55 41.13 -13.03
C30 BCR AG . -27.39 39.98 -12.51
C35 BCR AG . -27.05 27.04 -6.91
C36 BCR AG . -30.16 30.94 -11.82
C37 BCR AG . -30.16 35.29 -14.01
C38 BCR AG . -29.61 39.46 -15.60
C39 BCR AG . -28.40 40.49 -11.49
C40 BCR AG . -26.46 38.97 -11.86
FE1 SF4 BG . -15.25 -5.88 -3.06
FE2 SF4 BG . -16.56 -6.02 -5.80
FE3 SF4 BG . -18.07 -6.89 -3.36
FE4 SF4 BG . -15.72 -8.52 -4.36
S1 SF4 BG . -17.55 -7.82 -5.21
S2 SF4 BG . -16.28 -7.66 -2.49
S3 SF4 BG . -14.73 -6.73 -4.94
S4 SF4 BG . -17.04 -5.12 -3.93
MG CLA CG . 2.34 6.55 8.46
CHA CLA CG . 2.17 10.00 8.14
CHB CLA CG . 3.17 6.91 11.73
CHC CLA CG . 2.13 3.16 8.81
CHD CLA CG . 1.52 6.25 5.03
NA CLA CG . 2.70 8.20 9.69
C1A CLA CG . 2.57 9.56 9.37
C2A CLA CG . 2.96 10.44 10.56
C3A CLA CG . 3.58 9.41 11.55
C4A CLA CG . 3.13 8.07 10.98
CMA CLA CG . 5.08 9.52 11.59
CAA CLA CG . 1.74 11.13 11.13
CBA CLA CG . 2.13 12.13 12.20
CGA CLA CG . 2.00 11.48 13.54
O1A CLA CG . 1.64 10.33 13.80
O2A CLA CG . 2.31 12.31 14.58
NB CLA CG . 2.74 5.26 9.95
C1B CLA CG . 2.76 5.66 11.26
C2B CLA CG . 2.28 4.56 12.15
C3B CLA CG . 1.98 3.50 11.33
C4B CLA CG . 2.30 3.92 9.93
CMB CLA CG . 2.19 4.71 13.60
CAB CLA CG . 1.49 2.18 11.63
CBB CLA CG . 1.63 1.50 12.78
NC CLA CG . 1.99 4.98 7.13
C1C CLA CG . 2.02 3.67 7.47
C2C CLA CG . 1.80 2.83 6.29
C3C CLA CG . 1.56 3.72 5.24
C4C CLA CG . 1.69 5.06 5.77
CMC CLA CG . 1.78 1.38 6.28
CAC CLA CG . 1.29 3.38 3.83
CBC CLA CG . 2.55 3.42 2.98
ND CLA CG . 1.95 7.78 6.90
C1D CLA CG . 1.62 7.53 5.54
C2D CLA CG . 1.37 8.82 4.86
C3D CLA CG . 1.51 9.79 5.82
C4D CLA CG . 1.90 9.10 7.07
CMD CLA CG . 0.98 8.93 3.45
CAD CLA CG . 1.46 11.22 6.13
OBD CLA CG . 1.10 12.16 5.45
CBD CLA CG . 1.92 11.39 7.60
CGD CLA CG . 3.12 12.28 7.72
O1D CLA CG . 4.27 11.99 8.06
O2D CLA CG . 2.85 13.58 7.41
CED CLA CG . 3.94 14.40 7.00
C1 CLA CG . 1.35 12.35 15.65
C2 CLA CG . 1.76 13.49 16.50
C3 CLA CG . 0.89 14.19 17.25
C4 CLA CG . 1.34 15.32 18.09
C5 CLA CG . -0.56 13.87 17.28
C6 CLA CG . -1.15 14.04 18.66
C7 CLA CG . -2.39 14.91 18.63
C8 CLA CG . -2.77 15.44 20.01
C9 CLA CG . -2.48 14.41 21.09
C10 CLA CG . -4.23 15.87 20.06
C11 CLA CG . -5.16 14.74 20.46
C12 CLA CG . -5.97 14.23 19.27
C13 CLA CG . -6.28 12.75 19.43
C14 CLA CG . -5.96 12.00 18.15
C15 CLA CG . -7.74 12.51 19.83
C16 CLA CG . -8.67 13.47 19.12
C17 CLA CG . -10.09 13.37 19.64
C18 CLA CG . -10.22 13.96 21.04
C19 CLA CG . -10.00 15.47 21.01
C20 CLA CG . -11.58 13.67 21.62
C1 XAT DG . -23.53 8.30 24.90
C2 XAT DG . -24.73 7.50 24.44
C3 XAT DG . -25.97 7.97 25.17
C4 XAT DG . -26.32 9.30 24.55
C5 XAT DG . -25.23 10.33 24.85
C6 XAT DG . -23.80 9.81 25.09
C7 XAT DG . -22.76 10.80 24.62
C8 XAT DG . -21.89 11.14 25.56
C9 XAT DG . -20.80 12.12 25.42
C10 XAT DG . -19.71 11.96 26.17
C11 XAT DG . -18.64 12.94 26.13
C12 XAT DG . -17.97 13.03 27.27
C13 XAT DG . -16.90 13.99 27.55
C14 XAT DG . -16.24 13.87 28.71
C15 XAT DG . -15.23 14.81 29.12
C16 XAT DG . -22.38 8.10 23.92
C17 XAT DG . -23.07 7.74 26.24
C18 XAT DG . -25.22 11.70 24.17
C19 XAT DG . -20.93 13.29 24.49
C20 XAT DG . -16.59 15.11 26.60
O3 XAT DG . -27.04 7.03 24.97
O4 XAT DG . -24.66 10.24 26.16
C21 XAT DG . -7.29 21.20 36.43
C22 XAT DG . -6.56 22.31 37.18
C23 XAT DG . -7.41 23.56 37.28
C24 XAT DG . -8.52 23.22 38.24
C25 XAT DG . -9.45 22.18 37.62
C26 XAT DG . -8.82 21.20 36.61
C27 XAT DG . -9.52 19.85 36.59
C28 XAT DG . -9.84 19.40 35.39
C29 XAT DG . -10.55 18.15 35.15
C30 XAT DG . -11.02 17.95 33.92
C31 XAT DG . -11.79 16.79 33.52
C32 XAT DG . -12.11 16.66 32.24
C33 XAT DG . -12.96 15.53 31.82
C34 XAT DG . -13.60 15.63 30.66
C35 XAT DG . -14.54 14.61 30.23
C36 XAT DG . -6.75 19.84 36.87
C37 XAT DG . -6.98 21.33 34.95
C38 XAT DG . -10.58 21.53 38.41
C39 XAT DG . -10.73 17.12 36.23
C40 XAT DG . -13.13 14.34 32.72
O23 XAT DG . -6.62 24.63 37.81
O24 XAT DG . -9.62 22.33 36.21
C1 XAT EG . -53.95 39.90 -7.05
C2 XAT EG . -53.78 39.11 -8.33
C3 XAT EG . -52.93 39.94 -9.27
C4 XAT EG . -51.51 39.92 -8.77
C5 XAT EG . -51.34 40.24 -7.27
C6 XAT EG . -52.61 40.26 -6.40
C7 XAT EG . -52.37 39.74 -5.00
C8 XAT EG . -52.23 40.68 -4.07
C9 XAT EG . -52.01 40.45 -2.64
C10 XAT EG . -51.05 41.17 -2.04
C11 XAT EG . -50.77 41.09 -0.63
C12 XAT EG . -49.94 42.03 -0.21
C13 XAT EG . -49.54 42.23 1.19
C14 XAT EG . -48.35 42.74 1.50
C15 XAT EG . -48.09 43.01 2.91
C16 XAT EG . -54.81 39.10 -6.07
C17 XAT EG . -54.69 41.19 -7.34
C18 XAT EG . -50.09 39.78 -6.51
C19 XAT EG . -52.85 39.48 -1.85
C20 XAT EG . -50.54 41.94 2.28
O3 XAT EG . -52.97 39.37 -10.57
O4 XAT EG . -51.95 41.46 -6.84
C21 XAT EG . -43.06 50.74 12.01
C22 XAT EG . -42.63 51.07 13.43
C23 XAT EG . -43.42 50.23 14.40
C24 XAT EG . -42.85 48.83 14.29
C25 XAT EG . -43.11 48.25 12.89
C26 XAT EG . -43.31 49.25 11.74
C27 XAT EG . -42.89 48.74 10.38
C28 XAT EG . -43.91 48.29 9.66
C29 XAT EG . -43.83 47.76 8.29
C30 XAT EG . -44.73 46.84 7.93
C31 XAT EG . -44.81 46.32 6.58
C32 XAT EG . -45.63 45.31 6.31
C33 XAT EG . -45.73 44.88 4.91
C34 XAT EG . -46.84 44.23 4.56
C35 XAT EG . -47.10 43.84 3.18
C36 XAT EG . -42.00 51.25 11.05
C37 XAT EG . -44.36 51.50 11.72
C38 XAT EG . -42.45 46.96 12.41
C39 XAT EG . -42.82 48.27 7.31
C40 XAT EG . -44.67 45.20 3.90
O23 XAT EG . -43.24 50.71 15.73
O24 XAT EG . -44.40 48.56 12.37
C1 LMG FG . -34.78 58.77 -5.41
O1 LMG FG . -35.79 57.94 -5.98
C2 LMG FG . -34.51 59.95 -6.33
O2 LMG FG . -34.13 59.49 -7.63
C3 LMG FG . -33.40 60.80 -5.73
O3 LMG FG . -33.22 61.99 -6.52
C4 LMG FG . -33.74 61.19 -4.30
O4 LMG FG . -34.77 62.19 -4.31
C5 LMG FG . -34.20 59.99 -3.47
O5 LMG FG . -33.76 60.32 -1.12
C6 LMG FG . -34.76 60.45 -2.13
O6 LMG FG . -35.22 59.27 -4.17
C7 LMG FG . -36.10 56.85 -5.10
C8 LMG FG . -35.75 55.54 -5.79
C9 LMG FG . -36.18 54.37 -4.90
O7 LMG FG . -36.44 55.46 -7.03
C10 LMG FG . -36.52 54.08 -7.51
O9 LMG FG . -35.64 53.65 -8.24
C11 LMG FG . -37.68 53.21 -7.12
C12 LMG FG . -37.37 51.77 -7.52
C13 LMG FG . -37.64 50.82 -6.35
C14 LMG FG . -37.98 49.43 -6.86
C15 LMG FG . -39.47 49.31 -7.12
C16 LMG FG . -39.78 48.04 -7.89
C17 LMG FG . -40.37 46.97 -6.97
O8 LMG FG . -37.55 54.52 -4.56
C28 LMG FG . -38.06 53.91 -3.34
O10 LMG FG . -38.41 54.62 -2.42
C29 LMG FG . -38.16 52.41 -3.22
C30 LMG FG . -39.20 52.06 -2.16
C31 LMG FG . -40.30 51.20 -2.75
C32 LMG FG . -41.20 50.64 -1.65
C33 LMG FG . -42.01 49.46 -2.17
C34 LMG FG . -43.44 49.51 -1.65
MG CLA GG . -14.78 -7.00 22.04
CHA CLA GG . -15.60 -6.99 25.42
CHB CLA GG . -17.20 -4.68 21.47
CHC CLA GG . -13.74 -6.83 18.77
CHD CLA GG . -12.33 -9.47 22.69
NA CLA GG . -16.19 -6.04 23.25
C1A CLA GG . -16.34 -6.15 24.64
C2A CLA GG . -17.49 -5.27 25.13
C3A CLA GG . -18.11 -4.71 23.83
C4A CLA GG . -17.10 -5.15 22.76
CMA CLA GG . -19.48 -5.26 23.59
CAA CLA GG . -16.96 -4.14 26.00
CBA CLA GG . -17.90 -3.86 27.16
CGA CLA GG . -17.76 -2.43 27.59
O1A CLA GG . -18.06 -1.41 26.98
O2A CLA GG . -17.25 -2.30 28.85
NB CLA GG . -15.38 -5.96 20.42
C1B CLA GG . -16.35 -5.01 20.40
C2B CLA GG . -16.39 -4.38 19.06
C3B CLA GG . -15.43 -4.98 18.29
C4B CLA GG . -14.77 -6.00 19.15
CMB CLA GG . -17.35 -3.32 18.70
CAB CLA GG . -15.05 -4.74 16.93
CBB CLA GG . -15.37 -5.53 15.90
NC CLA GG . -13.33 -7.99 20.93
C1C CLA GG . -13.07 -7.78 19.61
C2C CLA GG . -11.97 -8.62 19.16
C3C CLA GG . -11.57 -9.38 20.26
C4C CLA GG . -12.44 -8.97 21.38
CMC CLA GG . -11.42 -8.64 17.80
CAC CLA GG . -10.50 -10.38 20.32
CBC CLA GG . -11.02 -11.80 20.23
ND CLA GG . -14.13 -8.08 23.62
C1D CLA GG . -13.11 -9.06 23.76
C2D CLA GG . -13.03 -9.49 25.16
C3D CLA GG . -13.94 -8.71 25.86
C4D CLA GG . -14.60 -7.85 24.84
CMD CLA GG . -12.12 -10.51 25.68
CAD CLA GG . -14.55 -8.41 27.14
OBD CLA GG . -14.32 -8.90 28.24
CBD CLA GG . -15.60 -7.29 26.90
CGD CLA GG . -16.96 -7.68 27.37
O1D CLA GG . -17.93 -8.04 26.69
O2D CLA GG . -17.11 -7.61 28.72
CED CLA GG . -18.45 -7.54 29.23
C1 CLA GG . -18.13 -1.72 29.85
C2 CLA GG . -17.60 -2.15 31.17
C3 CLA GG . -16.65 -1.48 31.82
C4 CLA GG . -16.04 -0.23 31.29
C5 CLA GG . -16.15 -1.96 33.15
C6 CLA GG . -16.47 -0.99 34.28
C7 CLA GG . -17.92 -1.12 34.70
C8 CLA GG . -18.06 -1.18 36.22
C9 CLA GG . -19.41 -1.72 36.61
C10 CLA GG . -17.80 0.18 36.85
C11 CLA GG . -19.04 1.05 36.85
C12 CLA GG . -18.71 2.51 36.63
C13 CLA GG . -18.57 3.26 37.95
C14 CLA GG . -19.78 3.06 38.83
C15 CLA GG . -18.32 4.74 37.72
C16 CLA GG . -18.18 5.49 39.03
C17 CLA GG . -16.93 5.08 39.78
C18 CLA GG . -17.13 5.16 41.28
C19 CLA GG . -16.08 4.34 42.01
C20 CLA GG . -17.10 6.59 41.77
MG CLA HG . -12.42 8.44 -28.08
CHA CLA HG . -14.50 10.76 -26.53
CHB CLA HG . -13.56 9.44 -31.12
CHC CLA HG . -10.25 6.22 -29.55
CHD CLA HG . -11.27 7.42 -24.89
NA CLA HG . -13.81 9.87 -28.70
C1A CLA HG . -14.57 10.74 -27.91
C2A CLA HG . -15.48 11.63 -28.76
C3A CLA HG . -15.22 11.11 -30.20
C4A CLA HG . -14.12 10.07 -30.01
CMA CLA HG . -16.45 10.49 -30.78
CAA CLA HG . -15.10 13.09 -28.66
CBA CLA HG . -13.75 13.37 -29.28
CGA CLA HG . -12.76 13.76 -28.22
O1A CLA HG . -12.55 14.88 -27.75
O2A CLA HG . -12.04 12.71 -27.75
NB CLA HG . -11.99 7.93 -29.98
C1B CLA HG . -12.54 8.47 -31.08
C2B CLA HG . -11.93 7.87 -32.30
C3B CLA HG . -10.99 6.96 -31.87
C4B CLA HG . -11.03 6.98 -30.38
CMB CLA HG . -12.31 8.24 -33.66
CAB CLA HG . -10.12 6.11 -32.63
CBB CLA HG . -8.78 6.10 -32.57
NC CLA HG . -11.03 7.07 -27.35
C1C CLA HG . -10.26 6.26 -28.13
C2C CLA HG . -9.39 5.44 -27.30
C3C CLA HG . -9.68 5.77 -25.98
C4C CLA HG . -10.71 6.80 -26.01
CMC CLA HG . -8.42 4.47 -27.80
CAC CLA HG . -9.05 5.21 -24.77
CBC CLA HG . -7.81 5.98 -24.38
ND CLA HG . -12.77 8.90 -26.15
C1D CLA HG . -12.24 8.41 -24.93
C2D CLA HG . -12.87 9.12 -23.80
C3D CLA HG . -13.74 10.04 -24.36
C4D CLA HG . -13.64 9.86 -25.82
CMD CLA HG . -12.60 8.88 -22.39
CAD CLA HG . -14.72 11.09 -24.11
OBD CLA HG . -15.12 11.55 -23.04
CBD CLA HG . -15.22 11.58 -25.50
CGD CLA HG . -16.71 11.46 -25.62
O1D CLA HG . -17.41 10.44 -25.46
O2D CLA HG . -17.34 12.62 -25.96
CED CLA HG . -18.76 12.68 -25.80
C1 CLA HG . -10.74 13.02 -27.21
C2 CLA HG . -10.14 11.73 -26.75
C3 CLA HG . -9.26 11.02 -27.48
C4 CLA HG . -8.71 9.75 -26.98
C5 CLA HG . -8.82 11.50 -28.83
C6 CLA HG . -9.47 10.76 -29.99
C7 CLA HG . -8.62 9.61 -30.47
C8 CLA HG . -7.63 9.99 -31.56
C9 CLA HG . -8.37 10.35 -32.82
C10 CLA HG . -6.65 8.86 -31.81
C11 CLA HG . -6.29 8.66 -33.27
C12 CLA HG . -4.90 9.19 -33.59
C13 CLA HG . -3.83 8.36 -32.91
C14 CLA HG . -3.07 9.20 -31.88
C15 CLA HG . -2.87 7.75 -33.94
C16 CLA HG . -1.44 7.67 -33.44
C17 CLA HG . -1.04 6.26 -33.12
C18 CLA HG . 0.02 5.76 -34.09
C19 CLA HG . 1.40 5.80 -33.46
C20 CLA HG . -0.31 4.35 -34.54
MG CLA IG . 6.19 14.89 0.08
CHA CLA IG . 8.16 12.04 0.39
CHB CLA IG . 3.50 12.95 -0.67
CHC CLA IG . 4.20 17.68 0.25
CHD CLA IG . 9.00 16.86 0.88
NA CLA IG . 5.93 12.84 -0.21
C1A CLA IG . 6.86 11.81 -0.01
C2A CLA IG . 6.25 10.46 -0.36
C3A CLA IG . 4.90 10.85 -1.03
C4A CLA IG . 4.74 12.31 -0.62
CMA CLA IG . 4.99 10.70 -2.52
CAA CLA IG . 5.99 9.61 0.88
CBA CLA IG . 5.68 8.19 0.47
CGA CLA IG . 5.21 7.41 1.66
O1A CLA IG . 4.45 6.44 1.69
O2A CLA IG . 5.74 7.86 2.82
NB CLA IG . 4.23 15.25 -0.22
C1B CLA IG . 3.27 14.30 -0.35
C2B CLA IG . 1.93 14.90 -0.09
C3B CLA IG . 2.12 16.24 0.17
C4B CLA IG . 3.59 16.48 0.06
CMB CLA IG . 0.67 14.15 -0.14
CAB CLA IG . 1.19 17.29 0.45
CBB CLA IG . 0.08 17.55 -0.25
NC CLA IG . 6.57 16.91 0.40
C1C CLA IG . 5.61 17.89 0.37
C2C CLA IG . 6.23 19.20 0.62
C3C CLA IG . 7.58 18.95 0.83
C4C CLA IG . 7.79 17.52 0.69
CMC CLA IG . 5.52 20.47 0.66
CAC CLA IG . 8.63 19.95 1.11
CBC CLA IG . 9.31 20.40 -0.16
ND CLA IG . 8.16 14.60 0.39
C1D CLA IG . 9.19 15.50 0.76
C2D CLA IG . 10.43 14.74 1.00
C3D CLA IG . 10.08 13.41 0.92
C4D CLA IG . 8.65 13.37 0.54
CMD CLA IG . 11.71 15.35 1.36
CAD CLA IG . 10.55 12.04 0.98
OBD CLA IG . 11.68 11.60 1.15
CBD CLA IG . 9.31 11.12 0.74
CGD CLA IG . 9.62 10.07 -0.28
O1D CLA IG . 10.41 10.17 -1.20
O2D CLA IG . 8.97 8.89 -0.10
CED CLA IG . 9.60 7.90 0.71
C1 CLA IG . 5.67 6.96 3.95
C2 CLA IG . 6.24 7.70 5.11
C3 CLA IG . 7.50 7.53 5.53
C4 CLA IG . 8.43 6.59 4.86
C5 CLA IG . 8.02 8.29 6.68
C6 CLA IG . 7.51 9.72 6.66
C7 CLA IG . 8.47 10.66 7.35
C8 CLA IG . 8.37 10.57 8.86
C9 CLA IG . 8.01 11.92 9.45
C10 CLA IG . 9.67 10.07 9.47
C11 CLA IG . 9.44 8.79 10.25
C12 CLA IG . 10.72 8.17 10.73
C13 CLA IG . 10.50 7.42 12.03
C14 CLA IG . 11.76 6.72 12.47
C15 CLA IG . 9.37 6.41 11.89
C16 CLA IG . 8.45 6.43 13.09
C17 CLA IG . 7.97 5.04 13.41
C18 CLA IG . 6.65 5.01 14.17
C19 CLA IG . 6.46 3.68 14.87
C20 CLA IG . 6.56 6.15 15.18
MG CLA JG . -8.70 10.71 -10.64
CHA CLA JG . -11.35 10.90 -12.90
CHB CLA JG . -6.61 11.95 -13.02
CHC CLA JG . -6.12 10.66 -8.35
CHD CLA JG . -10.78 9.01 -8.39
NA CLA JG . -8.97 11.35 -12.60
C1A CLA JG . -10.15 11.38 -13.36
C2A CLA JG . -9.87 11.90 -14.78
C3A CLA JG . -8.33 12.00 -14.80
C4A CLA JG . -7.93 11.81 -13.36
CMA CLA JG . -7.73 10.90 -15.65
CAA CLA JG . -10.50 13.25 -15.04
CBA CLA JG . -10.40 13.58 -16.51
CGA CLA JG . -9.06 14.17 -16.81
O1A CLA JG . -8.57 15.21 -16.38
O2A CLA JG . -8.30 13.40 -17.65
NB CLA JG . -6.77 11.27 -10.66
C1B CLA JG . -6.10 11.73 -11.74
C2B CLA JG . -4.67 11.98 -11.41
C3B CLA JG . -4.52 11.62 -10.09
C4B CLA JG . -5.86 11.18 -9.58
CMB CLA JG . -3.70 12.45 -12.40
CAB CLA JG . -3.32 11.62 -9.28
CBB CLA JG . -2.46 12.64 -9.25
NC CLA JG . -8.50 9.97 -8.70
C1C CLA JG . -7.36 10.07 -7.96
C2C CLA JG . -7.57 9.45 -6.67
C3C CLA JG . -8.87 8.94 -6.68
C4C CLA JG . -9.45 9.27 -7.97
CMC CLA JG . -6.57 9.34 -5.60
CAC CLA JG . -9.49 8.16 -5.59
CBC CLA JG . -10.78 8.71 -5.04
ND CLA JG . -10.60 10.06 -10.60
C1D CLA JG . -11.33 9.37 -9.60
C2D CLA JG . -12.72 9.16 -10.09
C3D CLA JG . -12.79 9.78 -11.34
C4D CLA JG . -11.44 10.29 -11.61
CMD CLA JG . -13.76 8.48 -9.33
CAD CLA JG . -13.62 10.06 -12.50
OBD CLA JG . -14.79 9.78 -12.71
CBD CLA JG . -12.72 10.81 -13.55
CGD CLA JG . -12.70 10.13 -14.90
O1D CLA JG . -12.89 8.95 -15.17
O2D CLA JG . -12.43 10.95 -15.94
CED CLA JG . -13.50 11.72 -16.49
C1 CLA JG . -7.15 14.05 -18.23
C2 CLA JG . -5.93 13.44 -17.65
C3 CLA JG . -5.11 14.09 -16.81
C4 CLA JG . -5.35 15.49 -16.38
C5 CLA JG . -3.89 13.44 -16.27
C6 CLA JG . -2.62 14.08 -16.77
C7 CLA JG . -2.57 14.08 -18.28
C8 CLA JG . -1.54 15.04 -18.87
C9 CLA JG . -1.44 16.30 -18.04
C10 CLA JG . -1.89 15.40 -20.31
C11 CLA JG . -1.63 14.24 -21.25
C12 CLA JG . -0.21 13.73 -21.12
C13 CLA JG . 0.25 12.97 -22.36
C14 CLA JG . -0.88 12.14 -22.94
C15 CLA JG . 1.45 12.08 -22.04
C16 CLA JG . 1.89 11.30 -23.26
C17 CLA JG . 3.30 10.80 -23.13
C18 CLA JG . 3.36 9.39 -22.54
C19 CLA JG . 2.73 8.39 -23.47
C20 CLA JG . 4.80 9.01 -22.27
MG CLA KG . 9.37 -11.94 -22.14
CHA CLA KG . 7.53 -14.10 -24.15
CHB CLA KG . 11.96 -14.16 -22.14
CHC CLA KG . 11.23 -9.67 -20.37
CHD CLA KG . 6.63 -9.70 -22.14
NA CLA KG . 9.66 -13.83 -22.99
C1A CLA KG . 8.78 -14.54 -23.81
C2A CLA KG . 9.39 -15.88 -24.23
C3A CLA KG . 10.71 -15.94 -23.42
C4A CLA KG . 10.81 -14.54 -22.81
CMA CLA KG . 10.68 -17.02 -22.37
CAA CLA KG . 9.67 -15.87 -25.71
CBA CLA KG . 10.50 -14.67 -26.13
CGA CLA KG . 9.85 -13.90 -27.24
O1A CLA KG . 8.90 -14.24 -27.95
O2A CLA KG . 10.41 -12.68 -27.45
NB CLA KG . 11.24 -11.91 -21.41
C1B CLA KG . 12.16 -12.91 -21.52
C2B CLA KG . 13.43 -12.50 -20.86
C3B CLA KG . 13.23 -11.23 -20.35
C4B CLA KG . 11.83 -10.85 -20.70
CMB CLA KG . 14.60 -13.38 -20.81
CAB CLA KG . 14.11 -10.36 -19.61
CBB CLA KG . 14.99 -10.74 -18.68
NC CLA KG . 8.98 -10.04 -21.37
C1C CLA KG . 9.88 -9.29 -20.67
C2C CLA KG . 9.30 -8.01 -20.31
C3C CLA KG . 7.98 -8.02 -20.79
C4C CLA KG . 7.80 -9.30 -21.47
CMC CLA KG . 9.98 -6.95 -19.56
CAC CLA KG . 6.99 -6.94 -20.67
CBC CLA KG . 6.43 -6.83 -19.26
ND CLA KG . 7.48 -11.89 -22.86
C1D CLA KG . 6.46 -10.89 -22.80
C2D CLA KG . 5.28 -11.36 -23.55
C3D CLA KG . 5.63 -12.59 -24.10
C4D CLA KG . 7.01 -12.86 -23.65
CMD CLA KG . 4.02 -10.63 -23.68
CAD CLA KG . 5.21 -13.72 -24.90
OBD CLA KG . 4.12 -13.93 -25.43
CBD CLA KG . 6.42 -14.69 -25.01
CGD CLA KG . 6.06 -16.11 -24.63
O1D CLA KG . 5.52 -16.96 -25.34
O2D CLA KG . 6.38 -16.44 -23.34
CED CLA KG . 6.21 -17.81 -22.97
C1 CLA KG . 10.29 -12.14 -28.78
C2 CLA KG . 11.36 -11.12 -28.95
C3 CLA KG . 11.65 -10.56 -30.13
C4 CLA KG . 10.91 -10.92 -31.37
C5 CLA KG . 12.74 -9.54 -30.27
C6 CLA KG . 13.28 -9.07 -28.94
C7 CLA KG . 14.80 -9.14 -28.90
C8 CLA KG . 15.45 -8.42 -30.08
C9 CLA KG . 16.90 -8.84 -30.19
C10 CLA KG . 15.32 -6.91 -29.95
C11 CLA KG . 16.45 -6.14 -30.60
C12 CLA KG . 16.06 -4.73 -30.96
C13 CLA KG . 17.28 -3.87 -31.22
C14 CLA KG . 17.78 -3.25 -29.93
C15 CLA KG . 17.00 -2.78 -32.26
C16 CLA KG . 18.13 -1.78 -32.33
C17 CLA KG . 17.60 -0.36 -32.42
C18 CLA KG . 18.69 0.69 -32.23
C19 CLA KG . 19.82 0.19 -31.34
C20 CLA KG . 19.22 1.19 -33.55
MG CLA LG . 14.16 -17.78 -12.97
CHA CLA LG . 16.91 -17.91 -10.87
CHB CLA LG . 15.55 -15.14 -14.62
CHC CLA LG . 11.44 -17.74 -15.07
CHD CLA LG . 12.71 -20.44 -11.14
NA CLA LG . 15.95 -16.73 -12.76
C1A CLA LG . 16.96 -16.94 -11.83
C2A CLA LG . 18.11 -15.95 -12.04
C3A CLA LG . 17.54 -14.98 -13.09
C4A CLA LG . 16.26 -15.66 -13.55
CMA CLA LG . 17.24 -13.65 -12.45
CAA CLA LG . 19.26 -16.72 -12.65
CBA CLA LG . 20.58 -16.31 -12.07
CGA CLA LG . 21.05 -15.04 -12.71
O1A CLA LG . 20.67 -14.53 -13.78
O2A CLA LG . 22.04 -14.42 -12.00
NB CLA LG . 13.60 -16.65 -14.54
C1B CLA LG . 14.34 -15.66 -15.11
C2B CLA LG . 13.65 -15.15 -16.33
C3B CLA LG . 12.48 -15.88 -16.46
C4B CLA LG . 12.43 -16.84 -15.31
CMB CLA LG . 14.21 -14.07 -17.14
CAB CLA LG . 11.43 -15.81 -17.45
CBB CLA LG . 11.55 -15.41 -18.72
NC CLA LG . 12.38 -18.89 -13.07
C1C CLA LG . 11.41 -18.69 -14.01
C2C CLA LG . 10.32 -19.62 -13.78
C3C CLA LG . 10.68 -20.40 -12.67
C4C CLA LG . 11.98 -19.93 -12.24
CMC CLA LG . 9.09 -19.71 -14.58
CAC CLA LG . 9.90 -21.47 -12.03
CBC CLA LG . 9.23 -21.02 -10.76
ND CLA LG . 14.64 -18.96 -11.40
C1D CLA LG . 13.95 -20.01 -10.74
C2D CLA LG . 14.78 -20.50 -9.62
C3D CLA LG . 15.94 -19.74 -9.63
C4D CLA LG . 15.79 -18.79 -10.75
CMD CLA LG . 14.40 -21.59 -8.72
CAD CLA LG . 17.21 -19.48 -8.99
OBD CLA LG . 17.74 -20.04 -8.03
CBD CLA LG . 17.87 -18.29 -9.76
CGD CLA LG . 18.13 -17.11 -8.86
O1D CLA LG . 18.90 -16.17 -9.04
O2D CLA LG . 17.38 -17.13 -7.71
CED CLA LG . 16.88 -15.87 -7.23
C1 CLA LG . 21.62 -13.38 -11.10
C2 CLA LG . 21.51 -13.98 -9.75
C3 CLA LG . 22.56 -14.24 -8.96
C4 CLA LG . 23.94 -13.93 -9.38
C5 CLA LG . 22.38 -14.83 -7.61
C6 CLA LG . 23.09 -16.16 -7.45
C7 CLA LG . 22.39 -17.26 -8.23
C8 CLA LG . 22.82 -18.66 -7.81
C9 CLA LG . 24.29 -18.70 -7.45
C10 CLA LG . 22.53 -19.67 -8.91
C11 CLA LG . 21.12 -20.18 -8.85
C12 CLA LG . 20.70 -20.82 -10.16
C13 CLA LG . 19.80 -22.02 -9.92
C14 CLA LG . 20.61 -23.30 -9.89
C15 CLA LG . 18.70 -22.13 -10.97
C16 CLA LG . 17.68 -23.17 -10.55
C17 CLA LG . 16.60 -23.34 -11.59
C18 CLA LG . 16.85 -24.56 -12.46
C19 CLA LG . 16.07 -24.48 -13.76
C20 CLA LG . 16.50 -25.84 -11.72
MG CLA MG . 16.70 -8.71 -13.24
CHA CLA MG . 13.83 -9.28 -15.07
CHB CLA MG . 15.60 -10.87 -10.85
CHC CLA MG . 19.70 -8.32 -11.58
CHD CLA MG . 17.84 -6.53 -15.78
NA CLA MG . 14.97 -9.84 -13.00
C1A CLA MG . 13.89 -9.95 -13.89
C2A CLA MG . 12.83 -10.90 -13.32
C3A CLA MG . 13.33 -11.20 -11.90
C4A CLA MG . 14.74 -10.61 -11.89
CMA CLA MG . 12.46 -10.55 -10.85
CAA CLA MG . 12.77 -12.17 -14.14
CBA CLA MG . 11.79 -13.17 -13.56
CGA CLA MG . 10.41 -12.82 -14.00
O1A CLA MG . 9.88 -13.00 -15.10
O2A CLA MG . 9.67 -12.22 -13.02
NB CLA MG . 17.49 -9.44 -11.53
C1B CLA MG . 16.91 -10.37 -10.73
C2B CLA MG . 17.86 -10.77 -9.64
C3B CLA MG . 19.02 -10.06 -9.85
C4B CLA MG . 18.80 -9.20 -11.04
CMB CLA MG . 17.51 -11.75 -8.61
CAB CLA MG . 20.27 -10.01 -9.12
CBB CLA MG . 20.78 -10.97 -8.34
NC CLA MG . 18.42 -7.58 -13.59
C1C CLA MG . 19.51 -7.55 -12.77
C2C CLA MG . 20.52 -6.65 -13.31
C3C CLA MG . 20.02 -6.17 -14.52
C4C CLA MG . 18.70 -6.76 -14.69
CMC CLA MG . 21.82 -6.37 -12.68
CAC CLA MG . 20.66 -5.22 -15.44
CBC CLA MG . 20.27 -3.80 -15.14
ND CLA MG . 16.01 -7.95 -14.97
C1D CLA MG . 16.59 -7.08 -15.93
C2D CLA MG . 15.64 -6.91 -17.05
C3D CLA MG . 14.56 -7.72 -16.77
C4D CLA MG . 14.85 -8.36 -15.48
CMD CLA MG . 15.87 -6.05 -18.22
CAD CLA MG . 13.26 -8.19 -17.20
OBD CLA MG . 12.61 -7.86 -18.20
CBD CLA MG . 12.78 -9.24 -16.17
CGD CLA MG . 11.40 -8.94 -15.65
O1D CLA MG . 11.11 -8.33 -14.62
O2D CLA MG . 10.39 -9.43 -16.43
CED CLA MG . 9.13 -8.78 -16.36
C1 CLA MG . 8.84 -11.13 -13.45
C2 CLA MG . 8.93 -10.07 -12.42
C3 CLA MG . 8.14 -10.06 -11.34
C4 CLA MG . 7.10 -11.09 -11.13
C5 CLA MG . 8.25 -8.99 -10.31
C6 CLA MG . 8.91 -7.73 -10.83
C7 CLA MG . 10.20 -7.46 -10.09
C8 CLA MG . 10.44 -5.95 -9.91
C9 CLA MG . 10.27 -5.23 -11.22
C10 CLA MG . 11.83 -5.67 -9.33
C11 CLA MG . 12.27 -6.72 -8.33
C12 CLA MG . 13.69 -6.49 -7.86
C13 CLA MG . 14.70 -7.24 -8.73
C14 CLA MG . 15.71 -7.96 -7.86
C15 CLA MG . 15.41 -6.31 -9.70
C16 CLA MG . 14.94 -6.52 -11.11
C17 CLA MG . 15.70 -5.67 -12.09
C18 CLA MG . 14.82 -4.64 -12.77
C19 CLA MG . 13.48 -5.24 -13.17
C20 CLA MG . 15.51 -4.09 -14.00
MG CLA NG . 24.41 3.05 -25.32
CHA CLA NG . 23.76 6.20 -26.61
CHB CLA NG . 22.10 3.57 -22.87
CHC CLA NG . 25.07 -0.09 -24.11
CHD CLA NG . 26.89 2.61 -27.80
NA CLA NG . 23.13 4.63 -24.85
C1A CLA NG . 23.01 5.86 -25.51
C2A CLA NG . 21.95 6.74 -24.85
C3A CLA NG . 21.56 5.94 -23.58
C4A CLA NG . 22.29 4.60 -23.77
CMA CLA NG . 22.02 6.65 -22.35
CAA CLA NG . 20.75 6.91 -25.78
CBA CLA NG . 20.20 5.59 -26.27
CGA CLA NG . 20.75 5.24 -27.62
O1A CLA NG . 20.89 5.95 -28.60
O2A CLA NG . 21.14 3.93 -27.71
NB CLA NG . 23.76 1.97 -23.75
C1B CLA NG . 22.73 2.32 -22.93
C2B CLA NG . 22.35 1.16 -22.07
C3B CLA NG . 23.18 0.12 -22.42
C4B CLA NG . 24.09 0.63 -23.49
CMB CLA NG . 21.27 1.21 -21.08
CAB CLA NG . 23.27 -1.23 -21.93
CBB CLA NG . 22.24 -2.06 -21.75
NC CLA NG . 25.75 1.54 -25.86
C1C CLA NG . 25.86 0.35 -25.22
C2C CLA NG . 26.90 -0.47 -25.84
C3C CLA NG . 27.41 0.29 -26.89
C4C CLA NG . 26.68 1.55 -26.90
CMC CLA NG . 27.29 -1.80 -25.40
CAC CLA NG . 28.48 -0.09 -27.82
CBC CLA NG . 27.96 -0.49 -29.17
ND CLA NG . 25.12 4.06 -26.92
C1D CLA NG . 26.17 3.79 -27.83
C2D CLA NG . 26.33 4.94 -28.75
C3D CLA NG . 25.42 5.88 -28.34
C4D CLA NG . 24.71 5.30 -27.17
CMD CLA NG . 27.28 4.99 -29.86
CAD CLA NG . 24.85 7.20 -28.57
OBD CLA NG . 25.08 8.00 -29.47
CBD CLA NG . 23.84 7.48 -27.41
CGD CLA NG . 24.32 8.60 -26.53
O1D CLA NG . 25.33 8.61 -25.82
O2D CLA NG . 23.52 9.70 -26.53
CED CLA NG . 23.89 10.77 -25.65
C1 CLA NG . 21.91 3.54 -28.87
C2 CLA NG . 22.67 2.33 -28.49
C3 CLA NG . 23.36 1.60 -29.38
C4 CLA NG . 23.43 1.97 -30.81
C5 CLA NG . 24.12 0.39 -28.97
C6 CLA NG . 23.22 -0.78 -28.57
C7 CLA NG . 23.06 -0.81 -27.06
C8 CLA NG . 23.20 -2.21 -26.48
C9 CLA NG . 24.27 -3.01 -27.19
C10 CLA NG . 21.86 -2.96 -26.55
C11 CLA NG . 21.37 -3.34 -25.16
C12 CLA NG . 19.97 -3.91 -25.22
C13 CLA NG . 19.41 -4.15 -23.82
C14 CLA NG . 20.25 -5.16 -23.08
C15 CLA NG . 17.96 -4.61 -23.87
C16 CLA NG . 17.25 -4.15 -25.12
C17 CLA NG . 15.76 -3.98 -24.92
C18 CLA NG . 15.02 -3.91 -26.25
C19 CLA NG . 14.59 -5.28 -26.71
C20 CLA NG . 13.81 -3.00 -26.13
MG CLA OG . 21.13 7.53 -16.89
CHA CLA OG . 23.63 5.77 -15.23
CHB CLA OG . 21.11 5.16 -19.34
CHC CLA OG . 18.41 9.08 -18.29
CHD CLA OG . 21.11 9.88 -14.25
NA CLA OG . 22.26 5.81 -17.25
C1A CLA OG . 23.24 5.23 -16.43
C2A CLA OG . 23.77 3.95 -17.05
C3A CLA OG . 23.17 3.96 -18.47
C4A CLA OG . 22.09 5.05 -18.38
CMA CLA OG . 24.21 4.28 -19.53
CAA CLA OG . 23.21 2.80 -16.23
CBA CLA OG . 21.70 2.60 -16.39
CGA CLA OG . 20.90 3.35 -15.35
O1A CLA OG . 20.70 3.05 -14.19
O2A CLA OG . 20.30 4.50 -15.78
NB CLA OG . 20.00 7.20 -18.52
C1B CLA OG . 20.10 6.12 -19.34
C2B CLA OG . 18.95 6.11 -20.30
C3B CLA OG . 18.18 7.22 -20.01
C4B CLA OG . 18.85 7.94 -18.88
CMB CLA OG . 18.76 5.08 -21.32
CAB CLA OG . 16.97 7.67 -20.63
CBB CLA OG . 15.81 7.90 -20.00
NC CLA OG . 20.04 9.23 -16.41
C1C CLA OG . 18.99 9.70 -17.13
C2C CLA OG . 18.44 10.90 -16.51
C3C CLA OG . 19.18 11.11 -15.34
C4C CLA OG . 20.18 10.05 -15.29
CMC CLA OG . 17.31 11.68 -17.00
CAC CLA OG . 19.02 12.20 -14.37
CBC CLA OG . 18.11 11.79 -13.23
ND CLA OG . 22.21 7.91 -15.23
C1D CLA OG . 22.04 8.86 -14.20
C2D CLA OG . 23.01 8.59 -13.12
C3D CLA OG . 23.66 7.44 -13.47
C4D CLA OG . 23.11 7.02 -14.77
CMD CLA OG . 23.15 9.42 -11.93
CAD CLA OG . 24.69 6.46 -13.11
OBD CLA OG . 25.50 6.48 -12.18
CBD CLA OG . 24.61 5.32 -14.17
CGD CLA OG . 25.98 4.94 -14.68
O1D CLA OG . 26.85 4.30 -14.07
O2D CLA OG . 26.26 5.35 -15.95
CED CLA OG . 27.55 5.02 -16.47
C1 CLA OG . 19.75 5.32 -14.73
C2 CLA OG . 18.62 6.09 -15.30
C3 CLA OG . 17.93 7.02 -14.61
C4 CLA OG . 18.28 7.35 -13.20
C5 CLA OG . 16.81 7.77 -15.21
C6 CLA OG . 15.48 7.08 -15.05
C7 CLA OG . 14.74 7.03 -16.36
C8 CLA OG . 14.53 5.60 -16.87
C9 CLA OG . 13.99 4.72 -15.75
C10 CLA OG . 15.84 5.01 -17.39
C11 CLA OG . 15.64 3.59 -17.87
C12 CLA OG . 16.58 2.62 -17.17
C13 CLA OG . 17.80 2.29 -18.02
C14 CLA OG . 17.41 2.06 -19.46
C15 CLA OG . 18.54 1.07 -17.47
C16 CLA OG . 17.86 -0.22 -17.86
C17 CLA OG . 18.80 -1.41 -17.72
C18 CLA OG . 18.63 -2.38 -18.87
C19 CLA OG . 19.33 -3.69 -18.62
C20 CLA OG . 19.15 -1.76 -20.15
MG CLA PG . 14.79 14.51 -20.92
CHA CLA PG . 17.44 12.36 -21.54
CHB CLA PG . 13.13 13.23 -23.60
CHC CLA PG . 12.08 16.49 -20.14
CHD CLA PG . 16.56 15.84 -18.17
NA CLA PG . 15.26 13.06 -22.36
C1A CLA PG . 16.41 12.26 -22.44
C2A CLA PG . 16.34 11.34 -23.65
C3A CLA PG . 15.07 11.79 -24.39
C4A CLA PG . 14.41 12.76 -23.39
CMA CLA PG . 15.39 12.47 -25.69
CAA CLA PG . 16.25 9.88 -23.26
CBA CLA PG . 17.09 9.02 -24.17
CGA CLA PG . 16.27 7.88 -24.73
O1A CLA PG . 16.59 7.03 -25.56
O2A CLA PG . 15.01 7.84 -24.20
NB CLA PG . 12.97 14.83 -21.74
C1B CLA PG . 12.45 14.13 -22.77
C2B CLA PG . 11.00 14.47 -22.93
C3B CLA PG . 10.70 15.40 -21.95
C4B CLA PG . 11.96 15.64 -21.19
CMB CLA PG . 10.17 13.88 -23.95
CAB CLA PG . 9.47 16.09 -21.63
CBB CLA PG . 8.51 16.42 -22.49
NC CLA PG . 14.41 15.93 -19.45
C1C CLA PG . 13.24 16.63 -19.32
C2C CLA PG . 13.34 17.55 -18.19
C3C CLA PG . 14.59 17.37 -17.62
C4C CLA PG . 15.27 16.35 -18.42
CMC CLA PG . 12.26 18.45 -17.76
CAC CLA PG . 15.15 18.08 -16.47
CBC CLA PG . 16.09 19.19 -16.87
ND CLA PG . 16.59 14.25 -20.04
C1D CLA PG . 17.18 14.86 -18.91
C2D CLA PG . 18.52 14.26 -18.69
C3D CLA PG . 18.66 13.27 -19.66
C4D CLA PG . 17.43 13.31 -20.47
CMD CLA PG . 19.43 14.64 -17.62
CAD CLA PG . 19.51 12.24 -20.21
OBD CLA PG . 20.63 11.87 -19.85
CBD CLA PG . 18.76 11.61 -21.43
CGD CLA PG . 19.56 11.68 -22.69
O1D CLA PG . 19.79 12.65 -23.40
O2D CLA PG . 20.06 10.47 -23.06
CED CLA PG . 20.51 10.32 -24.41
C1 CLA PG . 14.15 6.77 -24.66
C2 CLA PG . 13.70 6.03 -23.45
C3 CLA PG . 14.44 5.09 -22.87
C4 CLA PG . 15.77 4.70 -23.40
C5 CLA PG . 13.98 4.36 -21.65
C6 CLA PG . 12.52 4.58 -21.34
C7 CLA PG . 12.12 3.72 -20.16
C8 CLA PG . 10.75 3.08 -20.35
C9 CLA PG . 9.76 3.67 -19.38
C10 CLA PG . 10.83 1.57 -20.18
C11 CLA PG . 10.77 0.86 -21.51
C12 CLA PG . 9.43 1.01 -22.18
C13 CLA PG . 8.51 -0.17 -21.90
C14 CLA PG . 9.17 -1.47 -22.29
C15 CLA PG . 7.17 -0.02 -22.61
C16 CLA PG . 7.31 -0.21 -24.10
C17 CLA PG . 6.27 0.56 -24.87
C18 CLA PG . 6.23 0.22 -26.35
C19 CLA PG . 7.61 -0.16 -26.88
C20 CLA PG . 5.69 1.38 -27.15
MG CLA QG . 9.76 15.07 -28.47
CHA CLA QG . 9.47 18.27 -29.76
CHB CLA QG . 12.71 14.68 -30.13
CHC CLA QG . 10.09 11.95 -27.06
CHD CLA QG . 6.78 15.56 -26.66
NA CLA QG . 10.88 16.29 -29.75
C1A CLA QG . 10.60 17.60 -30.15
C2A CLA QG . 11.69 18.14 -31.08
C3A CLA QG . 12.56 16.89 -31.34
C4A CLA QG . 12.04 15.87 -30.33
CMA CLA QG . 12.40 16.39 -32.76
CAA CLA QG . 12.53 19.13 -30.31
CBA CLA QG . 12.24 20.58 -30.63
CGA CLA QG . 13.12 21.09 -31.71
O1A CLA QG . 14.00 21.95 -31.65
O2A CLA QG . 12.87 20.50 -32.92
NB CLA QG . 11.11 13.58 -28.62
C1B CLA QG . 12.31 13.66 -29.25
C2B CLA QG . 13.15 12.47 -28.91
C3B CLA QG . 12.41 11.70 -28.04
C4B CLA QG . 11.11 12.39 -27.86
CMB CLA QG . 14.50 12.29 -29.46
CAB CLA QG . 12.68 10.46 -27.37
CBB CLA QG . 13.86 9.82 -27.27
NC CLA QG . 8.60 13.94 -27.16
C1C CLA QG . 8.90 12.68 -26.74
C2C CLA QG . 7.86 12.18 -25.85
C3C CLA QG . 6.95 13.22 -25.69
C4C CLA QG . 7.43 14.34 -26.50
CMC CLA QG . 7.85 10.85 -25.24
CAC CLA QG . 5.72 13.20 -24.87
CBC CLA QG . 5.99 13.39 -23.41
ND CLA QG . 8.39 16.52 -28.24
C1D CLA QG . 7.20 16.59 -27.46
C2D CLA QG . 6.54 17.91 -27.70
C3D CLA QG . 7.35 18.56 -28.61
C4D CLA QG . 8.49 17.67 -28.88
CMD CLA QG . 5.28 18.33 -27.11
CAD CLA QG . 7.54 19.77 -29.40
OBD CLA QG . 6.79 20.73 -29.56
CBD CLA QG . 8.91 19.63 -30.12
CGD CLA QG . 8.71 19.74 -31.61
O1D CLA QG . 9.54 20.07 -32.46
O2D CLA QG . 7.46 19.40 -32.03
CED CLA QG . 7.32 18.83 -33.33
C1 CLA QG . 12.16 21.29 -33.88
C2 CLA QG . 11.49 20.33 -34.80
C3 CLA QG . 11.59 20.42 -36.13
C4 CLA QG . 12.40 21.47 -36.78
C5 CLA QG . 10.91 19.43 -37.01
C6 CLA QG . 10.91 18.03 -36.43
C7 CLA QG . 9.80 17.20 -37.03
C8 CLA QG . 10.12 15.70 -36.99
C9 CLA QG . 10.41 15.25 -35.59
C10 CLA QG . 11.28 15.37 -37.92
C11 CLA QG . 11.30 13.90 -38.25
C12 CLA QG . 11.89 13.65 -39.63
C13 CLA QG . 11.40 12.31 -40.19
C14 CLA QG . 12.56 11.40 -40.49
C15 CLA QG . 10.54 12.53 -41.43
C16 CLA QG . 10.13 11.21 -42.06
C17 CLA QG . 9.85 11.33 -43.54
C18 CLA QG . 8.56 12.10 -43.81
C19 CLA QG . 8.84 13.42 -44.48
C20 CLA QG . 7.64 11.26 -44.69
MG CLA RG . 26.81 -26.31 -21.73
CHA CLA RG . 26.68 -29.55 -22.97
CHB CLA RG . 25.32 -27.35 -18.86
CHC CLA RG . 27.13 -23.13 -20.49
CHD CLA RG . 28.25 -25.26 -24.78
NA CLA RG . 26.11 -28.16 -21.05
C1A CLA RG . 26.17 -29.39 -21.71
C2A CLA RG . 25.56 -30.50 -20.85
C3A CLA RG . 24.95 -29.72 -19.68
C4A CLA RG . 25.51 -28.31 -19.84
CMA CLA RG . 23.44 -29.73 -19.80
CAA CLA RG . 26.64 -31.45 -20.37
CBA CLA RG . 27.83 -30.70 -19.82
CGA CLA RG . 28.91 -31.62 -19.34
O1A CLA RG . 28.95 -32.86 -19.38
O2A CLA RG . 29.97 -30.95 -18.80
NB CLA RG . 26.32 -25.41 -20.00
C1B CLA RG . 25.76 -26.02 -18.92
C2B CLA RG . 25.62 -25.04 -17.81
C3B CLA RG . 26.13 -23.84 -18.26
C4B CLA RG . 26.58 -24.06 -19.66
CMB CLA RG . 25.04 -25.39 -16.52
CAB CLA RG . 26.23 -22.57 -17.59
NC CLA RG . 27.55 -24.51 -22.51
C1C CLA RG . 27.58 -23.33 -21.83
C2C CLA RG . 28.16 -22.29 -22.66
C3C CLA RG . 28.48 -22.89 -23.89
C4C CLA RG . 28.08 -24.29 -23.78
CMC CLA RG . 28.38 -20.90 -22.26
CAC CLA RG . 29.10 -22.25 -25.07
CBC CLA RG . 28.07 -21.87 -26.11
ND CLA RG . 27.33 -27.14 -23.50
C1D CLA RG . 27.91 -26.59 -24.68
C2D CLA RG . 28.07 -27.67 -25.68
C3D CLA RG . 27.61 -28.83 -25.08
C4D CLA RG . 27.17 -28.43 -23.72
CMD CLA RG . 28.62 -27.47 -27.02
CAD CLA RG . 27.36 -30.25 -25.22
OBD CLA RG . 27.55 -30.98 -26.19
CBD CLA RG . 26.77 -30.76 -23.86
CGD CLA RG . 25.41 -31.39 -24.02
O1D CLA RG . 24.32 -30.91 -23.71
O2D CLA RG . 25.43 -32.64 -24.55
CED CLA RG . 24.17 -33.21 -24.93
C1 CLA RG . 31.27 -31.53 -18.95
C2 CLA RG . 32.24 -30.48 -18.57
C3 CLA RG . 33.43 -30.32 -19.19
C4 CLA RG . 33.85 -31.20 -20.31
C5 CLA RG . 34.36 -29.24 -18.79
C6 CLA RG . 34.70 -28.29 -19.92
C7 CLA RG . 35.66 -27.22 -19.47
C8 CLA RG . 36.02 -26.26 -20.60
C9 CLA RG . 37.50 -26.33 -20.90
C10 CLA RG . 35.61 -24.84 -20.26
MG CLA SG . 32.46 -30.86 -13.93
CHA CLA SG . 29.55 -32.42 -14.96
CHB CLA SG . 33.39 -33.68 -12.27
CHC CLA SG . 35.39 -29.29 -13.03
CHD CLA SG . 31.43 -27.92 -15.62
NA CLA SG . 31.59 -32.74 -13.67
C1A CLA SG . 30.38 -33.20 -14.19
C2A CLA SG . 30.12 -34.64 -13.77
C3A CLA SG . 31.29 -34.96 -12.80
C4A CLA SG . 32.17 -33.71 -12.92
CMA CLA SG . 30.77 -35.14 -11.39
CAA CLA SG . 30.14 -35.58 -14.96
CBA CLA SG . 31.56 -35.98 -15.35
CGA CLA SG . 32.20 -34.91 -16.16
O1A CLA SG . 31.75 -34.30 -17.14
O2A CLA SG . 33.46 -34.60 -15.74
NB CLA SG . 34.10 -31.40 -12.89
C1B CLA SG . 34.29 -32.59 -12.26
C2B CLA SG . 35.59 -32.58 -11.55
C3B CLA SG . 36.15 -31.34 -11.75
C4B CLA SG . 35.21 -30.57 -12.60
CMB CLA SG . 36.08 -33.73 -10.77
CAB CLA SG . 37.40 -30.79 -11.27
CBB CLA SG . 38.57 -31.41 -11.26
NC CLA SG . 33.26 -28.94 -14.26
C1C CLA SG . 34.47 -28.52 -13.80
C2C CLA SG . 34.71 -27.14 -14.21
C3C CLA SG . 33.59 -26.75 -14.96
C4C CLA SG . 32.68 -27.89 -14.98
CMC CLA SG . 35.91 -26.37 -13.91
CAC CLA SG . 33.36 -25.44 -15.59
CBC CLA SG . 33.58 -25.48 -17.09
ND CLA SG . 30.87 -30.23 -14.99
C1D CLA SG . 30.57 -29.01 -15.65
C2D CLA SG . 29.25 -29.11 -16.31
C3D CLA SG . 28.80 -30.40 -16.06
C4D CLA SG . 29.86 -31.05 -15.25
CMD CLA SG . 28.60 -28.04 -17.05
CAD CLA SG . 27.74 -31.37 -16.25
OBD CLA SG . 26.65 -31.23 -16.80
CBD CLA SG . 28.20 -32.70 -15.59
CGD CLA SG . 27.21 -33.23 -14.59
O1D CLA SG . 27.35 -33.29 -13.36
O2D CLA SG . 26.06 -33.68 -15.14
CED CLA SG . 25.16 -34.39 -14.29
C1 CLA SG . 34.07 -33.41 -16.28
C2 CLA SG . 35.53 -33.59 -16.17
C3 CLA SG . 36.42 -32.57 -16.16
C4 CLA SG . 35.97 -31.15 -16.26
C5 CLA SG . 37.88 -32.81 -16.03
C6 CLA SG . 38.61 -31.66 -15.38
C7 CLA SG . 40.11 -31.73 -15.65
C8 CLA SG . 40.86 -32.39 -14.51
MG CLA TG . 25.62 -24.23 -13.31
CHA CLA TG . 23.07 -21.91 -13.59
CHB CLA TG . 27.89 -21.70 -13.06
CHC CLA TG . 28.12 -26.57 -13.02
CHD CLA TG . 23.22 -26.83 -13.54
NA CLA TG . 25.47 -22.15 -13.33
C1A CLA TG . 24.31 -21.37 -13.44
C2A CLA TG . 24.65 -19.88 -13.40
C3A CLA TG . 26.20 -19.86 -13.27
C4A CLA TG . 26.57 -21.34 -13.20
CMA CLA TG . 26.85 -19.17 -14.45
CAA CLA TG . 24.03 -19.20 -12.20
CBA CLA TG . 23.72 -17.75 -12.46
CGA CLA TG . 24.95 -16.90 -12.31
O1A CLA TG . 25.56 -16.28 -13.17
O2A CLA TG . 25.39 -16.86 -11.02
NB CLA TG . 27.61 -24.15 -13.04
C1B CLA TG . 28.37 -23.02 -13.01
C2B CLA TG . 29.81 -23.37 -12.92
C3B CLA TG . 29.88 -24.75 -12.91
C4B CLA TG . 28.48 -25.26 -12.99
CMB CLA TG . 30.86 -22.35 -12.87
CAB CLA TG . 31.03 -25.62 -12.84
CBB CLA TG . 32.14 -25.41 -12.14
NC CLA TG . 25.65 -26.32 -13.28
C1C CLA TG . 26.79 -27.07 -13.15
C2C CLA TG . 26.44 -28.49 -13.18
C3C CLA TG . 25.06 -28.57 -13.31
C4C CLA TG . 24.57 -27.21 -13.38
CMC CLA TG . 27.41 -29.59 -13.08
CAC CLA TG . 24.25 -29.80 -13.41
CBC CLA TG . 24.07 -30.57 -12.12
ND CLA TG . 23.63 -24.40 -13.56
C1D CLA TG . 22.76 -25.53 -13.63
C2D CLA TG . 21.37 -25.06 -13.81
C3D CLA TG . 21.43 -23.68 -13.84
C4D CLA TG . 22.86 -23.33 -13.65
CMD CLA TG . 20.20 -25.94 -13.95
CAD CLA TG . 20.69 -22.44 -13.97
OBD CLA TG . 19.49 -22.27 -14.19
CBD CLA TG . 21.70 -21.28 -13.78
CGD CLA TG . 21.72 -20.33 -14.94
O1D CLA TG . 21.61 -19.10 -14.90
O2D CLA TG . 21.89 -20.94 -16.14
CED CLA TG . 22.32 -20.15 -17.25
C1 CLA TG . 26.56 -16.04 -10.77
C2 CLA TG . 26.86 -16.13 -9.33
C3 CLA TG . 28.07 -15.83 -8.82
C4 CLA TG . 29.18 -15.37 -9.68
C5 CLA TG . 28.37 -15.93 -7.37
C6 CLA TG . 27.24 -15.40 -6.48
C7 CLA TG . 27.82 -14.80 -5.22
C8 CLA TG . 26.90 -14.92 -4.02
C9 CLA TG . 25.56 -14.27 -4.31
C10 CLA TG . 27.53 -14.30 -2.79
C11 CLA TG . 27.45 -15.21 -1.57
C12 CLA TG . 28.52 -14.85 -0.56
C13 CLA TG . 28.07 -15.11 0.87
C14 CLA TG . 27.70 -16.56 1.06
C15 CLA TG . 26.89 -14.21 1.27
C16 CLA TG . 26.36 -14.58 2.64
C17 CLA TG . 27.21 -14.01 3.76
C18 CLA TG . 27.68 -15.09 4.73
C19 CLA TG . 26.58 -16.10 5.01
C20 CLA TG . 28.16 -14.47 6.02
MG CLA UG . 41.46 -10.17 -14.74
CHA CLA UG . 42.18 -7.32 -16.59
CHB CLA UG . 38.28 -9.07 -14.29
CHC CLA UG . 40.76 -13.06 -13.02
CHD CLA UG . 44.78 -11.27 -15.24
NA CLA UG . 40.43 -8.46 -15.34
C1A CLA UG . 40.89 -7.38 -16.13
C2A CLA UG . 39.79 -6.34 -16.33
C3A CLA UG . 38.60 -6.90 -15.50
C4A CLA UG . 39.12 -8.25 -15.01
CMA CLA UG . 38.27 -6.06 -14.31
CAA CLA UG . 39.35 -6.08 -17.77
CBA CLA UG . 39.80 -7.09 -18.81
CGA CLA UG . 38.86 -8.24 -18.91
O1A CLA UG . 38.32 -8.88 -18.00
O2A CLA UG . 38.58 -8.59 -20.20
NB CLA UG . 39.82 -10.95 -13.88
C1B CLA UG . 38.62 -10.32 -13.76
C2B CLA UG . 37.69 -11.15 -12.94
C3B CLA UG . 38.38 -12.27 -12.57
C4B CLA UG . 39.75 -12.16 -13.16
CMB CLA UG . 36.33 -10.70 -12.64
CAB CLA UG . 37.98 -13.41 -11.77
CBB CLA UG . 37.03 -13.43 -10.82
NC CLA UG . 42.58 -11.85 -14.21
C1C CLA UG . 42.10 -12.92 -13.51
C2C CLA UG . 43.15 -13.92 -13.32
C3C CLA UG . 44.28 -13.41 -13.95
C4C CLA UG . 43.92 -12.12 -14.51
CMC CLA UG . 42.99 -15.19 -12.63
CAC CLA UG . 45.61 -14.06 -14.06
CBC CLA UG . 46.49 -13.75 -12.88
ND CLA UG . 43.16 -9.46 -15.59
C1D CLA UG . 44.44 -10.04 -15.76
C2D CLA UG . 45.29 -9.10 -16.53
C3D CLA UG . 44.48 -8.04 -16.87
C4D CLA UG . 43.15 -8.33 -16.28
CMD CLA UG . 46.70 -9.33 -16.85
CAD CLA UG . 44.38 -6.75 -17.54
OBD CLA UG . 45.27 -6.09 -18.08
CBD CLA UG . 42.90 -6.29 -17.46
CGD CLA UG . 42.72 -4.88 -16.98
O1D CLA UG . 41.98 -4.03 -17.45
O2D CLA UG . 43.49 -4.55 -15.92
CED CLA UG . 44.37 -3.42 -16.09
C1 CLA UG . 39.70 -8.79 -21.09
C2 CLA UG . 40.01 -10.25 -21.08
C3 CLA UG . 40.84 -10.81 -21.98
C4 CLA UG . 41.49 -10.03 -23.04
C5 CLA UG . 41.13 -12.27 -21.95
C6 CLA UG . 40.46 -13.01 -20.81
C7 CLA UG . 40.21 -14.45 -21.18
C8 CLA UG . 40.81 -15.42 -20.17
C9 CLA UG . 42.15 -15.92 -20.64
C10 CLA UG . 39.87 -16.60 -19.92
MG CLA VG . 49.19 -16.76 -9.84
CHA CLA VG . 52.44 -16.59 -11.02
CHB CLA VG . 48.11 -17.60 -12.96
CHC CLA VG . 46.02 -17.16 -8.57
CHD CLA VG . 50.35 -15.83 -6.63
NA CLA VG . 50.14 -17.01 -11.69
C1A CLA VG . 51.51 -16.93 -11.96
C2A CLA VG . 51.78 -17.19 -13.44
C3A CLA VG . 50.37 -17.34 -14.05
C4A CLA VG . 49.46 -17.34 -12.83
CMA CLA VG . 50.06 -16.19 -14.98
CAA CLA VG . 52.57 -18.49 -13.62
CBA CLA VG . 52.11 -19.56 -12.64
CGA CLA VG . 52.97 -20.78 -12.75
O1A CLA VG . 54.08 -20.88 -13.26
O2A CLA VG . 52.39 -21.90 -12.21
NB CLA VG . 47.41 -17.29 -10.61
C1B CLA VG . 47.18 -17.60 -11.91
C2B CLA VG . 45.74 -17.94 -12.10
C3B CLA VG . 45.14 -17.82 -10.86
C4B CLA VG . 46.19 -17.39 -9.91
CMB CLA VG . 45.17 -18.32 -13.39
CAB CLA VG . 43.76 -18.03 -10.45
CBB CLA VG . 42.95 -18.98 -10.90
NC CLA VG . 48.35 -16.50 -7.95
C1C CLA VG . 47.03 -16.72 -7.66
C2C CLA VG . 46.80 -16.48 -6.24
C3C CLA VG . 48.02 -16.09 -5.68
C4C CLA VG . 48.99 -16.11 -6.77
CMC CLA VG . 45.50 -16.64 -5.59
CAC CLA VG . 48.28 -15.75 -4.27
CBC CLA VG . 48.98 -16.87 -3.54
ND CLA VG . 50.94 -16.22 -8.98
C1D CLA VG . 51.29 -15.89 -7.65
C2D CLA VG . 52.75 -15.63 -7.58
C3D CLA VG . 53.24 -15.90 -8.84
C4D CLA VG . 52.08 -16.27 -9.68
CMD CLA VG . 53.46 -15.22 -6.37
CAD CLA VG . 54.41 -15.92 -9.69
OBD CLA VG . 55.58 -15.61 -9.44
CBD CLA VG . 53.95 -16.43 -11.10
CGD CLA VG . 54.38 -15.51 -12.21
O1D CLA VG . 55.48 -15.47 -12.78
O2D CLA VG . 53.41 -14.65 -12.61
CED CLA VG . 53.84 -13.50 -13.36
MG CLA WG . 46.06 -17.73 5.40
CHA CLA WG . 47.88 -15.95 7.75
CHB CLA WG . 48.61 -17.37 3.16
CHC CLA WG . 44.28 -19.62 3.16
CHD CLA WG . 43.39 -17.93 7.70
NA CLA WG . 47.94 -16.81 5.47
C1A CLA WG . 48.51 -16.12 6.54
C2A CLA WG . 49.91 -15.62 6.19
C3A CLA WG . 50.02 -15.93 4.68
C4A CLA WG . 48.79 -16.78 4.41
CMA CLA WG . 50.03 -14.67 3.86
CAA CLA WG . 50.95 -16.45 6.95
CBA CLA WG . 50.44 -17.85 7.24
CGA CLA WG . 51.53 -18.84 7.49
O1A CLA WG . 52.58 -18.69 8.12
O2A CLA WG . 51.27 -20.05 6.94
NB CLA WG . 46.35 -18.31 3.50
C1B CLA WG . 47.52 -18.15 2.80
C2B CLA WG . 47.45 -18.94 1.53
C3B CLA WG . 46.23 -19.58 1.52
C4B CLA WG . 45.52 -19.19 2.78
CMB CLA WG . 48.56 -18.98 0.58
CAB CLA WG . 45.66 -20.48 0.56
CBB CLA WG . 46.31 -21.44 -0.11
NC CLA WG . 44.18 -18.62 5.44
C1C CLA WG . 43.65 -19.36 4.41
C2C CLA WG . 42.33 -19.85 4.79
C3C CLA WG . 42.06 -19.35 6.07
C4C CLA WG . 43.23 -18.57 6.47
CMC CLA WG . 41.47 -20.70 3.96
CAC CLA WG . 40.85 -19.57 6.88
CBC CLA WG . 41.07 -20.57 7.99
ND CLA WG . 45.70 -17.21 7.31
C1D CLA WG . 44.53 -17.29 8.13
C2D CLA WG . 44.80 -16.62 9.42
C3D CLA WG . 46.10 -16.14 9.35
C4D CLA WG . 46.58 -16.48 8.01
CMD CLA WG . 43.85 -16.56 10.53
CAD CLA WG . 47.16 -15.42 10.02
OBD CLA WG . 47.23 -15.03 11.19
CBD CLA WG . 48.29 -15.18 8.97
CGD CLA WG . 48.45 -13.73 8.63
O1D CLA WG . 48.44 -13.23 7.50
O2D CLA WG . 48.61 -12.90 9.69
CED CLA WG . 49.04 -11.57 9.41
C1 CLA WG . 51.59 -21.21 7.74
C2 CLA WG . 50.71 -22.33 7.30
C3 CLA WG . 51.12 -23.29 6.45
C4 CLA WG . 52.50 -23.29 5.90
C5 CLA WG . 50.24 -24.41 6.01
C6 CLA WG . 48.95 -24.51 6.80
C7 CLA WG . 47.96 -25.38 6.04
C8 CLA WG . 46.81 -25.88 6.91
C9 CLA WG . 47.32 -26.86 7.95
C10 CLA WG . 45.74 -26.53 6.06
MG CLA XG . 36.69 -11.60 5.63
CHA CLA XG . 34.83 -8.68 5.46
CHB CLA XG . 39.55 -9.79 5.31
CHC CLA XG . 38.49 -14.52 5.89
CHD CLA XG . 33.68 -13.45 5.92
NA CLA XG . 37.10 -9.57 5.42
C1A CLA XG . 36.19 -8.51 5.38
C2A CLA XG . 36.91 -7.17 5.23
C3A CLA XG . 38.38 -7.58 5.02
C4A CLA XG . 38.36 -9.08 5.28
CMA CLA XG . 38.87 -7.26 3.63
CAA CLA XG . 36.82 -6.36 6.51
CBA CLA XG . 38.18 -5.90 6.98
CGA CLA XG . 38.22 -5.68 8.46
O1A CLA XG . 38.05 -4.62 9.08
O2A CLA XG . 38.48 -6.82 9.17
NB CLA XG . 38.64 -12.06 5.64
C1B CLA XG . 39.65 -11.17 5.49
C2B CLA XG . 40.96 -11.89 5.50
C3B CLA XG . 40.67 -13.22 5.66
C4B CLA XG . 39.19 -13.36 5.74
CMB CLA XG . 42.21 -11.18 5.32
CAB CLA XG . 41.55 -14.37 5.74
CBB CLA XG . 41.67 -15.17 6.80
NC CLA XG . 36.17 -13.62 5.84
C1C CLA XG . 37.07 -14.64 5.93
C2C CLA XG . 36.37 -15.91 6.09
C3C CLA XG . 35.01 -15.61 6.09
C4C CLA XG . 34.89 -14.17 5.95
CMC CLA XG . 37.02 -17.22 6.19
CAC CLA XG . 33.90 -16.57 6.24
CBC CLA XG . 33.40 -16.65 7.66
ND CLA XG . 34.70 -11.24 5.64
C1D CLA XG . 33.57 -12.09 5.77
C2D CLA XG . 32.34 -11.26 5.73
C3D CLA XG . 32.78 -9.95 5.60
C4D CLA XG . 34.25 -9.99 5.56
CMD CLA XG . 30.98 -11.78 5.81
CAD CLA XG . 32.38 -8.56 5.46
OBD CLA XG . 31.26 -8.09 5.40
CBD CLA XG . 33.68 -7.71 5.39
CGD CLA XG . 33.74 -6.92 4.12
O1D CLA XG . 33.86 -7.36 2.97
O2D CLA XG . 33.64 -5.57 4.28
CED CLA XG . 33.27 -4.80 3.14
C1 CLA XG . 39.11 -6.66 10.46
C2 CLA XG . 39.08 -7.99 11.10
C3 CLA XG . 37.97 -8.50 11.66
C4 CLA XG . 36.70 -7.75 11.70
C5 CLA XG . 37.98 -9.85 12.30
C6 CLA XG . 37.18 -10.87 11.49
C7 CLA XG . 37.77 -11.02 10.10
C8 CLA XG . 36.89 -11.86 9.18
C9 CLA XG . 35.50 -11.26 9.10
C10 CLA XG . 36.80 -13.30 9.67
C11 CLA XG . 38.15 -13.98 9.63
C12 CLA XG . 38.03 -15.46 9.89
C13 CLA XG . 39.25 -16.00 10.63
C14 CLA XG . 39.00 -17.41 11.12
MG CLA YG . 33.73 -10.64 -2.96
CHA CLA YG . 34.73 -7.60 -4.29
CHB CLA YG . 33.67 -9.25 0.14
CHC CLA YG . 32.70 -13.65 -1.69
CHD CLA YG . 33.91 -12.06 -6.19
NA CLA YG . 34.14 -8.73 -2.22
C1A CLA YG . 34.56 -7.60 -2.93
C2A CLA YG . 34.76 -6.40 -2.00
C3A CLA YG . 34.59 -7.03 -0.59
C4A CLA YG . 34.09 -8.44 -0.88
CMA CLA YG . 35.89 -7.04 0.17
CAA CLA YG . 33.69 -5.36 -2.26
CBA CLA YG . 32.72 -5.23 -1.10
CGA CLA YG . 31.56 -6.15 -1.28
O1A CLA YG . 31.47 -7.16 -1.97
O2A CLA YG . 30.47 -5.76 -0.53
NB CLA YG . 33.37 -11.35 -1.10
C1B CLA YG . 33.20 -10.56 -0.01
C2B CLA YG . 32.47 -11.31 1.05
C3B CLA YG . 32.19 -12.55 0.53
C4B CLA YG . 32.77 -12.60 -0.84
CMB CLA YG . 32.13 -10.73 2.34
CAB CLA YG . 31.50 -13.68 1.12
CBB CLA YG . 31.83 -14.25 2.28
NC CLA YG . 33.38 -12.52 -3.79
C1C CLA YG . 32.98 -13.62 -3.08
C2C CLA YG . 32.85 -14.76 -3.97
C3C CLA YG . 33.18 -14.30 -5.24
C4C CLA YG . 33.52 -12.89 -5.12
CMC CLA YG . 32.44 -16.11 -3.56
CAC CLA YG . 33.19 -15.09 -6.49
CBC CLA YG . 31.97 -14.81 -7.35
ND CLA YG . 34.08 -10.02 -4.85
C1D CLA YG . 34.18 -10.72 -6.08
C2D CLA YG . 34.57 -9.76 -7.15
C3D CLA YG . 34.75 -8.54 -6.52
C4D CLA YG . 34.48 -8.77 -5.08
CMD CLA YG . 34.69 -10.10 -8.56
CAD CLA YG . 35.09 -7.13 -6.68
OBD CLA YG . 35.25 -6.48 -7.71
CBD CLA YG . 35.22 -6.53 -5.25
CGD CLA YG . 36.64 -6.17 -4.95
O1D CLA YG . 37.61 -6.92 -4.87
O2D CLA YG . 36.85 -4.84 -4.74
CED CLA YG . 38.20 -4.38 -4.66
C1 CLA YG . 30.32 -6.39 0.75
C2 CLA YG . 29.38 -7.51 0.56
C3 CLA YG . 28.89 -8.22 1.59
C4 CLA YG . 29.25 -7.94 3.00
C5 CLA YG . 27.94 -9.36 1.36
C6 CLA YG . 28.65 -10.67 1.09
C7 CLA YG . 28.15 -11.29 -0.19
C8 CLA YG . 28.57 -10.52 -1.43
C9 CLA YG . 27.35 -10.28 -2.30
C10 CLA YG . 29.65 -11.27 -2.19
C11 CLA YG . 29.62 -11.07 -3.68
C12 CLA YG . 30.38 -9.83 -4.11
C13 CLA YG . 30.69 -9.81 -5.61
C14 CLA YG . 30.57 -8.41 -6.17
C15 CLA YG . 29.81 -10.78 -6.39
MG CLA ZG . 26.23 -25.69 2.86
CHA CLA ZG . 24.10 -28.08 4.18
CHB CLA ZG . 23.72 -24.56 0.85
CHC CLA ZG . 28.31 -23.18 1.76
CHD CLA ZG . 28.81 -26.88 4.97
NA CLA ZG . 24.25 -26.28 2.55
C1A CLA ZG . 23.54 -27.27 3.21
C2A CLA ZG . 22.10 -27.36 2.70
C3A CLA ZG . 22.10 -26.40 1.50
C4A CLA ZG . 23.44 -25.66 1.63
CMA CLA ZG . 21.99 -27.13 0.19
CAA CLA ZG . 21.16 -26.84 3.78
CBA CLA ZG . 21.71 -25.58 4.44
CGA CLA ZG . 20.72 -24.97 5.38
O1A CLA ZG . 19.83 -25.53 6.04
O2A CLA ZG . 20.85 -23.62 5.51
NB CLA ZG . 26.06 -24.20 1.52
C1B CLA ZG . 24.92 -23.84 0.88
C2B CLA ZG . 25.12 -22.55 0.17
C3B CLA ZG . 26.40 -22.15 0.42
C4B CLA ZG . 27.03 -23.20 1.28
CMB CLA ZG . 24.08 -21.91 -0.62
CAB CLA ZG . 27.11 -20.98 -0.02
CBB CLA ZG . 27.43 -19.96 0.77
NC CLA ZG . 28.21 -25.17 3.26
C1C CLA ZG . 28.86 -24.11 2.69
C2C CLA ZG . 30.23 -24.03 3.19
C3C CLA ZG . 30.37 -25.06 4.12
C4C CLA ZG . 29.09 -25.77 4.16
CMC CLA ZG . 31.21 -23.02 2.78
CAC CLA ZG . 31.57 -25.39 4.91
CBC CLA ZG . 31.48 -24.86 6.32
ND CLA ZG . 26.48 -27.15 4.22
C1D CLA ZG . 27.59 -27.53 5.03
C2D CLA ZG . 27.21 -28.69 5.87
C3D CLA ZG . 25.87 -28.94 5.57
C4D CLA ZG . 25.47 -27.95 4.56
CMD CLA ZG . 28.09 -29.37 6.80
CAD CLA ZG . 24.71 -29.78 5.84
OBD CLA ZG . 24.61 -30.75 6.58
CBD CLA ZG . 23.54 -29.24 4.97
CGD CLA ZG . 22.97 -30.30 4.06
O1D CLA ZG . 23.30 -30.53 2.90
O2D CLA ZG . 22.01 -31.06 4.64
CED CLA ZG . 20.95 -31.54 3.80
C1 CLA ZG . 20.26 -23.01 6.67
C2 CLA ZG . 20.91 -21.69 6.85
C3 CLA ZG . 20.96 -21.07 8.05
C4 CLA ZG . 20.37 -21.67 9.27
C5 CLA ZG . 21.63 -19.75 8.20
C6 CLA ZG . 22.98 -19.86 8.88
C7 CLA ZG . 23.67 -18.52 8.93
C8 CLA ZG . 25.13 -18.64 9.37
C9 CLA ZG . 25.28 -19.61 10.51
C10 CLA ZG . 25.68 -17.27 9.76
MG CLA AH . 37.80 -31.97 -7.09
CHA CLA AH . 35.32 -34.39 -7.11
CHB CLA AH . 40.02 -34.25 -5.90
CHC CLA AH . 40.20 -29.50 -7.03
CHD CLA AH . 35.42 -29.60 -8.20
NA CLA AH . 37.68 -34.00 -6.62
C1A CLA AH . 36.55 -34.83 -6.70
C2A CLA AH . 36.90 -36.26 -6.26
C3A CLA AH . 38.38 -36.16 -5.81
C4A CLA AH . 38.75 -34.71 -6.15
CMA CLA AH . 38.54 -36.46 -4.34
CAA CLA AH . 36.78 -37.19 -7.46
CBA CLA AH . 38.12 -37.53 -8.07
CGA CLA AH . 38.21 -37.03 -9.48
O1A CLA AH . 37.32 -36.88 -10.31
O2A CLA AH . 39.50 -36.73 -9.86
NB CLA AH . 39.72 -31.88 -6.50
C1B CLA AH . 40.48 -32.94 -6.13
C2B CLA AH . 41.91 -32.53 -6.00
C3B CLA AH . 41.97 -31.18 -6.33
C4B CLA AH . 40.58 -30.76 -6.65
CMB CLA AH . 42.98 -33.46 -5.64
CAB CLA AH . 43.09 -30.28 -6.39
CBB CLA AH . 44.11 -30.23 -5.54
NC CLA AH . 37.81 -29.94 -7.56
C1C CLA AH . 38.91 -29.12 -7.47
C2C CLA AH . 38.55 -27.76 -7.87
C3C CLA AH . 37.19 -27.79 -8.19
C4C CLA AH . 36.74 -29.16 -7.99
CMC CLA AH . 39.47 -26.63 -7.91
CAC CLA AH . 36.35 -26.69 -8.66
CBC CLA AH . 36.22 -26.67 -10.17
ND CLA AH . 35.88 -31.96 -7.71
C1D CLA AH . 34.99 -30.90 -8.06
C2D CLA AH . 33.64 -31.44 -8.27
C3D CLA AH . 33.72 -32.79 -7.95
C4D CLA AH . 35.12 -33.04 -7.56
CMD CLA AH . 32.49 -30.67 -8.72
CAD CLA AH . 33.01 -34.05 -7.87
OBD CLA AH . 31.88 -34.33 -8.25
CBD CLA AH . 33.96 -35.06 -7.17
CGD CLA AH . 33.45 -35.30 -5.79
O1D CLA AH . 32.81 -34.50 -5.09
O2D CLA AH . 33.71 -36.51 -5.26
CED CLA AH . 33.42 -36.67 -3.87
C1 CLA AH . 39.77 -35.37 -10.23
C2 CLA AH . 41.24 -35.24 -10.39
C3 CLA AH . 41.90 -34.11 -10.09
C4 CLA AH . 43.37 -34.00 -10.26
C5 CLA AH . 41.20 -32.91 -9.57
MG CLA BH . 31.18 -35.25 6.11
CHA CLA BH . 31.52 -38.55 5.10
CHB CLA BH . 29.65 -36.27 8.97
CHC CLA BH . 30.77 -31.95 7.01
CHD CLA BH . 32.73 -34.22 3.10
NA CLA BH . 30.71 -37.12 6.90
C1A CLA BH . 30.94 -38.38 6.33
C2A CLA BH . 30.42 -39.49 7.25
C3A CLA BH . 29.89 -38.73 8.49
C4A CLA BH . 30.09 -37.27 8.11
CMA CLA BH . 28.45 -39.06 8.78
CAA CLA BH . 31.54 -40.43 7.67
CBA CLA BH . 32.73 -39.69 8.24
CGA CLA BH . 33.93 -40.59 8.21
O1A CLA BH . 34.47 -41.12 7.24
O2A CLA BH . 34.47 -40.82 9.44
NB CLA BH . 30.39 -34.29 7.70
C1B CLA BH . 29.77 -34.89 8.75
C2B CLA BH . 29.21 -33.85 9.66
C3B CLA BH . 29.52 -32.62 9.11
C4B CLA BH . 30.28 -32.90 7.86
CMB CLA BH . 28.47 -34.20 10.89
CAB CLA BH . 29.25 -31.28 9.55
CBB CLA BH . 28.25 -30.88 10.35
NC CLA BH . 31.69 -33.42 5.22
C1C CLA BH . 31.43 -32.20 5.78
C2C CLA BH . 31.94 -31.15 4.89
C3C CLA BH . 32.49 -31.78 3.78
C4C CLA BH . 32.32 -33.22 4.00
CMC CLA BH . 31.85 -29.71 5.17
CAC CLA BH . 33.12 -31.14 2.62
CBC CLA BH . 34.63 -31.29 2.66
ND CLA BH . 31.98 -36.11 4.47
C1D CLA BH . 32.58 -35.57 3.30
C2D CLA BH . 32.95 -36.68 2.39
C3D CLA BH . 32.56 -37.84 3.03
C4D CLA BH . 31.96 -37.43 4.32
CMD CLA BH . 33.60 -36.51 1.09
CAD CLA BH . 32.48 -39.29 2.95
OBD CLA BH . 32.84 -40.04 2.05
CBD CLA BH . 31.82 -39.79 4.27
CGD CLA BH . 30.60 -40.61 4.00
O1D CLA BH . 30.54 -41.82 3.78
O2D CLA BH . 29.44 -39.90 4.00
CED CLA BH . 28.22 -40.61 3.85
C1 CLA BH . 35.07 -39.69 10.12
C2 CLA BH . 36.33 -39.36 9.40
C3 CLA BH . 37.45 -39.01 10.03
C4 CLA BH . 37.53 -38.93 11.51
C5 CLA BH . 38.70 -38.69 9.28
C6 CLA BH . 39.16 -37.25 9.49
MG CLA CH . 24.14 -33.97 12.18
CHA CLA CH . 24.69 -36.88 10.37
CHB CLA CH . 23.15 -35.85 14.85
CHC CLA CH . 23.70 -31.08 13.96
CHD CLA CH . 25.19 -32.09 9.38
NA CLA CH . 23.96 -36.02 12.52
C1A CLA CH . 24.25 -37.08 11.65
C2A CLA CH . 24.00 -38.43 12.30
C3A CLA CH . 23.35 -38.06 13.65
C4A CLA CH . 23.50 -36.54 13.71
CMA CLA CH . 21.91 -38.50 13.72
CAA CLA CH . 25.34 -39.11 12.53
CBA CLA CH . 26.40 -38.11 12.99
CGA CLA CH . 27.75 -38.72 13.17
O1A CLA CH . 28.09 -39.63 13.92
O2A CLA CH . 28.70 -38.14 12.38
NB CLA CH . 23.45 -33.54 14.02
C1B CLA CH . 23.23 -34.44 15.01
C2B CLA CH . 23.06 -33.75 16.32
C3B CLA CH . 23.21 -32.40 16.07
C4B CLA CH . 23.47 -32.25 14.61
CMB CLA CH . 22.82 -34.46 17.58
CAB CLA CH . 23.18 -31.27 16.96
CBB CLA CH . 22.29 -31.08 17.94
NC CLA CH . 24.39 -31.96 11.74
C1C CLA CH . 24.13 -30.93 12.61
C2C CLA CH . 24.39 -29.65 11.97
C3C CLA CH . 24.84 -29.93 10.67
C4C CLA CH . 24.83 -31.38 10.54
CMC CLA CH . 24.22 -28.34 12.60
CAC CLA CH . 25.25 -28.97 9.64
CBC CLA CH . 24.09 -28.36 8.90
ND CLA CH . 24.86 -34.33 10.33
C1D CLA CH . 25.21 -33.46 9.26
C2D CLA CH . 25.58 -34.27 8.08
C3D CLA CH . 25.39 -35.59 8.45
C4D CLA CH . 24.93 -35.57 9.85
CMD CLA CH . 26.02 -33.74 6.80
CAD CLA CH . 25.48 -36.98 8.04
OBD CLA CH . 25.86 -37.47 6.99
CBD CLA CH . 24.97 -37.84 9.23
CGD CLA CH . 23.72 -38.57 8.85
O1D CLA CH . 22.62 -38.48 9.38
O2D CLA CH . 23.86 -39.39 7.77
CED CLA CH . 22.69 -39.70 7.00
C1 CLA CH . 30.08 -38.36 12.73
C2 CLA CH . 30.91 -37.53 11.82
C3 CLA CH . 32.24 -37.48 11.84
C4 CLA CH . 33.06 -38.27 12.80
C5 CLA CH . 32.99 -36.62 10.89
C6 CLA CH . 33.41 -35.28 11.50
C7 CLA CH . 32.31 -34.25 11.33
C8 CLA CH . 32.75 -32.87 11.78
C9 CLA CH . 31.76 -32.29 12.77
C10 CLA CH . 32.88 -31.92 10.59
C11 CLA CH . 33.69 -30.69 10.93
C12 CLA CH . 33.70 -29.68 9.81
C13 CLA CH . 32.53 -28.71 9.93
C14 CLA CH . 32.58 -27.68 8.81
C15 CLA CH . 32.51 -28.03 11.28
MG CLA DH . 15.33 -27.33 9.44
CHA CLA DH . 18.16 -28.40 7.75
CHB CLA DH . 16.91 -27.81 12.41
CHC CLA DH . 12.56 -26.06 11.04
CHD CLA DH . 13.69 -26.92 6.33
NA CLA DH . 17.22 -28.01 9.96
C1A CLA DH . 18.26 -28.39 9.11
C2A CLA DH . 19.49 -28.83 9.92
C3A CLA DH . 18.99 -28.81 11.37
C4A CLA DH . 17.61 -28.15 11.27
CMA CLA DH . 18.89 -30.22 11.88
CAA CLA DH . 20.69 -27.92 9.73
CBA CLA DH . 20.35 -26.46 9.62
CGA CLA DH . 21.59 -25.65 9.92
O1A CLA DH . 22.34 -25.75 10.90
O2A CLA DH . 21.89 -24.72 8.96
NB CLA DH . 14.84 -26.98 11.36
C1B CLA DH . 15.63 -27.23 12.44
C2B CLA DH . 14.92 -26.81 13.68
C3B CLA DH . 13.70 -26.32 13.30
C4B CLA DH . 13.63 -26.42 11.81
CMB CLA DH . 15.51 -26.97 15.01
CAB CLA DH . 12.61 -25.80 14.08
CBB CLA DH . 12.71 -24.86 15.02
NC CLA DH . 13.45 -26.65 8.79
C1C CLA DH . 12.48 -26.18 9.62
C2C CLA DH . 11.31 -25.79 8.84
C3C CLA DH . 11.62 -26.03 7.50
C4C CLA DH . 12.98 -26.57 7.48
CMC CLA DH . 10.08 -25.23 9.40
CAC CLA DH . 10.76 -25.79 6.33
CBC CLA DH . 11.21 -24.62 5.49
ND CLA DH . 15.73 -27.64 7.49
C1D CLA DH . 14.98 -27.42 6.30
C2D CLA DH . 15.80 -27.80 5.13
C3D CLA DH . 17.03 -28.18 5.63
C4D CLA DH . 16.94 -28.06 7.10
CMD CLA DH . 15.35 -27.73 3.75
CAD CLA DH . 18.35 -28.68 5.31
OBD CLA DH . 18.84 -28.99 4.23
CBD CLA DH . 19.14 -28.78 6.67
CGD CLA DH . 19.70 -30.16 6.89
O1D CLA DH . 19.14 -31.25 6.72
O2D CLA DH . 20.98 -30.16 7.38
CED CLA DH . 21.38 -31.24 8.22
C1 CLA DH . 22.96 -25.04 8.05
C2 CLA DH . 24.23 -24.69 8.70
C3 CLA DH . 25.41 -24.71 8.06
C4 CLA DH . 25.51 -25.07 6.63
C5 CLA DH . 26.68 -24.35 8.74
C6 CLA DH . 27.79 -25.34 8.49
C7 CLA DH . 27.99 -26.27 9.67
C8 CLA DH . 28.74 -25.60 10.81
MG CLA EH . 19.49 -25.00 -1.53
CHA CLA EH . 21.11 -23.49 -4.21
CHB CLA EH . 19.42 -22.03 0.11
CHC CLA EH . 18.08 -26.58 1.18
CHD CLA EH . 19.49 -28.06 -3.30
NA CLA EH . 20.13 -23.07 -2.01
C1A CLA EH . 20.79 -22.65 -3.17
C2A CLA EH . 21.08 -21.13 -3.11
C3A CLA EH . 20.38 -20.70 -1.79
C4A CLA EH . 19.94 -22.02 -1.17
CMA CLA EH . 21.29 -19.91 -0.89
CAA CLA EH . 20.46 -20.40 -4.29
CBA CLA EH . 20.87 -18.94 -4.36
CGA CLA EH . 22.35 -18.80 -4.15
O1A CLA EH . 23.25 -19.57 -4.47
O2A CLA EH . 22.68 -17.62 -3.54
NB CLA EH . 18.85 -24.41 0.28
C1B CLA EH . 18.97 -23.16 0.80
C2B CLA EH . 18.56 -23.15 2.23
C3B CLA EH . 18.18 -24.44 2.54
C4B CLA EH . 18.35 -25.26 1.30
CMB CLA EH . 18.59 -21.95 3.05
CAB CLA EH . 17.68 -25.00 3.77
CBB CLA EH . 16.79 -24.42 4.59
NC CLA EH . 18.87 -26.96 -1.15
C1C CLA EH . 18.32 -27.38 0.02
C2C CLA EH . 18.01 -28.80 -0.06
C3C CLA EH . 18.40 -29.24 -1.32
C4C CLA EH . 18.95 -28.06 -2.00
CMC CLA EH . 17.41 -29.59 1.03
CAC CLA EH . 18.28 -30.59 -1.88
CBC CLA EH . 16.91 -30.87 -2.43
ND CLA EH . 20.10 -25.68 -3.33
C1D CLA EH . 20.04 -26.96 -3.93
C2D CLA EH . 20.66 -26.89 -5.28
C3D CLA EH . 21.13 -25.59 -5.41
C4D CLA EH . 20.74 -24.88 -4.18
CMD CLA EH . 20.80 -28.01 -6.19
CAD CLA EH . 21.82 -24.63 -6.27
OBD CLA EH . 22.32 -24.79 -7.37
CBD CLA EH . 21.82 -23.28 -5.52
CGD CLA EH . 23.22 -22.75 -5.33
O1D CLA EH . 23.91 -22.12 -6.13
O2D CLA EH . 23.76 -23.05 -4.11
CED CLA EH . 25.16 -22.87 -3.95
C1 CLA EH . 23.73 -17.69 -2.56
C2 CLA EH . 23.51 -16.53 -1.65
C3 CLA EH . 23.76 -16.58 -0.33
C4 CLA EH . 23.51 -15.41 0.54
C5 CLA EH . 24.27 -17.81 0.33
C6 CLA EH . 23.54 -18.10 1.63
C7 CLA EH . 24.32 -19.05 2.51
C8 CLA EH . 23.47 -20.18 3.09
C9 CLA EH . 21.99 -19.92 2.91
C10 CLA EH . 23.77 -20.37 4.57
C11 CLA EH . 24.55 -21.66 4.80
C12 CLA EH . 25.52 -21.53 5.96
C13 CLA EH . 26.79 -20.79 5.58
C14 CLA EH . 27.18 -21.09 4.15
C15 CLA EH . 27.95 -21.14 6.51
C16 CLA EH . 29.24 -20.52 6.03
C17 CLA EH . 29.23 -19.01 6.19
C18 CLA EH . 30.11 -18.32 5.14
C19 CLA EH . 29.43 -18.27 3.80
C20 CLA EH . 31.45 -19.01 5.02
MG CLA FH . 14.91 -9.33 7.39
CHA CLA FH . 17.87 -7.68 8.07
CHB CLA FH . 15.91 -11.92 9.36
CHC CLA FH . 11.86 -10.80 6.88
CHD CLA FH . 13.95 -6.63 5.31
NA CLA FH . 16.62 -9.72 8.51
C1A CLA FH . 17.74 -8.90 8.67
C2A CLA FH . 18.76 -9.55 9.59
C3A CLA FH . 18.21 -10.98 9.78
C4A CLA FH . 16.81 -10.88 9.21
CMA CLA FH . 19.07 -11.97 9.02
CAA CLA FH . 18.67 -8.80 10.90
CBA CLA FH . 19.12 -9.60 12.10
CGA CLA FH . 18.83 -8.81 13.33
O1A CLA FH . 18.51 -7.62 13.42
O2A CLA FH . 18.94 -9.54 14.47
NB CLA FH . 14.07 -11.06 7.96
C1B CLA FH . 14.60 -11.94 8.84
C2B CLA FH . 13.59 -12.98 9.20
C3B CLA FH . 12.44 -12.67 8.51
C4B CLA FH . 12.73 -11.44 7.71
CMB CLA FH . 13.89 -14.05 10.14
CAB CLA FH . 11.16 -13.31 8.46
CBB CLA FH . 10.87 -14.58 8.77
NC CLA FH . 13.23 -8.81 6.27
C1C CLA FH . 12.09 -9.57 6.20
C2C CLA FH . 11.11 -8.91 5.34
C3C CLA FH . 11.69 -7.72 4.90
C4C CLA FH . 13.03 -7.67 5.49
CMC CLA FH . 9.77 -9.44 5.04
CAC CLA FH . 11.10 -6.71 4.01
CBC CLA FH . 10.64 -5.50 4.79
ND CLA FH . 15.67 -7.55 6.79
C1D CLA FH . 15.19 -6.55 5.91
C2D CLA FH . 16.20 -5.48 5.80
C3D CLA FH . 17.25 -5.85 6.63
C4D CLA FH . 16.87 -7.15 7.21
CMD CLA FH . 16.07 -4.27 4.99
CAD CLA FH . 18.57 -5.51 7.14
OBD CLA FH . 19.26 -4.51 6.93
CBD CLA FH . 19.02 -6.70 8.06
CGD CLA FH . 20.27 -7.35 7.55
O1D CLA FH . 20.41 -8.50 7.14
O2D CLA FH . 21.35 -6.53 7.55
CED CLA FH . 22.61 -7.09 7.16
C1 CLA FH . 18.81 -8.82 15.72
C2 CLA FH . 18.57 -9.84 16.76
C3 CLA FH . 19.52 -10.21 17.64
C4 CLA FH . 20.88 -9.64 17.62
C5 CLA FH . 19.23 -11.26 18.67
C6 CLA FH . 18.58 -10.69 19.91
C7 CLA FH . 18.20 -11.79 20.87
C8 CLA FH . 17.48 -11.25 22.10
C9 CLA FH . 18.12 -11.79 23.36
C10 CLA FH . 15.99 -11.59 22.04
C11 CLA FH . 15.64 -12.89 22.73
C12 CLA FH . 14.19 -12.90 23.18
C13 CLA FH . 13.80 -14.25 23.76
C14 CLA FH . 14.68 -14.61 24.95
C15 CLA FH . 13.86 -15.36 22.72
C16 CLA FH . 13.29 -16.66 23.25
C17 CLA FH . 13.21 -17.72 22.18
C18 CLA FH . 12.26 -18.84 22.58
C19 CLA FH . 12.56 -20.11 21.82
MG CLA GH . 27.65 -7.24 10.50
CHA CLA GH . 24.50 -8.67 10.47
CHB CLA GH . 29.06 -10.30 10.17
CHC CLA GH . 30.75 -5.74 10.46
CHD CLA GH . 26.15 -4.04 10.86
NA CLA GH . 26.88 -9.16 10.36
C1A CLA GH . 25.54 -9.56 10.38
C2A CLA GH . 25.42 -11.08 10.28
C3A CLA GH . 26.88 -11.57 10.32
C4A CLA GH . 27.69 -10.27 10.27
CMA CLA GH . 27.17 -12.37 11.56
CAA CLA GH . 24.72 -11.51 9.00
CBA CLA GH . 25.00 -12.94 8.62
CGA CLA GH . 23.72 -13.62 8.30
O1A CLA GH . 22.73 -13.79 9.02
O2A CLA GH . 23.67 -14.09 7.01
NB CLA GH . 29.55 -7.91 10.49
C1B CLA GH . 29.89 -9.17 10.11
C2B CLA GH . 31.30 -9.22 9.63
C3B CLA GH . 31.78 -7.93 9.71
C4B CLA GH . 30.67 -7.09 10.26
CMB CLA GH . 31.93 -10.45 9.16
CAB CLA GH . 33.06 -7.35 9.36
CBB CLA GH . 34.22 -7.99 9.30
NC CLA GH . 28.31 -5.25 10.66
C1C CLA GH . 29.63 -4.87 10.65
C2C CLA GH . 29.73 -3.43 10.84
C3C CLA GH . 28.43 -2.94 10.90
C4C CLA GH . 27.55 -4.10 10.80
CMC CLA GH . 31.00 -2.68 10.90
CAC CLA GH . 28.00 -1.55 11.09
CBC CLA GH . 27.57 -1.26 12.52
ND CLA GH . 25.79 -6.45 10.53
C1D CLA GH . 25.30 -5.13 10.73
C2D CLA GH . 23.84 -5.15 10.77
C3D CLA GH . 23.48 -6.48 10.64
C4D CLA GH . 24.73 -7.25 10.54
CMD CLA GH . 22.98 -3.98 10.90
CAD CLA GH . 22.39 -7.43 10.56
OBD CLA GH . 21.19 -7.20 10.50
CBD CLA GH . 23.00 -8.85 10.55
CGD CLA GH . 22.65 -9.62 11.80
O1D CLA GH . 22.54 -9.17 12.94
O2D CLA GH . 22.41 -10.94 11.61
CED CLA GH . 22.09 -11.73 12.75
C1 CLA GH . 23.44 -15.51 6.85
C2 CLA GH . 21.98 -15.70 6.73
C3 CLA GH . 21.37 -15.90 5.55
C4 CLA GH . 22.11 -15.93 4.27
C5 CLA GH . 19.89 -16.08 5.47
C6 CLA GH . 19.49 -17.52 5.20
C7 CLA GH . 17.99 -17.67 5.29
C8 CLA GH . 17.53 -19.11 5.06
C9 CLA GH . 16.11 -19.14 4.55
C10 CLA GH . 17.66 -19.94 6.33
C11 CLA GH . 16.72 -19.45 7.41
C12 CLA GH . 16.80 -20.30 8.66
C13 CLA GH . 16.24 -19.58 9.87
C14 CLA GH . 16.58 -20.34 11.13
C15 CLA GH . 14.73 -19.37 9.76
C16 CLA GH . 14.13 -18.86 11.05
C17 CLA GH . 14.45 -17.40 11.29
C18 CLA GH . 13.76 -16.85 12.53
C19 CLA GH . 14.35 -17.43 13.79
C20 CLA GH . 12.26 -17.11 12.47
MG CLA HH . 18.60 1.81 -8.38
CHA CLA HH . 21.14 1.82 -10.75
CHB CLA HH . 20.15 4.32 -6.70
CHC CLA HH . 16.01 1.81 -6.12
CHD CLA HH . 17.02 -0.82 -10.15
NA CLA HH . 20.37 2.85 -8.69
C1A CLA HH . 21.30 2.71 -9.73
C2A CLA HH . 22.47 3.68 -9.56
C3A CLA HH . 22.21 4.30 -8.17
C4A CLA HH . 20.82 3.82 -7.80
CMA CLA HH . 23.24 3.85 -7.16
CAA CLA HH . 22.47 4.74 -10.65
CBA CLA HH . 21.08 5.25 -10.94
CGA CLA HH . 20.81 6.49 -10.14
O1A CLA HH . 21.54 7.05 -9.32
O2A CLA HH . 19.58 7.02 -10.37
NB CLA HH . 18.20 2.82 -6.69
C1B CLA HH . 18.88 3.92 -6.26
C2B CLA HH . 18.08 4.64 -5.22
C3B CLA HH . 16.92 3.93 -5.06
C4B CLA HH . 16.97 2.76 -5.97
CMB CLA HH . 18.56 5.86 -4.57
CAB CLA HH . 15.78 4.16 -4.19
CBB CLA HH . 15.26 5.35 -3.86
NC CLA HH . 16.86 0.67 -8.16
C1C CLA HH . 15.96 0.81 -7.14
C2C CLA HH . 14.89 -0.17 -7.27
C3C CLA HH . 15.14 -0.89 -8.43
C4C CLA HH . 16.39 -0.36 -8.98
CMC CLA HH . 13.77 -0.30 -6.34
CAC CLA HH . 14.35 -2.01 -8.99
CBC CLA HH . 13.61 -1.63 -10.25
ND CLA HH . 18.92 0.73 -10.05
C1D CLA HH . 18.19 -0.32 -10.68
C2D CLA HH . 18.88 -0.72 -11.92
C3D CLA HH . 20.01 0.07 -12.00
C4D CLA HH . 19.99 0.95 -10.81
CMD CLA HH . 18.40 -1.75 -12.83
CAD CLA HH . 21.20 0.40 -12.77
OBD CLA HH . 21.59 -0.06 -13.84
CBD CLA HH . 21.97 1.50 -11.99
CGD CLA HH . 23.36 1.06 -11.69
O1D CLA HH . 23.71 0.17 -10.92
O2D CLA HH . 24.33 1.73 -12.38
CED CLA HH . 25.53 1.02 -12.68
C1 CLA HH . 18.77 7.34 -9.23
C2 CLA HH . 17.95 6.15 -8.93
C3 CLA HH . 16.66 6.05 -9.30
C4 CLA HH . 15.97 7.14 -10.03
C5 CLA HH . 15.87 4.82 -8.99
C6 CLA HH . 15.48 4.03 -10.23
C7 CLA HH . 16.69 3.75 -11.10
C8 CLA HH . 16.41 2.71 -12.17
C9 CLA HH . 17.40 2.84 -13.31
C10 CLA HH . 14.99 2.81 -12.71
C11 CLA HH . 14.38 1.46 -12.97
C12 CLA HH . 14.43 1.09 -14.44
C13 CLA HH . 13.23 0.26 -14.84
C14 CLA HH . 13.34 -1.14 -14.27
C15 CLA HH . 13.05 0.21 -16.36
C16 CLA HH . 14.03 -0.74 -17.01
C17 CLA HH . 13.36 -1.67 -17.98
C18 CLA HH . 13.34 -1.15 -19.42
C19 CLA HH . 13.35 -2.29 -20.41
C20 CLA HH . 14.50 -0.22 -19.69
MG CLA IH . 24.62 -4.65 -6.82
CHA CLA IH . 27.76 -3.19 -6.68
CHB CLA IH . 23.70 -2.41 -9.21
CHC CLA IH . 21.63 -6.30 -7.10
CHD CLA IH . 25.64 -6.96 -4.32
NA CLA IH . 25.58 -3.04 -7.74
C1A CLA IH . 26.90 -2.60 -7.56
C2A CLA IH . 27.20 -1.39 -8.44
C3A CLA IH . 25.81 -1.01 -8.99
C4A CLA IH . 24.96 -2.24 -8.64
CMA CLA IH . 25.30 0.23 -8.33
CAA CLA IH . 28.19 -1.73 -9.53
CBA CLA IH . 27.53 -2.35 -10.76
CGA CLA IH . 27.83 -3.82 -10.83
O1A CLA IH . 27.64 -4.69 -9.97
O2A CLA IH . 28.36 -4.20 -12.04
NB CLA IH . 22.94 -4.36 -7.90
C1B CLA IH . 22.83 -3.48 -8.93
C2B CLA IH . 21.61 -3.78 -9.71
C3B CLA IH . 21.01 -4.87 -9.13
C4B CLA IH . 21.85 -5.26 -7.96
CMB CLA IH . 21.21 -3.01 -10.88
CAB CLA IH . 19.80 -5.57 -9.51
CBB CLA IH . 18.76 -5.77 -8.70
NC CLA IH . 23.78 -6.29 -5.84
C1C CLA IH . 22.52 -6.78 -6.10
C2C CLA IH . 22.24 -7.92 -5.24
C3C CLA IH . 23.39 -8.13 -4.47
C4C CLA IH . 24.35 -7.10 -4.86
CMC CLA IH . 20.99 -8.68 -5.24
CAC CLA IH . 23.61 -9.17 -3.46
CBC CLA IH . 24.15 -10.45 -4.05
ND CLA IH . 26.27 -5.02 -5.71
C1D CLA IH . 26.56 -5.99 -4.71
C2D CLA IH . 27.94 -5.78 -4.21
C3D CLA IH . 28.45 -4.72 -4.95
C4D CLA IH . 27.37 -4.29 -5.85
CMD CLA IH . 28.57 -6.59 -3.18
CAD CLA IH . 29.59 -3.86 -5.18
OBD CLA IH . 30.70 -3.85 -4.63
CBD CLA IH . 29.19 -2.85 -6.30
CGD CLA IH . 29.29 -1.42 -5.85
O1D CLA IH . 28.65 -0.88 -4.95
O2D CLA IH . 30.20 -0.68 -6.54
CED CLA IH . 30.26 0.71 -6.26
C1 CLA IH . 28.05 -5.52 -12.50
C2 CLA IH . 29.18 -6.39 -12.12
C3 CLA IH . 29.41 -7.60 -12.65
C4 CLA IH . 28.52 -8.18 -13.69
C5 CLA IH . 30.57 -8.42 -12.22
C6 CLA IH . 30.30 -9.91 -12.25
C7 CLA IH . 31.58 -10.69 -12.01
C8 CLA IH . 31.33 -11.96 -11.22
C9 CLA IH . 30.85 -11.62 -9.82
C10 CLA IH . 32.59 -12.81 -11.14
C11 CLA IH . 32.83 -13.58 -12.42
C12 CLA IH . 33.92 -14.61 -12.23
C13 CLA IH . 34.57 -15.03 -13.54
C14 CLA IH . 33.58 -15.02 -14.69
C15 CLA IH . 35.19 -16.42 -13.39
C16 CLA IH . 36.54 -16.51 -14.07
C17 CLA IH . 37.25 -17.78 -13.68
C18 CLA IH . 38.52 -17.99 -14.50
C19 CLA IH . 38.20 -18.14 -15.97
C20 CLA IH . 39.28 -19.20 -13.99
MG CLA JH . 7.95 -13.50 -9.05
CHA CLA JH . 4.82 -14.53 -10.14
CHB CLA JH . 9.42 -15.58 -11.29
CHC CLA JH . 11.03 -12.28 -8.09
CHD CLA JH . 6.37 -11.28 -6.79
NA CLA JH . 7.22 -14.85 -10.46
C1A CLA JH . 5.88 -15.12 -10.79
C2A CLA JH . 5.79 -16.15 -11.91
C3A CLA JH . 7.25 -16.54 -12.17
C4A CLA JH . 8.04 -15.59 -11.26
CMA CLA JH . 7.50 -17.98 -11.83
CAA CLA JH . 5.22 -15.48 -13.14
CBA CLA JH . 5.88 -14.13 -13.39
CGA CLA JH . 5.05 -13.31 -14.34
O1A CLA JH . 3.96 -13.60 -14.85
O2A CLA JH . 5.62 -12.11 -14.65
NB CLA JH . 9.85 -13.80 -9.64
C1B CLA JH . 10.25 -14.78 -10.49
C2B CLA JH . 11.71 -14.91 -10.43
C3B CLA JH . 12.19 -13.99 -9.53
C4B CLA JH . 11.00 -13.28 -9.01
CMB CLA JH . 12.41 -15.90 -11.24
CAB CLA JH . 13.53 -13.69 -9.09
CBB CLA JH . 14.68 -13.96 -9.73
NC CLA JH . 8.58 -12.06 -7.67
C1C CLA JH . 9.89 -11.72 -7.45
C2C CLA JH . 9.96 -10.65 -6.47
C3C CLA JH . 8.65 -10.37 -6.10
C4C CLA JH . 7.79 -11.25 -6.86
CMC CLA JH . 11.21 -10.03 -6.01
CAC CLA JH . 8.21 -9.33 -5.13
CBC CLA JH . 7.98 -8.01 -5.81
ND CLA JH . 6.07 -13.09 -8.42
C1D CLA JH . 5.56 -12.13 -7.51
C2D CLA JH . 4.09 -12.23 -7.52
C3D CLA JH . 3.75 -13.13 -8.50
C4D CLA JH . 5.03 -13.61 -9.06
CMD CLA JH . 3.19 -11.48 -6.66
CAD CLA JH . 2.67 -13.82 -9.17
OBD CLA JH . 1.46 -13.79 -8.95
CBD CLA JH . 3.31 -14.66 -10.31
CGD CLA JH . 2.79 -16.06 -10.31
O1D CLA JH . 1.68 -16.45 -10.67
O2D CLA JH . 3.66 -16.99 -9.82
CED CLA JH . 3.29 -18.37 -9.97
C1 CLA JH . 4.72 -11.09 -15.12
C2 CLA JH . 5.52 -9.85 -15.33
C3 CLA JH . 4.99 -8.62 -15.25
C4 CLA JH . 3.56 -8.40 -14.94
C5 CLA JH . 5.82 -7.41 -15.48
C6 CLA JH . 5.74 -6.44 -14.31
C7 CLA JH . 6.76 -5.33 -14.49
C8 CLA JH . 6.75 -4.38 -13.29
C9 CLA JH . 5.41 -3.71 -13.14
C10 CLA JH . 7.84 -3.32 -13.43
C11 CLA JH . 7.75 -2.59 -14.75
C12 CLA JH . 7.67 -1.09 -14.55
C13 CLA JH . 9.02 -0.41 -14.80
C14 CLA JH . 9.79 -0.24 -13.51
C15 CLA JH . 8.81 0.92 -15.53
C16 CLA JH . 9.57 2.08 -14.90
C17 CLA JH . 8.72 3.34 -14.91
C18 CLA JH . 9.51 4.58 -15.31
C19 CLA JH . 10.65 4.84 -14.34
C20 CLA JH . 8.61 5.78 -15.39
MG CLA KH . 6.92 -23.08 16.48
CHA CLA KH . 6.48 -26.45 17.09
CHB CLA KH . 4.91 -22.35 19.12
CHC CLA KH . 7.44 -19.75 15.87
CHD CLA KH . 9.02 -23.90 13.75
NA CLA KH . 5.87 -24.24 17.87
C1A CLA KH . 5.83 -25.63 17.97
C2A CLA KH . 4.96 -26.07 19.14
C3A CLA KH . 4.40 -24.76 19.69
C4A CLA KH . 5.10 -23.68 18.85
CMA CLA KH . 2.90 -24.68 19.55
CAA CLA KH . 5.80 -26.78 20.19
NB CLA KH . 6.31 -21.38 17.34
C1B CLA KH . 5.48 -21.28 18.41
C2B CLA KH . 5.23 -19.86 18.73
C3B CLA KH . 5.94 -19.12 17.82
C4B CLA KH . 6.64 -20.07 16.91
CMB CLA KH . 4.37 -19.43 19.83
CAB CLA KH . 6.06 -17.68 17.68
CBB CLA KH . 6.44 -16.86 18.66
NC CLA KH . 8.02 -22.02 15.05
C1C CLA KH . 8.09 -20.66 14.99
C2C CLA KH . 8.95 -20.26 13.88
C3C CLA KH . 9.42 -21.43 13.28
C4C CLA KH . 8.83 -22.54 14.03
CMC CLA KH . 9.24 -18.87 13.51
CAC CLA KH . 10.31 -21.55 12.12
CBC CLA KH . 11.72 -21.90 12.53
ND CLA KH . 7.59 -24.75 15.56
C1D CLA KH . 8.45 -24.95 14.44
C2D CLA KH . 8.58 -26.40 14.20
C3D CLA KH . 7.81 -27.03 15.16
C4D CLA KH . 7.24 -25.95 16.00
CMD CLA KH . 9.35 -26.98 13.11
CAD CLA KH . 7.33 -28.28 15.69
OBD CLA KH . 7.48 -29.42 15.25
CBD CLA KH . 6.51 -27.96 16.98
CGD CLA KH . 5.10 -28.47 16.92
O1D CLA KH . 4.58 -29.32 17.66
O2D CLA KH . 4.34 -27.91 15.95
CED CLA KH . 2.96 -28.25 15.90
MG CLA LH . 2.99 -17.43 24.07
CHA CLA LH . 2.02 -20.74 23.62
CHB CLA LH . -0.21 -16.62 24.90
CHC CLA LH . 4.00 -14.18 24.56
CHD CLA LH . 6.28 -18.32 23.13
NA CLA LH . 1.21 -18.52 24.23
C1A CLA LH . 1.01 -19.89 24.00
C2A CLA LH . -0.44 -20.29 24.22
C3A CLA LH . -1.14 -18.94 24.52
C4A CLA LH . 0.02 -17.94 24.57
CMA CLA LH . -2.15 -18.58 23.44
CAA CLA LH . -0.56 -21.21 25.42
CBA CLA LH . -0.34 -20.46 26.73
CGA CLA LH . 0.53 -21.25 27.65
O1A CLA LH . 0.79 -22.45 27.64
O2A CLA LH . 1.07 -20.48 28.65
NB CLA LH . 2.06 -15.72 24.57
C1B CLA LH . 0.76 -15.61 24.96
C2B CLA LH . 0.50 -14.25 25.49
C3B CLA LH . 1.69 -13.55 25.41
C4B CLA LH . 2.70 -14.48 24.81
CMB CLA LH . -0.81 -13.85 26.00
CAB CLA LH . 2.03 -12.21 25.78
CBB CLA LH . 1.50 -11.50 26.79
NC CLA LH . 4.81 -16.44 23.88
C1C CLA LH . 5.00 -15.11 24.13
C2C CLA LH . 6.39 -14.74 23.87
C3C CLA LH . 7.04 -15.91 23.48
C4C CLA LH . 6.04 -16.98 23.47
CMC CLA LH . 6.95 -13.40 24.04
CAC CLA LH . 8.47 -16.05 23.11
CBC CLA LH . 9.26 -16.87 24.09
ND CLA LH . 4.00 -19.11 23.57
C1D CLA LH . 5.34 -19.33 23.18
C2D CLA LH . 5.53 -20.76 22.85
C3D CLA LH . 4.28 -21.35 23.01
C4D CLA LH . 3.37 -20.28 23.44
CMD CLA LH . 6.78 -21.38 22.42
CAD CLA LH . 3.51 -22.59 22.95
OBD CLA LH . 3.88 -23.73 22.71
CBD CLA LH . 2.04 -22.22 23.27
CGD CLA LH . 1.13 -22.50 22.10
O1D CLA LH . 0.71 -21.71 21.25
O2D CLA LH . 0.73 -23.81 22.02
CED CLA LH . -0.38 -24.12 21.17
C1 CLA LH . 0.99 -21.01 29.99
C2 CLA LH . 1.04 -19.86 30.92
C3 CLA LH . 2.18 -19.43 31.48
C4 CLA LH . 3.49 -20.08 31.22
MG CLA MH . 2.01 -1.37 27.76
CHA CLA MH . 0.38 -3.93 26.07
CHB CLA MH . -0.44 0.80 26.83
CHC CLA MH . 3.63 1.10 29.51
CHD CLA MH . 4.52 -3.68 28.68
NA CLA MH . 0.26 -1.57 26.63
C1A CLA MH . -0.25 -2.72 26.01
C2A CLA MH . -1.56 -2.41 25.28
C3A CLA MH . -1.74 -0.89 25.48
C4A CLA MH . -0.57 -0.50 26.38
CMA CLA MH . -1.72 -0.14 24.16
CAA CLA MH . -2.71 -3.20 25.90
CBA CLA MH . -3.31 -2.46 27.09
CGA CLA MH . -3.63 -3.40 28.20
O1A CLA MH . -2.94 -3.72 29.17
O2A CLA MH . -4.88 -3.96 28.08
NB CLA MH . 1.69 0.59 28.06
C1B CLA MH . 0.59 1.28 27.67
C2B CLA MH . 0.61 2.65 28.25
C3B CLA MH . 1.76 2.73 29.01
C4B CLA MH . 2.46 1.42 28.90
CMB CLA MH . -0.46 3.62 28.01
CAB CLA MH . 2.30 3.81 29.82
CBB CLA MH . 1.97 5.10 29.75
NC CLA MH . 3.77 -1.32 28.87
C1C CLA MH . 4.25 -0.19 29.50
C2C CLA MH . 5.50 -0.51 30.18
C3C CLA MH . 5.75 -1.86 29.96
C4C CLA MH . 4.66 -2.37 29.14
CMC CLA MH . 6.30 0.45 30.96
CAC CLA MH . 6.90 -2.66 30.45
CBC CLA MH . 6.49 -3.79 31.35
ND CLA MH . 2.39 -3.35 27.52
C1D CLA MH . 3.47 -4.16 27.94
C2D CLA MH . 3.27 -5.55 27.44
C3D CLA MH . 2.09 -5.52 26.72
C4D CLA MH . 1.60 -4.12 26.79
CMD CLA MH . 4.15 -6.68 27.69
CAD CLA MH . 1.14 -6.28 25.92
OBD CLA MH . 1.14 -7.47 25.64
CBD CLA MH . 0.03 -5.27 25.46
CGD CLA MH . -0.02 -5.16 23.97
O1D CLA MH . -0.18 -4.14 23.29
O2D CLA MH . 0.10 -6.35 23.30
CED CLA MH . 0.37 -6.27 21.91
C1 CLA MH . -5.35 -4.78 29.16
C2 CLA MH . -4.78 -6.14 28.98
C3 CLA MH . -5.24 -7.01 28.08
C4 CLA MH . -6.40 -6.70 27.19
C5 CLA MH . -4.63 -8.36 27.93
C6 CLA MH . -3.54 -8.65 28.95
C7 CLA MH . -2.17 -8.26 28.42
C8 CLA MH . -1.21 -7.99 29.57
C9 CLA MH . -0.08 -7.09 29.12
C10 CLA MH . -0.65 -9.29 30.13
C11 CLA MH . 0.27 -9.04 31.31
C12 CLA MH . 0.47 -10.28 32.14
C13 CLA MH . 1.28 -11.32 31.41
C14 CLA MH . 1.18 -12.67 32.09
C15 CLA MH . 2.74 -10.91 31.30
C16 CLA MH . 3.25 -11.03 29.88
C17 CLA MH . 4.45 -11.95 29.80
C18 CLA MH . 5.53 -11.40 28.87
C19 CLA MH . 6.23 -10.22 29.49
C20 CLA MH . 4.95 -11.03 27.53
MG CLA NH . 3.53 9.89 28.42
CHA CLA NH . 4.11 12.05 31.08
CHB CLA NH . 5.13 7.41 30.10
CHC CLA NH . 2.77 7.76 25.84
CHD CLA NH . 1.85 12.52 26.74
NA CLA NH . 4.47 9.77 30.28
C1A CLA NH . 4.58 10.77 31.25
C2A CLA NH . 5.34 10.27 32.48
C3A CLA NH . 5.70 8.82 32.11
C4A CLA NH . 5.06 8.63 30.74
CMA CLA NH . 7.20 8.66 32.04
CAA CLA NH . 4.47 10.33 33.73
CBA CLA NH . 3.48 9.19 33.81
CGA CLA NH . 2.49 9.44 34.92
O1A CLA NH . 1.57 10.25 34.95
O2A CLA NH . 2.68 8.64 36.01
NB CLA NH . 3.82 7.94 28.08
C1B CLA NH . 4.59 7.10 28.84
C2B CLA NH . 4.80 5.81 28.13
C3B CLA NH . 4.13 5.90 26.92
C4B CLA NH . 3.51 7.26 26.88
CMB CLA NH . 5.59 4.71 28.69
CAB CLA NH . 4.03 4.94 25.86
CBB CLA NH . 2.89 4.40 25.44
NC CLA NH . 2.52 10.11 26.62
C1C CLA NH . 2.31 9.10 25.72
C2C CLA NH . 1.52 9.59 24.59
C3C CLA NH . 1.27 10.94 24.84
C4C CLA NH . 1.89 11.26 26.11
CMC CLA NH . 1.11 8.79 23.44
CAC CLA NH . 0.51 11.88 24.00
CBC CLA NH . -0.91 12.06 24.49
ND CLA NH . 3.16 11.86 28.71
C1D CLA NH . 2.43 12.82 27.95
C2D CLA NH . 2.44 14.11 28.67
C3D CLA NH . 3.07 13.88 29.87
C4D CLA NH . 3.47 12.46 29.86
CMD CLA NH . 1.85 15.36 28.17
CAD CLA NH . 3.54 14.44 31.12
OBD CLA NH . 3.51 15.61 31.52
CBD CLA NH . 4.13 13.27 31.96
CGD CLA NH . 5.52 13.53 32.48
O1D CLA NH . 5.82 14.03 33.57
O2D CLA NH . 6.52 13.16 31.65
CED CLA NH . 7.80 12.93 32.22
C1 CLA NH . 1.87 8.89 37.17
C2 CLA NH . 0.60 8.13 37.01
C3 CLA NH . 0.52 6.80 37.20
C4 CLA NH . 1.70 5.99 37.57
C5 CLA NH . -0.78 6.10 37.02
C6 CLA NH . -0.90 4.79 37.78
C7 CLA NH . -1.32 5.01 39.22
C8 CLA NH . -2.25 3.91 39.72
C9 CLA NH . -3.57 4.51 40.15
C10 CLA NH . -1.61 3.13 40.86
C11 CLA NH . -2.64 2.30 41.61
C12 CLA NH . -2.13 0.90 41.93
C13 CLA NH . -1.22 0.90 43.15
MG CLA OH . 30.60 -9.00 17.71
CHA CLA OH . 33.88 -9.04 16.60
CHB CLA OH . 29.56 -8.06 14.61
CHC CLA OH . 27.36 -9.25 18.79
CHD CLA OH . 31.75 -9.91 20.94
NA CLA OH . 31.58 -8.59 15.92
C1A CLA OH . 32.96 -8.67 15.65
C2A CLA OH . 33.26 -8.29 14.22
C3A CLA OH . 31.90 -7.73 13.71
C4A CLA OH . 30.93 -8.17 14.80
CMA CLA OH . 31.95 -6.24 13.59
CAA CLA OH . 33.71 -9.51 13.43
CBA CLA OH . 32.58 -10.08 12.60
CGA CLA OH . 32.37 -11.53 12.90
O1A CLA OH . 31.29 -12.13 13.00
O2A CLA OH . 33.54 -12.22 13.06
NB CLA OH . 28.79 -8.67 16.88
C1B CLA OH . 28.58 -8.40 15.55
C2B CLA OH . 27.11 -8.48 15.25
C3B CLA OH . 26.49 -8.82 16.43
C4B CLA OH . 27.55 -8.94 17.48
CMB CLA OH . 26.57 -8.24 13.92
CAB CLA OH . 25.09 -9.03 16.72
CBB CLA OH . 24.09 -8.22 16.36
NC CLA OH . 29.72 -9.46 19.55
C1C CLA OH . 28.37 -9.48 19.77
C2C CLA OH . 28.10 -9.83 21.16
C3C CLA OH . 29.34 -10.03 21.76
C4C CLA OH . 30.35 -9.79 20.75
CMC CLA OH . 26.76 -9.95 21.74
CAC CLA OH . 29.58 -10.40 23.17
CBC CLA OH . 29.73 -11.90 23.33
ND CLA OH . 32.36 -9.36 18.62
C1D CLA OH . 32.70 -9.71 19.97
C2D CLA OH . 34.18 -9.86 20.06
C3D CLA OH . 34.67 -9.65 18.79
C4D CLA OH . 33.50 -9.33 17.95
CMD CLA OH . 34.91 -10.20 21.28
CAD CLA OH . 35.86 -9.56 17.96
OBD CLA OH . 37.03 -9.76 18.26
CBD CLA OH . 35.39 -9.17 16.52
CGD CLA OH . 36.04 -7.92 16.04
O1D CLA OH . 35.52 -6.82 15.82
O2D CLA OH . 37.38 -8.05 15.83
CED CLA OH . 38.04 -7.08 15.02
C1 CLA OH . 33.75 -13.34 12.19
C2 CLA OH . 33.09 -14.51 12.82
C3 CLA OH . 33.64 -15.74 12.86
C4 CLA OH . 34.97 -16.04 12.28
C5 CLA OH . 32.92 -16.86 13.52
C6 CLA OH . 32.95 -16.75 15.03
C7 CLA OH . 31.70 -17.35 15.65
C8 CLA OH . 31.87 -17.63 17.13
C9 CLA OH . 30.56 -18.02 17.78
C10 CLA OH . 32.46 -16.42 17.85
C11 CLA OH . 33.16 -16.84 19.13
C12 CLA OH . 34.21 -17.90 18.86
C13 CLA OH . 35.10 -18.17 20.07
C14 CLA OH . 34.73 -17.31 21.26
C15 CLA OH . 36.57 -17.96 19.73
C16 CLA OH . 37.45 -18.27 20.93
C17 CLA OH . 38.33 -19.47 20.67
C18 CLA OH . 39.54 -19.09 19.83
C19 CLA OH . 40.83 -19.46 20.51
C20 CLA OH . 39.44 -19.76 18.48
MG CLA PH . 36.47 -14.17 19.76
CHA CLA PH . 39.43 -15.22 18.29
CHB CLA PH . 35.20 -13.47 16.67
CHC CLA PH . 33.49 -13.33 21.24
CHD CLA PH . 37.88 -14.80 22.94
NA CLA PH . 37.22 -14.32 17.81
C1A CLA PH . 38.47 -14.79 17.40
C2A CLA PH . 38.62 -14.73 15.88
C3A CLA PH . 37.32 -14.00 15.43
C4A CLA PH . 36.49 -13.93 16.71
CMA CLA PH . 37.62 -12.63 14.86
CAA CLA PH . 38.66 -16.13 15.31
CBA CLA PH . 37.69 -17.05 16.03
CGA CLA PH . 37.26 -18.17 15.14
O1A CLA PH . 37.36 -18.27 13.92
O2A CLA PH . 36.67 -19.20 15.83
NB CLA PH . 34.70 -13.47 19.09
C1B CLA PH . 34.35 -13.35 17.78
C2B CLA PH . 32.89 -13.06 17.68
C3B CLA PH . 32.40 -13.02 18.96
C4B CLA PH . 33.54 -13.28 19.88
CMB CLA PH . 32.22 -12.88 16.40
CAB CLA PH . 31.05 -12.78 19.41
CBB CLA PH . 30.33 -13.62 20.15
NC CLA PH . 35.83 -14.06 21.74
C1C CLA PH . 34.57 -13.68 22.11
C2C CLA PH . 34.46 -13.70 23.56
C3C CLA PH . 35.70 -14.13 24.06
C4C CLA PH . 36.55 -14.35 22.89
CMC CLA PH . 33.25 -13.35 24.32
CAC CLA PH . 36.08 -14.30 25.47
CBC CLA PH . 35.44 -15.50 26.12
ND CLA PH . 38.21 -14.87 20.51
C1D CLA PH . 38.67 -15.06 21.84
C2D CLA PH . 40.07 -15.56 21.79
C3D CLA PH . 40.40 -15.67 20.45
C4D CLA PH . 39.21 -15.20 19.70
CMD CLA PH . 40.89 -15.89 22.96
CAD CLA PH . 41.42 -16.03 19.49
OBD CLA PH . 42.54 -16.51 19.67
CBD CLA PH . 40.85 -15.70 18.07
CGD CLA PH . 41.70 -14.67 17.38
O1D CLA PH . 42.80 -14.84 16.85
O2D CLA PH . 41.15 -13.42 17.35
CED CLA PH . 41.26 -12.60 18.51
C1 CLA PH . 36.01 -20.20 15.04
C2 CLA PH . 34.76 -20.55 15.74
C3 CLA PH . 33.64 -20.91 15.10
C4 CLA PH . 33.58 -20.99 13.62
C5 CLA PH . 32.39 -21.25 15.85
C6 CLA PH . 31.61 -22.38 15.21
C7 CLA PH . 30.37 -22.69 16.02
C8 CLA PH . 29.35 -23.49 15.22
MG CLA QH . 21.45 -1.32 12.66
CHA CLA QH . 23.46 -2.22 15.33
CHB CLA QH . 19.73 -4.24 13.00
CHC CLA QH . 19.46 -0.39 10.03
CHD CLA QH . 23.31 1.66 12.31
NA CLA QH . 21.59 -2.95 13.97
C1A CLA QH . 22.49 -3.13 15.03
C2A CLA QH . 22.26 -4.48 15.73
C3A CLA QH . 21.06 -5.08 14.95
C4A CLA QH . 20.75 -4.02 13.89
CMA CLA QH . 21.42 -6.40 14.31
CAA CLA QH . 21.92 -4.36 17.21
CBA CLA QH . 21.88 -5.74 17.81
CGA CLA QH . 21.86 -5.71 19.30
O1A CLA QH . 21.62 -4.76 20.06
O2A CLA QH . 22.13 -6.93 19.84
NB CLA QH . 19.86 -2.13 11.73
C1B CLA QH . 19.34 -3.37 11.96
C2B CLA QH . 18.31 -3.70 10.95
C3B CLA QH . 18.22 -2.61 10.10
C4B CLA QH . 19.21 -1.61 10.60
CMB CLA QH . 17.60 -4.97 10.95
CAB CLA QH . 17.42 -2.36 8.94
CBB CLA QH . 16.48 -3.15 8.40
NC CLA QH . 21.39 0.35 11.41
C1C CLA QH . 20.48 0.53 10.41
C2C CLA QH . 20.71 1.81 9.75
C3C CLA QH . 21.83 2.39 10.37
C4C CLA QH . 22.24 1.47 11.42
CMC CLA QH . 19.93 2.32 8.63
CAC CLA QH . 22.44 3.68 10.01
CBC CLA QH . 22.53 4.72 11.12
ND CLA QH . 23.03 -0.45 13.55
C1D CLA QH . 23.69 0.80 13.32
C2D CLA QH . 24.80 0.93 14.29
C3D CLA QH . 24.76 -0.19 15.07
C4D CLA QH . 23.64 -1.01 14.58
CMD CLA QH . 25.71 2.08 14.33
CAD CLA QH . 25.38 -0.92 16.17
OBD CLA QH . 26.36 -0.62 16.83
CBD CLA QH . 24.55 -2.22 16.38
CGD CLA QH . 25.41 -3.46 16.28
O1D CLA QH . 25.37 -4.46 17.00
O2D CLA QH . 26.29 -3.42 15.26
CED CLA QH . 26.56 -4.63 14.56
C1 CLA QH . 21.39 -7.34 21.00
C2 CLA QH . 22.28 -7.17 22.17
C3 CLA QH . 22.57 -8.19 23.01
C4 CLA QH . 23.46 -7.99 24.17
C5 CLA QH . 22.02 -9.54 22.80
C6 CLA QH . 23.07 -10.62 22.91
C7 CLA QH . 22.47 -11.90 23.45
C8 CLA QH . 22.19 -12.89 22.32
C9 CLA QH . 21.41 -14.09 22.84
C10 CLA QH . 23.48 -13.36 21.67
C11 CLA QH . 23.24 -14.00 20.32
C12 CLA QH . 22.58 -13.05 19.35
C13 CLA QH . 23.44 -11.82 19.10
MG CLA RH . 14.59 -3.91 22.26
CHA CLA RH . 17.76 -3.08 21.13
CHB CLA RH . 13.91 -5.37 19.25
CHC CLA RH . 11.49 -4.80 23.46
CHD CLA RH . 15.32 -2.31 25.32
NA CLA RH . 15.67 -4.16 20.49
C1A CLA RH . 16.98 -3.73 20.22
C2A CLA RH . 17.39 -4.13 18.80
C3A CLA RH . 16.09 -4.69 18.19
C4A CLA RH . 15.14 -4.76 19.38
CMA CLA RH . 15.56 -3.78 17.12
CAA CLA RH . 18.49 -5.17 18.86
CBA CLA RH . 18.07 -6.49 19.46
CGA CLA RH . 18.04 -6.46 20.97
O1A CLA RH . 18.74 -5.83 21.75
O2A CLA RH . 17.03 -7.24 21.48
NB CLA RH . 13.00 -4.90 21.51
C1B CLA RH . 12.94 -5.47 20.28
C2B CLA RH . 11.66 -6.23 20.13
C3B CLA RH . 10.97 -6.06 21.31
C4B CLA RH . 11.81 -5.22 22.20
CMB CLA RH . 11.29 -6.94 18.90
CAB CLA RH . 9.69 -6.57 21.72
CBB CLA RH . 9.20 -7.78 21.47
NC CLA RH . 13.58 -3.59 24.06
C1C CLA RH . 12.32 -4.03 24.34
C2C CLA RH . 11.92 -3.62 25.67
C3C CLA RH . 13.00 -2.91 26.21
C4C CLA RH . 14.04 -2.90 25.19
CMC CLA RH . 10.63 -3.90 26.29
CAC CLA RH . 13.05 -2.28 27.55
CBC CLA RH . 14.17 -2.77 28.43
ND CLA RH . 16.12 -2.88 23.08
C1D CLA RH . 16.31 -2.31 24.37
C2D CLA RH . 17.67 -1.74 24.45
C3D CLA RH . 18.28 -2.01 23.24
C4D CLA RH . 17.27 -2.73 22.42
CMD CLA RH . 18.22 -1.05 25.62
CAD CLA RH . 19.48 -1.88 22.43
OBD CLA RH . 20.55 -1.36 22.69
CBD CLA RH . 19.18 -2.57 21.06
CGD CLA RH . 19.44 -1.69 19.86
O1D CLA RH . 19.82 -2.06 18.74
O2D CLA RH . 19.22 -0.37 20.06
CED CLA RH . 19.56 0.51 19.00
C1 CLA RH . 16.60 -6.93 22.82
C2 CLA RH . 15.56 -7.93 23.15
C3 CLA RH . 14.86 -7.91 24.29
C4 CLA RH . 15.05 -6.85 25.31
C5 CLA RH . 13.83 -8.94 24.56
C6 CLA RH . 12.42 -8.35 24.63
C7 CLA RH . 11.38 -9.43 24.52
C8 CLA RH . 10.39 -9.38 25.68
C9 CLA RH . 9.18 -10.24 25.38
C10 CLA RH . 9.95 -7.95 25.96
C11 CLA RH . 9.05 -7.88 27.17
C12 CLA RH . 9.75 -7.26 28.36
C13 CLA RH . 8.85 -7.20 29.57
C14 CLA RH . 7.47 -6.68 29.21
C15 CLA RH . 9.44 -6.35 30.69
C16 CLA RH . 9.66 -7.17 31.94
C17 CLA RH . 9.79 -6.28 33.16
C18 CLA RH . 10.59 -6.94 34.27
C19 CLA RH . 10.19 -8.39 34.45
C20 CLA RH . 10.42 -6.19 35.57
MG CLA SH . 11.17 -11.76 16.17
CHA CLA SH . 13.93 -9.79 15.41
CHB CLA SH . 10.84 -12.57 12.88
CHC CLA SH . 8.45 -13.68 16.97
CHD CLA SH . 11.51 -10.82 19.56
NA CLA SH . 12.24 -11.26 14.44
C1A CLA SH . 13.35 -10.42 14.34
C2A CLA SH . 13.81 -10.31 12.88
C3A CLA SH . 12.74 -11.10 12.10
C4A CLA SH . 11.87 -11.70 13.20
CMA CLA SH . 11.94 -10.21 11.18
CAA CLA SH . 15.19 -10.91 12.68
CBA CLA SH . 15.42 -12.13 13.55
CGA CLA SH . 16.60 -12.91 13.06
O1A CLA SH . 16.63 -13.79 12.20
O2A CLA SH . 17.77 -12.56 13.68
NB CLA SH . 9.82 -12.82 15.11
C1B CLA SH . 9.98 -13.17 13.80
C2B CLA SH . 9.07 -14.31 13.47
C3B CLA SH . 8.39 -14.62 14.62
C4B CLA SH . 8.86 -13.69 15.68
CMB CLA SH . 9.01 -14.91 12.14
CAB CLA SH . 7.41 -15.65 14.84
CBB CLA SH . 6.17 -15.44 15.27
NC CLA SH . 10.17 -12.18 17.96
C1C CLA SH . 9.06 -12.97 18.05
C2C CLA SH . 8.59 -13.01 19.43
C3C CLA SH . 9.46 -12.22 20.17
C4C CLA SH . 10.45 -11.68 19.23
CMC CLA SH . 7.44 -13.76 19.92
CAC CLA SH . 9.41 -11.94 21.61
CBC CLA SH . 10.48 -12.66 22.40
ND CLA SH . 12.48 -10.72 17.31
C1D CLA SH . 12.46 -10.37 18.68
C2D CLA SH . 13.61 -9.46 18.96
C3D CLA SH . 14.21 -9.22 17.74
C4D CLA SH . 13.43 -10.00 16.74
CMD CLA SH . 13.96 -8.95 20.27
CAD CLA SH . 15.28 -8.56 17.03
OBD CLA SH . 16.21 -7.89 17.46
CBD CLA SH . 15.07 -8.82 15.52
CGD CLA SH . 14.73 -7.55 14.79
O1D CLA SH . 13.63 -7.20 14.33
O2D CLA SH . 15.78 -6.69 14.63
CED CLA SH . 15.55 -5.48 13.91
C1 CLA SH . 18.88 -13.46 13.50
C2 CLA SH . 18.72 -14.54 14.49
C3 CLA SH . 19.61 -14.75 15.48
C4 CLA SH . 20.81 -13.89 15.65
C5 CLA SH . 19.42 -15.84 16.47
C6 CLA SH . 18.10 -16.56 16.31
C7 CLA SH . 17.84 -17.47 17.49
C8 CLA SH . 16.39 -17.94 17.54
C9 CLA SH . 16.00 -18.34 18.95
C10 CLA SH . 16.17 -19.10 16.58
C11 CLA SH . 14.75 -19.64 16.67
C12 CLA SH . 14.54 -20.77 15.67
C13 CLA SH . 15.58 -21.86 15.86
C14 CLA SH . 16.05 -22.37 14.52
C15 CLA SH . 15.04 -23.00 16.71
C16 CLA SH . 15.94 -23.31 17.88
C17 CLA SH . 15.23 -24.18 18.90
C18 CLA SH . 16.19 -24.76 19.93
C19 CLA SH . 15.48 -25.72 20.85
C20 CLA SH . 17.35 -25.44 19.26
MG CLA TH . -8.67 0.74 -27.23
CHA CLA TH . -7.88 0.43 -30.59
CHB CLA TH . -5.95 -1.13 -26.43
CHC CLA TH . -9.46 1.13 -23.90
CHD CLA TH . -11.50 2.67 -28.13
NA CLA TH . -7.16 -0.18 -28.35
C1A CLA TH . -7.00 -0.19 -29.74
C2A CLA TH . -5.76 -0.96 -30.14
C3A CLA TH . -5.18 -1.46 -28.80
C4A CLA TH . -6.15 -0.89 -27.76
CMA CLA TH . -5.11 -2.97 -28.75
CAA CLA TH . -4.76 -0.02 -30.78
CBA CLA TH . -4.33 1.08 -29.84
CGA CLA TH . -4.75 2.43 -30.35
O1A CLA TH . -5.43 2.68 -31.35
O2A CLA TH . -4.32 3.46 -29.57
NB CLA TH . -7.85 0.14 -25.50
C1B CLA TH . -6.76 -0.67 -25.38
C2B CLA TH . -6.56 -1.03 -23.95
C3B CLA TH . -7.54 -0.40 -23.23
C4B CLA TH . -8.37 0.36 -24.20
CMB CLA TH . -5.47 -1.90 -23.50
CAB CLA TH . -7.80 -0.40 -21.81
CBB CLA TH . -8.83 -1.02 -21.23
NC CLA TH . -10.20 1.74 -26.21
C1C CLA TH . -10.32 1.78 -24.85
C2C CLA TH . -11.48 2.59 -24.48
C3C CLA TH . -12.07 3.00 -25.67
C4C CLA TH . -11.26 2.47 -26.76
CMC CLA TH . -11.90 2.87 -23.10
CAC CLA TH . -13.27 3.86 -25.82
CBC CLA TH . -14.50 3.08 -26.21
ND CLA TH . -9.55 1.41 -28.92
C1D CLA TH . -10.73 2.18 -29.15
C2D CLA TH . -10.90 2.36 -30.61
C3D CLA TH . -9.84 1.71 -31.21
C4D CLA TH . -9.03 1.14 -30.12
CMD CLA TH . -12.00 3.09 -31.23
CAD CLA TH . -9.19 1.37 -32.46
OBD CLA TH . -9.50 1.64 -33.61
CBD CLA TH . -7.93 0.52 -32.10
CGD CLA TH . -8.01 -0.86 -32.70
O1D CLA TH . -8.29 -1.91 -32.11
O2D CLA TH . -7.75 -0.91 -34.03
CED CLA TH . -8.04 -2.13 -34.71
C1 CLA TH . -3.66 4.55 -30.25
C2 CLA TH . -3.09 5.42 -29.20
C3 CLA TH . -3.81 6.30 -28.50
C4 CLA TH . -5.27 6.47 -28.72
C5 CLA TH . -3.19 7.15 -27.45
C6 CLA TH . -3.77 8.55 -27.41
C7 CLA TH . -3.12 9.46 -28.43
C8 CLA TH . -3.26 10.94 -28.10
C9 CLA TH . -3.79 11.17 -26.71
C10 CLA TH . -4.14 11.64 -29.13
C11 CLA TH . -3.51 11.63 -30.50
C12 CLA TH . -4.04 12.74 -31.38
C13 CLA TH . -3.50 12.66 -32.81
C14 CLA TH . -2.06 12.18 -32.83
C15 CLA TH . -3.61 14.00 -33.51
C16 CLA TH . -4.22 13.84 -34.88
C17 CLA TH . -5.73 13.92 -34.83
C18 CLA TH . -6.28 14.77 -35.95
C19 CLA TH . -5.54 16.08 -36.07
C20 CLA TH . -6.23 14.01 -37.27
MG CLA UH . 0.09 5.39 -15.88
CHA CLA UH . 1.45 2.20 -16.15
CHB CLA UH . 3.17 6.66 -15.22
CHC CLA UH . -1.35 8.49 -15.56
CHD CLA UH . -3.09 4.03 -16.63
NA CLA UH . 1.99 4.55 -15.71
C1A CLA UH . 2.35 3.20 -15.87
C2A CLA UH . 3.87 3.02 -15.66
C3A CLA UH . 4.38 4.45 -15.39
C4A CLA UH . 3.10 5.30 -15.44
CMA CLA UH . 5.10 4.58 -14.08
CAA CLA UH . 4.56 2.37 -16.84
CBA CLA UH . 4.98 3.37 -17.90
CGA CLA UH . 6.00 2.72 -18.79
O1A CLA UH . 7.05 2.16 -18.46
O2A CLA UH . 5.68 2.78 -20.11
NB CLA UH . 0.78 7.23 -15.45
C1B CLA UH . 2.08 7.56 -15.25
C2B CLA UH . 2.19 9.03 -15.03
C3B CLA UH . 0.92 9.56 -15.12
C4B CLA UH . 0.00 8.42 -15.40
CMB CLA UH . 3.44 9.72 -14.77
CAB CLA UH . 0.48 10.93 -15.00
CBB CLA UH . -0.57 11.37 -14.31
NC CLA UH . -1.86 6.11 -16.06
C1C CLA UH . -2.21 7.42 -15.88
C2C CLA UH . -3.65 7.60 -16.07
C3C CLA UH . -4.16 6.33 -16.39
C4C CLA UH . -3.02 5.41 -16.39
CMC CLA UH . -4.34 8.88 -15.95
CAC CLA UH . -5.54 5.97 -16.69
CBC CLA UH . -6.47 6.17 -15.52
ND CLA UH . -0.71 3.57 -16.29
C1D CLA UH . -2.03 3.16 -16.58
C2D CLA UH . -2.04 1.69 -16.80
C3D CLA UH . -0.73 1.27 -16.63
C4D CLA UH . 0.06 2.49 -16.32
CMD CLA UH . -3.23 0.89 -17.11
CAD CLA UH . 0.18 0.14 -16.63
OBD CLA UH . -0.06 -1.05 -16.79
CBD CLA UH . 1.60 0.71 -16.35
CGD CLA UH . 2.31 0.03 -15.20
O1D CLA UH . 3.51 -0.02 -14.98
O2D CLA UH . 1.46 -0.60 -14.34
CED CLA UH . 1.69 -1.99 -14.10
C1 CLA UH . 6.47 3.68 -20.90
C2 CLA UH . 5.65 4.08 -22.07
C3 CLA UH . 5.89 5.18 -22.78
C4 CLA UH . 7.03 6.08 -22.49
C5 CLA UH . 5.03 5.53 -23.95
C6 CLA UH . 4.48 4.32 -24.64
C7 CLA UH . 3.88 4.67 -25.98
C8 CLA UH . 2.36 4.75 -25.94
C9 CLA UH . 1.77 3.59 -25.17
C10 CLA UH . 1.78 4.80 -27.34
C11 CLA UH . 1.95 6.18 -27.96
C12 CLA UH . 1.33 7.25 -27.09
C13 CLA UH . 1.34 8.60 -27.78
C14 CLA UH . 0.64 9.64 -26.94
C15 CLA UH . 0.70 8.53 -29.17
C16 CLA UH . 0.87 9.83 -29.92
C17 CLA UH . 2.10 9.84 -30.79
C18 CLA UH . 2.55 11.24 -31.17
C19 CLA UH . 3.46 11.22 -32.38
C20 CLA UH . 1.35 12.13 -31.45
MG CLA VH . 19.85 -33.48 19.69
CHA CLA VH . 18.42 -31.77 17.05
CHB CLA VH . 19.91 -30.60 21.51
CHC CLA VH . 21.23 -35.24 22.29
CHD CLA VH . 19.83 -36.43 17.73
NA CLA VH . 19.23 -31.52 19.32
C1A CLA VH . 18.63 -31.00 18.17
C2A CLA VH . 18.33 -29.52 18.31
C3A CLA VH . 18.82 -29.18 19.74
C4A CLA VH . 19.36 -30.52 20.25
CMA CLA VH . 19.88 -28.12 19.73
CAA CLA VH . 16.84 -29.25 18.20
CBA CLA VH . 16.08 -29.92 19.32
CGA CLA VH . 14.61 -29.90 19.03
O1A CLA VH . 13.83 -30.85 18.90
O2A CLA VH . 14.11 -28.64 18.89
NB CLA VH . 20.34 -33.04 21.59
C1B CLA VH . 20.46 -31.77 22.07
C2B CLA VH . 21.28 -31.77 23.31
C3B CLA VH . 21.65 -33.07 23.53
C4B CLA VH . 21.07 -33.89 22.45
CMB CLA VH . 21.59 -30.55 24.07
CAB CLA VH . 22.47 -33.62 24.57
CBB CLA VH . 23.75 -33.28 24.75
NC CLA VH . 20.40 -35.48 19.96
C1C CLA VH . 20.92 -35.99 21.12
C2C CLA VH . 21.15 -37.42 20.98
C3C CLA VH . 20.79 -37.75 19.67
C4C CLA VH . 20.31 -36.52 19.04
CMC CLA VH . 21.69 -38.29 22.03
CAC CLA VH . 20.85 -39.08 19.03
CBC CLA VH . 22.10 -39.25 18.21
ND CLA VH . 19.35 -34.02 17.80
C1D CLA VH . 19.37 -35.28 17.13
C2D CLA VH . 18.85 -35.08 15.76
C3D CLA VH . 18.49 -33.75 15.66
C4D CLA VH . 18.79 -33.15 16.97
CMD CLA VH . 18.77 -36.15 14.75
CAD CLA VH . 17.95 -32.70 14.81
OBD CLA VH . 17.62 -32.75 13.64
CBD CLA VH . 17.83 -31.42 15.70
CGD CLA VH . 18.58 -30.23 15.16
O1D CLA VH . 18.14 -29.11 14.93
O2D CLA VH . 19.90 -30.48 14.92
CED CLA VH . 20.80 -29.36 15.02
C1 CLA VH . 12.71 -28.47 19.18
C2 CLA VH . 12.28 -27.24 18.46
C3 CLA VH . 11.05 -26.74 18.56
C4 CLA VH . 10.01 -27.37 19.41
C5 CLA VH . 10.66 -25.52 17.82
C6 CLA VH . 10.63 -24.28 18.69
C7 CLA VH . 10.70 -23.03 17.83
C8 CLA VH . 10.57 -21.75 18.64
C9 CLA VH . 9.22 -21.68 19.33
C10 CLA VH . 10.77 -20.55 17.73
C11 CLA VH . 10.52 -19.24 18.44
C12 CLA VH . 10.46 -18.09 17.46
C13 CLA VH . 11.34 -16.94 17.92
C14 CLA VH . 10.65 -16.12 18.98
C15 CLA VH . 11.75 -16.06 16.74
C16 CLA VH . 12.49 -14.82 17.21
C17 CLA VH . 13.94 -14.82 16.78
C18 CLA VH . 14.87 -14.14 17.79
C19 CLA VH . 14.12 -13.56 18.98
C20 CLA VH . 15.69 -13.07 17.13
C1 PQN WH . -9.32 2.60 -12.16
O1 PQN WH . -8.94 3.31 -11.20
C2 PQN WH . -9.34 3.13 -13.53
C2M PQN WH . -8.92 4.55 -13.77
C3 PQN WH . -9.78 2.29 -14.68
C4 PQN WH . -10.20 0.90 -14.43
O4 PQN WH . -10.57 0.19 -15.38
C5 PQN WH . -10.18 0.34 -13.05
C6 PQN WH . -10.57 -0.95 -12.80
C7 PQN WH . -10.54 -1.44 -11.51
C8 PQN WH . -10.15 -0.64 -10.44
C9 PQN WH . -9.73 0.67 -10.64
C10 PQN WH . -9.74 1.19 -11.92
C11 PQN WH . -9.81 2.86 -16.07
C12 PQN WH . -8.46 2.80 -16.75
C13 PQN WH . -8.32 2.10 -17.89
C14 PQN WH . -9.49 1.37 -18.48
C15 PQN WH . -6.99 2.06 -18.59
C16 PQN WH . -7.12 2.96 -19.81
C17 PQN WH . -6.07 2.63 -20.86
C18 PQN WH . -4.69 3.03 -20.38
C19 PQN WH . -4.58 4.55 -20.24
C20 PQN WH . -3.66 2.50 -21.36
C21 PQN WH . -3.96 2.98 -22.77
C22 PQN WH . -2.93 2.41 -23.73
C23 PQN WH . -3.21 2.78 -25.18
C24 PQN WH . -4.68 2.53 -25.55
C25 PQN WH . -2.29 1.97 -26.09
C26 PQN WH . -2.67 0.49 -26.09
C27 PQN WH . -1.65 -0.37 -25.35
C28 PQN WH . -2.12 -1.81 -25.26
C29 PQN WH . -2.10 -2.46 -26.64
C30 PQN WH . -1.28 -2.61 -24.26
C1 BCR XH . 36.87 -39.04 3.22
C2 BCR XH . 36.31 -39.78 4.44
C3 BCR XH . 36.09 -38.91 5.68
C4 BCR XH . 35.47 -37.59 5.29
C5 BCR XH . 36.52 -36.91 4.45
C6 BCR XH . 37.01 -37.54 3.39
C7 BCR XH . 37.70 -36.81 2.31
C8 BCR XH . 37.11 -35.87 1.58
C9 BCR XH . 37.92 -35.21 0.54
C10 BCR XH . 37.82 -33.89 0.35
C11 BCR XH . 38.64 -33.25 -0.67
C33 BCR XH . 37.02 -35.56 4.88
C31 BCR XH . 35.98 -39.29 2.01
C32 BCR XH . 38.26 -39.59 2.91
C34 BCR XH . 38.86 -36.02 -0.30
C12 BCR XH . 38.83 -31.94 -0.61
C13 BCR XH . 39.67 -31.27 -1.62
C14 BCR XH . 39.92 -29.97 -1.50
C15 BCR XH . 40.76 -29.30 -2.48
C16 BCR XH . 41.16 -28.06 -2.26
C17 BCR XH . 42.01 -27.42 -3.24
C18 BCR XH . 42.39 -26.14 -3.10
C19 BCR XH . 43.25 -25.57 -4.14
C20 BCR XH . 43.75 -24.34 -4.05
C21 BCR XH . 44.59 -23.91 -5.15
C22 BCR XH . 45.33 -22.80 -5.11
C23 BCR XH . 46.16 -22.50 -6.29
C24 BCR XH . 46.65 -21.28 -6.51
C25 BCR XH . 47.47 -21.03 -7.72
C26 BCR XH . 46.92 -21.03 -8.93
C27 BCR XH . 47.78 -21.13 -10.17
C28 BCR XH . 48.93 -20.16 -9.98
C29 BCR XH . 49.76 -20.60 -8.78
C30 BCR XH . 48.95 -20.77 -7.50
C35 BCR XH . 40.27 -32.07 -2.74
C36 BCR XH . 41.96 -25.34 -1.92
C37 BCR XH . 45.34 -21.91 -3.91
C38 BCR XH . 45.43 -20.93 -9.12
C39 BCR XH . 49.08 -19.53 -6.63
C40 BCR XH . 49.54 -21.96 -6.74
C1 BCR YH . 40.12 -26.79 -16.85
C2 BCR YH . 41.04 -27.58 -17.78
C3 BCR YH . 41.96 -26.71 -18.60
C4 BCR YH . 41.10 -25.78 -19.45
C5 BCR YH . 40.32 -24.91 -18.50
C6 BCR YH . 39.93 -25.35 -17.30
C7 BCR YH . 39.29 -24.39 -16.37
C8 BCR YH . 37.97 -24.22 -16.33
C9 BCR YH . 37.41 -23.23 -15.39
C10 BCR YH . 36.16 -22.79 -15.57
C11 BCR YH . 35.58 -21.79 -14.69
C33 BCR YH . 40.00 -23.51 -18.94
C31 BCR YH . 40.72 -26.77 -15.46
C32 BCR YH . 38.77 -27.49 -16.83
C34 BCR YH . 38.22 -22.72 -14.24
C12 BCR YH . 34.36 -21.32 -14.95
C13 BCR YH . 33.76 -20.29 -14.10
C14 BCR YH . 32.76 -19.56 -14.59
C15 BCR YH . 32.14 -18.48 -13.82
C16 BCR YH . 31.15 -17.78 -14.34
C17 BCR YH . 30.58 -16.68 -13.55
C18 BCR YH . 29.56 -15.94 -13.99
C19 BCR YH . 29.12 -14.84 -13.11
C20 BCR YH . 28.10 -14.03 -13.38
C21 BCR YH . 27.87 -13.01 -12.36
C22 BCR YH . 26.78 -12.24 -12.29
C23 BCR YH . 26.72 -11.24 -11.20
C24 BCR YH . 25.58 -10.69 -10.82
C25 BCR YH . 25.56 -9.70 -9.71
C26 BCR YH . 26.11 -9.97 -8.52
C27 BCR YH . 26.72 -8.88 -7.66
C28 BCR YH . 26.60 -7.54 -8.37
C29 BCR YH . 25.17 -7.37 -8.88
C30 BCR YH . 24.88 -8.37 -9.98
C35 BCR YH . 34.27 -20.04 -12.71
C36 BCR YH . 28.91 -16.19 -15.32
C37 BCR YH . 25.66 -12.37 -13.29
C38 BCR YH . 26.12 -11.36 -7.96
C39 BCR YH . 25.41 -7.84 -11.31
C40 BCR YH . 23.39 -8.62 -10.09
C1 BCR ZH . 47.10 -23.05 -16.02
C2 BCR ZH . 47.32 -24.49 -15.56
C3 BCR ZH . 47.98 -24.49 -14.20
C4 BCR ZH . 49.39 -23.94 -14.34
C5 BCR ZH . 49.39 -22.65 -15.12
C6 BCR ZH . 48.36 -22.24 -15.86
C7 BCR ZH . 48.54 -20.93 -16.55
C8 BCR ZH . 47.70 -19.90 -16.45
C9 BCR ZH . 48.03 -18.67 -17.20
C10 BCR ZH . 47.12 -17.72 -17.43
C11 BCR ZH . 45.73 -17.81 -17.01
C33 BCR ZH . 50.64 -21.82 -15.09
C31 BCR ZH . 45.98 -22.45 -15.18
C32 BCR ZH . 46.70 -23.04 -17.50
C34 BCR ZH . 49.44 -18.48 -17.69
C12 BCR ZH . 45.00 -16.70 -17.10
C13 BCR ZH . 43.57 -16.67 -16.73
C14 BCR ZH . 42.90 -15.51 -16.85
C15 BCR ZH . 41.47 -15.43 -16.53
C16 BCR ZH . 40.83 -14.27 -16.72
C17 BCR ZH . 39.41 -14.18 -16.44
C18 BCR ZH . 38.73 -13.04 -16.65
C19 BCR ZH . 37.28 -13.02 -16.38
C20 BCR ZH . 36.55 -11.91 -16.45
C21 BCR ZH . 35.13 -12.03 -16.19
C22 BCR ZH . 34.34 -10.98 -15.90
C23 BCR ZH . 34.87 -9.62 -15.81
C24 BCR ZH . 34.01 -8.61 -15.77
C25 BCR ZH . 34.38 -7.18 -15.65
C26 BCR ZH . 34.98 -6.54 -16.67
C27 BCR ZH . 35.53 -5.15 -16.53
C28 BCR ZH . 34.71 -4.37 -15.50
C29 BCR ZH . 34.72 -5.14 -14.19
C30 BCR ZH . 34.02 -6.48 -14.36
C35 BCR ZH . 42.87 -17.91 -16.26
C36 BCR ZH . 39.43 -11.83 -17.16
C37 BCR ZH . 32.88 -11.21 -15.65
C38 BCR ZH . 35.13 -7.19 -18.02
C39 BCR ZH . 32.51 -6.25 -14.36
C40 BCR ZH . 34.40 -7.39 -13.19
C1 BCR AI . 29.11 -27.97 17.43
C2 BCR AI . 30.54 -28.39 17.09
C3 BCR AI . 30.77 -29.10 15.75
C4 BCR AI . 29.81 -28.59 14.70
C5 BCR AI . 28.44 -28.91 15.23
C6 BCR AI . 28.08 -28.41 16.41
C7 BCR AI . 26.64 -28.26 16.74
C8 BCR AI . 25.92 -27.35 16.08
C9 BCR AI . 24.49 -27.14 16.35
C10 BCR AI . 23.81 -26.42 15.46
C11 BCR AI . 22.39 -26.13 15.56
C33 BCR AI . 27.53 -29.80 14.43
C31 BCR AI . 29.04 -26.46 17.55
C32 BCR AI . 28.72 -28.60 18.77
C34 BCR AI . 23.84 -27.70 17.57
C12 BCR AI . 21.81 -25.77 14.42
C13 BCR AI . 20.39 -25.42 14.31
C14 BCR AI . 19.92 -25.09 13.09
C15 BCR AI . 18.53 -24.72 12.87
C16 BCR AI . 18.13 -24.49 11.63
C17 BCR AI . 16.74 -24.11 11.39
C18 BCR AI . 16.28 -23.88 10.16
C19 BCR AI . 14.87 -23.48 10.02
C20 BCR AI . 14.36 -23.05 8.88
C21 BCR AI . 12.96 -22.67 8.93
C22 BCR AI . 12.37 -21.93 7.97
C23 BCR AI . 10.94 -21.60 8.14
C24 BCR AI . 10.35 -20.71 7.36
C25 BCR AI . 8.92 -20.37 7.53
C26 BCR AI . 7.95 -21.20 7.13
C27 BCR AI . 6.48 -20.87 7.31
C28 BCR AI . 6.30 -19.84 8.40
C29 BCR AI . 7.17 -18.64 8.09
C30 BCR AI . 8.64 -19.02 8.16
C35 BCR AI . 19.48 -25.44 15.50
C36 BCR AI . 17.16 -24.03 8.97
C37 BCR AI . 13.13 -21.45 6.78
C38 BCR AI . 8.27 -22.51 6.46
C39 BCR AI . 9.08 -19.06 9.62
C40 BCR AI . 9.46 -17.97 7.41
C1 BCR BI . 9.89 -21.19 1.74
C2 BCR BI . 9.08 -22.48 1.80
C3 BCR BI . 7.59 -22.25 1.93
C4 BCR BI . 7.32 -21.41 3.17
C5 BCR BI . 8.01 -20.09 2.96
C6 BCR BI . 9.26 -20.04 2.48
C7 BCR BI . 10.09 -18.83 2.67
C8 BCR BI . 10.54 -18.52 3.88
C9 BCR BI . 11.39 -17.34 4.05
C10 BCR BI . 12.15 -17.30 5.15
C11 BCR BI . 13.07 -16.23 5.45
C33 BCR BI . 7.24 -18.83 3.27
C31 BCR BI . 10.07 -20.76 0.29
C32 BCR BI . 11.26 -21.47 2.34
C34 BCR BI . 11.42 -16.23 3.05
C12 BCR BI . 14.00 -16.56 6.32
C13 BCR BI . 15.08 -15.68 6.78
C14 BCR BI . 15.82 -16.12 7.79
C15 BCR BI . 16.93 -15.35 8.30
C16 BCR BI . 17.76 -16.01 9.10
C17 BCR BI . 18.92 -15.35 9.66
C18 BCR BI . 19.68 -16.01 10.54
C19 BCR BI . 20.87 -15.32 11.07
C20 BCR BI . 21.71 -15.94 11.87
C21 BCR BI . 22.86 -15.17 12.32
C22 BCR BI . 23.70 -15.65 13.22
C23 BCR BI . 24.84 -14.80 13.61
C24 BCR BI . 25.61 -15.15 14.63
C25 BCR BI . 26.76 -14.33 15.03
C26 BCR BI . 26.59 -13.18 15.70
C27 BCR BI . 27.79 -12.34 16.08
C28 BCR BI . 28.76 -12.42 14.93
C29 BCR BI . 29.24 -13.84 14.76
C30 BCR BI . 28.13 -14.89 14.71
C35 BCR BI . 15.36 -14.36 6.12
C36 BCR BI . 19.34 -17.40 10.96
C37 BCR BI . 23.51 -17.01 13.82
C38 BCR BI . 25.23 -12.70 16.11
C39 BCR BI . 28.41 -15.99 15.72
C40 BCR BI . 28.13 -15.50 13.32
C1 BCR CI . 13.07 11.60 -18.40
C2 BCR CI . 13.98 12.67 -17.81
C3 BCR CI . 13.35 13.28 -16.57
C4 BCR CI . 13.20 12.25 -15.47
C5 BCR CI . 12.67 10.95 -16.02
C6 BCR CI . 12.45 10.73 -17.32
C7 BCR CI . 11.60 9.60 -17.74
C8 BCR CI . 10.28 9.75 -17.71
C9 BCR CI . 9.33 8.69 -18.10
C10 BCR CI . 8.04 9.02 -18.05
C11 BCR CI . 6.92 8.15 -18.38
C33 BCR CI . 12.37 9.84 -15.03
C31 BCR CI . 13.86 10.70 -19.34
C32 BCR CI . 11.97 12.29 -19.18
C34 BCR CI . 9.79 7.33 -18.51
C12 BCR CI . 5.76 8.78 -18.42
C13 BCR CI . 4.47 8.12 -18.69
C14 BCR CI . 3.37 8.88 -18.60
C15 BCR CI . 2.04 8.33 -18.81
C16 BCR CI . 1.01 9.14 -18.99
C17 BCR CI . -0.30 8.53 -19.14
C18 BCR CI . -1.40 9.28 -19.14
C19 BCR CI . -2.72 8.61 -19.24
C20 BCR CI . -3.86 9.25 -19.44
C21 BCR CI . -5.03 8.39 -19.46
C22 BCR CI . -6.29 8.84 -19.51
C23 BCR CI . -7.36 7.83 -19.47
C24 BCR CI . -8.65 8.17 -19.58
C25 BCR CI . -9.72 7.14 -19.52
C26 BCR CI . -9.80 6.12 -20.39
C27 BCR CI . -10.73 4.95 -20.18
C28 BCR CI . -11.28 4.95 -18.76
C29 BCR CI . -11.85 6.32 -18.46
C30 BCR CI . -10.71 7.34 -18.41
C35 BCR CI . 4.39 6.67 -19.04
C36 BCR CI . -1.32 10.77 -19.00
C37 BCR CI . -6.59 10.31 -19.58
C38 BCR CI . -8.98 6.09 -21.66
C39 BCR CI . -9.98 7.19 -17.08
C40 BCR CI . -11.29 8.75 -18.51
O1 LHG DI . 18.78 -38.14 25.11
C1 LHG DI . 18.26 -36.89 25.45
C2 LHG DI . 17.21 -36.52 24.41
O2 LHG DI . 17.25 -37.45 23.37
C3 LHG DI . 17.51 -35.11 23.86
O3 LHG DI . 17.37 -35.16 22.47
P LHG DI . 16.45 -34.01 21.74
O4 LHG DI . 16.95 -33.77 20.34
O5 LHG DI . 15.03 -34.48 21.67
O6 LHG DI . 16.53 -32.58 22.61
C4 LHG DI . 15.30 -31.97 22.97
C5 LHG DI . 15.59 -30.50 23.33
C6 LHG DI . 14.74 -30.11 24.54
O7 LHG DI . 16.94 -30.34 23.66
C7 LHG DI . 17.42 -29.05 23.40
O9 LHG DI . 16.96 -28.41 22.53
C8 LHG DI . 18.56 -28.47 24.28
C9 LHG DI . 19.03 -27.08 23.75
C10 LHG DI . 19.14 -26.04 24.89
O8 LHG DI . 13.82 -29.14 24.14
C23 LHG DI . 13.16 -28.52 25.20
O10 LHG DI . 12.10 -28.93 25.58
C24 LHG DI . 13.80 -27.32 25.92
C11 LHG DI . 17.76 -25.72 25.54
C12 LHG DI . 17.12 -24.40 24.98
C25 LHG DI . 12.76 -26.37 26.52
C26 LHG DI . 13.17 -25.26 27.16
C27 LHG DI . 12.11 -24.27 27.78
C28 LHG DI . 12.65 -23.53 29.02
C29 LHG DI . 11.56 -22.71 29.77
C30 LHG DI . 10.39 -23.61 30.28
C1 BCR EI . 46.90 -26.64 -8.30
C2 BCR EI . 47.64 -26.09 -9.52
C3 BCR EI . 48.59 -24.97 -9.12
C4 BCR EI . 49.68 -25.48 -8.18
C5 BCR EI . 49.11 -26.46 -7.19
C6 BCR EI . 47.81 -26.72 -7.10
C7 BCR EI . 47.22 -27.14 -5.81
C8 BCR EI . 47.13 -26.28 -4.79
C9 BCR EI . 46.55 -26.69 -3.52
C10 BCR EI . 46.51 -25.79 -2.51
C11 BCR EI . 45.94 -26.10 -1.21
C33 BCR EI . 50.08 -27.17 -6.27
C31 BCR EI . 46.37 -28.04 -8.60
C32 BCR EI . 45.73 -25.71 -7.98
C34 BCR EI . 45.99 -28.07 -3.33
C12 BCR EI . 45.84 -25.07 -0.37
C13 BCR EI . 45.28 -25.18 0.98
C14 BCR EI . 45.43 -24.13 1.79
C15 BCR EI . 44.91 -24.10 3.16
C16 BCR EI . 45.29 -23.09 3.93
C17 BCR EI . 44.81 -22.98 5.29
C18 BCR EI . 45.34 -22.09 6.13
C19 BCR EI . 44.80 -22.02 7.50
C20 BCR EI . 45.26 -21.15 8.39
C21 BCR EI . 44.63 -21.21 9.69
C22 BCR EI . 45.02 -20.49 10.74
C23 BCR EI . 44.27 -20.67 11.98
C24 BCR EI . 44.47 -19.90 13.06
C25 BCR EI . 43.68 -20.14 14.27
C26 BCR EI . 44.03 -21.14 15.10
C27 BCR EI . 43.17 -21.55 16.27
C28 BCR EI . 41.76 -21.04 16.06
C29 BCR EI . 41.77 -19.54 15.82
C30 BCR EI . 42.52 -19.21 14.54
C35 BCR EI . 44.57 -26.43 1.43
C36 BCR EI . 46.43 -21.16 5.71
C37 BCR EI . 46.18 -19.53 10.65
C38 BCR EI . 45.31 -21.89 14.90
C39 BCR EI . 43.06 -17.79 14.63
C40 BCR EI . 41.51 -19.27 13.39
C1A DGD FI . -2.57 -7.90 -14.94
C2A DGD FI . -1.56 -6.79 -14.81
C3A DGD FI . -1.25 -6.23 -16.18
C4A DGD FI . 0.24 -5.97 -16.29
C5A DGD FI . 0.56 -5.13 -17.52
C6A DGD FI . 1.60 -4.09 -17.18
C7A DGD FI . 2.84 -4.26 -18.04
C8A DGD FI . 3.65 -2.97 -18.11
C9A DGD FI . 5.12 -3.25 -17.88
CAA DGD FI . 5.99 -2.57 -18.94
O1A DGD FI . -2.91 -8.28 -16.03
C1B DGD FI . -0.40 -10.48 -12.24
C2B DGD FI . 0.51 -11.12 -11.22
C3B DGD FI . 1.87 -11.34 -11.85
C4B DGD FI . 2.77 -10.12 -11.76
C5B DGD FI . 3.77 -10.24 -10.63
C6B DGD FI . 3.64 -9.09 -9.64
C7B DGD FI . 4.71 -8.02 -9.85
C8B DGD FI . 4.30 -6.71 -9.19
C9B DGD FI . 5.50 -5.84 -8.88
CAB DGD FI . 5.08 -4.41 -8.51
CBB DGD FI . 6.31 -3.55 -8.23
CCB DGD FI . 6.48 -2.47 -9.29
CDB DGD FI . 7.93 -2.41 -9.77
CEB DGD FI . 8.71 -1.37 -8.99
CFB DGD FI . 9.66 -0.58 -9.89
CGB DGD FI . 10.45 0.42 -9.08
CHB DGD FI . 11.17 1.43 -9.98
O1B DGD FI . 0.07 -9.70 -13.04
O1G DGD FI . -3.15 -8.50 -13.77
C1G DGD FI . -3.52 -9.87 -13.77
C2G DGD FI . -2.24 -10.68 -13.68
O2G DGD FI . -1.81 -10.77 -12.32
C3G DGD FI . -2.54 -12.06 -14.21
O3G DGD FI . -3.12 -12.78 -13.15
C1D DGD FI . -3.22 -14.14 -13.47
C2D DGD FI . -3.55 -14.94 -12.18
O2D DGD FI . -2.42 -14.87 -11.41
C3D DGD FI . -3.69 -16.43 -12.63
O3D DGD FI . -4.17 -17.16 -11.57
C4D DGD FI . -4.74 -16.59 -13.74
O4D DGD FI . -5.98 -16.16 -13.31
C5D DGD FI . -4.33 -15.67 -14.88
O5D DGD FI . -5.36 -17.13 -16.25
C6D DGD FI . -5.29 -15.74 -16.06
O6D DGD FI . -4.27 -14.32 -14.41
C1E DGD FI . -5.50 -17.63 -17.54
C2E DGD FI . -5.98 -19.14 -17.46
O2E DGD FI . -7.03 -19.17 -16.56
C3E DGD FI . -4.89 -20.05 -16.97
O3E DGD FI . -5.44 -21.31 -17.13
C4E DGD FI . -3.70 -19.90 -17.93
O4E DGD FI . -4.12 -20.13 -19.21
C5E DGD FI . -3.23 -18.43 -17.83
O6E DGD FI . -4.26 -17.52 -18.18
C6E DGD FI . -2.15 -18.13 -18.84
O5E DGD FI . -0.97 -18.46 -18.18
C1 BCR GI . 9.43 0.36 24.74
C2 BCR GI . 8.97 -0.62 23.65
C3 BCR GI . 8.75 -1.99 24.27
C4 BCR GI . 7.62 -1.92 25.26
C5 BCR GI . 7.80 -0.79 26.25
C6 BCR GI . 8.59 0.26 25.99
C7 BCR GI . 8.70 1.40 26.93
C8 BCR GI . 9.39 1.33 28.07
C9 BCR GI . 9.45 2.52 28.94
C10 BCR GI . 8.73 2.57 30.07
C11 BCR GI . 8.80 3.75 30.93
C33 BCR GI . 7.04 -0.88 27.53
C31 BCR GI . 9.35 1.78 24.19
C32 BCR GI . 10.86 0.04 25.13
C34 BCR GI . 10.34 3.65 28.57
C12 BCR GI . 8.19 3.73 32.11
C13 BCR GI . 8.22 4.91 33.01
C14 BCR GI . 7.38 4.93 34.04
C15 BCR GI . 7.29 6.04 34.99
C16 BCR GI . 6.48 5.90 36.02
C17 BCR GI . 6.28 6.94 37.02
C18 BCR GI . 5.54 6.69 38.10
C19 BCR GI . 5.27 7.73 39.10
C20 BCR GI . 4.34 7.52 40.03
C21 BCR GI . 4.02 8.54 41.03
C22 BCR GI . 3.14 8.28 42.00
C23 BCR GI . 2.80 9.31 42.98
C24 BCR GI . 2.26 9.01 44.17
C25 BCR GI . 1.92 10.08 45.14
C26 BCR GI . 0.73 10.69 45.00
C27 BCR GI . 0.43 12.04 45.61
C28 BCR GI . 1.65 12.59 46.33
C29 BCR GI . 2.33 11.51 47.15
C30 BCR GI . 2.87 10.40 46.26
C35 BCR GI . 9.19 6.02 32.75
C36 BCR GI . 4.93 5.32 38.27
C37 BCR GI . 2.48 6.93 42.09
C38 BCR GI . -0.37 10.01 44.24
C39 BCR GI . 3.05 9.13 47.09
C40 BCR GI . 4.21 10.83 45.71
C1 BCR HI . -15.08 14.22 -34.55
C2 BCR HI . -15.57 13.58 -35.84
C3 BCR HI . -14.78 14.12 -37.02
C4 BCR HI . -15.11 15.58 -37.20
C5 BCR HI . -14.89 16.32 -35.91
C6 BCR HI . -14.85 15.72 -34.72
C7 BCR HI . -14.58 16.51 -33.50
C8 BCR HI . -13.36 16.80 -33.08
C9 BCR HI . -13.20 17.60 -31.86
C10 BCR HI . -12.02 17.73 -31.26
C11 BCR HI . -10.82 17.08 -31.78
C33 BCR HI . -14.75 17.82 -35.98
C31 BCR HI . -13.78 13.55 -34.11
C32 BCR HI . -16.14 14.03 -33.47
C34 BCR HI . -14.39 18.29 -31.28
C12 BCR HI . -9.65 17.40 -31.24
C13 BCR HI . -8.39 16.79 -31.71
C14 BCR HI . -7.23 17.40 -31.40
C15 BCR HI . -5.95 16.85 -31.84
C16 BCR HI . -4.83 17.27 -31.27
C17 BCR HI . -3.56 16.72 -31.74
C18 BCR HI . -2.39 17.19 -31.30
C19 BCR HI . -1.16 16.59 -31.84
C20 BCR HI . 0.06 17.06 -31.58
C21 BCR HI . 1.16 16.35 -32.22
C22 BCR HI . 2.44 16.72 -32.10
C23 BCR HI . 3.44 15.90 -32.81
C24 BCR HI . 4.65 16.37 -33.07
C25 BCR HI . 5.65 15.55 -33.81
C26 BCR HI . 5.51 15.40 -35.13
C27 BCR HI . 6.32 14.41 -35.90
C28 BCR HI . 6.83 13.33 -34.97
C29 BCR HI . 7.64 13.97 -33.86
C30 BCR HI . 6.81 14.95 -33.04
C35 BCR HI . -8.40 15.53 -32.51
C36 BCR HI . -2.32 18.29 -30.28
C37 BCR HI . 2.83 17.90 -31.28
C38 BCR HI . 4.55 16.27 -35.91
C39 BCR HI . 7.69 16.11 -32.61
C40 BCR HI . 6.30 14.23 -31.81
C1 BCR II . 2.50 3.25 34.21
C2 BCR II . 3.68 4.22 34.16
C3 BCR II . 3.27 5.68 34.23
C4 BCR II . 2.26 5.97 33.14
C5 BCR II . 1.06 5.13 33.43
C6 BCR II . 1.19 3.82 33.70
C7 BCR II . 0.04 2.92 33.52
C8 BCR II . -0.39 2.68 32.28
C9 BCR II . -1.52 1.78 31.97
C10 BCR II . -2.04 1.87 30.75
C11 BCR II . -3.15 1.05 30.26
C33 BCR II . -0.30 5.79 33.43
C31 BCR II . 2.28 2.77 35.63
C32 BCR II . 2.86 2.07 33.31
C34 BCR II . -2.06 0.82 32.98
C12 BCR II . -3.51 1.29 29.01
C13 BCR II . -4.58 0.55 28.31
C14 BCR II . -4.66 0.73 26.98
C15 BCR II . -5.62 0.05 26.12
C16 BCR II . -5.45 0.23 24.81
C17 BCR II . -6.29 -0.42 23.82
C18 BCR II . -6.09 -0.16 22.52
C19 BCR II . -6.91 -0.84 21.50
C20 BCR II . -6.42 -0.92 20.26
C21 BCR II . -7.16 -1.62 19.22
C22 BCR II . -6.59 -1.82 18.02
C23 BCR II . -7.30 -2.56 16.96
C24 BCR II . -6.73 -3.71 16.58
C25 BCR II . -7.22 -4.63 15.54
C26 BCR II . -8.35 -5.34 15.69
C27 BCR II . -8.64 -6.56 14.83
C28 BCR II . -8.06 -6.36 13.45
C29 BCR II . -6.58 -6.07 13.57
C30 BCR II . -6.34 -4.77 14.31
C35 BCR II . -5.50 -0.38 29.04
C36 BCR II . -5.04 0.82 22.10
C37 BCR II . -5.22 -1.29 17.74
C38 BCR II . -9.40 -5.00 16.71
C39 BCR II . -6.61 -3.59 13.38
C40 BCR II . -4.89 -4.75 14.78
MG CLA JI . -8.09 0.61 34.89
CHA CLA JI . -8.92 -1.33 37.65
CHB CLA JI . -5.75 2.25 36.74
CHC CLA JI . -7.30 2.47 32.12
CHD CLA JI . -10.55 -1.12 33.02
NA CLA JI . -7.46 0.46 36.88
C1A CLA JI . -7.92 -0.41 37.87
C2A CLA JI . -7.18 -0.17 39.20
C3A CLA JI . -6.24 1.02 38.88
C4A CLA JI . -6.48 1.28 37.39
CMA CLA JI . -6.55 2.23 39.72
CAA CLA JI . -6.36 -1.38 39.59
CBA CLA JI . -5.79 -1.22 40.98
CGA CLA JI . -6.90 -1.02 41.97
O1A CLA JI . -8.06 -1.44 41.92
O2A CLA JI . -6.54 -0.25 43.04
NB CLA JI . -6.83 2.13 34.52
C1B CLA JI . -5.88 2.59 35.38
C2B CLA JI . -4.97 3.53 34.67
C3B CLA JI . -5.40 3.60 33.37
C4B CLA JI . -6.58 2.70 33.25
CMB CLA JI . -3.85 4.19 35.34
CAB CLA JI . -4.90 4.34 32.23
CBB CLA JI . -4.31 5.54 32.27
NC CLA JI . -8.81 0.67 32.93
C1C CLA JI . -8.35 1.52 31.96
C2C CLA JI . -9.08 1.30 30.72
C3C CLA JI . -9.98 0.27 30.97
C4C CLA JI . -9.82 -0.12 32.37
CMC CLA JI . -8.84 2.03 29.48
CAC CLA JI . -10.95 -0.31 30.01
CBC CLA JI . -12.33 0.28 30.17
ND CLA JI . -9.39 -0.91 35.18
C1D CLA JI . -10.38 -1.50 34.33
C2D CLA JI . -11.10 -2.55 35.08
C3D CLA JI . -10.58 -2.52 36.37
C4D CLA JI . -9.53 -1.48 36.38
CMD CLA JI . -12.16 -3.39 34.54
CAD CLA JI . -10.61 -3.12 37.69
OBD CLA JI . -11.27 -4.06 38.10
CBD CLA JI . -9.60 -2.32 38.57
CGD CLA JI . -10.29 -1.63 39.70
O1D CLA JI . -10.13 -0.48 40.10
O2D CLA JI . -11.19 -2.42 40.36
CED CLA JI . -11.52 -2.08 41.70
C1 CLA JI . -5.52 -0.80 43.90
C2 CLA JI . -6.17 -1.18 45.17
C3 CLA JI . -5.50 -1.75 46.19
C4 CLA JI . -4.05 -2.03 46.11
C5 CLA JI . -6.20 -2.12 47.45
C6 CLA JI . -6.28 -3.63 47.64
C7 CLA JI . -6.50 -3.98 49.11
C8 CLA JI . -5.22 -4.48 49.76
C9 CLA JI . -5.14 -5.99 49.65
C10 CLA JI . -5.15 -4.06 51.22
C11 CLA JI . -5.13 -2.55 51.36
C12 CLA JI . -4.47 -2.11 52.65
C13 CLA JI . -4.62 -0.61 52.93
C14 CLA JI . -5.62 0.05 52.01
C15 CLA JI . -3.29 0.12 52.86
C16 CLA JI . -2.38 -0.30 54.00
C17 CLA JI . -1.78 0.89 54.72
C18 CLA JI . -0.60 0.49 55.59
C19 CLA JI . 0.67 1.18 55.13
C20 CLA JI . -0.87 0.81 57.05
MG CLA KI . 20.50 -7.37 32.73
CHA CLA KI . 19.94 -7.26 36.15
CHB CLA KI . 17.77 -9.36 32.35
CHC CLA KI . 21.10 -7.45 29.35
CHD CLA KI . 23.29 -5.24 33.17
NA CLA KI . 19.09 -8.16 34.05
C1A CLA KI . 19.03 -7.98 35.44
C2A CLA KI . 17.82 -8.73 36.03
C3A CLA KI . 17.19 -9.41 34.81
C4A CLA KI . 18.06 -8.95 33.63
CMA CLA KI . 17.20 -10.92 34.94
CAA CLA KI . 16.83 -7.73 36.61
CBA CLA KI . 16.46 -8.07 38.03
CGA CLA KI . 15.86 -9.44 38.08
O1A CLA KI . 15.07 -9.97 37.29
O2A CLA KI . 16.25 -10.15 39.18
NB CLA KI . 19.58 -8.20 31.14
C1B CLA KI . 18.49 -9.02 31.20
C2B CLA KI . 18.19 -9.55 29.84
C3B CLA KI . 19.13 -9.02 28.98
C4B CLA KI . 20.03 -8.15 29.80
CMB CLA KI . 17.09 -10.47 29.57
CAB CLA KI . 19.29 -9.23 27.57
CBB CLA KI . 19.29 -8.26 26.65
NC CLA KI . 21.95 -6.51 31.49
C1C CLA KI . 22.00 -6.67 30.13
C2C CLA KI . 23.14 -5.93 29.58
C3C CLA KI . 23.75 -5.29 30.67
C4C CLA KI . 22.99 -5.65 31.85
CMC CLA KI . 23.52 -5.90 28.17
CAC CLA KI . 24.93 -4.41 30.63
CBC CLA KI . 26.17 -5.06 31.23
ND CLA KI . 21.48 -6.48 34.26
C1D CLA KI . 22.61 -5.61 34.30
C2D CLA KI . 22.88 -5.24 35.70
C3D CLA KI . 21.91 -5.87 36.46
C4D CLA KI . 21.05 -6.60 35.51
CMD CLA KI . 23.98 -4.39 36.14
CAD CLA KI . 21.38 -6.11 37.80
OBD CLA KI . 21.82 -5.74 38.89
CBD CLA KI . 20.09 -6.96 37.63
CGD CLA KI . 20.15 -8.23 38.43
O1D CLA KI . 19.69 -8.44 39.56
O2D CLA KI . 20.81 -9.24 37.80
CED CLA KI . 20.63 -10.57 38.30
C1 CLA KI . 15.93 -11.56 39.18
C2 CLA KI . 17.04 -12.24 38.46
C3 CLA KI . 17.33 -13.54 38.65
C4 CLA KI . 16.58 -14.39 39.60
C5 CLA KI . 18.44 -14.19 37.89
C6 CLA KI . 17.97 -15.37 37.05
C7 CLA KI . 16.97 -14.91 36.00
C1 BCR LI . -4.45 -13.15 31.10
C2 BCR LI . -5.19 -12.12 31.94
C3 BCR LI . -4.25 -11.45 32.91
C4 BCR LI . -3.81 -12.48 33.94
C5 BCR LI . -3.27 -13.70 33.23
C6 BCR LI . -3.43 -13.91 31.92
C7 BCR LI . -2.60 -14.91 31.23
C8 BCR LI . -1.31 -14.70 30.97
C9 BCR LI . -0.52 -15.73 30.27
C10 BCR LI . 0.75 -15.47 29.93
C11 BCR LI . 1.55 -16.48 29.24
C33 BCR LI . -2.54 -14.71 34.07
C31 BCR LI . -3.73 -12.44 29.95
C32 BCR LI . -5.43 -14.16 30.53
C34 BCR LI . -1.13 -17.06 29.95
C12 BCR LI . 2.85 -16.29 29.06
C13 BCR LI . 3.66 -17.31 28.36
C14 BCR LI . 4.96 -17.09 28.13
C15 BCR LI . 5.58 -15.86 28.58
C16 BCR LI . 6.84 -15.57 28.29
C17 BCR LI . 7.40 -14.32 28.79
C18 BCR LI . 8.69 -14.00 28.60
C19 BCR LI . 9.19 -12.74 29.15
C20 BCR LI . 10.44 -12.34 28.98
C21 BCR LI . 10.83 -11.08 29.61
C22 BCR LI . 12.09 -10.64 29.61
C23 BCR LI . 12.40 -9.37 30.29
C24 BCR LI . 13.66 -9.04 30.54
C25 BCR LI . 14.02 -7.78 31.23
C26 BCR LI . 13.98 -7.74 32.56
C27 BCR LI . 14.23 -6.47 33.35
C28 BCR LI . 13.99 -5.27 32.46
C29 BCR LI . 14.85 -5.38 31.22
C30 BCR LI . 14.46 -6.60 30.39
C35 BCR LI . 3.02 -18.59 27.92
C36 BCR LI . 9.62 -14.92 27.87
C37 BCR LI . 13.17 -11.45 28.96
C38 BCR LI . 13.70 -8.99 33.36
C39 BCR LI . 15.67 -7.05 29.58
C40 BCR LI . 13.34 -6.22 29.42
MG CLA MI . 28.23 -34.86 24.94
CHA CLA MI . 28.20 -38.14 26.06
CHB CLA MI . 25.82 -35.63 22.66
CHC CLA MI . 28.25 -31.59 23.90
CHD CLA MI . 30.81 -34.14 27.24
NA CLA MI . 27.18 -36.61 24.47
C1A CLA MI . 27.31 -37.88 25.06
C2A CLA MI . 26.35 -38.89 24.40
C3A CLA MI . 25.73 -38.07 23.24
C4A CLA MI . 26.25 -36.65 23.47
CMA CLA MI . 26.10 -38.61 21.89
CAA CLA MI . 25.20 -39.40 25.27
CBA CLA MI . 25.17 -38.99 26.74
CGA CLA MI . 24.80 -37.56 26.90
O1A CLA MI . 24.21 -36.81 26.12
O2A CLA MI . 25.19 -37.07 28.12
NB CLA MI . 27.31 -33.84 23.48
C1B CLA MI . 26.25 -34.29 22.76
C2B CLA MI . 25.57 -33.16 22.05
C3B CLA MI . 26.26 -32.02 22.40
C4B CLA MI . 27.36 -32.43 23.31
CMB CLA MI . 24.40 -33.35 21.21
CAB CLA MI . 26.04 -30.64 22.03
CBB CLA MI . 25.62 -30.20 20.84
NC CLA MI . 29.34 -33.17 25.49
C1C CLA MI . 29.18 -31.94 24.93
C2C CLA MI . 30.11 -30.99 25.54
C3C CLA MI . 30.84 -31.72 26.49
C4C CLA MI . 30.35 -33.09 26.44
CMC CLA MI . 30.21 -29.58 25.21
CAC CLA MI . 31.91 -31.21 27.36
CBC CLA MI . 33.28 -31.36 26.76
ND CLA MI . 29.19 -35.81 26.45
C1D CLA MI . 30.29 -35.42 27.26
C2D CLA MI . 30.72 -36.57 28.08
C3D CLA MI . 29.94 -37.64 27.68
C4D CLA MI . 29.04 -37.12 26.64
CMD CLA MI . 31.79 -36.54 29.08
CAD CLA MI . 29.63 -39.05 27.86
OBD CLA MI . 30.08 -39.85 28.68
CBD CLA MI . 28.60 -39.43 26.75
CGD CLA MI . 29.18 -40.41 25.77
O1D CLA MI . 30.17 -40.26 25.05
O2D CLA MI . 28.50 -41.60 25.70
CED CLA MI . 29.21 -42.74 25.23
C1 CLA MI . 26.15 -35.99 28.14
C2 CLA MI . 25.38 -34.72 28.11
C3 CLA MI . 26.00 -33.53 28.11
C4 CLA MI . 27.47 -33.44 28.15
C5 CLA MI . 25.25 -32.24 28.08
C6 CLA MI . 25.83 -31.28 27.06
C7 CLA MI . 24.96 -30.05 26.92
C8 CLA MI . 25.41 -29.13 25.80
C9 CLA MI . 26.70 -28.44 26.17
C10 CLA MI . 24.34 -28.10 25.49
C11 CLA MI . 24.39 -27.60 24.06
C12 CLA MI . 23.01 -27.24 23.55
C13 CLA MI . 23.02 -25.91 22.82
C14 CLA MI . 21.60 -25.40 22.61
C15 CLA MI . 23.73 -26.01 21.48
C16 CLA MI . 23.73 -24.68 20.76
C17 CLA MI . 23.68 -24.86 19.26
C18 CLA MI . 24.14 -23.62 18.50
C19 CLA MI . 23.46 -22.37 19.04
C20 CLA MI . 25.64 -23.47 18.61
C8 A1L1F NI . 35.53 -45.50 28.29
C5 A1L1F NI . 32.16 -44.27 26.84
C4 A1L1F NI . 35.33 -44.63 29.51
C6 A1L1F NI . 33.23 -44.49 27.90
C10 A1L1F NI . 34.89 -42.30 30.32
C11 A1L1F NI . 35.09 -43.19 29.11
C2 A1L1F NI . 32.82 -41.02 27.51
C3 A1L1F NI . 34.31 -45.41 27.36
C1 A1L1F NI . 33.86 -43.17 28.26
C12 A1L1F NI . 32.61 -45.06 29.16
C14 A1L1F NI . 35.78 -25.06 17.86
C17 A1L1F NI . 35.66 -25.04 14.97
C18 A1L1F NI . 37.83 -23.31 18.85
C19 A1L1F NI . 38.91 -25.51 18.49
C20 A1L1F NI . 37.08 -25.16 15.55
C21 A1L1F NI . 38.19 -24.40 14.84
C22 A1L1F NI . 39.45 -24.57 15.66
C23 A1L1F NI . 39.29 -23.70 16.87
C24 A1L1F NI . 38.26 -24.32 17.81
C25 A1L1F NI . 37.03 -24.81 17.05
C26 A1L1F NI . 33.09 -25.93 19.12
C27 A1L1F NI . 31.64 -30.36 21.93
C28 A1L1F NI . 34.88 -36.23 23.56
C29 A1L1F NI . 35.45 -26.34 18.05
C30 A1L1F NI . 34.29 -26.79 18.83
C31 A1L1F NI . 34.38 -28.04 19.28
C32 A1L1F NI . 33.37 -28.71 20.08
C33 A1L1F NI . 33.80 -29.85 20.60
C34 A1L1F NI . 33.01 -30.73 21.48
C35 A1L1F NI . 33.58 -31.87 21.84
C36 A1L1F NI . 32.90 -32.82 22.72
C37 A1L1F NI . 33.65 -33.76 23.27
C38 A1L1F NI . 33.04 -34.74 24.15
C39 A1L1F NI . 33.62 -35.92 24.30
C40 A1L1F NI . 33.02 -36.91 25.19
C41 A1L1F NI . 33.78 -37.86 25.72
C42 A1L1F NI . 33.15 -38.82 26.61
C43 A1L1F NI . 34.57 -40.60 25.67
C44 A1L1F NI . 33.50 -40.10 26.59
C45 A1L1F NI . 33.93 -24.23 20.73
C47 A1L1F NI . 34.30 -22.80 21.04
C48 A1L1F NI . 34.28 -22.60 22.55
C49 A1L1F NI . 32.85 -22.51 23.07
C50 A1L1F NI . 32.64 -21.27 23.91
C51 A1L1F NI . 32.15 -20.11 23.06
C52 A1L1F NI . 31.86 -18.88 23.92
C53 A1L1F NI . 31.30 -17.75 23.07
C54 A1L1F NI . 35.97 -47.77 27.64
C56 A1L1F NI . 37.14 -47.52 26.75
C57 A1L1F NI . 33.35 -42.10 27.87
O13 A1L1F NI . 33.46 -24.59 19.41
O15 A1L1F NI . 37.39 -26.10 16.56
O16 A1L1F NI . 40.59 -24.16 14.90
O46 A1L1F NI . 34.05 -25.09 21.57
O55 A1L1F NI . 35.23 -48.72 27.49
O7 A1L1F NI . 35.69 -46.84 28.72
O9 A1L1F NI . 36.20 -42.72 28.35
MG CLA OI . 40.32 -23.19 28.71
CHA CLA OI . 39.13 -20.75 26.55
CHB CLA OI . 38.18 -25.46 27.30
CHC CLA OI . 41.59 -25.60 30.79
CHD CLA OI . 42.56 -20.82 30.07
NA CLA OI . 38.88 -23.09 27.18
C1A CLA OI . 38.55 -21.98 26.39
C2A CLA OI . 37.46 -22.34 25.40
C3A CLA OI . 37.12 -23.81 25.72
C4A CLA OI . 38.13 -24.16 26.81
CMA CLA OI . 35.70 -23.97 26.20
CAA CLA OI . 37.98 -22.22 23.97
CBA CLA OI . 39.28 -22.98 23.80
CGA CLA OI . 39.06 -24.19 22.94
O1A CLA OI . 38.96 -24.26 21.71
O2A CLA OI . 38.94 -25.34 23.67
NB CLA OI . 39.94 -25.15 29.00
C1B CLA OI . 39.06 -25.90 28.30
C2B CLA OI . 39.11 -27.32 28.77
C3B CLA OI . 40.08 -27.37 29.76
C4B CLA OI . 40.61 -25.99 29.92
CMB CLA OI . 38.27 -28.38 28.21
CAB CLA OI . 40.54 -28.48 30.56
CBB CLA OI . 39.77 -29.40 31.14
NC CLA OI . 41.80 -23.20 30.17
C1C CLA OI . 42.14 -24.29 30.90
C2C CLA OI . 43.20 -23.95 31.85
C3C CLA OI . 43.51 -22.60 31.63
C4C CLA OI . 42.62 -22.14 30.57
CMC CLA OI . 43.79 -24.89 32.79
CAC CLA OI . 44.53 -21.81 32.34
CBC CLA OI . 43.97 -20.70 33.19
ND CLA OI . 40.78 -21.24 28.45
C1D CLA OI . 41.71 -20.39 29.07
C2D CLA OI . 41.58 -19.02 28.51
C3D CLA OI . 40.59 -19.10 27.55
C4D CLA OI . 40.13 -20.51 27.54
CMD CLA OI . 42.37 -17.87 28.92
CAD CLA OI . 39.82 -18.39 26.55
OBD CLA OI . 39.84 -17.21 26.25
CBD CLA OI . 38.87 -19.43 25.88
CGD CLA OI . 37.43 -19.07 26.09
O1D CLA OI . 36.84 -18.92 27.16
O2D CLA OI . 36.71 -18.93 24.93
CED CLA OI . 35.36 -19.38 24.96
C1 CLA OI . 38.59 -26.53 22.93
C2 CLA OI . 37.12 -26.55 22.82
C3 CLA OI . 36.34 -27.40 23.52
C4 CLA OI . 36.92 -28.38 24.48
C5 CLA OI . 34.86 -27.40 23.38
C6 CLA OI . 34.16 -27.60 24.72
C7 CLA OI . 32.82 -26.87 24.74
C8 CLA OI . 32.66 -26.04 26.00
C9 CLA OI . 32.91 -26.88 27.23
C10 CLA OI . 31.28 -25.41 26.06
C1 BCR PI . 18.21 0.92 -24.80
C2 BCR PI . 19.64 0.57 -25.17
C3 BCR PI . 20.03 1.33 -26.43
C4 BCR PI . 19.22 0.81 -27.60
C5 BCR PI . 17.78 0.56 -27.23
C6 BCR PI . 17.31 0.83 -26.00
C7 BCR PI . 15.86 1.04 -25.74
C8 BCR PI . 15.18 2.02 -26.32
C9 BCR PI . 13.74 2.21 -26.01
C10 BCR PI . 13.09 3.23 -26.58
C11 BCR PI . 11.68 3.50 -26.33
C33 BCR PI . 16.88 -0.05 -28.27
C31 BCR PI . 18.17 2.35 -24.27
C32 BCR PI . 17.68 -0.03 -23.74
C34 BCR PI . 13.04 1.28 -25.07
C12 BCR PI . 11.16 4.58 -26.92
C13 BCR PI . 9.77 5.00 -26.75
C14 BCR PI . 9.38 6.13 -27.36
C15 BCR PI . 8.03 6.67 -27.24
C16 BCR PI . 7.70 7.75 -27.94
C17 BCR PI . 6.37 8.33 -27.82
C18 BCR PI . 6.05 9.45 -28.48
C19 BCR PI . 4.70 10.04 -28.30
C20 BCR PI . 4.54 11.33 -28.58
C21 BCR PI . 3.24 11.98 -28.40
C22 BCR PI . 3.15 13.30 -28.60
C23 BCR PI . 1.90 14.04 -28.43
C24 BCR PI . 1.73 14.64 -27.25
C25 BCR PI . 0.58 15.48 -26.81
C26 BCR PI . -0.70 15.10 -26.91
C27 BCR PI . -1.80 16.01 -26.43
C28 BCR PI . -1.31 16.70 -25.18
C29 BCR PI . -0.16 17.60 -25.59
C30 BCR PI . 0.99 16.81 -26.20
C35 BCR PI . 8.81 4.22 -25.90
C36 BCR PI . 7.05 10.11 -29.36
C37 BCR PI . 4.37 14.05 -29.04
C38 BCR PI . -1.14 13.77 -27.48
C39 BCR PI . 2.02 16.51 -25.12
C40 BCR PI . 1.63 17.65 -27.29
C1 BCR QI . 2.30 -5.76 -26.72
C2 BCR QI . 3.41 -6.82 -26.69
C3 BCR QI . 4.28 -6.73 -25.45
C4 BCR QI . 4.93 -5.37 -25.39
C5 BCR QI . 3.83 -4.34 -25.33
C6 BCR QI . 2.72 -4.45 -26.08
C7 BCR QI . 1.90 -3.24 -26.29
C8 BCR QI . 2.25 -2.38 -27.23
C9 BCR QI . 1.51 -1.14 -27.52
C10 BCR QI . 1.03 -0.97 -28.75
C11 BCR QI . 0.29 0.22 -29.14
C33 BCR QI . 3.99 -3.18 -24.38
C31 BCR QI . 1.06 -6.28 -26.01
C32 BCR QI . 1.89 -5.54 -28.17
C34 BCR QI . 1.33 -0.09 -26.47
C12 BCR QI . -0.22 0.26 -30.37
C13 BCR QI . -0.96 1.42 -30.88
C14 BCR QI . -1.53 1.35 -32.09
C15 BCR QI . -2.24 2.50 -32.63
C16 BCR QI . -2.90 2.38 -33.79
C17 BCR QI . -3.58 3.56 -34.30
C18 BCR QI . -4.51 3.45 -35.26
C19 BCR QI . -5.16 4.69 -35.73
C20 BCR QI . -6.16 4.69 -36.60
C21 BCR QI . -6.72 5.97 -37.01
C22 BCR QI . -7.69 6.04 -37.93
C23 BCR QI . -8.23 7.37 -38.29
C24 BCR QI . -8.22 7.71 -39.58
C25 BCR QI . -8.71 9.02 -40.06
C26 BCR QI . -9.91 9.08 -40.65
C27 BCR QI . -10.28 10.22 -41.57
C28 BCR QI . -9.64 11.50 -41.07
C29 BCR QI . -8.14 11.30 -40.93
C30 BCR QI . -7.81 10.23 -39.90
C35 BCR QI . -1.04 2.67 -30.07
C36 BCR QI . -4.89 2.13 -35.84
C37 BCR QI . -8.25 4.80 -38.55
C38 BCR QI . -10.91 7.98 -40.42
C39 BCR QI . -7.94 10.80 -38.50
C40 BCR QI . -6.38 9.77 -40.12
MG CLA RI . -11.88 16.41 41.88
CHA CLA RI . -11.01 18.46 44.55
CHB CLA RI . -10.62 13.71 43.54
CHC CLA RI . -12.86 14.42 39.26
CHD CLA RI . -13.15 19.24 40.18
NA CLA RI . -10.96 16.16 43.74
C1A CLA RI . -10.68 17.13 44.71
C2A CLA RI . -9.98 16.51 45.92
C3A CLA RI . -9.78 15.03 45.52
C4A CLA RI . -10.50 14.93 44.17
CMA CLA RI . -8.33 14.65 45.41
CAA CLA RI . -10.84 16.62 47.17
CBA CLA RI . -12.28 16.22 46.89
NB CLA RI . -11.73 14.44 41.46
C1B CLA RI . -11.24 13.49 42.30
C2B CLA RI . -11.46 12.14 41.72
C3B CLA RI . -12.09 12.32 40.51
C4B CLA RI . -12.27 13.80 40.33
CMB CLA RI . -11.05 10.89 42.37
CAB CLA RI . -12.53 11.36 39.53
CBB CLA RI . -13.77 11.26 39.04
NC CLA RI . -12.83 16.77 40.05
C1C CLA RI . -13.12 15.81 39.13
C2C CLA RI . -13.76 16.41 37.97
C3C CLA RI . -13.85 17.77 38.23
C4C CLA RI . -13.26 17.99 39.54
CMC CLA RI . -14.21 15.67 36.79
CAC CLA RI . -14.44 18.81 37.36
CBC CLA RI . -13.50 19.23 36.25
ND CLA RI . -12.07 18.39 42.22
C1D CLA RI . -12.61 19.44 41.44
C2D CLA RI . -12.49 20.72 42.18
C3D CLA RI . -11.88 20.40 43.39
C4D CLA RI . -11.64 18.93 43.35
CMD CLA RI . -12.93 22.01 41.69
CAD CLA RI . -11.40 20.89 44.66
OBD CLA RI . -11.43 22.05 45.10
CBD CLA RI . -10.81 19.68 45.43
CGD CLA RI . -9.37 19.89 45.85
O1D CLA RI . -8.60 19.06 46.33
O2D CLA RI . -8.91 21.15 45.67
CED CLA RI . -8.33 21.81 46.80
C1 BCR SI . -21.25 20.28 21.17
C2 BCR SI . -22.78 20.25 21.20
C3 BCR SI . -23.30 20.84 22.49
C4 BCR SI . -22.86 19.95 23.64
C5 BCR SI . -21.37 19.77 23.62
C6 BCR SI . -20.66 19.77 22.47
C7 BCR SI . -19.27 19.29 22.42
C8 BCR SI . -18.23 20.02 22.83
C9 BCR SI . -16.87 19.48 22.75
C10 BCR SI . -16.41 18.72 23.75
C11 BCR SI . -15.06 18.18 23.70
C33 BCR SI . -20.69 19.56 24.94
C31 BCR SI . -20.77 21.70 20.95
C32 BCR SI . -20.75 19.39 20.04
C34 BCR SI . -15.99 19.78 21.58
C12 BCR SI . -14.61 17.51 24.76
C13 BCR SI . -13.26 16.92 24.77
C14 BCR SI . -12.84 16.33 25.90
C15 BCR SI . -11.52 15.73 25.97
C16 BCR SI . -11.05 15.34 27.16
C17 BCR SI . -9.75 14.71 27.21
C18 BCR SI . -9.27 14.22 28.36
C19 BCR SI . -7.95 13.57 28.34
C20 BCR SI . -7.49 12.88 29.37
C21 BCR SI . -6.18 12.27 29.22
C22 BCR SI . -5.63 11.55 30.20
C23 BCR SI . -4.30 10.94 29.95
C24 BCR SI . -3.69 10.23 30.90
C25 BCR SI . -2.36 9.63 30.61
C26 BCR SI . -2.24 8.79 29.58
C27 BCR SI . -0.93 8.73 28.85
C28 BCR SI . 0.10 8.43 29.92
C29 BCR SI . 0.16 9.58 30.91
C30 BCR SI . -1.18 9.98 31.49
C35 BCR SI . -12.39 16.96 23.56
C36 BCR SI . -10.06 14.30 29.63
C37 BCR SI . -6.34 11.34 31.50
C38 BCR SI . -3.34 7.85 29.19
C39 BCR SI . -1.21 11.49 31.73
C40 BCR SI . -1.32 9.27 32.84
C1 LMG TI . -29.50 -2.67 37.64
O1 LMG TI . -29.09 -2.48 38.98
C2 LMG TI . -28.78 -3.91 37.11
O2 LMG TI . -27.36 -3.69 37.06
C3 LMG TI . -29.27 -4.22 35.71
O3 LMG TI . -28.65 -5.41 35.22
C4 LMG TI . -30.78 -4.38 35.73
O4 LMG TI . -31.13 -5.50 36.53
C5 LMG TI . -31.43 -3.13 36.30
O5 LMG TI . -33.41 -4.34 35.62
C6 LMG TI . -32.94 -3.23 36.40
O6 LMG TI . -30.90 -2.90 37.61
C7 LMG TI . -29.31 -1.15 39.43
C8 LMG TI . -28.01 -0.39 39.26
C9 LMG TI . -26.89 -1.29 39.75
O7 LMG TI . -27.84 -0.12 37.87
C10 LMG TI . -26.97 1.02 37.65
O9 LMG TI . -26.54 1.23 36.53
C11 LMG TI . -26.63 1.93 38.80
C12 LMG TI . -25.65 2.98 38.30
C13 LMG TI . -24.25 2.39 38.20
C14 LMG TI . -23.44 3.14 37.16
C15 LMG TI . -24.22 4.29 36.53
C16 LMG TI . -23.33 5.50 36.39
C17 LMG TI . -23.96 6.53 35.44
C18 LMG TI . -23.37 7.92 35.70
O8 LMG TI . -26.77 -1.13 41.15
C28 LMG TI . -25.49 -0.75 41.70
O10 LMG TI . -24.65 -1.61 41.90
C29 LMG TI . -25.20 0.69 42.02
C30 LMG TI . -23.71 0.95 41.85
C31 LMG TI . -23.03 1.08 43.21
MG CLA UI . -14.36 22.02 -48.70
CHA CLA UI . -14.69 21.43 -52.11
CHB CLA UI . -11.05 22.67 -49.14
CHC CLA UI . -14.12 22.72 -45.35
CHD CLA UI . -17.80 21.28 -48.30
NA CLA UI . -13.10 22.03 -50.37
C1A CLA UI . -13.43 21.77 -51.71
C2A CLA UI . -12.21 21.89 -52.61
C3A CLA UI . -11.05 22.12 -51.61
C4A CLA UI . -11.76 22.30 -50.27
CMA CLA UI . -10.11 20.95 -51.60
CAA CLA UI . -12.35 23.07 -53.55
CBA CLA UI . -12.72 24.35 -52.83
NB CLA UI . -12.87 22.56 -47.48
C1B CLA UI . -11.59 22.83 -47.86
C2B CLA UI . -10.81 23.33 -46.69
C3B CLA UI . -11.67 23.35 -45.61
C4B CLA UI . -12.99 22.86 -46.10
CMB CLA UI . -9.41 23.70 -46.78
CAB CLA UI . -11.46 23.75 -44.24
CBB CLA UI . -10.37 23.48 -43.51
NC CLA UI . -15.72 22.00 -47.12
C1C CLA UI . -15.40 22.31 -45.83
C2C CLA UI . -16.59 22.20 -44.98
C3C CLA UI . -17.63 21.79 -45.81
C4C CLA UI . -17.08 21.66 -47.16
CMC CLA UI . -16.62 22.47 -43.54
CAC CLA UI . -19.02 21.54 -45.42
CBC CLA UI . -19.95 22.67 -45.83
ND CLA UI . -15.93 21.49 -49.88
C1D CLA UI . -17.29 21.19 -49.58
C2D CLA UI . -17.98 20.82 -50.83
C3D CLA UI . -17.04 20.91 -51.83
C4D CLA UI . -15.78 21.31 -51.18
CMD CLA UI . -19.40 20.46 -50.92
CAD CLA UI . -16.77 20.76 -53.26
OBD CLA UI . -17.54 20.46 -54.16
CBD CLA UI . -15.26 21.07 -53.47
CGD CLA UI . -14.54 19.88 -54.05
O1D CLA UI . -14.79 18.69 -53.88
O2D CLA UI . -13.50 20.21 -54.86
CED CLA UI . -12.56 19.18 -55.18
MG CLA VI . -12.33 16.09 -39.23
CHA CLA VI . -14.30 16.58 -42.04
CHB CLA VI . -12.10 19.46 -38.81
CHC CLA VI . -10.50 15.55 -36.37
CHD CLA VI . -12.62 12.60 -39.71
NA CLA VI . -13.08 17.73 -40.28
C1A CLA VI . -13.89 17.73 -41.41
C2A CLA VI . -14.25 19.15 -41.83
C3A CLA VI . -13.41 20.03 -40.87
C4A CLA VI . -12.82 19.02 -39.90
CMA CLA VI . -12.37 20.82 -41.60
CAA CLA VI . -15.72 19.36 -41.55
CBA CLA VI . -16.01 19.20 -40.07
CGA CLA VI . -17.45 18.93 -39.76
O1A CLA VI . -18.45 19.45 -40.24
O2A CLA VI . -17.62 17.96 -38.81
NB CLA VI . -11.48 17.28 -37.85
C1B CLA VI . -11.47 18.63 -37.86
C2B CLA VI . -10.69 19.14 -36.70
C3B CLA VI . -10.24 18.04 -36.00
C4B CLA VI . -10.73 16.84 -36.74
CMB CLA VI . -10.51 20.57 -36.44
CAB CLA VI . -9.44 17.97 -34.82
CBB CLA VI . -8.35 18.69 -34.56
NC CLA VI . -11.68 14.38 -38.24
C1C CLA VI . -10.95 14.39 -37.08
C2C CLA VI . -10.69 13.02 -36.65
C3C CLA VI . -11.28 12.18 -37.59
C4C CLA VI . -11.91 13.05 -38.59
CMC CLA VI . -9.95 12.66 -35.45
CAC CLA VI . -11.32 10.71 -37.59
CBC CLA VI . -12.71 10.19 -37.28
ND CLA VI . -13.18 14.83 -40.56
C1D CLA VI . -13.22 13.41 -40.64
C2D CLA VI . -13.99 13.01 -41.85
C3D CLA VI . -14.42 14.20 -42.43
C4D CLA VI . -13.90 15.28 -41.58
CMD CLA VI . -14.22 11.63 -42.27
CAD CLA VI . -15.15 14.80 -43.52
OBD CLA VI . -15.71 14.28 -44.48
CBD CLA VI . -15.11 16.34 -43.29
CGD CLA VI . -14.48 17.06 -44.47
O1D CLA VI . -13.48 16.70 -45.10
O2D CLA VI . -15.12 18.19 -44.84
CED CLA VI . -14.51 18.98 -45.86
C1 CLA VI . -18.94 17.86 -38.22
C2 CLA VI . -18.76 17.49 -36.79
C3 CLA VI . -19.44 16.51 -36.19
C4 CLA VI . -20.42 15.67 -36.91
C5 CLA VI . -19.22 16.19 -34.75
C6 CLA VI . -20.47 16.35 -33.91
C7 CLA VI . -20.73 17.81 -33.61
C8 CLA VI . -22.04 18.07 -32.87
C9 CLA VI . -23.06 16.99 -33.15
C10 CLA VI . -22.60 19.43 -33.26
C11 CLA VI . -23.57 19.97 -32.23
C12 CLA VI . -23.26 21.40 -31.87
C13 CLA VI . -24.45 22.32 -32.10
C14 CLA VI . -25.59 21.96 -31.16
C15 CLA VI . -24.92 22.26 -33.55
MG CLA WI . -6.46 27.75 -38.84
CHA CLA WI . -5.97 29.63 -41.72
CHB CLA WI . -3.80 29.29 -37.38
CHC CLA WI . -7.04 25.93 -36.00
CHD CLA WI . -9.22 26.17 -40.41
NA CLA WI . -5.12 29.21 -39.47
C1A CLA WI . -5.09 29.88 -40.71
C2A CLA WI . -3.94 30.89 -40.74
C3A CLA WI . -3.19 30.65 -39.41
C4A CLA WI . -4.09 29.66 -38.68
CMA CLA WI . -1.80 30.12 -39.63
CAA CLA WI . -4.53 32.29 -40.74
CBA CLA WI . -3.48 33.35 -40.98
CGA CLA WI . -3.10 33.36 -42.43
O1A CLA WI . -2.03 33.67 -42.93
O2A CLA WI . -4.11 32.92 -43.23
NB CLA WI . -5.55 27.58 -37.06
C1B CLA WI . -4.54 28.37 -36.61
C2B CLA WI . -4.30 28.12 -35.16
C3B CLA WI . -5.22 27.17 -34.77
C4B CLA WI . -6.02 26.82 -35.96
CMB CLA WI . -3.28 28.83 -34.40
CAB CLA WI . -5.44 26.58 -33.48
CBB CLA WI . -4.49 26.12 -32.66
NC CLA WI . -7.86 26.30 -38.32
C1C CLA WI . -7.92 25.68 -37.10
C2C CLA WI . -9.01 24.72 -37.08
C3C CLA WI . -9.64 24.80 -38.31
C4C CLA WI . -8.92 25.79 -39.10
CMC CLA WI . -9.34 23.88 -35.92
CAC CLA WI . -10.81 24.01 -38.77
CBC CLA WI . -12.08 24.83 -38.77
ND CLA WI . -7.45 27.86 -40.61
C1D CLA WI . -8.55 27.13 -41.14
C2D CLA WI . -8.81 27.59 -42.52
C3D CLA WI . -7.85 28.55 -42.79
C4D CLA WI . -7.02 28.67 -41.58
CMD CLA WI . -9.87 27.09 -43.38
CAD CLA WI . -7.32 29.47 -43.77
OBD CLA WI . -7.71 29.73 -44.92
CBD CLA WI . -6.08 30.17 -43.12
CGD CLA WI . -4.83 29.89 -43.91
O1D CLA WI . -3.89 29.16 -43.59
O2D CLA WI . -4.78 30.53 -45.11
CED CLA WI . -3.69 30.24 -45.97
C1 CLA WI . -4.83 33.94 -43.96
O1 LHG XI . 3.61 -20.61 -34.80
C1 LHG XI . 4.15 -19.34 -35.02
C2 LHG XI . 4.87 -19.35 -36.36
O2 LHG XI . 3.93 -19.21 -37.39
C3 LHG XI . 5.62 -20.67 -36.53
O3 LHG XI . 6.86 -20.41 -37.12
P LHG XI . 8.11 -19.98 -36.14
O4 LHG XI . 7.82 -20.41 -34.73
O5 LHG XI . 9.37 -20.66 -36.62
O6 LHG XI . 8.32 -18.32 -36.19
C4 LHG XI . 7.74 -17.52 -35.16
C5 LHG XI . 7.59 -16.08 -35.67
C6 LHG XI . 7.98 -16.01 -37.13
O7 LHG XI . 6.24 -15.67 -35.51
C7 LHG XI . 6.11 -14.34 -35.08
O9 LHG XI . 5.35 -13.62 -35.63
C8 LHG XI . 6.95 -13.82 -33.90
C9 LHG XI . 6.54 -12.40 -33.46
C10 LHG XI . 7.37 -11.90 -32.26
O8 LHG XI . 7.84 -14.69 -37.56
C23 LHG XI . 9.06 -14.06 -37.83
O10 LHG XI . 9.39 -13.85 -38.95
C24 LHG XI . 9.98 -13.62 -36.67
C11 LHG XI . 6.70 -12.20 -30.89
C12 LHG XI . 6.12 -10.91 -30.20
C13 LHG XI . 6.15 -11.01 -28.64
C14 LHG XI . 6.98 -9.87 -27.99
C15 LHG XI . 7.90 -10.37 -26.85
C16 LHG XI . 9.19 -9.54 -26.70
C17 LHG XI . 9.12 -8.57 -25.51
C18 LHG XI . 9.99 -7.34 -25.73
C19 LHG XI . 9.91 -6.37 -24.56
C25 LHG XI . 10.34 -12.14 -36.75
C26 LHG XI . 9.37 -11.20 -36.74
C27 LHG XI . 9.77 -9.68 -36.82
C28 LHG XI . 10.46 -9.21 -35.52
C29 LHG XI . 11.13 -7.81 -35.67
C30 LHG XI . 12.09 -7.76 -36.89
C31 LHG XI . 13.57 -7.78 -36.46
C32 LHG XI . 13.84 -6.85 -35.26
C33 LHG XI . 15.07 -7.29 -34.46
C34 LHG XI . 16.38 -7.15 -35.28
C35 LHG XI . 17.64 -7.29 -34.41
C36 LHG XI . 18.91 -7.55 -35.23
C37 LHG XI . 19.38 -6.31 -36.00
C38 LHG XI . 19.52 -5.08 -35.08
C1 BCR YI . 15.62 -12.08 -25.56
C2 BCR YI . 14.37 -12.80 -25.13
C3 BCR YI . 13.14 -12.02 -25.50
C4 BCR YI . 13.15 -10.62 -24.93
C5 BCR YI . 14.49 -10.01 -24.91
C6 BCR YI . 15.62 -10.64 -25.20
C7 BCR YI . 16.92 -9.97 -25.17
C8 BCR YI . 17.39 -9.34 -26.25
C9 BCR YI . 18.68 -8.72 -26.32
C10 BCR YI . 18.90 -7.83 -27.29
C11 BCR YI . 20.19 -7.34 -27.70
C33 BCR YI . 14.48 -8.58 -24.55
C31 BCR YI . 16.80 -12.79 -24.95
C32 BCR YI . 15.70 -12.21 -27.07
C34 BCR YI . 19.80 -9.35 -25.57
C12 BCR YI . 20.22 -6.40 -28.66
C13 BCR YI . 21.41 -5.80 -29.19
C14 BCR YI . 21.27 -4.81 -30.08
C15 BCR YI . 22.33 -4.28 -30.88
C16 BCR YI . 22.06 -3.77 -32.09
C17 BCR YI . 22.95 -2.78 -32.63
C18 BCR YI . 22.74 -2.05 -33.72
C19 BCR YI . 23.78 -1.13 -34.15
C20 BCR YI . 23.83 -0.62 -35.38
C21 BCR YI . 24.97 0.16 -35.76
C22 BCR YI . 25.05 0.94 -36.85
C23 BCR YI . 26.22 1.78 -37.00
C24 BCR YI . 26.72 2.11 -38.19
C25 BCR YI . 28.07 2.62 -38.41
C26 BCR YI . 29.14 1.82 -38.43
C27 BCR YI . 30.54 2.23 -38.65
C28 BCR YI . 30.66 3.66 -39.12
C29 BCR YI . 29.65 4.53 -38.40
C30 BCR YI . 28.23 4.09 -38.65
C35 BCR YI . 22.74 -6.41 -28.95
C36 BCR YI . 21.57 -2.25 -34.59
C37 BCR YI . 23.91 1.10 -37.76
C38 BCR YI . 29.04 0.37 -38.22
C39 BCR YI . 27.24 4.91 -37.84
C40 BCR YI . 27.95 4.43 -40.11
FE1 SF4 ZI . -25.28 -15.91 -11.50
FE2 SF4 ZI . -26.95 -18.41 -11.29
FE3 SF4 ZI . -24.51 -18.09 -9.55
FE4 SF4 ZI . -24.21 -18.51 -12.54
S1 SF4 ZI . -25.19 -19.56 -10.96
S2 SF4 ZI . -23.52 -17.06 -11.14
S3 SF4 ZI . -25.98 -17.37 -12.88
S4 SF4 ZI . -26.27 -16.92 -9.91
FE1 SF4 AJ . -27.59 -25.44 -1.90
FE2 SF4 AJ . -29.10 -24.86 -4.43
FE3 SF4 AJ . -30.24 -24.01 -1.79
FE4 SF4 AJ . -30.10 -26.97 -2.51
S1 SF4 AJ . -30.94 -25.23 -3.40
S2 SF4 AJ . -29.43 -25.77 -0.89
S3 SF4 AJ . -28.27 -26.61 -3.54
S4 SF4 AJ . -28.39 -23.68 -2.81
#